data_6CIN
#
_entry.id   6CIN
#
_cell.length_a   340.611
_cell.length_b   106.634
_cell.length_c   239.079
_cell.angle_alpha   90.00
_cell.angle_beta   109.31
_cell.angle_gamma   90.00
#
_symmetry.space_group_name_H-M   'C 1 2 1'
#
loop_
_entity.id
_entity.type
_entity.pdbx_description
1 polymer 'PYRUVATE-FERREDOXIN OXIDOREDUCTASE'
2 non-polymer 'IRON/SULFUR CLUSTER'
3 non-polymer 'THIAMINE DIPHOSPHATE'
4 non-polymer 'MAGNESIUM ION'
5 non-polymer 'SULFATE ION'
6 water water
#
_entity_poly.entity_id   1
_entity_poly.type   'polypeptide(L)'
_entity_poly.pdbx_seq_one_letter_code
;MPKQTLDGNTAAAHVAYAMSEVATIYPITPSSPMAEIADEWAAHGRKNIFGKTLQVAEMQSEAGAAGAVHGSLAAGALTT
TFTASQGLLLMIPNMYKIAGELLPCVFHVAARALSTHALSIFGDHADVMAARQTGFAMLSSASVQEVMDLALVAHLATLK
ARVPFVHFFDGFRTSHEVQKIDVIEYEDMAKLVDWDAIRAFRQRALNPEHPHQRGTAQNPDIYFQSREAANPYYLATPGI
VAQVMEQVAGLTGRHYHLFDYAGAPDAERVIVSMGSSCEVIEETVNYLVEKGEKVGLIKVRLFRPFSAEHFLKVLPASVK
RIAVLDRTKEPGSLGEPLYEDVQTVLAEHGKNILVVGGRYGLGSKEFNPSMVKAVFDNLAATTPKNKFTVGITDDVTHTS
LEIKEHIDTSPKGTFRCKFFGLGSDGTVGANKNSIKIIGDHTDMYAQGYFVYDSKKSGGVTISHLRFGKQPIQSAYLIDQ
ADLIACHNPSYVGRYNLLEGIKPGGIFLLNSTWSAEEMDSRLPADMKRTIATKKLKFYNIDAVKIAQEIGLGSRINVIMQ
TAFFKIANVIPVDEAIKYIKDSIVKTYGKKGDKILNMNFAAVDRALEALEEIKYPASWADAVDEAAATVTEEPEFIQKVL
RPINALKGDELPVSTFTPDGVFPVGTTKYEKRGIAVNIPQWQPENCIQCNQCSLVCPHAAIRPYLAKPADLAGAPETFVT
KDAIGKEAAGLKFRIQVSPLDCTGCGNCADVCPAKVKALTMVPLEEVTAVEEANYNFAEQLPEVKVNFNPATVKGSQFRQ
PLLEFSGACAGCGETPYVKLVTQLFGDRMIIANATGCSSIWGGSAPACPYTVNRQGHGPAWASSLFEDNAEFGYGMALAV
AKRQDELATAISKALEAPVSAAFKAACEGWLAGKDDADRSREYGDRIKALLPGEISQASGEVKDLLLDIDRQKDYLTKKS
IWIIGGDGWAYDIGYGGLDHVLASGANVNVLVLDTEVYSNTGGQSSKATQTGAVARFAAGGKFTKKKDLGLMAMSYGYVY
VASVAMGASHSQLMKALIEAEKYDGPSLIIAYAPCINHGINMTYSQREAKKAVEAGYWPLYRYNPQLAQEGKNPFILDYK
TPTASFRDFLMGEIRYTSLKKQFPEKAEQLFAKAEADAKARLEQYKKLAEG
;
_entity_poly.pdbx_strand_id   A,B,C,D,E,F
#
loop_
_chem_comp.id
_chem_comp.type
_chem_comp.name
_chem_comp.formula
MG non-polymer 'MAGNESIUM ION' 'Mg 2'
SF4 non-polymer 'IRON/SULFUR CLUSTER' 'Fe4 S4'
SO4 non-polymer 'SULFATE ION' 'O4 S -2'
TPP non-polymer 'THIAMINE DIPHOSPHATE' 'C12 H19 N4 O7 P2 S 1'
#
# COMPACT_ATOMS: atom_id res chain seq x y z
N PRO A 2 -16.36 16.94 -7.00
CA PRO A 2 -15.12 16.27 -6.63
C PRO A 2 -13.94 17.23 -6.68
N LYS A 3 -12.79 16.82 -6.12
CA LYS A 3 -11.57 17.60 -6.20
C LYS A 3 -10.67 16.99 -7.25
N GLN A 4 -10.20 17.81 -8.18
CA GLN A 4 -9.27 17.38 -9.20
C GLN A 4 -8.20 18.45 -9.34
N THR A 5 -7.04 18.04 -9.82
CA THR A 5 -5.95 18.97 -10.11
C THR A 5 -5.98 19.24 -11.60
N LEU A 6 -6.34 20.47 -11.96
CA LEU A 6 -6.44 20.89 -13.35
C LEU A 6 -5.66 22.19 -13.52
N ASP A 7 -5.51 22.61 -14.76
CA ASP A 7 -5.03 23.95 -15.05
C ASP A 7 -6.20 24.80 -15.51
N GLY A 8 -5.93 26.10 -15.68
CA GLY A 8 -6.98 27.01 -16.10
C GLY A 8 -7.66 26.57 -17.38
N ASN A 9 -6.88 26.13 -18.36
CA ASN A 9 -7.46 25.73 -19.65
C ASN A 9 -8.44 24.58 -19.49
N THR A 10 -8.04 23.54 -18.74
CA THR A 10 -8.95 22.41 -18.56
C THR A 10 -10.17 22.83 -17.77
N ALA A 11 -9.98 23.66 -16.74
CA ALA A 11 -11.12 24.15 -15.97
C ALA A 11 -12.09 24.92 -16.85
N ALA A 12 -11.57 25.73 -17.77
CA ALA A 12 -12.45 26.50 -18.66
C ALA A 12 -13.15 25.58 -19.64
N ALA A 13 -12.40 24.67 -20.26
CA ALA A 13 -13.01 23.75 -21.20
C ALA A 13 -14.05 22.86 -20.52
N HIS A 14 -13.83 22.52 -19.24
CA HIS A 14 -14.79 21.68 -18.51
C HIS A 14 -16.18 22.31 -18.52
N VAL A 15 -16.26 23.61 -18.23
CA VAL A 15 -17.56 24.27 -18.20
C VAL A 15 -18.05 24.56 -19.62
N ALA A 16 -17.15 25.01 -20.50
CA ALA A 16 -17.56 25.32 -21.86
C ALA A 16 -18.12 24.08 -22.55
N TYR A 17 -17.52 22.92 -22.31
CA TYR A 17 -18.00 21.70 -22.94
C TYR A 17 -19.42 21.37 -22.48
N ALA A 18 -19.68 21.53 -21.19
CA ALA A 18 -21.00 21.19 -20.66
C ALA A 18 -22.08 22.11 -21.21
N MET A 19 -21.75 23.37 -21.46
CA MET A 19 -22.76 24.38 -21.77
C MET A 19 -22.94 24.65 -23.24
N SER A 20 -22.20 23.98 -24.13
CA SER A 20 -22.19 24.33 -25.53
C SER A 20 -22.51 23.13 -26.41
N GLU A 21 -23.11 23.41 -27.57
CA GLU A 21 -23.34 22.41 -28.61
C GLU A 21 -22.27 22.40 -29.68
N VAL A 22 -21.78 23.57 -30.07
CA VAL A 22 -20.79 23.71 -31.13
C VAL A 22 -19.60 24.50 -30.57
N ALA A 23 -18.40 24.14 -31.05
CA ALA A 23 -17.19 24.88 -30.75
C ALA A 23 -16.39 24.98 -32.03
N THR A 24 -16.37 26.16 -32.64
CA THR A 24 -15.57 26.43 -33.83
C THR A 24 -14.28 27.13 -33.40
N ILE A 25 -13.14 26.51 -33.72
CA ILE A 25 -11.87 26.89 -33.12
C ILE A 25 -10.79 27.04 -34.19
N TYR A 26 -9.67 27.63 -33.79
CA TYR A 26 -8.43 27.72 -34.55
C TYR A 26 -7.36 27.85 -33.48
N PRO A 27 -6.27 27.09 -33.57
CA PRO A 27 -5.33 26.99 -32.44
C PRO A 27 -4.42 28.20 -32.32
N ILE A 28 -4.22 28.65 -31.08
CA ILE A 28 -3.22 29.66 -30.77
C ILE A 28 -2.80 29.54 -29.31
N THR A 29 -1.48 29.54 -29.07
CA THR A 29 -0.95 29.50 -27.70
C THR A 29 -1.36 30.76 -26.95
N PRO A 30 -1.73 30.66 -25.66
CA PRO A 30 -1.87 29.48 -24.80
C PRO A 30 -3.32 29.02 -24.66
N SER A 31 -4.16 29.30 -25.65
CA SER A 31 -5.57 28.94 -25.57
C SER A 31 -5.87 27.61 -26.23
N SER A 32 -4.99 27.13 -27.11
CA SER A 32 -5.25 25.90 -27.85
C SER A 32 -5.40 24.65 -26.97
N PRO A 33 -4.77 24.52 -25.80
CA PRO A 33 -5.08 23.36 -24.94
C PRO A 33 -6.57 23.22 -24.63
N MET A 34 -7.29 24.34 -24.57
CA MET A 34 -8.74 24.27 -24.35
C MET A 34 -9.41 23.52 -25.49
N ALA A 35 -9.09 23.88 -26.74
CA ALA A 35 -9.72 23.22 -27.87
C ALA A 35 -9.22 21.80 -28.04
N GLU A 36 -8.00 21.50 -27.61
CA GLU A 36 -7.46 20.15 -27.73
C GLU A 36 -8.18 19.19 -26.79
N ILE A 37 -8.34 19.58 -25.52
CA ILE A 37 -8.97 18.68 -24.56
C ILE A 37 -10.47 18.56 -24.82
N ALA A 38 -11.09 19.62 -25.36
CA ALA A 38 -12.49 19.51 -25.74
C ALA A 38 -12.68 18.53 -26.90
N ASP A 39 -11.71 18.51 -27.83
CA ASP A 39 -11.78 17.55 -28.92
C ASP A 39 -11.59 16.13 -28.40
N GLU A 40 -10.70 15.94 -27.43
CA GLU A 40 -10.49 14.61 -26.86
C GLU A 40 -11.72 14.12 -26.13
N TRP A 41 -12.35 14.99 -25.33
CA TRP A 41 -13.56 14.59 -24.63
C TRP A 41 -14.67 14.18 -25.59
N ALA A 42 -14.85 14.94 -26.67
CA ALA A 42 -15.83 14.56 -27.67
C ALA A 42 -15.46 13.24 -28.33
N ALA A 43 -14.16 13.02 -28.58
CA ALA A 43 -13.74 11.78 -29.21
C ALA A 43 -14.07 10.57 -28.34
N HIS A 44 -14.10 10.73 -27.02
CA HIS A 44 -14.46 9.65 -26.10
C HIS A 44 -15.91 9.70 -25.67
N GLY A 45 -16.70 10.61 -26.26
CA GLY A 45 -18.14 10.59 -26.03
C GLY A 45 -18.62 11.29 -24.78
N ARG A 46 -17.91 12.28 -24.28
CA ARG A 46 -18.39 13.03 -23.14
C ARG A 46 -19.66 13.79 -23.52
N LYS A 47 -20.68 13.70 -22.68
CA LYS A 47 -21.97 14.33 -22.94
C LYS A 47 -22.04 15.69 -22.25
N ASN A 48 -22.59 16.68 -22.96
CA ASN A 48 -22.84 17.99 -22.37
C ASN A 48 -24.17 17.95 -21.61
N ILE A 49 -24.63 19.11 -21.13
CA ILE A 49 -25.88 19.14 -20.40
C ILE A 49 -27.08 18.90 -21.31
N PHE A 50 -26.87 18.81 -22.62
CA PHE A 50 -27.95 18.47 -23.55
C PHE A 50 -27.92 17.00 -23.96
N GLY A 51 -27.10 16.18 -23.29
CA GLY A 51 -27.04 14.77 -23.61
C GLY A 51 -26.31 14.41 -24.88
N LYS A 52 -25.59 15.35 -25.49
CA LYS A 52 -24.87 15.12 -26.72
C LYS A 52 -23.39 15.42 -26.51
N THR A 53 -22.58 14.99 -27.46
CA THR A 53 -21.18 15.36 -27.47
C THR A 53 -21.02 16.70 -28.17
N LEU A 54 -20.03 17.48 -27.73
CA LEU A 54 -19.76 18.77 -28.35
C LEU A 54 -19.17 18.57 -29.74
N GLN A 55 -19.64 19.35 -30.70
CA GLN A 55 -19.10 19.32 -32.05
C GLN A 55 -18.00 20.36 -32.16
N VAL A 56 -16.78 19.90 -32.39
CA VAL A 56 -15.61 20.77 -32.51
C VAL A 56 -15.25 20.86 -33.99
N ALA A 57 -15.23 22.09 -34.52
CA ALA A 57 -14.90 22.35 -35.91
C ALA A 57 -13.74 23.33 -36.00
N GLU A 58 -12.67 22.93 -36.70
CA GLU A 58 -11.51 23.78 -36.90
C GLU A 58 -11.67 24.54 -38.22
N MET A 59 -11.44 25.85 -38.16
CA MET A 59 -11.55 26.71 -39.33
C MET A 59 -10.17 27.00 -39.90
N GLN A 60 -10.11 27.89 -40.88
CA GLN A 60 -8.83 28.28 -41.49
C GLN A 60 -8.13 29.39 -40.72
N SER A 61 -8.85 30.10 -39.84
CA SER A 61 -8.29 31.18 -39.05
C SER A 61 -9.30 31.50 -37.96
N GLU A 62 -8.90 32.40 -37.05
CA GLU A 62 -9.84 32.85 -36.04
C GLU A 62 -10.92 33.74 -36.62
N ALA A 63 -10.63 34.38 -37.76
CA ALA A 63 -11.70 35.10 -38.45
C ALA A 63 -12.76 34.14 -38.95
N GLY A 64 -12.33 33.03 -39.58
CA GLY A 64 -13.28 32.01 -39.98
C GLY A 64 -14.02 31.39 -38.81
N ALA A 65 -13.32 31.23 -37.68
CA ALA A 65 -13.97 30.72 -36.49
C ALA A 65 -15.05 31.69 -36.00
N ALA A 66 -14.73 32.98 -35.97
CA ALA A 66 -15.69 33.98 -35.50
C ALA A 66 -16.93 34.01 -36.38
N GLY A 67 -16.76 33.99 -37.70
CA GLY A 67 -17.91 33.95 -38.59
C GLY A 67 -18.74 32.69 -38.38
N ALA A 68 -18.08 31.56 -38.12
CA ALA A 68 -18.83 30.34 -37.85
C ALA A 68 -19.60 30.45 -36.54
N VAL A 69 -19.01 31.10 -35.54
CA VAL A 69 -19.74 31.33 -34.30
C VAL A 69 -21.00 32.15 -34.57
N HIS A 70 -20.84 33.23 -35.35
CA HIS A 70 -21.97 34.10 -35.66
C HIS A 70 -23.07 33.34 -36.38
N GLY A 71 -22.72 32.56 -37.40
CA GLY A 71 -23.73 31.81 -38.13
C GLY A 71 -24.39 30.74 -37.28
N SER A 72 -23.60 30.02 -36.48
CA SER A 72 -24.16 28.99 -35.63
C SER A 72 -25.13 29.58 -34.60
N LEU A 73 -24.78 30.74 -34.05
CA LEU A 73 -25.65 31.39 -33.07
C LEU A 73 -26.96 31.84 -33.72
N ALA A 74 -26.87 32.51 -34.87
CA ALA A 74 -28.07 33.02 -35.54
C ALA A 74 -28.98 31.91 -36.03
N ALA A 75 -28.48 30.69 -36.18
CA ALA A 75 -29.26 29.57 -36.67
C ALA A 75 -29.77 28.67 -35.53
N GLY A 76 -29.46 29.00 -34.29
CA GLY A 76 -30.10 28.38 -33.15
C GLY A 76 -29.26 27.39 -32.35
N ALA A 77 -27.93 27.50 -32.39
CA ALA A 77 -27.06 26.60 -31.65
C ALA A 77 -26.23 27.39 -30.65
N LEU A 78 -26.20 26.92 -29.41
CA LEU A 78 -25.31 27.49 -28.41
C LEU A 78 -23.88 27.18 -28.79
N THR A 79 -23.05 28.22 -28.96
CA THR A 79 -21.73 28.09 -29.55
C THR A 79 -20.70 28.83 -28.72
N THR A 80 -19.52 28.23 -28.57
CA THR A 80 -18.40 28.84 -27.87
C THR A 80 -17.15 28.74 -28.73
N THR A 81 -16.08 29.36 -28.25
CA THR A 81 -14.78 29.26 -28.91
C THR A 81 -13.70 29.64 -27.92
N PHE A 82 -12.46 29.29 -28.25
CA PHE A 82 -11.31 29.55 -27.39
C PHE A 82 -10.24 30.21 -28.24
N THR A 83 -9.68 31.30 -27.74
CA THR A 83 -8.72 32.07 -28.53
C THR A 83 -7.90 32.94 -27.58
N ALA A 84 -7.03 33.76 -28.17
CA ALA A 84 -6.14 34.64 -27.43
C ALA A 84 -5.38 35.49 -28.44
N SER A 85 -4.90 36.66 -27.96
CA SER A 85 -3.86 37.47 -28.62
C SER A 85 -4.23 37.74 -30.08
N GLN A 86 -3.35 37.46 -31.04
CA GLN A 86 -3.63 37.75 -32.43
C GLN A 86 -4.91 37.10 -32.90
N GLY A 87 -5.26 35.95 -32.31
CA GLY A 87 -6.52 35.31 -32.64
C GLY A 87 -7.71 36.12 -32.22
N LEU A 88 -7.66 36.70 -31.02
CA LEU A 88 -8.77 37.54 -30.58
C LEU A 88 -8.92 38.76 -31.47
N LEU A 89 -7.80 39.32 -31.97
CA LEU A 89 -7.87 40.48 -32.87
C LEU A 89 -8.67 40.16 -34.13
N LEU A 90 -8.38 39.02 -34.75
CA LEU A 90 -9.09 38.63 -35.97
C LEU A 90 -10.57 38.35 -35.73
N MET A 91 -10.98 38.11 -34.50
CA MET A 91 -12.39 37.89 -34.20
C MET A 91 -13.14 39.17 -33.88
N ILE A 92 -12.42 40.28 -33.72
CA ILE A 92 -13.06 41.53 -33.31
C ILE A 92 -14.15 41.97 -34.27
N PRO A 93 -13.98 41.93 -35.61
CA PRO A 93 -15.09 42.33 -36.48
C PRO A 93 -16.38 41.57 -36.24
N ASN A 94 -16.31 40.26 -36.06
CA ASN A 94 -17.53 39.51 -35.78
C ASN A 94 -18.05 39.74 -34.36
N MET A 95 -17.17 40.12 -33.43
CA MET A 95 -17.64 40.42 -32.08
C MET A 95 -18.60 41.60 -32.07
N TYR A 96 -18.35 42.59 -32.92
CA TYR A 96 -19.29 43.70 -33.05
C TYR A 96 -20.65 43.22 -33.51
N LYS A 97 -20.67 42.24 -34.43
CA LYS A 97 -21.93 41.71 -34.93
C LYS A 97 -22.65 40.88 -33.86
N ILE A 98 -21.92 39.97 -33.21
CA ILE A 98 -22.52 39.09 -32.22
C ILE A 98 -23.11 39.88 -31.07
N ALA A 99 -22.40 40.92 -30.62
CA ALA A 99 -22.97 41.79 -29.59
C ALA A 99 -24.13 42.62 -30.14
N GLY A 100 -23.95 43.15 -31.36
CA GLY A 100 -24.99 43.99 -31.94
C GLY A 100 -26.30 43.27 -32.13
N GLU A 101 -26.25 41.96 -32.38
CA GLU A 101 -27.42 41.12 -32.56
C GLU A 101 -27.89 40.47 -31.27
N LEU A 102 -27.23 40.77 -30.15
CA LEU A 102 -27.62 40.27 -28.83
C LEU A 102 -27.73 38.76 -28.82
N LEU A 103 -26.63 38.10 -29.17
CA LEU A 103 -26.58 36.65 -29.18
C LEU A 103 -25.83 36.14 -27.97
N PRO A 104 -26.41 35.21 -27.20
CA PRO A 104 -25.68 34.65 -26.06
C PRO A 104 -24.51 33.82 -26.54
N CYS A 105 -23.37 34.01 -25.87
CA CYS A 105 -22.11 33.45 -26.32
C CYS A 105 -21.05 33.67 -25.25
N VAL A 106 -20.05 32.80 -25.20
CA VAL A 106 -18.90 32.97 -24.34
C VAL A 106 -17.65 32.68 -25.14
N PHE A 107 -16.77 33.67 -25.26
CA PHE A 107 -15.41 33.47 -25.75
C PHE A 107 -14.51 33.23 -24.54
N HIS A 108 -13.80 32.11 -24.53
CA HIS A 108 -12.83 31.83 -23.48
C HIS A 108 -11.44 32.21 -23.97
N VAL A 109 -10.81 33.15 -23.28
CA VAL A 109 -9.57 33.76 -23.70
C VAL A 109 -8.53 33.52 -22.64
N ALA A 110 -7.44 32.87 -23.02
CA ALA A 110 -6.24 32.79 -22.19
C ALA A 110 -5.39 34.02 -22.56
N ALA A 111 -5.64 35.11 -21.85
CA ALA A 111 -5.14 36.43 -22.23
C ALA A 111 -3.64 36.44 -22.48
N ARG A 112 -3.25 36.94 -23.66
CA ARG A 112 -1.86 36.92 -24.12
C ARG A 112 -1.50 38.25 -24.76
N ALA A 113 -0.24 38.63 -24.62
CA ALA A 113 0.25 39.88 -25.21
C ALA A 113 0.06 39.91 -26.71
N LEU A 114 -0.07 41.12 -27.26
CA LEU A 114 -0.17 41.31 -28.69
C LEU A 114 1.22 41.57 -29.27
N SER A 115 1.38 41.21 -30.55
CA SER A 115 2.66 41.32 -31.23
C SER A 115 2.88 42.78 -31.60
N THR A 116 3.91 43.39 -31.01
CA THR A 116 4.18 44.81 -31.23
C THR A 116 5.59 44.98 -31.77
N HIS A 117 6.53 45.44 -30.94
CA HIS A 117 7.93 45.40 -31.34
C HIS A 117 8.45 43.97 -31.44
N ALA A 118 7.72 43.01 -30.87
CA ALA A 118 8.11 41.61 -30.88
C ALA A 118 6.88 40.75 -30.59
N LEU A 119 6.95 39.50 -31.02
CA LEU A 119 5.93 38.53 -30.64
C LEU A 119 6.17 38.06 -29.21
N SER A 120 5.08 37.80 -28.51
CA SER A 120 5.15 37.22 -27.17
C SER A 120 3.97 36.30 -27.00
N ILE A 121 4.24 35.01 -26.72
CA ILE A 121 3.17 34.05 -26.47
C ILE A 121 2.65 34.13 -25.04
N PHE A 122 3.20 35.01 -24.22
CA PHE A 122 2.95 35.02 -22.79
C PHE A 122 1.84 36.00 -22.43
N GLY A 123 1.51 36.05 -21.13
CA GLY A 123 0.23 36.59 -20.71
C GLY A 123 0.25 38.05 -20.32
N ASP A 124 -0.71 38.81 -20.86
CA ASP A 124 -1.18 40.06 -20.29
C ASP A 124 -2.54 40.35 -20.92
N HIS A 125 -3.11 41.51 -20.60
CA HIS A 125 -4.47 41.83 -21.00
C HIS A 125 -4.54 42.63 -22.29
N ALA A 126 -3.45 42.73 -23.04
CA ALA A 126 -3.48 43.55 -24.25
C ALA A 126 -4.55 43.08 -25.22
N ASP A 127 -4.71 41.76 -25.37
CA ASP A 127 -5.68 41.26 -26.35
C ASP A 127 -7.11 41.58 -25.92
N VAL A 128 -7.43 41.32 -24.65
CA VAL A 128 -8.79 41.58 -24.16
C VAL A 128 -9.09 43.08 -24.19
N MET A 129 -8.10 43.91 -23.85
CA MET A 129 -8.34 45.36 -23.85
C MET A 129 -8.59 45.89 -25.25
N ALA A 130 -8.04 45.23 -26.27
CA ALA A 130 -8.27 45.67 -27.65
C ALA A 130 -9.70 45.42 -28.11
N ALA A 131 -10.49 44.66 -27.36
CA ALA A 131 -11.86 44.33 -27.73
C ALA A 131 -12.88 44.93 -26.78
N ARG A 132 -12.46 45.76 -25.83
CA ARG A 132 -13.36 46.25 -24.80
C ARG A 132 -14.45 47.15 -25.34
N GLN A 133 -14.41 47.53 -26.61
CA GLN A 133 -15.42 48.40 -27.20
C GLN A 133 -16.33 47.66 -28.17
N THR A 134 -16.24 46.33 -28.22
CA THR A 134 -17.06 45.54 -29.12
C THR A 134 -18.50 45.35 -28.63
N GLY A 135 -18.77 45.62 -27.35
CA GLY A 135 -20.07 45.33 -26.78
C GLY A 135 -20.17 43.99 -26.09
N PHE A 136 -19.10 43.20 -26.09
CA PHE A 136 -19.05 42.00 -25.27
C PHE A 136 -18.95 42.37 -23.80
N ALA A 137 -19.59 41.58 -22.95
CA ALA A 137 -19.28 41.65 -21.53
C ALA A 137 -17.92 41.01 -21.27
N MET A 138 -17.27 41.43 -20.19
CA MET A 138 -15.91 40.96 -19.91
C MET A 138 -15.80 40.56 -18.44
N LEU A 139 -15.49 39.29 -18.21
CA LEU A 139 -15.44 38.70 -16.88
C LEU A 139 -14.07 38.08 -16.67
N SER A 140 -13.40 38.47 -15.58
CA SER A 140 -12.01 38.11 -15.33
C SER A 140 -11.89 37.08 -14.21
N SER A 141 -11.10 36.04 -14.44
CA SER A 141 -10.83 34.99 -13.48
C SER A 141 -9.42 35.14 -12.95
N ALA A 142 -9.27 35.04 -11.63
CA ALA A 142 -7.98 35.31 -10.99
C ALA A 142 -7.22 34.05 -10.59
N SER A 143 -7.87 32.89 -10.59
CA SER A 143 -7.24 31.64 -10.20
C SER A 143 -7.92 30.51 -10.96
N VAL A 144 -7.31 29.32 -10.88
CA VAL A 144 -7.87 28.14 -11.55
C VAL A 144 -9.27 27.84 -11.00
N GLN A 145 -9.45 28.00 -9.69
CA GLN A 145 -10.77 27.81 -9.11
C GLN A 145 -11.77 28.81 -9.67
N GLU A 146 -11.32 30.06 -9.87
CA GLU A 146 -12.20 31.07 -10.42
C GLU A 146 -12.47 30.85 -11.91
N VAL A 147 -11.53 30.24 -12.62
CA VAL A 147 -11.80 29.89 -14.01
C VAL A 147 -12.96 28.91 -14.07
N MET A 148 -12.96 27.92 -13.19
CA MET A 148 -14.07 26.98 -13.11
C MET A 148 -15.36 27.69 -12.79
N ASP A 149 -15.35 28.56 -11.77
CA ASP A 149 -16.59 29.18 -11.32
C ASP A 149 -17.07 30.24 -12.30
N LEU A 150 -16.19 31.14 -12.73
CA LEU A 150 -16.63 32.25 -13.54
C LEU A 150 -16.91 31.85 -14.99
N ALA A 151 -16.33 30.74 -15.45
CA ALA A 151 -16.78 30.19 -16.73
C ALA A 151 -18.24 29.81 -16.67
N LEU A 152 -18.66 29.19 -15.57
CA LEU A 152 -20.08 28.85 -15.39
C LEU A 152 -20.93 30.12 -15.28
N VAL A 153 -20.43 31.14 -14.58
CA VAL A 153 -21.16 32.39 -14.46
C VAL A 153 -21.37 33.02 -15.84
N ALA A 154 -20.34 33.02 -16.67
CA ALA A 154 -20.48 33.63 -17.99
C ALA A 154 -21.51 32.89 -18.84
N HIS A 155 -21.46 31.55 -18.83
CA HIS A 155 -22.38 30.77 -19.64
C HIS A 155 -23.82 30.92 -19.14
N LEU A 156 -24.00 31.02 -17.82
CA LEU A 156 -25.35 31.21 -17.28
C LEU A 156 -25.85 32.62 -17.50
N ALA A 157 -24.98 33.62 -17.34
CA ALA A 157 -25.42 35.01 -17.43
C ALA A 157 -25.75 35.39 -18.87
N THR A 158 -24.97 34.91 -19.84
CA THR A 158 -25.18 35.33 -21.22
C THR A 158 -26.53 34.88 -21.76
N LEU A 159 -27.03 33.72 -21.32
CA LEU A 159 -28.36 33.28 -21.75
C LEU A 159 -29.43 34.23 -21.24
N LYS A 160 -29.30 34.68 -19.99
CA LYS A 160 -30.30 35.57 -19.42
C LYS A 160 -30.18 36.99 -19.99
N ALA A 161 -28.96 37.47 -20.18
CA ALA A 161 -28.76 38.87 -20.55
C ALA A 161 -28.81 39.11 -22.04
N ARG A 162 -28.63 38.06 -22.85
CA ARG A 162 -28.47 38.15 -24.30
C ARG A 162 -27.24 38.95 -24.71
N VAL A 163 -26.37 39.28 -23.76
CA VAL A 163 -25.12 39.98 -24.05
C VAL A 163 -24.00 38.95 -24.05
N PRO A 164 -23.23 38.80 -25.12
CA PRO A 164 -22.17 37.80 -25.15
C PRO A 164 -21.02 38.19 -24.21
N PHE A 165 -20.28 37.18 -23.78
CA PHE A 165 -19.23 37.35 -22.77
C PHE A 165 -17.86 36.98 -23.30
N VAL A 166 -16.85 37.75 -22.90
CA VAL A 166 -15.47 37.34 -22.95
C VAL A 166 -15.08 36.96 -21.53
N HIS A 167 -14.84 35.67 -21.31
CA HIS A 167 -14.33 35.19 -20.03
C HIS A 167 -12.85 34.93 -20.20
N PHE A 168 -12.01 35.75 -19.57
CA PHE A 168 -10.58 35.67 -19.78
C PHE A 168 -9.83 35.47 -18.47
N PHE A 169 -8.70 34.77 -18.58
CA PHE A 169 -7.80 34.50 -17.47
C PHE A 169 -6.37 34.61 -17.98
N ASP A 170 -5.46 34.92 -17.07
CA ASP A 170 -4.09 35.27 -17.45
C ASP A 170 -3.40 34.10 -18.14
N GLY A 171 -2.87 34.37 -19.33
CA GLY A 171 -2.19 33.34 -20.11
C GLY A 171 -0.98 32.78 -19.40
N PHE A 172 -0.87 31.44 -19.42
CA PHE A 172 0.17 30.69 -18.74
C PHE A 172 0.08 30.85 -17.22
N ARG A 173 0.17 32.09 -16.73
CA ARG A 173 0.18 32.33 -15.29
C ARG A 173 -1.04 31.72 -14.62
N THR A 174 -2.17 31.66 -15.31
CA THR A 174 -3.33 30.93 -14.81
C THR A 174 -3.77 29.80 -15.74
N SER A 175 -3.64 29.99 -17.06
CA SER A 175 -4.11 28.96 -17.99
C SER A 175 -3.30 27.67 -17.87
N HIS A 176 -2.02 27.78 -17.54
CA HIS A 176 -1.13 26.62 -17.43
C HIS A 176 -0.72 26.34 -15.98
N GLU A 177 -1.28 27.06 -15.01
CA GLU A 177 -1.01 26.76 -13.61
C GLU A 177 -1.88 25.60 -13.17
N VAL A 178 -1.27 24.55 -12.64
CA VAL A 178 -1.99 23.38 -12.16
C VAL A 178 -2.37 23.60 -10.71
N GLN A 179 -3.63 23.37 -10.39
CA GLN A 179 -4.14 23.54 -9.03
C GLN A 179 -5.20 22.49 -8.74
N LYS A 180 -5.26 22.08 -7.48
CA LYS A 180 -6.35 21.23 -7.00
C LYS A 180 -7.54 22.12 -6.70
N ILE A 181 -8.66 21.88 -7.38
CA ILE A 181 -9.83 22.74 -7.28
C ILE A 181 -11.08 21.88 -7.10
N ASP A 182 -12.15 22.54 -6.68
CA ASP A 182 -13.47 21.93 -6.66
C ASP A 182 -14.06 21.99 -8.06
N VAL A 183 -14.35 20.84 -8.63
CA VAL A 183 -14.88 20.74 -9.99
C VAL A 183 -16.40 20.65 -9.92
N ILE A 184 -17.08 21.47 -10.70
CA ILE A 184 -18.54 21.52 -10.67
C ILE A 184 -19.08 20.44 -11.59
N GLU A 185 -20.02 19.64 -11.07
CA GLU A 185 -20.62 18.56 -11.85
C GLU A 185 -21.52 19.12 -12.95
N TYR A 186 -21.51 18.45 -14.11
CA TYR A 186 -22.39 18.89 -15.20
C TYR A 186 -23.85 18.87 -14.76
N GLU A 187 -24.23 17.87 -13.96
CA GLU A 187 -25.61 17.78 -13.48
C GLU A 187 -26.00 18.99 -12.64
N ASP A 188 -25.05 19.53 -11.87
CA ASP A 188 -25.34 20.72 -11.08
C ASP A 188 -25.43 21.96 -11.95
N MET A 189 -24.65 22.02 -13.03
CA MET A 189 -24.78 23.12 -13.97
C MET A 189 -26.18 23.15 -14.57
N ALA A 190 -26.67 21.98 -15.00
CA ALA A 190 -27.98 21.93 -15.66
C ALA A 190 -29.10 22.36 -14.72
N LYS A 191 -28.92 22.19 -13.40
CA LYS A 191 -29.94 22.62 -12.46
C LYS A 191 -29.98 24.14 -12.29
N LEU A 192 -28.97 24.86 -12.78
CA LEU A 192 -28.97 26.31 -12.67
C LEU A 192 -29.31 27.00 -13.99
N VAL A 193 -29.30 26.27 -15.10
CA VAL A 193 -29.52 26.87 -16.41
C VAL A 193 -30.95 27.39 -16.52
N ASP A 194 -31.09 28.56 -17.13
CA ASP A 194 -32.38 29.14 -17.48
C ASP A 194 -32.82 28.50 -18.79
N TRP A 195 -33.60 27.41 -18.68
CA TRP A 195 -34.04 26.69 -19.87
C TRP A 195 -35.06 27.48 -20.67
N ASP A 196 -35.85 28.35 -20.01
CA ASP A 196 -36.71 29.26 -20.76
C ASP A 196 -35.88 30.17 -21.65
N ALA A 197 -34.75 30.67 -21.13
CA ALA A 197 -33.89 31.54 -21.94
C ALA A 197 -33.29 30.79 -23.12
N ILE A 198 -33.02 29.50 -22.96
CA ILE A 198 -32.51 28.71 -24.08
C ILE A 198 -33.59 28.55 -25.14
N ARG A 199 -34.82 28.25 -24.72
CA ARG A 199 -35.90 28.05 -25.68
C ARG A 199 -36.24 29.34 -26.41
N ALA A 200 -36.21 30.47 -25.71
CA ALA A 200 -36.42 31.74 -26.40
C ALA A 200 -35.33 32.00 -27.42
N PHE A 201 -34.10 31.56 -27.13
CA PHE A 201 -33.00 31.68 -28.10
C PHE A 201 -33.27 30.85 -29.34
N ARG A 202 -33.89 29.69 -29.18
CA ARG A 202 -34.21 28.85 -30.33
C ARG A 202 -35.27 29.50 -31.21
N GLN A 203 -36.23 30.20 -30.59
CA GLN A 203 -37.32 30.81 -31.35
C GLN A 203 -36.82 31.94 -32.23
N ARG A 204 -35.75 32.62 -31.82
CA ARG A 204 -35.16 33.72 -32.59
C ARG A 204 -34.30 33.25 -33.75
N ALA A 205 -34.11 31.94 -33.90
CA ALA A 205 -33.17 31.41 -34.87
C ALA A 205 -33.67 31.64 -36.29
N LEU A 206 -32.72 31.74 -37.22
CA LEU A 206 -33.04 31.74 -38.63
C LEU A 206 -33.72 30.43 -38.99
N ASN A 207 -34.94 30.52 -39.52
CA ASN A 207 -35.67 29.32 -39.87
C ASN A 207 -36.67 29.66 -40.98
N PRO A 208 -36.69 28.89 -42.07
CA PRO A 208 -37.61 29.21 -43.18
C PRO A 208 -39.09 29.07 -42.82
N GLU A 209 -39.44 28.39 -41.73
CA GLU A 209 -40.86 28.29 -41.37
C GLU A 209 -41.34 29.44 -40.49
N HIS A 210 -40.43 30.25 -39.95
CA HIS A 210 -40.79 31.54 -39.35
C HIS A 210 -39.64 32.51 -39.60
N PRO A 211 -39.49 32.98 -40.84
CA PRO A 211 -38.26 33.67 -41.24
C PRO A 211 -38.23 35.11 -40.76
N HIS A 212 -37.02 35.66 -40.80
CA HIS A 212 -36.77 37.06 -40.49
C HIS A 212 -35.52 37.51 -41.23
N GLN A 213 -35.25 38.80 -41.17
CA GLN A 213 -34.06 39.39 -41.78
C GLN A 213 -33.22 40.06 -40.70
N ARG A 214 -31.91 39.79 -40.72
CA ARG A 214 -30.98 40.39 -39.78
C ARG A 214 -29.74 40.83 -40.54
N GLY A 215 -29.02 41.79 -39.97
CA GLY A 215 -27.83 42.31 -40.63
C GLY A 215 -28.09 43.27 -41.77
N THR A 216 -29.11 44.12 -41.66
CA THR A 216 -29.44 45.04 -42.72
C THR A 216 -28.42 46.17 -42.80
N ALA A 217 -28.52 46.97 -43.86
CA ALA A 217 -27.78 48.21 -44.01
C ALA A 217 -28.71 49.38 -43.71
N GLN A 218 -28.22 50.34 -42.94
CA GLN A 218 -29.09 51.40 -42.44
C GLN A 218 -28.56 52.79 -42.77
N ASN A 219 -29.49 53.69 -43.06
CA ASN A 219 -29.17 55.07 -43.38
C ASN A 219 -29.04 55.88 -42.10
N PRO A 220 -28.62 57.14 -42.19
CA PRO A 220 -28.48 57.96 -40.97
C PRO A 220 -29.78 58.19 -40.21
N ASP A 221 -30.94 57.94 -40.82
CA ASP A 221 -32.19 58.33 -40.16
C ASP A 221 -32.53 57.44 -38.97
N ILE A 222 -32.09 56.17 -38.98
CA ILE A 222 -32.55 55.23 -37.94
C ILE A 222 -31.40 54.51 -37.28
N TYR A 223 -30.17 54.69 -37.79
CA TYR A 223 -29.06 53.91 -37.29
C TYR A 223 -28.74 54.24 -35.83
N PHE A 224 -28.70 55.53 -35.50
CA PHE A 224 -28.39 55.95 -34.14
C PHE A 224 -29.44 55.41 -33.15
N GLN A 225 -30.72 55.64 -33.45
CA GLN A 225 -31.77 55.12 -32.57
C GLN A 225 -31.67 53.62 -32.42
N SER A 226 -31.48 52.91 -33.53
CA SER A 226 -31.41 51.45 -33.48
C SER A 226 -30.25 50.97 -32.63
N ARG A 227 -29.15 51.72 -32.62
CA ARG A 227 -27.99 51.36 -31.83
C ARG A 227 -28.23 51.57 -30.33
N GLU A 228 -29.00 52.59 -29.96
CA GLU A 228 -29.32 52.82 -28.56
C GLU A 228 -30.44 51.94 -28.04
N ALA A 229 -31.12 51.20 -28.93
CA ALA A 229 -32.24 50.37 -28.49
C ALA A 229 -31.78 49.19 -27.65
N ALA A 230 -30.49 48.86 -27.65
CA ALA A 230 -29.99 47.75 -26.86
C ALA A 230 -29.60 48.16 -25.44
N ASN A 231 -29.72 49.44 -25.10
CA ASN A 231 -29.36 49.92 -23.77
C ASN A 231 -29.99 49.13 -22.62
N PRO A 232 -31.29 48.77 -22.65
CA PRO A 232 -31.82 48.00 -21.51
C PRO A 232 -31.06 46.72 -21.27
N TYR A 233 -30.58 46.06 -22.31
CA TYR A 233 -29.86 44.81 -22.13
C TYR A 233 -28.53 45.06 -21.43
N TYR A 234 -27.86 46.16 -21.74
CA TYR A 234 -26.61 46.47 -21.05
C TYR A 234 -26.86 47.02 -19.65
N LEU A 235 -27.95 47.76 -19.46
CA LEU A 235 -28.28 48.23 -18.12
C LEU A 235 -28.62 47.07 -17.19
N ALA A 236 -29.19 45.99 -17.71
CA ALA A 236 -29.61 44.87 -16.88
C ALA A 236 -28.50 43.84 -16.64
N THR A 237 -27.44 43.84 -17.45
CA THR A 237 -26.43 42.80 -17.34
C THR A 237 -25.73 42.76 -15.98
N PRO A 238 -25.35 43.88 -15.35
CA PRO A 238 -24.77 43.77 -14.00
C PRO A 238 -25.66 43.04 -13.01
N GLY A 239 -26.96 43.39 -12.94
CA GLY A 239 -27.84 42.71 -12.01
C GLY A 239 -28.00 41.24 -12.33
N ILE A 240 -28.03 40.90 -13.62
CA ILE A 240 -28.13 39.51 -14.04
C ILE A 240 -26.89 38.74 -13.62
N VAL A 241 -25.70 39.30 -13.88
CA VAL A 241 -24.46 38.64 -13.47
C VAL A 241 -24.41 38.50 -11.96
N ALA A 242 -24.85 39.52 -11.23
CA ALA A 242 -24.85 39.45 -9.77
C ALA A 242 -25.73 38.32 -9.29
N GLN A 243 -26.92 38.16 -9.91
CA GLN A 243 -27.84 37.11 -9.48
C GLN A 243 -27.30 35.72 -9.84
N VAL A 244 -26.66 35.58 -11.00
CA VAL A 244 -26.05 34.31 -11.34
C VAL A 244 -24.94 33.97 -10.34
N MET A 245 -24.17 34.98 -9.93
CA MET A 245 -23.16 34.75 -8.91
C MET A 245 -23.78 34.24 -7.61
N GLU A 246 -25.02 34.63 -7.32
CA GLU A 246 -25.69 34.11 -6.14
C GLU A 246 -26.11 32.66 -6.32
N GLN A 247 -26.47 32.25 -7.55
CA GLN A 247 -26.73 30.84 -7.82
C GLN A 247 -25.49 30.00 -7.59
N VAL A 248 -24.35 30.44 -8.15
CA VAL A 248 -23.11 29.69 -7.99
C VAL A 248 -22.69 29.66 -6.53
N ALA A 249 -22.92 30.76 -5.81
CA ALA A 249 -22.57 30.80 -4.39
C ALA A 249 -23.37 29.76 -3.61
N GLY A 250 -24.68 29.66 -3.88
CA GLY A 250 -25.48 28.68 -3.17
C GLY A 250 -25.09 27.25 -3.50
N LEU A 251 -24.60 27.02 -4.72
CA LEU A 251 -24.18 25.68 -5.10
C LEU A 251 -22.80 25.36 -4.55
N THR A 252 -21.85 26.30 -4.65
CA THR A 252 -20.46 26.00 -4.31
C THR A 252 -20.03 26.53 -2.95
N GLY A 253 -20.70 27.56 -2.42
CA GLY A 253 -20.25 28.21 -1.22
C GLY A 253 -19.26 29.32 -1.46
N ARG A 254 -18.80 29.50 -2.70
CA ARG A 254 -17.83 30.53 -3.04
C ARG A 254 -18.58 31.74 -3.56
N HIS A 255 -18.38 32.88 -2.90
CA HIS A 255 -19.18 34.09 -3.13
C HIS A 255 -18.38 35.06 -4.00
N TYR A 256 -18.85 35.30 -5.22
CA TYR A 256 -18.27 36.28 -6.11
C TYR A 256 -19.19 37.49 -6.22
N HIS A 257 -18.60 38.64 -6.50
CA HIS A 257 -19.35 39.86 -6.75
C HIS A 257 -18.76 40.56 -7.96
N LEU A 258 -19.49 41.54 -8.50
CA LEU A 258 -18.99 42.28 -9.64
C LEU A 258 -17.64 42.90 -9.30
N PHE A 259 -17.52 43.41 -8.08
CA PHE A 259 -16.27 43.85 -7.48
C PHE A 259 -16.20 43.27 -6.07
N ASP A 260 -15.07 42.65 -5.73
CA ASP A 260 -14.86 42.09 -4.41
C ASP A 260 -13.81 42.89 -3.67
N TYR A 261 -13.96 42.97 -2.35
CA TYR A 261 -13.04 43.70 -1.51
C TYR A 261 -12.33 42.75 -0.56
N ALA A 262 -11.05 43.02 -0.32
CA ALA A 262 -10.27 42.29 0.66
C ALA A 262 -9.31 43.25 1.33
N GLY A 263 -9.19 43.14 2.64
CA GLY A 263 -8.26 43.96 3.39
C GLY A 263 -8.92 44.59 4.59
N ALA A 264 -8.24 45.59 5.14
CA ALA A 264 -8.72 46.22 6.35
C ALA A 264 -10.06 46.92 6.09
N PRO A 265 -11.01 46.82 7.01
CA PRO A 265 -12.28 47.54 6.81
C PRO A 265 -12.10 49.04 6.83
N ASP A 266 -11.07 49.55 7.50
CA ASP A 266 -10.76 50.96 7.58
C ASP A 266 -9.52 51.32 6.78
N ALA A 267 -9.30 50.63 5.66
CA ALA A 267 -8.11 50.86 4.86
C ALA A 267 -8.10 52.25 4.26
N GLU A 268 -6.91 52.83 4.16
CA GLU A 268 -6.73 54.12 3.52
C GLU A 268 -6.03 54.03 2.17
N ARG A 269 -5.30 52.95 1.91
CA ARG A 269 -4.64 52.71 0.64
C ARG A 269 -5.19 51.41 0.06
N VAL A 270 -5.72 51.49 -1.15
CA VAL A 270 -6.38 50.36 -1.79
C VAL A 270 -5.84 50.20 -3.20
N ILE A 271 -5.59 48.96 -3.60
CA ILE A 271 -5.21 48.61 -4.96
C ILE A 271 -6.43 48.06 -5.70
N VAL A 272 -6.69 48.57 -6.90
CA VAL A 272 -7.71 48.04 -7.79
C VAL A 272 -7.01 47.30 -8.92
N SER A 273 -7.36 46.04 -9.11
CA SER A 273 -6.65 45.20 -10.07
C SER A 273 -7.58 44.13 -10.61
N MET A 274 -7.03 43.29 -11.48
CA MET A 274 -7.81 42.37 -12.29
C MET A 274 -6.96 41.16 -12.64
N GLY A 275 -7.58 39.99 -12.70
CA GLY A 275 -6.84 38.80 -13.05
C GLY A 275 -6.04 38.24 -11.88
N SER A 276 -5.07 37.38 -12.22
CA SER A 276 -4.33 36.66 -11.20
C SER A 276 -3.54 37.57 -10.27
N SER A 277 -3.31 38.82 -10.67
CA SER A 277 -2.67 39.76 -9.76
C SER A 277 -3.47 39.92 -8.47
N CYS A 278 -4.79 39.70 -8.54
CA CYS A 278 -5.62 39.82 -7.34
C CYS A 278 -5.25 38.80 -6.29
N GLU A 279 -4.85 37.60 -6.73
CA GLU A 279 -4.39 36.58 -5.79
C GLU A 279 -3.13 37.04 -5.07
N VAL A 280 -2.14 37.51 -5.84
CA VAL A 280 -0.88 37.98 -5.26
C VAL A 280 -1.12 39.15 -4.32
N ILE A 281 -2.04 40.04 -4.69
CA ILE A 281 -2.27 41.24 -3.87
C ILE A 281 -2.97 40.87 -2.58
N GLU A 282 -3.95 39.97 -2.64
CA GLU A 282 -4.66 39.59 -1.42
C GLU A 282 -3.74 38.89 -0.43
N GLU A 283 -2.88 37.99 -0.92
CA GLU A 283 -1.90 37.36 -0.04
C GLU A 283 -1.02 38.40 0.61
N THR A 284 -0.58 39.41 -0.15
CA THR A 284 0.22 40.48 0.43
C THR A 284 -0.61 41.31 1.41
N VAL A 285 -1.87 41.58 1.07
CA VAL A 285 -2.72 42.39 1.95
C VAL A 285 -2.90 41.71 3.29
N ASN A 286 -3.16 40.39 3.30
CA ASN A 286 -3.26 39.67 4.57
C ASN A 286 -2.00 39.87 5.40
N TYR A 287 -0.83 39.78 4.77
CA TYR A 287 0.43 39.94 5.48
C TYR A 287 0.59 41.35 6.04
N LEU A 288 0.23 42.36 5.24
CA LEU A 288 0.40 43.74 5.69
C LEU A 288 -0.66 44.13 6.72
N VAL A 289 -1.91 43.71 6.51
CA VAL A 289 -2.98 44.05 7.46
C VAL A 289 -2.66 43.44 8.82
N GLU A 290 -2.13 42.22 8.83
CA GLU A 290 -1.76 41.58 10.10
C GLU A 290 -0.66 42.37 10.81
N LYS A 291 0.20 43.04 10.04
CA LYS A 291 1.24 43.89 10.61
C LYS A 291 0.74 45.29 10.95
N GLY A 292 -0.55 45.55 10.78
CA GLY A 292 -1.15 46.80 11.21
C GLY A 292 -1.39 47.83 10.12
N GLU A 293 -0.98 47.56 8.89
CA GLU A 293 -1.18 48.53 7.83
C GLU A 293 -2.64 48.55 7.40
N LYS A 294 -3.15 49.75 7.13
CA LYS A 294 -4.54 49.93 6.71
C LYS A 294 -4.60 49.94 5.19
N VAL A 295 -4.55 48.73 4.62
CA VAL A 295 -4.53 48.55 3.18
C VAL A 295 -5.63 47.58 2.77
N GLY A 296 -6.02 47.66 1.49
CA GLY A 296 -7.08 46.83 0.97
C GLY A 296 -6.93 46.61 -0.53
N LEU A 297 -7.85 45.83 -1.08
CA LEU A 297 -7.80 45.43 -2.48
C LEU A 297 -9.22 45.31 -3.01
N ILE A 298 -9.44 45.83 -4.22
CA ILE A 298 -10.70 45.63 -4.93
C ILE A 298 -10.41 44.78 -6.16
N LYS A 299 -11.01 43.59 -6.22
CA LYS A 299 -10.88 42.72 -7.37
C LYS A 299 -11.97 43.03 -8.37
N VAL A 300 -11.58 43.31 -9.61
CA VAL A 300 -12.52 43.57 -10.69
C VAL A 300 -12.86 42.23 -11.34
N ARG A 301 -14.10 41.78 -11.19
CA ARG A 301 -14.54 40.58 -11.89
C ARG A 301 -15.23 40.92 -13.20
N LEU A 302 -16.30 41.72 -13.12
CA LEU A 302 -17.03 42.15 -14.32
C LEU A 302 -16.46 43.48 -14.78
N PHE A 303 -15.56 43.44 -15.75
CA PHE A 303 -14.95 44.66 -16.27
C PHE A 303 -15.90 45.41 -17.21
N ARG A 304 -16.68 44.67 -18.00
CA ARG A 304 -17.67 45.27 -18.88
C ARG A 304 -18.94 44.43 -18.76
N PRO A 305 -20.11 45.04 -18.58
CA PRO A 305 -20.32 46.49 -18.35
C PRO A 305 -19.82 46.94 -16.99
N PHE A 306 -19.22 48.13 -16.92
CA PHE A 306 -18.69 48.64 -15.66
C PHE A 306 -19.82 49.25 -14.85
N SER A 307 -20.17 48.62 -13.73
CA SER A 307 -21.29 49.05 -12.90
C SER A 307 -20.74 49.92 -11.77
N ALA A 308 -21.03 51.22 -11.85
CA ALA A 308 -20.57 52.13 -10.82
C ALA A 308 -21.16 51.78 -9.47
N GLU A 309 -22.43 51.39 -9.45
CA GLU A 309 -23.09 51.05 -8.20
C GLU A 309 -22.38 49.90 -7.49
N HIS A 310 -22.00 48.85 -8.24
CA HIS A 310 -21.33 47.71 -7.62
C HIS A 310 -19.88 48.00 -7.25
N PHE A 311 -19.25 48.98 -7.89
CA PHE A 311 -17.89 49.33 -7.51
C PHE A 311 -17.88 50.12 -6.19
N LEU A 312 -18.75 51.12 -6.09
CA LEU A 312 -18.75 51.97 -4.91
C LEU A 312 -19.23 51.24 -3.65
N LYS A 313 -20.07 50.22 -3.80
CA LYS A 313 -20.60 49.52 -2.62
C LYS A 313 -19.50 48.80 -1.85
N VAL A 314 -18.44 48.36 -2.52
CA VAL A 314 -17.38 47.60 -1.85
C VAL A 314 -16.16 48.46 -1.59
N LEU A 315 -16.26 49.76 -1.80
CA LEU A 315 -15.16 50.68 -1.53
C LEU A 315 -15.33 51.25 -0.13
N PRO A 316 -14.44 50.96 0.81
CA PRO A 316 -14.61 51.49 2.17
C PRO A 316 -14.56 53.02 2.18
N ALA A 317 -15.35 53.62 3.06
CA ALA A 317 -15.44 55.07 3.13
C ALA A 317 -14.15 55.72 3.59
N SER A 318 -13.23 54.96 4.19
CA SER A 318 -11.98 55.51 4.71
C SER A 318 -10.89 55.60 3.66
N VAL A 319 -11.15 55.18 2.42
CA VAL A 319 -10.10 55.14 1.42
C VAL A 319 -9.74 56.56 1.01
N LYS A 320 -8.44 56.86 1.08
CA LYS A 320 -7.92 58.17 0.67
C LYS A 320 -7.06 58.10 -0.57
N ARG A 321 -6.42 56.96 -0.85
CA ARG A 321 -5.53 56.84 -1.98
C ARG A 321 -5.71 55.49 -2.63
N ILE A 322 -5.75 55.47 -3.96
CA ILE A 322 -5.97 54.25 -4.72
C ILE A 322 -4.90 54.16 -5.80
N ALA A 323 -4.31 52.98 -5.94
CA ALA A 323 -3.43 52.65 -7.05
C ALA A 323 -4.14 51.62 -7.93
N VAL A 324 -4.30 51.94 -9.21
CA VAL A 324 -4.93 51.04 -10.16
C VAL A 324 -3.83 50.38 -10.98
N LEU A 325 -3.92 49.06 -11.11
CA LEU A 325 -2.92 48.28 -11.83
C LEU A 325 -3.53 47.74 -13.12
N ASP A 326 -2.89 48.04 -14.24
CA ASP A 326 -3.31 47.55 -15.55
C ASP A 326 -2.24 46.61 -16.11
N ARG A 327 -2.67 45.46 -16.57
CA ARG A 327 -1.77 44.51 -17.23
C ARG A 327 -1.76 44.73 -18.74
N THR A 328 -1.55 45.98 -19.14
CA THR A 328 -1.52 46.33 -20.56
C THR A 328 -0.79 47.66 -20.71
N LYS A 329 -0.52 48.01 -21.97
CA LYS A 329 0.10 49.29 -22.28
C LYS A 329 -0.53 49.87 -23.52
N GLU A 330 -1.01 51.11 -23.43
CA GLU A 330 -1.58 51.85 -24.57
C GLU A 330 -0.68 53.05 -24.80
N PRO A 331 0.33 52.94 -25.66
CA PRO A 331 1.35 53.98 -25.76
C PRO A 331 0.76 55.33 -26.18
N GLY A 332 1.16 56.37 -25.46
CA GLY A 332 0.63 57.69 -25.71
C GLY A 332 -0.69 57.99 -25.02
N SER A 333 -1.37 56.99 -24.50
CA SER A 333 -2.62 57.24 -23.80
C SER A 333 -2.36 58.01 -22.51
N LEU A 334 -3.37 58.75 -22.08
CA LEU A 334 -3.29 59.46 -20.81
C LEU A 334 -3.16 58.48 -19.66
N GLY A 335 -3.84 57.34 -19.76
CA GLY A 335 -3.73 56.27 -18.78
C GLY A 335 -4.27 55.00 -19.41
N GLU A 336 -4.04 53.90 -18.71
CA GLU A 336 -4.50 52.60 -19.18
C GLU A 336 -5.99 52.44 -18.85
N PRO A 337 -6.66 51.44 -19.44
CA PRO A 337 -8.15 51.40 -19.35
C PRO A 337 -8.73 51.36 -17.94
N LEU A 338 -8.27 50.44 -17.10
CA LEU A 338 -8.87 50.30 -15.77
C LEU A 338 -8.63 51.56 -14.94
N TYR A 339 -7.45 52.17 -15.09
CA TYR A 339 -7.15 53.42 -14.40
C TYR A 339 -8.11 54.52 -14.81
N GLU A 340 -8.42 54.61 -16.11
CA GLU A 340 -9.35 55.64 -16.56
C GLU A 340 -10.78 55.35 -16.11
N ASP A 341 -11.16 54.08 -16.00
CA ASP A 341 -12.48 53.76 -15.45
C ASP A 341 -12.59 54.18 -14.00
N VAL A 342 -11.61 53.80 -13.18
CA VAL A 342 -11.66 54.13 -11.75
C VAL A 342 -11.64 55.64 -11.56
N GLN A 343 -10.79 56.33 -12.31
CA GLN A 343 -10.73 57.78 -12.21
C GLN A 343 -12.06 58.41 -12.59
N THR A 344 -12.71 57.86 -13.61
CA THR A 344 -13.97 58.42 -14.08
C THR A 344 -15.10 58.23 -13.07
N VAL A 345 -15.27 57.00 -12.58
CA VAL A 345 -16.39 56.71 -11.68
C VAL A 345 -16.27 57.52 -10.40
N LEU A 346 -15.06 57.66 -9.87
CA LEU A 346 -14.88 58.43 -8.66
C LEU A 346 -15.16 59.91 -8.89
N ALA A 347 -14.86 60.42 -10.08
CA ALA A 347 -15.19 61.80 -10.40
C ALA A 347 -16.71 61.98 -10.55
N GLU A 348 -17.38 61.01 -11.17
CA GLU A 348 -18.83 61.11 -11.34
C GLU A 348 -19.57 61.11 -10.02
N HIS A 349 -18.96 60.63 -8.94
CA HIS A 349 -19.61 60.58 -7.64
C HIS A 349 -18.92 61.47 -6.61
N GLY A 350 -18.09 62.40 -7.06
CA GLY A 350 -17.52 63.42 -6.19
C GLY A 350 -16.63 62.91 -5.09
N LYS A 351 -16.06 61.72 -5.23
CA LYS A 351 -15.13 61.20 -4.23
C LYS A 351 -13.78 61.92 -4.34
N ASN A 352 -13.30 62.44 -3.21
CA ASN A 352 -11.99 63.11 -3.16
C ASN A 352 -10.94 62.07 -2.79
N ILE A 353 -10.56 61.26 -3.78
CA ILE A 353 -9.60 60.19 -3.60
C ILE A 353 -8.47 60.36 -4.61
N LEU A 354 -7.23 60.40 -4.11
CA LEU A 354 -6.07 60.45 -5.01
C LEU A 354 -5.91 59.11 -5.71
N VAL A 355 -6.00 59.12 -7.03
CA VAL A 355 -5.93 57.91 -7.83
C VAL A 355 -4.66 57.93 -8.67
N VAL A 356 -4.01 56.78 -8.74
CA VAL A 356 -2.74 56.63 -9.45
C VAL A 356 -2.79 55.31 -10.21
N GLY A 357 -2.27 55.31 -11.43
CA GLY A 357 -2.30 54.14 -12.28
C GLY A 357 -0.90 53.66 -12.61
N GLY A 358 -0.76 52.35 -12.75
CA GLY A 358 0.52 51.75 -13.10
C GLY A 358 0.32 50.53 -13.97
N ARG A 359 1.44 50.02 -14.49
CA ARG A 359 1.44 48.86 -15.35
C ARG A 359 2.30 47.77 -14.74
N TYR A 360 1.93 46.52 -15.00
CA TYR A 360 2.63 45.37 -14.43
C TYR A 360 2.49 44.17 -15.35
N GLY A 361 3.39 43.22 -15.17
CA GLY A 361 3.21 41.86 -15.68
C GLY A 361 3.05 41.71 -17.17
N LEU A 362 3.59 42.63 -17.96
CA LEU A 362 3.49 42.49 -19.41
C LEU A 362 4.28 41.28 -19.88
N GLY A 363 3.68 40.49 -20.76
CA GLY A 363 4.34 39.29 -21.26
C GLY A 363 4.73 38.31 -20.18
N SER A 364 3.84 38.11 -19.20
CA SER A 364 4.08 37.22 -18.07
C SER A 364 5.27 37.68 -17.22
N LYS A 365 5.52 38.98 -17.16
CA LYS A 365 6.51 39.50 -16.24
C LYS A 365 6.11 39.17 -14.82
N GLU A 366 7.08 38.73 -14.01
CA GLU A 366 6.79 38.34 -12.64
C GLU A 366 6.17 39.50 -11.87
N PHE A 367 5.18 39.16 -11.04
CA PHE A 367 4.49 40.11 -10.18
C PHE A 367 4.31 39.39 -8.84
N ASN A 368 5.21 39.66 -7.90
CA ASN A 368 5.29 38.98 -6.62
C ASN A 368 4.97 39.93 -5.47
N PRO A 369 4.87 39.40 -4.23
CA PRO A 369 4.45 40.27 -3.11
C PRO A 369 5.34 41.48 -2.89
N SER A 370 6.65 41.37 -3.10
CA SER A 370 7.52 42.52 -2.92
C SER A 370 7.13 43.65 -3.86
N MET A 371 6.70 43.32 -5.08
CA MET A 371 6.23 44.35 -5.99
C MET A 371 4.90 44.93 -5.52
N VAL A 372 4.04 44.09 -4.93
CA VAL A 372 2.78 44.58 -4.41
C VAL A 372 3.02 45.60 -3.31
N LYS A 373 3.96 45.31 -2.41
CA LYS A 373 4.26 46.27 -1.35
C LYS A 373 4.84 47.55 -1.92
N ALA A 374 5.66 47.44 -2.97
CA ALA A 374 6.19 48.65 -3.60
C ALA A 374 5.07 49.55 -4.10
N VAL A 375 4.00 48.94 -4.61
CA VAL A 375 2.83 49.73 -5.00
C VAL A 375 2.19 50.37 -3.78
N PHE A 376 2.07 49.61 -2.69
CA PHE A 376 1.49 50.18 -1.48
C PHE A 376 2.37 51.28 -0.89
N ASP A 377 3.69 51.10 -0.95
CA ASP A 377 4.59 52.14 -0.44
C ASP A 377 4.47 53.43 -1.24
N ASN A 378 4.27 53.32 -2.56
CA ASN A 378 4.10 54.53 -3.36
C ASN A 378 2.83 55.26 -2.98
N LEU A 379 1.79 54.55 -2.56
CA LEU A 379 0.62 55.20 -2.03
C LEU A 379 0.90 55.90 -0.71
N ALA A 380 1.91 55.43 0.04
CA ALA A 380 2.26 56.02 1.32
C ALA A 380 3.22 57.19 1.20
N ALA A 381 3.77 57.45 0.01
CA ALA A 381 4.68 58.56 -0.15
C ALA A 381 3.92 59.89 -0.08
N THR A 382 4.66 60.97 0.17
CA THR A 382 4.06 62.30 0.20
C THR A 382 3.45 62.64 -1.15
N THR A 383 4.18 62.38 -2.24
CA THR A 383 3.66 62.57 -3.59
C THR A 383 3.74 61.25 -4.34
N PRO A 384 2.67 60.47 -4.41
CA PRO A 384 2.74 59.20 -5.14
C PRO A 384 3.05 59.42 -6.61
N LYS A 385 3.95 58.59 -7.14
CA LYS A 385 4.26 58.62 -8.56
C LYS A 385 3.09 58.07 -9.35
N ASN A 386 2.69 58.78 -10.40
CA ASN A 386 1.62 58.35 -11.28
C ASN A 386 2.21 57.81 -12.57
N LYS A 387 1.40 57.02 -13.29
CA LYS A 387 1.82 56.44 -14.56
C LYS A 387 3.10 55.63 -14.40
N PHE A 388 3.11 54.74 -13.40
CA PHE A 388 4.32 54.04 -13.01
C PHE A 388 4.37 52.64 -13.62
N THR A 389 5.48 51.94 -13.39
CA THR A 389 5.64 50.55 -13.77
C THR A 389 6.23 49.78 -12.59
N VAL A 390 5.94 48.49 -12.52
CA VAL A 390 6.44 47.62 -11.47
C VAL A 390 6.93 46.31 -12.08
N GLY A 391 8.11 45.87 -11.65
CA GLY A 391 8.70 44.64 -12.13
C GLY A 391 9.88 44.82 -13.06
N ILE A 392 10.19 46.06 -13.43
CA ILE A 392 11.31 46.36 -14.30
C ILE A 392 12.10 47.52 -13.69
N THR A 393 13.27 47.77 -14.27
CA THR A 393 14.08 48.93 -13.92
C THR A 393 14.11 49.85 -15.14
N ASP A 394 13.30 50.91 -15.09
CA ASP A 394 13.17 51.86 -16.19
C ASP A 394 14.12 53.03 -15.93
N ASP A 395 15.36 52.90 -16.41
CA ASP A 395 16.36 53.94 -16.23
C ASP A 395 16.37 54.97 -17.35
N VAL A 396 15.37 54.93 -18.24
CA VAL A 396 15.30 55.89 -19.35
C VAL A 396 14.24 56.93 -19.05
N THR A 397 13.00 56.50 -18.80
CA THR A 397 11.91 57.41 -18.49
C THR A 397 11.50 57.38 -17.03
N HIS A 398 12.14 56.55 -16.21
CA HIS A 398 12.01 56.59 -14.75
C HIS A 398 10.56 56.42 -14.28
N THR A 399 9.88 55.43 -14.84
CA THR A 399 8.52 55.09 -14.45
C THR A 399 8.44 53.98 -13.40
N SER A 400 9.52 53.21 -13.20
CA SER A 400 9.44 52.03 -12.37
C SER A 400 9.48 52.38 -10.88
N LEU A 401 8.73 51.63 -10.09
CA LEU A 401 8.77 51.78 -8.64
C LEU A 401 9.97 51.04 -8.06
N GLU A 402 10.53 51.61 -7.01
CA GLU A 402 11.67 51.01 -6.34
C GLU A 402 11.21 49.88 -5.43
N ILE A 403 11.78 48.69 -5.62
CA ILE A 403 11.52 47.56 -4.75
C ILE A 403 12.42 47.72 -3.53
N LYS A 404 11.88 48.29 -2.45
CA LYS A 404 12.71 48.66 -1.30
C LYS A 404 13.18 47.43 -0.55
N GLU A 405 12.25 46.63 -0.06
CA GLU A 405 12.58 45.47 0.77
C GLU A 405 11.90 44.22 0.23
N HIS A 406 12.42 43.07 0.63
CA HIS A 406 11.90 41.78 0.24
C HIS A 406 11.09 41.18 1.38
N ILE A 407 9.83 40.83 1.10
CA ILE A 407 8.95 40.26 2.09
C ILE A 407 8.55 38.85 1.65
N ASP A 408 8.23 38.01 2.64
CA ASP A 408 7.78 36.65 2.39
C ASP A 408 6.36 36.54 2.95
N THR A 409 5.38 36.59 2.05
CA THR A 409 3.97 36.55 2.43
C THR A 409 3.35 35.18 2.23
N SER A 410 4.18 34.16 1.99
CA SER A 410 3.66 32.82 1.80
C SER A 410 3.05 32.33 3.11
N PRO A 411 1.86 31.74 3.09
CA PRO A 411 1.27 31.23 4.33
C PRO A 411 2.15 30.17 4.97
N LYS A 412 2.26 30.22 6.29
CA LYS A 412 3.08 29.27 7.02
C LYS A 412 2.51 27.86 6.86
N GLY A 413 3.40 26.89 6.71
CA GLY A 413 2.99 25.53 6.48
C GLY A 413 2.95 25.10 5.02
N THR A 414 3.26 26.01 4.10
CA THR A 414 3.26 25.70 2.67
C THR A 414 4.62 25.15 2.27
N PHE A 415 4.63 23.94 1.72
CA PHE A 415 5.86 23.33 1.21
C PHE A 415 6.15 23.83 -0.20
N ARG A 416 7.43 24.08 -0.49
CA ARG A 416 7.82 24.68 -1.76
C ARG A 416 9.01 23.94 -2.36
N CYS A 417 8.89 23.54 -3.63
CA CYS A 417 9.90 22.74 -4.31
C CYS A 417 10.17 23.30 -5.69
N LYS A 418 11.45 23.32 -6.08
CA LYS A 418 11.82 23.62 -7.46
C LYS A 418 12.57 22.44 -8.05
N PHE A 419 12.27 22.14 -9.32
CA PHE A 419 12.88 21.04 -10.06
C PHE A 419 13.51 21.59 -11.33
N PHE A 420 14.84 21.57 -11.40
CA PHE A 420 15.58 21.92 -12.60
C PHE A 420 15.72 20.67 -13.46
N GLY A 421 15.07 20.64 -14.61
CA GLY A 421 15.08 19.50 -15.49
C GLY A 421 15.63 19.83 -16.86
N LEU A 422 15.81 18.78 -17.66
CA LEU A 422 16.21 18.89 -19.06
C LEU A 422 14.99 18.69 -19.94
N GLY A 423 15.01 19.32 -21.11
CA GLY A 423 13.90 19.20 -22.04
C GLY A 423 13.52 17.77 -22.36
N SER A 424 12.27 17.42 -22.04
CA SER A 424 11.70 16.10 -22.33
C SER A 424 12.43 14.97 -21.60
N ASP A 425 12.95 15.25 -20.41
CA ASP A 425 13.53 14.22 -19.57
C ASP A 425 12.53 13.62 -18.60
N GLY A 426 11.27 14.05 -18.66
CA GLY A 426 10.22 13.54 -17.80
C GLY A 426 9.97 14.31 -16.53
N THR A 427 10.79 15.32 -16.22
CA THR A 427 10.65 16.03 -14.95
C THR A 427 9.30 16.72 -14.84
N VAL A 428 8.92 17.49 -15.86
CA VAL A 428 7.63 18.19 -15.82
C VAL A 428 6.48 17.20 -15.70
N GLY A 429 6.52 16.13 -16.50
CA GLY A 429 5.46 15.13 -16.45
C GLY A 429 5.37 14.46 -15.09
N ALA A 430 6.50 14.14 -14.48
CA ALA A 430 6.48 13.52 -13.17
C ALA A 430 5.94 14.50 -12.11
N ASN A 431 6.35 15.77 -12.19
CA ASN A 431 5.86 16.74 -11.20
C ASN A 431 4.35 16.92 -11.30
N LYS A 432 3.82 16.92 -12.53
CA LYS A 432 2.37 16.93 -12.71
C LYS A 432 1.73 15.70 -12.08
N ASN A 433 2.36 14.53 -12.23
CA ASN A 433 1.82 13.34 -11.59
C ASN A 433 1.97 13.43 -10.08
N SER A 434 3.06 14.05 -9.59
CA SER A 434 3.23 14.21 -8.15
C SER A 434 2.18 15.13 -7.56
N ILE A 435 1.80 16.18 -8.30
CA ILE A 435 0.75 17.07 -7.83
C ILE A 435 -0.58 16.33 -7.80
N LYS A 436 -0.84 15.50 -8.81
CA LYS A 436 -2.06 14.70 -8.84
C LYS A 436 -2.08 13.72 -7.67
N ILE A 437 -0.94 13.09 -7.36
CA ILE A 437 -0.86 12.18 -6.22
C ILE A 437 -1.19 12.90 -4.92
N ILE A 438 -0.51 14.02 -4.68
CA ILE A 438 -0.69 14.74 -3.42
C ILE A 438 -2.09 15.32 -3.31
N GLY A 439 -2.62 15.84 -4.42
CA GLY A 439 -3.95 16.43 -4.38
C GLY A 439 -5.04 15.39 -4.16
N ASP A 440 -4.90 14.22 -4.77
CA ASP A 440 -5.94 13.21 -4.72
C ASP A 440 -5.97 12.45 -3.39
N HIS A 441 -4.87 12.44 -2.63
CA HIS A 441 -4.81 11.57 -1.46
C HIS A 441 -4.55 12.32 -0.15
N THR A 442 -4.48 13.65 -0.16
CA THR A 442 -4.36 14.41 1.07
C THR A 442 -5.35 15.57 1.06
N ASP A 443 -5.48 16.21 2.22
CA ASP A 443 -6.30 17.41 2.36
C ASP A 443 -5.58 18.67 1.92
N MET A 444 -4.34 18.55 1.44
CA MET A 444 -3.55 19.72 1.12
C MET A 444 -3.91 20.29 -0.24
N TYR A 445 -3.88 21.61 -0.36
CA TYR A 445 -3.92 22.24 -1.66
C TYR A 445 -2.58 22.02 -2.38
N ALA A 446 -2.65 21.94 -3.69
CA ALA A 446 -1.46 21.64 -4.48
C ALA A 446 -1.43 22.56 -5.69
N GLN A 447 -0.23 23.10 -6.00
CA GLN A 447 -0.05 24.04 -7.09
C GLN A 447 1.20 23.71 -7.90
N GLY A 448 1.08 23.82 -9.22
CA GLY A 448 2.21 23.61 -10.09
C GLY A 448 2.30 24.62 -11.20
N TYR A 449 3.50 25.15 -11.44
CA TYR A 449 3.75 26.07 -12.54
C TYR A 449 5.09 25.69 -13.17
N PHE A 450 5.16 25.76 -14.50
CA PHE A 450 6.29 25.20 -15.21
C PHE A 450 6.85 26.21 -16.20
N VAL A 451 8.13 26.51 -16.06
CA VAL A 451 8.85 27.46 -16.89
C VAL A 451 9.58 26.69 -17.98
N TYR A 452 9.30 27.03 -19.23
CA TYR A 452 9.86 26.32 -20.37
C TYR A 452 10.92 27.19 -21.04
N ASP A 453 11.65 26.56 -21.97
CA ASP A 453 12.74 27.21 -22.68
C ASP A 453 12.39 27.41 -24.14
N SER A 454 13.11 28.35 -24.77
CA SER A 454 12.92 28.59 -26.20
C SER A 454 13.57 27.50 -27.04
N LYS A 455 14.58 26.82 -26.50
CA LYS A 455 15.21 25.73 -27.23
C LYS A 455 14.29 24.52 -27.21
N LYS A 456 14.09 23.90 -28.38
CA LYS A 456 13.12 22.80 -28.49
C LYS A 456 13.65 21.50 -27.93
N SER A 457 14.97 21.28 -27.96
CA SER A 457 15.59 20.08 -27.45
C SER A 457 16.80 20.47 -26.61
N GLY A 458 16.89 19.93 -25.40
CA GLY A 458 18.00 20.21 -24.54
C GLY A 458 17.85 21.50 -23.76
N GLY A 459 16.64 22.06 -23.70
CA GLY A 459 16.42 23.29 -22.97
C GLY A 459 16.25 23.06 -21.48
N VAL A 460 16.26 24.18 -20.76
CA VAL A 460 16.10 24.17 -19.31
C VAL A 460 14.62 24.28 -18.96
N THR A 461 14.16 23.42 -18.07
CA THR A 461 12.82 23.50 -17.50
C THR A 461 12.95 23.65 -15.99
N ILE A 462 12.13 24.52 -15.41
CA ILE A 462 12.12 24.76 -13.98
C ILE A 462 10.69 24.59 -13.47
N SER A 463 10.46 23.56 -12.66
CA SER A 463 9.14 23.31 -12.09
C SER A 463 9.01 23.96 -10.71
N HIS A 464 7.87 24.60 -10.48
CA HIS A 464 7.57 25.26 -9.21
C HIS A 464 6.33 24.60 -8.62
N LEU A 465 6.49 23.91 -7.50
CA LEU A 465 5.42 23.19 -6.84
C LEU A 465 5.19 23.72 -5.43
N ARG A 466 3.92 23.79 -5.02
CA ARG A 466 3.54 24.20 -3.67
C ARG A 466 2.43 23.31 -3.13
N PHE A 467 2.54 22.95 -1.85
CA PHE A 467 1.50 22.23 -1.13
C PHE A 467 1.30 22.85 0.24
N GLY A 468 0.04 22.96 0.67
CA GLY A 468 -0.21 23.53 1.98
C GLY A 468 -1.60 23.23 2.49
N LYS A 469 -1.79 23.50 3.79
CA LYS A 469 -3.10 23.38 4.41
C LYS A 469 -4.03 24.53 4.08
N GLN A 470 -3.51 25.63 3.55
CA GLN A 470 -4.31 26.79 3.19
C GLN A 470 -4.37 26.95 1.68
N PRO A 471 -5.40 27.60 1.16
CA PRO A 471 -5.46 27.85 -0.29
C PRO A 471 -4.21 28.58 -0.79
N ILE A 472 -3.74 28.15 -1.95
CA ILE A 472 -2.49 28.66 -2.51
C ILE A 472 -2.84 29.80 -3.46
N GLN A 473 -2.61 31.04 -3.01
CA GLN A 473 -2.82 32.23 -3.83
C GLN A 473 -1.53 32.75 -4.45
N SER A 474 -0.44 31.97 -4.40
CA SER A 474 0.88 32.45 -4.81
C SER A 474 1.04 32.29 -6.33
N ALA A 475 0.46 33.23 -7.07
CA ALA A 475 0.57 33.24 -8.53
C ALA A 475 1.87 33.89 -8.98
N TYR A 476 2.97 33.35 -8.46
CA TYR A 476 4.30 33.84 -8.76
C TYR A 476 5.29 32.70 -8.51
N LEU A 477 6.52 32.89 -8.98
CA LEU A 477 7.55 31.89 -8.84
C LEU A 477 7.97 31.74 -7.38
N ILE A 478 8.56 30.59 -7.08
CA ILE A 478 8.96 30.29 -5.70
C ILE A 478 10.18 31.11 -5.32
N ASP A 479 10.10 31.80 -4.18
CA ASP A 479 11.28 32.54 -3.73
C ASP A 479 12.11 31.71 -2.76
N GLN A 480 11.49 31.17 -1.71
CA GLN A 480 12.19 30.36 -0.70
C GLN A 480 11.70 28.93 -0.76
N ALA A 481 12.56 28.04 -1.25
CA ALA A 481 12.21 26.64 -1.46
C ALA A 481 12.64 25.78 -0.28
N ASP A 482 11.76 24.89 0.14
CA ASP A 482 12.13 23.87 1.11
C ASP A 482 12.98 22.77 0.47
N LEU A 483 12.77 22.50 -0.81
CA LEU A 483 13.47 21.46 -1.52
C LEU A 483 13.82 21.98 -2.91
N ILE A 484 15.04 21.69 -3.36
CA ILE A 484 15.47 22.00 -4.71
C ILE A 484 16.08 20.74 -5.30
N ALA A 485 15.60 20.37 -6.49
CA ALA A 485 16.07 19.18 -7.18
C ALA A 485 16.72 19.58 -8.49
N CYS A 486 17.88 19.01 -8.78
CA CYS A 486 18.59 19.24 -10.03
C CYS A 486 18.69 17.90 -10.75
N HIS A 487 17.94 17.75 -11.83
CA HIS A 487 17.89 16.47 -12.55
C HIS A 487 18.93 16.39 -13.65
N ASN A 488 19.77 17.41 -13.81
CA ASN A 488 20.83 17.41 -14.81
C ASN A 488 22.10 17.93 -14.16
N PRO A 489 23.10 17.07 -13.96
CA PRO A 489 24.33 17.52 -13.29
C PRO A 489 25.09 18.60 -14.05
N SER A 490 24.86 18.73 -15.36
CA SER A 490 25.53 19.78 -16.12
C SER A 490 25.15 21.16 -15.64
N TYR A 491 23.96 21.30 -15.04
CA TYR A 491 23.54 22.60 -14.53
C TYR A 491 24.40 23.03 -13.34
N VAL A 492 25.05 22.08 -12.68
CA VAL A 492 25.93 22.42 -11.56
C VAL A 492 27.09 23.24 -12.12
N GLY A 493 27.25 24.45 -11.59
CA GLY A 493 28.24 25.38 -12.10
C GLY A 493 27.74 26.26 -13.23
N ARG A 494 26.54 26.02 -13.74
CA ARG A 494 25.98 26.80 -14.84
C ARG A 494 24.85 27.74 -14.42
N TYR A 495 23.93 27.29 -13.57
CA TYR A 495 22.82 28.11 -13.11
C TYR A 495 22.82 28.21 -11.59
N ASN A 496 22.18 29.26 -11.07
CA ASN A 496 22.09 29.49 -9.63
C ASN A 496 20.99 28.59 -9.06
N LEU A 497 21.34 27.31 -8.91
CA LEU A 497 20.35 26.30 -8.51
C LEU A 497 19.81 26.56 -7.11
N LEU A 498 20.70 26.78 -6.14
CA LEU A 498 20.33 26.90 -4.74
C LEU A 498 19.82 28.28 -4.35
N GLU A 499 19.37 29.09 -5.31
CA GLU A 499 18.97 30.45 -4.98
C GLU A 499 17.75 30.47 -4.09
N GLY A 500 17.86 31.14 -2.95
CA GLY A 500 16.73 31.34 -2.06
C GLY A 500 16.29 30.14 -1.26
N ILE A 501 17.05 29.04 -1.28
CA ILE A 501 16.66 27.88 -0.50
C ILE A 501 16.72 28.22 0.99
N LYS A 502 15.75 27.72 1.76
CA LYS A 502 15.67 28.07 3.16
C LYS A 502 16.74 27.32 3.96
N PRO A 503 17.17 27.89 5.09
CA PRO A 503 18.10 27.17 5.97
C PRO A 503 17.54 25.83 6.40
N GLY A 504 18.37 24.80 6.30
CA GLY A 504 17.95 23.45 6.59
C GLY A 504 17.14 22.77 5.51
N GLY A 505 16.98 23.41 4.34
CA GLY A 505 16.23 22.82 3.25
C GLY A 505 16.96 21.64 2.64
N ILE A 506 16.31 21.06 1.63
CA ILE A 506 16.79 19.85 0.96
C ILE A 506 17.32 20.20 -0.42
N PHE A 507 18.46 19.61 -0.79
CA PHE A 507 19.00 19.70 -2.14
C PHE A 507 19.19 18.28 -2.64
N LEU A 508 18.43 17.91 -3.67
CA LEU A 508 18.49 16.60 -4.30
C LEU A 508 19.20 16.73 -5.64
N LEU A 509 20.22 15.89 -5.86
CA LEU A 509 21.06 15.97 -7.04
C LEU A 509 21.12 14.63 -7.74
N ASN A 510 21.05 14.66 -9.08
CA ASN A 510 21.29 13.50 -9.91
C ASN A 510 22.68 13.62 -10.52
N SER A 511 23.59 12.74 -10.10
CA SER A 511 24.95 12.73 -10.61
C SER A 511 25.61 11.41 -10.26
N THR A 512 26.73 11.13 -10.93
CA THR A 512 27.55 9.96 -10.68
C THR A 512 28.67 10.23 -9.68
N TRP A 513 28.70 11.42 -9.09
CA TRP A 513 29.78 11.82 -8.22
C TRP A 513 29.60 11.29 -6.80
N SER A 514 30.70 10.82 -6.21
CA SER A 514 30.70 10.39 -4.83
C SER A 514 30.89 11.58 -3.89
N ALA A 515 30.78 11.31 -2.59
CA ALA A 515 30.92 12.38 -1.60
C ALA A 515 32.29 13.04 -1.64
N GLU A 516 33.33 12.27 -1.95
CA GLU A 516 34.68 12.83 -2.04
C GLU A 516 34.87 13.64 -3.30
N GLU A 517 34.28 13.20 -4.41
CA GLU A 517 34.33 13.97 -5.65
C GLU A 517 33.52 15.24 -5.56
N MET A 518 32.67 15.37 -4.54
CA MET A 518 31.87 16.57 -4.36
C MET A 518 32.76 17.80 -4.19
N ASP A 519 33.90 17.64 -3.51
CA ASP A 519 34.79 18.75 -3.24
C ASP A 519 35.32 19.35 -4.54
N SER A 520 35.61 18.49 -5.52
CA SER A 520 36.20 18.92 -6.79
C SER A 520 35.18 19.26 -7.86
N ARG A 521 33.97 18.73 -7.77
CA ARG A 521 32.97 18.93 -8.81
C ARG A 521 32.05 20.10 -8.50
N LEU A 522 31.68 20.30 -7.24
CA LEU A 522 30.78 21.38 -6.91
C LEU A 522 31.55 22.70 -6.85
N PRO A 523 30.96 23.79 -7.35
CA PRO A 523 31.61 25.09 -7.24
C PRO A 523 31.66 25.57 -5.80
N ALA A 524 32.52 26.56 -5.57
CA ALA A 524 32.74 27.05 -4.21
C ALA A 524 31.47 27.68 -3.65
N ASP A 525 30.77 28.47 -4.46
CA ASP A 525 29.55 29.13 -3.99
C ASP A 525 28.47 28.11 -3.61
N MET A 526 28.37 27.01 -4.37
CA MET A 526 27.41 25.97 -4.04
C MET A 526 27.78 25.27 -2.74
N LYS A 527 29.08 25.00 -2.54
CA LYS A 527 29.53 24.39 -1.29
C LYS A 527 29.30 25.34 -0.10
N ARG A 528 29.46 26.64 -0.33
CA ARG A 528 29.22 27.60 0.75
C ARG A 528 27.76 27.59 1.17
N THR A 529 26.85 27.62 0.19
CA THR A 529 25.42 27.61 0.51
C THR A 529 25.02 26.32 1.22
N ILE A 530 25.52 25.18 0.75
CA ILE A 530 25.17 23.90 1.36
C ILE A 530 25.60 23.86 2.82
N ALA A 531 26.77 24.40 3.13
CA ALA A 531 27.28 24.33 4.49
C ALA A 531 26.63 25.37 5.40
N THR A 532 26.59 26.63 4.97
CA THR A 532 26.10 27.70 5.83
C THR A 532 24.62 27.49 6.18
N LYS A 533 23.81 27.12 5.20
CA LYS A 533 22.40 26.86 5.43
C LYS A 533 22.13 25.46 5.98
N LYS A 534 23.18 24.65 6.18
CA LYS A 534 23.07 23.33 6.78
C LYS A 534 22.03 22.47 6.03
N LEU A 535 22.18 22.42 4.71
CA LEU A 535 21.23 21.70 3.88
C LEU A 535 21.43 20.19 4.00
N LYS A 536 20.33 19.47 3.81
CA LYS A 536 20.35 18.01 3.68
C LYS A 536 20.64 17.70 2.22
N PHE A 537 21.87 17.33 1.92
CA PHE A 537 22.33 17.11 0.55
C PHE A 537 22.22 15.62 0.22
N TYR A 538 21.37 15.29 -0.75
CA TYR A 538 21.21 13.92 -1.23
C TYR A 538 21.62 13.83 -2.69
N ASN A 539 22.21 12.70 -3.07
CA ASN A 539 22.66 12.46 -4.42
C ASN A 539 22.19 11.08 -4.87
N ILE A 540 21.97 10.94 -6.18
CA ILE A 540 21.55 9.65 -6.73
C ILE A 540 22.04 9.55 -8.17
N ASP A 541 22.59 8.38 -8.51
CA ASP A 541 23.04 8.10 -9.88
C ASP A 541 21.87 7.42 -10.61
N ALA A 542 20.92 8.25 -11.03
CA ALA A 542 19.73 7.72 -11.68
C ALA A 542 20.03 7.07 -13.02
N VAL A 543 21.01 7.60 -13.76
CA VAL A 543 21.38 7.00 -15.04
C VAL A 543 21.91 5.58 -14.83
N LYS A 544 22.68 5.38 -13.76
CA LYS A 544 23.19 4.04 -13.48
C LYS A 544 22.05 3.06 -13.23
N ILE A 545 21.03 3.50 -12.50
CA ILE A 545 19.90 2.63 -12.20
C ILE A 545 19.15 2.30 -13.49
N ALA A 546 18.89 3.31 -14.31
CA ALA A 546 18.15 3.10 -15.55
C ALA A 546 18.92 2.21 -16.52
N GLN A 547 20.24 2.31 -16.52
CA GLN A 547 21.04 1.44 -17.40
C GLN A 547 20.95 0.00 -16.95
N GLU A 548 21.09 -0.25 -15.64
CA GLU A 548 21.13 -1.62 -15.14
C GLU A 548 19.77 -2.30 -15.25
N ILE A 549 18.68 -1.55 -15.06
CA ILE A 549 17.36 -2.15 -15.16
C ILE A 549 16.98 -2.38 -16.63
N GLY A 550 17.49 -1.55 -17.54
CA GLY A 550 17.13 -1.62 -18.93
C GLY A 550 16.24 -0.50 -19.39
N LEU A 551 16.08 0.56 -18.60
CA LEU A 551 15.28 1.72 -18.96
C LEU A 551 16.08 2.76 -19.75
N GLY A 552 17.29 2.43 -20.17
CA GLY A 552 18.11 3.37 -20.90
C GLY A 552 18.63 4.50 -20.04
N SER A 553 18.26 5.73 -20.37
CA SER A 553 18.64 6.90 -19.58
C SER A 553 17.44 7.64 -19.02
N ARG A 554 16.23 7.07 -19.11
CA ARG A 554 15.04 7.70 -18.54
C ARG A 554 15.14 7.68 -17.02
N ILE A 555 15.07 8.87 -16.41
CA ILE A 555 15.20 9.01 -14.97
C ILE A 555 13.94 9.60 -14.34
N ASN A 556 12.85 9.70 -15.10
CA ASN A 556 11.66 10.38 -14.58
C ASN A 556 11.07 9.62 -13.39
N VAL A 557 10.90 8.30 -13.53
CA VAL A 557 10.37 7.51 -12.41
C VAL A 557 11.35 7.52 -11.25
N ILE A 558 12.65 7.43 -11.55
CA ILE A 558 13.66 7.36 -10.50
C ILE A 558 13.70 8.66 -9.70
N MET A 559 13.74 9.80 -10.39
CA MET A 559 13.84 11.06 -9.67
C MET A 559 12.57 11.39 -8.91
N GLN A 560 11.40 10.97 -9.42
CA GLN A 560 10.17 11.18 -8.68
C GLN A 560 10.14 10.35 -7.39
N THR A 561 10.65 9.12 -7.45
CA THR A 561 10.74 8.29 -6.26
C THR A 561 11.68 8.92 -5.23
N ALA A 562 12.81 9.46 -5.68
CA ALA A 562 13.73 10.11 -4.75
C ALA A 562 13.10 11.32 -4.07
N PHE A 563 12.23 12.04 -4.77
CA PHE A 563 11.61 13.22 -4.18
C PHE A 563 10.74 12.86 -2.98
N PHE A 564 9.79 11.93 -3.17
CA PHE A 564 8.89 11.56 -2.08
C PHE A 564 9.66 10.93 -0.92
N LYS A 565 10.80 10.28 -1.21
CA LYS A 565 11.56 9.61 -0.16
C LYS A 565 12.11 10.61 0.87
N ILE A 566 12.43 11.83 0.44
CA ILE A 566 13.04 12.81 1.32
C ILE A 566 12.13 13.99 1.64
N ALA A 567 11.09 14.23 0.84
CA ALA A 567 10.30 15.45 1.01
C ALA A 567 9.49 15.44 2.30
N ASN A 568 9.12 14.27 2.81
CA ASN A 568 8.27 14.15 3.99
C ASN A 568 6.94 14.87 3.79
N VAL A 569 6.42 14.81 2.56
CA VAL A 569 5.12 15.39 2.28
C VAL A 569 4.01 14.40 2.64
N ILE A 570 4.20 13.14 2.31
CA ILE A 570 3.26 12.07 2.66
C ILE A 570 4.05 10.87 3.18
N PRO A 571 3.37 9.94 3.83
CA PRO A 571 4.05 8.69 4.24
C PRO A 571 4.73 8.01 3.06
N VAL A 572 5.99 7.64 3.27
CA VAL A 572 6.80 7.08 2.19
C VAL A 572 6.15 5.82 1.61
N ASP A 573 5.58 4.99 2.48
CA ASP A 573 4.91 3.78 1.99
C ASP A 573 3.71 4.12 1.12
N GLU A 574 2.94 5.15 1.51
CA GLU A 574 1.80 5.54 0.68
C GLU A 574 2.26 6.08 -0.67
N ALA A 575 3.37 6.82 -0.69
CA ALA A 575 3.87 7.36 -1.95
C ALA A 575 4.25 6.25 -2.91
N ILE A 576 4.92 5.21 -2.42
CA ILE A 576 5.36 4.12 -3.28
C ILE A 576 4.18 3.46 -3.96
N LYS A 577 3.07 3.29 -3.24
CA LYS A 577 1.87 2.72 -3.85
C LYS A 577 1.31 3.63 -4.93
N TYR A 578 1.23 4.93 -4.64
CA TYR A 578 0.66 5.86 -5.60
C TYR A 578 1.53 5.97 -6.84
N ILE A 579 2.85 5.87 -6.68
CA ILE A 579 3.75 5.90 -7.84
C ILE A 579 3.54 4.67 -8.70
N LYS A 580 3.53 3.48 -8.07
CA LYS A 580 3.32 2.26 -8.83
C LYS A 580 1.94 2.22 -9.47
N ASP A 581 0.93 2.78 -8.80
CA ASP A 581 -0.39 2.88 -9.43
C ASP A 581 -0.36 3.76 -10.66
N SER A 582 0.40 4.85 -10.61
CA SER A 582 0.55 5.70 -11.79
C SER A 582 1.38 5.02 -12.87
N ILE A 583 2.31 4.16 -12.47
CA ILE A 583 3.09 3.40 -13.44
C ILE A 583 2.20 2.45 -14.22
N VAL A 584 1.25 1.80 -13.52
CA VAL A 584 0.29 0.93 -14.21
C VAL A 584 -0.54 1.74 -15.19
N LYS A 585 -0.91 2.96 -14.81
CA LYS A 585 -1.69 3.81 -15.71
C LYS A 585 -0.89 4.28 -16.90
N THR A 586 0.42 4.47 -16.74
CA THR A 586 1.26 4.97 -17.81
C THR A 586 1.89 3.85 -18.64
N TYR A 587 2.32 2.77 -17.99
CA TYR A 587 3.05 1.70 -18.65
C TYR A 587 2.28 0.39 -18.69
N GLY A 588 0.99 0.39 -18.38
CA GLY A 588 0.22 -0.84 -18.43
C GLY A 588 0.04 -1.36 -19.84
N LYS A 589 -0.08 -0.47 -20.82
CA LYS A 589 -0.22 -0.88 -22.21
C LYS A 589 1.12 -1.19 -22.87
N LYS A 590 2.23 -0.82 -22.24
CA LYS A 590 3.55 -1.04 -22.85
C LYS A 590 3.99 -2.49 -22.80
N GLY A 591 3.43 -3.29 -21.89
CA GLY A 591 3.78 -4.69 -21.77
C GLY A 591 4.18 -5.05 -20.35
N ASP A 592 4.36 -6.35 -20.14
CA ASP A 592 4.73 -6.85 -18.82
C ASP A 592 6.19 -6.55 -18.50
N LYS A 593 7.08 -6.66 -19.49
CA LYS A 593 8.49 -6.39 -19.25
C LYS A 593 8.74 -4.92 -18.94
N ILE A 594 8.11 -4.02 -19.69
CA ILE A 594 8.29 -2.59 -19.45
C ILE A 594 7.70 -2.19 -18.10
N LEU A 595 6.65 -2.89 -17.66
CA LEU A 595 6.02 -2.57 -16.39
C LEU A 595 6.98 -2.85 -15.23
N ASN A 596 7.43 -4.09 -15.10
CA ASN A 596 8.29 -4.48 -13.99
C ASN A 596 9.61 -3.72 -13.97
N MET A 597 10.09 -3.25 -15.12
CA MET A 597 11.28 -2.42 -15.12
C MET A 597 11.04 -1.11 -14.38
N ASN A 598 9.89 -0.47 -14.63
CA ASN A 598 9.58 0.76 -13.90
C ASN A 598 9.28 0.46 -12.44
N PHE A 599 8.73 -0.73 -12.14
CA PHE A 599 8.59 -1.12 -10.74
C PHE A 599 9.95 -1.26 -10.09
N ALA A 600 10.92 -1.84 -10.82
CA ALA A 600 12.28 -1.97 -10.28
C ALA A 600 12.93 -0.60 -10.12
N ALA A 601 12.59 0.36 -10.99
CA ALA A 601 13.13 1.70 -10.87
C ALA A 601 12.73 2.33 -9.53
N VAL A 602 11.48 2.15 -9.13
CA VAL A 602 11.04 2.66 -7.83
C VAL A 602 11.81 1.98 -6.71
N ASP A 603 11.91 0.65 -6.76
CA ASP A 603 12.56 -0.10 -5.67
C ASP A 603 14.03 0.28 -5.55
N ARG A 604 14.74 0.30 -6.66
CA ARG A 604 16.17 0.59 -6.62
C ARG A 604 16.43 2.06 -6.28
N ALA A 605 15.52 2.96 -6.65
CA ALA A 605 15.72 4.37 -6.34
C ALA A 605 15.71 4.62 -4.83
N LEU A 606 14.89 3.87 -4.09
CA LEU A 606 14.84 4.06 -2.64
C LEU A 606 16.17 3.73 -1.98
N GLU A 607 16.84 2.67 -2.44
CA GLU A 607 18.08 2.23 -1.81
C GLU A 607 19.31 2.99 -2.30
N ALA A 608 19.23 3.62 -3.46
CA ALA A 608 20.39 4.30 -4.04
C ALA A 608 20.54 5.74 -3.58
N LEU A 609 19.51 6.32 -2.98
CA LEU A 609 19.58 7.70 -2.51
C LEU A 609 20.55 7.79 -1.33
N GLU A 610 21.61 8.57 -1.51
CA GLU A 610 22.70 8.67 -0.53
C GLU A 610 22.79 10.10 0.01
N GLU A 611 22.79 10.23 1.33
CA GLU A 611 23.02 11.52 1.96
C GLU A 611 24.51 11.84 1.97
N ILE A 612 24.85 13.07 1.56
CA ILE A 612 26.25 13.50 1.47
C ILE A 612 26.60 14.21 2.77
N LYS A 613 27.50 13.61 3.54
CA LYS A 613 27.98 14.22 4.79
C LYS A 613 29.15 15.14 4.46
N TYR A 614 28.86 16.42 4.34
CA TYR A 614 29.88 17.37 3.91
C TYR A 614 30.59 17.98 5.13
N PRO A 615 31.88 18.31 4.98
CA PRO A 615 32.59 18.98 6.08
C PRO A 615 32.06 20.39 6.28
N ALA A 616 32.13 20.85 7.54
CA ALA A 616 31.70 22.21 7.83
C ALA A 616 32.60 23.25 7.16
N SER A 617 33.83 22.88 6.81
CA SER A 617 34.74 23.82 6.15
C SER A 617 34.29 24.20 4.75
N TRP A 618 33.24 23.55 4.23
CA TRP A 618 32.68 23.96 2.94
C TRP A 618 32.17 25.40 2.98
N ALA A 619 31.76 25.87 4.16
CA ALA A 619 31.21 27.23 4.28
C ALA A 619 32.26 28.30 4.00
N ASP A 620 33.53 27.99 4.22
CA ASP A 620 34.63 28.92 4.01
C ASP A 620 35.32 28.77 2.66
N ALA A 621 34.85 27.86 1.81
CA ALA A 621 35.45 27.69 0.49
C ALA A 621 35.44 29.00 -0.28
N VAL A 622 36.38 29.12 -1.21
CA VAL A 622 36.65 30.37 -1.91
C VAL A 622 36.64 30.10 -3.41
N ASP A 623 36.06 31.04 -4.17
CA ASP A 623 35.93 30.88 -5.61
C ASP A 623 37.31 30.75 -6.25
N GLU A 624 37.37 29.97 -7.32
CA GLU A 624 38.62 29.85 -8.06
C GLU A 624 38.80 31.04 -8.99
N ALA A 625 40.05 31.39 -9.25
CA ALA A 625 40.36 32.52 -10.11
C ALA A 625 39.83 32.27 -11.52
N ALA A 626 38.92 33.13 -11.95
CA ALA A 626 38.33 33.00 -13.27
C ALA A 626 39.36 33.31 -14.35
N ALA A 627 39.36 32.50 -15.41
CA ALA A 627 40.31 32.67 -16.50
C ALA A 627 40.09 34.01 -17.20
N THR A 628 41.13 34.46 -17.91
CA THR A 628 41.06 35.70 -18.66
C THR A 628 40.00 35.60 -19.76
N VAL A 629 38.83 36.20 -19.52
CA VAL A 629 37.72 36.09 -20.46
C VAL A 629 38.06 36.77 -21.77
N THR A 630 37.52 36.22 -22.86
CA THR A 630 37.76 36.78 -24.19
C THR A 630 36.88 38.00 -24.43
N GLU A 631 37.43 38.95 -25.17
CA GLU A 631 36.72 40.21 -25.48
C GLU A 631 35.60 39.90 -26.48
N GLU A 632 34.37 39.88 -25.99
CA GLU A 632 33.22 39.62 -26.81
C GLU A 632 32.49 40.91 -27.15
N PRO A 633 31.73 40.93 -28.25
CA PRO A 633 30.99 42.15 -28.62
C PRO A 633 30.05 42.60 -27.51
N GLU A 634 29.70 43.89 -27.56
CA GLU A 634 28.89 44.48 -26.50
C GLU A 634 27.52 43.78 -26.39
N PHE A 635 26.89 43.48 -27.52
CA PHE A 635 25.59 42.82 -27.47
C PHE A 635 25.69 41.45 -26.81
N ILE A 636 26.70 40.67 -27.19
CA ILE A 636 26.89 39.35 -26.58
C ILE A 636 27.17 39.50 -25.10
N GLN A 637 28.03 40.46 -24.73
CA GLN A 637 28.42 40.60 -23.32
C GLN A 637 27.30 41.16 -22.46
N LYS A 638 26.55 42.14 -22.97
CA LYS A 638 25.57 42.84 -22.15
C LYS A 638 24.16 42.27 -22.26
N VAL A 639 23.84 41.54 -23.32
CA VAL A 639 22.48 41.09 -23.55
C VAL A 639 22.40 39.56 -23.60
N LEU A 640 23.15 38.95 -24.53
CA LEU A 640 22.98 37.52 -24.78
C LEU A 640 23.42 36.67 -23.59
N ARG A 641 24.59 36.96 -23.02
CA ARG A 641 25.04 36.17 -21.88
C ARG A 641 24.12 36.29 -20.68
N PRO A 642 23.71 37.48 -20.23
CA PRO A 642 22.81 37.54 -19.06
C PRO A 642 21.47 36.83 -19.29
N ILE A 643 20.94 36.89 -20.52
CA ILE A 643 19.69 36.21 -20.80
C ILE A 643 19.87 34.70 -20.71
N ASN A 644 20.95 34.18 -21.32
CA ASN A 644 21.19 32.74 -21.27
C ASN A 644 21.54 32.30 -19.85
N ALA A 645 22.09 33.20 -19.03
CA ALA A 645 22.34 32.92 -17.63
C ALA A 645 21.09 33.05 -16.77
N LEU A 646 19.91 33.13 -17.40
CA LEU A 646 18.62 33.25 -16.69
C LEU A 646 18.58 34.50 -15.83
N LYS A 647 19.15 35.60 -16.33
CA LYS A 647 19.18 36.86 -15.60
C LYS A 647 18.62 38.02 -16.42
N GLY A 648 17.82 37.71 -17.45
CA GLY A 648 17.30 38.76 -18.33
C GLY A 648 16.37 39.74 -17.63
N ASP A 649 15.73 39.32 -16.54
CA ASP A 649 14.87 40.22 -15.79
C ASP A 649 15.63 41.37 -15.15
N GLU A 650 16.94 41.21 -14.93
CA GLU A 650 17.73 42.27 -14.33
C GLU A 650 18.14 43.35 -15.32
N LEU A 651 17.92 43.13 -16.61
CA LEU A 651 18.32 44.09 -17.63
C LEU A 651 17.40 45.30 -17.59
N PRO A 652 17.92 46.51 -17.44
CA PRO A 652 17.07 47.70 -17.43
C PRO A 652 16.59 48.07 -18.85
N VAL A 653 15.71 49.07 -18.90
CA VAL A 653 15.10 49.47 -20.17
C VAL A 653 16.16 49.96 -21.14
N SER A 654 17.19 50.63 -20.64
CA SER A 654 18.23 51.18 -21.51
C SER A 654 19.02 50.11 -22.25
N THR A 655 18.77 48.83 -21.96
CA THR A 655 19.51 47.77 -22.63
C THR A 655 19.05 47.56 -24.06
N PHE A 656 17.79 47.87 -24.36
CA PHE A 656 17.15 47.39 -25.57
C PHE A 656 16.95 48.50 -26.59
N THR A 657 16.88 48.09 -27.85
CA THR A 657 16.52 48.99 -28.92
C THR A 657 15.04 49.37 -28.76
N PRO A 658 14.65 50.56 -29.25
CA PRO A 658 13.25 50.98 -29.07
C PRO A 658 12.29 50.30 -30.04
N ASP A 659 12.79 49.56 -31.03
CA ASP A 659 11.93 48.98 -32.06
C ASP A 659 12.11 47.48 -32.26
N GLY A 660 12.78 46.79 -31.34
CA GLY A 660 12.93 45.35 -31.48
C GLY A 660 13.84 44.89 -32.59
N VAL A 661 14.86 45.68 -32.92
CA VAL A 661 15.83 45.32 -33.96
C VAL A 661 17.02 44.61 -33.30
N PHE A 662 17.44 43.50 -33.89
CA PHE A 662 18.49 42.67 -33.33
C PHE A 662 19.61 42.43 -34.33
N PRO A 663 20.83 42.18 -33.84
CA PRO A 663 21.92 41.84 -34.76
C PRO A 663 21.77 40.44 -35.31
N VAL A 664 22.53 40.16 -36.37
CA VAL A 664 22.55 38.86 -36.98
C VAL A 664 23.81 38.12 -36.55
N GLY A 665 23.85 36.82 -36.80
CA GLY A 665 25.01 36.01 -36.53
C GLY A 665 25.41 35.96 -35.06
N THR A 666 24.46 35.68 -34.18
CA THR A 666 24.74 35.61 -32.75
C THR A 666 24.65 34.20 -32.17
N THR A 667 24.11 33.23 -32.91
CA THR A 667 24.04 31.87 -32.39
C THR A 667 25.41 31.22 -32.29
N LYS A 668 26.41 31.73 -33.01
CA LYS A 668 27.75 31.15 -32.95
C LYS A 668 28.41 31.36 -31.59
N TYR A 669 27.87 32.22 -30.74
CA TYR A 669 28.37 32.43 -29.39
C TYR A 669 27.71 31.51 -28.36
N GLU A 670 26.74 30.70 -28.78
CA GLU A 670 26.04 29.85 -27.82
C GLU A 670 26.87 28.64 -27.43
N LYS A 671 27.31 27.86 -28.42
CA LYS A 671 28.16 26.68 -28.19
C LYS A 671 27.57 25.80 -27.10
N ARG A 672 26.35 25.33 -27.33
CA ARG A 672 25.61 24.63 -26.30
C ARG A 672 26.25 23.29 -25.96
N GLY A 673 26.78 22.59 -26.96
CA GLY A 673 27.44 21.32 -26.74
C GLY A 673 26.52 20.28 -26.12
N ILE A 674 25.38 20.03 -26.76
CA ILE A 674 24.35 19.15 -26.21
C ILE A 674 24.38 17.76 -26.84
N ALA A 675 25.26 17.53 -27.80
CA ALA A 675 25.26 16.26 -28.52
C ALA A 675 25.86 15.16 -27.65
N VAL A 676 25.27 13.97 -27.73
CA VAL A 676 25.85 12.79 -27.09
C VAL A 676 26.89 12.15 -28.00
N ASN A 677 26.64 12.15 -29.31
CA ASN A 677 27.59 11.64 -30.29
C ASN A 677 27.78 12.68 -31.39
N ILE A 678 28.98 12.73 -31.95
CA ILE A 678 29.28 13.67 -33.04
C ILE A 678 29.95 12.88 -34.17
N PRO A 679 29.75 13.28 -35.43
CA PRO A 679 30.41 12.56 -36.52
C PRO A 679 31.92 12.76 -36.51
N GLN A 680 32.65 11.65 -36.64
CA GLN A 680 34.09 11.66 -36.78
C GLN A 680 34.43 11.32 -38.23
N TRP A 681 35.26 12.15 -38.85
CA TRP A 681 35.53 12.05 -40.27
C TRP A 681 36.66 11.07 -40.52
N GLN A 682 36.44 10.14 -41.45
CA GLN A 682 37.44 9.17 -41.86
C GLN A 682 38.02 9.63 -43.19
N PRO A 683 39.20 10.25 -43.20
CA PRO A 683 39.70 10.83 -44.47
C PRO A 683 39.91 9.82 -45.57
N GLU A 684 40.18 8.56 -45.24
CA GLU A 684 40.47 7.55 -46.26
C GLU A 684 39.24 7.07 -47.00
N ASN A 685 38.06 7.19 -46.40
CA ASN A 685 36.83 6.72 -47.01
C ASN A 685 36.04 7.84 -47.70
N CYS A 686 36.49 9.09 -47.58
CA CYS A 686 35.72 10.22 -48.05
C CYS A 686 35.96 10.45 -49.54
N ILE A 687 34.87 10.58 -50.30
CA ILE A 687 34.94 10.87 -51.72
C ILE A 687 34.76 12.36 -52.02
N GLN A 688 34.68 13.19 -50.97
CA GLN A 688 34.58 14.64 -51.10
C GLN A 688 33.35 15.04 -51.93
N CYS A 689 32.18 14.63 -51.43
CA CYS A 689 30.92 14.92 -52.09
C CYS A 689 30.09 15.98 -51.39
N ASN A 690 30.41 16.32 -50.15
CA ASN A 690 29.80 17.42 -49.40
C ASN A 690 28.30 17.23 -49.16
N GLN A 691 27.78 16.02 -49.33
CA GLN A 691 26.37 15.79 -49.04
C GLN A 691 26.08 15.87 -47.55
N CYS A 692 27.08 15.56 -46.70
CA CYS A 692 26.91 15.69 -45.26
C CYS A 692 26.70 17.15 -44.87
N SER A 693 27.42 18.07 -45.53
CA SER A 693 27.22 19.49 -45.27
C SER A 693 25.85 19.96 -45.74
N LEU A 694 25.31 19.31 -46.78
CA LEU A 694 24.03 19.73 -47.34
C LEU A 694 22.87 19.40 -46.41
N VAL A 695 22.91 18.24 -45.76
CA VAL A 695 21.76 17.77 -44.99
C VAL A 695 21.82 18.17 -43.52
N CYS A 696 22.89 18.79 -43.07
CA CYS A 696 23.01 19.12 -41.64
C CYS A 696 22.00 20.20 -41.27
N PRO A 697 21.06 19.92 -40.36
CA PRO A 697 20.05 20.93 -40.00
C PRO A 697 20.59 22.07 -39.15
N HIS A 698 21.88 22.06 -38.80
CA HIS A 698 22.44 23.11 -37.96
C HIS A 698 23.75 23.67 -38.50
N ALA A 699 24.15 23.26 -39.72
CA ALA A 699 25.39 23.73 -40.33
C ALA A 699 26.59 23.47 -39.42
N ALA A 700 26.55 22.33 -38.73
CA ALA A 700 27.61 21.96 -37.80
C ALA A 700 28.72 21.14 -38.46
N ILE A 701 28.55 20.75 -39.71
CA ILE A 701 29.56 20.00 -40.45
C ILE A 701 29.69 20.62 -41.84
N ARG A 702 30.91 20.99 -42.21
CA ARG A 702 31.16 21.74 -43.43
C ARG A 702 32.46 21.25 -44.05
N PRO A 703 32.62 21.42 -45.37
CA PRO A 703 33.91 21.17 -46.00
C PRO A 703 34.79 22.40 -45.98
N TYR A 704 36.09 22.17 -45.88
CA TYR A 704 37.08 23.24 -45.84
C TYR A 704 38.18 22.98 -46.85
N LEU A 705 38.46 23.97 -47.69
CA LEU A 705 39.58 23.93 -48.60
C LEU A 705 40.66 24.89 -48.13
N ALA A 706 41.91 24.55 -48.40
CA ALA A 706 43.01 25.39 -47.96
C ALA A 706 44.25 25.08 -48.78
N LYS A 707 44.98 26.12 -49.15
CA LYS A 707 46.30 25.94 -49.73
C LYS A 707 47.23 25.33 -48.68
N PRO A 708 48.19 24.49 -49.09
CA PRO A 708 49.05 23.81 -48.11
C PRO A 708 49.81 24.76 -47.20
N ALA A 709 50.05 26.00 -47.62
CA ALA A 709 50.71 26.96 -46.74
C ALA A 709 49.82 27.37 -45.58
N ASP A 710 48.51 27.39 -45.78
CA ASP A 710 47.58 27.79 -44.74
C ASP A 710 47.38 26.74 -43.66
N LEU A 711 47.94 25.54 -43.83
CA LEU A 711 47.86 24.49 -42.81
C LEU A 711 49.05 24.51 -41.86
N ALA A 712 49.67 25.68 -41.68
CA ALA A 712 50.90 25.76 -40.89
C ALA A 712 50.64 25.48 -39.42
N GLY A 713 49.84 26.33 -38.77
CA GLY A 713 49.59 26.19 -37.35
C GLY A 713 48.49 25.20 -37.02
N ALA A 714 48.22 24.28 -37.93
CA ALA A 714 47.16 23.30 -37.71
C ALA A 714 47.57 22.33 -36.61
N PRO A 715 46.63 21.91 -35.77
CA PRO A 715 46.95 20.86 -34.80
C PRO A 715 47.33 19.57 -35.51
N GLU A 716 47.99 18.68 -34.77
CA GLU A 716 48.43 17.43 -35.36
C GLU A 716 47.25 16.57 -35.79
N THR A 717 46.09 16.76 -35.16
CA THR A 717 44.90 15.99 -35.47
C THR A 717 44.10 16.54 -36.64
N PHE A 718 44.49 17.67 -37.22
CA PHE A 718 43.79 18.26 -38.35
C PHE A 718 44.19 17.58 -39.67
N VAL A 719 43.89 16.28 -39.74
CA VAL A 719 44.29 15.49 -40.90
C VAL A 719 43.48 15.91 -42.12
N THR A 720 44.17 16.15 -43.23
CA THR A 720 43.55 16.61 -44.47
C THR A 720 43.80 15.59 -45.58
N LYS A 721 43.16 15.86 -46.73
CA LYS A 721 43.29 15.01 -47.90
C LYS A 721 43.43 15.91 -49.13
N ASP A 722 44.03 15.35 -50.19
CA ASP A 722 44.14 16.07 -51.45
C ASP A 722 42.77 16.34 -52.05
N ALA A 723 42.60 17.53 -52.61
CA ALA A 723 41.28 17.95 -53.09
C ALA A 723 40.99 17.36 -54.47
N ILE A 724 39.82 16.73 -54.60
CA ILE A 724 39.36 16.14 -55.84
C ILE A 724 38.64 17.21 -56.67
N GLY A 725 38.94 17.26 -57.96
CA GLY A 725 38.29 18.22 -58.84
C GLY A 725 39.25 19.17 -59.50
N LYS A 726 38.96 19.55 -60.75
CA LYS A 726 39.81 20.49 -61.48
C LYS A 726 39.78 21.88 -60.88
N GLU A 727 38.70 22.24 -60.18
CA GLU A 727 38.60 23.58 -59.60
C GLU A 727 39.51 23.73 -58.38
N ALA A 728 39.67 22.66 -57.61
CA ALA A 728 40.45 22.69 -56.38
C ALA A 728 41.81 22.01 -56.52
N ALA A 729 42.43 22.13 -57.70
CA ALA A 729 43.73 21.51 -57.91
C ALA A 729 44.78 22.19 -57.03
N GLY A 730 45.62 21.36 -56.41
CA GLY A 730 46.66 21.88 -55.55
C GLY A 730 46.21 22.30 -54.18
N LEU A 731 44.98 21.98 -53.79
CA LEU A 731 44.42 22.36 -52.49
C LEU A 731 44.23 21.13 -51.62
N LYS A 732 44.08 21.39 -50.32
CA LYS A 732 43.77 20.36 -49.34
C LYS A 732 42.29 20.41 -48.98
N PHE A 733 41.75 19.24 -48.62
CA PHE A 733 40.33 19.09 -48.32
C PHE A 733 40.15 18.42 -46.97
N ARG A 734 39.14 18.88 -46.22
CA ARG A 734 38.81 18.25 -44.95
C ARG A 734 37.35 18.51 -44.63
N ILE A 735 36.66 17.47 -44.16
CA ILE A 735 35.31 17.59 -43.64
C ILE A 735 35.43 17.78 -42.13
N GLN A 736 35.08 18.97 -41.64
CA GLN A 736 35.22 19.30 -40.23
C GLN A 736 33.86 19.57 -39.60
N VAL A 737 33.67 19.06 -38.39
CA VAL A 737 32.44 19.22 -37.63
C VAL A 737 32.66 20.20 -36.49
N SER A 738 31.60 20.93 -36.14
CA SER A 738 31.63 21.80 -34.96
C SER A 738 31.08 21.02 -33.77
N PRO A 739 31.94 20.56 -32.86
CA PRO A 739 31.46 19.66 -31.79
C PRO A 739 30.47 20.31 -30.84
N LEU A 740 30.67 21.57 -30.48
CA LEU A 740 29.76 22.24 -29.56
C LEU A 740 28.48 22.70 -30.22
N ASP A 741 28.41 22.71 -31.55
CA ASP A 741 27.21 23.10 -32.26
C ASP A 741 26.46 21.91 -32.85
N CYS A 742 27.12 20.75 -32.94
CA CYS A 742 26.47 19.55 -33.42
C CYS A 742 25.40 19.10 -32.43
N THR A 743 24.32 18.51 -32.96
CA THR A 743 23.22 18.04 -32.14
C THR A 743 23.21 16.53 -31.96
N GLY A 744 24.08 15.80 -32.63
CA GLY A 744 24.07 14.35 -32.52
C GLY A 744 22.92 13.67 -33.22
N CYS A 745 22.27 14.36 -34.17
CA CYS A 745 21.11 13.80 -34.84
C CYS A 745 21.47 12.60 -35.70
N GLY A 746 22.63 12.65 -36.35
CA GLY A 746 23.11 11.55 -37.15
C GLY A 746 22.69 11.54 -38.60
N ASN A 747 22.16 12.65 -39.12
CA ASN A 747 21.76 12.67 -40.52
C ASN A 747 22.97 12.57 -41.44
N CYS A 748 24.08 13.22 -41.09
CA CYS A 748 25.24 13.22 -41.97
C CYS A 748 25.85 11.83 -42.11
N ALA A 749 25.87 11.05 -41.04
CA ALA A 749 26.38 9.68 -41.15
C ALA A 749 25.47 8.82 -42.01
N ASP A 750 24.17 9.09 -41.99
CA ASP A 750 23.25 8.27 -42.79
C ASP A 750 23.30 8.64 -44.27
N VAL A 751 23.60 9.90 -44.57
CA VAL A 751 23.63 10.35 -45.97
C VAL A 751 24.95 10.02 -46.65
N CYS A 752 26.04 9.86 -45.88
CA CYS A 752 27.36 9.57 -46.41
C CYS A 752 27.31 8.37 -47.34
N PRO A 753 27.53 8.56 -48.65
CA PRO A 753 27.35 7.47 -49.61
C PRO A 753 28.59 6.64 -49.89
N ALA A 754 29.67 6.81 -49.13
CA ALA A 754 30.88 6.05 -49.36
C ALA A 754 30.65 4.56 -49.11
N LYS A 755 31.53 3.74 -49.68
CA LYS A 755 31.47 2.31 -49.45
C LYS A 755 31.55 1.99 -47.97
N VAL A 756 32.64 2.39 -47.32
CA VAL A 756 32.75 2.36 -45.87
C VAL A 756 32.43 3.75 -45.35
N LYS A 757 31.62 3.81 -44.29
CA LYS A 757 31.16 5.09 -43.77
C LYS A 757 32.33 6.00 -43.39
N ALA A 758 32.35 7.19 -43.97
CA ALA A 758 33.38 8.17 -43.68
C ALA A 758 33.03 9.04 -42.47
N LEU A 759 31.85 8.84 -41.89
CA LEU A 759 31.42 9.52 -40.69
C LEU A 759 30.88 8.49 -39.71
N THR A 760 31.46 8.43 -38.52
CA THR A 760 31.04 7.50 -37.48
C THR A 760 30.72 8.27 -36.21
N MET A 761 29.60 7.92 -35.58
CA MET A 761 29.15 8.61 -34.37
C MET A 761 29.96 8.14 -33.17
N VAL A 762 30.72 9.05 -32.57
CA VAL A 762 31.52 8.76 -31.39
C VAL A 762 31.04 9.66 -30.26
N PRO A 763 31.16 9.26 -29.00
CA PRO A 763 30.69 10.10 -27.89
C PRO A 763 31.40 11.46 -27.89
N LEU A 764 30.63 12.51 -27.55
CA LEU A 764 31.18 13.86 -27.58
C LEU A 764 32.32 14.02 -26.57
N GLU A 765 32.11 13.58 -25.33
CA GLU A 765 33.08 13.83 -24.27
C GLU A 765 34.44 13.21 -24.57
N GLU A 766 34.47 12.15 -25.37
CA GLU A 766 35.73 11.47 -25.64
C GLU A 766 36.59 12.23 -26.64
N VAL A 767 35.97 12.96 -27.58
CA VAL A 767 36.69 13.63 -28.65
C VAL A 767 36.47 15.14 -28.62
N THR A 768 35.84 15.66 -27.57
CA THR A 768 35.48 17.08 -27.56
C THR A 768 36.71 17.97 -27.50
N ALA A 769 37.71 17.62 -26.68
CA ALA A 769 38.90 18.44 -26.56
C ALA A 769 39.67 18.50 -27.87
N VAL A 770 39.74 17.38 -28.58
CA VAL A 770 40.48 17.32 -29.84
C VAL A 770 39.75 18.11 -30.92
N GLU A 771 38.46 17.83 -31.13
CA GLU A 771 37.73 18.45 -32.22
C GLU A 771 37.49 19.94 -32.01
N GLU A 772 37.49 20.42 -30.77
CA GLU A 772 37.39 21.86 -30.56
C GLU A 772 38.58 22.58 -31.14
N ALA A 773 39.79 22.05 -30.92
CA ALA A 773 40.97 22.62 -31.55
C ALA A 773 40.90 22.47 -33.07
N ASN A 774 40.33 21.37 -33.56
CA ASN A 774 40.18 21.20 -35.00
C ASN A 774 39.21 22.21 -35.58
N TYR A 775 38.05 22.38 -34.95
CA TYR A 775 37.07 23.33 -35.46
C TYR A 775 37.59 24.76 -35.37
N ASN A 776 38.27 25.10 -34.27
CA ASN A 776 38.80 26.46 -34.12
C ASN A 776 39.82 26.80 -35.20
N PHE A 777 40.56 25.80 -35.68
CA PHE A 777 41.48 26.05 -36.78
C PHE A 777 40.76 26.10 -38.12
N ALA A 778 39.78 25.22 -38.33
CA ALA A 778 39.05 25.24 -39.60
C ALA A 778 38.25 26.53 -39.75
N GLU A 779 37.71 27.04 -38.65
CA GLU A 779 36.90 28.25 -38.71
C GLU A 779 37.75 29.48 -39.01
N GLN A 780 39.01 29.49 -38.58
CA GLN A 780 39.88 30.64 -38.81
C GLN A 780 40.62 30.56 -40.14
N LEU A 781 40.37 29.54 -40.95
CA LEU A 781 41.06 29.43 -42.24
C LEU A 781 40.66 30.58 -43.15
N PRO A 782 41.59 31.13 -43.91
CA PRO A 782 41.24 32.23 -44.81
C PRO A 782 40.35 31.75 -45.95
N GLU A 783 39.69 32.71 -46.60
CA GLU A 783 38.81 32.37 -47.71
C GLU A 783 39.63 31.89 -48.90
N VAL A 784 39.06 30.94 -49.63
CA VAL A 784 39.71 30.34 -50.80
C VAL A 784 38.83 30.56 -52.01
N LYS A 785 39.34 31.33 -52.98
CA LYS A 785 38.61 31.58 -54.20
C LYS A 785 38.57 30.29 -55.02
N VAL A 786 37.36 29.76 -55.23
CA VAL A 786 37.21 28.50 -55.95
C VAL A 786 36.11 28.65 -57.00
N ASN A 787 36.29 28.00 -58.14
CA ASN A 787 35.39 28.08 -59.28
C ASN A 787 34.43 26.89 -59.37
N PHE A 788 34.08 26.27 -58.25
CA PHE A 788 33.12 25.18 -58.28
C PHE A 788 31.74 25.70 -58.69
N ASN A 789 31.05 24.91 -59.50
CA ASN A 789 29.73 25.28 -60.00
C ASN A 789 28.72 25.31 -58.86
N PRO A 790 28.10 26.45 -58.55
CA PRO A 790 27.12 26.50 -57.46
C PRO A 790 25.85 25.73 -57.75
N ALA A 791 25.56 25.38 -59.00
CA ALA A 791 24.35 24.62 -59.32
C ALA A 791 24.45 23.14 -58.95
N THR A 792 25.61 22.67 -58.53
CA THR A 792 25.79 21.30 -58.07
C THR A 792 25.71 21.23 -56.55
N VAL A 793 25.49 20.01 -56.05
CA VAL A 793 25.46 19.81 -54.61
C VAL A 793 26.83 20.07 -54.00
N LYS A 794 27.88 19.53 -54.63
CA LYS A 794 29.23 19.72 -54.13
C LYS A 794 29.65 21.19 -54.18
N GLY A 795 29.35 21.86 -55.30
CA GLY A 795 29.76 23.25 -55.45
C GLY A 795 29.05 24.20 -54.51
N SER A 796 27.78 23.93 -54.22
CA SER A 796 27.01 24.82 -53.35
C SER A 796 27.49 24.75 -51.90
N GLN A 797 28.02 23.60 -51.47
CA GLN A 797 28.43 23.46 -50.08
C GLN A 797 29.77 24.09 -49.78
N PHE A 798 30.54 24.47 -50.81
CA PHE A 798 31.72 25.29 -50.58
C PHE A 798 31.38 26.75 -50.35
N ARG A 799 30.15 27.16 -50.63
CA ARG A 799 29.66 28.47 -50.27
C ARG A 799 29.31 28.49 -48.78
N GLN A 800 29.57 29.63 -48.13
CA GLN A 800 29.36 29.71 -46.69
C GLN A 800 27.87 29.63 -46.35
N PRO A 801 27.47 28.79 -45.41
CA PRO A 801 26.07 28.80 -44.96
C PRO A 801 25.79 30.06 -44.15
N LEU A 802 24.70 30.74 -44.48
CA LEU A 802 24.29 31.95 -43.78
C LEU A 802 23.11 31.70 -42.83
N LEU A 803 22.85 30.43 -42.51
CA LEU A 803 21.89 30.05 -41.47
C LEU A 803 22.55 28.94 -40.66
N GLU A 804 22.87 29.22 -39.41
CA GLU A 804 23.71 28.32 -38.63
C GLU A 804 23.24 28.25 -37.19
N PHE A 805 23.32 27.04 -36.62
CA PHE A 805 23.25 26.83 -35.17
C PHE A 805 21.92 27.31 -34.57
N SER A 806 20.83 27.11 -35.32
CA SER A 806 19.52 27.54 -34.83
C SER A 806 19.01 26.60 -33.74
N GLY A 807 17.89 26.98 -33.15
CA GLY A 807 17.24 26.21 -32.11
C GLY A 807 16.30 25.12 -32.59
N ALA A 808 16.33 24.78 -33.87
CA ALA A 808 15.47 23.72 -34.37
C ALA A 808 15.87 22.38 -33.75
N CYS A 809 14.95 21.42 -33.81
CA CYS A 809 15.19 20.11 -33.23
C CYS A 809 16.35 19.39 -33.92
N ALA A 810 16.85 18.35 -33.27
CA ALA A 810 17.82 17.47 -33.89
C ALA A 810 17.19 16.75 -35.07
N GLY A 811 17.78 16.93 -36.26
CA GLY A 811 17.27 16.30 -37.45
C GLY A 811 16.11 17.01 -38.10
N CYS A 812 15.94 18.31 -37.85
CA CYS A 812 14.81 19.05 -38.39
C CYS A 812 14.81 19.00 -39.92
N GLY A 813 13.64 18.76 -40.49
CA GLY A 813 13.53 18.71 -41.93
C GLY A 813 13.33 20.04 -42.61
N GLU A 814 13.30 21.14 -41.86
CA GLU A 814 13.06 22.47 -42.41
C GLU A 814 14.34 23.26 -42.67
N THR A 815 15.23 23.34 -41.68
CA THR A 815 16.39 24.22 -41.81
C THR A 815 17.33 23.86 -42.97
N PRO A 816 17.54 22.59 -43.36
CA PRO A 816 18.40 22.35 -44.52
C PRO A 816 17.94 23.02 -45.79
N TYR A 817 16.62 23.15 -45.99
CA TYR A 817 16.13 23.89 -47.16
C TYR A 817 16.57 25.35 -47.10
N VAL A 818 16.32 26.01 -45.96
CA VAL A 818 16.64 27.43 -45.84
C VAL A 818 18.15 27.63 -45.89
N LYS A 819 18.92 26.74 -45.26
CA LYS A 819 20.37 26.84 -45.31
C LYS A 819 20.88 26.81 -46.74
N LEU A 820 20.30 25.94 -47.58
CA LEU A 820 20.73 25.83 -48.97
C LEU A 820 20.40 27.08 -49.76
N VAL A 821 19.25 27.71 -49.48
CA VAL A 821 18.87 28.93 -50.18
C VAL A 821 19.87 30.05 -49.89
N THR A 822 20.32 30.16 -48.64
CA THR A 822 21.31 31.17 -48.30
C THR A 822 22.66 30.91 -48.97
N GLN A 823 22.97 29.64 -49.22
CA GLN A 823 24.23 29.32 -49.91
C GLN A 823 24.17 29.67 -51.39
N LEU A 824 22.97 29.77 -51.96
CA LEU A 824 22.83 30.11 -53.38
C LEU A 824 22.63 31.61 -53.58
N PHE A 825 21.76 32.24 -52.81
CA PHE A 825 21.40 33.63 -53.02
C PHE A 825 21.49 34.48 -51.74
N GLY A 826 22.02 33.92 -50.65
CA GLY A 826 22.01 34.62 -49.37
C GLY A 826 22.70 35.97 -49.38
N ASP A 827 23.64 36.16 -50.31
CA ASP A 827 24.36 37.43 -50.42
C ASP A 827 23.44 38.61 -50.67
N ARG A 828 22.23 38.36 -51.19
CA ARG A 828 21.40 39.45 -51.69
C ARG A 828 19.91 39.21 -51.43
N MET A 829 19.56 38.45 -50.40
CA MET A 829 18.17 38.10 -50.19
C MET A 829 17.60 38.73 -48.93
N ILE A 830 16.29 38.96 -48.95
CA ILE A 830 15.53 39.48 -47.83
C ILE A 830 14.43 38.48 -47.51
N ILE A 831 14.24 38.17 -46.23
CA ILE A 831 13.34 37.10 -45.80
C ILE A 831 12.15 37.72 -45.08
N ALA A 832 10.94 37.36 -45.52
CA ALA A 832 9.70 37.63 -44.81
C ALA A 832 9.19 36.29 -44.28
N ASN A 833 9.27 36.10 -42.97
CA ASN A 833 9.03 34.80 -42.36
C ASN A 833 7.75 34.81 -41.54
N ALA A 834 6.86 33.87 -41.86
CA ALA A 834 5.60 33.74 -41.13
C ALA A 834 5.84 33.18 -39.73
N THR A 835 4.89 33.44 -38.84
CA THR A 835 4.92 32.86 -37.51
C THR A 835 4.82 31.34 -37.60
N GLY A 836 5.60 30.66 -36.78
CA GLY A 836 5.66 29.21 -36.80
C GLY A 836 7.03 28.74 -36.37
N CYS A 837 7.32 27.46 -36.65
CA CYS A 837 8.63 26.91 -36.32
C CYS A 837 9.75 27.73 -36.94
N SER A 838 9.63 28.04 -38.23
CA SER A 838 10.70 28.75 -38.93
C SER A 838 10.93 30.13 -38.31
N SER A 839 9.91 30.72 -37.69
CA SER A 839 10.10 31.98 -36.99
C SER A 839 10.62 31.77 -35.57
N ILE A 840 10.41 30.59 -34.99
CA ILE A 840 10.91 30.31 -33.64
C ILE A 840 12.38 29.96 -33.68
N TRP A 841 12.80 29.03 -34.56
CA TRP A 841 14.23 28.76 -34.65
C TRP A 841 14.97 29.79 -35.48
N GLY A 842 14.23 30.60 -36.25
CA GLY A 842 14.86 31.63 -37.07
C GLY A 842 14.93 32.96 -36.36
N GLY A 843 14.02 33.22 -35.42
CA GLY A 843 13.99 34.52 -34.79
C GLY A 843 13.45 34.59 -33.37
N SER A 844 14.03 33.79 -32.47
CA SER A 844 13.74 33.90 -31.05
C SER A 844 14.86 34.71 -30.41
N ALA A 845 14.51 35.83 -29.78
CA ALA A 845 15.49 36.67 -29.12
C ALA A 845 16.19 35.87 -28.01
N PRO A 846 17.46 36.19 -27.71
CA PRO A 846 18.28 37.25 -28.31
C PRO A 846 19.25 36.78 -29.39
N ALA A 847 19.14 35.52 -29.81
CA ALA A 847 20.09 34.91 -30.72
C ALA A 847 19.51 34.84 -32.13
N CYS A 848 20.32 35.22 -33.12
CA CYS A 848 19.91 35.16 -34.51
C CYS A 848 20.73 34.13 -35.27
N PRO A 849 20.11 33.09 -35.82
CA PRO A 849 20.88 32.07 -36.55
C PRO A 849 21.33 32.52 -37.94
N TYR A 850 20.70 33.55 -38.49
CA TYR A 850 21.15 34.11 -39.76
C TYR A 850 22.37 34.97 -39.52
N THR A 851 23.39 34.80 -40.36
CA THR A 851 24.69 35.43 -40.16
C THR A 851 25.18 36.01 -41.48
N VAL A 852 26.38 36.58 -41.45
CA VAL A 852 26.94 37.28 -42.60
C VAL A 852 28.20 36.56 -43.05
N ASN A 853 28.63 36.88 -44.27
CA ASN A 853 29.87 36.35 -44.81
C ASN A 853 31.02 37.28 -44.44
N ARG A 854 32.18 37.07 -45.06
CA ARG A 854 33.36 37.86 -44.71
C ARG A 854 33.20 39.33 -45.09
N GLN A 855 32.37 39.64 -46.08
CA GLN A 855 32.09 41.01 -46.47
C GLN A 855 31.04 41.68 -45.60
N GLY A 856 30.45 40.95 -44.65
CA GLY A 856 29.41 41.51 -43.80
C GLY A 856 28.02 41.46 -44.38
N HIS A 857 27.83 40.72 -45.47
CA HIS A 857 26.55 40.61 -46.15
C HIS A 857 25.85 39.31 -45.75
N GLY A 858 24.54 39.38 -45.58
CA GLY A 858 23.75 38.23 -45.21
C GLY A 858 22.27 38.56 -45.23
N PRO A 859 21.42 37.55 -45.11
CA PRO A 859 19.98 37.79 -45.23
C PRO A 859 19.46 38.72 -44.15
N ALA A 860 18.65 39.69 -44.56
CA ALA A 860 17.89 40.51 -43.63
C ALA A 860 16.56 39.81 -43.36
N TRP A 861 16.20 39.71 -42.08
CA TRP A 861 15.14 38.82 -41.63
C TRP A 861 14.08 39.62 -40.90
N ALA A 862 12.81 39.35 -41.22
CA ALA A 862 11.68 40.01 -40.57
C ALA A 862 10.52 39.04 -40.50
N SER A 863 9.80 39.07 -39.38
CA SER A 863 8.57 38.33 -39.21
C SER A 863 7.48 39.29 -38.79
N SER A 864 6.39 39.34 -39.56
CA SER A 864 5.28 40.20 -39.24
C SER A 864 4.24 39.44 -38.43
N LEU A 865 3.31 38.76 -39.10
CA LEU A 865 2.25 38.02 -38.43
C LEU A 865 2.16 36.61 -39.00
N PHE A 866 1.22 35.84 -38.47
CA PHE A 866 0.96 34.51 -38.99
C PHE A 866 0.19 34.59 -40.32
N GLU A 867 -0.73 35.55 -40.43
CA GLU A 867 -1.66 35.60 -41.54
C GLU A 867 -1.20 36.48 -42.71
N ASP A 868 -0.19 37.32 -42.52
CA ASP A 868 0.12 38.36 -43.49
C ASP A 868 1.45 38.16 -44.22
N ASN A 869 2.07 36.98 -44.12
CA ASN A 869 3.46 36.87 -44.53
C ASN A 869 3.65 37.10 -46.03
N ALA A 870 2.73 36.60 -46.86
CA ALA A 870 2.86 36.80 -48.29
C ALA A 870 2.76 38.27 -48.64
N GLU A 871 1.74 38.95 -48.13
CA GLU A 871 1.61 40.38 -48.35
C GLU A 871 2.77 41.15 -47.71
N PHE A 872 3.31 40.63 -46.61
CA PHE A 872 4.48 41.24 -45.98
C PHE A 872 5.66 41.29 -46.95
N GLY A 873 6.00 40.16 -47.54
CA GLY A 873 7.10 40.13 -48.50
C GLY A 873 6.77 40.86 -49.79
N TYR A 874 5.50 40.84 -50.20
CA TYR A 874 5.08 41.61 -51.37
C TYR A 874 5.38 43.09 -51.19
N GLY A 875 5.07 43.63 -50.00
CA GLY A 875 5.40 45.02 -49.73
C GLY A 875 6.90 45.29 -49.78
N MET A 876 7.70 44.33 -49.31
CA MET A 876 9.14 44.47 -49.42
C MET A 876 9.60 44.59 -50.87
N ALA A 877 8.99 43.78 -51.75
CA ALA A 877 9.37 43.81 -53.16
C ALA A 877 9.09 45.16 -53.78
N LEU A 878 7.95 45.78 -53.43
CA LEU A 878 7.65 47.12 -53.94
C LEU A 878 8.68 48.13 -53.46
N ALA A 879 9.06 48.06 -52.19
CA ALA A 879 10.01 49.02 -51.64
C ALA A 879 11.39 48.86 -52.27
N VAL A 880 11.85 47.61 -52.41
CA VAL A 880 13.17 47.39 -53.01
C VAL A 880 13.20 47.89 -54.45
N ALA A 881 12.11 47.66 -55.20
CA ALA A 881 12.04 48.19 -56.56
C ALA A 881 12.08 49.71 -56.56
N LYS A 882 11.40 50.34 -55.60
CA LYS A 882 11.45 51.80 -55.50
C LYS A 882 12.87 52.28 -55.19
N ARG A 883 13.56 51.60 -54.29
CA ARG A 883 14.91 52.02 -53.93
C ARG A 883 15.88 51.83 -55.08
N GLN A 884 15.69 50.79 -55.90
CA GLN A 884 16.53 50.62 -57.08
C GLN A 884 16.23 51.69 -58.13
N ASP A 885 14.97 52.14 -58.21
CA ASP A 885 14.60 53.22 -59.12
C ASP A 885 15.24 54.53 -58.69
N GLU A 886 15.30 54.80 -57.38
CA GLU A 886 15.96 56.02 -56.93
C GLU A 886 17.46 55.97 -57.24
N LEU A 887 18.07 54.80 -57.08
CA LEU A 887 19.47 54.64 -57.44
C LEU A 887 19.69 54.81 -58.93
N ALA A 888 18.82 54.21 -59.74
CA ALA A 888 18.96 54.30 -61.20
C ALA A 888 18.82 55.74 -61.69
N THR A 889 17.99 56.54 -61.01
CA THR A 889 17.83 57.93 -61.41
C THR A 889 19.12 58.72 -61.19
N ALA A 890 19.79 58.50 -60.07
CA ALA A 890 21.05 59.18 -59.79
C ALA A 890 22.16 58.73 -60.73
N ILE A 891 22.17 57.44 -61.12
CA ILE A 891 23.21 56.96 -62.01
C ILE A 891 23.02 57.51 -63.42
N SER A 892 21.76 57.63 -63.87
CA SER A 892 21.52 58.22 -65.18
C SER A 892 21.95 59.68 -65.23
N LYS A 893 21.83 60.39 -64.10
CA LYS A 893 22.33 61.76 -64.03
C LYS A 893 23.86 61.80 -64.09
N ALA A 894 24.53 60.76 -63.60
CA ALA A 894 25.98 60.73 -63.64
C ALA A 894 26.50 60.64 -65.07
N LEU A 895 25.71 60.07 -65.99
CA LEU A 895 26.13 60.02 -67.39
C LEU A 895 26.25 61.42 -67.99
N GLU A 896 25.44 62.36 -67.53
CA GLU A 896 25.54 63.75 -67.96
C GLU A 896 26.55 64.55 -67.16
N ALA A 897 27.24 63.92 -66.21
CA ALA A 897 28.16 64.64 -65.37
C ALA A 897 29.59 64.45 -65.84
N PRO A 898 30.48 65.41 -65.60
CA PRO A 898 31.89 65.22 -65.96
C PRO A 898 32.60 64.25 -65.04
N VAL A 899 32.46 62.96 -65.31
CA VAL A 899 33.12 61.92 -64.52
C VAL A 899 33.96 61.06 -65.45
N SER A 900 34.79 60.22 -64.85
CA SER A 900 35.74 59.42 -65.61
C SER A 900 35.03 58.46 -66.56
N ALA A 901 35.71 58.10 -67.65
CA ALA A 901 35.12 57.22 -68.65
C ALA A 901 34.85 55.84 -68.08
N ALA A 902 35.71 55.35 -67.19
CA ALA A 902 35.48 54.05 -66.57
C ALA A 902 34.25 54.05 -65.69
N PHE A 903 33.95 55.20 -65.05
CA PHE A 903 32.74 55.30 -64.25
C PHE A 903 31.50 55.24 -65.13
N LYS A 904 31.51 55.96 -66.25
CA LYS A 904 30.39 55.91 -67.18
C LYS A 904 30.23 54.53 -67.81
N ALA A 905 31.35 53.83 -68.05
CA ALA A 905 31.27 52.49 -68.61
C ALA A 905 30.58 51.53 -67.64
N ALA A 906 30.93 51.62 -66.36
CA ALA A 906 30.29 50.77 -65.35
C ALA A 906 28.85 51.18 -65.11
N CYS A 907 28.55 52.48 -65.25
CA CYS A 907 27.18 52.94 -65.07
C CYS A 907 26.26 52.45 -66.19
N GLU A 908 26.71 52.57 -67.44
CA GLU A 908 25.91 52.07 -68.55
C GLU A 908 25.71 50.56 -68.45
N GLY A 909 26.76 49.84 -68.03
CA GLY A 909 26.62 48.41 -67.86
C GLY A 909 25.64 48.03 -66.77
N TRP A 910 25.60 48.83 -65.69
CA TRP A 910 24.66 48.55 -64.62
C TRP A 910 23.23 48.88 -65.04
N LEU A 911 23.04 50.00 -65.73
CA LEU A 911 21.70 50.39 -66.18
C LEU A 911 21.11 49.35 -67.13
N ALA A 912 21.93 48.73 -67.95
CA ALA A 912 21.44 47.72 -68.88
C ALA A 912 21.16 46.38 -68.19
N GLY A 913 21.80 46.11 -67.05
CA GLY A 913 21.63 44.85 -66.37
C GLY A 913 21.25 44.95 -64.90
N LYS A 914 20.57 46.04 -64.52
CA LYS A 914 20.18 46.21 -63.12
C LYS A 914 19.19 45.15 -62.65
N ASP A 915 18.46 44.54 -63.58
CA ASP A 915 17.47 43.52 -63.26
C ASP A 915 18.01 42.10 -63.43
N ASP A 916 19.31 41.95 -63.66
CA ASP A 916 19.95 40.64 -63.73
C ASP A 916 20.86 40.49 -62.51
N ALA A 917 20.76 39.33 -61.86
CA ALA A 917 21.48 39.12 -60.60
C ALA A 917 22.99 39.22 -60.79
N ASP A 918 23.52 38.52 -61.80
CA ASP A 918 24.97 38.47 -61.99
C ASP A 918 25.50 39.79 -62.52
N ARG A 919 24.82 40.37 -63.50
CA ARG A 919 25.29 41.60 -64.14
C ARG A 919 25.18 42.78 -63.18
N SER A 920 24.13 42.82 -62.36
CA SER A 920 24.02 43.92 -61.40
C SER A 920 25.12 43.86 -60.34
N ARG A 921 25.53 42.65 -59.96
CA ARG A 921 26.65 42.55 -59.03
C ARG A 921 27.97 42.93 -59.69
N GLU A 922 28.19 42.48 -60.93
CA GLU A 922 29.45 42.75 -61.61
C GLU A 922 29.67 44.24 -61.80
N TYR A 923 28.71 44.92 -62.45
CA TYR A 923 28.85 46.36 -62.64
C TYR A 923 28.60 47.12 -61.34
N GLY A 924 27.81 46.56 -60.43
CA GLY A 924 27.63 47.21 -59.15
C GLY A 924 28.93 47.26 -58.36
N ASP A 925 29.66 46.14 -58.32
CA ASP A 925 30.94 46.13 -57.62
C ASP A 925 31.96 47.01 -58.30
N ARG A 926 31.87 47.18 -59.63
CA ARG A 926 32.77 48.10 -60.32
C ARG A 926 32.53 49.54 -59.87
N ILE A 927 31.27 49.94 -59.79
CA ILE A 927 30.94 51.30 -59.36
C ILE A 927 31.43 51.53 -57.93
N LYS A 928 31.26 50.53 -57.07
CA LYS A 928 31.73 50.66 -55.69
C LYS A 928 33.24 50.83 -55.63
N ALA A 929 33.97 50.19 -56.53
CA ALA A 929 35.43 50.30 -56.52
C ALA A 929 35.89 51.67 -57.02
N LEU A 930 35.13 52.28 -57.93
CA LEU A 930 35.48 53.57 -58.50
C LEU A 930 34.95 54.75 -57.68
N LEU A 931 34.01 54.51 -56.77
CA LEU A 931 33.37 55.63 -56.05
C LEU A 931 34.34 56.42 -55.18
N PRO A 932 35.16 55.82 -54.31
CA PRO A 932 36.01 56.67 -53.45
C PRO A 932 36.95 57.56 -54.24
N GLY A 933 37.53 57.06 -55.33
CA GLY A 933 38.39 57.89 -56.15
C GLY A 933 37.62 58.92 -56.97
N GLU A 934 36.42 58.57 -57.42
CA GLU A 934 35.63 59.50 -58.23
C GLU A 934 35.14 60.67 -57.39
N ILE A 935 34.78 60.43 -56.13
CA ILE A 935 34.34 61.51 -55.25
C ILE A 935 35.51 62.45 -54.95
N SER A 936 36.71 61.89 -54.80
CA SER A 936 37.87 62.71 -54.50
C SER A 936 38.19 63.67 -55.64
N GLN A 937 37.91 63.27 -56.87
CA GLN A 937 38.24 64.09 -58.04
C GLN A 937 37.11 65.04 -58.42
N ALA A 938 36.03 65.10 -57.65
CA ALA A 938 34.88 65.93 -57.95
C ALA A 938 34.71 67.01 -56.88
N SER A 939 33.88 67.99 -57.19
CA SER A 939 33.59 69.08 -56.26
C SER A 939 32.25 69.68 -56.62
N GLY A 940 31.65 70.37 -55.64
CA GLY A 940 30.41 71.06 -55.89
C GLY A 940 29.23 70.12 -56.05
N GLU A 941 28.35 70.45 -57.00
CA GLU A 941 27.13 69.66 -57.20
C GLU A 941 27.44 68.29 -57.78
N VAL A 942 28.50 68.17 -58.58
CA VAL A 942 28.88 66.87 -59.12
C VAL A 942 29.33 65.94 -57.99
N LYS A 943 30.05 66.48 -57.01
CA LYS A 943 30.45 65.67 -55.86
C LYS A 943 29.22 65.19 -55.09
N ASP A 944 28.20 66.03 -54.98
CA ASP A 944 26.97 65.62 -54.31
C ASP A 944 26.27 64.51 -55.10
N LEU A 945 26.30 64.58 -56.43
CA LEU A 945 25.68 63.54 -57.23
C LEU A 945 26.37 62.19 -57.00
N LEU A 946 27.69 62.20 -56.83
CA LEU A 946 28.41 60.97 -56.52
C LEU A 946 28.13 60.51 -55.10
N LEU A 947 28.00 61.46 -54.16
CA LEU A 947 27.70 61.10 -52.77
C LEU A 947 26.32 60.50 -52.63
N ASP A 948 25.38 60.87 -53.52
CA ASP A 948 24.07 60.26 -53.49
C ASP A 948 24.10 58.84 -54.04
N ILE A 949 24.98 58.57 -55.00
CA ILE A 949 25.16 57.20 -55.46
C ILE A 949 25.78 56.35 -54.37
N ASP A 950 26.78 56.89 -53.67
CA ASP A 950 27.40 56.13 -52.58
C ASP A 950 26.41 55.89 -51.44
N ARG A 951 25.50 56.83 -51.23
CA ARG A 951 24.50 56.67 -50.17
C ARG A 951 23.56 55.51 -50.47
N GLN A 952 23.38 55.17 -51.74
CA GLN A 952 22.46 54.13 -52.18
C GLN A 952 23.16 52.92 -52.79
N LYS A 953 24.47 52.78 -52.57
CA LYS A 953 25.19 51.70 -53.24
C LYS A 953 24.74 50.32 -52.80
N ASP A 954 24.03 50.22 -51.67
CA ASP A 954 23.50 48.94 -51.21
C ASP A 954 22.29 48.45 -52.01
N TYR A 955 21.94 49.11 -53.11
CA TYR A 955 20.87 48.65 -53.99
C TYR A 955 21.36 48.38 -55.41
N LEU A 956 22.68 48.42 -55.65
CA LEU A 956 23.21 48.07 -56.96
C LEU A 956 22.93 46.62 -57.30
N THR A 957 23.25 45.71 -56.38
CA THR A 957 22.99 44.29 -56.60
C THR A 957 21.49 44.02 -56.47
N LYS A 958 20.94 43.32 -57.46
CA LYS A 958 19.51 42.99 -57.41
C LYS A 958 19.21 42.08 -56.23
N LYS A 959 18.12 42.38 -55.53
CA LYS A 959 17.76 41.63 -54.33
C LYS A 959 16.85 40.46 -54.68
N SER A 960 16.77 39.51 -53.75
CA SER A 960 16.00 38.29 -53.92
C SER A 960 15.04 38.17 -52.74
N ILE A 961 13.76 38.44 -52.97
CA ILE A 961 12.78 38.42 -51.89
C ILE A 961 12.32 36.99 -51.67
N TRP A 962 12.40 36.52 -50.43
CA TRP A 962 12.02 35.17 -50.07
C TRP A 962 10.95 35.19 -48.98
N ILE A 963 9.81 34.57 -49.26
CA ILE A 963 8.67 34.52 -48.36
C ILE A 963 8.60 33.10 -47.82
N ILE A 964 9.01 32.91 -46.57
CA ILE A 964 9.18 31.58 -45.98
C ILE A 964 8.15 31.39 -44.87
N GLY A 965 7.54 30.20 -44.84
CA GLY A 965 6.54 29.88 -43.84
C GLY A 965 6.13 28.43 -43.94
N GLY A 966 5.36 27.99 -42.94
CA GLY A 966 4.93 26.61 -42.87
C GLY A 966 3.65 26.36 -43.64
N ASP A 967 3.23 25.09 -43.64
CA ASP A 967 2.05 24.71 -44.39
C ASP A 967 0.78 25.28 -43.78
N GLY A 968 0.76 25.46 -42.46
CA GLY A 968 -0.40 26.09 -41.84
C GLY A 968 -0.62 27.51 -42.32
N TRP A 969 0.48 28.25 -42.51
CA TRP A 969 0.37 29.59 -43.07
C TRP A 969 -0.06 29.52 -44.53
N ALA A 970 0.60 28.68 -45.32
CA ALA A 970 0.37 28.68 -46.76
C ALA A 970 -0.97 28.06 -47.14
N TYR A 971 -1.40 27.02 -46.40
CA TYR A 971 -2.63 26.33 -46.75
C TYR A 971 -3.87 26.88 -46.05
N ASP A 972 -3.71 27.55 -44.91
CA ASP A 972 -4.87 27.95 -44.13
C ASP A 972 -4.97 29.46 -43.91
N ILE A 973 -4.35 29.97 -42.84
CA ILE A 973 -4.63 31.32 -42.38
C ILE A 973 -4.11 32.36 -43.37
N GLY A 974 -2.97 32.10 -44.01
CA GLY A 974 -2.42 33.02 -44.98
C GLY A 974 -2.65 32.64 -46.42
N TYR A 975 -3.51 31.65 -46.68
CA TYR A 975 -3.68 31.18 -48.05
C TYR A 975 -4.30 32.26 -48.94
N GLY A 976 -5.30 32.97 -48.41
CA GLY A 976 -5.91 34.05 -49.19
C GLY A 976 -4.92 35.12 -49.61
N GLY A 977 -4.00 35.48 -48.70
CA GLY A 977 -2.96 36.43 -49.06
C GLY A 977 -1.92 35.84 -49.98
N LEU A 978 -1.56 34.57 -49.77
CA LEU A 978 -0.60 33.92 -50.66
C LEU A 978 -1.15 33.82 -52.07
N ASP A 979 -2.43 33.47 -52.20
CA ASP A 979 -3.06 33.40 -53.51
C ASP A 979 -2.97 34.74 -54.24
N HIS A 980 -3.22 35.85 -53.53
CA HIS A 980 -3.21 37.15 -54.17
C HIS A 980 -1.81 37.55 -54.61
N VAL A 981 -0.79 37.30 -53.78
CA VAL A 981 0.56 37.69 -54.12
C VAL A 981 1.07 36.89 -55.32
N LEU A 982 0.74 35.59 -55.38
CA LEU A 982 1.12 34.81 -56.54
C LEU A 982 0.41 35.30 -57.79
N ALA A 983 -0.87 35.65 -57.68
CA ALA A 983 -1.61 36.16 -58.83
C ALA A 983 -1.12 37.54 -59.27
N SER A 984 -0.45 38.28 -58.38
CA SER A 984 -0.02 39.63 -58.72
C SER A 984 1.08 39.62 -59.77
N GLY A 985 1.88 38.57 -59.83
CA GLY A 985 2.99 38.49 -60.74
C GLY A 985 4.30 39.06 -60.22
N ALA A 986 4.34 39.51 -58.97
CA ALA A 986 5.56 40.10 -58.42
C ALA A 986 6.69 39.09 -58.43
N ASN A 987 7.93 39.59 -58.53
CA ASN A 987 9.10 38.74 -58.52
C ASN A 987 9.47 38.41 -57.07
N VAL A 988 8.72 37.46 -56.51
CA VAL A 988 8.96 36.94 -55.17
C VAL A 988 9.09 35.42 -55.23
N ASN A 989 9.79 34.87 -54.24
CA ASN A 989 10.03 33.44 -54.15
C ASN A 989 9.43 32.93 -52.84
N VAL A 990 8.39 32.11 -52.94
CA VAL A 990 7.69 31.57 -51.78
C VAL A 990 8.21 30.18 -51.51
N LEU A 991 8.69 29.94 -50.30
CA LEU A 991 9.18 28.64 -49.85
C LEU A 991 8.28 28.14 -48.73
N VAL A 992 7.49 27.11 -49.02
CA VAL A 992 6.58 26.52 -48.05
C VAL A 992 7.25 25.27 -47.48
N LEU A 993 7.61 25.31 -46.20
CA LEU A 993 8.16 24.16 -45.50
C LEU A 993 6.99 23.31 -45.04
N ASP A 994 6.62 22.33 -45.85
CA ASP A 994 5.41 21.54 -45.63
C ASP A 994 5.73 20.38 -44.70
N THR A 995 5.32 20.51 -43.43
CA THR A 995 5.36 19.42 -42.48
C THR A 995 4.02 18.71 -42.35
N GLU A 996 3.00 19.15 -43.09
CA GLU A 996 1.66 18.58 -43.12
C GLU A 996 0.95 18.69 -41.77
N VAL A 997 1.49 19.46 -40.82
CA VAL A 997 0.89 19.70 -39.51
C VAL A 997 1.29 21.10 -39.05
N TYR A 998 0.70 21.53 -37.93
CA TYR A 998 1.15 22.73 -37.23
C TYR A 998 2.26 22.29 -36.29
N SER A 999 3.50 22.38 -36.76
CA SER A 999 4.63 21.81 -36.01
C SER A 999 4.91 22.59 -34.74
N ASN A 1000 4.82 23.93 -34.81
CA ASN A 1000 5.19 24.77 -33.67
C ASN A 1000 4.32 24.49 -32.45
N THR A 1001 3.00 24.44 -32.66
CA THR A 1001 2.04 24.37 -31.57
C THR A 1001 1.77 22.95 -31.08
N GLY A 1002 2.56 21.97 -31.52
CA GLY A 1002 2.46 20.61 -31.02
C GLY A 1002 1.93 19.60 -32.01
N GLY A 1003 1.46 20.03 -33.17
CA GLY A 1003 1.00 19.10 -34.18
C GLY A 1003 -0.50 19.08 -34.41
N GLN A 1004 -1.07 20.22 -34.77
CA GLN A 1004 -2.50 20.30 -35.06
C GLN A 1004 -2.75 20.14 -36.57
N SER A 1005 -4.00 19.84 -36.90
CA SER A 1005 -4.37 19.53 -38.27
C SER A 1005 -4.26 20.77 -39.17
N SER A 1006 -3.98 20.51 -40.45
CA SER A 1006 -3.88 21.52 -41.48
C SER A 1006 -4.52 20.98 -42.74
N LYS A 1007 -4.75 21.85 -43.72
CA LYS A 1007 -5.22 21.36 -45.03
C LYS A 1007 -4.13 20.59 -45.76
N ALA A 1008 -2.87 20.75 -45.37
CA ALA A 1008 -1.78 19.96 -45.94
C ALA A 1008 -1.68 18.58 -45.34
N THR A 1009 -2.43 18.29 -44.27
CA THR A 1009 -2.46 16.95 -43.69
C THR A 1009 -3.17 15.99 -44.64
N GLN A 1010 -2.57 14.80 -44.81
CA GLN A 1010 -3.08 13.83 -45.76
C GLN A 1010 -4.22 13.02 -45.14
N THR A 1011 -4.85 12.20 -45.98
CA THR A 1011 -5.92 11.33 -45.52
C THR A 1011 -5.40 10.31 -44.52
N GLY A 1012 -6.16 10.13 -43.43
CA GLY A 1012 -5.83 9.14 -42.42
C GLY A 1012 -4.80 9.57 -41.41
N ALA A 1013 -4.07 10.66 -41.66
CA ALA A 1013 -3.06 11.12 -40.70
C ALA A 1013 -3.73 11.65 -39.44
N VAL A 1014 -3.19 11.26 -38.30
CA VAL A 1014 -3.76 11.63 -36.99
C VAL A 1014 -2.97 12.80 -36.44
N ALA A 1015 -3.69 13.89 -36.15
CA ALA A 1015 -3.12 15.07 -35.53
C ALA A 1015 -4.17 15.64 -34.59
N ARG A 1016 -3.81 16.71 -33.88
CA ARG A 1016 -4.77 17.38 -33.02
C ARG A 1016 -5.88 18.02 -33.87
N PHE A 1017 -7.10 17.97 -33.36
CA PHE A 1017 -8.34 18.33 -34.05
C PHE A 1017 -8.69 17.36 -35.16
N ALA A 1018 -7.98 16.22 -35.24
CA ALA A 1018 -8.30 15.13 -36.14
C ALA A 1018 -7.98 13.82 -35.41
N ALA A 1019 -8.63 13.62 -34.26
CA ALA A 1019 -8.27 12.51 -33.38
C ALA A 1019 -8.53 11.16 -34.04
N GLY A 1020 -9.63 11.06 -34.80
CA GLY A 1020 -9.97 9.85 -35.52
C GLY A 1020 -9.37 9.75 -36.90
N GLY A 1021 -8.39 10.58 -37.23
CA GLY A 1021 -7.81 10.61 -38.56
C GLY A 1021 -8.51 11.61 -39.46
N LYS A 1022 -7.74 12.27 -40.32
CA LYS A 1022 -8.30 13.26 -41.24
C LYS A 1022 -8.97 12.55 -42.41
N PHE A 1023 -10.26 12.83 -42.61
CA PHE A 1023 -10.99 12.18 -43.68
C PHE A 1023 -10.70 12.84 -45.02
N THR A 1024 -10.85 14.16 -45.11
CA THR A 1024 -10.61 14.86 -46.36
C THR A 1024 -9.15 14.73 -46.78
N LYS A 1025 -8.92 14.71 -48.09
CA LYS A 1025 -7.58 14.53 -48.61
C LYS A 1025 -6.78 15.82 -48.48
N LYS A 1026 -5.50 15.73 -48.79
CA LYS A 1026 -4.65 16.91 -48.74
C LYS A 1026 -5.02 17.89 -49.85
N LYS A 1027 -5.19 19.15 -49.48
CA LYS A 1027 -5.40 20.20 -50.48
C LYS A 1027 -4.15 20.36 -51.33
N ASP A 1028 -4.32 20.44 -52.64
CA ASP A 1028 -3.19 20.54 -53.56
C ASP A 1028 -2.90 22.01 -53.82
N LEU A 1029 -2.04 22.60 -52.99
CA LEU A 1029 -1.67 24.00 -53.16
C LEU A 1029 -0.94 24.22 -54.48
N GLY A 1030 -0.06 23.28 -54.85
CA GLY A 1030 0.67 23.44 -56.10
C GLY A 1030 -0.23 23.42 -57.32
N LEU A 1031 -1.27 22.59 -57.30
CA LEU A 1031 -2.17 22.50 -58.44
C LEU A 1031 -2.97 23.80 -58.60
N MET A 1032 -3.39 24.41 -57.50
CA MET A 1032 -4.13 25.66 -57.61
C MET A 1032 -3.25 26.80 -58.08
N ALA A 1033 -1.97 26.81 -57.70
CA ALA A 1033 -1.07 27.84 -58.18
C ALA A 1033 -0.76 27.66 -59.66
N MET A 1034 -0.85 26.42 -60.17
CA MET A 1034 -0.60 26.19 -61.59
C MET A 1034 -1.74 26.73 -62.44
N SER A 1035 -2.92 26.92 -61.86
CA SER A 1035 -4.07 27.40 -62.64
C SER A 1035 -3.84 28.80 -63.18
N TYR A 1036 -2.96 29.59 -62.55
CA TYR A 1036 -2.66 30.91 -63.06
C TYR A 1036 -1.82 30.84 -64.33
N GLY A 1037 -0.97 29.81 -64.44
CA GLY A 1037 -0.13 29.61 -65.60
C GLY A 1037 1.19 30.36 -65.57
N TYR A 1038 1.21 31.56 -64.97
CA TYR A 1038 2.41 32.38 -64.91
C TYR A 1038 3.11 32.30 -63.56
N VAL A 1039 2.76 31.32 -62.74
CA VAL A 1039 3.39 31.10 -61.44
C VAL A 1039 4.30 29.88 -61.57
N TYR A 1040 5.57 30.06 -61.23
CA TYR A 1040 6.47 28.92 -61.16
C TYR A 1040 6.15 28.10 -59.91
N VAL A 1041 5.82 26.82 -60.10
CA VAL A 1041 5.46 25.93 -59.01
C VAL A 1041 6.35 24.71 -59.08
N ALA A 1042 6.85 24.26 -57.93
CA ALA A 1042 7.71 23.10 -57.87
C ALA A 1042 7.46 22.35 -56.56
N SER A 1043 7.48 21.03 -56.63
CA SER A 1043 7.37 20.17 -55.47
C SER A 1043 8.69 19.43 -55.28
N VAL A 1044 9.33 19.63 -54.13
CA VAL A 1044 10.68 19.15 -53.90
C VAL A 1044 10.74 18.35 -52.61
N ALA A 1045 11.79 17.54 -52.49
CA ALA A 1045 12.06 16.79 -51.27
C ALA A 1045 13.55 16.47 -51.28
N MET A 1046 14.31 17.08 -50.35
CA MET A 1046 15.76 16.93 -50.38
C MET A 1046 16.17 15.47 -50.18
N GLY A 1047 15.50 14.77 -49.27
CA GLY A 1047 15.83 13.38 -49.02
C GLY A 1047 15.60 12.47 -50.21
N ALA A 1048 14.71 12.85 -51.12
CA ALA A 1048 14.41 12.03 -52.29
C ALA A 1048 15.35 12.30 -53.45
N SER A 1049 15.64 13.56 -53.76
CA SER A 1049 16.48 13.90 -54.90
C SER A 1049 17.17 15.22 -54.61
N HIS A 1050 18.49 15.19 -54.49
CA HIS A 1050 19.25 16.43 -54.32
C HIS A 1050 19.23 17.27 -55.59
N SER A 1051 19.40 16.63 -56.75
CA SER A 1051 19.47 17.37 -58.01
C SER A 1051 18.14 18.00 -58.37
N GLN A 1052 17.02 17.32 -58.07
CA GLN A 1052 15.72 17.90 -58.34
C GLN A 1052 15.48 19.12 -57.46
N LEU A 1053 15.99 19.10 -56.23
CA LEU A 1053 15.87 20.27 -55.37
C LEU A 1053 16.73 21.42 -55.88
N MET A 1054 17.95 21.12 -56.32
CA MET A 1054 18.81 22.17 -56.88
C MET A 1054 18.18 22.78 -58.12
N LYS A 1055 17.60 21.93 -58.98
CA LYS A 1055 17.05 22.41 -60.25
C LYS A 1055 15.87 23.34 -60.02
N ALA A 1056 14.99 22.98 -59.08
CA ALA A 1056 13.79 23.78 -58.85
C ALA A 1056 14.11 25.11 -58.16
N LEU A 1057 15.07 25.11 -57.22
CA LEU A 1057 15.39 26.34 -56.52
C LEU A 1057 15.98 27.39 -57.46
N ILE A 1058 16.88 26.97 -58.35
CA ILE A 1058 17.52 27.92 -59.24
C ILE A 1058 16.53 28.40 -60.30
N GLU A 1059 15.70 27.50 -60.81
CA GLU A 1059 14.68 27.89 -61.78
C GLU A 1059 13.68 28.86 -61.16
N ALA A 1060 13.30 28.64 -59.91
CA ALA A 1060 12.30 29.49 -59.27
C ALA A 1060 12.83 30.89 -59.02
N GLU A 1061 14.09 30.99 -58.60
CA GLU A 1061 14.66 32.30 -58.27
C GLU A 1061 14.95 33.11 -59.52
N LYS A 1062 15.44 32.46 -60.58
CA LYS A 1062 15.74 33.17 -61.81
C LYS A 1062 14.48 33.58 -62.57
N TYR A 1063 13.36 32.90 -62.32
CA TYR A 1063 12.11 33.23 -62.99
C TYR A 1063 11.66 34.64 -62.61
N ASP A 1064 11.42 35.47 -63.62
CA ASP A 1064 10.97 36.85 -63.41
C ASP A 1064 9.46 36.86 -63.16
N GLY A 1065 9.09 36.42 -61.97
CA GLY A 1065 7.71 36.32 -61.58
C GLY A 1065 7.56 35.58 -60.27
N PRO A 1066 6.32 35.26 -59.91
CA PRO A 1066 6.08 34.58 -58.63
C PRO A 1066 6.49 33.11 -58.72
N SER A 1067 7.18 32.65 -57.67
CA SER A 1067 7.64 31.28 -57.60
C SER A 1067 7.20 30.66 -56.28
N LEU A 1068 6.75 29.41 -56.34
CA LEU A 1068 6.25 28.68 -55.18
C LEU A 1068 6.99 27.36 -55.05
N ILE A 1069 7.69 27.18 -53.94
CA ILE A 1069 8.44 25.95 -53.67
C ILE A 1069 7.78 25.28 -52.47
N ILE A 1070 7.18 24.11 -52.69
CA ILE A 1070 6.57 23.34 -51.62
C ILE A 1070 7.53 22.21 -51.28
N ALA A 1071 8.19 22.32 -50.13
CA ALA A 1071 9.24 21.40 -49.73
C ALA A 1071 8.75 20.46 -48.65
N TYR A 1072 8.94 19.16 -48.87
CA TYR A 1072 8.60 18.18 -47.85
C TYR A 1072 9.59 18.26 -46.70
N ALA A 1073 9.10 18.59 -45.51
CA ALA A 1073 9.94 18.80 -44.33
C ALA A 1073 9.57 17.79 -43.26
N PRO A 1074 10.33 16.70 -43.12
CA PRO A 1074 10.06 15.75 -42.03
C PRO A 1074 10.18 16.43 -40.68
N CYS A 1075 9.37 15.97 -39.73
CA CYS A 1075 9.27 16.62 -38.43
C CYS A 1075 9.13 15.56 -37.34
N ILE A 1076 9.44 15.97 -36.11
CA ILE A 1076 9.34 15.07 -34.97
C ILE A 1076 7.89 14.64 -34.73
N ASN A 1077 6.93 15.46 -35.16
CA ASN A 1077 5.52 15.13 -34.99
C ASN A 1077 5.06 13.99 -35.90
N HIS A 1078 5.87 13.58 -36.88
CA HIS A 1078 5.50 12.44 -37.71
C HIS A 1078 5.61 11.12 -36.94
N GLY A 1079 6.45 11.06 -35.92
CA GLY A 1079 6.68 9.84 -35.19
C GLY A 1079 7.63 8.91 -35.93
N ILE A 1080 8.84 9.42 -36.21
CA ILE A 1080 9.88 8.66 -36.90
C ILE A 1080 11.22 8.94 -36.23
N ASN A 1081 12.22 8.14 -36.59
CA ASN A 1081 13.58 8.32 -36.12
C ASN A 1081 14.23 9.48 -36.85
N MET A 1082 14.52 10.57 -36.14
CA MET A 1082 15.07 11.76 -36.77
C MET A 1082 16.48 11.55 -37.31
N THR A 1083 17.15 10.47 -36.91
CA THR A 1083 18.43 10.12 -37.53
C THR A 1083 18.27 9.87 -39.03
N TYR A 1084 17.15 9.27 -39.42
CA TYR A 1084 16.90 8.97 -40.82
C TYR A 1084 15.85 9.91 -41.40
N SER A 1085 16.00 11.21 -41.14
CA SER A 1085 15.05 12.18 -41.65
C SER A 1085 15.15 12.30 -43.17
N GLN A 1086 16.37 12.29 -43.71
CA GLN A 1086 16.53 12.31 -45.15
C GLN A 1086 15.96 11.05 -45.79
N ARG A 1087 16.15 9.90 -45.15
CA ARG A 1087 15.67 8.64 -45.71
C ARG A 1087 14.15 8.59 -45.77
N GLU A 1088 13.46 9.22 -44.82
CA GLU A 1088 12.00 9.22 -44.83
C GLU A 1088 11.43 10.00 -46.00
N ALA A 1089 12.13 11.06 -46.42
CA ALA A 1089 11.69 11.80 -47.61
C ALA A 1089 11.92 10.98 -48.87
N LYS A 1090 12.93 10.10 -48.87
CA LYS A 1090 13.14 9.22 -50.01
C LYS A 1090 12.01 8.19 -50.13
N LYS A 1091 11.58 7.61 -49.01
CA LYS A 1091 10.47 6.68 -49.06
C LYS A 1091 9.15 7.37 -49.40
N ALA A 1092 9.02 8.67 -49.08
CA ALA A 1092 7.78 9.38 -49.37
C ALA A 1092 7.56 9.50 -50.88
N VAL A 1093 8.61 9.82 -51.63
CA VAL A 1093 8.47 9.95 -53.08
C VAL A 1093 8.40 8.57 -53.73
N GLU A 1094 9.17 7.60 -53.22
CA GLU A 1094 9.17 6.27 -53.81
C GLU A 1094 7.84 5.54 -53.60
N ALA A 1095 7.05 5.93 -52.60
CA ALA A 1095 5.76 5.31 -52.33
C ALA A 1095 4.58 6.09 -52.92
N GLY A 1096 4.85 7.13 -53.70
CA GLY A 1096 3.78 7.95 -54.24
C GLY A 1096 3.10 8.87 -53.24
N TYR A 1097 3.68 9.03 -52.05
CA TYR A 1097 3.07 9.87 -51.03
C TYR A 1097 3.35 11.35 -51.28
N TRP A 1098 4.53 11.67 -51.80
CA TRP A 1098 4.91 13.04 -52.07
C TRP A 1098 5.41 13.13 -53.51
N PRO A 1099 4.85 14.03 -54.33
CA PRO A 1099 5.27 14.13 -55.72
C PRO A 1099 6.46 15.07 -55.91
N LEU A 1100 7.18 14.84 -57.00
CA LEU A 1100 8.28 15.70 -57.43
C LEU A 1100 7.99 16.18 -58.84
N TYR A 1101 7.71 17.47 -58.98
CA TYR A 1101 7.41 18.07 -60.28
C TYR A 1101 7.95 19.49 -60.33
N ARG A 1102 7.95 20.06 -61.53
CA ARG A 1102 8.34 21.45 -61.75
C ARG A 1102 7.47 22.04 -62.86
N TYR A 1103 6.80 23.15 -62.56
CA TYR A 1103 5.97 23.87 -63.51
C TYR A 1103 6.65 25.18 -63.88
N ASN A 1104 7.20 25.24 -65.09
CA ASN A 1104 7.97 26.40 -65.55
C ASN A 1104 7.17 27.19 -66.59
N PRO A 1105 6.66 28.38 -66.24
CA PRO A 1105 5.94 29.17 -67.26
C PRO A 1105 6.80 29.58 -68.43
N GLN A 1106 8.14 29.64 -68.26
CA GLN A 1106 9.01 30.02 -69.35
C GLN A 1106 9.03 28.98 -70.47
N LEU A 1107 8.80 27.71 -70.13
CA LEU A 1107 8.74 26.67 -71.16
C LEU A 1107 7.54 26.88 -72.09
N ALA A 1108 6.46 27.47 -71.60
CA ALA A 1108 5.31 27.71 -72.45
C ALA A 1108 5.63 28.73 -73.54
N GLN A 1109 6.40 29.77 -73.21
CA GLN A 1109 6.81 30.74 -74.22
C GLN A 1109 7.80 30.15 -75.22
N GLU A 1110 8.52 29.10 -74.83
CA GLU A 1110 9.44 28.42 -75.75
C GLU A 1110 8.76 27.28 -76.50
N GLY A 1111 7.43 27.19 -76.46
CA GLY A 1111 6.71 26.17 -77.18
C GLY A 1111 6.68 24.80 -76.53
N LYS A 1112 7.20 24.67 -75.32
CA LYS A 1112 7.27 23.38 -74.64
C LYS A 1112 6.18 23.25 -73.59
N ASN A 1113 6.07 22.04 -73.03
CA ASN A 1113 5.10 21.77 -71.98
C ASN A 1113 5.61 22.36 -70.67
N PRO A 1114 4.85 23.25 -70.02
CA PRO A 1114 5.36 23.83 -68.76
C PRO A 1114 5.47 22.84 -67.62
N PHE A 1115 4.67 21.78 -67.61
CA PHE A 1115 4.65 20.82 -66.51
C PHE A 1115 5.63 19.69 -66.80
N ILE A 1116 6.58 19.48 -65.90
CA ILE A 1116 7.54 18.39 -66.01
C ILE A 1116 7.39 17.52 -64.76
N LEU A 1117 7.10 16.24 -64.98
CA LEU A 1117 6.98 15.28 -63.88
C LEU A 1117 8.34 14.65 -63.66
N ASP A 1118 8.97 14.99 -62.53
CA ASP A 1118 10.35 14.56 -62.27
C ASP A 1118 10.44 13.15 -61.71
N TYR A 1119 9.32 12.59 -61.25
CA TYR A 1119 9.29 11.21 -60.76
C TYR A 1119 7.97 10.61 -61.22
N LYS A 1120 8.03 9.73 -62.22
CA LYS A 1120 6.82 9.23 -62.87
C LYS A 1120 6.34 7.91 -62.28
N THR A 1121 7.25 6.96 -62.08
CA THR A 1121 6.87 5.62 -61.64
C THR A 1121 7.41 5.35 -60.24
N PRO A 1122 6.55 5.25 -59.24
CA PRO A 1122 7.01 4.88 -57.89
C PRO A 1122 7.32 3.40 -57.80
N THR A 1123 8.31 3.07 -56.96
CA THR A 1123 8.77 1.70 -56.82
C THR A 1123 8.47 1.11 -55.44
N ALA A 1124 8.11 1.93 -54.46
CA ALA A 1124 7.83 1.46 -53.12
C ALA A 1124 6.32 1.39 -52.89
N SER A 1125 5.93 0.62 -51.88
CA SER A 1125 4.52 0.48 -51.55
C SER A 1125 4.03 1.69 -50.76
N PHE A 1126 2.87 2.20 -51.15
CA PHE A 1126 2.28 3.33 -50.46
C PHE A 1126 1.87 2.94 -49.05
N ARG A 1127 1.32 1.74 -48.89
CA ARG A 1127 0.85 1.31 -47.59
C ARG A 1127 2.00 1.10 -46.61
N ASP A 1128 3.16 0.66 -47.12
CA ASP A 1128 4.35 0.49 -46.29
C ASP A 1128 4.93 1.81 -45.78
N PHE A 1129 4.80 2.90 -46.54
CA PHE A 1129 5.32 4.18 -46.06
C PHE A 1129 4.49 4.71 -44.89
N LEU A 1130 3.18 4.48 -44.92
CA LEU A 1130 2.35 4.89 -43.80
C LEU A 1130 2.72 4.14 -42.54
N MET A 1131 3.16 2.88 -42.68
CA MET A 1131 3.52 2.06 -41.53
C MET A 1131 4.82 2.49 -40.88
N GLY A 1132 5.62 3.34 -41.53
CA GLY A 1132 6.85 3.82 -40.97
C GLY A 1132 6.77 5.07 -40.11
N GLU A 1133 5.57 5.61 -39.90
CA GLU A 1133 5.37 6.82 -39.12
C GLU A 1133 4.27 6.60 -38.09
N ILE A 1134 4.50 7.07 -36.86
CA ILE A 1134 3.56 6.84 -35.78
C ILE A 1134 2.24 7.57 -36.04
N ARG A 1135 2.29 8.69 -36.77
CA ARG A 1135 1.08 9.47 -37.03
C ARG A 1135 0.05 8.70 -37.85
N TYR A 1136 0.41 7.55 -38.41
CA TYR A 1136 -0.54 6.67 -39.09
C TYR A 1136 -0.80 5.35 -38.37
N THR A 1137 0.18 4.84 -37.61
CA THR A 1137 0.01 3.57 -36.92
C THR A 1137 -0.92 3.68 -35.71
N SER A 1138 -1.02 4.87 -35.12
CA SER A 1138 -1.91 5.08 -33.98
C SER A 1138 -3.38 4.93 -34.34
N LEU A 1139 -3.73 5.02 -35.62
CA LEU A 1139 -5.13 4.84 -36.02
C LEU A 1139 -5.59 3.41 -35.82
N LYS A 1140 -4.72 2.44 -36.03
CA LYS A 1140 -5.08 1.04 -35.86
C LYS A 1140 -5.30 0.69 -34.39
N ALA A 1147 -10.39 2.14 -39.19
CA ALA A 1147 -8.99 2.51 -39.36
C ALA A 1147 -8.47 2.05 -40.71
N GLU A 1148 -8.83 0.81 -41.09
CA GLU A 1148 -8.42 0.26 -42.37
C GLU A 1148 -9.03 1.03 -43.54
N GLN A 1149 -10.21 1.60 -43.34
CA GLN A 1149 -10.86 2.37 -44.41
C GLN A 1149 -10.06 3.60 -44.78
N LEU A 1150 -9.42 4.24 -43.79
CA LEU A 1150 -8.64 5.45 -44.07
C LEU A 1150 -7.35 5.12 -44.83
N PHE A 1151 -6.74 3.97 -44.54
CA PHE A 1151 -5.53 3.58 -45.27
C PHE A 1151 -5.84 3.32 -46.74
N ALA A 1152 -6.99 2.69 -47.03
CA ALA A 1152 -7.37 2.43 -48.41
C ALA A 1152 -7.71 3.72 -49.15
N LYS A 1153 -8.32 4.68 -48.45
CA LYS A 1153 -8.62 5.97 -49.06
C LYS A 1153 -7.35 6.76 -49.35
N ALA A 1154 -6.35 6.67 -48.47
CA ALA A 1154 -5.11 7.40 -48.70
C ALA A 1154 -4.36 6.89 -49.92
N GLU A 1155 -4.39 5.57 -50.15
CA GLU A 1155 -3.68 5.01 -51.31
C GLU A 1155 -4.41 5.33 -52.61
N ALA A 1156 -5.74 5.35 -52.58
CA ALA A 1156 -6.50 5.70 -53.78
C ALA A 1156 -6.31 7.15 -54.17
N ASP A 1157 -6.16 8.04 -53.19
CA ASP A 1157 -5.92 9.45 -53.51
C ASP A 1157 -4.52 9.67 -54.08
N ALA A 1158 -3.54 8.87 -53.64
CA ALA A 1158 -2.19 9.02 -54.16
C ALA A 1158 -2.09 8.53 -55.60
N LYS A 1159 -2.87 7.51 -55.97
CA LYS A 1159 -2.84 7.04 -57.35
C LYS A 1159 -3.55 8.01 -58.29
N ALA A 1160 -4.68 8.57 -57.85
CA ALA A 1160 -5.38 9.56 -58.67
C ALA A 1160 -4.59 10.85 -58.83
N ARG A 1161 -3.83 11.23 -57.81
CA ARG A 1161 -2.99 12.42 -57.92
C ARG A 1161 -1.81 12.18 -58.86
N LEU A 1162 -1.21 11.00 -58.79
CA LEU A 1162 -0.10 10.67 -59.68
C LEU A 1162 -0.56 10.54 -61.12
N GLU A 1163 -1.73 9.91 -61.34
CA GLU A 1163 -2.26 9.78 -62.69
C GLU A 1163 -2.65 11.13 -63.28
N GLN A 1164 -3.03 12.09 -62.43
CA GLN A 1164 -3.36 13.43 -62.93
C GLN A 1164 -2.11 14.16 -63.37
N TYR A 1165 -0.98 13.95 -62.66
CA TYR A 1165 0.27 14.57 -63.06
C TYR A 1165 0.80 13.97 -64.34
N LYS A 1166 0.49 12.70 -64.59
CA LYS A 1166 0.83 12.08 -65.87
C LYS A 1166 0.02 12.69 -67.01
N LYS A 1167 -1.21 13.10 -66.72
CA LYS A 1167 -2.05 13.72 -67.75
C LYS A 1167 -1.55 15.11 -68.12
N LEU A 1168 -1.10 15.88 -67.13
CA LEU A 1168 -0.57 17.21 -67.42
C LEU A 1168 0.73 17.15 -68.19
N ALA A 1169 1.52 16.08 -68.02
CA ALA A 1169 2.77 15.96 -68.75
C ALA A 1169 2.58 15.39 -70.14
N GLU A 1170 1.61 14.50 -70.32
CA GLU A 1170 1.35 13.90 -71.62
C GLU A 1170 0.56 14.85 -72.53
N PRO B 2 -2.94 78.06 -54.30
CA PRO B 2 -4.13 78.56 -55.00
C PRO B 2 -5.41 78.12 -54.31
N LYS B 3 -6.55 78.63 -54.76
CA LYS B 3 -7.85 78.26 -54.23
C LYS B 3 -8.49 77.26 -55.18
N GLN B 4 -8.93 76.12 -54.63
CA GLN B 4 -9.66 75.14 -55.41
C GLN B 4 -10.82 74.61 -54.58
N THR B 5 -11.84 74.10 -55.26
CA THR B 5 -13.00 73.50 -54.62
C THR B 5 -12.81 71.99 -54.63
N LEU B 6 -12.57 71.41 -53.46
CA LEU B 6 -12.32 69.99 -53.31
C LEU B 6 -13.21 69.45 -52.20
N ASP B 7 -13.22 68.12 -52.08
CA ASP B 7 -13.81 67.46 -50.93
C ASP B 7 -12.71 66.96 -50.01
N GLY B 8 -13.12 66.48 -48.84
CA GLY B 8 -12.13 65.99 -47.88
C GLY B 8 -11.25 64.90 -48.44
N ASN B 9 -11.83 63.95 -49.16
CA ASN B 9 -11.05 62.85 -49.71
C ASN B 9 -9.96 63.37 -50.65
N THR B 10 -10.31 64.29 -51.56
CA THR B 10 -9.34 64.82 -52.49
C THR B 10 -8.28 65.65 -51.77
N ALA B 11 -8.68 66.43 -50.78
CA ALA B 11 -7.71 67.21 -50.00
C ALA B 11 -6.69 66.29 -49.33
N ALA B 12 -7.16 65.16 -48.78
CA ALA B 12 -6.24 64.23 -48.13
C ALA B 12 -5.34 63.54 -49.16
N ALA B 13 -5.94 63.07 -50.26
CA ALA B 13 -5.17 62.41 -51.30
C ALA B 13 -4.13 63.34 -51.91
N HIS B 14 -4.44 64.64 -51.99
CA HIS B 14 -3.48 65.62 -52.50
C HIS B 14 -2.19 65.59 -51.71
N VAL B 15 -2.29 65.59 -50.38
CA VAL B 15 -1.10 65.59 -49.54
C VAL B 15 -0.48 64.20 -49.45
N ALA B 16 -1.31 63.16 -49.29
CA ALA B 16 -0.78 61.80 -49.20
C ALA B 16 -0.01 61.43 -50.46
N TYR B 17 -0.50 61.84 -51.63
CA TYR B 17 0.19 61.55 -52.88
C TYR B 17 1.56 62.20 -52.91
N ALA B 18 1.65 63.46 -52.46
CA ALA B 18 2.92 64.19 -52.54
C ALA B 18 3.98 63.60 -51.63
N MET B 19 3.58 63.07 -50.47
CA MET B 19 4.50 62.68 -49.42
C MET B 19 4.83 61.19 -49.43
N SER B 20 4.27 60.41 -50.34
CA SER B 20 4.40 58.97 -50.30
C SER B 20 4.95 58.44 -51.62
N GLU B 21 5.68 57.33 -51.54
CA GLU B 21 6.15 56.59 -52.70
C GLU B 21 5.24 55.43 -53.06
N VAL B 22 4.72 54.72 -52.06
CA VAL B 22 3.89 53.55 -52.27
C VAL B 22 2.56 53.78 -51.57
N ALA B 23 1.49 53.24 -52.16
CA ALA B 23 0.17 53.22 -51.54
C ALA B 23 -0.44 51.85 -51.82
N THR B 24 -0.47 50.99 -50.80
CA THR B 24 -1.12 49.69 -50.91
C THR B 24 -2.51 49.80 -50.31
N ILE B 25 -3.53 49.53 -51.12
CA ILE B 25 -4.89 49.92 -50.80
C ILE B 25 -5.85 48.75 -51.04
N TYR B 26 -7.07 48.92 -50.53
CA TYR B 26 -8.22 48.07 -50.77
C TYR B 26 -9.41 48.99 -50.57
N PRO B 27 -10.38 48.99 -51.48
CA PRO B 27 -11.42 50.03 -51.44
C PRO B 27 -12.49 49.76 -50.40
N ILE B 28 -12.91 50.83 -49.71
CA ILE B 28 -14.08 50.78 -48.83
C ILE B 28 -14.66 52.18 -48.67
N THR B 29 -15.98 52.28 -48.88
CA THR B 29 -16.68 53.54 -48.69
C THR B 29 -16.59 53.95 -47.22
N PRO B 30 -16.40 55.25 -46.91
CA PRO B 30 -16.24 56.36 -47.84
C PRO B 30 -14.78 56.79 -48.07
N SER B 31 -13.83 55.86 -47.89
CA SER B 31 -12.41 56.18 -48.06
C SER B 31 -11.90 55.87 -49.46
N SER B 32 -12.57 55.01 -50.22
CA SER B 32 -12.06 54.60 -51.52
C SER B 32 -11.90 55.74 -52.52
N PRO B 33 -12.68 56.83 -52.50
CA PRO B 33 -12.37 57.95 -53.40
C PRO B 33 -10.95 58.46 -53.26
N MET B 34 -10.36 58.36 -52.07
CA MET B 34 -8.96 58.72 -51.90
C MET B 34 -8.06 57.84 -52.76
N ALA B 35 -8.27 56.53 -52.71
CA ALA B 35 -7.43 55.61 -53.49
C ALA B 35 -7.74 55.70 -54.97
N GLU B 36 -8.98 56.02 -55.34
CA GLU B 36 -9.33 56.12 -56.75
C GLU B 36 -8.67 57.33 -57.40
N ILE B 37 -8.75 58.49 -56.75
CA ILE B 37 -8.20 59.70 -57.36
C ILE B 37 -6.67 59.65 -57.33
N ALA B 38 -6.08 58.99 -56.33
CA ALA B 38 -4.64 58.80 -56.35
C ALA B 38 -4.21 57.87 -57.47
N ASP B 39 -5.04 56.87 -57.78
CA ASP B 39 -4.75 55.99 -58.90
C ASP B 39 -4.84 56.75 -60.22
N GLU B 40 -5.82 57.65 -60.35
CA GLU B 40 -5.94 58.44 -61.57
C GLU B 40 -4.77 59.38 -61.76
N TRP B 41 -4.32 60.05 -60.68
CA TRP B 41 -3.20 60.98 -60.78
C TRP B 41 -1.93 60.27 -61.24
N ALA B 42 -1.66 59.09 -60.70
CA ALA B 42 -0.50 58.33 -61.15
C ALA B 42 -0.61 57.97 -62.63
N ALA B 43 -1.82 57.59 -63.06
CA ALA B 43 -2.02 57.27 -64.47
C ALA B 43 -1.78 58.49 -65.36
N HIS B 44 -1.97 59.69 -64.81
CA HIS B 44 -1.75 60.93 -65.53
C HIS B 44 -0.37 61.52 -65.29
N GLY B 45 0.48 60.81 -64.54
CA GLY B 45 1.87 61.19 -64.41
C GLY B 45 2.14 62.30 -63.42
N ARG B 46 1.30 62.44 -62.39
CA ARG B 46 1.58 63.42 -61.35
C ARG B 46 2.80 63.00 -60.54
N LYS B 47 3.70 63.94 -60.31
CA LYS B 47 4.92 63.68 -59.53
C LYS B 47 4.73 64.11 -58.08
N ASN B 48 5.26 63.29 -57.18
CA ASN B 48 5.30 63.62 -55.76
C ASN B 48 6.55 64.47 -55.49
N ILE B 49 6.84 64.73 -54.21
CA ILE B 49 8.01 65.53 -53.88
C ILE B 49 9.31 64.79 -54.12
N PHE B 50 9.25 63.51 -54.49
CA PHE B 50 10.42 62.74 -54.88
C PHE B 50 10.57 62.63 -56.39
N GLY B 51 9.79 63.39 -57.16
CA GLY B 51 9.88 63.42 -58.59
C GLY B 51 9.34 62.23 -59.33
N LYS B 52 8.67 61.31 -58.64
CA LYS B 52 8.12 60.11 -59.26
C LYS B 52 6.62 60.01 -59.00
N THR B 53 5.97 59.11 -59.71
CA THR B 53 4.54 58.87 -59.50
C THR B 53 4.31 57.90 -58.35
N LEU B 54 3.20 58.09 -57.66
CA LEU B 54 2.83 57.19 -56.58
C LEU B 54 2.48 55.82 -57.14
N GLN B 55 2.97 54.77 -56.50
CA GLN B 55 2.65 53.41 -56.90
C GLN B 55 1.46 52.94 -56.06
N VAL B 56 0.34 52.67 -56.73
CA VAL B 56 -0.86 52.19 -56.08
C VAL B 56 -1.00 50.70 -56.37
N ALA B 57 -1.04 49.89 -55.32
CA ALA B 57 -1.17 48.44 -55.43
C ALA B 57 -2.39 48.01 -54.64
N GLU B 58 -3.32 47.33 -55.31
CA GLU B 58 -4.52 46.83 -54.66
C GLU B 58 -4.28 45.41 -54.16
N MET B 59 -4.67 45.14 -52.93
CA MET B 59 -4.51 43.84 -52.32
C MET B 59 -5.84 43.08 -52.36
N GLN B 60 -5.89 41.92 -51.71
CA GLN B 60 -7.13 41.16 -51.66
C GLN B 60 -8.05 41.62 -50.54
N SER B 61 -7.52 42.39 -49.60
CA SER B 61 -8.30 42.93 -48.48
C SER B 61 -7.46 44.01 -47.81
N GLU B 62 -8.08 44.68 -46.83
CA GLU B 62 -7.32 45.67 -46.08
C GLU B 62 -6.29 45.00 -45.17
N ALA B 63 -6.54 43.74 -44.78
CA ALA B 63 -5.52 42.99 -44.05
C ALA B 63 -4.28 42.80 -44.92
N GLY B 64 -4.48 42.38 -46.16
CA GLY B 64 -3.36 42.30 -47.09
C GLY B 64 -2.72 43.65 -47.34
N ALA B 65 -3.54 44.70 -47.37
CA ALA B 65 -3.00 46.05 -47.53
C ALA B 65 -2.12 46.43 -46.34
N ALA B 66 -2.59 46.16 -45.13
CA ALA B 66 -1.84 46.52 -43.93
C ALA B 66 -0.50 45.79 -43.88
N GLY B 67 -0.50 44.49 -44.17
CA GLY B 67 0.75 43.76 -44.20
C GLY B 67 1.70 44.27 -45.27
N ALA B 68 1.16 44.67 -46.41
CA ALA B 68 2.00 45.23 -47.47
C ALA B 68 2.62 46.55 -47.03
N VAL B 69 1.85 47.38 -46.29
CA VAL B 69 2.41 48.62 -45.76
C VAL B 69 3.59 48.31 -44.84
N HIS B 70 3.41 47.33 -43.96
CA HIS B 70 4.48 46.97 -43.03
C HIS B 70 5.73 46.54 -43.77
N GLY B 71 5.59 45.68 -44.77
CA GLY B 71 6.74 45.23 -45.53
C GLY B 71 7.38 46.35 -46.34
N SER B 72 6.56 47.20 -46.94
CA SER B 72 7.08 48.33 -47.71
C SER B 72 7.82 49.32 -46.81
N LEU B 73 7.30 49.55 -45.60
CA LEU B 73 7.97 50.45 -44.66
C LEU B 73 9.27 49.84 -44.17
N ALA B 74 9.23 48.57 -43.77
CA ALA B 74 10.42 47.93 -43.23
C ALA B 74 11.53 47.79 -44.26
N ALA B 75 11.21 47.85 -45.54
CA ALA B 75 12.21 47.73 -46.61
C ALA B 75 12.65 49.08 -47.16
N GLY B 76 12.10 50.18 -46.68
CA GLY B 76 12.62 51.50 -46.95
C GLY B 76 11.83 52.39 -47.89
N ALA B 77 10.52 52.17 -48.05
CA ALA B 77 9.70 53.01 -48.91
C ALA B 77 8.64 53.71 -48.08
N LEU B 78 8.51 55.02 -48.25
CA LEU B 78 7.47 55.77 -47.58
C LEU B 78 6.10 55.34 -48.13
N THR B 79 5.23 54.88 -47.23
CA THR B 79 4.02 54.20 -47.63
C THR B 79 2.83 54.75 -46.87
N THR B 80 1.71 54.92 -47.57
CA THR B 80 0.47 55.38 -46.99
C THR B 80 -0.64 54.42 -47.39
N THR B 81 -1.82 54.65 -46.83
CA THR B 81 -2.97 53.85 -47.20
C THR B 81 -4.22 54.62 -46.80
N PHE B 82 -5.35 54.18 -47.35
CA PHE B 82 -6.64 54.81 -47.11
C PHE B 82 -7.64 53.71 -46.76
N THR B 83 -8.39 53.93 -45.68
CA THR B 83 -9.28 52.89 -45.20
C THR B 83 -10.33 53.52 -44.30
N ALA B 84 -11.21 52.66 -43.76
CA ALA B 84 -12.31 53.07 -42.90
C ALA B 84 -13.02 51.82 -42.39
N SER B 85 -13.68 51.98 -41.25
CA SER B 85 -14.70 51.05 -40.73
C SER B 85 -14.12 49.63 -40.70
N GLN B 86 -14.81 48.65 -41.29
CA GLN B 86 -14.35 47.26 -41.26
C GLN B 86 -12.95 47.13 -41.84
N GLY B 87 -12.59 48.01 -42.77
CA GLY B 87 -11.25 47.98 -43.32
C GLY B 87 -10.19 48.34 -42.30
N LEU B 88 -10.46 49.36 -41.48
CA LEU B 88 -9.51 49.72 -40.44
C LEU B 88 -9.35 48.60 -39.42
N LEU B 89 -10.43 47.87 -39.14
CA LEU B 89 -10.36 46.75 -38.20
C LEU B 89 -9.37 45.69 -38.68
N LEU B 90 -9.45 45.33 -39.96
CA LEU B 90 -8.52 44.33 -40.49
C LEU B 90 -7.07 44.80 -40.48
N MET B 91 -6.83 46.10 -40.40
CA MET B 91 -5.46 46.60 -40.34
C MET B 91 -4.93 46.70 -38.93
N ILE B 92 -5.78 46.52 -37.93
CA ILE B 92 -5.35 46.70 -36.53
C ILE B 92 -4.19 45.80 -36.15
N PRO B 93 -4.19 44.49 -36.49
CA PRO B 93 -3.02 43.67 -36.11
C PRO B 93 -1.69 44.21 -36.63
N ASN B 94 -1.63 44.63 -37.90
CA ASN B 94 -0.38 45.18 -38.41
C ASN B 94 -0.07 46.56 -37.85
N MET B 95 -1.10 47.30 -37.41
CA MET B 95 -0.85 48.59 -36.79
C MET B 95 -0.03 48.43 -35.51
N TYR B 96 -0.30 47.36 -34.75
CA TYR B 96 0.52 47.08 -33.58
C TYR B 96 1.98 46.89 -33.95
N LYS B 97 2.23 46.22 -35.08
CA LYS B 97 3.61 46.00 -35.52
C LYS B 97 4.24 47.30 -36.00
N ILE B 98 3.51 48.06 -36.83
CA ILE B 98 4.06 49.28 -37.42
C ILE B 98 4.40 50.29 -36.33
N ALA B 99 3.53 50.42 -35.32
CA ALA B 99 3.84 51.29 -34.20
C ALA B 99 4.96 50.70 -33.34
N GLY B 100 4.93 49.38 -33.11
CA GLY B 100 5.95 48.77 -32.28
C GLY B 100 7.34 48.91 -32.83
N GLU B 101 7.47 48.93 -34.16
CA GLU B 101 8.76 49.05 -34.83
C GLU B 101 9.12 50.49 -35.14
N LEU B 102 8.28 51.45 -34.73
CA LEU B 102 8.55 52.88 -34.86
C LEU B 102 8.89 53.23 -36.31
N LEU B 103 7.96 52.93 -37.20
CA LEU B 103 8.02 53.17 -38.63
C LEU B 103 7.17 54.38 -38.99
N PRO B 104 7.71 55.36 -39.70
CA PRO B 104 6.91 56.53 -40.08
C PRO B 104 5.82 56.14 -41.07
N CYS B 105 4.62 56.67 -40.84
CA CYS B 105 3.48 56.23 -41.62
C CYS B 105 2.29 57.12 -41.32
N VAL B 106 1.40 57.27 -42.29
CA VAL B 106 0.14 57.97 -42.10
C VAL B 106 -0.97 57.13 -42.73
N PHE B 107 -1.94 56.73 -41.90
CA PHE B 107 -3.20 56.18 -42.39
C PHE B 107 -4.22 57.30 -42.49
N HIS B 108 -4.80 57.49 -43.68
CA HIS B 108 -5.86 58.46 -43.87
C HIS B 108 -7.21 57.73 -43.82
N VAL B 109 -8.05 58.12 -42.87
CA VAL B 109 -9.27 57.40 -42.56
C VAL B 109 -10.46 58.33 -42.70
N ALA B 110 -11.41 57.95 -43.55
CA ALA B 110 -12.71 58.61 -43.59
C ALA B 110 -13.59 57.87 -42.57
N ALA B 111 -13.55 58.35 -41.33
CA ALA B 111 -14.11 57.61 -40.20
C ALA B 111 -15.55 57.21 -40.44
N ARG B 112 -15.84 55.92 -40.29
CA ARG B 112 -17.13 55.35 -40.62
C ARG B 112 -17.57 54.38 -39.53
N ALA B 113 -18.89 54.27 -39.35
CA ALA B 113 -19.46 53.38 -38.35
C ALA B 113 -19.05 51.94 -38.60
N LEU B 114 -19.02 51.16 -37.52
CA LEU B 114 -18.76 49.73 -37.60
C LEU B 114 -20.06 48.96 -37.68
N SER B 115 -19.99 47.78 -38.29
CA SER B 115 -21.18 46.94 -38.47
C SER B 115 -21.49 46.27 -37.14
N THR B 116 -22.65 46.61 -36.56
CA THR B 116 -23.03 46.13 -35.24
C THR B 116 -24.36 45.40 -35.37
N HIS B 117 -25.46 46.00 -34.92
CA HIS B 117 -26.79 45.47 -35.22
C HIS B 117 -27.12 45.60 -36.70
N ALA B 118 -26.37 46.42 -37.43
CA ALA B 118 -26.60 46.64 -38.85
C ALA B 118 -25.33 47.22 -39.44
N LEU B 119 -25.19 47.07 -40.76
CA LEU B 119 -24.12 47.73 -41.49
C LEU B 119 -24.47 49.19 -41.72
N SER B 120 -23.46 50.05 -41.67
CA SER B 120 -23.67 51.47 -41.95
C SER B 120 -22.43 52.00 -42.66
N ILE B 121 -22.63 52.55 -43.87
CA ILE B 121 -21.53 53.14 -44.63
C ILE B 121 -21.21 54.55 -44.18
N PHE B 122 -21.95 55.09 -43.21
CA PHE B 122 -21.90 56.51 -42.89
C PHE B 122 -20.93 56.76 -41.74
N GLY B 123 -20.77 58.03 -41.40
CA GLY B 123 -19.61 58.46 -40.64
C GLY B 123 -19.84 58.54 -39.15
N ASP B 124 -18.89 57.95 -38.41
CA ASP B 124 -18.63 58.29 -37.02
C ASP B 124 -17.25 57.73 -36.69
N HIS B 125 -16.85 57.88 -35.44
CA HIS B 125 -15.48 57.55 -35.03
C HIS B 125 -15.32 56.15 -34.48
N ALA B 126 -16.32 55.27 -34.68
CA ALA B 126 -16.25 53.93 -34.11
C ALA B 126 -15.00 53.19 -34.60
N ASP B 127 -14.66 53.34 -35.88
CA ASP B 127 -13.49 52.63 -36.39
C ASP B 127 -12.20 53.17 -35.79
N VAL B 128 -12.08 54.50 -35.73
CA VAL B 128 -10.86 55.10 -35.19
C VAL B 128 -10.71 54.77 -33.71
N MET B 129 -11.81 54.78 -32.97
CA MET B 129 -11.72 54.50 -31.54
C MET B 129 -11.33 53.05 -31.27
N ALA B 130 -11.63 52.13 -32.17
CA ALA B 130 -11.24 50.73 -31.98
C ALA B 130 -9.73 50.52 -32.13
N ALA B 131 -9.00 51.51 -32.62
CA ALA B 131 -7.56 51.39 -32.81
C ALA B 131 -6.77 52.31 -31.90
N ARG B 132 -7.43 52.97 -30.94
CA ARG B 132 -6.76 53.96 -30.11
C ARG B 132 -5.71 53.34 -29.19
N GLN B 133 -5.62 52.01 -29.13
CA GLN B 133 -4.63 51.35 -28.29
C GLN B 133 -3.52 50.70 -29.11
N THR B 134 -3.44 50.97 -30.41
CA THR B 134 -2.41 50.37 -31.25
C THR B 134 -1.05 51.04 -31.10
N GLY B 135 -1.00 52.25 -30.54
CA GLY B 135 0.23 53.01 -30.51
C GLY B 135 0.40 53.97 -31.66
N PHE B 136 -0.56 54.03 -32.59
CA PHE B 136 -0.56 55.07 -33.60
C PHE B 136 -0.92 56.40 -32.96
N ALA B 137 -0.32 57.47 -33.47
CA ALA B 137 -0.83 58.80 -33.16
C ALA B 137 -2.13 59.03 -33.91
N MET B 138 -2.97 59.90 -33.37
CA MET B 138 -4.29 60.13 -33.95
C MET B 138 -4.57 61.62 -34.03
N LEU B 139 -4.77 62.12 -35.24
CA LEU B 139 -4.96 63.53 -35.51
C LEU B 139 -6.28 63.73 -36.24
N SER B 140 -7.14 64.59 -35.68
CA SER B 140 -8.50 64.77 -36.19
C SER B 140 -8.60 66.13 -36.87
N SER B 141 -9.12 66.13 -38.10
CA SER B 141 -9.36 67.35 -38.85
C SER B 141 -10.86 67.55 -39.01
N ALA B 142 -11.31 68.79 -38.82
CA ALA B 142 -12.73 69.11 -38.70
C ALA B 142 -13.35 69.66 -39.98
N SER B 143 -12.56 70.03 -40.97
CA SER B 143 -13.08 70.63 -42.19
C SER B 143 -12.19 70.26 -43.36
N VAL B 144 -12.68 70.55 -44.57
CA VAL B 144 -11.89 70.25 -45.76
C VAL B 144 -10.56 70.99 -45.73
N GLN B 145 -10.58 72.24 -45.27
CA GLN B 145 -9.33 72.99 -45.14
C GLN B 145 -8.40 72.32 -44.13
N GLU B 146 -8.96 71.82 -43.03
CA GLU B 146 -8.15 71.16 -42.02
C GLU B 146 -7.64 69.81 -42.51
N VAL B 147 -8.42 69.14 -43.36
CA VAL B 147 -7.93 67.90 -43.96
C VAL B 147 -6.67 68.18 -44.76
N MET B 148 -6.68 69.26 -45.55
CA MET B 148 -5.50 69.65 -46.28
C MET B 148 -4.33 69.95 -45.35
N ASP B 149 -4.57 70.77 -44.32
CA ASP B 149 -3.48 71.24 -43.47
C ASP B 149 -2.97 70.12 -42.58
N LEU B 150 -3.87 69.42 -41.89
CA LEU B 150 -3.45 68.43 -40.91
C LEU B 150 -2.94 67.14 -41.53
N ALA B 151 -3.36 66.82 -42.77
CA ALA B 151 -2.71 65.73 -43.49
C ALA B 151 -1.22 66.03 -43.69
N LEU B 152 -0.90 67.28 -44.01
CA LEU B 152 0.51 67.67 -44.10
C LEU B 152 1.19 67.58 -42.73
N VAL B 153 0.49 67.98 -41.67
CA VAL B 153 1.07 67.90 -40.33
C VAL B 153 1.42 66.46 -39.99
N ALA B 154 0.50 65.53 -40.24
CA ALA B 154 0.75 64.13 -39.91
C ALA B 154 1.92 63.57 -40.72
N HIS B 155 1.99 63.89 -42.01
CA HIS B 155 3.07 63.37 -42.83
C HIS B 155 4.42 63.95 -42.41
N LEU B 156 4.44 65.22 -42.00
CA LEU B 156 5.68 65.82 -41.53
C LEU B 156 6.04 65.31 -40.15
N ALA B 157 5.05 65.16 -39.26
CA ALA B 157 5.33 64.79 -37.89
C ALA B 157 5.79 63.33 -37.79
N THR B 158 5.17 62.43 -38.56
CA THR B 158 5.49 61.01 -38.44
C THR B 158 6.94 60.73 -38.83
N LEU B 159 7.49 61.51 -39.77
CA LEU B 159 8.90 61.37 -40.11
C LEU B 159 9.79 61.76 -38.93
N LYS B 160 9.45 62.84 -38.23
CA LYS B 160 10.26 63.30 -37.12
C LYS B 160 10.09 62.43 -35.88
N ALA B 161 8.87 61.98 -35.59
CA ALA B 161 8.60 61.30 -34.34
C ALA B 161 8.83 59.80 -34.40
N ARG B 162 8.87 59.21 -35.60
CA ARG B 162 8.90 57.76 -35.83
C ARG B 162 7.65 57.06 -35.33
N VAL B 163 6.63 57.81 -34.94
CA VAL B 163 5.36 57.25 -34.49
C VAL B 163 4.36 57.38 -35.64
N PRO B 164 3.76 56.29 -36.12
CA PRO B 164 2.84 56.39 -37.23
C PRO B 164 1.55 57.09 -36.82
N PHE B 165 0.89 57.70 -37.80
CA PHE B 165 -0.26 58.56 -37.56
C PHE B 165 -1.50 57.97 -38.22
N VAL B 166 -2.63 58.10 -37.52
CA VAL B 166 -3.93 58.00 -38.14
C VAL B 166 -4.43 59.43 -38.29
N HIS B 167 -4.57 59.88 -39.53
CA HIS B 167 -5.20 61.16 -39.83
C HIS B 167 -6.62 60.86 -40.28
N PHE B 168 -7.61 61.20 -39.46
CA PHE B 168 -8.98 60.84 -39.76
C PHE B 168 -9.86 62.06 -39.81
N PHE B 169 -10.89 61.98 -40.67
CA PHE B 169 -11.87 63.03 -40.84
C PHE B 169 -13.22 62.36 -41.07
N ASP B 170 -14.29 63.07 -40.70
CA ASP B 170 -15.61 62.46 -40.65
C ASP B 170 -16.08 62.00 -42.03
N GLY B 171 -16.46 60.72 -42.10
CA GLY B 171 -16.94 60.14 -43.35
C GLY B 171 -18.21 60.80 -43.83
N PHE B 172 -18.24 61.11 -45.14
CA PHE B 172 -19.31 61.84 -45.80
C PHE B 172 -19.44 63.27 -45.29
N ARG B 173 -19.62 63.47 -43.99
CA ARG B 173 -19.83 64.82 -43.48
C ARG B 173 -18.64 65.73 -43.80
N THR B 174 -17.42 65.18 -43.89
CA THR B 174 -16.25 65.92 -44.33
C THR B 174 -15.60 65.30 -45.56
N SER B 175 -15.60 63.98 -45.67
CA SER B 175 -14.93 63.32 -46.79
C SER B 175 -15.60 63.65 -48.12
N HIS B 176 -16.92 63.83 -48.12
CA HIS B 176 -17.68 64.13 -49.32
C HIS B 176 -18.22 65.54 -49.35
N GLU B 177 -17.88 66.37 -48.36
CA GLU B 177 -18.27 67.77 -48.37
C GLU B 177 -17.32 68.53 -49.28
N VAL B 178 -17.87 69.21 -50.27
CA VAL B 178 -17.07 69.99 -51.20
C VAL B 178 -16.94 71.40 -50.66
N GLN B 179 -15.70 71.89 -50.62
CA GLN B 179 -15.41 73.23 -50.12
C GLN B 179 -14.30 73.85 -50.93
N LYS B 180 -14.38 75.16 -51.09
CA LYS B 180 -13.29 75.93 -51.67
C LYS B 180 -12.25 76.17 -50.58
N ILE B 181 -11.03 75.69 -50.80
CA ILE B 181 -9.98 75.75 -49.80
C ILE B 181 -8.70 76.28 -50.43
N ASP B 182 -7.78 76.67 -49.55
CA ASP B 182 -6.43 77.00 -49.94
C ASP B 182 -5.64 75.70 -50.08
N VAL B 183 -5.11 75.44 -51.28
CA VAL B 183 -4.38 74.22 -51.56
C VAL B 183 -2.89 74.48 -51.41
N ILE B 184 -2.21 73.62 -50.67
CA ILE B 184 -0.79 73.78 -50.39
C ILE B 184 0.01 73.17 -51.54
N GLU B 185 0.97 73.92 -52.07
CA GLU B 185 1.78 73.46 -53.19
C GLU B 185 2.72 72.34 -52.75
N TYR B 186 2.93 71.37 -53.64
CA TYR B 186 3.90 70.31 -53.36
C TYR B 186 5.28 70.88 -53.11
N GLU B 187 5.65 71.93 -53.84
CA GLU B 187 6.97 72.55 -53.63
C GLU B 187 7.09 73.12 -52.22
N ASP B 188 6.00 73.63 -51.65
CA ASP B 188 6.06 74.14 -50.28
C ASP B 188 6.13 73.02 -49.27
N MET B 189 5.47 71.89 -49.53
CA MET B 189 5.60 70.73 -48.65
C MET B 189 7.05 70.27 -48.58
N ALA B 190 7.71 70.17 -49.75
CA ALA B 190 9.09 69.70 -49.78
C ALA B 190 10.02 70.66 -49.03
N LYS B 191 9.64 71.94 -48.93
CA LYS B 191 10.48 72.88 -48.20
C LYS B 191 10.38 72.71 -46.68
N LEU B 192 9.39 71.96 -46.19
CA LEU B 192 9.25 71.74 -44.75
C LEU B 192 9.68 70.35 -44.29
N VAL B 193 9.88 69.41 -45.22
CA VAL B 193 10.18 68.04 -44.84
C VAL B 193 11.54 67.94 -44.18
N ASP B 194 11.65 67.10 -43.15
CA ASP B 194 12.92 66.77 -42.53
C ASP B 194 13.58 65.70 -43.40
N TRP B 195 14.43 66.14 -44.34
CA TRP B 195 15.09 65.21 -45.23
C TRP B 195 16.11 64.35 -44.50
N ASP B 196 16.69 64.86 -43.41
CA ASP B 196 17.55 64.03 -42.58
C ASP B 196 16.78 62.85 -42.02
N ALA B 197 15.54 63.08 -41.57
CA ALA B 197 14.74 61.99 -41.02
C ALA B 197 14.39 60.95 -42.08
N ILE B 198 14.20 61.38 -43.33
CA ILE B 198 13.91 60.42 -44.39
C ILE B 198 15.14 59.55 -44.66
N ARG B 199 16.32 60.17 -44.72
CA ARG B 199 17.53 59.39 -44.98
C ARG B 199 17.82 58.42 -43.84
N ALA B 200 17.59 58.86 -42.59
CA ALA B 200 17.77 57.93 -41.47
C ALA B 200 16.79 56.78 -41.56
N PHE B 201 15.58 57.03 -42.05
CA PHE B 201 14.61 55.97 -42.28
C PHE B 201 15.13 54.98 -43.33
N ARG B 202 15.84 55.48 -44.33
CA ARG B 202 16.41 54.59 -45.35
C ARG B 202 17.51 53.70 -44.77
N GLN B 203 18.29 54.23 -43.81
CA GLN B 203 19.40 53.45 -43.27
C GLN B 203 18.93 52.26 -42.45
N ARG B 204 17.77 52.36 -41.83
CA ARG B 204 17.21 51.29 -41.02
C ARG B 204 16.56 50.19 -41.86
N ALA B 205 16.51 50.33 -43.17
CA ALA B 205 15.75 49.41 -44.00
C ALA B 205 16.38 48.02 -44.03
N LEU B 206 15.52 47.02 -44.25
CA LEU B 206 15.98 45.66 -44.49
C LEU B 206 16.83 45.63 -45.75
N ASN B 207 18.09 45.21 -45.62
CA ASN B 207 18.96 45.15 -46.77
C ASN B 207 20.04 44.11 -46.50
N PRO B 208 20.28 43.19 -47.42
CA PRO B 208 21.30 42.15 -47.18
C PRO B 208 22.72 42.68 -47.06
N GLU B 209 23.00 43.91 -47.48
CA GLU B 209 24.36 44.44 -47.37
C GLU B 209 24.62 45.12 -46.03
N HIS B 210 23.59 45.35 -45.22
CA HIS B 210 23.76 45.74 -43.82
C HIS B 210 22.61 45.14 -43.03
N PRO B 211 22.64 43.83 -42.79
CA PRO B 211 21.43 43.13 -42.33
C PRO B 211 21.14 43.31 -40.85
N HIS B 212 19.89 43.02 -40.52
CA HIS B 212 19.41 43.02 -39.14
C HIS B 212 18.22 42.08 -39.05
N GLN B 213 17.77 41.82 -37.83
CA GLN B 213 16.61 41.00 -37.56
C GLN B 213 15.59 41.84 -36.82
N ARG B 214 14.33 41.75 -37.25
CA ARG B 214 13.23 42.46 -36.59
C ARG B 214 12.04 41.51 -36.49
N GLY B 215 11.18 41.80 -35.52
CA GLY B 215 10.03 40.94 -35.30
C GLY B 215 10.32 39.64 -34.58
N THR B 216 11.22 39.67 -33.60
CA THR B 216 11.57 38.46 -32.87
C THR B 216 10.45 38.04 -31.93
N ALA B 217 10.59 36.84 -31.38
CA ALA B 217 9.73 36.36 -30.29
C ALA B 217 10.51 36.46 -28.98
N GLN B 218 9.87 36.99 -27.94
CA GLN B 218 10.57 37.31 -26.71
C GLN B 218 9.92 36.69 -25.49
N ASN B 219 10.76 36.29 -24.55
CA ASN B 219 10.35 35.65 -23.30
C ASN B 219 9.96 36.71 -22.28
N PRO B 220 9.41 36.29 -21.13
CA PRO B 220 9.05 37.27 -20.09
C PRO B 220 10.22 38.07 -19.54
N ASP B 221 11.46 37.65 -19.80
CA ASP B 221 12.60 38.31 -19.16
C ASP B 221 12.85 39.71 -19.73
N ILE B 222 12.49 39.97 -20.99
CA ILE B 222 12.88 41.23 -21.62
C ILE B 222 11.71 41.93 -22.32
N TYR B 223 10.56 41.27 -22.39
CA TYR B 223 9.46 41.83 -23.19
C TYR B 223 8.93 43.13 -22.58
N PHE B 224 8.72 43.14 -21.27
CA PHE B 224 8.20 44.34 -20.61
C PHE B 224 9.15 45.51 -20.80
N GLN B 225 10.44 45.31 -20.49
CA GLN B 225 11.42 46.38 -20.68
C GLN B 225 11.43 46.84 -22.13
N SER B 226 11.46 45.88 -23.06
CA SER B 226 11.53 46.24 -24.48
C SER B 226 10.32 47.03 -24.91
N ARG B 227 9.16 46.78 -24.31
CA ARG B 227 7.97 47.54 -24.66
C ARG B 227 8.04 48.97 -24.12
N GLU B 228 8.66 49.16 -22.94
CA GLU B 228 8.79 50.49 -22.37
C GLU B 228 9.93 51.29 -22.98
N ALA B 229 10.77 50.67 -23.80
CA ALA B 229 11.91 51.36 -24.38
C ALA B 229 11.49 52.42 -25.39
N ALA B 230 10.25 52.38 -25.87
CA ALA B 230 9.74 53.35 -26.82
C ALA B 230 9.10 54.56 -26.15
N ASN B 231 9.06 54.61 -24.81
CA ASN B 231 8.45 55.75 -24.13
C ASN B 231 8.99 57.11 -24.60
N PRO B 232 10.30 57.32 -24.77
CA PRO B 232 10.77 58.65 -25.21
C PRO B 232 10.15 59.12 -26.51
N TYR B 233 9.91 58.22 -27.46
CA TYR B 233 9.31 58.64 -28.73
C TYR B 233 7.88 59.13 -28.52
N TYR B 234 7.14 58.50 -27.61
CA TYR B 234 5.77 58.96 -27.35
C TYR B 234 5.74 60.22 -26.50
N LEU B 235 6.70 60.37 -25.58
CA LEU B 235 6.78 61.60 -24.81
C LEU B 235 7.14 62.79 -25.70
N ALA B 236 7.90 62.56 -26.78
CA ALA B 236 8.33 63.65 -27.65
C ALA B 236 7.33 63.97 -28.74
N THR B 237 6.38 63.08 -29.03
CA THR B 237 5.47 63.31 -30.15
C THR B 237 4.62 64.56 -30.00
N PRO B 238 4.05 64.89 -28.83
CA PRO B 238 3.32 66.17 -28.74
C PRO B 238 4.13 67.39 -29.14
N GLY B 239 5.37 67.52 -28.63
CA GLY B 239 6.17 68.68 -28.99
C GLY B 239 6.51 68.70 -30.46
N ILE B 240 6.75 67.54 -31.06
CA ILE B 240 7.03 67.46 -32.49
C ILE B 240 5.81 67.92 -33.29
N VAL B 241 4.63 67.44 -32.93
CA VAL B 241 3.42 67.87 -33.63
C VAL B 241 3.21 69.37 -33.46
N ALA B 242 3.46 69.89 -32.25
CA ALA B 242 3.29 71.32 -32.02
C ALA B 242 4.22 72.13 -32.92
N GLN B 243 5.48 71.71 -33.05
CA GLN B 243 6.43 72.43 -33.89
C GLN B 243 6.08 72.30 -35.36
N VAL B 244 5.63 71.12 -35.80
CA VAL B 244 5.21 70.96 -37.18
C VAL B 244 4.01 71.87 -37.47
N MET B 245 3.07 71.97 -36.53
CA MET B 245 1.94 72.86 -36.70
C MET B 245 2.40 74.31 -36.86
N GLU B 246 3.49 74.70 -36.21
CA GLU B 246 3.98 76.07 -36.37
C GLU B 246 4.63 76.27 -37.73
N GLN B 247 5.27 75.25 -38.30
CA GLN B 247 5.77 75.37 -39.66
C GLN B 247 4.62 75.66 -40.62
N VAL B 248 3.54 74.89 -40.49
CA VAL B 248 2.37 75.09 -41.34
C VAL B 248 1.77 76.47 -41.09
N ALA B 249 1.82 76.93 -39.83
CA ALA B 249 1.31 78.25 -39.50
C ALA B 249 2.07 79.34 -40.25
N GLY B 250 3.40 79.24 -40.25
CA GLY B 250 4.19 80.22 -40.97
C GLY B 250 3.99 80.19 -42.47
N LEU B 251 3.67 79.01 -43.01
CA LEU B 251 3.45 78.88 -44.44
C LEU B 251 2.06 79.36 -44.84
N THR B 252 1.03 78.96 -44.08
CA THR B 252 -0.35 79.21 -44.48
C THR B 252 -1.03 80.34 -43.73
N GLY B 253 -0.56 80.69 -42.53
CA GLY B 253 -1.25 81.63 -41.69
C GLY B 253 -2.32 81.03 -40.79
N ARG B 254 -2.61 79.74 -40.92
CA ARG B 254 -3.63 79.07 -40.12
C ARG B 254 -2.96 78.36 -38.95
N HIS B 255 -3.38 78.71 -37.72
CA HIS B 255 -2.68 78.30 -36.52
C HIS B 255 -3.44 77.15 -35.86
N TYR B 256 -2.83 75.97 -35.87
CA TYR B 256 -3.40 74.79 -35.21
C TYR B 256 -2.58 74.48 -33.96
N HIS B 257 -3.25 73.90 -32.97
CA HIS B 257 -2.60 73.42 -31.77
C HIS B 257 -3.15 72.04 -31.45
N LEU B 258 -2.46 71.33 -30.55
CA LEU B 258 -2.94 70.02 -30.15
C LEU B 258 -4.37 70.10 -29.62
N PHE B 259 -4.67 71.17 -28.89
CA PHE B 259 -6.03 71.50 -28.48
C PHE B 259 -6.24 72.98 -28.75
N ASP B 260 -7.33 73.31 -29.44
CA ASP B 260 -7.67 74.69 -29.73
C ASP B 260 -8.92 75.11 -28.96
N TYR B 261 -8.96 76.38 -28.58
CA TYR B 261 -10.06 76.93 -27.83
C TYR B 261 -10.77 78.01 -28.65
N ALA B 262 -12.09 78.04 -28.53
CA ALA B 262 -12.92 79.06 -29.14
C ALA B 262 -14.05 79.38 -28.17
N GLY B 263 -14.36 80.66 -28.01
CA GLY B 263 -15.45 81.09 -27.18
C GLY B 263 -15.03 82.19 -26.22
N ALA B 264 -15.87 82.42 -25.22
CA ALA B 264 -15.63 83.50 -24.28
C ALA B 264 -14.36 83.23 -23.48
N PRO B 265 -13.52 84.24 -23.25
CA PRO B 265 -12.34 84.04 -22.40
C PRO B 265 -12.71 83.73 -20.96
N ASP B 266 -13.90 84.13 -20.53
CA ASP B 266 -14.41 83.86 -19.19
C ASP B 266 -15.56 82.85 -19.22
N ALA B 267 -15.48 81.87 -20.12
CA ALA B 267 -16.55 80.90 -20.26
C ALA B 267 -16.65 80.04 -19.00
N GLU B 268 -17.89 79.68 -18.65
CA GLU B 268 -18.16 78.77 -17.55
C GLU B 268 -18.64 77.41 -18.01
N ARG B 269 -19.19 77.31 -19.22
CA ARG B 269 -19.64 76.06 -19.80
C ARG B 269 -18.88 75.84 -21.10
N VAL B 270 -18.20 74.70 -21.21
CA VAL B 270 -17.33 74.42 -22.35
C VAL B 270 -17.64 73.03 -22.89
N ILE B 271 -17.70 72.90 -24.21
CA ILE B 271 -17.85 71.62 -24.89
C ILE B 271 -16.47 71.18 -25.40
N VAL B 272 -16.11 69.94 -25.14
CA VAL B 272 -14.91 69.32 -25.69
C VAL B 272 -15.35 68.34 -26.77
N SER B 273 -14.81 68.47 -27.97
CA SER B 273 -15.28 67.67 -29.10
C SER B 273 -14.15 67.48 -30.10
N MET B 274 -14.48 66.77 -31.18
CA MET B 274 -13.50 66.25 -32.12
C MET B 274 -14.16 66.09 -33.48
N GLY B 275 -13.43 66.34 -34.54
CA GLY B 275 -13.98 66.19 -35.88
C GLY B 275 -14.86 67.37 -36.29
N SER B 276 -15.69 67.12 -37.30
CA SER B 276 -16.46 68.20 -37.91
C SER B 276 -17.47 68.81 -36.94
N SER B 277 -17.81 68.12 -35.84
CA SER B 277 -18.68 68.73 -34.85
C SER B 277 -18.10 70.03 -34.32
N CYS B 278 -16.77 70.15 -34.33
CA CYS B 278 -16.13 71.36 -33.84
C CYS B 278 -16.54 72.57 -34.66
N GLU B 279 -16.74 72.39 -35.97
CA GLU B 279 -17.21 73.47 -36.82
C GLU B 279 -18.61 73.92 -36.42
N VAL B 280 -19.52 72.96 -36.26
CA VAL B 280 -20.89 73.26 -35.87
C VAL B 280 -20.92 73.96 -34.51
N ILE B 281 -20.06 73.52 -33.59
CA ILE B 281 -20.09 74.07 -32.24
C ILE B 281 -19.52 75.48 -32.23
N GLU B 282 -18.44 75.73 -32.95
CA GLU B 282 -17.87 77.07 -32.96
C GLU B 282 -18.83 78.07 -33.59
N GLU B 283 -19.51 77.68 -34.67
CA GLU B 283 -20.53 78.55 -35.24
C GLU B 283 -21.61 78.87 -34.20
N THR B 284 -22.05 77.86 -33.45
CA THR B 284 -23.03 78.09 -32.41
C THR B 284 -22.47 78.95 -31.29
N VAL B 285 -21.21 78.71 -30.91
CA VAL B 285 -20.58 79.47 -29.83
C VAL B 285 -20.51 80.94 -30.18
N ASN B 286 -20.13 81.27 -31.41
CA ASN B 286 -20.14 82.67 -31.83
C ASN B 286 -21.52 83.28 -31.62
N TYR B 287 -22.56 82.55 -31.99
CA TYR B 287 -23.93 83.05 -31.84
C TYR B 287 -24.28 83.26 -30.38
N LEU B 288 -23.89 82.32 -29.51
CA LEU B 288 -24.24 82.45 -28.09
C LEU B 288 -23.39 83.49 -27.38
N VAL B 289 -22.09 83.54 -27.68
CA VAL B 289 -21.22 84.53 -27.03
C VAL B 289 -21.68 85.94 -27.36
N GLU B 290 -22.09 86.17 -28.60
CA GLU B 290 -22.62 87.47 -28.99
C GLU B 290 -23.91 87.78 -28.23
N LYS B 291 -24.67 86.75 -27.85
CA LYS B 291 -25.86 86.93 -27.05
C LYS B 291 -25.57 87.06 -25.56
N GLY B 292 -24.30 87.00 -25.16
CA GLY B 292 -23.93 87.23 -23.78
C GLY B 292 -23.67 85.98 -22.96
N GLU B 293 -23.88 84.80 -23.52
CA GLU B 293 -23.66 83.56 -22.80
C GLU B 293 -22.17 83.27 -22.68
N LYS B 294 -21.76 82.78 -21.52
CA LYS B 294 -20.35 82.46 -21.25
C LYS B 294 -20.08 81.01 -21.60
N VAL B 295 -19.88 80.77 -22.89
CA VAL B 295 -19.69 79.42 -23.43
C VAL B 295 -18.42 79.39 -24.26
N GLY B 296 -17.90 78.18 -24.42
CA GLY B 296 -16.66 77.98 -25.15
C GLY B 296 -16.59 76.57 -25.69
N LEU B 297 -15.51 76.31 -26.43
CA LEU B 297 -15.32 75.03 -27.09
C LEU B 297 -13.84 74.69 -27.12
N ILE B 298 -13.50 73.44 -26.80
CA ILE B 298 -12.15 72.93 -26.96
C ILE B 298 -12.17 71.91 -28.08
N LYS B 299 -11.45 72.20 -29.17
CA LYS B 299 -11.33 71.28 -30.28
C LYS B 299 -10.12 70.38 -30.05
N VAL B 300 -10.35 69.07 -30.08
CA VAL B 300 -9.29 68.08 -29.95
C VAL B 300 -8.72 67.80 -31.34
N ARG B 301 -7.46 68.18 -31.56
CA ARG B 301 -6.79 67.84 -32.81
C ARG B 301 -5.96 66.57 -32.64
N LEU B 302 -5.01 66.59 -31.72
CA LEU B 302 -4.17 65.42 -31.44
C LEU B 302 -4.82 64.61 -30.33
N PHE B 303 -5.54 63.56 -30.71
CA PHE B 303 -6.21 62.72 -29.72
C PHE B 303 -5.24 61.77 -29.05
N ARG B 304 -4.26 61.26 -29.81
CA ARG B 304 -3.23 60.40 -29.26
C ARG B 304 -1.91 60.83 -29.89
N PRO B 305 -0.85 61.01 -29.10
CA PRO B 305 -0.85 60.95 -27.62
C PRO B 305 -1.59 62.12 -26.99
N PHE B 306 -2.33 61.83 -25.92
CA PHE B 306 -3.10 62.87 -25.25
C PHE B 306 -2.17 63.66 -24.34
N SER B 307 -1.93 64.91 -24.68
CA SER B 307 -1.01 65.75 -23.93
C SER B 307 -1.81 66.57 -22.92
N ALA B 308 -1.69 66.22 -21.65
CA ALA B 308 -2.41 66.95 -20.61
C ALA B 308 -1.97 68.41 -20.57
N GLU B 309 -0.67 68.66 -20.75
CA GLU B 309 -0.16 70.02 -20.72
C GLU B 309 -0.84 70.89 -21.76
N HIS B 310 -0.97 70.37 -22.98
CA HIS B 310 -1.57 71.14 -24.06
C HIS B 310 -3.09 71.26 -23.93
N PHE B 311 -3.74 70.33 -23.22
CA PHE B 311 -5.17 70.45 -23.00
C PHE B 311 -5.47 71.52 -21.97
N LEU B 312 -4.77 71.48 -20.84
CA LEU B 312 -4.98 72.45 -19.78
C LEU B 312 -4.54 73.85 -20.18
N LYS B 313 -3.64 73.94 -21.17
CA LYS B 313 -3.10 75.22 -21.60
C LYS B 313 -4.18 76.12 -22.19
N VAL B 314 -5.19 75.55 -22.84
CA VAL B 314 -6.25 76.31 -23.50
C VAL B 314 -7.57 76.24 -22.74
N LEU B 315 -7.59 75.68 -21.53
CA LEU B 315 -8.81 75.58 -20.75
C LEU B 315 -8.97 76.82 -19.87
N PRO B 316 -9.96 77.67 -20.10
CA PRO B 316 -10.08 78.89 -19.29
C PRO B 316 -10.28 78.56 -17.82
N ALA B 317 -9.67 79.39 -16.96
CA ALA B 317 -9.73 79.16 -15.52
C ALA B 317 -11.13 79.33 -14.96
N SER B 318 -12.03 79.96 -15.68
CA SER B 318 -13.38 80.21 -15.22
C SER B 318 -14.33 79.06 -15.51
N VAL B 319 -13.87 78.00 -16.17
CA VAL B 319 -14.75 76.90 -16.55
C VAL B 319 -15.19 76.14 -15.32
N LYS B 320 -16.50 75.98 -15.17
CA LYS B 320 -17.08 75.23 -14.06
C LYS B 320 -17.74 73.93 -14.51
N ARG B 321 -18.20 73.87 -15.76
CA ARG B 321 -18.92 72.71 -16.26
C ARG B 321 -18.50 72.43 -17.69
N ILE B 322 -18.30 71.15 -17.99
CA ILE B 322 -17.83 70.71 -19.30
C ILE B 322 -18.72 69.59 -19.79
N ALA B 323 -19.12 69.66 -21.05
CA ALA B 323 -19.80 68.57 -21.73
C ALA B 323 -18.86 68.01 -22.79
N VAL B 324 -18.57 66.72 -22.72
CA VAL B 324 -17.72 66.04 -23.71
C VAL B 324 -18.60 65.28 -24.67
N LEU B 325 -18.35 65.45 -25.96
CA LEU B 325 -19.12 64.78 -27.01
C LEU B 325 -18.24 63.76 -27.69
N ASP B 326 -18.68 62.51 -27.71
CA ASP B 326 -18.00 61.41 -28.39
C ASP B 326 -18.87 60.95 -29.55
N ARG B 327 -18.28 60.83 -30.72
CA ARG B 327 -19.00 60.34 -31.90
C ARG B 327 -18.85 58.83 -32.04
N THR B 328 -19.14 58.11 -30.96
CA THR B 328 -19.02 56.67 -30.94
C THR B 328 -19.85 56.13 -29.78
N LYS B 329 -19.97 54.81 -29.73
CA LYS B 329 -20.67 54.14 -28.64
C LYS B 329 -19.90 52.88 -28.28
N GLU B 330 -19.59 52.74 -26.98
CA GLU B 330 -18.94 51.54 -26.47
C GLU B 330 -19.92 50.94 -25.47
N PRO B 331 -20.77 50.01 -25.91
CA PRO B 331 -21.88 49.55 -25.06
C PRO B 331 -21.39 48.93 -23.76
N GLY B 332 -22.04 49.31 -22.66
CA GLY B 332 -21.66 48.83 -21.36
C GLY B 332 -20.53 49.57 -20.70
N SER B 333 -19.80 50.40 -21.44
CA SER B 333 -18.70 51.16 -20.86
C SER B 333 -19.22 52.24 -19.92
N LEU B 334 -18.39 52.59 -18.96
CA LEU B 334 -18.74 53.68 -18.04
C LEU B 334 -18.90 54.99 -18.80
N GLY B 335 -18.07 55.22 -19.81
CA GLY B 335 -18.19 56.37 -20.68
C GLY B 335 -17.42 56.12 -21.95
N GLU B 336 -17.62 57.00 -22.92
CA GLU B 336 -16.95 56.90 -24.19
C GLU B 336 -15.52 57.43 -24.08
N PRO B 337 -14.65 57.17 -25.08
CA PRO B 337 -13.21 57.44 -24.89
C PRO B 337 -12.86 58.89 -24.55
N LEU B 338 -13.33 59.86 -25.32
CA LEU B 338 -12.92 61.24 -25.07
C LEU B 338 -13.44 61.71 -23.72
N TYR B 339 -14.64 61.27 -23.34
CA TYR B 339 -15.18 61.61 -22.02
C TYR B 339 -14.29 61.09 -20.91
N GLU B 340 -13.78 59.85 -21.04
CA GLU B 340 -12.93 59.30 -19.99
C GLU B 340 -11.56 59.97 -19.97
N ASP B 341 -11.05 60.40 -21.13
CA ASP B 341 -9.80 61.17 -21.15
C ASP B 341 -9.97 62.50 -20.42
N VAL B 342 -11.02 63.24 -20.77
CA VAL B 342 -11.25 64.53 -20.14
C VAL B 342 -11.48 64.38 -18.64
N GLN B 343 -12.27 63.36 -18.26
CA GLN B 343 -12.51 63.14 -16.84
C GLN B 343 -11.21 62.80 -16.11
N THR B 344 -10.34 62.02 -16.74
CA THR B 344 -9.10 61.60 -16.09
C THR B 344 -8.14 62.77 -15.90
N VAL B 345 -7.89 63.54 -16.97
CA VAL B 345 -6.88 64.60 -16.89
C VAL B 345 -7.29 65.65 -15.88
N LEU B 346 -8.59 65.96 -15.80
CA LEU B 346 -9.02 66.96 -14.83
C LEU B 346 -8.87 66.45 -13.40
N ALA B 347 -9.07 65.14 -13.19
CA ALA B 347 -8.86 64.56 -11.87
C ALA B 347 -7.38 64.54 -11.49
N GLU B 348 -6.51 64.24 -12.46
CA GLU B 348 -5.08 64.20 -12.19
C GLU B 348 -4.53 65.57 -11.81
N HIS B 349 -5.23 66.66 -12.12
CA HIS B 349 -4.75 68.00 -11.81
C HIS B 349 -5.66 68.71 -10.80
N GLY B 350 -6.49 67.95 -10.10
CA GLY B 350 -7.26 68.52 -9.00
C GLY B 350 -8.24 69.60 -9.38
N LYS B 351 -8.67 69.65 -10.64
CA LYS B 351 -9.67 70.61 -11.07
C LYS B 351 -11.05 70.20 -10.60
N ASN B 352 -11.75 71.12 -9.92
CA ASN B 352 -13.11 70.86 -9.46
C ASN B 352 -14.09 71.32 -10.53
N ILE B 353 -14.21 70.50 -11.58
CA ILE B 353 -15.03 70.81 -12.74
C ILE B 353 -16.01 69.67 -12.95
N LEU B 354 -17.30 70.00 -13.01
CA LEU B 354 -18.32 69.00 -13.33
C LEU B 354 -18.22 68.63 -14.80
N VAL B 355 -17.95 67.36 -15.08
CA VAL B 355 -17.77 66.88 -16.45
C VAL B 355 -18.89 65.91 -16.78
N VAL B 356 -19.42 66.03 -17.99
CA VAL B 356 -20.53 65.23 -18.46
C VAL B 356 -20.25 64.81 -19.89
N GLY B 357 -20.58 63.56 -20.23
CA GLY B 357 -20.29 63.00 -21.53
C GLY B 357 -21.56 62.59 -22.26
N GLY B 358 -21.53 62.71 -23.58
CA GLY B 358 -22.66 62.33 -24.40
C GLY B 358 -22.21 61.77 -25.74
N ARG B 359 -23.18 61.24 -26.47
CA ARG B 359 -22.93 60.64 -27.78
C ARG B 359 -23.74 61.39 -28.84
N TYR B 360 -23.18 61.47 -30.05
CA TYR B 360 -23.82 62.20 -31.14
C TYR B 360 -23.38 61.61 -32.47
N GLY B 361 -24.18 61.91 -33.49
CA GLY B 361 -23.77 61.76 -34.87
C GLY B 361 -23.40 60.37 -35.31
N LEU B 362 -23.93 59.33 -34.67
CA LEU B 362 -23.62 57.97 -35.09
C LEU B 362 -24.22 57.70 -36.47
N GLY B 363 -23.41 57.12 -37.36
CA GLY B 363 -23.88 56.87 -38.71
C GLY B 363 -24.31 58.12 -39.45
N SER B 364 -23.55 59.20 -39.30
CA SER B 364 -23.83 60.49 -39.95
C SER B 364 -25.18 61.08 -39.51
N LYS B 365 -25.60 60.79 -38.28
CA LYS B 365 -26.79 61.44 -37.74
C LYS B 365 -26.55 62.94 -37.68
N GLU B 366 -27.56 63.71 -38.08
CA GLU B 366 -27.42 65.16 -38.13
C GLU B 366 -27.04 65.72 -36.77
N PHE B 367 -26.14 66.70 -36.80
CA PHE B 367 -25.67 67.40 -35.60
C PHE B 367 -25.60 68.89 -35.97
N ASN B 368 -26.65 69.62 -35.62
CA ASN B 368 -26.85 71.01 -36.01
C ASN B 368 -26.79 71.94 -34.79
N PRO B 369 -26.80 73.26 -35.01
CA PRO B 369 -26.64 74.18 -33.86
C PRO B 369 -27.71 74.03 -32.78
N SER B 370 -28.96 73.71 -33.15
CA SER B 370 -29.97 73.50 -32.12
C SER B 370 -29.59 72.36 -31.19
N MET B 371 -28.93 71.33 -31.70
CA MET B 371 -28.44 70.28 -30.82
C MET B 371 -27.29 70.79 -29.96
N VAL B 372 -26.43 71.65 -30.52
CA VAL B 372 -25.34 72.21 -29.75
C VAL B 372 -25.87 73.03 -28.58
N LYS B 373 -26.90 73.84 -28.82
CA LYS B 373 -27.45 74.61 -27.71
C LYS B 373 -28.07 73.70 -26.65
N ALA B 374 -28.72 72.61 -27.08
CA ALA B 374 -29.27 71.68 -26.11
C ALA B 374 -28.19 71.11 -25.21
N VAL B 375 -27.00 70.85 -25.77
CA VAL B 375 -25.88 70.42 -24.94
C VAL B 375 -25.48 71.52 -23.97
N PHE B 376 -25.44 72.76 -24.46
CA PHE B 376 -25.11 73.87 -23.57
C PHE B 376 -26.21 74.08 -22.54
N ASP B 377 -27.48 73.90 -22.93
CA ASP B 377 -28.57 74.08 -21.98
C ASP B 377 -28.51 73.05 -20.86
N ASN B 378 -28.10 71.83 -21.17
CA ASN B 378 -27.96 70.81 -20.13
C ASN B 378 -26.84 71.17 -19.15
N LEU B 379 -25.78 71.84 -19.63
CA LEU B 379 -24.75 72.30 -18.71
C LEU B 379 -25.27 73.41 -17.78
N ALA B 380 -26.29 74.14 -18.21
CA ALA B 380 -26.84 75.21 -17.39
C ALA B 380 -27.91 74.73 -16.42
N ALA B 381 -28.32 73.45 -16.52
CA ALA B 381 -29.33 72.94 -15.61
C ALA B 381 -28.78 72.78 -14.20
N THR B 382 -29.69 72.72 -13.23
CA THR B 382 -29.30 72.46 -11.84
C THR B 382 -28.61 71.11 -11.70
N THR B 383 -29.15 70.08 -12.32
CA THR B 383 -28.51 68.76 -12.34
C THR B 383 -28.32 68.35 -13.80
N PRO B 384 -27.16 68.58 -14.38
CA PRO B 384 -26.93 68.18 -15.78
C PRO B 384 -27.08 66.68 -15.94
N LYS B 385 -27.77 66.28 -16.99
CA LYS B 385 -27.88 64.87 -17.34
C LYS B 385 -26.54 64.37 -17.87
N ASN B 386 -26.09 63.23 -17.35
CA ASN B 386 -24.85 62.59 -17.79
C ASN B 386 -25.18 61.39 -18.65
N LYS B 387 -24.18 60.95 -19.42
CA LYS B 387 -24.31 59.79 -20.31
C LYS B 387 -25.49 59.96 -21.27
N PHE B 388 -25.55 61.12 -21.91
CA PHE B 388 -26.71 61.52 -22.69
C PHE B 388 -26.50 61.26 -24.18
N THR B 389 -27.55 61.52 -24.96
CA THR B 389 -27.52 61.48 -26.41
C THR B 389 -28.18 62.73 -26.97
N VAL B 390 -27.75 63.15 -28.16
CA VAL B 390 -28.32 64.31 -28.83
C VAL B 390 -28.57 63.96 -30.28
N GLY B 391 -29.75 64.32 -30.79
CA GLY B 391 -30.13 64.07 -32.16
C GLY B 391 -31.14 62.96 -32.33
N ILE B 392 -31.50 62.25 -31.26
CA ILE B 392 -32.50 61.19 -31.31
C ILE B 392 -33.48 61.43 -30.16
N THR B 393 -34.57 60.67 -30.18
CA THR B 393 -35.54 60.65 -29.08
C THR B 393 -35.47 59.28 -28.42
N ASP B 394 -34.81 59.22 -27.26
CA ASP B 394 -34.65 57.97 -26.52
C ASP B 394 -35.78 57.91 -25.50
N ASP B 395 -36.92 57.35 -25.92
CA ASP B 395 -38.07 57.21 -25.03
C ASP B 395 -38.06 55.89 -24.25
N VAL B 396 -36.97 55.12 -24.32
CA VAL B 396 -36.85 53.86 -23.60
C VAL B 396 -35.95 54.05 -22.37
N THR B 397 -34.73 54.52 -22.60
CA THR B 397 -33.79 54.75 -21.50
C THR B 397 -33.57 56.22 -21.20
N HIS B 398 -34.25 57.11 -21.92
CA HIS B 398 -34.32 58.54 -21.57
C HIS B 398 -32.93 59.17 -21.48
N THR B 399 -32.10 58.89 -22.48
CA THR B 399 -30.77 59.48 -22.54
C THR B 399 -30.71 60.74 -23.40
N SER B 400 -31.70 60.99 -24.23
CA SER B 400 -31.60 62.07 -25.19
C SER B 400 -31.91 63.42 -24.54
N LEU B 401 -31.19 64.45 -24.98
CA LEU B 401 -31.49 65.81 -24.53
C LEU B 401 -32.65 66.36 -25.34
N GLU B 402 -33.49 67.16 -24.69
CA GLU B 402 -34.63 67.78 -25.34
C GLU B 402 -34.17 69.00 -26.15
N ILE B 403 -34.56 69.03 -27.43
CA ILE B 403 -34.31 70.19 -28.28
C ILE B 403 -35.38 71.23 -27.96
N LYS B 404 -35.04 72.19 -27.10
CA LYS B 404 -36.05 73.13 -26.60
C LYS B 404 -36.46 74.12 -27.69
N GLU B 405 -35.50 74.87 -28.22
CA GLU B 405 -35.82 75.89 -29.21
C GLU B 405 -34.96 75.70 -30.45
N HIS B 406 -35.43 76.29 -31.55
CA HIS B 406 -34.73 76.23 -32.82
C HIS B 406 -34.02 77.56 -33.06
N ILE B 407 -32.71 77.50 -33.26
CA ILE B 407 -31.93 78.70 -33.50
C ILE B 407 -31.29 78.60 -34.88
N ASP B 408 -31.04 79.77 -35.47
CA ASP B 408 -30.40 79.87 -36.78
C ASP B 408 -29.10 80.64 -36.56
N THR B 409 -27.99 79.91 -36.55
CA THR B 409 -26.67 80.48 -36.29
C THR B 409 -25.86 80.69 -37.57
N SER B 410 -26.46 80.54 -38.74
CA SER B 410 -25.72 80.74 -39.97
C SER B 410 -25.30 82.21 -40.08
N PRO B 411 -24.04 82.50 -40.41
CA PRO B 411 -23.63 83.90 -40.52
C PRO B 411 -24.44 84.61 -41.59
N LYS B 412 -24.88 85.82 -41.27
CA LYS B 412 -25.69 86.59 -42.20
C LYS B 412 -24.88 86.96 -43.43
N GLY B 413 -25.53 86.94 -44.59
CA GLY B 413 -24.87 87.12 -45.86
C GLY B 413 -24.53 85.81 -46.55
N THR B 414 -24.83 84.69 -45.93
CA THR B 414 -24.58 83.38 -46.52
C THR B 414 -25.79 82.99 -47.36
N PHE B 415 -25.57 82.74 -48.64
CA PHE B 415 -26.63 82.26 -49.51
C PHE B 415 -26.77 80.76 -49.35
N ARG B 416 -28.01 80.27 -49.33
CA ARG B 416 -28.27 78.86 -49.06
C ARG B 416 -29.28 78.34 -50.07
N CYS B 417 -28.95 77.23 -50.72
CA CYS B 417 -29.78 76.67 -51.77
C CYS B 417 -29.95 75.18 -51.55
N LYS B 418 -31.17 74.70 -51.76
CA LYS B 418 -31.45 73.27 -51.78
C LYS B 418 -31.98 72.89 -53.15
N PHE B 419 -31.49 71.76 -53.66
CA PHE B 419 -31.88 71.25 -54.97
C PHE B 419 -32.38 69.82 -54.79
N PHE B 420 -33.68 69.62 -54.99
CA PHE B 420 -34.28 68.28 -54.98
C PHE B 420 -34.18 67.71 -56.39
N GLY B 421 -33.37 66.66 -56.56
CA GLY B 421 -33.14 66.06 -57.85
C GLY B 421 -33.58 64.60 -57.88
N LEU B 422 -33.54 64.04 -59.09
CA LEU B 422 -33.82 62.64 -59.32
C LEU B 422 -32.50 61.90 -59.51
N GLY B 423 -32.49 60.62 -59.14
CA GLY B 423 -31.29 59.81 -59.24
C GLY B 423 -30.65 59.84 -60.61
N SER B 424 -29.41 60.34 -60.69
CA SER B 424 -28.63 60.36 -61.92
C SER B 424 -29.30 61.20 -63.00
N ASP B 425 -30.03 62.25 -62.62
CA ASP B 425 -30.58 63.20 -63.59
C ASP B 425 -29.66 64.38 -63.85
N GLY B 426 -28.45 64.36 -63.27
CA GLY B 426 -27.47 65.40 -63.49
C GLY B 426 -27.43 66.51 -62.48
N THR B 427 -28.36 66.54 -61.52
CA THR B 427 -28.44 67.66 -60.59
C THR B 427 -27.18 67.78 -59.73
N VAL B 428 -26.74 66.67 -59.12
CA VAL B 428 -25.55 66.73 -58.27
C VAL B 428 -24.33 67.16 -59.07
N GLY B 429 -24.16 66.61 -60.27
CA GLY B 429 -23.01 66.99 -61.07
C GLY B 429 -23.03 68.47 -61.43
N ALA B 430 -24.21 68.99 -61.77
CA ALA B 430 -24.31 70.41 -62.10
C ALA B 430 -24.03 71.29 -60.90
N ASN B 431 -24.55 70.91 -59.71
CA ASN B 431 -24.31 71.72 -58.52
C ASN B 431 -22.82 71.76 -58.17
N LYS B 432 -22.12 70.64 -58.35
CA LYS B 432 -20.68 70.63 -58.15
C LYS B 432 -19.99 71.59 -59.10
N ASN B 433 -20.43 71.63 -60.36
CA ASN B 433 -19.86 72.56 -61.31
C ASN B 433 -20.19 74.00 -60.93
N SER B 434 -21.39 74.23 -60.41
CA SER B 434 -21.75 75.58 -59.99
C SER B 434 -20.89 76.04 -58.82
N ILE B 435 -20.56 75.13 -57.89
CA ILE B 435 -19.68 75.48 -56.78
C ILE B 435 -18.30 75.84 -57.30
N LYS B 436 -17.80 75.05 -58.25
CA LYS B 436 -16.50 75.35 -58.85
C LYS B 436 -16.53 76.68 -59.59
N ILE B 437 -17.60 76.93 -60.35
CA ILE B 437 -17.74 78.20 -61.05
C ILE B 437 -17.74 79.36 -60.07
N ILE B 438 -18.58 79.27 -59.04
CA ILE B 438 -18.69 80.37 -58.08
C ILE B 438 -17.40 80.50 -57.27
N GLY B 439 -16.78 79.38 -56.92
CA GLY B 439 -15.56 79.44 -56.12
C GLY B 439 -14.37 79.99 -56.91
N ASP B 440 -14.28 79.65 -58.19
CA ASP B 440 -13.12 80.05 -58.98
C ASP B 440 -13.17 81.51 -59.41
N HIS B 441 -14.35 82.12 -59.45
CA HIS B 441 -14.47 83.45 -60.04
C HIS B 441 -14.97 84.51 -59.08
N THR B 442 -15.17 84.19 -57.81
CA THR B 442 -15.53 85.18 -56.80
C THR B 442 -14.65 85.00 -55.57
N ASP B 443 -14.72 85.99 -54.67
CA ASP B 443 -14.06 85.90 -53.38
C ASP B 443 -14.86 85.12 -52.35
N MET B 444 -16.01 84.57 -52.73
CA MET B 444 -16.89 83.93 -51.77
C MET B 444 -16.43 82.51 -51.47
N TYR B 445 -16.58 82.12 -50.21
CA TYR B 445 -16.46 80.71 -49.86
C TYR B 445 -17.66 79.97 -50.42
N ALA B 446 -17.44 78.71 -50.81
CA ALA B 446 -18.49 77.90 -51.41
C ALA B 446 -18.47 76.51 -50.80
N GLN B 447 -19.65 75.97 -50.50
CA GLN B 447 -19.77 74.69 -49.84
C GLN B 447 -20.85 73.84 -50.49
N GLY B 448 -20.56 72.55 -50.65
CA GLY B 448 -21.55 71.64 -51.19
C GLY B 448 -21.59 70.32 -50.44
N TYR B 449 -22.80 69.87 -50.12
CA TYR B 449 -23.02 68.57 -49.49
C TYR B 449 -24.25 67.94 -50.15
N PHE B 450 -24.19 66.63 -50.37
CA PHE B 450 -25.15 65.93 -51.20
C PHE B 450 -25.69 64.69 -50.52
N VAL B 451 -27.02 64.61 -50.40
CA VAL B 451 -27.70 63.51 -49.72
C VAL B 451 -28.13 62.50 -50.78
N TYR B 452 -27.61 61.28 -50.69
CA TYR B 452 -27.83 60.23 -51.66
C TYR B 452 -28.72 59.12 -51.11
N ASP B 453 -29.14 58.25 -52.02
CA ASP B 453 -29.95 57.08 -51.74
C ASP B 453 -29.13 55.83 -52.04
N SER B 454 -29.55 54.70 -51.47
CA SER B 454 -28.88 53.43 -51.77
C SER B 454 -29.22 52.93 -53.16
N LYS B 455 -30.37 53.35 -53.70
CA LYS B 455 -30.76 52.97 -55.05
C LYS B 455 -29.89 53.72 -56.07
N LYS B 456 -29.39 53.00 -57.07
CA LYS B 456 -28.51 53.63 -58.04
C LYS B 456 -29.27 54.49 -59.05
N SER B 457 -30.54 54.17 -59.31
CA SER B 457 -31.33 54.91 -60.27
C SER B 457 -32.72 55.18 -59.71
N GLY B 458 -33.17 56.43 -59.85
CA GLY B 458 -34.50 56.83 -59.44
C GLY B 458 -34.66 57.21 -58.00
N GLY B 459 -33.57 57.44 -57.27
CA GLY B 459 -33.67 57.88 -55.89
C GLY B 459 -33.80 59.39 -55.79
N VAL B 460 -34.10 59.85 -54.59
CA VAL B 460 -34.21 61.28 -54.31
C VAL B 460 -32.84 61.79 -53.87
N THR B 461 -32.40 62.91 -54.45
CA THR B 461 -31.17 63.56 -54.04
C THR B 461 -31.48 64.99 -53.61
N ILE B 462 -30.85 65.43 -52.52
CA ILE B 462 -31.04 66.78 -52.01
C ILE B 462 -29.66 67.42 -51.87
N SER B 463 -29.38 68.43 -52.69
CA SER B 463 -28.11 69.14 -52.64
C SER B 463 -28.22 70.35 -51.73
N HIS B 464 -27.23 70.52 -50.87
CA HIS B 464 -27.17 71.64 -49.94
C HIS B 464 -25.94 72.46 -50.29
N LEU B 465 -26.15 73.68 -50.79
CA LEU B 465 -25.08 74.55 -51.23
C LEU B 465 -25.08 75.83 -50.42
N ARG B 466 -23.89 76.34 -50.13
CA ARG B 466 -23.73 77.59 -49.40
C ARG B 466 -22.62 78.43 -50.03
N PHE B 467 -22.86 79.74 -50.12
CA PHE B 467 -21.87 80.71 -50.55
C PHE B 467 -21.93 81.90 -49.61
N GLY B 468 -20.76 82.42 -49.25
CA GLY B 468 -20.73 83.58 -48.36
C GLY B 468 -19.39 84.28 -48.37
N LYS B 469 -19.39 85.48 -47.82
CA LYS B 469 -18.17 86.25 -47.64
C LYS B 469 -17.33 85.76 -46.47
N GLN B 470 -17.91 84.94 -45.59
CA GLN B 470 -17.25 84.39 -44.43
C GLN B 470 -17.03 82.88 -44.59
N PRO B 471 -16.03 82.32 -43.92
CA PRO B 471 -15.84 80.86 -43.98
C PRO B 471 -17.09 80.12 -43.55
N ILE B 472 -17.40 79.06 -44.27
CA ILE B 472 -18.63 78.29 -44.09
C ILE B 472 -18.31 77.12 -43.16
N GLN B 473 -18.68 77.24 -41.89
CA GLN B 473 -18.51 76.19 -40.91
C GLN B 473 -19.76 75.34 -40.71
N SER B 474 -20.76 75.49 -41.58
CA SER B 474 -22.05 74.85 -41.37
C SER B 474 -21.99 73.40 -41.88
N ALA B 475 -21.41 72.54 -41.06
CA ALA B 475 -21.33 71.11 -41.37
C ALA B 475 -22.62 70.41 -40.98
N TYR B 476 -23.72 70.94 -41.51
CA TYR B 476 -25.05 70.41 -41.25
C TYR B 476 -25.94 70.81 -42.41
N LEU B 477 -27.11 70.18 -42.49
CA LEU B 477 -28.02 70.45 -43.58
C LEU B 477 -28.60 71.86 -43.47
N ILE B 478 -29.10 72.36 -44.60
CA ILE B 478 -29.57 73.74 -44.67
C ILE B 478 -30.84 73.90 -43.86
N ASP B 479 -30.88 74.94 -43.02
CA ASP B 479 -32.02 75.23 -42.18
C ASP B 479 -33.01 76.18 -42.88
N GLN B 480 -32.54 77.36 -43.25
CA GLN B 480 -33.38 78.35 -43.91
C GLN B 480 -32.78 78.62 -45.29
N ALA B 481 -33.47 78.20 -46.33
CA ALA B 481 -32.92 78.31 -47.67
C ALA B 481 -33.38 79.61 -48.32
N ASP B 482 -32.44 80.30 -48.96
CA ASP B 482 -32.80 81.44 -49.80
C ASP B 482 -33.41 80.99 -51.11
N LEU B 483 -33.00 79.84 -51.61
CA LEU B 483 -33.48 79.32 -52.88
C LEU B 483 -33.69 77.83 -52.73
N ILE B 484 -34.80 77.35 -53.28
CA ILE B 484 -35.11 75.93 -53.32
C ILE B 484 -35.46 75.60 -54.76
N ALA B 485 -34.82 74.57 -55.29
CA ALA B 485 -35.06 74.12 -56.66
C ALA B 485 -35.61 72.69 -56.62
N CYS B 486 -36.68 72.46 -57.36
CA CYS B 486 -37.28 71.14 -57.50
C CYS B 486 -37.15 70.74 -58.96
N HIS B 487 -36.28 69.79 -59.24
CA HIS B 487 -35.98 69.39 -60.61
C HIS B 487 -36.84 68.23 -61.09
N ASN B 488 -37.79 67.78 -60.29
CA ASN B 488 -38.68 66.67 -60.63
C ASN B 488 -40.11 67.03 -60.28
N PRO B 489 -41.01 67.18 -61.25
CA PRO B 489 -42.39 67.57 -60.92
C PRO B 489 -43.13 66.56 -60.06
N SER B 490 -42.69 65.29 -60.04
CA SER B 490 -43.34 64.29 -59.22
C SER B 490 -43.26 64.60 -57.74
N TYR B 491 -42.23 65.33 -57.32
CA TYR B 491 -42.07 65.62 -55.90
C TYR B 491 -43.12 66.60 -55.40
N VAL B 492 -43.72 67.40 -56.28
CA VAL B 492 -44.75 68.34 -55.85
C VAL B 492 -45.94 67.56 -55.32
N GLY B 493 -46.28 67.80 -54.05
CA GLY B 493 -47.31 67.07 -53.35
C GLY B 493 -46.82 65.82 -52.65
N ARG B 494 -45.57 65.43 -52.85
CA ARG B 494 -45.00 64.23 -52.23
C ARG B 494 -44.05 64.54 -51.09
N TYR B 495 -43.19 65.54 -51.23
CA TYR B 495 -42.24 65.92 -50.20
C TYR B 495 -42.44 67.38 -49.82
N ASN B 496 -41.99 67.72 -48.61
CA ASN B 496 -42.11 69.09 -48.11
C ASN B 496 -40.98 69.91 -48.72
N LEU B 497 -41.18 70.30 -49.98
CA LEU B 497 -40.12 70.97 -50.73
C LEU B 497 -39.79 72.33 -50.13
N LEU B 498 -40.81 73.15 -49.87
CA LEU B 498 -40.63 74.51 -49.40
C LEU B 498 -40.38 74.59 -47.90
N GLU B 499 -39.95 73.49 -47.28
CA GLU B 499 -39.76 73.48 -45.84
C GLU B 499 -38.62 74.41 -45.45
N GLY B 500 -38.91 75.34 -44.54
CA GLY B 500 -37.91 76.23 -43.99
C GLY B 500 -37.42 77.33 -44.91
N ILE B 501 -38.05 77.51 -46.07
CA ILE B 501 -37.62 78.57 -46.97
C ILE B 501 -37.88 79.91 -46.32
N LYS B 502 -36.97 80.86 -46.51
CA LYS B 502 -37.10 82.15 -45.86
C LYS B 502 -38.17 83.00 -46.53
N PRO B 503 -38.79 83.91 -45.78
CA PRO B 503 -39.74 84.85 -46.39
C PRO B 503 -39.05 85.65 -47.49
N GLY B 504 -39.72 85.74 -48.64
CA GLY B 504 -39.14 86.36 -49.80
C GLY B 504 -38.15 85.51 -50.57
N GLY B 505 -37.97 84.25 -50.18
CA GLY B 505 -37.03 83.39 -50.87
C GLY B 505 -37.48 83.05 -52.28
N ILE B 506 -36.64 82.27 -52.96
CA ILE B 506 -36.85 81.88 -54.34
C ILE B 506 -37.24 80.41 -54.41
N PHE B 507 -38.22 80.11 -55.25
CA PHE B 507 -38.60 78.73 -55.52
C PHE B 507 -38.56 78.50 -57.03
N LEU B 508 -37.65 77.62 -57.46
CA LEU B 508 -37.50 77.28 -58.87
C LEU B 508 -38.06 75.89 -59.10
N LEU B 509 -38.95 75.77 -60.09
CA LEU B 509 -39.65 74.52 -60.34
C LEU B 509 -39.50 74.14 -61.81
N ASN B 510 -39.31 72.84 -62.05
CA ASN B 510 -39.38 72.26 -63.39
C ASN B 510 -40.72 71.54 -63.53
N SER B 511 -41.58 72.03 -64.40
CA SER B 511 -42.88 71.40 -64.60
C SER B 511 -43.45 71.85 -65.94
N THR B 512 -44.46 71.12 -66.40
CA THR B 512 -45.19 71.43 -67.63
C THR B 512 -46.40 72.31 -67.39
N TRP B 513 -46.63 72.76 -66.16
CA TRP B 513 -47.82 73.52 -65.82
C TRP B 513 -47.68 74.98 -66.20
N SER B 514 -48.76 75.55 -66.74
CA SER B 514 -48.78 76.96 -67.03
C SER B 514 -49.14 77.74 -65.76
N ALA B 515 -49.06 79.08 -65.87
CA ALA B 515 -49.34 79.92 -64.70
C ALA B 515 -50.77 79.75 -64.21
N GLU B 516 -51.71 79.54 -65.13
CA GLU B 516 -53.11 79.36 -64.74
C GLU B 516 -53.36 77.99 -64.13
N GLU B 517 -52.65 76.95 -64.60
CA GLU B 517 -52.81 75.64 -63.99
C GLU B 517 -52.27 75.60 -62.57
N MET B 518 -51.50 76.61 -62.16
CA MET B 518 -50.91 76.62 -60.82
C MET B 518 -51.97 76.59 -59.73
N ASP B 519 -53.06 77.34 -59.91
CA ASP B 519 -54.07 77.44 -58.87
C ASP B 519 -54.76 76.10 -58.62
N SER B 520 -55.01 75.32 -59.67
CA SER B 520 -55.70 74.04 -59.52
C SER B 520 -54.76 72.85 -59.38
N ARG B 521 -53.50 72.97 -59.82
CA ARG B 521 -52.59 71.83 -59.84
C ARG B 521 -51.69 71.76 -58.59
N LEU B 522 -51.26 72.91 -58.06
CA LEU B 522 -50.38 72.88 -56.90
C LEU B 522 -51.17 72.54 -55.62
N PRO B 523 -50.57 71.82 -54.69
CA PRO B 523 -51.27 71.52 -53.44
C PRO B 523 -51.51 72.79 -52.64
N ALA B 524 -52.50 72.70 -51.75
CA ALA B 524 -52.94 73.88 -51.01
C ALA B 524 -51.86 74.40 -50.07
N ASP B 525 -51.15 73.48 -49.38
CA ASP B 525 -50.10 73.91 -48.48
C ASP B 525 -48.99 74.64 -49.23
N MET B 526 -48.68 74.19 -50.45
CA MET B 526 -47.64 74.84 -51.24
C MET B 526 -48.06 76.24 -51.67
N LYS B 527 -49.32 76.40 -52.10
CA LYS B 527 -49.79 77.73 -52.49
C LYS B 527 -49.82 78.67 -51.29
N ARG B 528 -50.18 78.16 -50.11
CA ARG B 528 -50.22 79.01 -48.92
C ARG B 528 -48.84 79.52 -48.58
N THR B 529 -47.84 78.64 -48.60
CA THR B 529 -46.48 79.05 -48.31
C THR B 529 -45.98 80.06 -49.34
N ILE B 530 -46.26 79.80 -50.63
CA ILE B 530 -45.80 80.70 -51.69
C ILE B 530 -46.39 82.09 -51.48
N ALA B 531 -47.65 82.17 -51.07
CA ALA B 531 -48.30 83.47 -50.90
C ALA B 531 -47.91 84.12 -49.58
N THR B 532 -47.98 83.38 -48.47
CA THR B 532 -47.74 83.95 -47.16
C THR B 532 -46.31 84.45 -47.02
N LYS B 533 -45.34 83.65 -47.47
CA LYS B 533 -43.94 84.07 -47.42
C LYS B 533 -43.55 84.94 -48.61
N LYS B 534 -44.48 85.21 -49.54
CA LYS B 534 -44.24 86.09 -50.68
C LYS B 534 -43.03 85.62 -51.48
N LEU B 535 -43.02 84.34 -51.82
CA LEU B 535 -41.89 83.76 -52.53
C LEU B 535 -41.86 84.21 -53.99
N LYS B 536 -40.65 84.26 -54.54
CA LYS B 536 -40.43 84.48 -55.96
C LYS B 536 -40.53 83.12 -56.65
N PHE B 537 -41.66 82.87 -57.30
CA PHE B 537 -41.96 81.58 -57.90
C PHE B 537 -41.58 81.60 -59.37
N TYR B 538 -40.60 80.78 -59.75
CA TYR B 538 -40.20 80.63 -61.15
C TYR B 538 -40.49 79.21 -61.61
N ASN B 539 -40.88 79.08 -62.87
CA ASN B 539 -41.20 77.80 -63.47
C ASN B 539 -40.56 77.71 -64.85
N ILE B 540 -40.19 76.49 -65.23
CA ILE B 540 -39.63 76.23 -66.56
C ILE B 540 -39.92 74.79 -66.92
N ASP B 541 -40.34 74.56 -68.17
CA ASP B 541 -40.58 73.20 -68.66
C ASP B 541 -39.28 72.72 -69.31
N ALA B 542 -38.34 72.31 -68.46
CA ALA B 542 -37.04 71.88 -68.93
C ALA B 542 -37.13 70.63 -69.80
N VAL B 543 -38.08 69.74 -69.49
CA VAL B 543 -38.24 68.52 -70.28
C VAL B 543 -38.62 68.86 -71.71
N LYS B 544 -39.51 69.84 -71.89
CA LYS B 544 -39.92 70.24 -73.22
C LYS B 544 -38.75 70.83 -74.01
N ILE B 545 -37.90 71.61 -73.35
CA ILE B 545 -36.76 72.23 -74.01
C ILE B 545 -35.79 71.16 -74.50
N ALA B 546 -35.50 70.18 -73.64
CA ALA B 546 -34.54 69.15 -74.02
C ALA B 546 -35.06 68.32 -75.20
N GLN B 547 -36.37 68.12 -75.29
CA GLN B 547 -36.94 67.37 -76.41
C GLN B 547 -36.74 68.11 -77.73
N GLU B 548 -37.03 69.42 -77.74
CA GLU B 548 -36.97 70.19 -78.97
C GLU B 548 -35.54 70.38 -79.45
N ILE B 549 -34.58 70.48 -78.53
CA ILE B 549 -33.19 70.64 -78.93
C ILE B 549 -32.62 69.32 -79.43
N GLY B 550 -33.09 68.20 -78.89
CA GLY B 550 -32.55 66.90 -79.19
C GLY B 550 -31.70 66.30 -78.09
N LEU B 551 -31.75 66.88 -76.89
CA LEU B 551 -31.02 66.36 -75.74
C LEU B 551 -31.80 65.28 -74.99
N GLY B 552 -32.91 64.81 -75.54
CA GLY B 552 -33.73 63.83 -74.86
C GLY B 552 -34.48 64.43 -73.69
N SER B 553 -34.20 63.93 -72.49
CA SER B 553 -34.81 64.45 -71.28
C SER B 553 -33.78 65.00 -70.30
N ARG B 554 -32.52 65.18 -70.73
CA ARG B 554 -31.49 65.75 -69.87
C ARG B 554 -31.81 67.20 -69.57
N ILE B 555 -31.95 67.53 -68.29
CA ILE B 555 -32.30 68.87 -67.86
C ILE B 555 -31.21 69.50 -66.99
N ASN B 556 -30.03 68.89 -66.92
CA ASN B 556 -29.00 69.39 -66.01
C ASN B 556 -28.52 70.78 -66.43
N VAL B 557 -28.18 70.96 -67.70
CA VAL B 557 -27.73 72.27 -68.18
C VAL B 557 -28.86 73.29 -68.09
N ILE B 558 -30.08 72.87 -68.41
CA ILE B 558 -31.22 73.79 -68.44
C ILE B 558 -31.49 74.32 -67.04
N MET B 559 -31.58 73.44 -66.04
CA MET B 559 -31.89 73.87 -64.68
C MET B 559 -30.73 74.63 -64.06
N GLN B 560 -29.49 74.30 -64.42
CA GLN B 560 -28.34 75.07 -63.93
C GLN B 560 -28.35 76.48 -64.48
N THR B 561 -28.67 76.65 -65.76
CA THR B 561 -28.76 77.98 -66.33
C THR B 561 -29.86 78.79 -65.65
N ALA B 562 -31.02 78.15 -65.40
CA ALA B 562 -32.11 78.84 -64.72
C ALA B 562 -31.71 79.26 -63.31
N PHE B 563 -30.87 78.47 -62.64
CA PHE B 563 -30.41 78.82 -61.30
C PHE B 563 -29.61 80.12 -61.32
N PHE B 564 -28.55 80.19 -62.15
CA PHE B 564 -27.75 81.40 -62.19
C PHE B 564 -28.56 82.60 -62.65
N LYS B 565 -29.59 82.37 -63.46
CA LYS B 565 -30.39 83.48 -63.98
C LYS B 565 -31.14 84.21 -62.87
N ILE B 566 -31.54 83.51 -61.81
CA ILE B 566 -32.32 84.11 -60.74
C ILE B 566 -31.58 84.20 -59.42
N ALA B 567 -30.51 83.42 -59.22
CA ALA B 567 -29.86 83.38 -57.91
C ALA B 567 -29.16 84.69 -57.58
N ASN B 568 -28.72 85.43 -58.60
CA ASN B 568 -27.98 86.68 -58.42
C ASN B 568 -26.73 86.48 -57.58
N VAL B 569 -26.08 85.32 -57.77
CA VAL B 569 -24.84 85.07 -57.06
C VAL B 569 -23.67 85.73 -57.79
N ILE B 570 -23.70 85.66 -59.12
CA ILE B 570 -22.71 86.35 -59.96
C ILE B 570 -23.44 87.05 -61.10
N PRO B 571 -22.77 87.98 -61.78
CA PRO B 571 -23.36 88.60 -62.96
C PRO B 571 -23.85 87.55 -63.97
N VAL B 572 -25.08 87.74 -64.44
CA VAL B 572 -25.70 86.74 -65.31
C VAL B 572 -24.88 86.51 -66.57
N ASP B 573 -24.35 87.59 -67.15
CA ASP B 573 -23.52 87.44 -68.34
C ASP B 573 -22.24 86.67 -68.03
N GLU B 574 -21.62 86.94 -66.88
CA GLU B 574 -20.44 86.18 -66.50
C GLU B 574 -20.78 84.71 -66.30
N ALA B 575 -21.94 84.44 -65.70
CA ALA B 575 -22.36 83.06 -65.46
C ALA B 575 -22.57 82.32 -66.77
N ILE B 576 -23.22 82.96 -67.74
CA ILE B 576 -23.49 82.32 -69.02
C ILE B 576 -22.18 81.93 -69.70
N LYS B 577 -21.17 82.78 -69.59
CA LYS B 577 -19.86 82.45 -70.16
C LYS B 577 -19.25 81.25 -69.45
N TYR B 578 -19.28 81.24 -68.12
CA TYR B 578 -18.67 80.15 -67.38
C TYR B 578 -19.39 78.83 -67.64
N ILE B 579 -20.71 78.87 -67.80
CA ILE B 579 -21.45 77.66 -68.11
C ILE B 579 -21.06 77.12 -69.47
N LYS B 580 -21.05 77.98 -70.49
CA LYS B 580 -20.66 77.56 -71.82
C LYS B 580 -19.18 77.18 -71.86
N ASP B 581 -18.33 77.88 -71.11
CA ASP B 581 -16.93 77.49 -71.00
C ASP B 581 -16.81 76.12 -70.35
N SER B 582 -17.65 75.85 -69.35
CA SER B 582 -17.64 74.52 -68.72
C SER B 582 -18.19 73.46 -69.66
N ILE B 583 -19.09 73.83 -70.57
CA ILE B 583 -19.60 72.88 -71.54
C ILE B 583 -18.49 72.46 -72.51
N VAL B 584 -17.63 73.41 -72.90
CA VAL B 584 -16.51 73.09 -73.78
C VAL B 584 -15.58 72.09 -73.11
N LYS B 585 -15.37 72.24 -71.79
CA LYS B 585 -14.50 71.30 -71.09
C LYS B 585 -15.13 69.93 -70.96
N THR B 586 -16.46 69.85 -70.86
CA THR B 586 -17.15 68.57 -70.66
C THR B 586 -17.53 67.91 -71.98
N TYR B 587 -18.33 68.60 -72.80
CA TYR B 587 -18.79 68.07 -74.07
C TYR B 587 -17.88 68.43 -75.23
N GLY B 588 -16.60 68.69 -74.97
CA GLY B 588 -15.69 69.10 -76.03
C GLY B 588 -15.32 67.95 -76.95
N LYS B 589 -15.15 66.75 -76.39
CA LYS B 589 -14.83 65.57 -77.17
C LYS B 589 -16.06 64.87 -77.72
N LYS B 590 -17.26 65.29 -77.34
CA LYS B 590 -18.49 64.63 -77.76
C LYS B 590 -18.90 64.98 -79.18
N GLY B 591 -18.32 66.01 -79.78
CA GLY B 591 -18.64 66.40 -81.14
C GLY B 591 -19.37 67.74 -81.19
N ASP B 592 -19.39 68.31 -82.39
CA ASP B 592 -20.00 69.63 -82.57
C ASP B 592 -21.51 69.58 -82.42
N LYS B 593 -22.14 68.48 -82.85
CA LYS B 593 -23.59 68.39 -82.75
C LYS B 593 -24.06 68.38 -81.29
N ILE B 594 -23.36 67.62 -80.44
CA ILE B 594 -23.72 67.59 -79.02
C ILE B 594 -23.31 68.89 -78.34
N LEU B 595 -22.16 69.44 -78.73
CA LEU B 595 -21.66 70.66 -78.10
C LEU B 595 -22.67 71.80 -78.27
N ASN B 596 -23.13 72.03 -79.49
CA ASN B 596 -24.01 73.16 -79.75
C ASN B 596 -25.41 72.94 -79.20
N MET B 597 -25.84 71.68 -79.08
CA MET B 597 -27.11 71.40 -78.41
C MET B 597 -27.09 71.91 -76.98
N ASN B 598 -26.00 71.66 -76.24
CA ASN B 598 -25.90 72.18 -74.89
C ASN B 598 -25.75 73.68 -74.89
N PHE B 599 -25.15 74.25 -75.94
CA PHE B 599 -25.14 75.70 -76.09
C PHE B 599 -26.57 76.23 -76.25
N ALA B 600 -27.38 75.54 -77.05
CA ALA B 600 -28.76 75.96 -77.24
C ALA B 600 -29.58 75.80 -75.97
N ALA B 601 -29.24 74.80 -75.15
CA ALA B 601 -29.96 74.60 -73.89
C ALA B 601 -29.82 75.82 -72.99
N VAL B 602 -28.61 76.38 -72.90
CA VAL B 602 -28.42 77.60 -72.13
C VAL B 602 -29.27 78.73 -72.70
N ASP B 603 -29.22 78.88 -74.02
CA ASP B 603 -29.94 79.98 -74.66
C ASP B 603 -31.44 79.83 -74.47
N ARG B 604 -31.97 78.62 -74.72
CA ARG B 604 -33.41 78.43 -74.63
C ARG B 604 -33.90 78.48 -73.19
N ALA B 605 -33.08 78.07 -72.24
CA ALA B 605 -33.50 78.11 -70.84
C ALA B 605 -33.68 79.54 -70.34
N LEU B 606 -32.81 80.45 -70.78
CA LEU B 606 -32.92 81.84 -70.34
C LEU B 606 -34.24 82.46 -70.79
N GLU B 607 -34.69 82.13 -72.00
CA GLU B 607 -35.90 82.72 -72.53
C GLU B 607 -37.16 82.01 -72.06
N ALA B 608 -37.04 80.76 -71.60
CA ALA B 608 -38.21 79.98 -71.18
C ALA B 608 -38.54 80.11 -69.71
N LEU B 609 -37.61 80.60 -68.89
CA LEU B 609 -37.87 80.73 -67.46
C LEU B 609 -38.92 81.81 -67.22
N GLU B 610 -40.05 81.42 -66.62
CA GLU B 610 -41.20 82.30 -66.43
C GLU B 610 -41.48 82.49 -64.94
N GLU B 611 -41.55 83.73 -64.51
CA GLU B 611 -41.97 84.04 -63.14
C GLU B 611 -43.50 83.98 -63.04
N ILE B 612 -43.99 83.29 -62.02
CA ILE B 612 -45.43 83.08 -61.84
C ILE B 612 -45.97 84.17 -60.92
N LYS B 613 -46.82 85.04 -61.46
CA LYS B 613 -47.50 86.07 -60.68
C LYS B 613 -48.79 85.46 -60.16
N TYR B 614 -48.77 84.99 -58.90
CA TYR B 614 -49.81 84.25 -58.21
C TYR B 614 -50.75 85.19 -57.46
N PRO B 615 -52.02 84.81 -57.35
CA PRO B 615 -52.98 85.63 -56.59
C PRO B 615 -52.66 85.60 -55.11
N ALA B 616 -52.98 86.70 -54.43
CA ALA B 616 -52.80 86.78 -52.98
C ALA B 616 -53.74 85.83 -52.25
N SER B 617 -54.85 85.45 -52.88
CA SER B 617 -55.81 84.53 -52.28
C SER B 617 -55.27 83.11 -52.14
N TRP B 618 -54.06 82.83 -52.65
CA TRP B 618 -53.45 81.52 -52.42
C TRP B 618 -53.24 81.24 -50.95
N ALA B 619 -53.09 82.29 -50.14
CA ALA B 619 -52.94 82.12 -48.69
C ALA B 619 -54.20 81.55 -48.05
N ASP B 620 -55.36 81.72 -48.69
CA ASP B 620 -56.63 81.21 -48.18
C ASP B 620 -56.98 79.84 -48.75
N ALA B 621 -56.12 79.24 -49.57
CA ALA B 621 -56.39 77.91 -50.10
C ALA B 621 -56.59 76.92 -48.96
N VAL B 622 -57.33 75.85 -49.24
CA VAL B 622 -57.75 74.89 -48.24
C VAL B 622 -57.36 73.52 -48.74
N ASP B 623 -56.73 72.74 -47.86
CA ASP B 623 -56.27 71.40 -48.22
C ASP B 623 -57.41 70.58 -48.81
N GLU B 624 -57.06 69.66 -49.69
CA GLU B 624 -58.05 68.72 -50.19
C GLU B 624 -58.31 67.66 -49.13
N ALA B 625 -59.51 67.08 -49.18
CA ALA B 625 -59.89 66.08 -48.20
C ALA B 625 -58.96 64.88 -48.27
N ALA B 626 -58.64 64.33 -47.11
CA ALA B 626 -57.72 63.20 -47.04
C ALA B 626 -58.42 61.93 -47.49
N ALA B 627 -57.76 61.16 -48.34
CA ALA B 627 -58.32 59.89 -48.77
C ALA B 627 -58.27 58.88 -47.62
N THR B 628 -59.07 57.82 -47.75
CA THR B 628 -59.10 56.77 -46.73
C THR B 628 -57.82 55.95 -46.82
N VAL B 629 -56.99 56.05 -45.78
CA VAL B 629 -55.75 55.27 -45.75
C VAL B 629 -56.08 53.81 -45.47
N THR B 630 -55.46 52.91 -46.23
CA THR B 630 -55.72 51.49 -46.06
C THR B 630 -55.06 50.98 -44.78
N GLU B 631 -55.72 50.03 -44.13
CA GLU B 631 -55.20 49.44 -42.89
C GLU B 631 -54.00 48.58 -43.26
N GLU B 632 -52.82 49.09 -42.97
CA GLU B 632 -51.56 48.43 -43.26
C GLU B 632 -50.97 47.83 -41.99
N PRO B 633 -50.09 46.84 -42.12
CA PRO B 633 -49.47 46.25 -40.92
C PRO B 633 -48.76 47.29 -40.07
N GLU B 634 -48.59 46.96 -38.79
CA GLU B 634 -48.01 47.93 -37.86
C GLU B 634 -46.61 48.35 -38.29
N PHE B 635 -45.80 47.41 -38.77
CA PHE B 635 -44.45 47.75 -39.21
C PHE B 635 -44.49 48.71 -40.38
N ILE B 636 -45.35 48.46 -41.36
CA ILE B 636 -45.47 49.35 -42.52
C ILE B 636 -45.93 50.73 -42.07
N GLN B 637 -46.91 50.78 -41.17
CA GLN B 637 -47.48 52.06 -40.74
C GLN B 637 -46.49 52.87 -39.90
N LYS B 638 -45.74 52.20 -39.02
CA LYS B 638 -44.88 52.91 -38.08
C LYS B 638 -43.44 53.07 -38.54
N VAL B 639 -42.96 52.25 -39.47
CA VAL B 639 -41.54 52.27 -39.82
C VAL B 639 -41.33 52.59 -41.29
N LEU B 640 -41.85 51.75 -42.18
CA LEU B 640 -41.53 51.87 -43.60
C LEU B 640 -42.10 53.17 -44.19
N ARG B 641 -43.38 53.46 -43.91
CA ARG B 641 -43.97 54.69 -44.44
C ARG B 641 -43.30 55.94 -43.93
N PRO B 642 -43.04 56.12 -42.63
CA PRO B 642 -42.35 57.34 -42.18
C PRO B 642 -40.95 57.49 -42.76
N ILE B 643 -40.22 56.38 -42.95
CA ILE B 643 -38.88 56.46 -43.51
C ILE B 643 -38.93 56.94 -44.95
N ASN B 644 -39.84 56.37 -45.75
CA ASN B 644 -39.97 56.80 -47.15
C ASN B 644 -40.52 58.21 -47.27
N ALA B 645 -41.25 58.69 -46.27
CA ALA B 645 -41.66 60.09 -46.22
C ALA B 645 -40.55 61.01 -45.72
N LEU B 646 -39.32 60.50 -45.62
CA LEU B 646 -38.18 61.29 -45.16
C LEU B 646 -38.39 61.81 -43.74
N LYS B 647 -39.02 60.99 -42.89
CA LYS B 647 -39.26 61.36 -41.49
C LYS B 647 -38.70 60.32 -40.53
N GLY B 648 -37.79 59.46 -40.99
CA GLY B 648 -37.25 58.44 -40.12
C GLY B 648 -36.48 58.99 -38.95
N ASP B 649 -35.91 60.20 -39.10
CA ASP B 649 -35.19 60.83 -38.00
C ASP B 649 -36.11 61.14 -36.83
N GLU B 650 -37.42 61.26 -37.07
CA GLU B 650 -38.35 61.51 -35.99
C GLU B 650 -38.74 60.25 -35.24
N LEU B 651 -38.36 59.08 -35.73
CA LEU B 651 -38.72 57.83 -35.08
C LEU B 651 -37.95 57.67 -33.78
N PRO B 652 -38.61 57.50 -32.65
CA PRO B 652 -37.89 57.35 -31.38
C PRO B 652 -37.25 55.98 -31.24
N VAL B 653 -36.49 55.79 -30.16
CA VAL B 653 -35.77 54.53 -29.97
C VAL B 653 -36.75 53.37 -29.85
N SER B 654 -37.90 53.59 -29.21
CA SER B 654 -38.86 52.51 -28.98
C SER B 654 -39.45 51.95 -30.26
N THR B 655 -39.16 52.55 -31.42
CA THR B 655 -39.70 52.05 -32.68
C THR B 655 -39.00 50.77 -33.11
N PHE B 656 -37.75 50.57 -32.73
CA PHE B 656 -36.89 49.58 -33.35
C PHE B 656 -36.60 48.40 -32.44
N THR B 657 -36.32 47.27 -33.06
CA THR B 657 -35.84 46.10 -32.33
C THR B 657 -34.44 46.36 -31.79
N PRO B 658 -34.07 45.69 -30.68
CA PRO B 658 -32.75 45.93 -30.10
C PRO B 658 -31.62 45.22 -30.83
N ASP B 659 -31.91 44.34 -31.77
CA ASP B 659 -30.89 43.54 -32.43
C ASP B 659 -30.93 43.64 -33.95
N GLY B 660 -31.64 44.61 -34.50
CA GLY B 660 -31.65 44.81 -35.94
C GLY B 660 -32.36 43.73 -36.72
N VAL B 661 -33.38 43.11 -36.13
CA VAL B 661 -34.16 42.07 -36.80
C VAL B 661 -35.37 42.73 -37.44
N PHE B 662 -35.61 42.40 -38.71
CA PHE B 662 -36.66 43.01 -39.52
C PHE B 662 -37.59 41.95 -40.11
N PRO B 663 -38.83 42.31 -40.41
CA PRO B 663 -39.73 41.35 -41.07
C PRO B 663 -39.31 41.12 -42.52
N VAL B 664 -39.86 40.06 -43.09
CA VAL B 664 -39.63 39.72 -44.48
C VAL B 664 -40.86 40.14 -45.28
N GLY B 665 -40.70 40.18 -46.61
CA GLY B 665 -41.80 40.47 -47.51
C GLY B 665 -42.43 41.83 -47.33
N THR B 666 -41.61 42.89 -47.29
CA THR B 666 -42.10 44.23 -47.11
C THR B 666 -41.97 45.10 -48.35
N THR B 667 -41.24 44.64 -49.38
CA THR B 667 -41.10 45.45 -50.59
C THR B 667 -42.41 45.56 -51.36
N LYS B 668 -43.37 44.67 -51.11
CA LYS B 668 -44.65 44.73 -51.80
C LYS B 668 -45.48 45.95 -51.42
N TYR B 669 -45.11 46.66 -50.35
CA TYR B 669 -45.80 47.88 -49.96
C TYR B 669 -45.20 49.14 -50.58
N GLU B 670 -44.11 49.02 -51.35
CA GLU B 670 -43.46 50.20 -51.89
C GLU B 670 -44.23 50.77 -53.08
N LYS B 671 -44.44 49.95 -54.11
CA LYS B 671 -45.17 50.36 -55.32
C LYS B 671 -44.61 51.68 -55.87
N ARG B 672 -43.32 51.65 -56.21
CA ARG B 672 -42.64 52.89 -56.59
C ARG B 672 -43.18 53.44 -57.91
N GLY B 673 -43.49 52.56 -58.86
CA GLY B 673 -44.03 52.98 -60.14
C GLY B 673 -43.10 53.89 -60.91
N ILE B 674 -41.87 53.43 -61.12
CA ILE B 674 -40.82 54.25 -61.73
C ILE B 674 -40.62 53.94 -63.21
N ALA B 675 -41.36 52.99 -63.76
CA ALA B 675 -41.14 52.55 -65.13
C ALA B 675 -41.65 53.56 -66.13
N VAL B 676 -40.93 53.70 -67.25
CA VAL B 676 -41.42 54.51 -68.36
C VAL B 676 -42.35 53.69 -69.24
N ASN B 677 -42.02 52.42 -69.46
CA ASN B 677 -42.84 51.50 -70.22
C ASN B 677 -43.01 50.21 -69.43
N ILE B 678 -44.15 49.55 -69.61
CA ILE B 678 -44.42 48.28 -68.95
C ILE B 678 -44.88 47.27 -70.00
N PRO B 679 -44.62 45.98 -69.81
CA PRO B 679 -45.04 44.98 -70.80
C PRO B 679 -46.57 44.84 -70.85
N GLN B 680 -47.10 44.84 -72.06
CA GLN B 680 -48.51 44.57 -72.31
C GLN B 680 -48.63 43.19 -72.92
N TRP B 681 -49.48 42.35 -72.33
CA TRP B 681 -49.57 40.96 -72.72
C TRP B 681 -50.51 40.79 -73.90
N GLN B 682 -50.05 40.05 -74.92
CA GLN B 682 -50.86 39.73 -76.08
C GLN B 682 -51.31 38.28 -75.94
N PRO B 683 -52.53 38.02 -75.46
CA PRO B 683 -52.93 36.62 -75.19
C PRO B 683 -52.93 35.74 -76.42
N GLU B 684 -53.17 36.30 -77.60
CA GLU B 684 -53.28 35.50 -78.82
C GLU B 684 -51.93 35.02 -79.34
N ASN B 685 -50.84 35.70 -78.98
CA ASN B 685 -49.50 35.36 -79.45
C ASN B 685 -48.71 34.55 -78.44
N CYS B 686 -49.25 34.33 -77.24
CA CYS B 686 -48.52 33.70 -76.14
C CYS B 686 -48.59 32.19 -76.24
N ILE B 687 -47.42 31.54 -76.13
CA ILE B 687 -47.35 30.09 -76.11
C ILE B 687 -47.28 29.53 -74.70
N GLN B 688 -47.37 30.39 -73.68
CA GLN B 688 -47.41 29.98 -72.28
C GLN B 688 -46.16 29.17 -71.91
N CYS B 689 -45.01 29.82 -72.05
CA CYS B 689 -43.73 29.19 -71.76
C CYS B 689 -43.07 29.72 -70.49
N ASN B 690 -43.56 30.83 -69.93
CA ASN B 690 -43.12 31.40 -68.66
C ASN B 690 -41.66 31.86 -68.68
N GLN B 691 -41.07 32.04 -69.87
CA GLN B 691 -39.71 32.57 -69.93
C GLN B 691 -39.65 34.04 -69.50
N CYS B 692 -40.74 34.79 -69.71
CA CYS B 692 -40.78 36.17 -69.26
C CYS B 692 -40.76 36.24 -67.74
N SER B 693 -41.45 35.31 -67.07
CA SER B 693 -41.43 35.27 -65.62
C SER B 693 -40.06 34.87 -65.09
N LEU B 694 -39.31 34.06 -65.87
CA LEU B 694 -38.03 33.56 -65.39
C LEU B 694 -36.97 34.67 -65.36
N VAL B 695 -36.97 35.53 -66.38
CA VAL B 695 -35.89 36.50 -66.55
C VAL B 695 -36.15 37.84 -65.88
N CYS B 696 -37.34 38.05 -65.32
CA CYS B 696 -37.67 39.35 -64.71
C CYS B 696 -36.84 39.57 -63.45
N PRO B 697 -35.99 40.60 -63.42
CA PRO B 697 -35.14 40.83 -62.23
C PRO B 697 -35.89 41.33 -61.01
N HIS B 698 -37.21 41.53 -61.08
CA HIS B 698 -37.95 42.07 -59.95
C HIS B 698 -39.24 41.28 -59.65
N ALA B 699 -39.44 40.14 -60.30
CA ALA B 699 -40.63 39.31 -60.11
C ALA B 699 -41.91 40.12 -60.32
N ALA B 700 -41.86 41.04 -61.28
CA ALA B 700 -42.99 41.92 -61.56
C ALA B 700 -43.93 41.36 -62.62
N ILE B 701 -43.56 40.27 -63.28
CA ILE B 701 -44.40 39.65 -64.29
C ILE B 701 -44.41 38.14 -64.03
N ARG B 702 -45.59 37.58 -63.88
CA ARG B 702 -45.76 36.19 -63.46
C ARG B 702 -46.92 35.58 -64.21
N PRO B 703 -46.95 34.25 -64.33
CA PRO B 703 -48.14 33.58 -64.85
C PRO B 703 -49.11 33.25 -63.72
N TYR B 704 -50.39 33.27 -64.07
CA TYR B 704 -51.47 32.99 -63.12
C TYR B 704 -52.42 31.97 -63.71
N LEU B 705 -52.70 30.91 -62.94
CA LEU B 705 -53.71 29.91 -63.27
C LEU B 705 -54.92 30.08 -62.38
N ALA B 706 -56.09 29.74 -62.92
CA ALA B 706 -57.31 29.88 -62.15
C ALA B 706 -58.39 29.00 -62.76
N LYS B 707 -59.16 28.34 -61.90
CA LYS B 707 -60.37 27.68 -62.34
C LYS B 707 -61.39 28.73 -62.81
N PRO B 708 -62.19 28.41 -63.83
CA PRO B 708 -63.14 29.41 -64.34
C PRO B 708 -64.11 29.93 -63.29
N ALA B 709 -64.37 29.16 -62.23
CA ALA B 709 -65.25 29.64 -61.17
C ALA B 709 -64.60 30.77 -60.36
N ASP B 710 -63.27 30.73 -60.19
CA ASP B 710 -62.57 31.75 -59.43
C ASP B 710 -62.40 33.06 -60.17
N LEU B 711 -62.80 33.13 -61.45
CA LEU B 711 -62.75 34.36 -62.23
C LEU B 711 -64.05 35.15 -62.14
N ALA B 712 -64.80 35.01 -61.04
CA ALA B 712 -66.12 35.63 -60.95
C ALA B 712 -66.01 37.16 -60.91
N GLY B 713 -65.37 37.70 -59.89
CA GLY B 713 -65.27 39.14 -59.76
C GLY B 713 -64.14 39.75 -60.56
N ALA B 714 -63.69 39.06 -61.60
CA ALA B 714 -62.59 39.56 -62.40
C ALA B 714 -63.00 40.79 -63.20
N PRO B 715 -62.12 41.76 -63.37
CA PRO B 715 -62.44 42.90 -64.25
C PRO B 715 -62.61 42.44 -65.68
N GLU B 716 -63.29 43.26 -66.47
CA GLU B 716 -63.53 42.92 -67.87
C GLU B 716 -62.24 42.86 -68.67
N THR B 717 -61.21 43.58 -68.23
CA THR B 717 -59.92 43.58 -68.91
C THR B 717 -59.02 42.42 -68.51
N PHE B 718 -59.45 41.59 -67.56
CA PHE B 718 -58.66 40.43 -67.12
C PHE B 718 -58.85 39.26 -68.09
N VAL B 719 -58.46 39.52 -69.34
CA VAL B 719 -58.64 38.53 -70.40
C VAL B 719 -57.69 37.36 -70.18
N THR B 720 -58.23 36.15 -70.24
CA THR B 720 -57.46 34.92 -70.02
C THR B 720 -57.50 34.05 -71.26
N LYS B 721 -56.73 32.95 -71.20
CA LYS B 721 -56.65 31.98 -72.27
C LYS B 721 -56.67 30.59 -71.66
N ASP B 722 -57.10 29.61 -72.45
CA ASP B 722 -57.10 28.22 -72.00
C ASP B 722 -55.68 27.77 -71.71
N ALA B 723 -55.51 26.99 -70.65
CA ALA B 723 -54.18 26.60 -70.20
C ALA B 723 -53.65 25.45 -71.05
N ILE B 724 -52.43 25.61 -71.56
CA ILE B 724 -51.76 24.62 -72.39
C ILE B 724 -51.07 23.60 -71.51
N GLY B 725 -51.23 22.33 -71.84
CA GLY B 725 -50.58 21.27 -71.10
C GLY B 725 -51.56 20.31 -70.47
N LYS B 726 -51.19 19.03 -70.40
CA LYS B 726 -52.05 18.04 -69.76
C LYS B 726 -52.17 18.26 -68.26
N GLU B 727 -51.18 18.92 -67.64
CA GLU B 727 -51.24 19.15 -66.21
C GLU B 727 -52.27 20.22 -65.85
N ALA B 728 -52.44 21.23 -66.70
CA ALA B 728 -53.33 22.35 -66.43
C ALA B 728 -54.62 22.27 -67.23
N ALA B 729 -55.13 21.07 -67.48
CA ALA B 729 -56.36 20.93 -68.24
C ALA B 729 -57.54 21.50 -67.45
N GLY B 730 -58.39 22.25 -68.15
CA GLY B 730 -59.55 22.86 -67.53
C GLY B 730 -59.29 24.14 -66.76
N LEU B 731 -58.10 24.71 -66.86
CA LEU B 731 -57.76 25.93 -66.15
C LEU B 731 -57.60 27.09 -67.13
N LYS B 732 -57.63 28.30 -66.59
CA LYS B 732 -57.36 29.51 -67.35
C LYS B 732 -55.93 29.97 -67.07
N PHE B 733 -55.33 30.61 -68.06
CA PHE B 733 -53.94 31.07 -67.97
C PHE B 733 -53.88 32.53 -68.35
N ARG B 734 -53.03 33.29 -67.65
CA ARG B 734 -52.82 34.69 -67.96
C ARG B 734 -51.46 35.13 -67.46
N ILE B 735 -50.75 35.90 -68.29
CA ILE B 735 -49.51 36.55 -67.88
C ILE B 735 -49.86 37.96 -67.40
N GLN B 736 -49.70 38.21 -66.10
CA GLN B 736 -50.06 39.48 -65.50
C GLN B 736 -48.81 40.18 -64.96
N VAL B 737 -48.71 41.47 -65.21
CA VAL B 737 -47.59 42.27 -64.75
C VAL B 737 -48.07 43.18 -63.62
N SER B 738 -47.17 43.47 -62.69
CA SER B 738 -47.42 44.44 -61.63
C SER B 738 -46.91 45.80 -62.11
N PRO B 739 -47.80 46.71 -62.54
CA PRO B 739 -47.32 47.94 -63.17
C PRO B 739 -46.50 48.83 -62.26
N LEU B 740 -46.87 48.92 -60.97
CA LEU B 740 -46.17 49.80 -60.05
C LEU B 740 -44.84 49.22 -59.55
N ASP B 741 -44.57 47.94 -59.79
CA ASP B 741 -43.32 47.31 -59.41
C ASP B 741 -42.38 47.07 -60.58
N CYS B 742 -42.87 47.16 -61.81
CA CYS B 742 -42.02 47.01 -62.96
C CYS B 742 -41.08 48.21 -63.07
N THR B 743 -39.87 47.94 -63.59
CA THR B 743 -38.86 48.98 -63.77
C THR B 743 -38.75 49.43 -65.22
N GLY B 744 -39.46 48.78 -66.13
CA GLY B 744 -39.37 49.12 -67.53
C GLY B 744 -38.09 48.66 -68.19
N CYS B 745 -37.40 47.69 -67.61
CA CYS B 745 -36.12 47.26 -68.14
C CYS B 745 -36.29 46.60 -69.51
N GLY B 746 -37.37 45.84 -69.69
CA GLY B 746 -37.66 45.24 -70.96
C GLY B 746 -37.04 43.88 -71.20
N ASN B 747 -36.55 43.21 -70.15
CA ASN B 747 -35.92 41.91 -70.36
C ASN B 747 -36.92 40.88 -70.83
N CYS B 748 -38.15 40.94 -70.31
CA CYS B 748 -39.16 39.95 -70.67
C CYS B 748 -39.55 40.06 -72.13
N ALA B 749 -39.61 41.29 -72.67
CA ALA B 749 -39.95 41.46 -74.07
C ALA B 749 -38.85 40.92 -74.98
N ASP B 750 -37.59 40.93 -74.53
CA ASP B 750 -36.50 40.42 -75.36
C ASP B 750 -36.45 38.90 -75.34
N VAL B 751 -36.84 38.27 -74.23
CA VAL B 751 -36.73 36.82 -74.10
C VAL B 751 -37.94 36.10 -74.72
N CYS B 752 -39.08 36.78 -74.84
CA CYS B 752 -40.31 36.18 -75.35
C CYS B 752 -40.06 35.46 -76.66
N PRO B 753 -40.16 34.14 -76.68
CA PRO B 753 -39.77 33.36 -77.87
C PRO B 753 -40.88 33.09 -78.87
N ALA B 754 -42.05 33.71 -78.72
CA ALA B 754 -43.15 33.46 -79.62
C ALA B 754 -42.81 33.93 -81.04
N LYS B 755 -43.52 33.38 -82.01
CA LYS B 755 -43.34 33.79 -83.40
C LYS B 755 -43.56 35.29 -83.56
N VAL B 756 -44.75 35.75 -83.19
CA VAL B 756 -45.05 37.18 -83.08
C VAL B 756 -44.88 37.55 -81.62
N LYS B 757 -44.22 38.68 -81.36
CA LYS B 757 -43.92 39.07 -80.00
C LYS B 757 -45.21 39.20 -79.18
N ALA B 758 -45.29 38.43 -78.10
CA ALA B 758 -46.45 38.44 -77.21
C ALA B 758 -46.37 39.50 -76.12
N LEU B 759 -45.27 40.24 -76.05
CA LEU B 759 -45.10 41.31 -75.07
C LEU B 759 -44.63 42.55 -75.79
N THR B 760 -45.36 43.64 -75.66
CA THR B 760 -45.00 44.92 -76.26
C THR B 760 -44.93 45.97 -75.16
N MET B 761 -43.87 46.77 -75.17
CA MET B 761 -43.65 47.79 -74.15
C MET B 761 -44.52 49.00 -74.45
N VAL B 762 -45.47 49.29 -73.56
CA VAL B 762 -46.37 50.43 -73.72
C VAL B 762 -46.14 51.39 -72.55
N PRO B 763 -46.40 52.68 -72.70
CA PRO B 763 -46.17 53.61 -71.60
C PRO B 763 -46.99 53.23 -70.37
N LEU B 764 -46.38 53.40 -69.20
CA LEU B 764 -47.03 53.02 -67.95
C LEU B 764 -48.30 53.84 -67.73
N GLU B 765 -48.20 55.16 -67.89
CA GLU B 765 -49.30 56.05 -67.55
C GLU B 765 -50.56 55.76 -68.37
N GLU B 766 -50.41 55.18 -69.56
CA GLU B 766 -51.56 54.94 -70.42
C GLU B 766 -52.36 53.71 -69.99
N VAL B 767 -51.72 52.71 -69.41
CA VAL B 767 -52.37 51.44 -69.10
C VAL B 767 -52.33 51.13 -67.61
N THR B 768 -51.90 52.07 -66.78
CA THR B 768 -51.69 51.77 -65.36
C THR B 768 -53.01 51.49 -64.64
N ALA B 769 -54.06 52.26 -64.93
CA ALA B 769 -55.33 52.05 -64.26
C ALA B 769 -55.89 50.66 -64.54
N VAL B 770 -55.76 50.20 -65.78
CA VAL B 770 -56.25 48.88 -66.15
C VAL B 770 -55.38 47.79 -65.51
N GLU B 771 -54.06 47.89 -65.69
CA GLU B 771 -53.17 46.83 -65.22
C GLU B 771 -53.11 46.77 -63.70
N GLU B 772 -53.38 47.88 -63.01
CA GLU B 772 -53.44 47.83 -61.54
C GLU B 772 -54.61 46.97 -61.07
N ALA B 773 -55.79 47.19 -61.67
CA ALA B 773 -56.94 46.37 -61.32
C ALA B 773 -56.74 44.92 -61.73
N ASN B 774 -56.07 44.69 -62.86
CA ASN B 774 -55.78 43.33 -63.29
C ASN B 774 -54.83 42.65 -62.32
N TYR B 775 -53.75 43.35 -61.93
CA TYR B 775 -52.79 42.77 -61.01
C TYR B 775 -53.38 42.55 -59.63
N ASN B 776 -54.15 43.53 -59.14
CA ASN B 776 -54.75 43.39 -57.81
C ASN B 776 -55.72 42.21 -57.74
N PHE B 777 -56.35 41.87 -58.86
CA PHE B 777 -57.18 40.67 -58.89
C PHE B 777 -56.33 39.42 -59.03
N ALA B 778 -55.27 39.48 -59.85
CA ALA B 778 -54.42 38.32 -60.04
C ALA B 778 -53.68 37.95 -58.76
N GLU B 779 -53.32 38.93 -57.94
CA GLU B 779 -52.54 38.64 -56.74
C GLU B 779 -53.36 37.91 -55.69
N GLN B 780 -54.67 38.15 -55.63
CA GLN B 780 -55.56 37.52 -54.67
C GLN B 780 -56.16 36.21 -55.17
N LEU B 781 -55.77 35.74 -56.35
CA LEU B 781 -56.30 34.48 -56.87
C LEU B 781 -55.88 33.33 -55.97
N PRO B 782 -56.74 32.34 -55.75
CA PRO B 782 -56.39 31.23 -54.85
C PRO B 782 -55.28 30.37 -55.43
N GLU B 783 -54.68 29.57 -54.55
CA GLU B 783 -53.60 28.70 -54.97
C GLU B 783 -54.11 27.59 -55.87
N VAL B 784 -53.31 27.21 -56.85
CA VAL B 784 -53.66 26.15 -57.79
C VAL B 784 -52.55 25.11 -57.72
N LYS B 785 -52.88 23.95 -57.18
CA LYS B 785 -51.91 22.85 -57.15
C LYS B 785 -51.80 22.25 -58.54
N VAL B 786 -50.61 22.30 -59.12
CA VAL B 786 -50.36 21.80 -60.46
C VAL B 786 -49.12 20.90 -60.42
N ASN B 787 -49.14 19.84 -61.22
CA ASN B 787 -48.08 18.85 -61.23
C ASN B 787 -47.08 19.07 -62.35
N PHE B 788 -46.89 20.33 -62.77
CA PHE B 788 -45.84 20.62 -63.72
C PHE B 788 -44.48 20.36 -63.08
N ASN B 789 -43.56 19.82 -63.87
CA ASN B 789 -42.25 19.47 -63.35
C ASN B 789 -41.50 20.73 -62.95
N PRO B 790 -41.13 20.89 -61.67
CA PRO B 790 -40.33 22.08 -61.28
C PRO B 790 -38.94 22.08 -61.88
N ALA B 791 -38.48 20.94 -62.42
CA ALA B 791 -37.17 20.89 -63.08
C ALA B 791 -37.18 21.54 -64.46
N THR B 792 -38.35 21.90 -64.97
CA THR B 792 -38.48 22.62 -66.23
C THR B 792 -38.63 24.11 -65.97
N VAL B 793 -38.39 24.90 -67.02
CA VAL B 793 -38.51 26.36 -66.89
C VAL B 793 -39.96 26.75 -66.63
N LYS B 794 -40.89 26.17 -67.41
CA LYS B 794 -42.30 26.52 -67.25
C LYS B 794 -42.83 26.10 -65.88
N GLY B 795 -42.46 24.90 -65.42
CA GLY B 795 -42.96 24.42 -64.14
C GLY B 795 -42.42 25.20 -62.96
N SER B 796 -41.16 25.66 -63.04
CA SER B 796 -40.59 26.39 -61.92
C SER B 796 -41.25 27.75 -61.74
N GLN B 797 -41.73 28.34 -62.83
CA GLN B 797 -42.33 29.67 -62.76
C GLN B 797 -43.76 29.67 -62.27
N PHE B 798 -44.42 28.51 -62.20
CA PHE B 798 -45.69 28.41 -61.51
C PHE B 798 -45.52 28.36 -60.00
N ARG B 799 -44.29 28.16 -59.51
CA ARG B 799 -43.99 28.31 -58.10
C ARG B 799 -43.86 29.78 -57.75
N GLN B 800 -44.32 30.15 -56.56
CA GLN B 800 -44.33 31.55 -56.16
C GLN B 800 -42.90 32.05 -55.96
N PRO B 801 -42.54 33.20 -56.53
CA PRO B 801 -41.22 33.78 -56.24
C PRO B 801 -41.20 34.34 -54.83
N LEU B 802 -40.16 33.99 -54.08
CA LEU B 802 -39.97 34.48 -52.72
C LEU B 802 -38.88 35.56 -52.66
N LEU B 803 -38.55 36.15 -53.79
CA LEU B 803 -37.70 37.34 -53.88
C LEU B 803 -38.35 38.27 -54.89
N GLU B 804 -38.88 39.40 -54.41
CA GLU B 804 -39.69 40.26 -55.25
C GLU B 804 -39.41 41.72 -54.95
N PHE B 805 -39.41 42.53 -56.01
CA PHE B 805 -39.45 44.00 -55.89
C PHE B 805 -38.23 44.55 -55.16
N SER B 806 -37.07 43.95 -55.42
CA SER B 806 -35.86 44.41 -54.75
C SER B 806 -35.41 45.76 -55.32
N GLY B 807 -34.39 46.33 -54.68
CA GLY B 807 -33.84 47.58 -55.13
C GLY B 807 -32.76 47.46 -56.20
N ALA B 808 -32.61 46.28 -56.79
CA ALA B 808 -31.60 46.10 -57.83
C ALA B 808 -31.95 46.96 -59.05
N CYS B 809 -30.94 47.18 -59.89
CA CYS B 809 -31.12 48.02 -61.08
C CYS B 809 -32.13 47.41 -62.04
N ALA B 810 -32.60 48.24 -62.97
CA ALA B 810 -33.42 47.73 -64.06
C ALA B 810 -32.57 46.81 -64.94
N GLY B 811 -33.03 45.57 -65.08
CA GLY B 811 -32.31 44.60 -65.87
C GLY B 811 -31.13 43.96 -65.19
N CYS B 812 -31.09 43.97 -63.86
CA CYS B 812 -29.96 43.41 -63.13
C CYS B 812 -29.79 41.93 -63.44
N GLY B 813 -28.54 41.51 -63.64
CA GLY B 813 -28.24 40.11 -63.91
C GLY B 813 -28.10 39.23 -62.71
N GLU B 814 -28.29 39.76 -61.49
CA GLU B 814 -28.10 38.99 -60.26
C GLU B 814 -29.40 38.40 -59.73
N THR B 815 -30.44 39.23 -59.58
CA THR B 815 -31.67 38.78 -58.93
C THR B 815 -32.38 37.63 -59.63
N PRO B 816 -32.37 37.49 -60.96
CA PRO B 816 -33.04 36.32 -61.56
C PRO B 816 -32.50 34.98 -61.08
N TYR B 817 -31.20 34.89 -60.78
CA TYR B 817 -30.65 33.66 -60.23
C TYR B 817 -31.25 33.35 -58.87
N VAL B 818 -31.26 34.35 -57.97
CA VAL B 818 -31.76 34.12 -56.62
C VAL B 818 -33.26 33.87 -56.64
N LYS B 819 -34.00 34.60 -57.48
CA LYS B 819 -35.44 34.37 -57.59
C LYS B 819 -35.73 32.93 -58.02
N LEU B 820 -34.95 32.41 -58.97
CA LEU B 820 -35.17 31.05 -59.42
C LEU B 820 -34.85 30.04 -58.32
N VAL B 821 -33.82 30.32 -57.52
CA VAL B 821 -33.49 29.43 -56.41
C VAL B 821 -34.64 29.40 -55.40
N THR B 822 -35.24 30.55 -55.11
CA THR B 822 -36.37 30.58 -54.18
C THR B 822 -37.58 29.84 -54.75
N GLN B 823 -37.74 29.82 -56.07
CA GLN B 823 -38.84 29.07 -56.66
C GLN B 823 -38.60 27.57 -56.60
N LEU B 824 -37.35 27.14 -56.45
CA LEU B 824 -37.03 25.72 -56.36
C LEU B 824 -36.97 25.23 -54.91
N PHE B 825 -36.28 25.97 -54.04
CA PHE B 825 -36.04 25.52 -52.67
C PHE B 825 -36.42 26.55 -51.62
N GLY B 826 -37.06 27.67 -52.00
CA GLY B 826 -37.31 28.75 -51.08
C GLY B 826 -38.14 28.38 -49.86
N ASP B 827 -38.94 27.31 -49.97
CA ASP B 827 -39.76 26.87 -48.85
C ASP B 827 -38.94 26.51 -47.62
N ARG B 828 -37.65 26.19 -47.79
CA ARG B 828 -36.88 25.59 -46.70
C ARG B 828 -35.42 26.04 -46.72
N MET B 829 -35.12 27.22 -47.23
CA MET B 829 -33.75 27.66 -47.38
C MET B 829 -33.41 28.81 -46.44
N ILE B 830 -32.14 28.85 -46.03
CA ILE B 830 -31.60 29.92 -45.20
C ILE B 830 -30.43 30.54 -45.95
N ILE B 831 -30.39 31.86 -46.00
CA ILE B 831 -29.46 32.59 -46.84
C ILE B 831 -28.44 33.29 -45.96
N ALA B 832 -27.15 33.05 -46.24
CA ALA B 832 -26.03 33.80 -45.70
C ALA B 832 -25.47 34.63 -46.83
N ASN B 833 -25.67 35.94 -46.76
CA ASN B 833 -25.38 36.84 -47.88
C ASN B 833 -24.19 37.73 -47.55
N ALA B 834 -23.20 37.73 -48.44
CA ALA B 834 -22.04 38.60 -48.27
C ALA B 834 -22.42 40.05 -48.54
N THR B 835 -21.65 40.96 -47.96
CA THR B 835 -21.83 42.38 -48.23
C THR B 835 -21.53 42.67 -49.71
N GLY B 836 -22.33 43.54 -50.29
CA GLY B 836 -22.21 43.87 -51.69
C GLY B 836 -23.56 44.24 -52.25
N CYS B 837 -23.66 44.21 -53.58
CA CYS B 837 -24.93 44.50 -54.23
C CYS B 837 -26.04 43.60 -53.69
N SER B 838 -25.76 42.29 -53.58
CA SER B 838 -26.79 41.36 -53.16
C SER B 838 -27.27 41.66 -51.74
N SER B 839 -26.42 42.26 -50.90
CA SER B 839 -26.86 42.68 -49.58
C SER B 839 -27.51 44.06 -49.60
N ILE B 840 -27.22 44.88 -50.61
CA ILE B 840 -27.85 46.19 -50.69
C ILE B 840 -29.27 46.08 -51.25
N TRP B 841 -29.44 45.36 -52.36
CA TRP B 841 -30.81 45.15 -52.83
C TRP B 841 -31.50 44.03 -52.08
N GLY B 842 -30.76 43.20 -51.35
CA GLY B 842 -31.34 42.10 -50.61
C GLY B 842 -31.69 42.43 -49.16
N GLY B 843 -30.98 43.38 -48.57
CA GLY B 843 -31.21 43.69 -47.18
C GLY B 843 -30.88 45.11 -46.77
N SER B 844 -31.49 46.08 -47.44
CA SER B 844 -31.39 47.48 -47.03
C SER B 844 -32.64 47.84 -46.27
N ALA B 845 -32.47 48.27 -45.01
CA ALA B 845 -33.60 48.65 -44.19
C ALA B 845 -34.35 49.82 -44.85
N PRO B 846 -35.67 49.91 -44.66
CA PRO B 846 -36.51 49.00 -43.87
C PRO B 846 -37.26 47.95 -44.70
N ALA B 847 -36.96 47.85 -45.99
CA ALA B 847 -37.72 46.98 -46.89
C ALA B 847 -36.94 45.70 -47.17
N CYS B 848 -37.62 44.56 -47.08
CA CYS B 848 -37.03 43.26 -47.33
C CYS B 848 -37.65 42.65 -48.58
N PRO B 849 -36.88 42.37 -49.63
CA PRO B 849 -37.47 41.80 -50.85
C PRO B 849 -37.82 40.33 -50.75
N TYR B 850 -37.23 39.59 -49.81
CA TYR B 850 -37.58 38.19 -49.61
C TYR B 850 -38.90 38.07 -48.88
N THR B 851 -39.78 37.20 -49.36
CA THR B 851 -41.14 37.10 -48.87
C THR B 851 -41.51 35.64 -48.64
N VAL B 852 -42.74 35.41 -48.18
CA VAL B 852 -43.21 34.09 -47.78
C VAL B 852 -44.34 33.65 -48.70
N ASN B 853 -44.67 32.35 -48.61
CA ASN B 853 -45.77 31.78 -49.38
C ASN B 853 -47.06 31.87 -48.57
N ARG B 854 -48.10 31.18 -49.01
CA ARG B 854 -49.39 31.26 -48.32
C ARG B 854 -49.35 30.62 -46.94
N GLN B 855 -48.47 29.65 -46.73
CA GLN B 855 -48.30 29.03 -45.42
C GLN B 855 -47.41 29.85 -44.50
N GLY B 856 -46.83 30.95 -44.98
CA GLY B 856 -45.94 31.77 -44.19
C GLY B 856 -44.49 31.34 -44.20
N HIS B 857 -44.11 30.43 -45.10
CA HIS B 857 -42.74 29.93 -45.17
C HIS B 857 -41.98 30.65 -46.28
N GLY B 858 -40.70 30.95 -46.00
CA GLY B 858 -39.86 31.64 -46.95
C GLY B 858 -38.44 31.76 -46.44
N PRO B 859 -37.52 32.22 -47.30
CA PRO B 859 -36.11 32.25 -46.92
C PRO B 859 -35.86 33.18 -45.74
N ALA B 860 -35.10 32.68 -44.77
CA ALA B 860 -34.56 33.51 -43.70
C ALA B 860 -33.21 34.05 -44.15
N TRP B 861 -32.98 35.34 -43.94
CA TRP B 861 -31.88 36.06 -44.57
C TRP B 861 -31.02 36.73 -43.51
N ALA B 862 -29.70 36.56 -43.64
CA ALA B 862 -28.76 37.15 -42.70
C ALA B 862 -27.48 37.52 -43.44
N SER B 863 -26.94 38.68 -43.11
CA SER B 863 -25.65 39.12 -43.65
C SER B 863 -24.75 39.50 -42.49
N SER B 864 -23.56 38.88 -42.44
CA SER B 864 -22.59 39.18 -41.40
C SER B 864 -21.60 40.25 -41.86
N LEU B 865 -20.52 39.83 -42.52
CA LEU B 865 -19.50 40.75 -42.97
C LEU B 865 -19.20 40.46 -44.44
N PHE B 866 -18.27 41.25 -44.99
CA PHE B 866 -17.83 41.05 -46.36
C PHE B 866 -16.91 39.85 -46.48
N GLU B 867 -16.07 39.62 -45.48
CA GLU B 867 -15.00 38.63 -45.56
C GLU B 867 -15.38 37.25 -45.01
N ASP B 868 -16.46 37.14 -44.26
CA ASP B 868 -16.74 35.92 -43.49
C ASP B 868 -17.95 35.13 -43.99
N ASN B 869 -18.46 35.44 -45.18
CA ASN B 869 -19.77 34.92 -45.55
C ASN B 869 -19.79 33.41 -45.67
N ALA B 870 -18.72 32.81 -46.23
CA ALA B 870 -18.67 31.36 -46.35
C ALA B 870 -18.67 30.69 -44.98
N GLU B 871 -17.79 31.15 -44.09
CA GLU B 871 -17.77 30.61 -42.74
C GLU B 871 -19.07 30.93 -42.01
N PHE B 872 -19.68 32.07 -42.34
CA PHE B 872 -20.97 32.43 -41.74
C PHE B 872 -22.03 31.38 -42.04
N GLY B 873 -22.20 31.03 -43.32
CA GLY B 873 -23.16 30.01 -43.67
C GLY B 873 -22.76 28.63 -43.21
N TYR B 874 -21.47 28.36 -43.13
CA TYR B 874 -21.00 27.09 -42.57
C TYR B 874 -21.50 26.91 -41.15
N GLY B 875 -21.38 27.95 -40.33
CA GLY B 875 -21.89 27.87 -38.97
C GLY B 875 -23.39 27.62 -38.92
N MET B 876 -24.13 28.23 -39.85
CA MET B 876 -25.57 27.95 -39.94
C MET B 876 -25.83 26.48 -40.23
N ALA B 877 -25.03 25.88 -41.13
CA ALA B 877 -25.23 24.48 -41.47
C ALA B 877 -25.00 23.59 -40.26
N LEU B 878 -23.97 23.88 -39.45
CA LEU B 878 -23.74 23.11 -38.23
C LEU B 878 -24.90 23.24 -37.27
N ALA B 879 -25.43 24.46 -37.09
CA ALA B 879 -26.49 24.68 -36.13
C ALA B 879 -27.77 23.95 -36.53
N VAL B 880 -28.15 24.03 -37.81
CA VAL B 880 -29.36 23.36 -38.27
C VAL B 880 -29.25 21.86 -38.07
N ALA B 881 -28.07 21.30 -38.36
CA ALA B 881 -27.86 19.87 -38.12
C ALA B 881 -28.02 19.54 -36.65
N LYS B 882 -27.54 20.41 -35.77
CA LYS B 882 -27.72 20.21 -34.33
C LYS B 882 -29.20 20.24 -33.96
N ARG B 883 -29.96 21.18 -34.55
CA ARG B 883 -31.37 21.29 -34.22
C ARG B 883 -32.19 20.12 -34.73
N GLN B 884 -31.82 19.56 -35.89
CA GLN B 884 -32.52 18.37 -36.37
C GLN B 884 -32.20 17.15 -35.52
N ASP B 885 -30.98 17.09 -34.97
CA ASP B 885 -30.62 15.98 -34.09
C ASP B 885 -31.41 16.04 -32.79
N GLU B 886 -31.63 17.24 -32.25
CA GLU B 886 -32.43 17.35 -31.03
C GLU B 886 -33.86 16.91 -31.28
N LEU B 887 -34.41 17.27 -32.45
CA LEU B 887 -35.74 16.81 -32.84
C LEU B 887 -35.77 15.31 -33.07
N ALA B 888 -34.76 14.77 -33.78
CA ALA B 888 -34.74 13.34 -34.09
C ALA B 888 -34.63 12.49 -32.83
N THR B 889 -33.95 13.00 -31.79
CA THR B 889 -33.86 12.27 -30.53
C THR B 889 -35.23 12.19 -29.86
N ALA B 890 -35.99 13.29 -29.89
CA ALA B 890 -37.31 13.30 -29.30
C ALA B 890 -38.29 12.41 -30.07
N ILE B 891 -38.12 12.31 -31.40
CA ILE B 891 -39.00 11.46 -32.20
C ILE B 891 -38.72 9.99 -31.93
N SER B 892 -37.44 9.62 -31.75
CA SER B 892 -37.14 8.23 -31.41
C SER B 892 -37.72 7.83 -30.07
N LYS B 893 -37.81 8.77 -29.12
CA LYS B 893 -38.47 8.48 -27.86
C LYS B 893 -39.96 8.26 -28.04
N ALA B 894 -40.56 8.94 -29.03
CA ALA B 894 -41.99 8.77 -29.28
C ALA B 894 -42.31 7.37 -29.80
N LEU B 895 -41.37 6.74 -30.49
CA LEU B 895 -41.57 5.37 -30.94
C LEU B 895 -41.72 4.43 -29.76
N GLU B 896 -41.06 4.75 -28.64
CA GLU B 896 -41.07 3.95 -27.43
C GLU B 896 -42.23 4.30 -26.50
N ALA B 897 -43.09 5.31 -26.87
CA ALA B 897 -44.20 5.86 -26.10
C ALA B 897 -45.54 5.31 -26.56
N PRO B 898 -46.53 5.26 -25.67
CA PRO B 898 -47.89 4.85 -26.07
C PRO B 898 -48.59 5.93 -26.89
N VAL B 899 -48.31 5.97 -28.19
CA VAL B 899 -48.95 6.89 -29.11
C VAL B 899 -49.58 6.07 -30.23
N SER B 900 -50.41 6.73 -31.05
CA SER B 900 -51.16 6.01 -32.06
C SER B 900 -50.23 5.37 -33.08
N ALA B 901 -50.72 4.29 -33.70
CA ALA B 901 -49.91 3.58 -34.69
C ALA B 901 -49.62 4.46 -35.91
N ALA B 902 -50.58 5.30 -36.29
CA ALA B 902 -50.36 6.19 -37.43
C ALA B 902 -49.28 7.21 -37.12
N PHE B 903 -49.17 7.63 -35.85
CA PHE B 903 -48.12 8.55 -35.45
C PHE B 903 -46.75 7.88 -35.53
N LYS B 904 -46.66 6.62 -35.07
CA LYS B 904 -45.39 5.90 -35.14
C LYS B 904 -44.98 5.63 -36.59
N ALA B 905 -45.94 5.39 -37.48
CA ALA B 905 -45.61 5.14 -38.87
C ALA B 905 -44.97 6.36 -39.52
N ALA B 906 -45.52 7.55 -39.24
CA ALA B 906 -44.95 8.78 -39.79
C ALA B 906 -43.60 9.10 -39.15
N CYS B 907 -43.40 8.72 -37.89
CA CYS B 907 -42.11 8.94 -37.26
C CYS B 907 -41.04 8.06 -37.86
N GLU B 908 -41.34 6.77 -38.07
CA GLU B 908 -40.38 5.88 -38.70
C GLU B 908 -40.05 6.34 -40.12
N GLY B 909 -41.05 6.83 -40.85
CA GLY B 909 -40.80 7.32 -42.19
C GLY B 909 -39.93 8.57 -42.19
N TRP B 910 -40.13 9.44 -41.19
CA TRP B 910 -39.31 10.66 -41.11
C TRP B 910 -37.89 10.33 -40.67
N LEU B 911 -37.74 9.43 -39.70
CA LEU B 911 -36.39 9.04 -39.25
C LEU B 911 -35.59 8.41 -40.37
N ALA B 912 -36.25 7.68 -41.27
CA ALA B 912 -35.57 7.08 -42.41
C ALA B 912 -35.27 8.09 -43.51
N GLY B 913 -36.01 9.20 -43.57
CA GLY B 913 -35.83 10.17 -44.63
C GLY B 913 -35.61 11.60 -44.18
N LYS B 914 -35.06 11.79 -42.97
CA LYS B 914 -34.84 13.14 -42.47
C LYS B 914 -33.82 13.92 -43.30
N ASP B 915 -32.92 13.23 -44.01
CA ASP B 915 -31.89 13.87 -44.82
C ASP B 915 -32.25 13.96 -46.29
N ASP B 916 -33.49 13.63 -46.66
CA ASP B 916 -33.98 13.83 -48.02
C ASP B 916 -35.04 14.92 -48.00
N ALA B 917 -34.93 15.85 -48.94
CA ALA B 917 -35.84 17.00 -48.95
C ALA B 917 -37.28 16.56 -49.12
N ASP B 918 -37.53 15.67 -50.08
CA ASP B 918 -38.91 15.28 -50.38
C ASP B 918 -39.47 14.38 -49.28
N ARG B 919 -38.69 13.39 -48.85
CA ARG B 919 -39.20 12.42 -47.88
C ARG B 919 -39.38 13.05 -46.50
N SER B 920 -38.49 13.97 -46.10
CA SER B 920 -38.64 14.61 -44.81
C SER B 920 -39.87 15.52 -44.78
N ARG B 921 -40.20 16.14 -45.91
CA ARG B 921 -41.41 16.96 -45.97
C ARG B 921 -42.66 16.07 -45.92
N GLU B 922 -42.62 14.93 -46.60
CA GLU B 922 -43.78 14.04 -46.66
C GLU B 922 -44.17 13.56 -45.26
N TYR B 923 -43.25 12.90 -44.58
CA TYR B 923 -43.52 12.41 -43.23
C TYR B 923 -43.53 13.52 -42.20
N GLY B 924 -42.81 14.61 -42.45
CA GLY B 924 -42.85 15.74 -41.54
C GLY B 924 -44.22 16.37 -41.49
N ASP B 925 -44.85 16.58 -42.64
CA ASP B 925 -46.20 17.14 -42.66
C ASP B 925 -47.21 16.18 -42.05
N ARG B 926 -46.97 14.87 -42.16
CA ARG B 926 -47.85 13.91 -41.49
C ARG B 926 -47.77 14.05 -39.98
N ILE B 927 -46.56 14.21 -39.45
CA ILE B 927 -46.41 14.41 -38.00
C ILE B 927 -47.12 15.69 -37.57
N LYS B 928 -46.99 16.76 -38.37
CA LYS B 928 -47.64 18.02 -38.05
C LYS B 928 -49.15 17.88 -38.03
N ALA B 929 -49.71 17.05 -38.91
CA ALA B 929 -51.15 16.86 -38.95
C ALA B 929 -51.65 16.00 -37.80
N LEU B 930 -50.83 15.06 -37.32
CA LEU B 930 -51.21 14.18 -36.23
C LEU B 930 -50.89 14.74 -34.85
N LEU B 931 -50.04 15.77 -34.79
CA LEU B 931 -49.62 16.29 -33.49
C LEU B 931 -50.77 16.84 -32.65
N PRO B 932 -51.64 17.73 -33.16
CA PRO B 932 -52.69 18.27 -32.28
C PRO B 932 -53.60 17.21 -31.70
N GLY B 933 -53.99 16.22 -32.49
CA GLY B 933 -54.82 15.14 -31.98
C GLY B 933 -54.09 14.19 -31.06
N GLU B 934 -52.80 13.95 -31.34
CA GLU B 934 -52.03 13.07 -30.48
C GLU B 934 -51.78 13.71 -29.12
N ILE B 935 -51.56 15.03 -29.09
CA ILE B 935 -51.39 15.74 -27.83
C ILE B 935 -52.70 15.73 -27.03
N SER B 936 -53.84 15.84 -27.72
CA SER B 936 -55.12 15.85 -27.03
C SER B 936 -55.38 14.53 -26.30
N GLN B 937 -54.92 13.41 -26.86
CA GLN B 937 -55.14 12.09 -26.27
C GLN B 937 -54.04 11.69 -25.30
N ALA B 938 -53.08 12.56 -25.01
CA ALA B 938 -51.95 12.23 -24.16
C ALA B 938 -52.00 13.02 -22.86
N SER B 939 -51.19 12.56 -21.90
CA SER B 939 -51.08 13.19 -20.60
C SER B 939 -49.74 12.79 -19.98
N GLY B 940 -49.28 13.60 -19.03
CA GLY B 940 -48.05 13.26 -18.32
C GLY B 940 -46.82 13.47 -19.17
N GLU B 941 -45.88 12.53 -19.04
CA GLU B 941 -44.61 12.62 -19.77
C GLU B 941 -44.82 12.40 -21.27
N VAL B 942 -45.82 11.62 -21.65
CA VAL B 942 -46.09 11.43 -23.07
C VAL B 942 -46.55 12.74 -23.70
N LYS B 943 -47.39 13.49 -22.98
CA LYS B 943 -47.84 14.79 -23.48
C LYS B 943 -46.68 15.77 -23.59
N ASP B 944 -45.74 15.72 -22.63
CA ASP B 944 -44.57 16.58 -22.71
C ASP B 944 -43.67 16.19 -23.88
N LEU B 945 -43.54 14.88 -24.14
CA LEU B 945 -42.73 14.43 -25.26
C LEU B 945 -43.35 14.87 -26.58
N LEU B 946 -44.68 14.85 -26.69
CA LEU B 946 -45.32 15.30 -27.91
C LEU B 946 -45.23 16.81 -28.06
N LEU B 947 -45.34 17.55 -26.95
CA LEU B 947 -45.18 19.00 -27.00
C LEU B 947 -43.75 19.39 -27.35
N ASP B 948 -42.78 18.53 -27.02
CA ASP B 948 -41.40 18.80 -27.42
C ASP B 948 -41.19 18.57 -28.91
N ILE B 949 -41.92 17.62 -29.50
CA ILE B 949 -41.89 17.46 -30.95
C ILE B 949 -42.51 18.68 -31.62
N ASP B 950 -43.65 19.13 -31.10
CA ASP B 950 -44.34 20.28 -31.65
C ASP B 950 -43.51 21.54 -31.50
N ARG B 951 -42.72 21.64 -30.43
CA ARG B 951 -41.86 22.80 -30.24
C ARG B 951 -40.76 22.86 -31.30
N GLN B 952 -40.34 21.71 -31.84
CA GLN B 952 -39.26 21.64 -32.81
C GLN B 952 -39.74 21.21 -34.20
N LYS B 953 -41.04 21.26 -34.46
CA LYS B 953 -41.54 20.76 -35.74
C LYS B 953 -41.03 21.58 -36.92
N ASP B 954 -40.51 22.79 -36.68
CA ASP B 954 -39.94 23.60 -37.74
C ASP B 954 -38.58 23.11 -38.21
N TYR B 955 -38.13 21.94 -37.75
CA TYR B 955 -36.91 21.32 -38.23
C TYR B 955 -37.17 19.95 -38.83
N LEU B 956 -38.45 19.56 -38.98
CA LEU B 956 -38.78 18.31 -39.65
C LEU B 956 -38.33 18.33 -41.11
N THR B 957 -38.67 19.39 -41.83
CA THR B 957 -38.25 19.54 -43.22
C THR B 957 -36.76 19.87 -43.27
N LYS B 958 -36.02 19.14 -44.10
CA LYS B 958 -34.60 19.39 -44.24
C LYS B 958 -34.36 20.80 -44.77
N LYS B 959 -33.39 21.50 -44.18
CA LYS B 959 -33.12 22.86 -44.61
C LYS B 959 -32.08 22.87 -45.72
N SER B 960 -32.05 23.97 -46.47
CA SER B 960 -31.17 24.13 -47.62
C SER B 960 -30.39 25.43 -47.41
N ILE B 961 -29.13 25.30 -47.02
CA ILE B 961 -28.32 26.47 -46.69
C ILE B 961 -27.74 27.04 -47.99
N TRP B 962 -27.95 28.34 -48.21
CA TRP B 962 -27.47 29.01 -49.41
C TRP B 962 -26.55 30.16 -49.01
N ILE B 963 -25.32 30.12 -49.52
CA ILE B 963 -24.29 31.12 -49.24
C ILE B 963 -24.12 31.95 -50.50
N ILE B 964 -24.66 33.17 -50.48
CA ILE B 964 -24.76 34.01 -51.67
C ILE B 964 -23.83 35.22 -51.53
N GLY B 965 -23.12 35.54 -52.61
CA GLY B 965 -22.24 36.69 -52.59
C GLY B 965 -21.67 36.94 -53.97
N GLY B 966 -21.00 38.10 -54.09
CA GLY B 966 -20.43 38.51 -55.36
C GLY B 966 -19.03 37.98 -55.60
N ASP B 967 -18.48 38.35 -56.75
CA ASP B 967 -17.15 37.89 -57.13
C ASP B 967 -16.07 38.51 -56.26
N GLY B 968 -16.28 39.73 -55.78
CA GLY B 968 -15.32 40.34 -54.87
C GLY B 968 -15.17 39.57 -53.58
N TRP B 969 -16.29 39.06 -53.05
CA TRP B 969 -16.24 38.23 -51.86
C TRP B 969 -15.57 36.88 -52.15
N ALA B 970 -16.00 36.21 -53.23
CA ALA B 970 -15.55 34.84 -53.48
C ALA B 970 -14.12 34.80 -54.00
N TYR B 971 -13.71 35.78 -54.81
CA TYR B 971 -12.38 35.73 -55.42
C TYR B 971 -11.31 36.43 -54.58
N ASP B 972 -11.70 37.36 -53.71
CA ASP B 972 -10.71 38.18 -53.02
C ASP B 972 -10.79 38.05 -51.51
N ILE B 973 -11.59 38.92 -50.88
CA ILE B 973 -11.50 39.09 -49.43
C ILE B 973 -11.99 37.84 -48.69
N GLY B 974 -13.00 37.16 -49.23
CA GLY B 974 -13.55 35.98 -48.61
C GLY B 974 -13.11 34.67 -49.24
N TYR B 975 -12.10 34.69 -50.10
CA TYR B 975 -11.69 33.48 -50.80
C TYR B 975 -11.12 32.43 -49.85
N GLY B 976 -10.28 32.86 -48.91
CA GLY B 976 -9.71 31.92 -47.97
C GLY B 976 -10.76 31.18 -47.16
N GLY B 977 -11.82 31.90 -46.75
CA GLY B 977 -12.90 31.25 -46.05
C GLY B 977 -13.73 30.36 -46.95
N LEU B 978 -13.96 30.81 -48.19
CA LEU B 978 -14.69 30.00 -49.16
C LEU B 978 -13.93 28.72 -49.49
N ASP B 979 -12.60 28.83 -49.65
CA ASP B 979 -11.80 27.64 -49.90
C ASP B 979 -11.92 26.63 -48.77
N HIS B 980 -11.89 27.11 -47.52
CA HIS B 980 -11.94 26.21 -46.37
C HIS B 980 -13.30 25.54 -46.25
N VAL B 981 -14.38 26.29 -46.44
CA VAL B 981 -15.72 25.72 -46.29
C VAL B 981 -15.99 24.67 -47.37
N LEU B 982 -15.51 24.91 -48.60
CA LEU B 982 -15.65 23.91 -49.64
C LEU B 982 -14.84 22.65 -49.31
N ALA B 983 -13.63 22.83 -48.77
CA ALA B 983 -12.81 21.69 -48.40
C ALA B 983 -13.39 20.89 -47.24
N SER B 984 -14.25 21.51 -46.42
CA SER B 984 -14.79 20.81 -45.25
C SER B 984 -15.75 19.69 -45.64
N GLY B 985 -16.40 19.81 -46.80
CA GLY B 985 -17.37 18.83 -47.20
C GLY B 985 -18.78 19.10 -46.74
N ALA B 986 -19.02 20.23 -46.09
CA ALA B 986 -20.35 20.53 -45.56
C ALA B 986 -21.36 20.64 -46.70
N ASN B 987 -22.61 20.30 -46.38
CA ASN B 987 -23.71 20.37 -47.34
C ASN B 987 -24.21 21.81 -47.38
N VAL B 988 -23.47 22.65 -48.08
CA VAL B 988 -23.84 24.05 -48.29
C VAL B 988 -23.88 24.31 -49.78
N ASN B 989 -24.65 25.34 -50.15
CA ASN B 989 -24.81 25.73 -51.55
C ASN B 989 -24.30 27.16 -51.67
N VAL B 990 -23.18 27.33 -52.37
CA VAL B 990 -22.56 28.62 -52.59
C VAL B 990 -22.96 29.12 -53.96
N LEU B 991 -23.52 30.31 -54.03
CA LEU B 991 -23.90 30.96 -55.28
C LEU B 991 -23.05 32.21 -55.45
N VAL B 992 -22.16 32.21 -56.43
CA VAL B 992 -21.30 33.35 -56.72
C VAL B 992 -21.95 34.12 -57.86
N LEU B 993 -22.43 35.32 -57.56
CA LEU B 993 -22.96 36.22 -58.58
C LEU B 993 -21.78 36.97 -59.16
N ASP B 994 -21.23 36.45 -60.26
CA ASP B 994 -19.99 36.96 -60.84
C ASP B 994 -20.35 38.11 -61.78
N THR B 995 -20.12 39.34 -61.32
CA THR B 995 -20.20 40.50 -62.18
C THR B 995 -18.84 40.92 -62.72
N GLU B 996 -17.78 40.21 -62.34
CA GLU B 996 -16.40 40.44 -62.77
C GLU B 996 -15.87 41.80 -62.34
N VAL B 997 -16.58 42.51 -61.46
CA VAL B 997 -16.17 43.80 -60.90
C VAL B 997 -16.77 43.91 -59.49
N TYR B 998 -16.40 44.97 -58.80
CA TYR B 998 -17.08 45.35 -57.56
C TYR B 998 -18.25 46.24 -57.95
N SER B 999 -19.43 45.63 -58.14
CA SER B 999 -20.56 46.38 -58.68
C SER B 999 -21.07 47.40 -57.67
N ASN B 1000 -21.11 47.04 -56.39
CA ASN B 1000 -21.70 47.90 -55.37
C ASN B 1000 -20.93 49.21 -55.23
N THR B 1001 -19.60 49.13 -55.16
CA THR B 1001 -18.77 50.30 -54.85
C THR B 1001 -18.41 51.13 -56.08
N GLY B 1002 -19.02 50.85 -57.23
CA GLY B 1002 -18.84 51.68 -58.41
C GLY B 1002 -18.06 51.04 -59.53
N GLY B 1003 -17.46 49.86 -59.32
CA GLY B 1003 -16.76 49.17 -60.38
C GLY B 1003 -15.25 49.15 -60.21
N GLN B 1004 -14.78 48.59 -59.11
CA GLN B 1004 -13.34 48.45 -58.88
C GLN B 1004 -12.86 47.07 -59.33
N SER B 1005 -11.55 46.96 -59.49
CA SER B 1005 -10.95 45.75 -60.03
C SER B 1005 -11.11 44.58 -59.07
N SER B 1006 -11.19 43.38 -59.64
CA SER B 1006 -11.32 42.14 -58.91
C SER B 1006 -10.44 41.10 -59.58
N LYS B 1007 -10.21 39.97 -58.88
CA LYS B 1007 -9.52 38.86 -59.53
C LYS B 1007 -10.39 38.19 -60.59
N ALA B 1008 -11.70 38.40 -60.53
CA ALA B 1008 -12.62 37.91 -61.55
C ALA B 1008 -12.68 38.80 -62.78
N THR B 1009 -12.07 39.98 -62.73
CA THR B 1009 -12.01 40.84 -63.91
C THR B 1009 -11.11 40.22 -64.96
N GLN B 1010 -11.58 40.26 -66.21
CA GLN B 1010 -10.86 39.61 -67.30
C GLN B 1010 -9.74 40.50 -67.83
N THR B 1011 -8.94 39.93 -68.72
CA THR B 1011 -7.86 40.67 -69.36
C THR B 1011 -8.41 41.79 -70.23
N GLY B 1012 -7.80 42.97 -70.13
CA GLY B 1012 -8.19 44.11 -70.94
C GLY B 1012 -9.37 44.90 -70.44
N ALA B 1013 -10.13 44.37 -69.48
CA ALA B 1013 -11.26 45.11 -68.93
C ALA B 1013 -10.77 46.28 -68.08
N VAL B 1014 -11.41 47.44 -68.27
CA VAL B 1014 -11.05 48.67 -67.57
C VAL B 1014 -11.99 48.86 -66.40
N ALA B 1015 -11.43 48.98 -65.20
CA ALA B 1015 -12.18 49.28 -63.99
C ALA B 1015 -11.30 50.15 -63.10
N ARG B 1016 -11.86 50.57 -61.97
CA ARG B 1016 -11.08 51.34 -61.00
C ARG B 1016 -9.97 50.47 -60.41
N PHE B 1017 -8.80 51.08 -60.21
CA PHE B 1017 -7.54 50.42 -59.84
C PHE B 1017 -6.99 49.58 -60.97
N ALA B 1018 -7.55 49.72 -62.18
CA ALA B 1018 -7.03 49.09 -63.38
C ALA B 1018 -7.23 50.07 -64.54
N ALA B 1019 -6.62 51.26 -64.40
CA ALA B 1019 -6.84 52.35 -65.35
C ALA B 1019 -6.32 52.00 -66.73
N GLY B 1020 -5.17 51.33 -66.80
CA GLY B 1020 -4.59 50.90 -68.06
C GLY B 1020 -5.06 49.56 -68.55
N GLY B 1021 -6.13 49.00 -67.98
CA GLY B 1021 -6.58 47.68 -68.32
C GLY B 1021 -5.94 46.62 -67.46
N LYS B 1022 -6.69 45.58 -67.11
CA LYS B 1022 -6.15 44.52 -66.26
C LYS B 1022 -5.28 43.60 -67.11
N PHE B 1023 -4.01 43.45 -66.71
CA PHE B 1023 -3.09 42.62 -67.47
C PHE B 1023 -3.28 41.14 -67.17
N THR B 1024 -3.23 40.77 -65.89
CA THR B 1024 -3.39 39.37 -65.51
C THR B 1024 -4.80 38.88 -65.85
N LYS B 1025 -4.90 37.60 -66.19
CA LYS B 1025 -6.18 37.06 -66.64
C LYS B 1025 -7.10 36.81 -65.45
N LYS B 1026 -8.32 36.39 -65.76
CA LYS B 1026 -9.30 36.11 -64.72
C LYS B 1026 -8.87 34.90 -63.90
N LYS B 1027 -8.95 35.03 -62.58
CA LYS B 1027 -8.69 33.90 -61.71
C LYS B 1027 -9.77 32.85 -61.91
N ASP B 1028 -9.35 31.58 -62.06
CA ASP B 1028 -10.28 30.51 -62.35
C ASP B 1028 -10.70 29.87 -61.03
N LEU B 1029 -11.73 30.45 -60.42
CA LEU B 1029 -12.25 29.94 -59.15
C LEU B 1029 -12.83 28.53 -59.31
N GLY B 1030 -13.53 28.29 -60.42
CA GLY B 1030 -14.10 26.97 -60.64
C GLY B 1030 -13.06 25.89 -60.77
N LEU B 1031 -11.93 26.20 -61.42
CA LEU B 1031 -10.88 25.21 -61.60
C LEU B 1031 -10.24 24.82 -60.27
N MET B 1032 -10.06 25.79 -59.37
CA MET B 1032 -9.46 25.48 -58.08
C MET B 1032 -10.41 24.67 -57.20
N ALA B 1033 -11.71 24.92 -57.28
CA ALA B 1033 -12.66 24.16 -56.48
C ALA B 1033 -12.78 22.72 -56.98
N MET B 1034 -12.56 22.48 -58.27
CA MET B 1034 -12.61 21.12 -58.80
C MET B 1034 -11.41 20.30 -58.36
N SER B 1035 -10.32 20.95 -57.93
CA SER B 1035 -9.14 20.21 -57.50
C SER B 1035 -9.42 19.36 -56.28
N TYR B 1036 -10.42 19.71 -55.47
CA TYR B 1036 -10.77 18.88 -54.33
C TYR B 1036 -11.43 17.58 -54.75
N GLY B 1037 -12.15 17.58 -55.87
CA GLY B 1037 -12.81 16.40 -56.38
C GLY B 1037 -14.18 16.14 -55.80
N TYR B 1038 -14.41 16.49 -54.53
CA TYR B 1038 -15.68 16.25 -53.87
C TYR B 1038 -16.55 17.51 -53.77
N VAL B 1039 -16.23 18.56 -54.51
CA VAL B 1039 -17.03 19.78 -54.54
C VAL B 1039 -17.77 19.82 -55.88
N TYR B 1040 -19.09 19.96 -55.82
CA TYR B 1040 -19.87 20.18 -57.04
C TYR B 1040 -19.63 21.60 -57.54
N VAL B 1041 -19.15 21.72 -58.77
CA VAL B 1041 -18.84 23.00 -59.37
C VAL B 1041 -19.58 23.13 -60.70
N ALA B 1042 -20.18 24.29 -60.94
CA ALA B 1042 -20.92 24.53 -62.17
C ALA B 1042 -20.77 25.99 -62.57
N SER B 1043 -20.66 26.22 -63.88
CA SER B 1043 -20.61 27.56 -64.46
C SER B 1043 -21.86 27.77 -65.30
N VAL B 1044 -22.65 28.78 -64.95
CA VAL B 1044 -23.96 28.98 -65.55
C VAL B 1044 -24.10 30.42 -66.06
N ALA B 1045 -25.06 30.60 -66.95
CA ALA B 1045 -25.40 31.93 -67.48
C ALA B 1045 -26.83 31.84 -67.99
N MET B 1046 -27.76 32.53 -67.31
CA MET B 1046 -29.17 32.37 -67.63
C MET B 1046 -29.49 32.77 -69.05
N GLY B 1047 -28.90 33.87 -69.53
CA GLY B 1047 -29.15 34.31 -70.88
C GLY B 1047 -28.71 33.34 -71.94
N ALA B 1048 -27.74 32.48 -71.63
CA ALA B 1048 -27.21 31.54 -72.61
C ALA B 1048 -28.03 30.26 -72.70
N SER B 1049 -28.41 29.68 -71.56
CA SER B 1049 -29.15 28.41 -71.57
C SER B 1049 -30.02 28.35 -70.33
N HIS B 1050 -31.35 28.38 -70.52
CA HIS B 1050 -32.25 28.21 -69.40
C HIS B 1050 -32.20 26.79 -68.84
N SER B 1051 -32.16 25.78 -69.71
CA SER B 1051 -32.18 24.40 -69.25
C SER B 1051 -30.90 24.01 -68.52
N GLN B 1052 -29.75 24.55 -68.95
CA GLN B 1052 -28.50 24.25 -68.26
C GLN B 1052 -28.47 24.84 -66.86
N LEU B 1053 -29.09 26.00 -66.66
CA LEU B 1053 -29.17 26.58 -65.32
C LEU B 1053 -30.06 25.73 -64.42
N MET B 1054 -31.18 25.25 -64.96
CA MET B 1054 -32.06 24.36 -64.20
C MET B 1054 -31.30 23.11 -63.78
N LYS B 1055 -30.47 22.59 -64.68
CA LYS B 1055 -29.73 21.35 -64.42
C LYS B 1055 -28.74 21.54 -63.27
N ALA B 1056 -28.01 22.65 -63.27
CA ALA B 1056 -26.96 22.86 -62.26
C ALA B 1056 -27.54 23.18 -60.88
N LEU B 1057 -28.60 23.98 -60.83
CA LEU B 1057 -29.18 24.35 -59.55
C LEU B 1057 -29.74 23.13 -58.83
N ILE B 1058 -30.40 22.24 -59.56
CA ILE B 1058 -31.00 21.06 -58.94
C ILE B 1058 -29.93 20.06 -58.54
N GLU B 1059 -28.92 19.85 -59.40
CA GLU B 1059 -27.82 18.94 -59.05
C GLU B 1059 -27.02 19.44 -57.86
N ALA B 1060 -26.79 20.76 -57.79
CA ALA B 1060 -25.97 21.29 -56.70
C ALA B 1060 -26.69 21.15 -55.37
N GLU B 1061 -27.99 21.42 -55.34
CA GLU B 1061 -28.72 21.38 -54.07
C GLU B 1061 -28.92 19.95 -53.60
N LYS B 1062 -29.20 19.01 -54.53
CA LYS B 1062 -29.39 17.62 -54.14
C LYS B 1062 -28.07 16.94 -53.77
N TYR B 1063 -26.94 17.45 -54.23
CA TYR B 1063 -25.65 16.86 -53.89
C TYR B 1063 -25.40 16.98 -52.38
N ASP B 1064 -25.15 15.85 -51.73
CA ASP B 1064 -24.91 15.82 -50.29
C ASP B 1064 -23.45 16.20 -50.02
N GLY B 1065 -23.17 17.49 -50.16
CA GLY B 1065 -21.84 18.01 -50.01
C GLY B 1065 -21.76 19.46 -50.45
N PRO B 1066 -20.54 19.99 -50.53
CA PRO B 1066 -20.38 21.41 -50.91
C PRO B 1066 -20.63 21.63 -52.40
N SER B 1067 -21.37 22.69 -52.71
CA SER B 1067 -21.73 23.03 -54.09
C SER B 1067 -21.36 24.48 -54.37
N LEU B 1068 -20.81 24.72 -55.56
CA LEU B 1068 -20.36 26.04 -55.99
C LEU B 1068 -20.98 26.38 -57.34
N ILE B 1069 -21.77 27.44 -57.38
CA ILE B 1069 -22.41 27.90 -58.60
C ILE B 1069 -21.84 29.27 -58.94
N ILE B 1070 -21.14 29.35 -60.07
CA ILE B 1070 -20.60 30.61 -60.56
C ILE B 1070 -21.51 31.09 -61.69
N ALA B 1071 -22.30 32.13 -61.42
CA ALA B 1071 -23.31 32.62 -62.34
C ALA B 1071 -22.85 33.93 -62.97
N TYR B 1072 -22.88 33.98 -64.30
CA TYR B 1072 -22.56 35.22 -65.00
C TYR B 1072 -23.70 36.22 -64.82
N ALA B 1073 -23.41 37.35 -64.17
CA ALA B 1073 -24.43 38.35 -63.86
C ALA B 1073 -24.09 39.65 -64.58
N PRO B 1074 -24.74 39.95 -65.69
CA PRO B 1074 -24.51 41.24 -66.35
C PRO B 1074 -24.82 42.39 -65.42
N CYS B 1075 -24.09 43.48 -65.60
CA CYS B 1075 -24.13 44.60 -64.67
C CYS B 1075 -24.08 45.93 -65.42
N ILE B 1076 -24.55 46.99 -64.76
CA ILE B 1076 -24.50 48.31 -65.36
C ILE B 1076 -23.07 48.79 -65.51
N ASN B 1077 -22.16 48.29 -64.66
CA ASN B 1077 -20.76 48.67 -64.75
C ASN B 1077 -20.08 48.09 -65.98
N HIS B 1078 -20.71 47.14 -66.67
CA HIS B 1078 -20.15 46.60 -67.90
C HIS B 1078 -20.26 47.62 -69.05
N GLY B 1079 -21.22 48.53 -68.96
CA GLY B 1079 -21.45 49.48 -70.05
C GLY B 1079 -22.22 48.87 -71.19
N ILE B 1080 -23.43 48.39 -70.91
CA ILE B 1080 -24.27 47.74 -71.90
C ILE B 1080 -25.69 48.27 -71.76
N ASN B 1081 -26.51 47.98 -72.77
CA ASN B 1081 -27.93 48.26 -72.71
C ASN B 1081 -28.58 47.20 -71.84
N MET B 1082 -29.02 47.57 -70.64
CA MET B 1082 -29.61 46.60 -69.72
C MET B 1082 -30.94 46.05 -70.21
N THR B 1083 -31.56 46.67 -71.22
CA THR B 1083 -32.74 46.08 -71.82
C THR B 1083 -32.44 44.69 -72.38
N TYR B 1084 -31.25 44.51 -72.92
CA TYR B 1084 -30.82 43.23 -73.46
C TYR B 1084 -29.77 42.60 -72.56
N SER B 1085 -30.04 42.61 -71.25
CA SER B 1085 -29.11 42.02 -70.28
C SER B 1085 -29.06 40.51 -70.43
N GLN B 1086 -30.21 39.86 -70.64
CA GLN B 1086 -30.21 38.42 -70.89
C GLN B 1086 -29.46 38.09 -72.18
N ARG B 1087 -29.65 38.91 -73.22
CA ARG B 1087 -28.97 38.67 -74.48
C ARG B 1087 -27.47 38.86 -74.36
N GLU B 1088 -27.03 39.76 -73.48
CA GLU B 1088 -25.59 39.97 -73.29
C GLU B 1088 -24.93 38.75 -72.67
N ALA B 1089 -25.64 38.03 -71.81
CA ALA B 1089 -25.10 36.79 -71.25
C ALA B 1089 -25.06 35.68 -72.29
N LYS B 1090 -25.98 35.69 -73.25
CA LYS B 1090 -25.95 34.69 -74.32
C LYS B 1090 -24.77 34.93 -75.25
N LYS B 1091 -24.47 36.19 -75.58
CA LYS B 1091 -23.32 36.48 -76.42
C LYS B 1091 -22.00 36.15 -75.73
N ALA B 1092 -21.98 36.19 -74.39
CA ALA B 1092 -20.75 35.87 -73.67
C ALA B 1092 -20.38 34.41 -73.83
N VAL B 1093 -21.35 33.51 -73.73
CA VAL B 1093 -21.07 32.08 -73.87
C VAL B 1093 -20.83 31.72 -75.32
N GLU B 1094 -21.57 32.34 -76.24
CA GLU B 1094 -21.41 32.05 -77.66
C GLU B 1094 -20.07 32.53 -78.20
N ALA B 1095 -19.43 33.49 -77.54
CA ALA B 1095 -18.14 34.02 -77.97
C ALA B 1095 -16.96 33.37 -77.24
N GLY B 1096 -17.21 32.33 -76.45
CA GLY B 1096 -16.15 31.71 -75.68
C GLY B 1096 -15.66 32.52 -74.50
N TYR B 1097 -16.40 33.58 -74.13
CA TYR B 1097 -15.98 34.44 -73.03
C TYR B 1097 -16.32 33.83 -71.68
N TRP B 1098 -17.46 33.12 -71.59
CA TRP B 1098 -17.90 32.52 -70.35
C TRP B 1098 -18.24 31.06 -70.62
N PRO B 1099 -17.68 30.11 -69.85
CA PRO B 1099 -17.95 28.69 -70.09
C PRO B 1099 -19.18 28.19 -69.34
N LEU B 1100 -19.75 27.11 -69.87
CA LEU B 1100 -20.84 26.38 -69.23
C LEU B 1100 -20.38 24.95 -69.00
N TYR B 1101 -20.18 24.60 -67.73
CA TYR B 1101 -19.76 23.25 -67.39
C TYR B 1101 -20.40 22.85 -66.07
N ARG B 1102 -20.30 21.56 -65.75
CA ARG B 1102 -20.78 21.03 -64.48
C ARG B 1102 -19.83 19.92 -64.03
N TYR B 1103 -19.32 20.06 -62.81
CA TYR B 1103 -18.42 19.07 -62.21
C TYR B 1103 -19.21 18.37 -61.11
N ASN B 1104 -19.60 17.13 -61.37
CA ASN B 1104 -20.43 16.36 -60.45
C ASN B 1104 -19.61 15.27 -59.79
N PRO B 1105 -19.25 15.39 -58.51
CA PRO B 1105 -18.48 14.32 -57.85
C PRO B 1105 -19.22 12.99 -57.81
N GLN B 1106 -20.56 13.00 -57.85
CA GLN B 1106 -21.30 11.75 -57.80
C GLN B 1106 -21.11 10.92 -59.06
N LEU B 1107 -20.87 11.58 -60.20
CA LEU B 1107 -20.59 10.84 -61.42
C LEU B 1107 -19.28 10.06 -61.31
N ALA B 1108 -18.31 10.57 -60.55
CA ALA B 1108 -17.06 9.85 -60.35
C ALA B 1108 -17.28 8.58 -59.53
N GLN B 1109 -18.17 8.63 -58.54
CA GLN B 1109 -18.48 7.44 -57.76
C GLN B 1109 -19.21 6.39 -58.58
N GLU B 1110 -19.87 6.79 -59.66
CA GLU B 1110 -20.54 5.87 -60.58
C GLU B 1110 -19.63 5.40 -61.70
N GLY B 1111 -18.33 5.65 -61.60
CA GLY B 1111 -17.38 5.24 -62.61
C GLY B 1111 -17.34 6.11 -63.85
N LYS B 1112 -18.06 7.23 -63.86
CA LYS B 1112 -18.13 8.11 -65.01
C LYS B 1112 -17.27 9.35 -64.79
N ASN B 1113 -17.14 10.14 -65.85
CA ASN B 1113 -16.37 11.38 -65.80
C ASN B 1113 -17.16 12.44 -65.04
N PRO B 1114 -16.62 13.00 -63.96
CA PRO B 1114 -17.38 14.03 -63.22
C PRO B 1114 -17.58 15.33 -63.99
N PHE B 1115 -16.68 15.65 -64.91
CA PHE B 1115 -16.74 16.94 -65.62
C PHE B 1115 -17.54 16.80 -66.91
N ILE B 1116 -18.56 17.64 -67.06
CA ILE B 1116 -19.36 17.71 -68.28
C ILE B 1116 -19.27 19.12 -68.83
N LEU B 1117 -18.79 19.24 -70.07
CA LEU B 1117 -18.70 20.55 -70.73
C LEU B 1117 -19.99 20.78 -71.51
N ASP B 1118 -20.79 21.76 -71.06
CA ASP B 1118 -22.11 21.97 -71.62
C ASP B 1118 -22.11 22.79 -72.91
N TYR B 1119 -21.02 23.49 -73.21
CA TYR B 1119 -20.92 24.26 -74.45
C TYR B 1119 -19.51 24.08 -74.99
N LYS B 1120 -19.37 23.31 -76.06
CA LYS B 1120 -18.06 22.90 -76.54
C LYS B 1120 -17.49 23.80 -77.63
N THR B 1121 -18.30 24.13 -78.63
CA THR B 1121 -17.80 24.88 -79.78
C THR B 1121 -18.45 26.25 -79.85
N PRO B 1122 -17.71 27.34 -79.64
CA PRO B 1122 -18.28 28.68 -79.80
C PRO B 1122 -18.43 29.06 -81.26
N THR B 1123 -19.47 29.84 -81.53
CA THR B 1123 -19.81 30.23 -82.89
C THR B 1123 -19.67 31.73 -83.15
N ALA B 1124 -19.53 32.54 -82.11
CA ALA B 1124 -19.44 33.99 -82.24
C ALA B 1124 -17.99 34.45 -82.11
N SER B 1125 -17.74 35.67 -82.58
CA SER B 1125 -16.41 36.28 -82.50
C SER B 1125 -16.13 36.79 -81.10
N PHE B 1126 -14.93 36.49 -80.60
CA PHE B 1126 -14.57 36.89 -79.24
C PHE B 1126 -14.40 38.40 -79.14
N ARG B 1127 -13.76 39.01 -80.15
CA ARG B 1127 -13.52 40.45 -80.11
C ARG B 1127 -14.82 41.23 -80.30
N ASP B 1128 -15.74 40.72 -81.12
CA ASP B 1128 -17.00 41.42 -81.33
C ASP B 1128 -17.81 41.53 -80.04
N PHE B 1129 -17.68 40.54 -79.15
CA PHE B 1129 -18.35 40.64 -77.85
C PHE B 1129 -17.68 41.69 -76.96
N LEU B 1130 -16.36 41.81 -77.05
CA LEU B 1130 -15.65 42.81 -76.25
C LEU B 1130 -16.01 44.23 -76.66
N MET B 1131 -16.19 44.46 -77.97
CA MET B 1131 -16.54 45.79 -78.45
C MET B 1131 -17.97 46.18 -78.16
N GLY B 1132 -18.81 45.25 -77.72
CA GLY B 1132 -20.18 45.55 -77.36
C GLY B 1132 -20.40 46.01 -75.95
N GLU B 1133 -19.34 46.18 -75.17
CA GLU B 1133 -19.42 46.63 -73.78
C GLU B 1133 -18.43 47.77 -73.57
N ILE B 1134 -18.86 48.82 -72.87
CA ILE B 1134 -18.03 50.01 -72.70
C ILE B 1134 -16.79 49.70 -71.87
N ARG B 1135 -16.88 48.73 -70.94
CA ARG B 1135 -15.74 48.42 -70.09
C ARG B 1135 -14.55 47.89 -70.88
N TYR B 1136 -14.72 47.55 -72.16
CA TYR B 1136 -13.61 47.17 -73.02
C TYR B 1136 -13.32 48.18 -74.11
N THR B 1137 -14.33 48.93 -74.57
CA THR B 1137 -14.12 49.92 -75.61
C THR B 1137 -13.39 51.16 -75.09
N SER B 1138 -13.52 51.46 -73.79
CA SER B 1138 -12.79 52.58 -73.23
C SER B 1138 -11.29 52.34 -73.21
N LEU B 1139 -10.86 51.07 -73.27
CA LEU B 1139 -9.44 50.79 -73.41
C LEU B 1139 -8.94 51.18 -74.79
N LYS B 1140 -9.76 50.96 -75.82
CA LYS B 1140 -9.38 51.34 -77.18
C LYS B 1140 -9.35 52.84 -77.37
N LYS B 1141 -10.16 53.57 -76.60
CA LYS B 1141 -10.14 55.03 -76.67
C LYS B 1141 -8.99 55.62 -75.88
N GLN B 1142 -8.54 54.93 -74.82
CA GLN B 1142 -7.44 55.43 -74.00
C GLN B 1142 -6.10 55.19 -74.70
N PHE B 1143 -5.64 53.94 -74.74
CA PHE B 1143 -4.37 53.56 -75.36
C PHE B 1143 -4.64 52.66 -76.55
N PRO B 1144 -4.69 53.20 -77.78
CA PRO B 1144 -4.94 52.34 -78.94
C PRO B 1144 -3.84 51.33 -79.21
N GLU B 1145 -2.57 51.71 -79.01
CA GLU B 1145 -1.48 50.78 -79.30
C GLU B 1145 -1.44 49.65 -78.28
N LYS B 1146 -1.89 49.89 -77.05
CA LYS B 1146 -1.88 48.86 -76.01
C LYS B 1146 -3.17 48.07 -75.95
N ALA B 1147 -4.26 48.58 -76.54
CA ALA B 1147 -5.53 47.87 -76.52
C ALA B 1147 -5.50 46.61 -77.38
N GLU B 1148 -4.86 46.69 -78.56
CA GLU B 1148 -4.77 45.52 -79.43
C GLU B 1148 -3.99 44.39 -78.77
N GLN B 1149 -2.97 44.72 -77.99
CA GLN B 1149 -2.19 43.68 -77.31
C GLN B 1149 -3.00 43.00 -76.22
N LEU B 1150 -3.82 43.76 -75.48
CA LEU B 1150 -4.60 43.17 -74.40
C LEU B 1150 -5.77 42.35 -74.94
N PHE B 1151 -6.40 42.80 -76.02
CA PHE B 1151 -7.49 42.03 -76.62
C PHE B 1151 -6.98 40.71 -77.19
N ALA B 1152 -5.78 40.70 -77.76
CA ALA B 1152 -5.23 39.46 -78.30
C ALA B 1152 -4.91 38.47 -77.19
N LYS B 1153 -4.43 38.96 -76.04
CA LYS B 1153 -4.15 38.07 -74.92
C LYS B 1153 -5.43 37.50 -74.34
N ALA B 1154 -6.49 38.29 -74.29
CA ALA B 1154 -7.76 37.81 -73.74
C ALA B 1154 -8.35 36.69 -74.60
N GLU B 1155 -8.22 36.81 -75.93
CA GLU B 1155 -8.74 35.76 -76.79
C GLU B 1155 -7.85 34.52 -76.75
N ALA B 1156 -6.54 34.71 -76.63
CA ALA B 1156 -5.65 33.55 -76.52
C ALA B 1156 -5.84 32.83 -75.18
N ASP B 1157 -6.11 33.59 -74.11
CA ASP B 1157 -6.37 32.96 -72.82
C ASP B 1157 -7.72 32.23 -72.80
N ALA B 1158 -8.71 32.76 -73.53
CA ALA B 1158 -10.00 32.10 -73.58
C ALA B 1158 -9.95 30.81 -74.39
N LYS B 1159 -9.11 30.76 -75.42
CA LYS B 1159 -8.96 29.52 -76.19
C LYS B 1159 -8.20 28.47 -75.39
N ALA B 1160 -7.18 28.89 -74.65
CA ALA B 1160 -6.46 27.95 -73.79
C ALA B 1160 -7.35 27.44 -72.67
N ARG B 1161 -8.29 28.27 -72.20
CA ARG B 1161 -9.26 27.82 -71.21
C ARG B 1161 -10.25 26.85 -71.81
N LEU B 1162 -10.68 27.10 -73.04
CA LEU B 1162 -11.61 26.19 -73.71
C LEU B 1162 -10.93 24.86 -74.01
N GLU B 1163 -9.66 24.89 -74.45
CA GLU B 1163 -8.93 23.66 -74.70
C GLU B 1163 -8.71 22.85 -73.43
N GLN B 1164 -8.61 23.53 -72.28
CA GLN B 1164 -8.44 22.82 -71.01
C GLN B 1164 -9.72 22.12 -70.58
N TYR B 1165 -10.87 22.75 -70.82
CA TYR B 1165 -12.14 22.12 -70.46
C TYR B 1165 -12.49 20.97 -71.41
N LYS B 1166 -12.06 21.06 -72.68
CA LYS B 1166 -12.26 19.95 -73.59
C LYS B 1166 -11.41 18.76 -73.19
N LYS B 1167 -10.23 19.01 -72.62
CA LYS B 1167 -9.35 17.93 -72.17
C LYS B 1167 -9.92 17.24 -70.94
N LEU B 1168 -10.54 18.01 -70.03
CA LEU B 1168 -11.15 17.41 -68.85
C LEU B 1168 -12.37 16.56 -69.21
N ALA B 1169 -13.06 16.88 -70.30
CA ALA B 1169 -14.21 16.09 -70.72
C ALA B 1169 -13.81 14.89 -71.56
N GLU B 1170 -12.74 15.00 -72.34
CA GLU B 1170 -12.30 13.89 -73.19
C GLU B 1170 -11.54 12.84 -72.37
N PRO C 2 -23.91 21.58 -0.65
CA PRO C 2 -24.02 22.98 -0.25
C PRO C 2 -23.40 23.24 1.11
N LYS C 3 -23.20 24.51 1.45
CA LYS C 3 -22.65 24.90 2.74
C LYS C 3 -23.78 25.40 3.62
N GLN C 4 -23.87 24.87 4.84
CA GLN C 4 -24.86 25.31 5.79
C GLN C 4 -24.22 25.43 7.17
N THR C 5 -24.82 26.26 8.02
CA THR C 5 -24.37 26.45 9.39
C THR C 5 -25.23 25.63 10.32
N LEU C 6 -24.67 24.58 10.89
CA LEU C 6 -25.38 23.65 11.75
C LEU C 6 -24.59 23.44 13.04
N ASP C 7 -25.19 22.73 13.98
CA ASP C 7 -24.47 22.24 15.13
C ASP C 7 -24.20 20.74 14.97
N GLY C 8 -23.42 20.19 15.90
CA GLY C 8 -23.09 18.78 15.82
C GLY C 8 -24.31 17.88 15.79
N ASN C 9 -25.32 18.18 16.62
CA ASN C 9 -26.51 17.33 16.67
C ASN C 9 -27.20 17.29 15.32
N THR C 10 -27.38 18.45 14.69
CA THR C 10 -28.07 18.48 13.40
C THR C 10 -27.25 17.79 12.33
N ALA C 11 -25.93 17.94 12.37
CA ALA C 11 -25.08 17.26 11.40
C ALA C 11 -25.25 15.75 11.50
N ALA C 12 -25.33 15.23 12.74
CA ALA C 12 -25.51 13.80 12.94
C ALA C 12 -26.89 13.34 12.52
N ALA C 13 -27.92 14.07 12.94
CA ALA C 13 -29.30 13.71 12.57
C ALA C 13 -29.49 13.76 11.06
N HIS C 14 -28.79 14.68 10.39
CA HIS C 14 -28.87 14.76 8.93
C HIS C 14 -28.51 13.43 8.28
N VAL C 15 -27.39 12.83 8.72
CA VAL C 15 -26.96 11.57 8.14
C VAL C 15 -27.79 10.41 8.66
N ALA C 16 -28.06 10.38 9.97
CA ALA C 16 -28.85 9.29 10.54
C ALA C 16 -30.22 9.21 9.89
N TYR C 17 -30.81 10.37 9.60
CA TYR C 17 -32.12 10.38 8.95
C TYR C 17 -32.06 9.72 7.57
N ALA C 18 -31.02 10.06 6.80
CA ALA C 18 -30.96 9.56 5.42
C ALA C 18 -30.75 8.06 5.37
N MET C 19 -30.01 7.51 6.33
CA MET C 19 -29.54 6.12 6.27
C MET C 19 -30.40 5.16 7.05
N SER C 20 -31.46 5.62 7.71
CA SER C 20 -32.24 4.78 8.60
C SER C 20 -33.70 4.81 8.21
N GLU C 21 -34.38 3.70 8.52
CA GLU C 21 -35.83 3.60 8.38
C GLU C 21 -36.56 3.85 9.69
N VAL C 22 -36.00 3.38 10.80
CA VAL C 22 -36.61 3.50 12.11
C VAL C 22 -35.64 4.18 13.06
N ALA C 23 -36.17 4.97 13.98
CA ALA C 23 -35.39 5.55 15.08
C ALA C 23 -36.22 5.45 16.34
N THR C 24 -35.88 4.51 17.22
CA THR C 24 -36.54 4.37 18.51
C THR C 24 -35.72 5.11 19.55
N ILE C 25 -36.33 6.11 20.20
CA ILE C 25 -35.57 7.10 20.96
C ILE C 25 -36.19 7.32 22.33
N TYR C 26 -35.42 7.99 23.19
CA TYR C 26 -35.83 8.51 24.48
C TYR C 26 -34.90 9.68 24.75
N PRO C 27 -35.42 10.84 25.15
CA PRO C 27 -34.58 12.05 25.18
C PRO C 27 -33.65 12.11 26.38
N ILE C 28 -32.43 12.59 26.13
CA ILE C 28 -31.49 12.92 27.20
C ILE C 28 -30.51 13.97 26.69
N THR C 29 -30.31 15.02 27.50
CA THR C 29 -29.32 16.03 27.19
C THR C 29 -27.92 15.41 27.17
N PRO C 30 -27.04 15.81 26.24
CA PRO C 30 -27.23 16.77 25.15
C PRO C 30 -27.51 16.14 23.79
N SER C 31 -28.07 14.94 23.79
CA SER C 31 -28.35 14.22 22.55
C SER C 31 -29.76 14.41 22.04
N SER C 32 -30.70 14.81 22.89
CA SER C 32 -32.10 14.87 22.47
C SER C 32 -32.40 15.82 21.32
N PRO C 33 -31.66 16.93 21.10
CA PRO C 33 -31.91 17.72 19.89
C PRO C 33 -31.84 16.90 18.61
N MET C 34 -31.03 15.84 18.59
CA MET C 34 -31.00 14.96 17.42
C MET C 34 -32.36 14.35 17.15
N ALA C 35 -33.00 13.81 18.18
CA ALA C 35 -34.30 13.18 17.99
C ALA C 35 -35.39 14.22 17.72
N GLU C 36 -35.24 15.43 18.26
CA GLU C 36 -36.24 16.47 18.04
C GLU C 36 -36.24 16.93 16.59
N ILE C 37 -35.05 17.18 16.03
CA ILE C 37 -35.02 17.65 14.65
C ILE C 37 -35.35 16.52 13.69
N ALA C 38 -35.00 15.28 14.02
CA ALA C 38 -35.38 14.16 13.17
C ALA C 38 -36.89 13.97 13.17
N ASP C 39 -37.54 14.23 14.30
CA ASP C 39 -38.99 14.17 14.36
C ASP C 39 -39.63 15.27 13.53
N GLU C 40 -39.06 16.49 13.56
CA GLU C 40 -39.61 17.58 12.75
C GLU C 40 -39.46 17.30 11.27
N TRP C 41 -38.30 16.79 10.86
CA TRP C 41 -38.08 16.47 9.44
C TRP C 41 -39.10 15.43 8.97
N ALA C 42 -39.36 14.42 9.80
CA ALA C 42 -40.36 13.42 9.45
C ALA C 42 -41.74 14.05 9.33
N ALA C 43 -42.07 14.99 10.22
CA ALA C 43 -43.37 15.64 10.18
C ALA C 43 -43.56 16.44 8.89
N HIS C 44 -42.48 16.96 8.32
CA HIS C 44 -42.53 17.71 7.08
C HIS C 44 -42.24 16.87 5.86
N GLY C 45 -42.10 15.55 6.02
CA GLY C 45 -41.99 14.67 4.87
C GLY C 45 -40.63 14.59 4.23
N ARG C 46 -39.56 14.78 4.98
CA ARG C 46 -38.23 14.60 4.42
C ARG C 46 -38.02 13.13 4.06
N LYS C 47 -37.49 12.88 2.87
CA LYS C 47 -37.28 11.52 2.40
C LYS C 47 -35.86 11.06 2.69
N ASN C 48 -35.72 9.81 3.13
CA ASN C 48 -34.42 9.20 3.29
C ASN C 48 -33.99 8.61 1.95
N ILE C 49 -32.89 7.87 1.94
CA ILE C 49 -32.38 7.29 0.70
C ILE C 49 -33.29 6.16 0.24
N PHE C 50 -34.29 5.81 1.05
CA PHE C 50 -35.28 4.81 0.67
C PHE C 50 -36.59 5.44 0.20
N GLY C 51 -36.63 6.75 0.00
CA GLY C 51 -37.83 7.40 -0.49
C GLY C 51 -38.95 7.51 0.52
N LYS C 52 -38.69 7.22 1.79
CA LYS C 52 -39.70 7.23 2.83
C LYS C 52 -39.29 8.20 3.93
N THR C 53 -40.24 8.52 4.80
CA THR C 53 -39.94 9.30 5.98
C THR C 53 -39.44 8.38 7.11
N LEU C 54 -38.55 8.91 7.93
CA LEU C 54 -38.05 8.17 9.07
C LEU C 54 -39.14 8.02 10.12
N GLN C 55 -39.29 6.82 10.67
CA GLN C 55 -40.26 6.58 11.72
C GLN C 55 -39.58 6.78 13.08
N VAL C 56 -40.03 7.79 13.82
CA VAL C 56 -39.49 8.09 15.14
C VAL C 56 -40.50 7.60 16.17
N ALA C 57 -40.06 6.69 17.03
CA ALA C 57 -40.91 6.12 18.06
C ALA C 57 -40.26 6.37 19.42
N GLU C 58 -41.00 7.01 20.32
CA GLU C 58 -40.52 7.31 21.65
C GLU C 58 -40.90 6.17 22.60
N MET C 59 -39.92 5.70 23.38
CA MET C 59 -40.14 4.62 24.32
C MET C 59 -40.30 5.18 25.73
N GLN C 60 -40.35 4.29 26.72
CA GLN C 60 -40.45 4.73 28.11
C GLN C 60 -39.09 5.03 28.73
N SER C 61 -38.02 4.58 28.11
CA SER C 61 -36.65 4.82 28.59
C SER C 61 -35.68 4.41 27.50
N GLU C 62 -34.40 4.65 27.75
CA GLU C 62 -33.37 4.23 26.80
C GLU C 62 -33.23 2.71 26.79
N ALA C 63 -33.58 2.04 27.89
CA ALA C 63 -33.61 0.59 27.88
C ALA C 63 -34.69 0.10 26.92
N GLY C 64 -35.88 0.68 26.99
CA GLY C 64 -36.90 0.36 26.00
C GLY C 64 -36.48 0.73 24.60
N ALA C 65 -35.75 1.85 24.46
CA ALA C 65 -35.27 2.26 23.14
C ALA C 65 -34.31 1.24 22.56
N ALA C 66 -33.34 0.78 23.36
CA ALA C 66 -32.37 -0.20 22.88
C ALA C 66 -33.04 -1.53 22.56
N GLY C 67 -33.94 -2.00 23.43
CA GLY C 67 -34.64 -3.23 23.13
C GLY C 67 -35.45 -3.15 21.86
N ALA C 68 -36.06 -1.99 21.60
CA ALA C 68 -36.79 -1.79 20.35
C ALA C 68 -35.84 -1.77 19.15
N VAL C 69 -34.64 -1.21 19.32
CA VAL C 69 -33.64 -1.24 18.24
C VAL C 69 -33.30 -2.67 17.88
N HIS C 70 -33.03 -3.50 18.89
CA HIS C 70 -32.65 -4.89 18.63
C HIS C 70 -33.73 -5.64 17.87
N GLY C 71 -34.98 -5.53 18.32
CA GLY C 71 -36.06 -6.20 17.63
C GLY C 71 -36.27 -5.67 16.23
N SER C 72 -36.18 -4.34 16.06
CA SER C 72 -36.32 -3.77 14.73
C SER C 72 -35.20 -4.22 13.81
N LEU C 73 -33.98 -4.33 14.33
CA LEU C 73 -32.85 -4.80 13.52
C LEU C 73 -33.03 -6.27 13.14
N ALA C 74 -33.34 -7.11 14.13
CA ALA C 74 -33.47 -8.55 13.87
C ALA C 74 -34.66 -8.86 12.96
N ALA C 75 -35.62 -7.96 12.84
CA ALA C 75 -36.76 -8.17 11.96
C ALA C 75 -36.59 -7.51 10.60
N GLY C 76 -35.47 -6.79 10.37
CA GLY C 76 -35.12 -6.37 9.03
C GLY C 76 -35.26 -4.91 8.69
N ALA C 77 -35.20 -4.03 9.68
CA ALA C 77 -35.29 -2.60 9.45
C ALA C 77 -34.00 -1.91 9.89
N LEU C 78 -33.45 -1.08 9.02
CA LEU C 78 -32.28 -0.30 9.41
C LEU C 78 -32.70 0.71 10.47
N THR C 79 -32.08 0.63 11.64
CA THR C 79 -32.56 1.33 12.82
C THR C 79 -31.40 2.03 13.50
N THR C 80 -31.66 3.25 13.95
CA THR C 80 -30.67 4.05 14.65
C THR C 80 -31.28 4.58 15.95
N THR C 81 -30.47 5.26 16.75
CA THR C 81 -30.96 5.90 17.96
C THR C 81 -29.95 6.95 18.39
N PHE C 82 -30.37 7.82 19.30
CA PHE C 82 -29.55 8.91 19.80
C PHE C 82 -29.62 8.91 21.32
N THR C 83 -28.46 8.96 21.98
CA THR C 83 -28.42 8.83 23.43
C THR C 83 -27.12 9.41 23.96
N ALA C 84 -26.95 9.33 25.29
CA ALA C 84 -25.79 9.84 26.01
C ALA C 84 -25.92 9.49 27.49
N SER C 85 -24.77 9.45 28.16
CA SER C 85 -24.65 9.47 29.63
C SER C 85 -25.54 8.40 30.25
N GLN C 86 -26.40 8.75 31.21
CA GLN C 86 -27.23 7.75 31.89
C GLN C 86 -28.08 6.96 30.91
N GLY C 87 -28.46 7.59 29.78
CA GLY C 87 -29.20 6.87 28.77
C GLY C 87 -28.39 5.79 28.08
N LEU C 88 -27.13 6.09 27.76
CA LEU C 88 -26.28 5.09 27.11
C LEU C 88 -26.06 3.89 28.02
N LEU C 89 -25.95 4.12 29.33
CA LEU C 89 -25.78 3.02 30.27
C LEU C 89 -26.94 2.03 30.19
N LEU C 90 -28.17 2.55 30.16
CA LEU C 90 -29.34 1.69 30.08
C LEU C 90 -29.41 0.90 28.77
N MET C 91 -28.68 1.33 27.74
CA MET C 91 -28.64 0.62 26.47
C MET C 91 -27.54 -0.42 26.43
N ILE C 92 -26.64 -0.43 27.42
CA ILE C 92 -25.50 -1.34 27.39
C ILE C 92 -25.92 -2.80 27.32
N PRO C 93 -26.91 -3.28 28.10
CA PRO C 93 -27.29 -4.70 27.96
C PRO C 93 -27.69 -5.09 26.55
N ASN C 94 -28.46 -4.26 25.85
CA ASN C 94 -28.81 -4.62 24.48
C ASN C 94 -27.64 -4.47 23.53
N MET C 95 -26.67 -3.61 23.86
CA MET C 95 -25.50 -3.48 23.01
C MET C 95 -24.72 -4.79 22.92
N TYR C 96 -24.65 -5.53 24.04
CA TYR C 96 -24.01 -6.85 23.99
C TYR C 96 -24.73 -7.76 23.00
N LYS C 97 -26.05 -7.71 22.96
CA LYS C 97 -26.81 -8.55 22.05
C LYS C 97 -26.65 -8.08 20.61
N ILE C 98 -26.77 -6.77 20.37
CA ILE C 98 -26.69 -6.23 19.02
C ILE C 98 -25.32 -6.50 18.41
N ALA C 99 -24.25 -6.32 19.20
CA ALA C 99 -22.92 -6.68 18.73
C ALA C 99 -22.77 -8.20 18.64
N GLY C 100 -23.30 -8.92 19.63
CA GLY C 100 -23.17 -10.37 19.62
C GLY C 100 -23.85 -11.02 18.43
N GLU C 101 -24.94 -10.43 17.95
CA GLU C 101 -25.66 -10.96 16.80
C GLU C 101 -25.22 -10.35 15.48
N LEU C 102 -24.21 -9.46 15.49
CA LEU C 102 -23.64 -8.88 14.30
C LEU C 102 -24.71 -8.22 13.42
N LEU C 103 -25.40 -7.25 14.01
CA LEU C 103 -26.45 -6.47 13.34
C LEU C 103 -25.93 -5.08 12.98
N PRO C 104 -26.09 -4.63 11.73
CA PRO C 104 -25.60 -3.29 11.37
C PRO C 104 -26.41 -2.22 12.08
N CYS C 105 -25.71 -1.23 12.62
CA CYS C 105 -26.36 -0.25 13.48
C CYS C 105 -25.40 0.89 13.77
N VAL C 106 -25.95 2.09 13.99
CA VAL C 106 -25.17 3.23 14.45
C VAL C 106 -25.94 3.91 15.58
N PHE C 107 -25.34 3.95 16.77
CA PHE C 107 -25.81 4.79 17.87
C PHE C 107 -25.06 6.11 17.80
N HIS C 108 -25.79 7.23 17.75
CA HIS C 108 -25.18 8.55 17.75
C HIS C 108 -25.21 9.11 19.16
N VAL C 109 -24.04 9.42 19.70
CA VAL C 109 -23.88 9.77 21.11
C VAL C 109 -23.28 11.17 21.22
N ALA C 110 -23.99 12.05 21.93
CA ALA C 110 -23.41 13.32 22.37
C ALA C 110 -22.78 13.08 23.74
N ALA C 111 -21.53 12.62 23.73
CA ALA C 111 -20.89 12.07 24.93
C ALA C 111 -20.97 13.04 26.11
N ARG C 112 -21.46 12.54 27.23
CA ARG C 112 -21.75 13.35 28.41
C ARG C 112 -21.26 12.63 29.66
N ALA C 113 -20.85 13.42 30.65
CA ALA C 113 -20.39 12.88 31.92
C ALA C 113 -21.46 12.02 32.58
N LEU C 114 -21.00 11.07 33.39
CA LEU C 114 -21.89 10.22 34.19
C LEU C 114 -22.07 10.80 35.58
N SER C 115 -23.21 10.50 36.18
CA SER C 115 -23.53 11.01 37.51
C SER C 115 -22.75 10.21 38.54
N THR C 116 -21.84 10.88 39.24
CA THR C 116 -20.98 10.23 40.22
C THR C 116 -21.19 10.91 41.56
N HIS C 117 -20.27 11.77 42.00
CA HIS C 117 -20.52 12.60 43.16
C HIS C 117 -21.61 13.62 42.89
N ALA C 118 -21.95 13.86 41.63
CA ALA C 118 -22.94 14.84 41.26
C ALA C 118 -23.42 14.55 39.84
N LEU C 119 -24.60 15.09 39.53
CA LEU C 119 -25.09 15.06 38.16
C LEU C 119 -24.36 16.13 37.34
N SER C 120 -24.10 15.81 36.08
CA SER C 120 -23.51 16.78 35.16
C SER C 120 -24.04 16.51 33.76
N ILE C 121 -24.71 17.51 33.16
CA ILE C 121 -25.20 17.35 31.80
C ILE C 121 -24.12 17.58 30.76
N PHE C 122 -22.90 17.89 31.19
CA PHE C 122 -21.88 18.37 30.27
C PHE C 122 -21.00 17.24 29.79
N GLY C 123 -20.06 17.56 28.89
CA GLY C 123 -19.47 16.56 28.02
C GLY C 123 -18.17 15.97 28.53
N ASP C 124 -18.09 14.65 28.48
CA ASP C 124 -16.83 13.92 28.44
C ASP C 124 -17.14 12.51 27.97
N HIS C 125 -16.12 11.67 27.94
CA HIS C 125 -16.24 10.33 27.36
C HIS C 125 -16.56 9.25 28.40
N ALA C 126 -16.98 9.64 29.60
CA ALA C 126 -17.26 8.65 30.64
C ALA C 126 -18.32 7.65 30.18
N ASP C 127 -19.38 8.13 29.51
CA ASP C 127 -20.43 7.22 29.08
C ASP C 127 -19.96 6.28 27.97
N VAL C 128 -19.29 6.83 26.95
CA VAL C 128 -18.85 6.01 25.84
C VAL C 128 -17.81 4.99 26.31
N MET C 129 -16.91 5.41 27.21
CA MET C 129 -15.91 4.48 27.71
C MET C 129 -16.54 3.35 28.54
N ALA C 130 -17.69 3.60 29.15
CA ALA C 130 -18.37 2.56 29.91
C ALA C 130 -18.96 1.48 29.02
N ALA C 131 -18.98 1.67 27.71
CA ALA C 131 -19.54 0.70 26.78
C ALA C 131 -18.46 0.11 25.87
N ARG C 132 -17.18 0.38 26.15
CA ARG C 132 -16.12 -0.04 25.25
C ARG C 132 -15.93 -1.56 25.21
N GLN C 133 -16.58 -2.31 26.09
CA GLN C 133 -16.43 -3.76 26.08
C GLN C 133 -17.67 -4.46 25.53
N THR C 134 -18.62 -3.71 24.97
CA THR C 134 -19.84 -4.30 24.43
C THR C 134 -19.63 -5.00 23.10
N GLY C 135 -18.52 -4.75 22.43
CA GLY C 135 -18.32 -5.26 21.10
C GLY C 135 -18.75 -4.32 20.00
N PHE C 136 -19.26 -3.15 20.35
CA PHE C 136 -19.52 -2.11 19.37
C PHE C 136 -18.23 -1.52 18.86
N ALA C 137 -18.21 -1.18 17.57
CA ALA C 137 -17.17 -0.31 17.06
C ALA C 137 -17.41 1.10 17.56
N MET C 138 -16.34 1.89 17.66
CA MET C 138 -16.43 3.22 18.23
C MET C 138 -15.66 4.19 17.36
N LEU C 139 -16.36 5.20 16.83
CA LEU C 139 -15.80 6.16 15.89
C LEU C 139 -16.03 7.56 16.46
N SER C 140 -14.95 8.33 16.58
CA SER C 140 -14.97 9.60 17.29
C SER C 140 -14.86 10.76 16.30
N SER C 141 -15.75 11.73 16.44
CA SER C 141 -15.75 12.94 15.62
C SER C 141 -15.30 14.12 16.44
N ALA C 142 -14.41 14.94 15.87
CA ALA C 142 -13.78 16.03 16.61
C ALA C 142 -14.38 17.39 16.33
N SER C 143 -15.18 17.53 15.28
CA SER C 143 -15.74 18.82 14.90
C SER C 143 -17.07 18.61 14.21
N VAL C 144 -17.81 19.72 14.03
CA VAL C 144 -19.12 19.63 13.38
C VAL C 144 -19.01 19.04 11.99
N GLN C 145 -17.98 19.45 11.24
CA GLN C 145 -17.75 18.89 9.91
C GLN C 145 -17.45 17.40 9.98
N GLU C 146 -16.70 16.99 11.00
CA GLU C 146 -16.40 15.57 11.16
C GLU C 146 -17.63 14.79 11.59
N VAL C 147 -18.54 15.41 12.35
CA VAL C 147 -19.80 14.74 12.67
C VAL C 147 -20.56 14.40 11.39
N MET C 148 -20.62 15.36 10.45
CA MET C 148 -21.25 15.10 9.17
C MET C 148 -20.56 13.95 8.44
N ASP C 149 -19.22 14.01 8.36
CA ASP C 149 -18.48 13.04 7.57
C ASP C 149 -18.42 11.68 8.24
N LEU C 150 -18.11 11.64 9.53
CA LEU C 150 -17.90 10.37 10.19
C LEU C 150 -19.20 9.64 10.51
N ALA C 151 -20.31 10.36 10.63
CA ALA C 151 -21.60 9.69 10.72
C ALA C 151 -21.85 8.87 9.46
N LEU C 152 -21.53 9.45 8.30
CA LEU C 152 -21.68 8.70 7.05
C LEU C 152 -20.73 7.51 7.02
N VAL C 153 -19.51 7.68 7.53
CA VAL C 153 -18.56 6.57 7.56
C VAL C 153 -19.12 5.43 8.42
N ALA C 154 -19.65 5.75 9.59
CA ALA C 154 -20.18 4.71 10.46
C ALA C 154 -21.34 3.98 9.80
N HIS C 155 -22.25 4.72 9.16
CA HIS C 155 -23.40 4.09 8.52
C HIS C 155 -22.99 3.23 7.34
N LEU C 156 -22.00 3.67 6.57
CA LEU C 156 -21.54 2.87 5.43
C LEU C 156 -20.76 1.65 5.89
N ALA C 157 -19.92 1.79 6.93
CA ALA C 157 -19.07 0.69 7.35
C ALA C 157 -19.87 -0.40 8.06
N THR C 158 -20.83 -0.01 8.90
CA THR C 158 -21.54 -1.02 9.68
C THR C 158 -22.30 -1.97 8.77
N LEU C 159 -22.79 -1.49 7.63
CA LEU C 159 -23.43 -2.39 6.67
C LEU C 159 -22.44 -3.39 6.12
N LYS C 160 -21.22 -2.95 5.82
CA LYS C 160 -20.22 -3.85 5.27
C LYS C 160 -19.64 -4.76 6.33
N ALA C 161 -19.41 -4.24 7.54
CA ALA C 161 -18.70 -4.99 8.58
C ALA C 161 -19.61 -5.86 9.45
N ARG C 162 -20.92 -5.59 9.47
CA ARG C 162 -21.87 -6.23 10.38
C ARG C 162 -21.56 -5.98 11.86
N VAL C 163 -20.64 -5.07 12.16
CA VAL C 163 -20.32 -4.69 13.53
C VAL C 163 -21.02 -3.37 13.82
N PRO C 164 -21.84 -3.27 14.85
CA PRO C 164 -22.53 -2.00 15.12
C PRO C 164 -21.56 -0.95 15.63
N PHE C 165 -21.91 0.32 15.38
CA PHE C 165 -21.04 1.44 15.63
C PHE C 165 -21.63 2.38 16.68
N VAL C 166 -20.78 2.91 17.54
CA VAL C 166 -21.08 4.09 18.32
C VAL C 166 -20.31 5.25 17.68
N HIS C 167 -21.04 6.20 17.11
CA HIS C 167 -20.46 7.42 16.58
C HIS C 167 -20.70 8.52 17.60
N PHE C 168 -19.62 8.98 18.25
CA PHE C 168 -19.76 9.93 19.34
C PHE C 168 -18.93 11.18 19.11
N PHE C 169 -19.44 12.28 19.64
CA PHE C 169 -18.81 13.59 19.59
C PHE C 169 -19.05 14.29 20.91
N ASP C 170 -18.18 15.22 21.26
CA ASP C 170 -18.21 15.79 22.60
C ASP C 170 -19.53 16.51 22.86
N GLY C 171 -20.18 16.14 23.97
CA GLY C 171 -21.44 16.75 24.35
C GLY C 171 -21.28 18.23 24.63
N PHE C 172 -22.20 19.03 24.09
CA PHE C 172 -22.15 20.49 24.11
C PHE C 172 -20.96 21.03 23.31
N ARG C 173 -19.74 20.64 23.67
CA ARG C 173 -18.55 21.20 23.02
C ARG C 173 -18.57 21.02 21.51
N THR C 174 -19.17 19.94 21.02
CA THR C 174 -19.37 19.76 19.59
C THR C 174 -20.85 19.65 19.22
N SER C 175 -21.66 19.02 20.08
CA SER C 175 -23.06 18.81 19.75
C SER C 175 -23.82 20.13 19.65
N HIS C 176 -23.44 21.13 20.44
CA HIS C 176 -24.12 22.41 20.48
C HIS C 176 -23.30 23.54 19.88
N GLU C 177 -22.14 23.24 19.31
CA GLU C 177 -21.33 24.23 18.62
C GLU C 177 -21.88 24.44 17.22
N VAL C 178 -22.20 25.68 16.87
CA VAL C 178 -22.71 26.00 15.54
C VAL C 178 -21.53 26.32 14.63
N GLN C 179 -21.49 25.68 13.47
CA GLN C 179 -20.40 25.86 12.52
C GLN C 179 -20.94 25.77 11.11
N LYS C 180 -20.32 26.52 10.21
CA LYS C 180 -20.58 26.40 8.78
C LYS C 180 -19.76 25.24 8.23
N ILE C 181 -20.44 24.22 7.69
CA ILE C 181 -19.80 23.00 7.24
C ILE C 181 -20.31 22.64 5.85
N ASP C 182 -19.60 21.71 5.22
CA ASP C 182 -20.06 21.09 3.97
C ASP C 182 -21.06 19.99 4.30
N VAL C 183 -22.28 20.13 3.80
CA VAL C 183 -23.38 19.19 4.07
C VAL C 183 -23.48 18.19 2.91
N ILE C 184 -23.53 16.91 3.23
CA ILE C 184 -23.52 15.87 2.21
C ILE C 184 -24.94 15.62 1.72
N GLU C 185 -25.11 15.59 0.40
CA GLU C 185 -26.41 15.37 -0.18
C GLU C 185 -26.84 13.93 0.02
N TYR C 186 -28.13 13.74 0.31
CA TYR C 186 -28.68 12.39 0.46
C TYR C 186 -28.45 11.58 -0.81
N GLU C 187 -28.59 12.21 -1.98
CA GLU C 187 -28.38 11.49 -3.23
C GLU C 187 -26.95 10.99 -3.34
N ASP C 188 -25.98 11.72 -2.78
CA ASP C 188 -24.59 11.27 -2.82
C ASP C 188 -24.36 10.13 -1.84
N MET C 189 -25.02 10.16 -0.68
CA MET C 189 -24.91 9.05 0.25
C MET C 189 -25.40 7.76 -0.39
N ALA C 190 -26.55 7.82 -1.08
CA ALA C 190 -27.11 6.63 -1.69
C ALA C 190 -26.19 6.03 -2.73
N LYS C 191 -25.32 6.87 -3.33
CA LYS C 191 -24.35 6.40 -4.32
C LYS C 191 -23.17 5.66 -3.69
N LEU C 192 -22.98 5.74 -2.37
CA LEU C 192 -21.90 5.04 -1.69
C LEU C 192 -22.37 3.82 -0.88
N VAL C 193 -23.67 3.66 -0.67
CA VAL C 193 -24.17 2.59 0.17
C VAL C 193 -23.93 1.24 -0.50
N ASP C 194 -23.55 0.24 0.30
CA ASP C 194 -23.44 -1.14 -0.19
C ASP C 194 -24.84 -1.74 -0.17
N TRP C 195 -25.53 -1.66 -1.32
CA TRP C 195 -26.90 -2.15 -1.39
C TRP C 195 -26.95 -3.68 -1.29
N ASP C 196 -25.92 -4.38 -1.76
CA ASP C 196 -25.87 -5.83 -1.57
C ASP C 196 -25.87 -6.17 -0.09
N ALA C 197 -25.11 -5.42 0.71
CA ALA C 197 -25.07 -5.68 2.14
C ALA C 197 -26.43 -5.41 2.79
N ILE C 198 -27.18 -4.43 2.27
CA ILE C 198 -28.52 -4.18 2.79
C ILE C 198 -29.44 -5.35 2.47
N ARG C 199 -29.37 -5.86 1.24
CA ARG C 199 -30.24 -6.97 0.87
C ARG C 199 -29.90 -8.23 1.66
N ALA C 200 -28.61 -8.47 1.92
CA ALA C 200 -28.25 -9.61 2.75
C ALA C 200 -28.76 -9.45 4.18
N PHE C 201 -28.81 -8.22 4.68
CA PHE C 201 -29.38 -7.96 6.01
C PHE C 201 -30.87 -8.26 6.05
N ARG C 202 -31.58 -7.97 4.96
CA ARG C 202 -33.00 -8.28 4.91
C ARG C 202 -33.24 -9.79 4.93
N GLN C 203 -32.37 -10.56 4.28
CA GLN C 203 -32.57 -12.01 4.21
C GLN C 203 -32.37 -12.68 5.57
N ARG C 204 -31.54 -12.10 6.43
CA ARG C 204 -31.29 -12.65 7.76
C ARG C 204 -32.39 -12.31 8.76
N ALA C 205 -33.41 -11.57 8.35
CA ALA C 205 -34.42 -11.09 9.28
C ALA C 205 -35.32 -12.22 9.78
N LEU C 206 -35.84 -12.04 11.00
CA LEU C 206 -36.85 -12.94 11.52
C LEU C 206 -38.07 -12.90 10.62
N ASN C 207 -38.45 -14.06 10.06
CA ASN C 207 -39.59 -14.12 9.17
C ASN C 207 -40.15 -15.53 9.21
N PRO C 208 -41.46 -15.70 9.42
CA PRO C 208 -42.02 -17.05 9.53
C PRO C 208 -41.93 -17.89 8.26
N GLU C 209 -41.71 -17.28 7.10
CA GLU C 209 -41.62 -18.04 5.86
C GLU C 209 -40.21 -18.55 5.58
N HIS C 210 -39.23 -18.08 6.33
CA HIS C 210 -37.90 -18.70 6.35
C HIS C 210 -37.34 -18.53 7.75
N PRO C 211 -37.89 -19.28 8.71
CA PRO C 211 -37.63 -18.98 10.12
C PRO C 211 -36.28 -19.49 10.60
N HIS C 212 -35.85 -18.93 11.72
CA HIS C 212 -34.63 -19.35 12.41
C HIS C 212 -34.79 -19.00 13.88
N GLN C 213 -33.85 -19.45 14.68
CA GLN C 213 -33.84 -19.16 16.11
C GLN C 213 -32.57 -18.40 16.45
N ARG C 214 -32.71 -17.33 17.22
CA ARG C 214 -31.56 -16.54 17.67
C ARG C 214 -31.76 -16.20 19.14
N GLY C 215 -30.66 -15.94 19.84
CA GLY C 215 -30.71 -15.66 21.26
C GLY C 215 -30.87 -16.89 22.12
N THR C 216 -30.23 -18.00 21.76
CA THR C 216 -30.38 -19.22 22.53
C THR C 216 -29.61 -19.13 23.84
N ALA C 217 -29.82 -20.13 24.68
CA ALA C 217 -29.02 -20.34 25.88
C ALA C 217 -28.05 -21.49 25.61
N GLN C 218 -26.80 -21.31 26.01
CA GLN C 218 -25.74 -22.25 25.64
C GLN C 218 -24.98 -22.76 26.86
N ASN C 219 -24.58 -24.02 26.81
CA ASN C 219 -23.84 -24.68 27.88
C ASN C 219 -22.35 -24.37 27.77
N PRO C 220 -21.55 -24.76 28.78
CA PRO C 220 -20.11 -24.47 28.71
C PRO C 220 -19.39 -25.13 27.54
N ASP C 221 -20.01 -26.10 26.88
CA ASP C 221 -19.31 -26.85 25.85
C ASP C 221 -19.12 -26.05 24.57
N ILE C 222 -19.99 -25.08 24.28
CA ILE C 222 -19.94 -24.42 22.98
C ILE C 222 -19.94 -22.90 23.08
N TYR C 223 -20.11 -22.35 24.29
CA TYR C 223 -20.23 -20.90 24.42
C TYR C 223 -18.92 -20.20 24.04
N PHE C 224 -17.79 -20.71 24.55
CA PHE C 224 -16.50 -20.10 24.29
C PHE C 224 -16.20 -20.11 22.79
N GLN C 225 -16.33 -21.27 22.14
CA GLN C 225 -16.06 -21.33 20.70
C GLN C 225 -16.98 -20.40 19.93
N SER C 226 -18.28 -20.41 20.24
CA SER C 226 -19.22 -19.57 19.52
C SER C 226 -18.92 -18.09 19.72
N ARG C 227 -18.41 -17.72 20.89
CA ARG C 227 -18.06 -16.32 21.13
C ARG C 227 -16.84 -15.91 20.33
N GLU C 228 -15.90 -16.83 20.12
CA GLU C 228 -14.73 -16.54 19.30
C GLU C 228 -15.01 -16.64 17.81
N ALA C 229 -16.18 -17.16 17.41
CA ALA C 229 -16.48 -17.34 15.99
C ALA C 229 -16.66 -16.01 15.26
N ALA C 230 -16.85 -14.90 15.98
CA ALA C 230 -17.01 -13.59 15.38
C ALA C 230 -15.68 -12.87 15.16
N ASN C 231 -14.57 -13.48 15.53
CA ASN C 231 -13.26 -12.85 15.37
C ASN C 231 -12.99 -12.32 13.97
N PRO C 232 -13.31 -13.03 12.87
CA PRO C 232 -13.03 -12.46 11.54
C PRO C 232 -13.70 -11.13 11.30
N TYR C 233 -14.92 -10.95 11.79
CA TYR C 233 -15.63 -9.70 11.55
C TYR C 233 -14.96 -8.53 12.23
N TYR C 234 -14.40 -8.74 13.42
CA TYR C 234 -13.67 -7.68 14.09
C TYR C 234 -12.30 -7.46 13.49
N LEU C 235 -11.65 -8.52 12.99
CA LEU C 235 -10.38 -8.35 12.30
C LEU C 235 -10.55 -7.57 11.00
N ALA C 236 -11.70 -7.69 10.35
CA ALA C 236 -11.93 -7.04 9.07
C ALA C 236 -12.45 -5.61 9.20
N THR C 237 -12.97 -5.24 10.37
CA THR C 237 -13.57 -3.92 10.53
C THR C 237 -12.59 -2.77 10.30
N PRO C 238 -11.35 -2.80 10.81
CA PRO C 238 -10.44 -1.68 10.51
C PRO C 238 -10.25 -1.42 9.02
N GLY C 239 -9.97 -2.46 8.24
CA GLY C 239 -9.82 -2.28 6.81
C GLY C 239 -11.10 -1.82 6.14
N ILE C 240 -12.24 -2.31 6.62
CA ILE C 240 -13.52 -1.90 6.07
C ILE C 240 -13.76 -0.43 6.30
N VAL C 241 -13.50 0.05 7.51
CA VAL C 241 -13.65 1.47 7.82
C VAL C 241 -12.70 2.31 6.97
N ALA C 242 -11.48 1.84 6.78
CA ALA C 242 -10.49 2.59 6.00
C ALA C 242 -10.94 2.79 4.56
N GLN C 243 -11.48 1.74 3.94
CA GLN C 243 -11.95 1.86 2.57
C GLN C 243 -13.16 2.78 2.46
N VAL C 244 -14.06 2.72 3.46
CA VAL C 244 -15.19 3.63 3.48
C VAL C 244 -14.72 5.07 3.59
N MET C 245 -13.72 5.32 4.43
CA MET C 245 -13.17 6.66 4.56
C MET C 245 -12.60 7.16 3.23
N GLU C 246 -12.06 6.27 2.41
CA GLU C 246 -11.58 6.70 1.10
C GLU C 246 -12.73 7.03 0.16
N GLN C 247 -13.85 6.32 0.29
CA GLN C 247 -15.04 6.69 -0.48
C GLN C 247 -15.48 8.11 -0.14
N VAL C 248 -15.55 8.43 1.16
CA VAL C 248 -15.94 9.77 1.58
C VAL C 248 -14.89 10.79 1.14
N ALA C 249 -13.61 10.41 1.18
CA ALA C 249 -12.57 11.31 0.69
C ALA C 249 -12.74 11.59 -0.80
N GLY C 250 -13.02 10.54 -1.59
CA GLY C 250 -13.24 10.75 -3.01
C GLY C 250 -14.47 11.60 -3.29
N LEU C 251 -15.46 11.55 -2.41
CA LEU C 251 -16.66 12.35 -2.58
C LEU C 251 -16.45 13.78 -2.10
N THR C 252 -15.85 13.94 -0.92
CA THR C 252 -15.78 15.24 -0.25
C THR C 252 -14.44 15.94 -0.36
N GLY C 253 -13.36 15.20 -0.60
CA GLY C 253 -12.04 15.79 -0.56
C GLY C 253 -11.39 15.81 0.80
N ARG C 254 -12.11 15.42 1.86
CA ARG C 254 -11.60 15.42 3.22
C ARG C 254 -11.16 14.00 3.56
N HIS C 255 -9.89 13.84 3.92
CA HIS C 255 -9.26 12.53 4.07
C HIS C 255 -9.15 12.17 5.53
N TYR C 256 -9.88 11.13 5.93
CA TYR C 256 -9.80 10.60 7.28
C TYR C 256 -9.08 9.25 7.25
N HIS C 257 -8.44 8.92 8.36
CA HIS C 257 -7.79 7.64 8.54
C HIS C 257 -8.17 7.12 9.91
N LEU C 258 -7.90 5.84 10.16
CA LEU C 258 -8.24 5.27 11.46
C LEU C 258 -7.55 6.08 12.57
N PHE C 259 -6.31 6.46 12.34
CA PHE C 259 -5.58 7.39 13.18
C PHE C 259 -4.95 8.43 12.26
N ASP C 260 -5.12 9.70 12.58
CA ASP C 260 -4.57 10.78 11.78
C ASP C 260 -3.43 11.45 12.52
N TYR C 261 -2.44 11.91 11.76
CA TYR C 261 -1.29 12.58 12.35
C TYR C 261 -1.23 14.02 11.89
N ALA C 262 -0.82 14.90 12.80
CA ALA C 262 -0.60 16.30 12.50
C ALA C 262 0.61 16.76 13.28
N GLY C 263 1.49 17.51 12.61
CA GLY C 263 2.65 18.08 13.26
C GLY C 263 3.91 17.77 12.51
N ALA C 264 5.04 17.98 13.19
CA ALA C 264 6.34 17.84 12.56
C ALA C 264 6.58 16.39 12.14
N PRO C 265 7.15 16.17 10.95
CA PRO C 265 7.50 14.80 10.56
C PRO C 265 8.57 14.18 11.43
N ASP C 266 9.40 15.00 12.07
CA ASP C 266 10.45 14.55 12.96
C ASP C 266 10.14 14.88 14.41
N ALA C 267 8.86 14.82 14.77
CA ALA C 267 8.46 15.18 16.13
C ALA C 267 9.03 14.19 17.13
N GLU C 268 9.38 14.71 18.30
CA GLU C 268 9.85 13.89 19.41
C GLU C 268 8.86 13.80 20.56
N ARG C 269 7.95 14.77 20.67
CA ARG C 269 6.90 14.77 21.68
C ARG C 269 5.56 14.79 20.95
N VAL C 270 4.71 13.81 21.25
CA VAL C 270 3.45 13.64 20.55
C VAL C 270 2.32 13.45 21.56
N ILE C 271 1.18 14.10 21.30
CA ILE C 271 -0.03 13.91 22.10
C ILE C 271 -0.96 12.99 21.32
N VAL C 272 -1.49 11.98 22.00
CA VAL C 272 -2.54 11.11 21.46
C VAL C 272 -3.84 11.44 22.18
N SER C 273 -4.87 11.79 21.43
CA SER C 273 -6.12 12.24 22.03
C SER C 273 -7.30 11.89 21.13
N MET C 274 -8.48 12.30 21.57
CA MET C 274 -9.74 11.82 21.00
C MET C 274 -10.79 12.90 21.20
N GLY C 275 -11.68 13.06 20.21
CA GLY C 275 -12.73 14.05 20.32
C GLY C 275 -12.26 15.46 19.96
N SER C 276 -13.05 16.44 20.39
CA SER C 276 -12.81 17.83 20.01
C SER C 276 -11.47 18.35 20.51
N SER C 277 -10.86 17.68 21.50
CA SER C 277 -9.53 18.08 21.94
C SER C 277 -8.54 18.05 20.79
N CYS C 278 -8.76 17.17 19.80
CA CYS C 278 -7.87 17.11 18.66
C CYS C 278 -7.84 18.42 17.89
N GLU C 279 -8.97 19.13 17.85
CA GLU C 279 -9.00 20.44 17.19
C GLU C 279 -8.11 21.43 17.92
N VAL C 280 -8.26 21.53 19.24
CA VAL C 280 -7.44 22.45 20.02
C VAL C 280 -5.97 22.07 19.93
N ILE C 281 -5.68 20.77 19.90
CA ILE C 281 -4.28 20.35 19.89
C ILE C 281 -3.65 20.64 18.55
N GLU C 282 -4.38 20.41 17.44
CA GLU C 282 -3.81 20.68 16.13
C GLU C 282 -3.58 22.17 15.93
N GLU C 283 -4.51 23.00 16.39
CA GLU C 283 -4.29 24.45 16.33
C GLU C 283 -3.04 24.83 17.13
N THR C 284 -2.87 24.25 18.31
CA THR C 284 -1.67 24.53 19.10
C THR C 284 -0.42 23.98 18.43
N VAL C 285 -0.52 22.77 17.84
CA VAL C 285 0.64 22.16 17.20
C VAL C 285 1.13 23.01 16.04
N ASN C 286 0.20 23.51 15.21
CA ASN C 286 0.60 24.43 14.14
C ASN C 286 1.37 25.60 14.70
N TYR C 287 0.91 26.16 15.83
CA TYR C 287 1.58 27.29 16.45
C TYR C 287 2.97 26.90 16.94
N LEU C 288 3.10 25.73 17.56
CA LEU C 288 4.40 25.32 18.09
C LEU C 288 5.34 24.89 16.98
N VAL C 289 4.84 24.16 15.99
CA VAL C 289 5.69 23.74 14.86
C VAL C 289 6.23 24.97 14.15
N GLU C 290 5.38 25.99 14.00
CA GLU C 290 5.82 27.24 13.38
C GLU C 290 6.92 27.90 14.20
N LYS C 291 6.91 27.73 15.52
CA LYS C 291 7.98 28.26 16.36
C LYS C 291 9.20 27.34 16.44
N GLY C 292 9.19 26.21 15.73
CA GLY C 292 10.36 25.36 15.66
C GLY C 292 10.35 24.13 16.54
N GLU C 293 9.32 23.94 17.35
CA GLU C 293 9.25 22.80 18.25
C GLU C 293 8.92 21.52 17.49
N LYS C 294 9.52 20.41 17.93
CA LYS C 294 9.31 19.09 17.31
C LYS C 294 8.15 18.39 18.02
N VAL C 295 6.93 18.81 17.69
CA VAL C 295 5.75 18.28 18.33
C VAL C 295 4.76 17.78 17.27
N GLY C 296 3.88 16.89 17.71
CA GLY C 296 2.91 16.29 16.82
C GLY C 296 1.69 15.81 17.58
N LEU C 297 0.71 15.31 16.83
CA LEU C 297 -0.57 14.90 17.39
C LEU C 297 -1.09 13.71 16.61
N ILE C 298 -1.59 12.72 17.33
CA ILE C 298 -2.29 11.58 16.74
C ILE C 298 -3.76 11.68 17.12
N LYS C 299 -4.62 11.86 16.13
CA LYS C 299 -6.06 11.90 16.36
C LYS C 299 -6.58 10.48 16.24
N VAL C 300 -7.26 10.02 17.29
CA VAL C 300 -7.87 8.70 17.30
C VAL C 300 -9.29 8.83 16.76
N ARG C 301 -9.54 8.25 15.59
CA ARG C 301 -10.90 8.20 15.06
C ARG C 301 -11.58 6.90 15.43
N LEU C 302 -11.01 5.77 15.03
CA LEU C 302 -11.56 4.46 15.33
C LEU C 302 -10.94 3.97 16.63
N PHE C 303 -11.68 4.16 17.73
CA PHE C 303 -11.21 3.71 19.04
C PHE C 303 -11.39 2.21 19.23
N ARG C 304 -12.48 1.65 18.68
CA ARG C 304 -12.77 0.21 18.71
C ARG C 304 -13.30 -0.18 17.34
N PRO C 305 -12.81 -1.26 16.72
CA PRO C 305 -11.67 -2.08 17.16
C PRO C 305 -10.35 -1.32 17.04
N PHE C 306 -9.47 -1.49 18.01
CA PHE C 306 -8.19 -0.77 18.03
C PHE C 306 -7.20 -1.49 17.12
N SER C 307 -6.83 -0.85 16.02
CA SER C 307 -5.94 -1.43 15.01
C SER C 307 -4.51 -0.97 15.26
N ALA C 308 -3.66 -1.89 15.72
CA ALA C 308 -2.25 -1.55 15.97
C ALA C 308 -1.56 -1.13 14.69
N GLU C 309 -1.87 -1.79 13.57
CA GLU C 309 -1.26 -1.47 12.29
C GLU C 309 -1.51 0.00 11.93
N HIS C 310 -2.75 0.45 12.07
CA HIS C 310 -3.09 1.81 11.68
C HIS C 310 -2.60 2.86 12.68
N PHE C 311 -2.37 2.48 13.92
CA PHE C 311 -1.81 3.43 14.87
C PHE C 311 -0.32 3.64 14.63
N LEU C 312 0.44 2.54 14.50
CA LEU C 312 1.89 2.63 14.28
C LEU C 312 2.22 3.20 12.92
N LYS C 313 1.31 3.06 11.95
CA LYS C 313 1.53 3.53 10.59
C LYS C 313 1.70 5.04 10.54
N VAL C 314 1.07 5.76 11.46
CA VAL C 314 1.14 7.22 11.49
C VAL C 314 2.01 7.71 12.63
N LEU C 315 2.72 6.81 13.31
CA LEU C 315 3.60 7.19 14.41
C LEU C 315 4.99 7.46 13.85
N PRO C 316 5.47 8.70 13.86
CA PRO C 316 6.80 8.98 13.29
C PRO C 316 7.90 8.23 14.04
N ALA C 317 8.91 7.79 13.30
CA ALA C 317 9.99 7.00 13.89
C ALA C 317 10.81 7.80 14.89
N SER C 318 10.72 9.13 14.86
CA SER C 318 11.49 9.99 15.72
C SER C 318 10.84 10.27 17.07
N VAL C 319 9.63 9.76 17.31
CA VAL C 319 8.94 10.07 18.54
C VAL C 319 9.63 9.39 19.71
N LYS C 320 9.95 10.15 20.74
CA LYS C 320 10.57 9.61 21.95
C LYS C 320 9.64 9.62 23.15
N ARG C 321 8.69 10.55 23.20
CA ARG C 321 7.81 10.70 24.35
C ARG C 321 6.39 10.97 23.89
N ILE C 322 5.43 10.32 24.53
CA ILE C 322 4.02 10.45 24.17
C ILE C 322 3.24 10.78 25.43
N ALA C 323 2.36 11.78 25.33
CA ALA C 323 1.38 12.06 26.37
C ALA C 323 0.01 11.70 25.83
N VAL C 324 -0.68 10.80 26.51
CA VAL C 324 -2.02 10.39 26.14
C VAL C 324 -3.01 11.11 27.03
N LEU C 325 -4.04 11.70 26.42
CA LEU C 325 -5.07 12.46 27.12
C LEU C 325 -6.38 11.69 27.05
N ASP C 326 -6.97 11.42 28.20
CA ASP C 326 -8.26 10.75 28.30
C ASP C 326 -9.29 11.71 28.88
N ARG C 327 -10.44 11.80 28.24
CA ARG C 327 -11.52 12.66 28.72
C ARG C 327 -12.47 11.88 29.63
N THR C 328 -11.89 11.21 30.61
CA THR C 328 -12.67 10.41 31.55
C THR C 328 -11.84 10.17 32.79
N LYS C 329 -12.47 9.61 33.81
CA LYS C 329 -11.79 9.22 35.03
C LYS C 329 -12.34 7.88 35.48
N GLU C 330 -11.45 6.93 35.71
CA GLU C 330 -11.80 5.60 36.24
C GLU C 330 -11.11 5.47 37.59
N PRO C 331 -11.79 5.84 38.68
CA PRO C 331 -11.11 5.93 39.98
C PRO C 331 -10.50 4.59 40.39
N GLY C 332 -9.26 4.66 40.89
CA GLY C 332 -8.56 3.48 41.32
C GLY C 332 -7.87 2.71 40.22
N SER C 333 -8.20 2.97 38.96
CA SER C 333 -7.55 2.27 37.86
C SER C 333 -6.10 2.69 37.75
N LEU C 334 -5.29 1.79 37.18
CA LEU C 334 -3.89 2.09 36.93
C LEU C 334 -3.76 3.26 35.95
N GLY C 335 -4.64 3.30 34.95
CA GLY C 335 -4.69 4.39 34.00
C GLY C 335 -6.04 4.37 33.31
N GLU C 336 -6.29 5.45 32.57
CA GLU C 336 -7.54 5.59 31.84
C GLU C 336 -7.48 4.80 30.53
N PRO C 337 -8.63 4.60 29.86
CA PRO C 337 -8.66 3.62 28.75
C PRO C 337 -7.66 3.88 27.64
N LEU C 338 -7.65 5.08 27.06
CA LEU C 338 -6.77 5.34 25.93
C LEU C 338 -5.31 5.24 26.34
N TYR C 339 -4.98 5.68 27.56
CA TYR C 339 -3.61 5.58 28.04
C TYR C 339 -3.14 4.14 28.10
N GLU C 340 -3.99 3.24 28.59
CA GLU C 340 -3.58 1.84 28.68
C GLU C 340 -3.50 1.18 27.31
N ASP C 341 -4.35 1.60 26.36
CA ASP C 341 -4.25 1.09 25.01
C ASP C 341 -2.93 1.48 24.35
N VAL C 342 -2.59 2.77 24.41
CA VAL C 342 -1.34 3.24 23.81
C VAL C 342 -0.14 2.58 24.48
N GLN C 343 -0.19 2.48 25.81
CA GLN C 343 0.88 1.82 26.54
C GLN C 343 1.00 0.35 26.12
N THR C 344 -0.14 -0.31 25.86
CA THR C 344 -0.10 -1.72 25.49
C THR C 344 0.47 -1.91 24.08
N VAL C 345 -0.04 -1.16 23.11
CA VAL C 345 0.36 -1.39 21.71
C VAL C 345 1.85 -1.13 21.51
N LEU C 346 2.38 -0.09 22.16
CA LEU C 346 3.80 0.21 22.03
C LEU C 346 4.66 -0.86 22.70
N ALA C 347 4.14 -1.46 23.78
CA ALA C 347 4.87 -2.56 24.42
C ALA C 347 4.87 -3.81 23.55
N GLU C 348 3.75 -4.10 22.89
CA GLU C 348 3.68 -5.30 22.06
C GLU C 348 4.62 -5.23 20.87
N HIS C 349 5.08 -4.03 20.48
CA HIS C 349 5.97 -3.88 19.34
C HIS C 349 7.34 -3.34 19.76
N GLY C 350 7.67 -3.42 21.04
CA GLY C 350 9.01 -3.11 21.50
C GLY C 350 9.47 -1.69 21.24
N LYS C 351 8.53 -0.76 21.10
CA LYS C 351 8.90 0.63 20.90
C LYS C 351 9.44 1.21 22.20
N ASN C 352 10.63 1.81 22.13
CA ASN C 352 11.23 2.41 23.31
C ASN C 352 10.76 3.86 23.39
N ILE C 353 9.51 4.02 23.84
CA ILE C 353 8.85 5.31 23.92
C ILE C 353 8.33 5.50 25.35
N LEU C 354 8.72 6.60 25.97
CA LEU C 354 8.17 6.97 27.27
C LEU C 354 6.73 7.45 27.10
N VAL C 355 5.79 6.77 27.76
CA VAL C 355 4.38 7.10 27.65
C VAL C 355 3.89 7.62 28.99
N VAL C 356 3.08 8.67 28.95
CA VAL C 356 2.54 9.31 30.13
C VAL C 356 1.08 9.64 29.83
N GLY C 357 0.21 9.46 30.82
CA GLY C 357 -1.22 9.65 30.65
C GLY C 357 -1.79 10.72 31.57
N GLY C 358 -2.81 11.42 31.07
CA GLY C 358 -3.46 12.46 31.84
C GLY C 358 -4.95 12.51 31.54
N ARG C 359 -5.65 13.29 32.36
CA ARG C 359 -7.09 13.47 32.26
C ARG C 359 -7.42 14.93 32.01
N TYR C 360 -8.50 15.17 31.27
CA TYR C 360 -8.87 16.53 30.90
C TYR C 360 -10.37 16.62 30.66
N GLY C 361 -10.88 17.85 30.74
CA GLY C 361 -12.18 18.20 30.19
C GLY C 361 -13.37 17.47 30.75
N LEU C 362 -13.30 17.01 32.00
CA LEU C 362 -14.44 16.34 32.60
C LEU C 362 -15.58 17.32 32.82
N GLY C 363 -16.78 16.95 32.41
CA GLY C 363 -17.93 17.82 32.54
C GLY C 363 -17.79 19.14 31.80
N SER C 364 -17.24 19.11 30.59
CA SER C 364 -17.02 20.30 29.76
C SER C 364 -16.05 21.30 30.40
N LYS C 365 -15.10 20.80 31.20
CA LYS C 365 -14.03 21.66 31.69
C LYS C 365 -13.26 22.22 30.50
N GLU C 366 -12.93 23.51 30.58
CA GLU C 366 -12.25 24.16 29.48
C GLU C 366 -10.95 23.44 29.14
N PHE C 367 -10.66 23.35 27.84
CA PHE C 367 -9.43 22.74 27.36
C PHE C 367 -8.93 23.63 26.22
N ASN C 368 -8.03 24.54 26.54
CA ASN C 368 -7.57 25.58 25.64
C ASN C 368 -6.10 25.39 25.26
N PRO C 369 -5.58 26.17 24.30
CA PRO C 369 -4.21 25.95 23.85
C PRO C 369 -3.15 26.06 24.94
N SER C 370 -3.33 26.94 25.93
CA SER C 370 -2.34 27.03 27.01
C SER C 370 -2.22 25.71 27.75
N MET C 371 -3.32 24.97 27.87
CA MET C 371 -3.25 23.67 28.52
C MET C 371 -2.52 22.66 27.64
N VAL C 372 -2.71 22.73 26.32
CA VAL C 372 -2.00 21.83 25.42
C VAL C 372 -0.51 22.04 25.52
N LYS C 373 -0.07 23.30 25.62
CA LYS C 373 1.35 23.56 25.77
C LYS C 373 1.87 23.02 27.10
N ALA C 374 1.05 23.12 28.16
CA ALA C 374 1.45 22.54 29.44
C ALA C 374 1.65 21.04 29.31
N VAL C 375 0.82 20.37 28.51
CA VAL C 375 1.01 18.94 28.26
C VAL C 375 2.30 18.72 27.48
N PHE C 376 2.55 19.51 26.44
CA PHE C 376 3.78 19.36 25.68
C PHE C 376 5.00 19.70 26.53
N ASP C 377 4.90 20.74 27.36
CA ASP C 377 6.01 21.10 28.23
C ASP C 377 6.29 20.01 29.25
N ASN C 378 5.25 19.32 29.73
CA ASN C 378 5.48 18.22 30.66
C ASN C 378 6.22 17.07 29.99
N LEU C 379 5.99 16.84 28.70
CA LEU C 379 6.78 15.85 27.98
C LEU C 379 8.24 16.29 27.83
N ALA C 380 8.49 17.59 27.84
CA ALA C 380 9.85 18.10 27.71
C ALA C 380 10.59 18.18 29.04
N ALA C 381 9.93 17.92 30.15
CA ALA C 381 10.58 17.98 31.46
C ALA C 381 11.55 16.82 31.63
N THR C 382 12.48 17.00 32.56
CA THR C 382 13.46 15.94 32.84
C THR C 382 12.75 14.66 33.28
N THR C 383 11.79 14.79 34.20
CA THR C 383 10.97 13.66 34.61
C THR C 383 9.50 14.03 34.39
N PRO C 384 8.91 13.63 33.26
CA PRO C 384 7.50 13.98 33.01
C PRO C 384 6.60 13.42 34.10
N LYS C 385 5.68 14.25 34.58
CA LYS C 385 4.70 13.81 35.55
C LYS C 385 3.70 12.89 34.86
N ASN C 386 3.45 11.73 35.46
CA ASN C 386 2.48 10.77 34.94
C ASN C 386 1.20 10.81 35.77
N LYS C 387 0.12 10.31 35.18
CA LYS C 387 -1.19 10.29 35.84
C LYS C 387 -1.61 11.69 36.27
N PHE C 388 -1.54 12.63 35.33
CA PHE C 388 -1.73 14.04 35.61
C PHE C 388 -3.14 14.50 35.25
N THR C 389 -3.43 15.77 35.55
CA THR C 389 -4.68 16.42 35.18
C THR C 389 -4.37 17.78 34.56
N VAL C 390 -5.28 18.24 33.69
CA VAL C 390 -5.17 19.52 33.01
C VAL C 390 -6.48 20.27 33.12
N GLY C 391 -6.40 21.55 33.48
CA GLY C 391 -7.57 22.39 33.60
C GLY C 391 -8.02 22.67 35.01
N ILE C 392 -7.38 22.06 36.01
CA ILE C 392 -7.72 22.24 37.41
C ILE C 392 -6.46 22.51 38.22
N THR C 393 -6.67 22.91 39.47
CA THR C 393 -5.60 23.09 40.44
C THR C 393 -5.79 22.04 41.53
N ASP C 394 -5.03 20.95 41.43
CA ASP C 394 -5.12 19.85 42.39
C ASP C 394 -4.07 20.07 43.47
N ASP C 395 -4.45 20.80 44.52
CA ASP C 395 -3.57 21.03 45.65
C ASP C 395 -3.71 19.97 46.73
N VAL C 396 -4.40 18.87 46.44
CA VAL C 396 -4.58 17.79 47.41
C VAL C 396 -3.66 16.63 47.05
N THR C 397 -3.80 16.11 45.83
CA THR C 397 -2.97 15.00 45.37
C THR C 397 -1.94 15.41 44.34
N HIS C 398 -1.91 16.70 43.97
CA HIS C 398 -0.82 17.29 43.18
C HIS C 398 -0.65 16.58 41.84
N THR C 399 -1.78 16.35 41.17
CA THR C 399 -1.77 15.75 39.84
C THR C 399 -1.82 16.79 38.73
N SER C 400 -2.17 18.03 39.03
CA SER C 400 -2.41 19.02 37.98
C SER C 400 -1.12 19.60 37.45
N LEU C 401 -1.10 19.86 36.14
CA LEU C 401 0.00 20.55 35.51
C LEU C 401 -0.14 22.05 35.70
N GLU C 402 1.00 22.73 35.84
CA GLU C 402 0.97 24.17 36.00
C GLU C 402 0.80 24.85 34.64
N ILE C 403 -0.22 25.70 34.53
CA ILE C 403 -0.39 26.50 33.33
C ILE C 403 0.52 27.71 33.48
N LYS C 404 1.73 27.62 32.92
CA LYS C 404 2.77 28.61 33.18
C LYS C 404 2.45 29.94 32.51
N GLU C 405 2.34 29.94 31.19
CA GLU C 405 2.10 31.17 30.46
C GLU C 405 0.86 31.01 29.60
N HIS C 406 0.28 32.14 29.22
CA HIS C 406 -0.94 32.17 28.43
C HIS C 406 -0.57 32.52 26.99
N ILE C 407 -0.92 31.66 26.04
CA ILE C 407 -0.57 31.86 24.64
C ILE C 407 -1.85 31.97 23.81
N ASP C 408 -1.71 32.62 22.66
CA ASP C 408 -2.81 32.83 21.72
C ASP C 408 -2.45 32.14 20.40
N THR C 409 -3.09 30.99 20.14
CA THR C 409 -2.85 30.23 18.93
C THR C 409 -3.94 30.44 17.87
N SER C 410 -4.83 31.40 18.07
CA SER C 410 -5.88 31.65 17.11
C SER C 410 -5.29 32.13 15.79
N PRO C 411 -5.72 31.59 14.65
CA PRO C 411 -5.17 32.05 13.37
C PRO C 411 -5.43 33.53 13.15
N LYS C 412 -4.42 34.21 12.61
CA LYS C 412 -4.55 35.64 12.37
C LYS C 412 -5.66 35.90 11.35
N GLY C 413 -6.41 36.97 11.58
CA GLY C 413 -7.55 37.27 10.73
C GLY C 413 -8.88 36.74 11.22
N THR C 414 -8.90 36.05 12.36
CA THR C 414 -10.14 35.54 12.93
C THR C 414 -10.74 36.58 13.87
N PHE C 415 -11.99 36.96 13.59
CA PHE C 415 -12.72 37.89 14.43
C PHE C 415 -13.34 37.15 15.61
N ARG C 416 -13.34 37.77 16.78
CA ARG C 416 -13.79 37.15 18.01
C ARG C 416 -14.70 38.10 18.77
N CYS C 417 -15.89 37.61 19.16
CA CYS C 417 -16.89 38.41 19.85
C CYS C 417 -17.46 37.66 21.05
N LYS C 418 -17.63 38.36 22.16
CA LYS C 418 -18.37 37.82 23.29
C LYS C 418 -19.57 38.72 23.56
N PHE C 419 -20.72 38.11 23.84
CA PHE C 419 -21.96 38.82 24.09
C PHE C 419 -22.51 38.39 25.45
N PHE C 420 -22.50 39.31 26.40
CA PHE C 420 -23.09 39.07 27.72
C PHE C 420 -24.56 39.45 27.65
N GLY C 421 -25.44 38.46 27.76
CA GLY C 421 -26.87 38.67 27.67
C GLY C 421 -27.59 38.22 28.93
N LEU C 422 -28.89 38.53 28.97
CA LEU C 422 -29.78 38.11 30.03
C LEU C 422 -30.61 36.93 29.56
N GLY C 423 -31.00 36.07 30.50
CA GLY C 423 -31.78 34.89 30.18
C GLY C 423 -33.01 35.20 29.36
N SER C 424 -33.06 34.65 28.15
CA SER C 424 -34.21 34.78 27.24
C SER C 424 -34.46 36.23 26.83
N ASP C 425 -33.42 37.04 26.72
CA ASP C 425 -33.55 38.40 26.22
C ASP C 425 -33.32 38.48 24.71
N GLY C 426 -33.11 37.36 24.03
CA GLY C 426 -32.91 37.32 22.60
C GLY C 426 -31.47 37.34 22.15
N THR C 427 -30.52 37.51 23.07
CA THR C 427 -29.12 37.61 22.68
C THR C 427 -28.62 36.34 22.02
N VAL C 428 -28.86 35.18 22.66
CA VAL C 428 -28.43 33.91 22.09
C VAL C 428 -29.10 33.67 20.74
N GLY C 429 -30.41 33.92 20.67
CA GLY C 429 -31.11 33.73 19.41
C GLY C 429 -30.60 34.63 18.32
N ALA C 430 -30.33 35.89 18.66
CA ALA C 430 -29.81 36.82 17.66
C ALA C 430 -28.42 36.42 17.20
N ASN C 431 -27.56 36.02 18.14
CA ASN C 431 -26.21 35.62 17.76
C ASN C 431 -26.21 34.39 16.87
N LYS C 432 -27.13 33.44 17.11
CA LYS C 432 -27.28 32.32 16.18
C LYS C 432 -27.69 32.81 14.80
N ASN C 433 -28.59 33.80 14.75
CA ASN C 433 -28.98 34.34 13.45
C ASN C 433 -27.83 35.07 12.79
N SER C 434 -26.98 35.74 13.59
CA SER C 434 -25.82 36.43 13.04
C SER C 434 -24.86 35.45 12.40
N ILE C 435 -24.72 34.26 13.01
CA ILE C 435 -23.84 33.23 12.46
C ILE C 435 -24.33 32.75 11.10
N LYS C 436 -25.63 32.51 10.97
CA LYS C 436 -26.17 32.09 9.66
C LYS C 436 -26.01 33.17 8.61
N ILE C 437 -26.27 34.43 8.99
CA ILE C 437 -26.11 35.53 8.05
C ILE C 437 -24.70 35.56 7.49
N ILE C 438 -23.70 35.54 8.37
CA ILE C 438 -22.32 35.60 7.93
C ILE C 438 -21.94 34.33 7.18
N GLY C 439 -22.41 33.17 7.65
CA GLY C 439 -22.05 31.92 7.00
C GLY C 439 -22.67 31.74 5.63
N ASP C 440 -23.93 32.14 5.47
CA ASP C 440 -24.62 31.91 4.21
C ASP C 440 -24.22 32.86 3.10
N HIS C 441 -23.72 34.05 3.44
CA HIS C 441 -23.52 35.09 2.44
C HIS C 441 -22.09 35.56 2.28
N THR C 442 -21.13 34.98 2.98
CA THR C 442 -19.73 35.30 2.81
C THR C 442 -18.93 34.01 2.65
N ASP C 443 -17.66 34.16 2.27
CA ASP C 443 -16.75 33.02 2.20
C ASP C 443 -16.15 32.66 3.55
N MET C 444 -16.56 33.35 4.62
CA MET C 444 -15.96 33.16 5.92
C MET C 444 -16.53 31.96 6.64
N TYR C 445 -15.67 31.26 7.38
CA TYR C 445 -16.12 30.28 8.36
C TYR C 445 -16.72 31.01 9.55
N ALA C 446 -17.72 30.39 10.17
CA ALA C 446 -18.42 30.99 11.29
C ALA C 446 -18.64 29.94 12.37
N GLN C 447 -18.44 30.33 13.63
CA GLN C 447 -18.56 29.43 14.76
C GLN C 447 -19.30 30.12 15.89
N GLY C 448 -20.18 29.38 16.56
CA GLY C 448 -20.88 29.90 17.72
C GLY C 448 -21.00 28.90 18.85
N TYR C 449 -20.72 29.35 20.08
CA TYR C 449 -20.87 28.54 21.27
C TYR C 449 -21.49 29.39 22.37
N PHE C 450 -22.39 28.80 23.16
CA PHE C 450 -23.24 29.58 24.06
C PHE C 450 -23.23 28.96 25.45
N VAL C 451 -22.88 29.78 26.44
CA VAL C 451 -22.79 29.34 27.84
C VAL C 451 -24.06 29.77 28.56
N TYR C 452 -24.75 28.79 29.14
CA TYR C 452 -26.03 29.01 29.81
C TYR C 452 -25.87 28.91 31.33
N ASP C 453 -26.95 29.27 32.02
CA ASP C 453 -26.99 29.27 33.48
C ASP C 453 -27.92 28.17 34.01
N SER C 454 -27.72 27.83 35.28
CA SER C 454 -28.58 26.83 35.92
C SER C 454 -29.96 27.39 36.24
N LYS C 455 -30.05 28.71 36.46
CA LYS C 455 -31.32 29.38 36.74
C LYS C 455 -32.14 29.53 35.47
N LYS C 456 -33.43 29.21 35.55
CA LYS C 456 -34.30 29.22 34.37
C LYS C 456 -34.72 30.62 33.95
N SER C 457 -34.78 31.58 34.88
CA SER C 457 -35.20 32.94 34.57
C SER C 457 -34.23 33.93 35.20
N GLY C 458 -33.76 34.89 34.40
CA GLY C 458 -32.88 35.91 34.91
C GLY C 458 -31.41 35.52 34.96
N GLY C 459 -31.02 34.45 34.27
CA GLY C 459 -29.64 34.03 34.28
C GLY C 459 -28.77 34.79 33.29
N VAL C 460 -27.46 34.61 33.45
CA VAL C 460 -26.47 35.23 32.58
C VAL C 460 -26.13 34.27 31.44
N THR C 461 -26.08 34.79 30.21
CA THR C 461 -25.68 34.04 29.04
C THR C 461 -24.47 34.73 28.39
N ILE C 462 -23.51 33.93 27.93
CA ILE C 462 -22.31 34.44 27.27
C ILE C 462 -22.17 33.74 25.93
N SER C 463 -22.29 34.51 24.84
CA SER C 463 -22.14 33.99 23.49
C SER C 463 -20.71 34.17 23.01
N HIS C 464 -20.16 33.12 22.38
CA HIS C 464 -18.82 33.14 21.83
C HIS C 464 -18.91 32.92 20.32
N LEU C 465 -18.54 33.93 19.54
CA LEU C 465 -18.61 33.87 18.09
C LEU C 465 -17.24 34.09 17.47
N ARG C 466 -16.97 33.36 16.39
CA ARG C 466 -15.73 33.50 15.65
C ARG C 466 -16.03 33.48 14.15
N PHE C 467 -15.38 34.37 13.41
CA PHE C 467 -15.47 34.40 11.97
C PHE C 467 -14.08 34.62 11.39
N GLY C 468 -13.74 33.87 10.34
CA GLY C 468 -12.44 34.03 9.73
C GLY C 468 -12.39 33.39 8.36
N LYS C 469 -11.33 33.75 7.63
CA LYS C 469 -11.09 33.15 6.33
C LYS C 469 -10.51 31.75 6.43
N GLN C 470 -10.08 31.32 7.61
CA GLN C 470 -9.52 29.99 7.79
C GLN C 470 -10.44 29.14 8.64
N PRO C 471 -10.38 27.81 8.49
CA PRO C 471 -11.20 26.94 9.34
C PRO C 471 -10.96 27.19 10.82
N ILE C 472 -12.05 27.18 11.58
CA ILE C 472 -12.03 27.52 13.00
C ILE C 472 -11.96 26.22 13.77
N GLN C 473 -10.77 25.90 14.27
CA GLN C 473 -10.54 24.71 15.11
C GLN C 473 -10.58 25.05 16.59
N SER C 474 -10.98 26.26 16.95
CA SER C 474 -10.88 26.75 18.32
C SER C 474 -12.08 26.27 19.12
N ALA C 475 -12.01 25.00 19.53
CA ALA C 475 -13.05 24.40 20.36
C ALA C 475 -12.83 24.75 21.84
N TYR C 476 -12.77 26.05 22.08
CA TYR C 476 -12.57 26.56 23.44
C TYR C 476 -13.12 27.98 23.46
N LEU C 477 -13.31 28.49 24.67
CA LEU C 477 -13.91 29.81 24.82
C LEU C 477 -12.98 30.89 24.28
N ILE C 478 -13.56 32.05 24.00
CA ILE C 478 -12.80 33.12 23.38
C ILE C 478 -11.81 33.67 24.40
N ASP C 479 -10.53 33.76 23.99
CA ASP C 479 -9.43 34.25 24.81
C ASP C 479 -9.21 35.75 24.65
N GLN C 480 -9.00 36.20 23.43
CA GLN C 480 -8.78 37.61 23.09
C GLN C 480 -9.88 38.06 22.15
N ALA C 481 -10.76 38.94 22.64
CA ALA C 481 -11.93 39.37 21.89
C ALA C 481 -11.67 40.66 21.11
N ASP C 482 -12.12 40.68 19.85
CA ASP C 482 -12.13 41.93 19.09
C ASP C 482 -13.25 42.84 19.53
N LEU C 483 -14.39 42.26 19.94
CA LEU C 483 -15.57 43.01 20.33
C LEU C 483 -16.21 42.32 21.53
N ILE C 484 -16.64 43.11 22.50
CA ILE C 484 -17.37 42.62 23.66
C ILE C 484 -18.64 43.45 23.82
N ALA C 485 -19.78 42.77 23.91
CA ALA C 485 -21.07 43.43 24.06
C ALA C 485 -21.69 43.02 25.38
N CYS C 486 -22.19 44.01 26.12
CA CYS C 486 -22.89 43.79 27.38
C CYS C 486 -24.31 44.32 27.19
N HIS C 487 -25.27 43.41 27.12
CA HIS C 487 -26.66 43.77 26.84
C HIS C 487 -27.47 44.04 28.10
N ASN C 488 -26.85 43.98 29.28
CA ASN C 488 -27.54 44.23 30.54
C ASN C 488 -26.69 45.16 31.39
N PRO C 489 -27.13 46.39 31.64
CA PRO C 489 -26.29 47.32 32.42
C PRO C 489 -26.06 46.86 33.85
N SER C 490 -26.90 45.97 34.38
CA SER C 490 -26.69 45.46 35.73
C SER C 490 -25.39 44.68 35.84
N TYR C 491 -24.92 44.09 34.74
CA TYR C 491 -23.66 43.35 34.76
C TYR C 491 -22.46 44.25 34.95
N VAL C 492 -22.58 45.55 34.63
CA VAL C 492 -21.47 46.47 34.81
C VAL C 492 -21.16 46.57 36.30
N GLY C 493 -19.92 46.24 36.68
CA GLY C 493 -19.54 46.17 38.07
C GLY C 493 -19.78 44.84 38.73
N ARG C 494 -20.42 43.90 38.04
CA ARG C 494 -20.72 42.58 38.59
C ARG C 494 -19.83 41.48 38.02
N TYR C 495 -19.56 41.51 36.72
CA TYR C 495 -18.73 40.53 36.06
C TYR C 495 -17.56 41.20 35.35
N ASN C 496 -16.50 40.43 35.12
CA ASN C 496 -15.32 40.93 34.43
C ASN C 496 -15.61 40.91 32.94
N LEU C 497 -16.38 41.91 32.50
CA LEU C 497 -16.84 41.95 31.11
C LEU C 497 -15.67 42.13 30.15
N LEU C 498 -14.79 43.09 30.43
CA LEU C 498 -13.69 43.43 29.54
C LEU C 498 -12.50 42.49 29.66
N GLU C 499 -12.71 41.28 30.18
CA GLU C 499 -11.60 40.36 30.38
C GLU C 499 -11.03 39.92 29.05
N GLY C 500 -9.73 40.12 28.87
CA GLY C 500 -9.05 39.64 27.67
C GLY C 500 -9.35 40.40 26.41
N ILE C 501 -10.04 41.53 26.47
CA ILE C 501 -10.33 42.28 25.26
C ILE C 501 -9.02 42.81 24.68
N LYS C 502 -8.93 42.79 23.37
CA LYS C 502 -7.73 43.18 22.66
C LYS C 502 -7.53 44.68 22.70
N PRO C 503 -6.27 45.15 22.66
CA PRO C 503 -6.04 46.59 22.53
C PRO C 503 -6.66 47.13 21.26
N GLY C 504 -7.36 48.26 21.39
CA GLY C 504 -8.08 48.81 20.27
C GLY C 504 -9.39 48.12 19.94
N GLY C 505 -9.81 47.17 20.75
CA GLY C 505 -11.06 46.46 20.51
C GLY C 505 -12.28 47.32 20.73
N ILE C 506 -13.44 46.69 20.52
CA ILE C 506 -14.74 47.35 20.62
C ILE C 506 -15.43 46.88 21.88
N PHE C 507 -16.04 47.82 22.61
CA PHE C 507 -16.89 47.49 23.75
C PHE C 507 -18.24 48.16 23.52
N LEU C 508 -19.28 47.35 23.33
CA LEU C 508 -20.64 47.84 23.11
C LEU C 508 -21.45 47.61 24.37
N LEU C 509 -22.11 48.67 24.86
CA LEU C 509 -22.83 48.62 26.11
C LEU C 509 -24.26 49.10 25.91
N ASN C 510 -25.20 48.40 26.54
CA ASN C 510 -26.60 48.82 26.61
C ASN C 510 -26.88 49.35 28.01
N SER C 511 -27.17 50.63 28.12
CA SER C 511 -27.46 51.25 29.41
C SER C 511 -28.20 52.56 29.19
N THR C 512 -28.79 53.06 30.27
CA THR C 512 -29.47 54.35 30.26
C THR C 512 -28.55 55.50 30.65
N TRP C 513 -27.26 55.24 30.83
CA TRP C 513 -26.33 56.27 31.27
C TRP C 513 -25.89 57.13 30.09
N SER C 514 -25.81 58.43 30.32
CA SER C 514 -25.30 59.35 29.32
C SER C 514 -23.77 59.36 29.32
N ALA C 515 -23.20 60.09 28.36
CA ALA C 515 -21.75 60.15 28.24
C ALA C 515 -21.10 60.76 29.47
N GLU C 516 -21.75 61.74 30.09
CA GLU C 516 -21.18 62.38 31.28
C GLU C 516 -21.32 61.51 32.53
N GLU C 517 -22.43 60.78 32.64
CA GLU C 517 -22.69 59.91 33.79
C GLU C 517 -21.76 58.71 33.85
N MET C 518 -20.98 58.45 32.80
CA MET C 518 -20.09 57.29 32.79
C MET C 518 -19.09 57.33 33.94
N ASP C 519 -18.59 58.53 34.28
CA ASP C 519 -17.58 58.63 35.33
C ASP C 519 -18.08 58.13 36.67
N SER C 520 -19.36 58.35 36.95
CA SER C 520 -19.94 57.93 38.22
C SER C 520 -20.54 56.53 38.17
N ARG C 521 -20.86 56.01 36.98
CA ARG C 521 -21.54 54.74 36.84
C ARG C 521 -20.60 53.56 36.62
N LEU C 522 -19.51 53.76 35.85
CA LEU C 522 -18.60 52.65 35.56
C LEU C 522 -17.67 52.42 36.75
N PRO C 523 -17.33 51.17 37.04
CA PRO C 523 -16.38 50.87 38.11
C PRO C 523 -14.98 51.32 37.75
N ALA C 524 -14.13 51.42 38.77
CA ALA C 524 -12.78 51.93 38.57
C ALA C 524 -11.97 51.00 37.68
N ASP C 525 -12.06 49.67 37.90
CA ASP C 525 -11.31 48.74 37.07
C ASP C 525 -11.76 48.81 35.62
N MET C 526 -13.06 49.01 35.39
CA MET C 526 -13.56 49.15 34.02
C MET C 526 -13.07 50.45 33.40
N LYS C 527 -13.02 51.53 34.19
CA LYS C 527 -12.51 52.79 33.67
C LYS C 527 -11.05 52.67 33.25
N ARG C 528 -10.26 51.92 34.04
CA ARG C 528 -8.84 51.76 33.73
C ARG C 528 -8.63 50.96 32.45
N THR C 529 -9.34 49.84 32.32
CA THR C 529 -9.17 48.99 31.14
C THR C 529 -9.56 49.72 29.86
N ILE C 530 -10.66 50.48 29.90
CA ILE C 530 -11.12 51.19 28.71
C ILE C 530 -10.05 52.16 28.22
N ALA C 531 -9.35 52.82 29.15
CA ALA C 531 -8.38 53.83 28.76
C ALA C 531 -7.06 53.23 28.29
N THR C 532 -6.49 52.30 29.07
CA THR C 532 -5.17 51.78 28.75
C THR C 532 -5.18 51.00 27.43
N LYS C 533 -6.19 50.16 27.23
CA LYS C 533 -6.27 49.40 25.98
C LYS C 533 -6.82 50.22 24.83
N LYS C 534 -7.18 51.49 25.05
CA LYS C 534 -7.63 52.39 24.00
C LYS C 534 -8.81 51.79 23.23
N LEU C 535 -9.81 51.33 23.97
CA LEU C 535 -10.95 50.65 23.39
C LEU C 535 -11.90 51.63 22.71
N LYS C 536 -12.58 51.15 21.68
CA LYS C 536 -13.66 51.87 21.03
C LYS C 536 -14.93 51.63 21.83
N PHE C 537 -15.30 52.59 22.66
CA PHE C 537 -16.42 52.45 23.58
C PHE C 537 -17.67 53.02 22.93
N TYR C 538 -18.65 52.16 22.67
CA TYR C 538 -19.94 52.56 22.13
C TYR C 538 -21.03 52.27 23.16
N ASN C 539 -22.03 53.14 23.21
CA ASN C 539 -23.15 52.99 24.13
C ASN C 539 -24.45 53.23 23.37
N ILE C 540 -25.51 52.56 23.81
CA ILE C 540 -26.84 52.75 23.24
C ILE C 540 -27.87 52.39 24.29
N ASP C 541 -28.91 53.23 24.39
CA ASP C 541 -30.02 52.97 25.31
C ASP C 541 -31.08 52.19 24.55
N ALA C 542 -30.85 50.88 24.41
CA ALA C 542 -31.75 50.03 23.66
C ALA C 542 -33.13 49.97 24.31
N VAL C 543 -33.19 50.09 25.63
CA VAL C 543 -34.47 50.09 26.32
C VAL C 543 -35.32 51.27 25.88
N LYS C 544 -34.70 52.43 25.71
CA LYS C 544 -35.42 53.62 25.28
C LYS C 544 -35.99 53.46 23.87
N ILE C 545 -35.22 52.84 22.97
CA ILE C 545 -35.68 52.65 21.60
C ILE C 545 -36.89 51.73 21.56
N ALA C 546 -36.83 50.62 22.27
CA ALA C 546 -37.93 49.65 22.24
C ALA C 546 -39.21 50.21 22.82
N GLN C 547 -39.10 51.11 23.80
CA GLN C 547 -40.30 51.70 24.41
C GLN C 547 -41.06 52.56 23.40
N GLU C 548 -40.34 53.41 22.66
CA GLU C 548 -41.00 54.34 21.75
C GLU C 548 -41.60 53.61 20.55
N ILE C 549 -40.98 52.53 20.09
CA ILE C 549 -41.51 51.81 18.94
C ILE C 549 -42.74 51.00 19.31
N GLY C 550 -42.80 50.48 20.54
CA GLY C 550 -43.88 49.63 20.95
C GLY C 550 -43.53 48.16 21.07
N LEU C 551 -42.25 47.81 21.01
CA LEU C 551 -41.79 46.44 21.16
C LEU C 551 -41.62 46.04 22.62
N GLY C 552 -42.07 46.87 23.55
CA GLY C 552 -41.87 46.60 24.96
C GLY C 552 -40.43 46.82 25.38
N SER C 553 -39.77 45.78 25.85
CA SER C 553 -38.37 45.85 26.24
C SER C 553 -37.48 44.91 25.43
N ARG C 554 -38.00 44.32 24.36
CA ARG C 554 -37.19 43.42 23.52
C ARG C 554 -36.11 44.21 22.80
N ILE C 555 -34.86 43.83 23.02
CA ILE C 555 -33.70 44.51 22.45
C ILE C 555 -32.90 43.60 21.53
N ASN C 556 -33.44 42.43 21.17
CA ASN C 556 -32.68 41.47 20.38
C ASN C 556 -32.35 42.02 19.00
N VAL C 557 -33.36 42.60 18.31
CA VAL C 557 -33.12 43.17 17.00
C VAL C 557 -32.21 44.39 17.12
N ILE C 558 -32.41 45.20 18.15
CA ILE C 558 -31.64 46.43 18.31
C ILE C 558 -30.17 46.11 18.53
N MET C 559 -29.87 45.23 19.48
CA MET C 559 -28.48 44.94 19.79
C MET C 559 -27.80 44.19 18.66
N GLN C 560 -28.55 43.36 17.91
CA GLN C 560 -27.96 42.72 16.74
C GLN C 560 -27.62 43.73 15.66
N THR C 561 -28.52 44.70 15.44
CA THR C 561 -28.24 45.75 14.46
C THR C 561 -27.04 46.58 14.88
N ALA C 562 -26.97 46.95 16.16
CA ALA C 562 -25.82 47.71 16.65
C ALA C 562 -24.53 46.95 16.46
N PHE C 563 -24.58 45.62 16.56
CA PHE C 563 -23.39 44.80 16.37
C PHE C 563 -22.83 44.96 14.96
N PHE C 564 -23.67 44.70 13.94
CA PHE C 564 -23.21 44.81 12.57
C PHE C 564 -22.79 46.24 12.23
N LYS C 565 -23.39 47.22 12.92
CA LYS C 565 -23.06 48.62 12.65
C LYS C 565 -21.61 48.92 13.01
N ILE C 566 -21.05 48.26 14.01
CA ILE C 566 -19.69 48.55 14.45
C ILE C 566 -18.71 47.44 14.14
N ALA C 567 -19.16 46.21 13.92
CA ALA C 567 -18.21 45.14 13.66
C ALA C 567 -17.61 45.27 12.26
N ASN C 568 -18.39 45.78 11.31
CA ASN C 568 -17.97 45.93 9.92
C ASN C 568 -17.49 44.60 9.34
N VAL C 569 -18.21 43.53 9.69
CA VAL C 569 -17.88 42.20 9.17
C VAL C 569 -18.40 42.03 7.76
N ILE C 570 -19.56 42.62 7.45
CA ILE C 570 -20.09 42.60 6.09
C ILE C 570 -20.53 44.02 5.74
N PRO C 571 -20.75 44.31 4.46
CA PRO C 571 -21.30 45.61 4.08
C PRO C 571 -22.60 45.89 4.84
N VAL C 572 -22.68 47.10 5.41
CA VAL C 572 -23.80 47.44 6.29
C VAL C 572 -25.13 47.35 5.54
N ASP C 573 -25.17 47.78 4.27
CA ASP C 573 -26.42 47.66 3.50
C ASP C 573 -26.79 46.20 3.32
N GLU C 574 -25.82 45.35 2.96
CA GLU C 574 -26.13 43.93 2.85
C GLU C 574 -26.55 43.38 4.20
N ALA C 575 -25.91 43.86 5.27
CA ALA C 575 -26.29 43.43 6.61
C ALA C 575 -27.73 43.84 6.92
N ILE C 576 -28.11 45.07 6.57
CA ILE C 576 -29.48 45.54 6.83
C ILE C 576 -30.48 44.70 6.06
N LYS C 577 -30.15 44.33 4.82
CA LYS C 577 -31.07 43.49 4.05
C LYS C 577 -31.21 42.12 4.68
N TYR C 578 -30.09 41.49 5.06
CA TYR C 578 -30.16 40.16 5.66
C TYR C 578 -30.86 40.20 7.01
N ILE C 579 -30.67 41.28 7.78
CA ILE C 579 -31.38 41.42 9.05
C ILE C 579 -32.87 41.60 8.79
N LYS C 580 -33.23 42.52 7.90
CA LYS C 580 -34.65 42.72 7.59
C LYS C 580 -35.26 41.49 6.92
N ASP C 581 -34.49 40.79 6.09
CA ASP C 581 -34.99 39.53 5.53
C ASP C 581 -35.21 38.52 6.64
N SER C 582 -34.35 38.51 7.65
CA SER C 582 -34.54 37.62 8.79
C SER C 582 -35.73 38.05 9.63
N ILE C 583 -36.01 39.35 9.67
CA ILE C 583 -37.22 39.82 10.37
C ILE C 583 -38.47 39.39 9.62
N VAL C 584 -38.44 39.50 8.28
CA VAL C 584 -39.58 39.09 7.47
C VAL C 584 -39.84 37.59 7.62
N LYS C 585 -38.77 36.79 7.71
CA LYS C 585 -38.94 35.35 7.85
C LYS C 585 -39.52 34.99 9.21
N THR C 586 -39.23 35.77 10.25
CA THR C 586 -39.73 35.48 11.59
C THR C 586 -41.05 36.16 11.89
N TYR C 587 -41.24 37.39 11.42
CA TYR C 587 -42.44 38.18 11.69
C TYR C 587 -43.23 38.44 10.42
N GLY C 588 -43.28 37.48 9.51
CA GLY C 588 -44.01 37.65 8.27
C GLY C 588 -45.49 37.33 8.40
N LYS C 589 -45.81 36.29 9.16
CA LYS C 589 -47.19 35.88 9.38
C LYS C 589 -47.83 36.55 10.60
N LYS C 590 -47.01 37.18 11.46
CA LYS C 590 -47.55 37.81 12.66
C LYS C 590 -48.45 38.99 12.35
N GLY C 591 -48.30 39.61 11.19
CA GLY C 591 -49.09 40.77 10.84
C GLY C 591 -48.24 41.97 10.48
N ASP C 592 -48.80 42.89 9.69
CA ASP C 592 -48.03 44.03 9.21
C ASP C 592 -47.70 45.03 10.31
N LYS C 593 -48.44 45.03 11.41
CA LYS C 593 -48.18 45.99 12.49
C LYS C 593 -46.91 45.63 13.24
N ILE C 594 -46.76 44.35 13.61
CA ILE C 594 -45.56 43.90 14.32
C ILE C 594 -44.35 43.85 13.40
N LEU C 595 -44.57 43.71 12.09
CA LEU C 595 -43.45 43.58 11.16
C LEU C 595 -42.72 44.90 10.97
N ASN C 596 -43.46 46.00 10.84
CA ASN C 596 -42.83 47.29 10.62
C ASN C 596 -42.20 47.86 11.89
N MET C 597 -42.66 47.44 13.07
CA MET C 597 -42.03 47.87 14.31
C MET C 597 -40.58 47.41 14.38
N ASN C 598 -40.33 46.16 14.01
CA ASN C 598 -38.96 45.65 13.99
C ASN C 598 -38.14 46.31 12.88
N PHE C 599 -38.78 46.72 11.79
CA PHE C 599 -38.06 47.48 10.77
C PHE C 599 -37.58 48.81 11.32
N ALA C 600 -38.41 49.48 12.12
CA ALA C 600 -38.01 50.74 12.72
C ALA C 600 -36.89 50.55 13.75
N ALA C 601 -36.86 49.39 14.41
CA ALA C 601 -35.79 49.12 15.37
C ALA C 601 -34.44 49.11 14.70
N VAL C 602 -34.34 48.48 13.52
CA VAL C 602 -33.09 48.49 12.77
C VAL C 602 -32.72 49.92 12.39
N ASP C 603 -33.70 50.68 11.89
CA ASP C 603 -33.43 52.01 11.38
C ASP C 603 -32.93 52.95 12.47
N ARG C 604 -33.64 53.02 13.59
CA ARG C 604 -33.26 53.95 14.65
C ARG C 604 -32.01 53.50 15.40
N ALA C 605 -31.75 52.20 15.48
CA ALA C 605 -30.57 51.71 16.18
C ALA C 605 -29.29 52.20 15.50
N LEU C 606 -29.30 52.32 14.18
CA LEU C 606 -28.14 52.80 13.46
C LEU C 606 -27.80 54.23 13.86
N GLU C 607 -28.83 55.06 14.07
CA GLU C 607 -28.64 56.47 14.41
C GLU C 607 -28.46 56.72 15.89
N ALA C 608 -28.88 55.80 16.77
CA ALA C 608 -28.82 56.03 18.20
C ALA C 608 -27.52 55.60 18.85
N LEU C 609 -26.72 54.79 18.16
CA LEU C 609 -25.46 54.33 18.72
C LEU C 609 -24.46 55.49 18.79
N GLU C 610 -24.01 55.81 19.99
CA GLU C 610 -23.12 56.93 20.25
C GLU C 610 -21.80 56.44 20.79
N GLU C 611 -20.71 56.88 20.17
CA GLU C 611 -19.37 56.56 20.67
C GLU C 611 -19.03 57.47 21.85
N ILE C 612 -18.55 56.88 22.94
CA ILE C 612 -18.26 57.61 24.16
C ILE C 612 -16.77 57.96 24.17
N LYS C 613 -16.46 59.25 24.06
CA LYS C 613 -15.09 59.75 24.14
C LYS C 613 -14.78 60.08 25.59
N TYR C 614 -14.06 59.16 26.27
CA TYR C 614 -13.70 59.12 27.69
C TYR C 614 -12.36 59.80 27.93
N PRO C 615 -12.16 60.41 29.09
CA PRO C 615 -10.86 61.03 29.40
C PRO C 615 -9.79 59.96 29.60
N ALA C 616 -8.55 60.33 29.23
CA ALA C 616 -7.42 59.41 29.36
C ALA C 616 -7.06 59.12 30.82
N SER C 617 -7.39 60.03 31.74
CA SER C 617 -7.04 59.83 33.15
C SER C 617 -7.83 58.71 33.82
N TRP C 618 -8.75 58.05 33.11
CA TRP C 618 -9.45 56.90 33.69
C TRP C 618 -8.47 55.82 34.13
N ALA C 619 -7.29 55.77 33.50
CA ALA C 619 -6.29 54.79 33.92
C ALA C 619 -5.80 55.06 35.33
N ASP C 620 -5.89 56.30 35.80
CA ASP C 620 -5.47 56.65 37.16
C ASP C 620 -6.63 56.65 38.15
N ALA C 621 -7.85 56.39 37.70
CA ALA C 621 -8.98 56.31 38.60
C ALA C 621 -8.78 55.19 39.63
N VAL C 622 -9.39 55.36 40.80
CA VAL C 622 -9.19 54.44 41.92
C VAL C 622 -10.55 54.11 42.52
N ASP C 623 -10.67 52.89 43.02
CA ASP C 623 -11.91 52.42 43.62
C ASP C 623 -12.15 53.09 44.98
N THR C 630 -19.51 42.34 55.29
CA THR C 630 -20.13 41.66 56.41
C THR C 630 -19.57 40.26 56.59
N GLU C 631 -19.48 39.83 57.85
CA GLU C 631 -18.95 38.50 58.18
C GLU C 631 -19.96 37.44 57.75
N GLU C 632 -19.67 36.77 56.64
CA GLU C 632 -20.52 35.73 56.08
C GLU C 632 -19.94 34.35 56.41
N PRO C 633 -20.77 33.30 56.39
CA PRO C 633 -20.27 31.96 56.68
C PRO C 633 -19.12 31.57 55.75
N GLU C 634 -18.31 30.62 56.24
CA GLU C 634 -17.12 30.22 55.51
C GLU C 634 -17.47 29.65 54.13
N PHE C 635 -18.50 28.82 54.05
CA PHE C 635 -18.88 28.23 52.78
C PHE C 635 -19.34 29.28 51.78
N ILE C 636 -20.19 30.21 52.22
CA ILE C 636 -20.72 31.23 51.30
C ILE C 636 -19.58 32.07 50.72
N GLN C 637 -18.65 32.47 51.58
CA GLN C 637 -17.57 33.35 51.13
C GLN C 637 -16.57 32.60 50.24
N LYS C 638 -16.32 31.31 50.54
CA LYS C 638 -15.30 30.55 49.81
C LYS C 638 -15.84 29.78 48.62
N VAL C 639 -17.14 29.49 48.57
CA VAL C 639 -17.69 28.65 47.52
C VAL C 639 -18.77 29.41 46.75
N LEU C 640 -19.80 29.86 47.45
CA LEU C 640 -20.97 30.43 46.79
C LEU C 640 -20.61 31.72 46.06
N ARG C 641 -19.90 32.64 46.74
CA ARG C 641 -19.55 33.91 46.12
C ARG C 641 -18.61 33.75 44.91
N PRO C 642 -17.50 33.00 45.00
CA PRO C 642 -16.63 32.88 43.81
C PRO C 642 -17.33 32.24 42.61
N ILE C 643 -18.21 31.27 42.85
CA ILE C 643 -18.91 30.61 41.75
C ILE C 643 -19.87 31.58 41.06
N ASN C 644 -20.66 32.33 41.85
CA ASN C 644 -21.62 33.25 41.26
C ASN C 644 -20.94 34.38 40.51
N ALA C 645 -19.72 34.73 40.89
CA ALA C 645 -18.94 35.74 40.18
C ALA C 645 -18.28 35.19 38.92
N LEU C 646 -18.67 33.99 38.47
CA LEU C 646 -18.11 33.35 37.28
C LEU C 646 -16.60 33.12 37.46
N LYS C 647 -16.21 32.75 38.67
CA LYS C 647 -14.82 32.46 39.00
C LYS C 647 -14.68 31.08 39.62
N GLY C 648 -15.66 30.20 39.42
CA GLY C 648 -15.61 28.88 40.02
C GLY C 648 -14.48 28.02 39.48
N ASP C 649 -14.03 28.30 38.26
CA ASP C 649 -12.92 27.54 37.68
C ASP C 649 -11.62 27.74 38.44
N GLU C 650 -11.50 28.83 39.19
CA GLU C 650 -10.29 29.11 39.95
C GLU C 650 -10.23 28.35 41.28
N LEU C 651 -11.31 27.69 41.67
CA LEU C 651 -11.34 26.96 42.93
C LEU C 651 -10.50 25.71 42.85
N PRO C 652 -9.53 25.52 43.74
CA PRO C 652 -8.71 24.30 43.71
C PRO C 652 -9.49 23.11 44.25
N VAL C 653 -8.87 21.93 44.14
CA VAL C 653 -9.51 20.70 44.56
C VAL C 653 -9.84 20.71 46.04
N SER C 654 -8.98 21.33 46.85
CA SER C 654 -9.18 21.37 48.30
C SER C 654 -10.42 22.14 48.73
N THR C 655 -11.11 22.81 47.79
CA THR C 655 -12.30 23.58 48.13
C THR C 655 -13.50 22.70 48.41
N PHE C 656 -13.56 21.52 47.81
CA PHE C 656 -14.79 20.75 47.71
C PHE C 656 -14.75 19.51 48.59
N THR C 657 -15.93 19.07 49.00
CA THR C 657 -16.07 17.81 49.71
C THR C 657 -15.76 16.64 48.77
N PRO C 658 -15.29 15.52 49.30
CA PRO C 658 -14.97 14.38 48.43
C PRO C 658 -16.17 13.60 47.96
N ASP C 659 -17.37 13.87 48.50
CA ASP C 659 -18.56 13.10 48.19
C ASP C 659 -19.72 13.96 47.70
N GLY C 660 -19.46 15.22 47.36
CA GLY C 660 -20.52 16.06 46.83
C GLY C 660 -21.60 16.43 47.82
N VAL C 661 -21.25 16.56 49.09
CA VAL C 661 -22.19 16.95 50.13
C VAL C 661 -22.12 18.45 50.30
N PHE C 662 -23.28 19.11 50.33
CA PHE C 662 -23.36 20.56 50.39
C PHE C 662 -24.23 20.98 51.56
N PRO C 663 -24.01 22.17 52.10
CA PRO C 663 -24.87 22.67 53.17
C PRO C 663 -26.24 23.05 52.62
N VAL C 664 -27.19 23.22 53.52
CA VAL C 664 -28.54 23.62 53.18
C VAL C 664 -28.71 25.10 53.51
N GLY C 665 -29.78 25.70 53.00
CA GLY C 665 -30.12 27.07 53.32
C GLY C 665 -29.08 28.08 52.88
N THR C 666 -28.64 27.99 51.61
CA THR C 666 -27.64 28.91 51.08
C THR C 666 -28.20 29.86 50.04
N THR C 667 -29.43 29.64 49.56
CA THR C 667 -30.02 30.54 48.58
C THR C 667 -30.36 31.92 49.17
N LYS C 668 -30.47 32.02 50.49
CA LYS C 668 -30.76 33.31 51.10
C LYS C 668 -29.61 34.31 50.96
N TYR C 669 -28.43 33.85 50.57
CA TYR C 669 -27.28 34.72 50.34
C TYR C 669 -27.19 35.22 48.91
N GLU C 670 -28.08 34.77 48.02
CA GLU C 670 -27.99 35.16 46.62
C GLU C 670 -28.52 36.58 46.41
N LYS C 671 -29.77 36.83 46.80
CA LYS C 671 -30.40 38.14 46.65
C LYS C 671 -30.26 38.65 45.22
N ARG C 672 -30.82 37.87 44.29
CA ARG C 672 -30.60 38.13 42.86
C ARG C 672 -31.22 39.44 42.42
N GLY C 673 -32.39 39.79 42.94
CA GLY C 673 -33.05 41.03 42.59
C GLY C 673 -33.38 41.14 41.11
N ILE C 674 -34.11 40.16 40.59
CA ILE C 674 -34.40 40.09 39.16
C ILE C 674 -35.79 40.58 38.81
N ALA C 675 -36.59 40.99 39.79
CA ALA C 675 -37.97 41.34 39.55
C ALA C 675 -38.08 42.71 38.88
N VAL C 676 -39.04 42.83 37.96
CA VAL C 676 -39.38 44.13 37.38
C VAL C 676 -40.39 44.87 38.26
N ASN C 677 -41.37 44.15 38.80
CA ASN C 677 -42.33 44.69 39.75
C ASN C 677 -42.42 43.76 40.94
N ILE C 678 -42.71 44.33 42.12
CA ILE C 678 -42.85 43.53 43.33
C ILE C 678 -44.17 43.94 43.99
N PRO C 679 -44.85 43.03 44.70
CA PRO C 679 -46.11 43.40 45.36
C PRO C 679 -45.84 44.38 46.50
N GLN C 680 -46.63 45.44 46.55
CA GLN C 680 -46.61 46.41 47.64
C GLN C 680 -47.87 46.22 48.47
N TRP C 681 -47.70 46.09 49.78
CA TRP C 681 -48.80 45.72 50.67
C TRP C 681 -49.58 46.95 51.12
N GLN C 682 -50.91 46.88 50.98
CA GLN C 682 -51.83 47.91 51.44
C GLN C 682 -52.50 47.43 52.72
N PRO C 683 -52.06 47.89 53.90
CA PRO C 683 -52.59 47.33 55.16
C PRO C 683 -54.09 47.50 55.34
N GLU C 684 -54.69 48.52 54.74
CA GLU C 684 -56.11 48.80 54.97
C GLU C 684 -57.03 47.83 54.25
N ASN C 685 -56.56 47.19 53.16
CA ASN C 685 -57.40 46.28 52.40
C ASN C 685 -57.17 44.81 52.75
N CYS C 686 -56.20 44.50 53.62
CA CYS C 686 -55.80 43.13 53.87
C CYS C 686 -56.70 42.50 54.94
N ILE C 687 -57.22 41.31 54.62
CA ILE C 687 -58.03 40.54 55.57
C ILE C 687 -57.20 39.47 56.29
N GLN C 688 -55.89 39.44 56.06
CA GLN C 688 -54.97 38.53 56.74
C GLN C 688 -55.35 37.06 56.51
N CYS C 689 -55.34 36.67 55.24
CA CYS C 689 -55.69 35.30 54.86
C CYS C 689 -54.48 34.48 54.43
N ASN C 690 -53.34 35.11 54.17
CA ASN C 690 -52.07 34.44 53.85
C ASN C 690 -52.11 33.66 52.54
N GLN C 691 -53.11 33.91 51.69
CA GLN C 691 -53.15 33.23 50.39
C GLN C 691 -52.00 33.68 49.50
N CYS C 692 -51.52 34.92 49.67
CA CYS C 692 -50.36 35.39 48.94
C CYS C 692 -49.11 34.62 49.33
N SER C 693 -48.95 34.35 50.62
CA SER C 693 -47.79 33.58 51.09
C SER C 693 -47.87 32.13 50.64
N LEU C 694 -49.09 31.60 50.47
CA LEU C 694 -49.25 30.20 50.12
C LEU C 694 -48.83 29.93 48.68
N VAL C 695 -49.17 30.84 47.76
CA VAL C 695 -48.98 30.60 46.34
C VAL C 695 -47.64 31.11 45.81
N CYS C 696 -46.84 31.78 46.62
CA CYS C 696 -45.58 32.35 46.15
C CYS C 696 -44.59 31.23 45.81
N PRO C 697 -44.16 31.12 44.55
CA PRO C 697 -43.22 30.04 44.18
C PRO C 697 -41.80 30.23 44.68
N HIS C 698 -41.50 31.31 45.42
CA HIS C 698 -40.14 31.54 45.89
C HIS C 698 -40.07 31.94 47.36
N ALA C 699 -41.18 31.86 48.09
CA ALA C 699 -41.24 32.22 49.51
C ALA C 699 -40.73 33.64 49.74
N ALA C 700 -41.04 34.52 48.78
CA ALA C 700 -40.59 35.90 48.84
C ALA C 700 -41.57 36.83 49.54
N ILE C 701 -42.77 36.36 49.87
CA ILE C 701 -43.77 37.15 50.57
C ILE C 701 -44.35 36.28 51.69
N ARG C 702 -44.28 36.77 52.92
CA ARG C 702 -44.63 35.98 54.09
C ARG C 702 -45.32 36.86 55.13
N PRO C 703 -46.13 36.27 56.00
CA PRO C 703 -46.67 37.02 57.14
C PRO C 703 -45.74 36.95 58.35
N TYR C 704 -45.75 38.04 59.12
CA TYR C 704 -44.92 38.16 60.31
C TYR C 704 -45.79 38.62 61.48
N LEU C 705 -45.71 37.90 62.60
CA LEU C 705 -46.35 38.31 63.83
C LEU C 705 -45.30 38.81 64.82
N ALA C 706 -45.68 39.77 65.64
CA ALA C 706 -44.76 40.36 66.60
C ALA C 706 -45.53 41.09 67.68
N LYS C 707 -45.06 40.95 68.92
CA LYS C 707 -45.56 41.79 70.00
C LYS C 707 -45.19 43.24 69.75
N PRO C 708 -46.04 44.19 70.15
CA PRO C 708 -45.76 45.61 69.88
C PRO C 708 -44.43 46.08 70.45
N ALA C 709 -43.89 45.42 71.48
CA ALA C 709 -42.60 45.82 72.03
C ALA C 709 -41.46 45.55 71.05
N ASP C 710 -41.58 44.51 70.24
CA ASP C 710 -40.52 44.17 69.29
C ASP C 710 -40.46 45.10 68.09
N LEU C 711 -41.40 46.03 67.95
CA LEU C 711 -41.39 47.00 66.85
C LEU C 711 -40.70 48.30 67.25
N ALA C 712 -39.76 48.25 68.19
CA ALA C 712 -39.13 49.47 68.69
C ALA C 712 -38.27 50.12 67.60
N GLY C 713 -37.24 49.42 67.13
CA GLY C 713 -36.36 49.97 66.12
C GLY C 713 -36.87 49.77 64.71
N ALA C 714 -38.19 49.60 64.58
CA ALA C 714 -38.79 49.38 63.27
C ALA C 714 -38.72 50.65 62.43
N PRO C 715 -38.47 50.55 61.13
CA PRO C 715 -38.53 51.73 60.26
C PRO C 715 -39.94 52.31 60.22
N GLU C 716 -40.01 53.58 59.82
CA GLU C 716 -41.32 54.26 59.75
C GLU C 716 -42.23 53.62 58.72
N THR C 717 -41.67 52.99 57.69
CA THR C 717 -42.46 52.34 56.66
C THR C 717 -42.90 50.94 57.05
N PHE C 718 -42.47 50.43 58.20
CA PHE C 718 -42.87 49.11 58.67
C PHE C 718 -44.25 49.18 59.32
N VAL C 719 -45.22 49.61 58.51
CA VAL C 719 -46.58 49.79 58.99
C VAL C 719 -47.22 48.44 59.24
N THR C 720 -47.83 48.27 60.40
CA THR C 720 -48.44 47.01 60.78
C THR C 720 -49.94 47.20 61.00
N LYS C 721 -50.62 46.09 61.23
CA LYS C 721 -52.05 46.07 61.48
C LYS C 721 -52.32 45.11 62.63
N ASP C 722 -53.43 45.33 63.33
CA ASP C 722 -53.83 44.43 64.40
C ASP C 722 -54.15 43.06 63.83
N ALA C 723 -53.73 42.02 64.54
CA ALA C 723 -53.88 40.65 64.06
C ALA C 723 -55.31 40.16 64.30
N ILE C 724 -55.92 39.62 63.25
CA ILE C 724 -57.29 39.10 63.32
C ILE C 724 -57.24 37.65 63.79
N GLY C 725 -58.13 37.31 64.72
CA GLY C 725 -58.21 35.95 65.21
C GLY C 725 -57.95 35.81 66.70
N LYS C 726 -58.65 34.85 67.33
CA LYS C 726 -58.45 34.62 68.76
C LYS C 726 -57.08 34.04 69.06
N GLU C 727 -56.45 33.37 68.08
CA GLU C 727 -55.13 32.80 68.31
C GLU C 727 -54.05 33.87 68.37
N ALA C 728 -54.19 34.92 67.56
CA ALA C 728 -53.18 35.98 67.47
C ALA C 728 -53.61 37.26 68.17
N ALA C 729 -54.33 37.13 69.28
CA ALA C 729 -54.77 38.31 70.02
C ALA C 729 -53.60 39.06 70.62
N GLY C 730 -53.63 40.39 70.51
CA GLY C 730 -52.60 41.24 71.08
C GLY C 730 -51.32 41.35 70.28
N LEU C 731 -51.29 40.87 69.05
CA LEU C 731 -50.09 40.93 68.21
C LEU C 731 -50.32 41.87 67.03
N LYS C 732 -49.20 42.27 66.43
CA LYS C 732 -49.22 43.06 65.21
C LYS C 732 -48.98 42.16 64.01
N PHE C 733 -49.57 42.53 62.87
CA PHE C 733 -49.51 41.72 61.67
C PHE C 733 -49.02 42.60 60.52
N ARG C 734 -48.15 42.04 59.68
CA ARG C 734 -47.67 42.72 58.49
C ARG C 734 -47.24 41.69 57.45
N ILE C 735 -47.63 41.93 56.21
CA ILE C 735 -47.17 41.13 55.07
C ILE C 735 -45.97 41.85 54.46
N GLN C 736 -44.80 41.23 54.56
CA GLN C 736 -43.56 41.81 54.07
C GLN C 736 -43.00 40.97 52.93
N VAL C 737 -42.54 41.63 51.88
CA VAL C 737 -41.98 40.99 50.71
C VAL C 737 -40.47 41.18 50.70
N SER C 738 -39.76 40.19 50.16
CA SER C 738 -38.33 40.29 49.96
C SER C 738 -38.06 40.82 48.55
N PRO C 739 -37.69 42.10 48.40
CA PRO C 739 -37.57 42.66 47.05
C PRO C 739 -36.48 42.02 46.21
N LEU C 740 -35.34 41.69 46.81
CA LEU C 740 -34.24 41.10 46.06
C LEU C 740 -34.46 39.62 45.75
N ASP C 741 -35.44 38.98 46.40
CA ASP C 741 -35.75 37.58 46.15
C ASP C 741 -37.02 37.38 45.34
N CYS C 742 -37.85 38.42 45.22
CA CYS C 742 -39.06 38.33 44.41
C CYS C 742 -38.70 38.25 42.94
N THR C 743 -39.53 37.52 42.18
CA THR C 743 -39.33 37.35 40.75
C THR C 743 -40.26 38.23 39.91
N GLY C 744 -41.21 38.92 40.54
CA GLY C 744 -42.13 39.74 39.80
C GLY C 744 -43.17 38.97 39.04
N CYS C 745 -43.41 37.70 39.41
CA CYS C 745 -44.33 36.87 38.65
C CYS C 745 -45.76 37.38 38.78
N GLY C 746 -46.13 37.88 39.96
CA GLY C 746 -47.44 38.46 40.16
C GLY C 746 -48.53 37.50 40.57
N ASN C 747 -48.18 36.28 40.99
CA ASN C 747 -49.21 35.33 41.38
C ASN C 747 -49.91 35.77 42.66
N CYS C 748 -49.16 36.35 43.60
CA CYS C 748 -49.75 36.72 44.88
C CYS C 748 -50.83 37.79 44.72
N ALA C 749 -50.62 38.72 43.79
CA ALA C 749 -51.65 39.73 43.52
C ALA C 749 -52.90 39.12 42.91
N ASP C 750 -52.76 38.02 42.18
CA ASP C 750 -53.92 37.39 41.55
C ASP C 750 -54.77 36.59 42.54
N VAL C 751 -54.13 36.01 43.57
CA VAL C 751 -54.88 35.17 44.51
C VAL C 751 -55.57 35.99 45.59
N CYS C 752 -55.08 37.19 45.89
CA CYS C 752 -55.61 38.05 46.94
C CYS C 752 -57.12 38.23 46.78
N PRO C 753 -57.92 37.67 47.69
CA PRO C 753 -59.37 37.68 47.54
C PRO C 753 -60.06 38.86 48.20
N ALA C 754 -59.32 39.85 48.68
CA ALA C 754 -59.93 40.98 49.36
C ALA C 754 -60.82 41.77 48.41
N LYS C 755 -61.74 42.54 48.99
CA LYS C 755 -62.61 43.40 48.19
C LYS C 755 -61.80 44.35 47.34
N VAL C 756 -60.99 45.18 47.98
CA VAL C 756 -60.00 46.01 47.29
C VAL C 756 -58.66 45.30 47.37
N LYS C 757 -57.93 45.26 46.25
CA LYS C 757 -56.66 44.55 46.20
C LYS C 757 -55.70 45.10 47.24
N ALA C 758 -55.21 44.22 48.12
CA ALA C 758 -54.24 44.59 49.13
C ALA C 758 -52.80 44.50 48.63
N LEU C 759 -52.60 44.00 47.41
CA LEU C 759 -51.28 43.91 46.80
C LEU C 759 -51.35 44.47 45.39
N THR C 760 -50.53 45.48 45.10
CA THR C 760 -50.46 46.08 43.79
C THR C 760 -49.02 46.04 43.30
N MET C 761 -48.84 45.66 42.03
CA MET C 761 -47.50 45.55 41.46
C MET C 761 -46.96 46.93 41.12
N VAL C 762 -45.88 47.31 41.82
CA VAL C 762 -45.22 48.60 41.62
C VAL C 762 -43.80 48.32 41.15
N PRO C 763 -43.18 49.21 40.38
CA PRO C 763 -41.81 48.96 39.91
C PRO C 763 -40.84 48.81 41.07
N LEU C 764 -39.88 47.90 40.90
CA LEU C 764 -38.92 47.60 41.96
C LEU C 764 -38.08 48.83 42.31
N GLU C 765 -37.59 49.54 41.29
CA GLU C 765 -36.65 50.63 41.52
C GLU C 765 -37.24 51.71 42.42
N GLU C 766 -38.57 51.86 42.41
CA GLU C 766 -39.20 52.93 43.20
C GLU C 766 -39.31 52.58 44.67
N VAL C 767 -39.47 51.32 45.02
CA VAL C 767 -39.71 50.92 46.39
C VAL C 767 -38.63 50.00 46.93
N THR C 768 -37.53 49.79 46.20
CA THR C 768 -36.54 48.81 46.61
C THR C 768 -35.82 49.24 47.89
N ALA C 769 -35.47 50.53 47.99
CA ALA C 769 -34.77 51.00 49.19
C ALA C 769 -35.66 50.87 50.42
N VAL C 770 -36.96 51.15 50.27
CA VAL C 770 -37.89 51.06 51.38
C VAL C 770 -38.10 49.61 51.79
N GLU C 771 -38.45 48.76 50.82
CA GLU C 771 -38.80 47.38 51.13
C GLU C 771 -37.59 46.56 51.59
N GLU C 772 -36.38 46.94 51.19
CA GLU C 772 -35.18 46.25 51.69
C GLU C 772 -35.02 46.48 53.19
N ALA C 773 -35.16 47.73 53.64
CA ALA C 773 -35.09 48.01 55.07
C ALA C 773 -36.26 47.37 55.81
N ASN C 774 -37.43 47.31 55.18
CA ASN C 774 -38.59 46.65 55.79
C ASN C 774 -38.34 45.16 55.95
N TYR C 775 -37.84 44.51 54.90
CA TYR C 775 -37.61 43.07 54.97
C TYR C 775 -36.54 42.72 55.99
N ASN C 776 -35.46 43.51 56.04
CA ASN C 776 -34.37 43.22 56.98
C ASN C 776 -34.86 43.31 58.42
N PHE C 777 -35.86 44.15 58.70
CA PHE C 777 -36.44 44.18 60.04
C PHE C 777 -37.41 43.02 60.25
N ALA C 778 -38.19 42.68 59.22
CA ALA C 778 -39.13 41.58 59.36
C ALA C 778 -38.41 40.24 59.53
N GLU C 779 -37.29 40.06 58.85
CA GLU C 779 -36.57 38.79 58.92
C GLU C 779 -35.90 38.59 60.28
N GLN C 780 -35.52 39.67 60.95
CA GLN C 780 -34.88 39.59 62.25
C GLN C 780 -35.87 39.55 63.41
N LEU C 781 -37.17 39.55 63.15
CA LEU C 781 -38.14 39.52 64.22
C LEU C 781 -38.07 38.17 64.96
N PRO C 782 -38.22 38.17 66.28
CA PRO C 782 -38.14 36.92 67.04
C PRO C 782 -39.34 36.03 66.74
N GLU C 783 -39.22 34.77 67.14
CA GLU C 783 -40.28 33.80 66.92
C GLU C 783 -41.49 34.11 67.80
N VAL C 784 -42.68 33.87 67.24
CA VAL C 784 -43.93 34.04 67.95
C VAL C 784 -44.67 32.71 67.89
N LYS C 785 -44.78 32.03 69.02
CA LYS C 785 -45.54 30.79 69.10
C LYS C 785 -47.03 31.12 69.06
N VAL C 786 -47.72 30.61 68.05
CA VAL C 786 -49.14 30.89 67.86
C VAL C 786 -49.87 29.57 67.67
N ASN C 787 -51.11 29.52 68.16
CA ASN C 787 -51.89 28.29 68.17
C ASN C 787 -52.86 28.21 66.99
N PHE C 788 -52.52 28.84 65.87
CA PHE C 788 -53.32 28.69 64.67
C PHE C 788 -53.24 27.26 64.16
N ASN C 789 -54.36 26.76 63.66
CA ASN C 789 -54.42 25.38 63.18
C ASN C 789 -53.55 25.25 61.93
N PRO C 790 -52.51 24.42 61.94
CA PRO C 790 -51.69 24.25 60.72
C PRO C 790 -52.44 23.60 59.58
N ALA C 791 -53.60 22.98 59.83
CA ALA C 791 -54.40 22.36 58.79
C ALA C 791 -55.16 23.36 57.93
N THR C 792 -55.15 24.64 58.30
CA THR C 792 -55.78 25.69 57.50
C THR C 792 -54.73 26.40 56.65
N VAL C 793 -55.21 27.11 55.63
CA VAL C 793 -54.32 27.85 54.75
C VAL C 793 -53.62 28.97 55.51
N LYS C 794 -54.38 29.73 56.29
CA LYS C 794 -53.78 30.83 57.05
C LYS C 794 -52.82 30.29 58.10
N GLY C 795 -53.20 29.21 58.80
CA GLY C 795 -52.36 28.67 59.85
C GLY C 795 -51.08 28.05 59.34
N SER C 796 -51.11 27.44 58.15
CA SER C 796 -49.91 26.81 57.62
C SER C 796 -48.85 27.83 57.25
N GLN C 797 -49.26 29.04 56.86
CA GLN C 797 -48.30 30.05 56.42
C GLN C 797 -47.62 30.77 57.57
N PHE C 798 -48.10 30.60 58.80
CA PHE C 798 -47.34 31.07 59.96
C PHE C 798 -46.21 30.12 60.34
N ARG C 799 -46.19 28.91 59.78
CA ARG C 799 -45.03 28.04 59.90
C ARG C 799 -43.95 28.49 58.92
N GLN C 800 -42.70 28.38 59.34
CA GLN C 800 -41.60 28.88 58.52
C GLN C 800 -41.45 28.03 57.26
N PRO C 801 -41.36 28.66 56.08
CA PRO C 801 -41.10 27.88 54.86
C PRO C 801 -39.66 27.40 54.83
N LEU C 802 -39.48 26.11 54.54
CA LEU C 802 -38.16 25.52 54.45
C LEU C 802 -37.73 25.27 53.00
N LEU C 803 -38.40 25.92 52.04
CA LEU C 803 -37.96 25.93 50.64
C LEU C 803 -38.11 27.36 50.13
N GLU C 804 -36.99 28.02 49.87
CA GLU C 804 -37.01 29.45 49.58
C GLU C 804 -35.99 29.80 48.51
N PHE C 805 -36.37 30.74 47.64
CA PHE C 805 -35.43 31.40 46.73
C PHE C 805 -34.79 30.42 45.77
N SER C 806 -35.57 29.44 45.31
CA SER C 806 -35.04 28.47 44.37
C SER C 806 -34.90 29.10 42.98
N GLY C 807 -34.31 28.35 42.06
CA GLY C 807 -34.15 28.78 40.70
C GLY C 807 -35.30 28.49 39.76
N ALA C 808 -36.45 28.10 40.29
CA ALA C 808 -37.61 27.81 39.45
C ALA C 808 -38.08 29.07 38.72
N CYS C 809 -38.85 28.87 37.65
CA CYS C 809 -39.33 29.99 36.86
C CYS C 809 -40.23 30.89 37.69
N ALA C 810 -40.43 32.11 37.18
CA ALA C 810 -41.41 33.00 37.77
C ALA C 810 -42.79 32.38 37.62
N GLY C 811 -43.47 32.19 38.75
CA GLY C 811 -44.79 31.60 38.71
C GLY C 811 -44.82 30.09 38.59
N CYS C 812 -43.72 29.41 38.95
CA CYS C 812 -43.65 27.97 38.82
C CYS C 812 -44.76 27.29 39.62
N GLY C 813 -45.38 26.29 39.01
CA GLY C 813 -46.43 25.53 39.64
C GLY C 813 -45.98 24.39 40.51
N GLU C 814 -44.67 24.17 40.63
CA GLU C 814 -44.13 23.03 41.39
C GLU C 814 -43.74 23.42 42.81
N THR C 815 -42.96 24.49 42.97
CA THR C 815 -42.43 24.82 44.29
C THR C 815 -43.49 25.14 45.35
N PRO C 816 -44.65 25.73 45.04
CA PRO C 816 -45.65 25.94 46.12
C PRO C 816 -46.11 24.65 46.79
N TYR C 817 -46.18 23.54 46.05
CA TYR C 817 -46.54 22.26 46.67
C TYR C 817 -45.49 21.83 47.68
N VAL C 818 -44.21 21.85 47.27
CA VAL C 818 -43.13 21.40 48.14
C VAL C 818 -42.97 22.35 49.33
N LYS C 819 -43.08 23.66 49.09
CA LYS C 819 -43.00 24.62 50.18
C LYS C 819 -44.08 24.35 51.23
N LEU C 820 -45.29 24.01 50.79
CA LEU C 820 -46.37 23.73 51.74
C LEU C 820 -46.08 22.47 52.55
N VAL C 821 -45.48 21.46 51.93
CA VAL C 821 -45.14 20.24 52.66
C VAL C 821 -44.10 20.54 53.74
N THR C 822 -43.11 21.38 53.41
CA THR C 822 -42.11 21.76 54.40
C THR C 822 -42.71 22.62 55.51
N GLN C 823 -43.76 23.37 55.21
CA GLN C 823 -44.43 24.12 56.27
C GLN C 823 -45.28 23.22 57.16
N LEU C 824 -45.63 22.03 56.69
CA LEU C 824 -46.38 21.08 57.50
C LEU C 824 -45.47 20.07 58.19
N PHE C 825 -44.53 19.49 57.44
CA PHE C 825 -43.72 18.39 57.96
C PHE C 825 -42.22 18.61 57.76
N GLY C 826 -41.80 19.80 57.32
CA GLY C 826 -40.40 20.04 57.01
C GLY C 826 -39.46 19.84 58.18
N ASP C 827 -39.98 19.95 59.41
CA ASP C 827 -39.16 19.78 60.60
C ASP C 827 -38.53 18.40 60.68
N ARG C 828 -39.11 17.39 60.02
CA ARG C 828 -38.71 16.02 60.25
C ARG C 828 -38.76 15.18 58.97
N MET C 829 -38.61 15.80 57.80
CA MET C 829 -38.77 15.07 56.55
C MET C 829 -37.45 14.89 55.82
N ILE C 830 -37.36 13.80 55.08
CA ILE C 830 -36.22 13.47 54.23
C ILE C 830 -36.74 13.30 52.81
N ILE C 831 -36.05 13.92 51.85
CA ILE C 831 -36.53 14.04 50.48
C ILE C 831 -35.65 13.20 49.56
N ALA C 832 -36.28 12.34 48.77
CA ALA C 832 -35.64 11.64 47.65
C ALA C 832 -36.22 12.22 46.37
N ASN C 833 -35.39 12.98 45.65
CA ASN C 833 -35.85 13.79 44.52
C ASN C 833 -35.34 13.20 43.22
N ALA C 834 -36.26 12.96 42.28
CA ALA C 834 -35.89 12.46 40.97
C ALA C 834 -35.23 13.56 40.14
N THR C 835 -34.45 13.13 39.15
CA THR C 835 -33.89 14.08 38.20
C THR C 835 -35.01 14.73 37.40
N GLY C 836 -34.87 16.02 37.16
CA GLY C 836 -35.89 16.80 36.48
C GLY C 836 -35.86 18.23 36.98
N CYS C 837 -36.94 18.96 36.69
CA CYS C 837 -37.03 20.34 37.16
C CYS C 837 -36.83 20.44 38.66
N SER C 838 -37.53 19.58 39.42
CA SER C 838 -37.48 19.67 40.87
C SER C 838 -36.08 19.45 41.42
N SER C 839 -35.24 18.70 40.70
CA SER C 839 -33.86 18.53 41.11
C SER C 839 -32.94 19.66 40.63
N ILE C 840 -33.32 20.37 39.57
CA ILE C 840 -32.51 21.47 39.09
C ILE C 840 -32.71 22.70 39.96
N TRP C 841 -33.97 23.08 40.23
CA TRP C 841 -34.17 24.19 41.15
C TRP C 841 -34.03 23.77 42.60
N GLY C 842 -34.08 22.47 42.88
CA GLY C 842 -33.96 21.99 44.25
C GLY C 842 -32.54 21.65 44.65
N GLY C 843 -31.69 21.30 43.68
CA GLY C 843 -30.34 20.88 44.00
C GLY C 843 -29.30 21.12 42.92
N SER C 844 -29.18 22.35 42.46
CA SER C 844 -28.09 22.74 41.57
C SER C 844 -27.03 23.45 42.40
N ALA C 845 -25.82 22.91 42.38
CA ALA C 845 -24.72 23.50 43.14
C ALA C 845 -24.46 24.92 42.65
N PRO C 846 -24.01 25.82 43.54
CA PRO C 846 -23.73 25.57 44.96
C PRO C 846 -24.84 26.00 45.91
N ALA C 847 -26.00 26.37 45.38
CA ALA C 847 -27.07 26.95 46.18
C ALA C 847 -28.14 25.91 46.48
N CYS C 848 -28.53 25.82 47.75
CA CYS C 848 -29.54 24.89 48.20
C CYS C 848 -30.75 25.68 48.68
N PRO C 849 -31.93 25.53 48.06
CA PRO C 849 -33.10 26.30 48.50
C PRO C 849 -33.75 25.77 49.76
N TYR C 850 -33.51 24.51 50.10
CA TYR C 850 -34.04 23.94 51.33
C TYR C 850 -33.21 24.43 52.51
N THR C 851 -33.90 24.87 53.57
CA THR C 851 -33.25 25.53 54.70
C THR C 851 -33.81 24.94 55.99
N VAL C 852 -33.32 25.47 57.12
CA VAL C 852 -33.66 24.96 58.44
C VAL C 852 -34.41 26.04 59.22
N ASN C 853 -35.03 25.61 60.32
CA ASN C 853 -35.70 26.53 61.23
C ASN C 853 -34.70 27.04 62.26
N ARG C 854 -35.20 27.70 63.31
CA ARG C 854 -34.29 28.32 64.27
C ARG C 854 -33.51 27.29 65.08
N GLN C 855 -34.08 26.10 65.29
CA GLN C 855 -33.35 25.04 65.99
C GLN C 855 -32.39 24.28 65.08
N GLY C 856 -32.31 24.64 63.80
CA GLY C 856 -31.43 23.95 62.88
C GLY C 856 -32.01 22.73 62.21
N HIS C 857 -33.31 22.50 62.31
CA HIS C 857 -33.94 21.34 61.71
C HIS C 857 -34.59 21.73 60.39
N GLY C 858 -34.47 20.86 59.40
CA GLY C 858 -35.00 21.11 58.09
C GLY C 858 -34.82 19.91 57.18
N PRO C 859 -35.43 19.95 56.00
CA PRO C 859 -35.41 18.78 55.12
C PRO C 859 -34.01 18.40 54.69
N ALA C 860 -33.71 17.10 54.78
CA ALA C 860 -32.51 16.54 54.18
C ALA C 860 -32.86 16.11 52.76
N TRP C 861 -31.98 16.45 51.81
CA TRP C 861 -32.31 16.36 50.39
C TRP C 861 -31.26 15.50 49.68
N ALA C 862 -31.73 14.58 48.83
CA ALA C 862 -30.86 13.70 48.08
C ALA C 862 -31.49 13.38 46.74
N SER C 863 -30.67 13.35 45.69
CA SER C 863 -31.09 12.94 44.36
C SER C 863 -30.15 11.85 43.87
N SER C 864 -30.71 10.70 43.49
CA SER C 864 -29.90 9.62 42.96
C SER C 864 -29.84 9.68 41.44
N LEU C 865 -30.80 9.04 40.77
CA LEU C 865 -30.87 8.99 39.32
C LEU C 865 -32.27 9.37 38.87
N PHE C 866 -32.49 9.35 37.56
CA PHE C 866 -33.81 9.64 37.01
C PHE C 866 -34.75 8.45 37.18
N GLU C 867 -34.24 7.23 37.02
CA GLU C 867 -35.10 6.05 36.95
C GLU C 867 -35.34 5.37 38.29
N ASP C 868 -34.56 5.69 39.32
CA ASP C 868 -34.54 4.91 40.56
C ASP C 868 -35.11 5.65 41.75
N ASN C 869 -35.82 6.77 41.54
CA ASN C 869 -36.14 7.65 42.65
C ASN C 869 -37.05 6.98 43.67
N ALA C 870 -38.02 6.19 43.20
CA ALA C 870 -38.91 5.49 44.13
C ALA C 870 -38.13 4.49 44.97
N GLU C 871 -37.33 3.65 44.31
CA GLU C 871 -36.50 2.69 45.04
C GLU C 871 -35.46 3.40 45.90
N PHE C 872 -35.00 4.57 45.47
CA PHE C 872 -34.10 5.38 46.28
C PHE C 872 -34.74 5.74 47.61
N GLY C 873 -35.95 6.32 47.57
CA GLY C 873 -36.62 6.69 48.80
C GLY C 873 -37.09 5.48 49.59
N TYR C 874 -37.46 4.40 48.90
CA TYR C 874 -37.78 3.16 49.58
C TYR C 874 -36.60 2.66 50.41
N GLY C 875 -35.40 2.70 49.84
CA GLY C 875 -34.22 2.31 50.60
C GLY C 875 -34.00 3.19 51.82
N MET C 876 -34.28 4.48 51.70
CA MET C 876 -34.17 5.38 52.85
C MET C 876 -35.14 4.99 53.96
N ALA C 877 -36.36 4.61 53.59
CA ALA C 877 -37.36 4.26 54.60
C ALA C 877 -36.92 3.05 55.42
N LEU C 878 -36.30 2.07 54.77
CA LEU C 878 -35.77 0.92 55.49
C LEU C 878 -34.69 1.34 56.49
N ALA C 879 -33.78 2.22 56.08
CA ALA C 879 -32.67 2.60 56.95
C ALA C 879 -33.14 3.37 58.18
N VAL C 880 -34.06 4.33 57.99
CA VAL C 880 -34.57 5.10 59.12
C VAL C 880 -35.28 4.18 60.12
N ALA C 881 -36.02 3.20 59.61
CA ALA C 881 -36.65 2.22 60.50
C ALA C 881 -35.59 1.43 61.28
N LYS C 882 -34.47 1.10 60.62
CA LYS C 882 -33.39 0.42 61.31
C LYS C 882 -32.79 1.29 62.41
N ARG C 883 -32.62 2.59 62.15
CA ARG C 883 -32.05 3.47 63.16
C ARG C 883 -32.99 3.66 64.33
N GLN C 884 -34.31 3.68 64.07
CA GLN C 884 -35.27 3.77 65.16
C GLN C 884 -35.30 2.49 65.99
N ASP C 885 -35.06 1.34 65.35
CA ASP C 885 -35.01 0.08 66.10
C ASP C 885 -33.79 0.05 67.01
N GLU C 886 -32.64 0.53 66.53
CA GLU C 886 -31.45 0.58 67.37
C GLU C 886 -31.64 1.55 68.53
N LEU C 887 -32.28 2.68 68.28
CA LEU C 887 -32.59 3.62 69.36
C LEU C 887 -33.58 3.04 70.35
N ALA C 888 -34.64 2.40 69.85
CA ALA C 888 -35.67 1.84 70.72
C ALA C 888 -35.13 0.71 71.60
N THR C 889 -34.16 -0.06 71.08
CA THR C 889 -33.55 -1.11 71.88
C THR C 889 -32.73 -0.52 73.02
N ALA C 890 -31.99 0.57 72.76
CA ALA C 890 -31.21 1.21 73.82
C ALA C 890 -32.11 1.87 74.86
N ILE C 891 -33.26 2.40 74.44
CA ILE C 891 -34.19 3.02 75.38
C ILE C 891 -34.87 1.95 76.24
N SER C 892 -35.19 0.80 75.64
CA SER C 892 -35.78 -0.29 76.42
C SER C 892 -34.81 -0.81 77.47
N LYS C 893 -33.52 -0.81 77.18
CA LYS C 893 -32.54 -1.19 78.20
C LYS C 893 -32.48 -0.16 79.32
N ALA C 894 -32.76 1.12 79.02
CA ALA C 894 -32.72 2.16 80.04
C ALA C 894 -33.82 1.98 81.09
N LEU C 895 -34.93 1.33 80.72
CA LEU C 895 -35.98 1.06 81.71
C LEU C 895 -35.49 0.15 82.82
N GLU C 896 -34.54 -0.73 82.51
CA GLU C 896 -33.96 -1.65 83.49
C GLU C 896 -32.77 -1.04 84.24
N ALA C 897 -32.41 0.21 83.95
CA ALA C 897 -31.26 0.88 84.52
C ALA C 897 -31.68 1.81 85.66
N PRO C 898 -30.78 2.06 86.62
CA PRO C 898 -31.10 3.00 87.70
C PRO C 898 -31.12 4.45 87.23
N VAL C 899 -32.24 4.89 86.65
CA VAL C 899 -32.41 6.26 86.20
C VAL C 899 -33.66 6.83 86.88
N SER C 900 -33.81 8.15 86.76
CA SER C 900 -34.90 8.83 87.45
C SER C 900 -36.26 8.39 86.92
N ALA C 901 -37.27 8.51 87.78
CA ALA C 901 -38.62 8.11 87.39
C ALA C 901 -39.15 9.00 86.26
N ALA C 902 -38.80 10.28 86.27
CA ALA C 902 -39.21 11.17 85.19
C ALA C 902 -38.60 10.76 83.86
N PHE C 903 -37.37 10.24 83.89
CA PHE C 903 -36.76 9.74 82.66
C PHE C 903 -37.47 8.48 82.17
N LYS C 904 -37.78 7.56 83.09
CA LYS C 904 -38.49 6.34 82.70
C LYS C 904 -39.90 6.66 82.19
N ALA C 905 -40.54 7.68 82.76
CA ALA C 905 -41.89 8.05 82.33
C ALA C 905 -41.90 8.52 80.88
N ALA C 906 -40.92 9.35 80.50
CA ALA C 906 -40.84 9.81 79.12
C ALA C 906 -40.41 8.70 78.17
N CYS C 907 -39.60 7.76 78.65
CA CYS C 907 -39.20 6.64 77.81
C CYS C 907 -40.36 5.70 77.52
N GLU C 908 -41.15 5.38 78.56
CA GLU C 908 -42.33 4.54 78.36
C GLU C 908 -43.32 5.20 77.42
N GLY C 909 -43.47 6.53 77.53
CA GLY C 909 -44.35 7.23 76.62
C GLY C 909 -43.83 7.23 75.19
N TRP C 910 -42.51 7.30 75.02
CA TRP C 910 -41.93 7.31 73.68
C TRP C 910 -42.06 5.95 73.01
N LEU C 911 -41.84 4.87 73.76
CA LEU C 911 -41.96 3.54 73.17
C LEU C 911 -43.39 3.27 72.70
N ALA C 912 -44.39 3.81 73.40
CA ALA C 912 -45.78 3.62 73.03
C ALA C 912 -46.20 4.47 71.84
N GLY C 913 -45.51 5.58 71.58
CA GLY C 913 -45.91 6.47 70.51
C GLY C 913 -44.79 6.77 69.53
N LYS C 914 -43.84 5.85 69.39
CA LYS C 914 -42.74 6.06 68.46
C LYS C 914 -43.20 6.10 67.01
N ASP C 915 -44.34 5.51 66.70
CA ASP C 915 -44.87 5.47 65.34
C ASP C 915 -45.90 6.56 65.09
N ASP C 916 -46.09 7.48 66.04
CA ASP C 916 -46.96 8.64 65.87
C ASP C 916 -46.11 9.90 65.86
N ALA C 917 -46.39 10.77 64.90
CA ALA C 917 -45.58 11.97 64.71
C ALA C 917 -45.62 12.87 65.93
N ASP C 918 -46.81 13.13 66.47
CA ASP C 918 -46.96 14.13 67.53
C ASP C 918 -46.36 13.64 68.84
N ARG C 919 -46.67 12.41 69.25
CA ARG C 919 -46.20 11.94 70.55
C ARG C 919 -44.70 11.67 70.54
N SER C 920 -44.16 11.20 69.41
CA SER C 920 -42.72 10.94 69.37
C SER C 920 -41.94 12.24 69.53
N ARG C 921 -42.48 13.35 69.00
CA ARG C 921 -41.87 14.65 69.26
C ARG C 921 -42.10 15.08 70.70
N GLU C 922 -43.30 14.82 71.23
CA GLU C 922 -43.62 15.22 72.60
C GLU C 922 -42.73 14.50 73.61
N TYR C 923 -42.76 13.17 73.60
CA TYR C 923 -41.92 12.42 74.53
C TYR C 923 -40.45 12.44 74.11
N GLY C 924 -40.17 12.59 72.83
CA GLY C 924 -38.79 12.70 72.39
C GLY C 924 -38.10 13.93 72.94
N ASP C 925 -38.78 15.08 72.89
CA ASP C 925 -38.21 16.30 73.45
C ASP C 925 -38.09 16.22 74.96
N ARG C 926 -38.98 15.46 75.62
CA ARG C 926 -38.83 15.23 77.05
C ARG C 926 -37.54 14.49 77.38
N ILE C 927 -37.24 13.44 76.61
CA ILE C 927 -36.02 12.67 76.83
C ILE C 927 -34.80 13.57 76.58
N LYS C 928 -34.84 14.40 75.54
CA LYS C 928 -33.72 15.28 75.24
C LYS C 928 -33.46 16.25 76.38
N ALA C 929 -34.51 16.72 77.05
CA ALA C 929 -34.33 17.66 78.15
C ALA C 929 -33.79 16.97 79.40
N LEU C 930 -34.12 15.70 79.59
CA LEU C 930 -33.66 14.95 80.75
C LEU C 930 -32.32 14.27 80.54
N LEU C 931 -31.88 14.15 79.28
CA LEU C 931 -30.63 13.43 79.01
C LEU C 931 -29.40 14.07 79.63
N PRO C 932 -29.14 15.37 79.47
CA PRO C 932 -27.90 15.93 80.06
C PRO C 932 -27.84 15.78 81.57
N GLY C 933 -28.96 15.97 82.25
CA GLY C 933 -28.97 15.77 83.70
C GLY C 933 -28.87 14.31 84.09
N GLU C 934 -29.46 13.42 83.27
CA GLU C 934 -29.39 11.99 83.56
C GLU C 934 -27.97 11.46 83.35
N ILE C 935 -27.27 11.97 82.34
CA ILE C 935 -25.89 11.56 82.11
C ILE C 935 -25.00 12.03 83.25
N SER C 936 -25.27 13.21 83.80
CA SER C 936 -24.45 13.72 84.90
C SER C 936 -24.57 12.85 86.14
N GLN C 937 -25.74 12.25 86.37
CA GLN C 937 -25.98 11.42 87.55
C GLN C 937 -25.65 9.96 87.35
N ALA C 938 -25.09 9.58 86.19
CA ALA C 938 -24.77 8.19 85.90
C ALA C 938 -23.27 7.99 85.82
N SER C 939 -22.86 6.73 85.88
CA SER C 939 -21.44 6.37 85.80
C SER C 939 -21.33 4.91 85.39
N GLY C 940 -20.16 4.56 84.85
CA GLY C 940 -19.89 3.18 84.50
C GLY C 940 -20.68 2.72 83.30
N GLU C 941 -21.16 1.47 83.36
CA GLU C 941 -21.90 0.90 82.24
C GLU C 941 -23.26 1.53 82.07
N VAL C 942 -23.88 1.99 83.16
CA VAL C 942 -25.17 2.65 83.05
C VAL C 942 -25.05 3.96 82.28
N LYS C 943 -23.99 4.72 82.55
CA LYS C 943 -23.77 5.98 81.83
C LYS C 943 -23.58 5.75 80.34
N ASP C 944 -22.94 4.64 79.97
CA ASP C 944 -22.76 4.32 78.55
C ASP C 944 -24.11 4.11 77.88
N LEU C 945 -25.07 3.53 78.59
CA LEU C 945 -26.40 3.33 78.01
C LEU C 945 -27.10 4.66 77.74
N LEU C 946 -26.95 5.64 78.64
CA LEU C 946 -27.53 6.96 78.37
C LEU C 946 -26.79 7.68 77.26
N LEU C 947 -25.47 7.51 77.19
CA LEU C 947 -24.71 8.11 76.10
C LEU C 947 -25.08 7.51 74.76
N ASP C 948 -25.54 6.25 74.73
CA ASP C 948 -25.97 5.66 73.48
C ASP C 948 -27.33 6.21 73.05
N ILE C 949 -28.20 6.54 74.01
CA ILE C 949 -29.46 7.20 73.66
C ILE C 949 -29.19 8.60 73.14
N ASP C 950 -28.30 9.35 73.79
CA ASP C 950 -27.98 10.70 73.36
C ASP C 950 -27.34 10.72 71.98
N ARG C 951 -26.56 9.69 71.65
CA ARG C 951 -25.93 9.65 70.33
C ARG C 951 -26.95 9.48 69.21
N GLN C 952 -28.11 8.89 69.51
CA GLN C 952 -29.13 8.65 68.52
C GLN C 952 -30.39 9.49 68.73
N LYS C 953 -30.30 10.56 69.52
CA LYS C 953 -31.50 11.33 69.83
C LYS C 953 -32.10 11.99 68.59
N ASP C 954 -31.35 12.07 67.50
CA ASP C 954 -31.87 12.62 66.25
C ASP C 954 -32.81 11.64 65.52
N TYR C 955 -33.16 10.53 66.16
CA TYR C 955 -34.15 9.59 65.64
C TYR C 955 -35.32 9.40 66.59
N LEU C 956 -35.41 10.22 67.65
CA LEU C 956 -36.56 10.17 68.53
C LEU C 956 -37.84 10.55 67.81
N THR C 957 -37.80 11.68 67.10
CA THR C 957 -38.95 12.11 66.31
C THR C 957 -39.08 11.23 65.07
N LYS C 958 -40.30 10.72 64.83
CA LYS C 958 -40.54 9.90 63.66
C LYS C 958 -40.33 10.74 62.39
N LYS C 959 -39.68 10.14 61.41
CA LYS C 959 -39.37 10.83 60.16
C LYS C 959 -40.49 10.65 59.15
N SER C 960 -40.49 11.53 58.15
CA SER C 960 -41.48 11.55 57.07
C SER C 960 -40.74 11.51 55.74
N ILE C 961 -40.75 10.35 55.08
CA ILE C 961 -40.02 10.18 53.83
C ILE C 961 -40.88 10.70 52.68
N TRP C 962 -40.30 11.60 51.88
CA TRP C 962 -41.00 12.19 50.74
C TRP C 962 -40.23 11.90 49.46
N ILE C 963 -40.91 11.27 48.50
CA ILE C 963 -40.34 10.90 47.21
C ILE C 963 -40.94 11.86 46.19
N ILE C 964 -40.15 12.83 45.74
CA ILE C 964 -40.62 13.93 44.91
C ILE C 964 -40.03 13.79 43.51
N GLY C 965 -40.88 13.99 42.51
CA GLY C 965 -40.44 13.91 41.13
C GLY C 965 -41.55 14.32 40.18
N GLY C 966 -41.17 14.46 38.91
CA GLY C 966 -42.10 14.90 37.88
C GLY C 966 -42.85 13.75 37.24
N ASP C 967 -43.72 14.10 36.29
CA ASP C 967 -44.55 13.11 35.61
C ASP C 967 -43.73 12.20 34.71
N GLY C 968 -42.63 12.70 34.15
CA GLY C 968 -41.78 11.85 33.33
C GLY C 968 -41.18 10.70 34.12
N TRP C 969 -40.78 10.98 35.37
CA TRP C 969 -40.29 9.92 36.24
C TRP C 969 -41.41 8.97 36.66
N ALA C 970 -42.55 9.53 37.09
CA ALA C 970 -43.59 8.69 37.68
C ALA C 970 -44.34 7.88 36.62
N TYR C 971 -44.55 8.45 35.44
CA TYR C 971 -45.34 7.78 34.41
C TYR C 971 -44.51 6.92 33.47
N ASP C 972 -43.21 7.20 33.34
CA ASP C 972 -42.41 6.52 32.33
C ASP C 972 -41.20 5.77 32.90
N ILE C 973 -40.06 6.45 33.00
CA ILE C 973 -38.79 5.76 33.22
C ILE C 973 -38.72 5.12 34.60
N GLY C 974 -39.33 5.74 35.61
CA GLY C 974 -39.33 5.23 36.96
C GLY C 974 -40.64 4.58 37.38
N TYR C 975 -41.55 4.33 36.44
CA TYR C 975 -42.88 3.83 36.80
C TYR C 975 -42.82 2.42 37.39
N GLY C 976 -42.04 1.53 36.77
CA GLY C 976 -41.93 0.18 37.30
C GLY C 976 -41.41 0.16 38.72
N GLY C 977 -40.45 1.03 39.03
CA GLY C 977 -39.97 1.13 40.40
C GLY C 977 -41.01 1.77 41.31
N LEU C 978 -41.74 2.76 40.80
CA LEU C 978 -42.82 3.37 41.57
C LEU C 978 -43.92 2.37 41.86
N ASP C 979 -44.31 1.57 40.86
CA ASP C 979 -45.31 0.53 41.07
C ASP C 979 -44.88 -0.44 42.15
N HIS C 980 -43.61 -0.86 42.13
CA HIS C 980 -43.13 -1.83 43.11
C HIS C 980 -43.09 -1.22 44.50
N VAL C 981 -42.63 0.03 44.63
CA VAL C 981 -42.55 0.65 45.95
C VAL C 981 -43.95 0.86 46.53
N LEU C 982 -44.91 1.22 45.67
CA LEU C 982 -46.30 1.33 46.14
C LEU C 982 -46.86 -0.03 46.55
N ALA C 983 -46.58 -1.08 45.77
CA ALA C 983 -47.09 -2.40 46.09
C ALA C 983 -46.50 -2.95 47.38
N SER C 984 -45.34 -2.44 47.81
CA SER C 984 -44.65 -2.98 48.98
C SER C 984 -45.40 -2.68 50.27
N GLY C 985 -46.16 -1.58 50.32
CA GLY C 985 -46.85 -1.17 51.53
C GLY C 985 -46.06 -0.27 52.45
N ALA C 986 -44.84 0.12 52.09
CA ALA C 986 -44.01 0.96 52.95
C ALA C 986 -44.64 2.33 53.16
N ASN C 987 -44.34 2.93 54.33
CA ASN C 987 -44.84 4.25 54.71
C ASN C 987 -43.96 5.34 54.08
N VAL C 988 -44.22 5.63 52.81
CA VAL C 988 -43.57 6.71 52.09
C VAL C 988 -44.64 7.61 51.48
N ASN C 989 -44.25 8.85 51.18
CA ASN C 989 -45.14 9.84 50.57
C ASN C 989 -44.54 10.21 49.22
N VAL C 990 -45.21 9.82 48.14
CA VAL C 990 -44.76 10.12 46.79
C VAL C 990 -45.54 11.33 46.30
N LEU C 991 -44.83 12.36 45.89
CA LEU C 991 -45.43 13.59 45.36
C LEU C 991 -45.04 13.70 43.90
N VAL C 992 -46.01 13.54 43.01
CA VAL C 992 -45.80 13.66 41.57
C VAL C 992 -46.23 15.06 41.15
N LEU C 993 -45.26 15.87 40.76
CA LEU C 993 -45.53 17.20 40.22
C LEU C 993 -45.80 17.03 38.73
N ASP C 994 -47.07 16.92 38.37
CA ASP C 994 -47.48 16.59 37.01
C ASP C 994 -47.56 17.87 36.19
N THR C 995 -46.57 18.09 35.33
CA THR C 995 -46.60 19.16 34.35
C THR C 995 -47.08 18.68 32.98
N GLU C 996 -47.40 17.39 32.84
CA GLU C 996 -47.88 16.75 31.62
C GLU C 996 -46.86 16.79 30.48
N VAL C 997 -45.62 17.20 30.76
CA VAL C 997 -44.53 17.20 29.78
C VAL C 997 -43.23 16.97 30.53
N TYR C 998 -42.14 16.82 29.79
CA TYR C 998 -40.80 16.88 30.35
C TYR C 998 -40.40 18.34 30.38
N SER C 999 -40.67 19.02 31.50
CA SER C 999 -40.47 20.47 31.56
C SER C 999 -38.99 20.84 31.48
N ASN C 1000 -38.14 20.08 32.19
CA ASN C 1000 -36.73 20.44 32.27
C ASN C 1000 -36.06 20.40 30.90
N THR C 1001 -36.31 19.35 30.14
CA THR C 1001 -35.62 19.12 28.88
C THR C 1001 -36.28 19.84 27.70
N GLY C 1002 -37.23 20.74 27.97
CA GLY C 1002 -37.82 21.58 26.94
C GLY C 1002 -39.27 21.30 26.60
N GLY C 1003 -39.85 20.23 27.10
CA GLY C 1003 -41.26 19.96 26.85
C GLY C 1003 -41.51 18.82 25.89
N GLN C 1004 -41.01 17.63 26.23
CA GLN C 1004 -41.21 16.46 25.40
C GLN C 1004 -42.42 15.66 25.86
N SER C 1005 -42.89 14.78 24.97
CA SER C 1005 -44.11 14.02 25.24
C SER C 1005 -43.91 13.04 26.40
N SER C 1006 -45.00 12.82 27.13
CA SER C 1006 -45.01 11.91 28.27
C SER C 1006 -46.33 11.15 28.26
N LYS C 1007 -46.41 10.11 29.07
CA LYS C 1007 -47.68 9.42 29.24
C LYS C 1007 -48.69 10.26 29.99
N ALA C 1008 -48.24 11.31 30.70
CA ALA C 1008 -49.13 12.26 31.34
C ALA C 1008 -49.65 13.32 30.39
N THR C 1009 -49.12 13.40 29.17
CA THR C 1009 -49.63 14.35 28.19
C THR C 1009 -51.02 13.92 27.74
N GLN C 1010 -51.94 14.89 27.67
CA GLN C 1010 -53.32 14.60 27.35
C GLN C 1010 -53.51 14.48 25.84
N THR C 1011 -54.72 14.06 25.46
CA THR C 1011 -55.07 13.94 24.04
C THR C 1011 -55.06 15.31 23.38
N GLY C 1012 -54.45 15.38 22.20
CA GLY C 1012 -54.42 16.60 21.43
C GLY C 1012 -53.35 17.60 21.82
N ALA C 1013 -52.72 17.43 22.98
CA ALA C 1013 -51.67 18.35 23.40
C ALA C 1013 -50.44 18.19 22.52
N VAL C 1014 -49.86 19.31 22.11
CA VAL C 1014 -48.71 19.32 21.22
C VAL C 1014 -47.46 19.50 22.06
N ALA C 1015 -46.53 18.56 21.94
CA ALA C 1015 -45.23 18.63 22.60
C ALA C 1015 -44.20 18.01 21.67
N ARG C 1016 -42.94 18.04 22.08
CA ARG C 1016 -41.90 17.40 21.30
C ARG C 1016 -42.12 15.88 21.29
N PHE C 1017 -41.85 15.27 20.13
CA PHE C 1017 -42.15 13.88 19.81
C PHE C 1017 -43.65 13.63 19.67
N ALA C 1018 -44.45 14.70 19.66
CA ALA C 1018 -45.88 14.65 19.38
C ALA C 1018 -46.26 15.91 18.61
N ALA C 1019 -45.61 16.11 17.46
CA ALA C 1019 -45.77 17.36 16.72
C ALA C 1019 -47.19 17.54 16.22
N GLY C 1020 -47.84 16.46 15.79
CA GLY C 1020 -49.21 16.49 15.33
C GLY C 1020 -50.26 16.29 16.40
N GLY C 1021 -49.91 16.39 17.68
CA GLY C 1021 -50.84 16.15 18.76
C GLY C 1021 -50.87 14.69 19.20
N LYS C 1022 -51.02 14.47 20.49
CA LYS C 1022 -51.04 13.11 21.05
C LYS C 1022 -52.39 12.46 20.81
N PHE C 1023 -52.38 11.28 20.18
CA PHE C 1023 -53.63 10.57 19.89
C PHE C 1023 -54.12 9.79 21.11
N THR C 1024 -53.28 8.95 21.68
CA THR C 1024 -53.68 8.16 22.85
C THR C 1024 -53.94 9.06 24.04
N LYS C 1025 -54.87 8.64 24.90
CA LYS C 1025 -55.26 9.47 26.03
C LYS C 1025 -54.19 9.42 27.12
N LYS C 1026 -54.37 10.27 28.12
CA LYS C 1026 -53.44 10.32 29.24
C LYS C 1026 -53.53 9.05 30.09
N LYS C 1027 -52.38 8.47 30.41
CA LYS C 1027 -52.34 7.33 31.30
C LYS C 1027 -52.81 7.71 32.70
N ASP C 1028 -53.69 6.90 33.28
CA ASP C 1028 -54.28 7.20 34.59
C ASP C 1028 -53.43 6.51 35.66
N LEU C 1029 -52.40 7.21 36.12
CA LEU C 1029 -51.53 6.67 37.17
C LEU C 1029 -52.28 6.48 38.47
N GLY C 1030 -53.16 7.43 38.81
CA GLY C 1030 -53.92 7.30 40.04
C GLY C 1030 -54.83 6.09 40.05
N LEU C 1031 -55.43 5.79 38.88
CA LEU C 1031 -56.33 4.64 38.80
C LEU C 1031 -55.59 3.33 38.99
N MET C 1032 -54.39 3.22 38.42
CA MET C 1032 -53.63 1.98 38.56
C MET C 1032 -53.13 1.78 39.98
N ALA C 1033 -52.77 2.87 40.67
CA ALA C 1033 -52.34 2.75 42.05
C ALA C 1033 -53.50 2.38 42.97
N MET C 1034 -54.73 2.73 42.59
CA MET C 1034 -55.90 2.36 43.38
C MET C 1034 -56.22 0.88 43.33
N SER C 1035 -55.73 0.16 42.31
CA SER C 1035 -56.04 -1.26 42.19
C SER C 1035 -55.47 -2.07 43.35
N TYR C 1036 -54.43 -1.56 44.02
CA TYR C 1036 -53.87 -2.27 45.17
C TYR C 1036 -54.80 -2.22 46.38
N GLY C 1037 -55.57 -1.14 46.53
CA GLY C 1037 -56.49 -0.99 47.63
C GLY C 1037 -55.87 -0.42 48.88
N TYR C 1038 -54.60 -0.70 49.15
CA TYR C 1038 -53.93 -0.23 50.36
C TYR C 1038 -53.01 0.97 50.10
N VAL C 1039 -53.10 1.60 48.94
CA VAL C 1039 -52.32 2.79 48.63
C VAL C 1039 -53.25 4.00 48.65
N TYR C 1040 -52.89 5.01 49.45
CA TYR C 1040 -53.60 6.28 49.45
C TYR C 1040 -53.25 7.05 48.18
N VAL C 1041 -54.28 7.41 47.41
CA VAL C 1041 -54.12 8.14 46.17
C VAL C 1041 -54.97 9.41 46.23
N ALA C 1042 -54.39 10.53 45.79
CA ALA C 1042 -55.10 11.79 45.78
C ALA C 1042 -54.65 12.62 44.58
N SER C 1043 -55.59 13.32 43.96
CA SER C 1043 -55.33 14.24 42.87
C SER C 1043 -55.66 15.66 43.33
N VAL C 1044 -54.68 16.55 43.28
CA VAL C 1044 -54.80 17.89 43.85
C VAL C 1044 -54.42 18.93 42.81
N ALA C 1045 -54.85 20.17 43.06
CA ALA C 1045 -54.49 21.30 42.21
C ALA C 1045 -54.66 22.56 43.06
N MET C 1046 -53.54 23.21 43.39
CA MET C 1046 -53.60 24.33 44.33
C MET C 1046 -54.46 25.47 43.80
N GLY C 1047 -54.37 25.76 42.50
CA GLY C 1047 -55.15 26.83 41.92
C GLY C 1047 -56.65 26.62 42.01
N ALA C 1048 -57.10 25.36 42.10
CA ALA C 1048 -58.53 25.06 42.14
C ALA C 1048 -59.10 25.13 43.55
N SER C 1049 -58.41 24.55 44.52
CA SER C 1049 -58.92 24.50 45.90
C SER C 1049 -57.74 24.44 46.86
N HIS C 1050 -57.57 25.51 47.64
CA HIS C 1050 -56.54 25.51 48.67
C HIS C 1050 -56.87 24.53 49.79
N SER C 1051 -58.14 24.46 50.20
CA SER C 1051 -58.52 23.60 51.32
C SER C 1051 -58.42 22.13 50.94
N GLN C 1052 -58.73 21.78 49.68
CA GLN C 1052 -58.64 20.40 49.25
C GLN C 1052 -57.19 19.90 49.25
N LEU C 1053 -56.24 20.78 48.93
CA LEU C 1053 -54.83 20.39 48.97
C LEU C 1053 -54.37 20.12 50.40
N MET C 1054 -54.81 20.94 51.35
CA MET C 1054 -54.42 20.73 52.75
C MET C 1054 -54.89 19.38 53.26
N LYS C 1055 -56.12 19.00 52.91
CA LYS C 1055 -56.71 17.74 53.41
C LYS C 1055 -55.98 16.53 52.84
N ALA C 1056 -55.65 16.53 51.55
CA ALA C 1056 -55.00 15.37 50.96
C ALA C 1056 -53.56 15.21 51.45
N LEU C 1057 -52.84 16.32 51.63
CA LEU C 1057 -51.46 16.24 52.09
C LEU C 1057 -51.38 15.65 53.49
N ILE C 1058 -52.29 16.07 54.38
CA ILE C 1058 -52.24 15.60 55.76
C ILE C 1058 -52.71 14.15 55.85
N GLU C 1059 -53.75 13.80 55.08
CA GLU C 1059 -54.22 12.41 55.07
C GLU C 1059 -53.14 11.48 54.55
N ALA C 1060 -52.40 11.91 53.53
CA ALA C 1060 -51.38 11.06 52.94
C ALA C 1060 -50.22 10.84 53.90
N GLU C 1061 -49.81 11.90 54.62
CA GLU C 1061 -48.67 11.77 55.51
C GLU C 1061 -49.04 10.98 56.77
N LYS C 1062 -50.25 11.19 57.30
CA LYS C 1062 -50.68 10.45 58.48
C LYS C 1062 -51.02 9.01 58.19
N TYR C 1063 -51.35 8.67 56.94
CA TYR C 1063 -51.66 7.30 56.59
C TYR C 1063 -50.43 6.42 56.76
N ASP C 1064 -50.57 5.35 57.55
CA ASP C 1064 -49.48 4.43 57.82
C ASP C 1064 -49.36 3.44 56.66
N GLY C 1065 -48.83 3.94 55.54
CA GLY C 1065 -48.69 3.17 54.34
C GLY C 1065 -48.26 4.03 53.16
N PRO C 1066 -48.30 3.46 51.95
CA PRO C 1066 -47.86 4.22 50.78
C PRO C 1066 -48.89 5.26 50.39
N SER C 1067 -48.40 6.46 50.05
CA SER C 1067 -49.26 7.57 49.65
C SER C 1067 -48.77 8.12 48.32
N LEU C 1068 -49.71 8.42 47.43
CA LEU C 1068 -49.42 8.95 46.11
C LEU C 1068 -50.24 10.22 45.92
N ILE C 1069 -49.56 11.34 45.76
CA ILE C 1069 -50.19 12.64 45.56
C ILE C 1069 -49.82 13.14 44.17
N ILE C 1070 -50.84 13.27 43.31
CA ILE C 1070 -50.64 13.76 41.95
C ILE C 1070 -51.07 15.22 41.91
N ALA C 1071 -50.10 16.12 41.81
CA ALA C 1071 -50.33 17.56 41.88
C ALA C 1071 -50.24 18.18 40.50
N TYR C 1072 -51.28 18.92 40.12
CA TYR C 1072 -51.24 19.65 38.86
C TYR C 1072 -50.32 20.86 39.01
N ALA C 1073 -49.25 20.88 38.21
CA ALA C 1073 -48.25 21.96 38.30
C ALA C 1073 -48.21 22.70 36.97
N PRO C 1074 -48.86 23.86 36.87
CA PRO C 1074 -48.76 24.64 35.64
C PRO C 1074 -47.31 24.99 35.35
N CYS C 1075 -46.99 25.05 34.06
CA CYS C 1075 -45.61 25.17 33.63
C CYS C 1075 -45.53 26.12 32.43
N ILE C 1076 -44.33 26.69 32.22
CA ILE C 1076 -44.16 27.59 31.10
C ILE C 1076 -44.33 26.86 29.78
N ASN C 1077 -44.08 25.54 29.77
CA ASN C 1077 -44.23 24.75 28.55
C ASN C 1077 -45.70 24.60 28.14
N HIS C 1078 -46.65 24.94 29.01
CA HIS C 1078 -48.05 24.90 28.62
C HIS C 1078 -48.42 26.02 27.66
N GLY C 1079 -47.68 27.13 27.69
CA GLY C 1079 -48.01 28.26 26.86
C GLY C 1079 -49.13 29.11 27.42
N ILE C 1080 -48.94 29.63 28.64
CA ILE C 1080 -49.93 30.44 29.33
C ILE C 1080 -49.24 31.63 29.98
N ASN C 1081 -50.06 32.59 30.41
CA ASN C 1081 -49.56 33.73 31.18
C ASN C 1081 -49.28 33.28 32.60
N MET C 1082 -48.00 33.21 32.97
CA MET C 1082 -47.61 32.71 34.29
C MET C 1082 -47.99 33.64 35.43
N THR C 1083 -48.36 34.90 35.15
CA THR C 1083 -48.91 35.75 36.21
C THR C 1083 -50.15 35.11 36.80
N TYR C 1084 -50.96 34.46 35.96
CA TYR C 1084 -52.17 33.78 36.39
C TYR C 1084 -51.94 32.27 36.36
N SER C 1085 -50.81 31.83 36.93
CA SER C 1085 -50.50 30.41 36.99
C SER C 1085 -51.48 29.68 37.90
N GLN C 1086 -51.84 30.29 39.03
CA GLN C 1086 -52.87 29.74 39.90
C GLN C 1086 -54.22 29.69 39.18
N ARG C 1087 -54.52 30.72 38.38
CA ARG C 1087 -55.81 30.78 37.69
C ARG C 1087 -55.96 29.65 36.68
N GLU C 1088 -54.87 29.22 36.04
CA GLU C 1088 -54.97 28.16 35.05
C GLU C 1088 -55.31 26.82 35.68
N ALA C 1089 -54.85 26.57 36.91
CA ALA C 1089 -55.20 25.33 37.59
C ALA C 1089 -56.67 25.31 38.01
N LYS C 1090 -57.24 26.48 38.32
CA LYS C 1090 -58.66 26.54 38.64
C LYS C 1090 -59.52 26.28 37.42
N LYS C 1091 -59.17 26.87 36.28
CA LYS C 1091 -59.92 26.63 35.05
C LYS C 1091 -59.78 25.18 34.58
N ALA C 1092 -58.67 24.54 34.93
CA ALA C 1092 -58.45 23.15 34.55
C ALA C 1092 -59.45 22.23 35.24
N VAL C 1093 -59.67 22.44 36.55
CA VAL C 1093 -60.61 21.60 37.29
C VAL C 1093 -62.05 21.95 36.95
N GLU C 1094 -62.35 23.24 36.77
CA GLU C 1094 -63.71 23.66 36.46
C GLU C 1094 -64.15 23.18 35.08
N ALA C 1095 -63.21 22.86 34.20
CA ALA C 1095 -63.52 22.39 32.85
C ALA C 1095 -63.51 20.87 32.75
N GLY C 1096 -63.37 20.16 33.88
CA GLY C 1096 -63.29 18.71 33.84
C GLY C 1096 -61.98 18.17 33.31
N TYR C 1097 -60.96 19.02 33.15
CA TYR C 1097 -59.69 18.59 32.60
C TYR C 1097 -58.83 17.89 33.66
N TRP C 1098 -58.90 18.33 34.91
CA TRP C 1098 -58.11 17.77 35.99
C TRP C 1098 -59.03 17.40 37.15
N PRO C 1099 -59.01 16.17 37.63
CA PRO C 1099 -59.90 15.76 38.71
C PRO C 1099 -59.33 16.05 40.09
N LEU C 1100 -60.25 16.19 41.05
CA LEU C 1100 -59.91 16.34 42.47
C LEU C 1100 -60.59 15.21 43.22
N TYR C 1101 -59.79 14.28 43.73
CA TYR C 1101 -60.32 13.15 44.49
C TYR C 1101 -59.34 12.77 45.59
N ARG C 1102 -59.82 11.91 46.49
CA ARG C 1102 -59.01 11.36 47.57
C ARG C 1102 -59.43 9.92 47.77
N TYR C 1103 -58.47 9.00 47.68
CA TYR C 1103 -58.68 7.58 47.91
C TYR C 1103 -58.02 7.21 49.22
N ASN C 1104 -58.83 7.00 50.25
CA ASN C 1104 -58.32 6.73 51.59
C ASN C 1104 -58.53 5.26 51.94
N PRO C 1105 -57.48 4.43 51.95
CA PRO C 1105 -57.67 3.03 52.33
C PRO C 1105 -58.19 2.83 53.74
N GLN C 1106 -57.96 3.79 54.63
CA GLN C 1106 -58.44 3.68 56.00
C GLN C 1106 -59.96 3.76 56.08
N LEU C 1107 -60.58 4.50 55.15
CA LEU C 1107 -62.04 4.57 55.12
C LEU C 1107 -62.67 3.22 54.78
N ALA C 1108 -61.98 2.40 53.98
CA ALA C 1108 -62.51 1.07 53.66
C ALA C 1108 -62.52 0.18 54.89
N GLN C 1109 -61.51 0.31 55.76
CA GLN C 1109 -61.48 -0.44 57.00
C GLN C 1109 -62.58 0.01 57.97
N GLU C 1110 -63.09 1.23 57.81
CA GLU C 1110 -64.18 1.75 58.60
C GLU C 1110 -65.54 1.47 57.97
N GLY C 1111 -65.60 0.58 56.98
CA GLY C 1111 -66.85 0.22 56.33
C GLY C 1111 -67.36 1.22 55.32
N LYS C 1112 -66.58 2.26 55.00
CA LYS C 1112 -67.00 3.30 54.06
C LYS C 1112 -66.30 3.13 52.73
N ASN C 1113 -66.74 3.92 51.76
CA ASN C 1113 -66.13 3.94 50.43
C ASN C 1113 -64.80 4.67 50.50
N PRO C 1114 -63.69 4.04 50.11
CA PRO C 1114 -62.40 4.76 50.18
C PRO C 1114 -62.30 5.93 49.23
N PHE C 1115 -63.04 5.91 48.11
CA PHE C 1115 -62.92 6.94 47.09
C PHE C 1115 -63.91 8.06 47.38
N ILE C 1116 -63.39 9.28 47.48
CA ILE C 1116 -64.19 10.49 47.67
C ILE C 1116 -63.89 11.42 46.50
N LEU C 1117 -64.93 11.79 45.76
CA LEU C 1117 -64.80 12.70 44.62
C LEU C 1117 -64.97 14.13 45.13
N ASP C 1118 -63.88 14.89 45.12
CA ASP C 1118 -63.91 16.24 45.70
C ASP C 1118 -64.47 17.28 44.74
N TYR C 1119 -64.58 16.96 43.45
CA TYR C 1119 -65.18 17.86 42.46
C TYR C 1119 -65.99 17.01 41.50
N LYS C 1120 -67.32 17.08 41.61
CA LYS C 1120 -68.18 16.16 40.87
C LYS C 1120 -68.67 16.75 39.55
N THR C 1121 -69.16 17.98 39.56
CA THR C 1121 -69.76 18.58 38.38
C THR C 1121 -68.92 19.75 37.88
N PRO C 1122 -68.30 19.64 36.72
CA PRO C 1122 -67.56 20.78 36.16
C PRO C 1122 -68.48 21.84 35.59
N THR C 1123 -68.05 23.09 35.70
CA THR C 1123 -68.85 24.23 35.29
C THR C 1123 -68.27 25.01 34.10
N ALA C 1124 -67.01 24.76 33.74
CA ALA C 1124 -66.38 25.49 32.65
C ALA C 1124 -66.35 24.65 31.38
N SER C 1125 -66.15 25.33 30.25
CA SER C 1125 -66.09 24.66 28.95
C SER C 1125 -64.72 24.00 28.77
N PHE C 1126 -64.73 22.75 28.30
CA PHE C 1126 -63.48 22.01 28.13
C PHE C 1126 -62.67 22.57 26.97
N ARG C 1127 -63.33 22.85 25.83
CA ARG C 1127 -62.60 23.37 24.68
C ARG C 1127 -62.09 24.79 24.91
N ASP C 1128 -62.85 25.60 25.65
CA ASP C 1128 -62.37 26.95 25.97
C ASP C 1128 -61.11 26.91 26.83
N PHE C 1129 -60.96 25.90 27.68
CA PHE C 1129 -59.73 25.77 28.45
C PHE C 1129 -58.56 25.38 27.56
N LEU C 1130 -58.80 24.51 26.58
CA LEU C 1130 -57.72 24.12 25.67
C LEU C 1130 -57.26 25.30 24.83
N MET C 1131 -58.21 26.17 24.42
CA MET C 1131 -57.86 27.31 23.60
C MET C 1131 -57.12 28.40 24.37
N GLY C 1132 -57.06 28.31 25.70
CA GLY C 1132 -56.31 29.27 26.49
C GLY C 1132 -54.86 28.94 26.68
N GLU C 1133 -54.38 27.86 26.07
CA GLU C 1133 -53.00 27.40 26.18
C GLU C 1133 -52.44 27.14 24.79
N ILE C 1134 -51.19 27.57 24.57
CA ILE C 1134 -50.58 27.44 23.24
C ILE C 1134 -50.38 25.98 22.88
N ARG C 1135 -50.17 25.10 23.85
CA ARG C 1135 -49.93 23.69 23.57
C ARG C 1135 -51.12 23.00 22.92
N TYR C 1136 -52.29 23.64 22.90
CA TYR C 1136 -53.45 23.13 22.17
C TYR C 1136 -53.84 23.98 20.99
N THR C 1137 -53.56 25.30 21.04
CA THR C 1137 -53.92 26.17 19.93
C THR C 1137 -52.98 26.01 18.74
N SER C 1138 -51.73 25.60 18.98
CA SER C 1138 -50.82 25.32 17.86
C SER C 1138 -51.26 24.10 17.07
N LEU C 1139 -52.09 23.24 17.67
CA LEU C 1139 -52.65 22.11 16.94
C LEU C 1139 -53.66 22.58 15.90
N LYS C 1140 -54.42 23.64 16.22
CA LYS C 1140 -55.39 24.19 15.28
C LYS C 1140 -54.72 24.85 14.08
N LYS C 1141 -53.46 25.26 14.21
CA LYS C 1141 -52.76 25.90 13.10
C LYS C 1141 -52.25 24.87 12.09
N GLN C 1142 -51.80 23.71 12.56
CA GLN C 1142 -51.29 22.68 11.66
C GLN C 1142 -52.40 22.10 10.80
N PHE C 1143 -53.47 21.63 11.42
CA PHE C 1143 -54.60 21.05 10.69
C PHE C 1143 -55.91 21.42 11.39
N PRO C 1144 -56.74 22.24 10.77
CA PRO C 1144 -58.01 22.61 11.43
C PRO C 1144 -59.00 21.46 11.52
N GLU C 1145 -59.07 20.60 10.50
CA GLU C 1145 -60.00 19.48 10.53
C GLU C 1145 -59.56 18.43 11.55
N LYS C 1146 -58.25 18.22 11.69
CA LYS C 1146 -57.75 17.24 12.65
C LYS C 1146 -57.78 17.77 14.08
N ALA C 1147 -57.70 19.09 14.26
CA ALA C 1147 -57.72 19.65 15.60
C ALA C 1147 -59.09 19.50 16.25
N GLU C 1148 -60.16 19.76 15.50
CA GLU C 1148 -61.50 19.55 16.03
C GLU C 1148 -61.76 18.07 16.31
N GLN C 1149 -61.19 17.20 15.48
CA GLN C 1149 -61.34 15.76 15.70
C GLN C 1149 -60.62 15.32 16.97
N LEU C 1150 -59.43 15.89 17.22
CA LEU C 1150 -58.69 15.55 18.45
C LEU C 1150 -59.33 16.20 19.67
N PHE C 1151 -59.86 17.41 19.52
CA PHE C 1151 -60.56 18.06 20.62
C PHE C 1151 -61.82 17.30 21.00
N ALA C 1152 -62.51 16.69 20.01
CA ALA C 1152 -63.69 15.90 20.32
C ALA C 1152 -63.32 14.65 21.10
N LYS C 1153 -62.19 14.02 20.75
CA LYS C 1153 -61.74 12.86 21.52
C LYS C 1153 -61.26 13.26 22.90
N ALA C 1154 -60.58 14.42 23.01
CA ALA C 1154 -60.11 14.88 24.31
C ALA C 1154 -61.28 15.24 25.22
N GLU C 1155 -62.35 15.81 24.66
CA GLU C 1155 -63.52 16.15 25.46
C GLU C 1155 -64.29 14.91 25.87
N ALA C 1156 -64.36 13.92 24.98
CA ALA C 1156 -65.05 12.66 25.32
C ALA C 1156 -64.27 11.87 26.36
N ASP C 1157 -62.93 11.92 26.30
CA ASP C 1157 -62.13 11.20 27.29
C ASP C 1157 -62.21 11.85 28.67
N ALA C 1158 -62.34 13.17 28.74
CA ALA C 1158 -62.49 13.82 30.04
C ALA C 1158 -63.86 13.56 30.63
N LYS C 1159 -64.90 13.46 29.79
CA LYS C 1159 -66.23 13.14 30.28
C LYS C 1159 -66.33 11.68 30.69
N ALA C 1160 -65.72 10.78 29.93
CA ALA C 1160 -65.72 9.36 30.28
C ALA C 1160 -64.92 9.10 31.55
N ARG C 1161 -63.87 9.90 31.80
CA ARG C 1161 -63.12 9.76 33.04
C ARG C 1161 -63.93 10.25 34.23
N LEU C 1162 -64.70 11.33 34.04
CA LEU C 1162 -65.55 11.84 35.11
C LEU C 1162 -66.67 10.87 35.46
N GLU C 1163 -67.28 10.25 34.44
CA GLU C 1163 -68.31 9.25 34.69
C GLU C 1163 -67.74 8.03 35.41
N GLN C 1164 -66.46 7.73 35.17
CA GLN C 1164 -65.83 6.59 35.83
C GLN C 1164 -65.58 6.86 37.31
N TYR C 1165 -65.22 8.11 37.65
CA TYR C 1165 -64.99 8.46 39.05
C TYR C 1165 -66.30 8.57 39.83
N LYS C 1166 -67.39 8.96 39.15
CA LYS C 1166 -68.69 9.02 39.81
C LYS C 1166 -69.19 7.63 40.18
N LYS C 1167 -68.89 6.61 39.37
CA LYS C 1167 -69.31 5.25 39.70
C LYS C 1167 -68.52 4.71 40.88
N LEU C 1168 -67.23 5.03 40.97
CA LEU C 1168 -66.43 4.61 42.11
C LEU C 1168 -66.89 5.29 43.40
N ALA C 1169 -67.47 6.49 43.30
CA ALA C 1169 -67.96 7.18 44.48
C ALA C 1169 -69.37 6.72 44.87
N GLU C 1170 -70.19 6.35 43.90
CA GLU C 1170 -71.55 5.89 44.16
C GLU C 1170 -71.55 4.45 44.68
N LYS D 3 -14.79 -26.14 61.35
CA LYS D 3 -14.78 -26.55 59.95
C LYS D 3 -16.14 -27.09 59.51
N GLN D 4 -16.65 -26.56 58.40
CA GLN D 4 -17.90 -26.98 57.81
C GLN D 4 -17.73 -27.13 56.30
N THR D 5 -18.60 -27.94 55.69
CA THR D 5 -18.62 -28.14 54.25
C THR D 5 -19.73 -27.28 53.66
N LEU D 6 -19.34 -26.23 52.94
CA LEU D 6 -20.25 -25.28 52.31
C LEU D 6 -19.83 -25.09 50.86
N ASP D 7 -20.66 -24.35 50.12
CA ASP D 7 -20.27 -23.86 48.81
C ASP D 7 -19.91 -22.38 48.88
N GLY D 8 -19.40 -21.86 47.76
CA GLY D 8 -19.00 -20.46 47.72
C GLY D 8 -20.14 -19.52 48.08
N ASN D 9 -21.34 -19.77 47.54
CA ASN D 9 -22.46 -18.88 47.80
C ASN D 9 -22.77 -18.79 49.28
N THR D 10 -22.81 -19.94 49.97
CA THR D 10 -23.11 -19.93 51.40
C THR D 10 -21.99 -19.25 52.20
N ALA D 11 -20.74 -19.49 51.82
CA ALA D 11 -19.62 -18.85 52.49
C ALA D 11 -19.70 -17.34 52.38
N ALA D 12 -20.11 -16.82 51.21
CA ALA D 12 -20.25 -15.38 51.04
C ALA D 12 -21.42 -14.85 51.83
N ALA D 13 -22.57 -15.53 51.76
CA ALA D 13 -23.73 -15.09 52.52
C ALA D 13 -23.46 -15.15 54.03
N HIS D 14 -22.62 -16.10 54.47
CA HIS D 14 -22.28 -16.19 55.89
C HIS D 14 -21.67 -14.89 56.39
N VAL D 15 -20.73 -14.33 55.65
CA VAL D 15 -20.09 -13.08 56.08
C VAL D 15 -21.02 -11.90 55.82
N ALA D 16 -21.69 -11.90 54.67
CA ALA D 16 -22.59 -10.79 54.33
C ALA D 16 -23.71 -10.63 55.35
N TYR D 17 -24.24 -11.74 55.85
CA TYR D 17 -25.31 -11.66 56.84
C TYR D 17 -24.84 -11.00 58.12
N ALA D 18 -23.64 -11.36 58.59
CA ALA D 18 -23.16 -10.85 59.87
C ALA D 18 -22.86 -9.37 59.83
N MET D 19 -22.42 -8.84 58.69
CA MET D 19 -21.90 -7.48 58.61
C MET D 19 -22.93 -6.48 58.10
N SER D 20 -24.14 -6.91 57.78
CA SER D 20 -25.11 -6.04 57.13
C SER D 20 -26.41 -6.01 57.90
N GLU D 21 -27.10 -4.86 57.81
CA GLU D 21 -28.44 -4.67 58.36
C GLU D 21 -29.54 -4.85 57.32
N VAL D 22 -29.32 -4.39 56.10
CA VAL D 22 -30.32 -4.45 55.04
C VAL D 22 -29.70 -5.19 53.86
N ALA D 23 -30.52 -5.98 53.16
CA ALA D 23 -30.10 -6.63 51.92
C ALA D 23 -31.26 -6.52 50.93
N THR D 24 -31.12 -5.64 49.95
CA THR D 24 -32.10 -5.49 48.89
C THR D 24 -31.62 -6.28 47.67
N ILE D 25 -32.43 -7.25 47.23
CA ILE D 25 -31.98 -8.27 46.30
C ILE D 25 -33.00 -8.45 45.17
N TYR D 26 -32.55 -9.17 44.14
CA TYR D 26 -33.34 -9.67 43.02
C TYR D 26 -32.60 -10.88 42.46
N PRO D 27 -33.29 -11.99 42.18
CA PRO D 27 -32.57 -13.23 41.89
C PRO D 27 -31.99 -13.29 40.48
N ILE D 28 -30.77 -13.83 40.39
CA ILE D 28 -30.19 -14.19 39.10
C ILE D 28 -29.13 -15.28 39.29
N THR D 29 -29.22 -16.34 38.49
CA THR D 29 -28.25 -17.42 38.53
C THR D 29 -26.87 -16.88 38.15
N PRO D 30 -25.79 -17.31 38.81
CA PRO D 30 -25.72 -18.24 39.95
C PRO D 30 -25.58 -17.56 41.30
N SER D 31 -26.10 -16.33 41.41
CA SER D 31 -26.00 -15.57 42.65
C SER D 31 -27.22 -15.70 43.55
N SER D 32 -28.37 -16.07 43.00
CA SER D 32 -29.59 -16.10 43.82
C SER D 32 -29.53 -17.10 44.98
N PRO D 33 -28.82 -18.23 44.91
CA PRO D 33 -28.65 -19.04 46.13
C PRO D 33 -28.06 -18.26 47.31
N MET D 34 -27.24 -17.24 47.05
CA MET D 34 -26.75 -16.40 48.15
C MET D 34 -27.89 -15.72 48.88
N ALA D 35 -28.79 -15.09 48.13
CA ALA D 35 -29.90 -14.37 48.75
C ALA D 35 -30.92 -15.31 49.36
N GLU D 36 -31.07 -16.52 48.81
CA GLU D 36 -32.05 -17.46 49.33
C GLU D 36 -31.67 -17.95 50.72
N ILE D 37 -30.41 -18.35 50.91
CA ILE D 37 -30.00 -18.86 52.22
C ILE D 37 -29.93 -17.73 53.24
N ALA D 38 -29.62 -16.51 52.80
CA ALA D 38 -29.69 -15.38 53.70
C ALA D 38 -31.13 -15.09 54.11
N ASP D 39 -32.08 -15.33 53.21
CA ASP D 39 -33.49 -15.18 53.53
C ASP D 39 -33.94 -16.22 54.56
N GLU D 40 -33.46 -17.46 54.44
CA GLU D 40 -33.84 -18.50 55.39
C GLU D 40 -33.31 -18.19 56.79
N TRP D 41 -32.05 -17.76 56.89
CA TRP D 41 -31.48 -17.43 58.18
C TRP D 41 -32.25 -16.32 58.87
N ALA D 42 -32.59 -15.26 58.11
CA ALA D 42 -33.40 -14.19 58.68
C ALA D 42 -34.76 -14.70 59.10
N ALA D 43 -35.38 -15.55 58.28
CA ALA D 43 -36.68 -16.10 58.64
C ALA D 43 -36.60 -16.93 59.91
N HIS D 44 -35.45 -17.52 60.19
CA HIS D 44 -35.24 -18.30 61.40
C HIS D 44 -34.54 -17.51 62.51
N GLY D 45 -34.34 -16.21 62.30
CA GLY D 45 -33.88 -15.34 63.37
C GLY D 45 -32.40 -15.32 63.68
N ARG D 46 -31.54 -15.55 62.70
CA ARG D 46 -30.10 -15.40 62.92
C ARG D 46 -29.76 -13.93 63.13
N LYS D 47 -28.99 -13.65 64.18
CA LYS D 47 -28.56 -12.28 64.49
C LYS D 47 -27.17 -11.99 63.94
N ASN D 48 -27.01 -10.78 63.41
CA ASN D 48 -25.73 -10.27 62.92
C ASN D 48 -24.91 -9.73 64.09
N ILE D 49 -23.79 -9.06 63.79
CA ILE D 49 -22.95 -8.49 64.85
C ILE D 49 -23.61 -7.30 65.54
N PHE D 50 -24.77 -6.85 65.05
CA PHE D 50 -25.53 -5.80 65.70
C PHE D 50 -26.68 -6.33 66.55
N GLY D 51 -26.75 -7.65 66.74
CA GLY D 51 -27.79 -8.22 67.58
C GLY D 51 -29.17 -8.27 66.97
N LYS D 52 -29.29 -7.97 65.67
CA LYS D 52 -30.58 -7.96 64.99
C LYS D 52 -30.55 -8.93 63.82
N THR D 53 -31.73 -9.24 63.29
CA THR D 53 -31.84 -10.06 62.10
C THR D 53 -31.70 -9.19 60.85
N LEU D 54 -31.14 -9.78 59.81
CA LEU D 54 -31.00 -9.07 58.55
C LEU D 54 -32.36 -8.90 57.88
N GLN D 55 -32.61 -7.69 57.37
CA GLN D 55 -33.83 -7.41 56.62
C GLN D 55 -33.56 -7.61 55.13
N VAL D 56 -34.23 -8.59 54.54
CA VAL D 56 -34.09 -8.89 53.12
C VAL D 56 -35.32 -8.35 52.39
N ALA D 57 -35.08 -7.49 51.40
CA ALA D 57 -36.14 -6.87 50.61
C ALA D 57 -35.92 -7.20 49.14
N GLU D 58 -36.93 -7.78 48.50
CA GLU D 58 -36.86 -8.09 47.08
C GLU D 58 -37.48 -6.94 46.30
N MET D 59 -36.79 -6.49 45.25
CA MET D 59 -37.24 -5.39 44.43
C MET D 59 -37.85 -5.92 43.14
N GLN D 60 -38.20 -5.02 42.22
CA GLN D 60 -38.75 -5.40 40.93
C GLN D 60 -37.67 -5.72 39.89
N SER D 61 -36.42 -5.33 40.14
CA SER D 61 -35.29 -5.62 39.27
C SER D 61 -34.01 -5.31 40.04
N GLU D 62 -32.88 -5.62 39.42
CA GLU D 62 -31.60 -5.30 40.05
C GLU D 62 -31.34 -3.80 40.06
N ALA D 63 -31.93 -3.06 39.13
CA ALA D 63 -31.84 -1.60 39.18
C ALA D 63 -32.54 -1.07 40.43
N GLY D 64 -33.75 -1.58 40.70
CA GLY D 64 -34.44 -1.20 41.93
C GLY D 64 -33.68 -1.59 43.18
N ALA D 65 -33.00 -2.74 43.14
CA ALA D 65 -32.17 -3.13 44.27
C ALA D 65 -31.02 -2.15 44.46
N ALA D 66 -30.36 -1.77 43.36
CA ALA D 66 -29.24 -0.83 43.45
C ALA D 66 -29.71 0.52 43.97
N GLY D 67 -30.84 1.02 43.47
CA GLY D 67 -31.38 2.26 43.98
C GLY D 67 -31.73 2.19 45.44
N ALA D 68 -32.23 1.04 45.89
CA ALA D 68 -32.55 0.87 47.30
C ALA D 68 -31.30 0.84 48.16
N VAL D 69 -30.23 0.19 47.67
CA VAL D 69 -28.97 0.17 48.40
C VAL D 69 -28.47 1.59 48.61
N HIS D 70 -28.49 2.40 47.56
CA HIS D 70 -28.01 3.78 47.63
C HIS D 70 -28.78 4.57 48.67
N GLY D 71 -30.11 4.48 48.65
CA GLY D 71 -30.93 5.20 49.62
C GLY D 71 -30.72 4.70 51.04
N SER D 72 -30.64 3.38 51.21
CA SER D 72 -30.41 2.83 52.54
C SER D 72 -29.05 3.26 53.08
N LEU D 73 -28.04 3.31 52.23
CA LEU D 73 -26.71 3.75 52.67
C LEU D 73 -26.72 5.21 53.06
N ALA D 74 -27.31 6.06 52.21
CA ALA D 74 -27.34 7.50 52.49
C ALA D 74 -28.19 7.83 53.71
N ALA D 75 -29.09 6.94 54.10
CA ALA D 75 -29.97 7.16 55.26
C ALA D 75 -29.46 6.48 56.53
N GLY D 76 -28.33 5.78 56.46
CA GLY D 76 -27.62 5.33 57.63
C GLY D 76 -27.67 3.84 57.97
N ALA D 77 -27.93 2.95 57.01
CA ALA D 77 -27.97 1.52 57.27
C ALA D 77 -26.91 0.82 56.41
N LEU D 78 -26.13 -0.05 57.04
CA LEU D 78 -25.18 -0.87 56.31
C LEU D 78 -25.94 -1.86 55.44
N THR D 79 -25.71 -1.81 54.13
CA THR D 79 -26.53 -2.53 53.16
C THR D 79 -25.63 -3.27 52.17
N THR D 80 -26.04 -4.49 51.84
CA THR D 80 -25.33 -5.35 50.90
C THR D 80 -26.33 -5.85 49.87
N THR D 81 -25.81 -6.55 48.86
CA THR D 81 -26.68 -7.17 47.85
C THR D 81 -25.89 -8.25 47.13
N PHE D 82 -26.62 -9.09 46.40
CA PHE D 82 -26.06 -10.21 45.68
C PHE D 82 -26.59 -10.20 44.26
N THR D 83 -25.70 -10.36 43.28
CA THR D 83 -26.09 -10.23 41.88
C THR D 83 -25.04 -10.92 41.01
N ALA D 84 -25.24 -10.82 39.69
CA ALA D 84 -24.38 -11.41 38.68
C ALA D 84 -24.88 -10.98 37.30
N SER D 85 -23.97 -10.99 36.33
CA SER D 85 -24.28 -10.98 34.88
C SER D 85 -25.25 -9.84 34.58
N GLN D 86 -26.38 -10.12 33.91
CA GLN D 86 -27.33 -9.09 33.53
C GLN D 86 -27.79 -8.29 34.73
N GLY D 87 -27.82 -8.90 35.91
CA GLY D 87 -28.19 -8.17 37.11
C GLY D 87 -27.20 -7.09 37.46
N LEU D 88 -25.90 -7.42 37.38
CA LEU D 88 -24.87 -6.43 37.67
C LEU D 88 -24.92 -5.27 36.69
N LEU D 89 -25.26 -5.52 35.43
CA LEU D 89 -25.35 -4.43 34.45
C LEU D 89 -26.39 -3.40 34.87
N LEU D 90 -27.57 -3.86 35.29
CA LEU D 90 -28.61 -2.93 35.69
C LEU D 90 -28.23 -2.15 36.94
N MET D 91 -27.26 -2.63 37.71
CA MET D 91 -26.79 -1.91 38.90
C MET D 91 -25.65 -0.94 38.61
N ILE D 92 -25.09 -0.99 37.40
CA ILE D 92 -23.95 -0.13 37.07
C ILE D 92 -24.27 1.34 37.25
N PRO D 93 -25.42 1.87 36.80
CA PRO D 93 -25.70 3.30 37.02
C PRO D 93 -25.63 3.74 38.48
N ASN D 94 -26.21 2.96 39.40
CA ASN D 94 -26.15 3.34 40.80
C ASN D 94 -24.77 3.14 41.40
N MET D 95 -23.98 2.22 40.84
CA MET D 95 -22.62 2.02 41.35
C MET D 95 -21.78 3.27 41.18
N TYR D 96 -21.96 4.01 40.08
CA TYR D 96 -21.26 5.29 39.94
C TYR D 96 -21.65 6.23 41.06
N LYS D 97 -22.91 6.22 41.47
CA LYS D 97 -23.35 7.10 42.54
C LYS D 97 -22.78 6.65 43.89
N ILE D 98 -22.88 5.34 44.17
CA ILE D 98 -22.42 4.84 45.47
C ILE D 98 -20.93 5.04 45.64
N ALA D 99 -20.14 4.80 44.58
CA ALA D 99 -18.72 5.07 44.66
C ALA D 99 -18.43 6.56 44.72
N GLY D 100 -19.16 7.34 43.91
CA GLY D 100 -18.94 8.78 43.89
C GLY D 100 -19.21 9.45 45.22
N GLU D 101 -20.15 8.91 46.00
CA GLU D 101 -20.51 9.47 47.30
C GLU D 101 -19.74 8.84 48.46
N LEU D 102 -18.80 7.94 48.18
CA LEU D 102 -17.92 7.32 49.18
C LEU D 102 -18.74 6.67 50.30
N LEU D 103 -19.60 5.74 49.90
CA LEU D 103 -20.47 5.01 50.83
C LEU D 103 -19.93 3.61 51.05
N PRO D 104 -19.74 3.17 52.29
CA PRO D 104 -19.26 1.80 52.55
C PRO D 104 -20.31 0.79 52.11
N CYS D 105 -19.85 -0.25 51.41
CA CYS D 105 -20.78 -1.20 50.79
C CYS D 105 -19.99 -2.37 50.23
N VAL D 106 -20.63 -3.54 50.19
CA VAL D 106 -20.07 -4.73 49.54
C VAL D 106 -21.14 -5.35 48.66
N PHE D 107 -20.87 -5.43 47.36
CA PHE D 107 -21.64 -6.24 46.43
C PHE D 107 -20.96 -7.60 46.29
N HIS D 108 -21.71 -8.67 46.55
CA HIS D 108 -21.21 -10.04 46.39
C HIS D 108 -21.68 -10.57 45.05
N VAL D 109 -20.72 -10.95 44.20
CA VAL D 109 -21.01 -11.31 42.81
C VAL D 109 -20.52 -12.72 42.54
N ALA D 110 -21.43 -13.59 42.09
CA ALA D 110 -21.08 -14.88 41.51
C ALA D 110 -20.90 -14.65 40.01
N ALA D 111 -19.69 -14.26 39.62
CA ALA D 111 -19.42 -13.75 38.28
C ALA D 111 -19.91 -14.69 37.18
N ARG D 112 -20.67 -14.14 36.25
CA ARG D 112 -21.32 -14.91 35.19
C ARG D 112 -21.18 -14.18 33.86
N ALA D 113 -21.13 -14.95 32.78
CA ALA D 113 -21.06 -14.42 31.43
C ALA D 113 -22.23 -13.50 31.13
N LEU D 114 -22.01 -12.56 30.21
CA LEU D 114 -23.05 -11.66 29.73
C LEU D 114 -23.68 -12.22 28.46
N SER D 115 -24.92 -11.85 28.22
CA SER D 115 -25.66 -12.35 27.07
C SER D 115 -25.20 -11.61 25.82
N THR D 116 -24.59 -12.34 24.89
CA THR D 116 -24.03 -11.73 23.68
C THR D 116 -24.66 -12.38 22.45
N HIS D 117 -23.91 -13.24 21.76
CA HIS D 117 -24.52 -14.06 20.72
C HIS D 117 -25.49 -15.07 21.32
N ALA D 118 -25.43 -15.30 22.62
CA ALA D 118 -26.29 -16.24 23.31
C ALA D 118 -26.26 -15.94 24.81
N LEU D 119 -27.30 -16.40 25.49
CA LEU D 119 -27.35 -16.34 26.94
C LEU D 119 -26.48 -17.44 27.55
N SER D 120 -25.85 -17.14 28.68
CA SER D 120 -25.07 -18.14 29.40
C SER D 120 -25.20 -17.88 30.89
N ILE D 121 -25.69 -18.87 31.63
CA ILE D 121 -25.79 -18.74 33.08
C ILE D 121 -24.47 -19.04 33.78
N PHE D 122 -23.44 -19.41 33.03
CA PHE D 122 -22.23 -19.95 33.61
C PHE D 122 -21.19 -18.86 33.80
N GLY D 123 -20.05 -19.24 34.38
CA GLY D 123 -19.16 -18.28 35.02
C GLY D 123 -18.04 -17.76 34.14
N ASP D 124 -17.88 -16.44 34.15
CA ASP D 124 -16.64 -15.78 33.79
C ASP D 124 -16.72 -14.35 34.31
N HIS D 125 -15.70 -13.55 34.02
CA HIS D 125 -15.60 -12.22 34.61
C HIS D 125 -16.19 -11.13 33.73
N ALA D 126 -16.98 -11.48 32.71
CA ALA D 126 -17.51 -10.46 31.80
C ALA D 126 -18.32 -9.41 32.56
N ASP D 127 -19.13 -9.84 33.53
CA ASP D 127 -19.96 -8.89 34.25
C ASP D 127 -19.12 -7.99 35.15
N VAL D 128 -18.16 -8.56 35.86
CA VAL D 128 -17.34 -7.75 36.76
C VAL D 128 -16.50 -6.77 35.96
N MET D 129 -15.97 -7.21 34.82
CA MET D 129 -15.15 -6.32 34.01
C MET D 129 -15.97 -5.18 33.42
N ALA D 130 -17.27 -5.39 33.22
CA ALA D 130 -18.12 -4.31 32.70
C ALA D 130 -18.35 -3.21 33.71
N ALA D 131 -17.96 -3.40 34.97
CA ALA D 131 -18.16 -2.39 36.01
C ALA D 131 -16.85 -1.85 36.55
N ARG D 132 -15.71 -2.18 35.94
CA ARG D 132 -14.41 -1.83 36.50
C ARG D 132 -14.15 -0.32 36.49
N GLN D 133 -15.00 0.47 35.83
CA GLN D 133 -14.82 1.92 35.79
C GLN D 133 -15.84 2.66 36.65
N THR D 134 -16.62 1.94 37.46
CA THR D 134 -17.61 2.59 38.32
C THR D 134 -17.00 3.26 39.54
N GLY D 135 -15.75 2.94 39.88
CA GLY D 135 -15.13 3.43 41.09
C GLY D 135 -15.25 2.50 42.29
N PHE D 136 -15.89 1.35 42.13
CA PHE D 136 -15.88 0.34 43.18
C PHE D 136 -14.51 -0.31 43.29
N ALA D 137 -14.13 -0.65 44.51
CA ALA D 137 -13.02 -1.58 44.68
C ALA D 137 -13.46 -2.97 44.28
N MET D 138 -12.51 -3.80 43.86
CA MET D 138 -12.81 -5.13 43.34
C MET D 138 -11.86 -6.14 43.94
N LEU D 139 -12.42 -7.11 44.68
CA LEU D 139 -11.66 -8.12 45.40
C LEU D 139 -12.11 -9.50 44.94
N SER D 140 -11.16 -10.32 44.49
CA SER D 140 -11.44 -11.62 43.89
C SER D 140 -10.97 -12.73 44.81
N SER D 141 -11.85 -13.70 45.05
CA SER D 141 -11.55 -14.88 45.85
C SER D 141 -11.51 -16.11 44.94
N ALA D 142 -10.51 -16.97 45.15
CA ALA D 142 -10.24 -18.08 44.24
C ALA D 142 -10.79 -19.42 44.73
N SER D 143 -11.21 -19.51 45.99
CA SER D 143 -11.68 -20.79 46.52
C SER D 143 -12.78 -20.53 47.53
N VAL D 144 -13.45 -21.61 47.93
CA VAL D 144 -14.52 -21.49 48.92
C VAL D 144 -13.97 -20.90 50.21
N GLN D 145 -12.78 -21.36 50.63
CA GLN D 145 -12.16 -20.81 51.82
C GLN D 145 -11.82 -19.34 51.64
N GLU D 146 -11.36 -18.96 50.44
CA GLU D 146 -11.04 -17.56 50.19
C GLU D 146 -12.30 -16.70 50.09
N VAL D 147 -13.42 -17.26 49.61
CA VAL D 147 -14.67 -16.51 49.63
C VAL D 147 -15.03 -16.14 51.06
N MET D 148 -14.88 -17.09 51.99
CA MET D 148 -15.14 -16.82 53.39
C MET D 148 -14.23 -15.71 53.91
N ASP D 149 -12.92 -15.82 53.66
CA ASP D 149 -11.97 -14.89 54.25
C ASP D 149 -12.06 -13.52 53.59
N LEU D 150 -12.08 -13.47 52.26
CA LEU D 150 -12.03 -12.19 51.56
C LEU D 150 -13.34 -11.45 51.61
N ALA D 151 -14.47 -12.15 51.81
CA ALA D 151 -15.71 -11.46 52.10
C ALA D 151 -15.60 -10.64 53.38
N LEU D 152 -14.97 -11.22 54.41
CA LEU D 152 -14.73 -10.46 55.64
C LEU D 152 -13.76 -9.31 55.38
N VAL D 153 -12.74 -9.55 54.56
CA VAL D 153 -11.79 -8.49 54.23
C VAL D 153 -12.51 -7.34 53.56
N ALA D 154 -13.40 -7.64 52.61
CA ALA D 154 -14.13 -6.59 51.90
C ALA D 154 -15.02 -5.79 52.85
N HIS D 155 -15.75 -6.48 53.74
CA HIS D 155 -16.65 -5.78 54.65
C HIS D 155 -15.89 -4.93 55.66
N LEU D 156 -14.74 -5.43 56.15
CA LEU D 156 -13.96 -4.65 57.11
C LEU D 156 -13.25 -3.49 56.42
N ALA D 157 -12.73 -3.71 55.22
CA ALA D 157 -11.97 -2.65 54.54
C ALA D 157 -12.88 -1.54 54.07
N THR D 158 -14.08 -1.88 53.58
CA THR D 158 -14.96 -0.85 53.02
C THR D 158 -15.39 0.16 54.08
N LEU D 159 -15.52 -0.27 55.34
CA LEU D 159 -15.85 0.66 56.40
C LEU D 159 -14.74 1.67 56.61
N LYS D 160 -13.47 1.21 56.56
CA LYS D 160 -12.33 2.08 56.79
C LYS D 160 -12.05 3.00 55.61
N ALA D 161 -12.18 2.49 54.38
CA ALA D 161 -11.78 3.24 53.20
C ALA D 161 -12.89 4.13 52.64
N ARG D 162 -14.15 3.88 53.02
CA ARG D 162 -15.33 4.53 52.46
C ARG D 162 -15.49 4.26 50.97
N VAL D 163 -14.72 3.35 50.41
CA VAL D 163 -14.83 2.96 49.00
C VAL D 163 -15.62 1.67 48.93
N PRO D 164 -16.73 1.62 48.19
CA PRO D 164 -17.52 0.39 48.14
C PRO D 164 -16.80 -0.70 47.37
N PHE D 165 -17.11 -1.94 47.72
CA PHE D 165 -16.39 -3.11 47.21
C PHE D 165 -17.31 -4.02 46.40
N VAL D 166 -16.76 -4.58 45.33
CA VAL D 166 -17.31 -5.75 44.67
C VAL D 166 -16.44 -6.93 45.06
N HIS D 167 -17.02 -7.88 45.80
CA HIS D 167 -16.36 -9.13 46.12
C HIS D 167 -16.93 -10.18 45.18
N PHE D 168 -16.11 -10.67 44.27
CA PHE D 168 -16.61 -11.60 43.26
C PHE D 168 -15.82 -12.91 43.28
N PHE D 169 -16.52 -13.97 42.92
CA PHE D 169 -15.97 -15.31 42.82
C PHE D 169 -16.62 -15.99 41.62
N ASP D 170 -15.91 -16.95 41.04
CA ASP D 170 -16.32 -17.54 39.77
C ASP D 170 -17.66 -18.24 39.92
N GLY D 171 -18.61 -17.88 39.05
CA GLY D 171 -19.91 -18.50 39.09
C GLY D 171 -19.84 -19.99 38.79
N PHE D 172 -20.57 -20.77 39.59
CA PHE D 172 -20.60 -22.23 39.52
C PHE D 172 -19.26 -22.86 39.89
N ARG D 173 -18.19 -22.50 39.16
CA ARG D 173 -16.89 -23.12 39.40
C ARG D 173 -16.44 -22.94 40.85
N THR D 174 -16.83 -21.83 41.48
CA THR D 174 -16.56 -21.61 42.89
C THR D 174 -17.83 -21.41 43.71
N SER D 175 -18.85 -20.76 43.12
CA SER D 175 -20.08 -20.48 43.87
C SER D 175 -20.83 -21.76 44.25
N HIS D 176 -20.78 -22.78 43.39
CA HIS D 176 -21.48 -24.04 43.64
C HIS D 176 -20.53 -25.18 43.95
N GLU D 177 -19.24 -24.89 44.10
CA GLU D 177 -18.27 -25.89 44.53
C GLU D 177 -18.37 -26.04 46.04
N VAL D 178 -18.62 -27.26 46.51
CA VAL D 178 -18.71 -27.55 47.93
C VAL D 178 -17.33 -27.96 48.44
N GLN D 179 -16.91 -27.34 49.54
CA GLN D 179 -15.60 -27.62 50.13
C GLN D 179 -15.71 -27.54 51.64
N LYS D 180 -14.91 -28.37 52.32
CA LYS D 180 -14.79 -28.27 53.77
C LYS D 180 -13.82 -27.14 54.11
N ILE D 181 -14.32 -26.10 54.77
CA ILE D 181 -13.54 -24.89 55.04
C ILE D 181 -13.69 -24.51 56.50
N ASP D 182 -12.80 -23.62 56.94
CA ASP D 182 -12.91 -22.99 58.25
C ASP D 182 -13.91 -21.85 58.17
N VAL D 183 -14.97 -21.94 58.97
CA VAL D 183 -16.02 -20.92 58.99
C VAL D 183 -15.72 -19.98 60.15
N ILE D 184 -15.75 -18.68 59.87
CA ILE D 184 -15.38 -17.66 60.85
C ILE D 184 -16.60 -17.30 61.69
N GLU D 185 -16.41 -17.30 63.01
CA GLU D 185 -17.49 -16.96 63.93
C GLU D 185 -17.86 -15.48 63.83
N TYR D 186 -19.17 -15.20 63.93
CA TYR D 186 -19.63 -13.81 63.93
C TYR D 186 -18.99 -13.01 65.06
N GLU D 187 -18.81 -13.65 66.22
CA GLU D 187 -18.21 -12.97 67.37
C GLU D 187 -16.77 -12.54 67.10
N ASP D 188 -16.02 -13.31 66.31
CA ASP D 188 -14.66 -12.92 65.98
C ASP D 188 -14.64 -11.78 64.97
N MET D 189 -15.61 -11.74 64.05
CA MET D 189 -15.72 -10.64 63.12
C MET D 189 -15.93 -9.32 63.85
N ALA D 190 -16.83 -9.31 64.84
CA ALA D 190 -17.14 -8.09 65.57
C ALA D 190 -15.92 -7.54 66.29
N LYS D 191 -14.96 -8.41 66.65
CA LYS D 191 -13.74 -7.95 67.30
C LYS D 191 -12.79 -7.25 66.34
N LEU D 192 -13.02 -7.37 65.02
CA LEU D 192 -12.19 -6.72 64.03
C LEU D 192 -12.85 -5.50 63.42
N VAL D 193 -14.15 -5.31 63.64
CA VAL D 193 -14.87 -4.21 63.00
C VAL D 193 -14.38 -2.88 63.57
N ASP D 194 -14.23 -1.90 62.69
CA ASP D 194 -13.93 -0.53 63.10
C ASP D 194 -15.26 0.12 63.49
N TRP D 195 -15.57 0.04 64.78
CA TRP D 195 -16.84 0.60 65.26
C TRP D 195 -16.84 2.13 65.19
N ASP D 196 -15.66 2.75 65.34
CA ASP D 196 -15.56 4.19 65.12
C ASP D 196 -15.96 4.54 63.70
N ALA D 197 -15.54 3.73 62.73
CA ALA D 197 -15.91 3.98 61.33
C ALA D 197 -17.42 3.82 61.12
N ILE D 198 -18.05 2.90 61.85
CA ILE D 198 -19.49 2.73 61.73
C ILE D 198 -20.22 3.96 62.26
N ARG D 199 -19.80 4.47 63.43
CA ARG D 199 -20.45 5.63 64.01
C ARG D 199 -20.29 6.86 63.14
N ALA D 200 -19.11 7.03 62.52
CA ALA D 200 -18.92 8.13 61.59
C ALA D 200 -19.82 8.00 60.38
N PHE D 201 -20.07 6.76 59.93
CA PHE D 201 -21.02 6.54 58.84
C PHE D 201 -22.43 6.95 59.22
N ARG D 202 -22.80 6.75 60.48
CA ARG D 202 -24.13 7.15 60.93
C ARG D 202 -24.29 8.67 60.92
N GLN D 203 -23.21 9.39 61.25
CA GLN D 203 -23.31 10.85 61.33
C GLN D 203 -23.51 11.48 59.95
N ARG D 204 -23.03 10.83 58.89
CA ARG D 204 -23.20 11.34 57.54
C ARG D 204 -24.58 11.03 56.96
N ALA D 205 -25.43 10.34 57.71
CA ALA D 205 -26.72 9.90 57.17
C ALA D 205 -27.66 11.08 56.98
N LEU D 206 -28.57 10.93 56.02
CA LEU D 206 -29.65 11.89 55.85
C LEU D 206 -30.50 11.93 57.11
N ASN D 207 -30.61 13.11 57.70
CA ASN D 207 -31.39 13.25 58.91
C ASN D 207 -31.87 14.70 58.98
N PRO D 208 -33.17 14.92 59.21
CA PRO D 208 -33.67 16.30 59.25
C PRO D 208 -33.14 17.11 60.42
N GLU D 209 -32.59 16.48 61.45
CA GLU D 209 -32.05 17.22 62.60
C GLU D 209 -30.59 17.63 62.41
N HIS D 210 -29.92 17.11 61.38
CA HIS D 210 -28.63 17.66 60.92
C HIS D 210 -28.56 17.49 59.42
N PRO D 211 -29.32 18.29 58.68
CA PRO D 211 -29.54 18.01 57.25
C PRO D 211 -28.36 18.41 56.39
N HIS D 212 -28.37 17.85 55.18
CA HIS D 212 -27.39 18.18 54.16
C HIS D 212 -28.02 17.90 52.80
N GLN D 213 -27.34 18.31 51.75
CA GLN D 213 -27.77 18.07 50.38
C GLN D 213 -26.70 17.25 49.67
N ARG D 214 -27.13 16.22 48.95
CA ARG D 214 -26.24 15.37 48.18
C ARG D 214 -26.89 15.08 46.83
N GLY D 215 -26.06 14.75 45.85
CA GLY D 215 -26.56 14.47 44.51
C GLY D 215 -26.93 15.70 43.72
N THR D 216 -26.15 16.77 43.86
CA THR D 216 -26.44 18.01 43.17
C THR D 216 -26.11 17.88 41.68
N ALA D 217 -26.51 18.89 40.92
CA ALA D 217 -26.11 19.04 39.54
C ALA D 217 -25.05 20.14 39.47
N GLN D 218 -23.96 19.88 38.74
CA GLN D 218 -22.80 20.77 38.78
C GLN D 218 -22.42 21.23 37.39
N ASN D 219 -22.00 22.50 37.29
CA ASN D 219 -21.57 23.12 36.05
C ASN D 219 -20.12 22.78 35.77
N PRO D 220 -19.62 23.13 34.57
CA PRO D 220 -18.22 22.81 34.24
C PRO D 220 -17.19 23.46 35.16
N ASP D 221 -17.57 24.44 35.97
CA ASP D 221 -16.57 25.17 36.74
C ASP D 221 -16.03 24.35 37.90
N ILE D 222 -16.80 23.41 38.45
CA ILE D 222 -16.37 22.74 39.68
C ILE D 222 -16.46 21.21 39.57
N TYR D 223 -17.02 20.71 38.48
CA TYR D 223 -17.25 19.26 38.40
C TYR D 223 -15.94 18.50 38.36
N PHE D 224 -14.99 18.94 37.53
CA PHE D 224 -13.72 18.23 37.40
C PHE D 224 -12.98 18.19 38.74
N GLN D 225 -12.83 19.35 39.39
CA GLN D 225 -12.17 19.38 40.70
C GLN D 225 -12.90 18.49 41.70
N SER D 226 -14.23 18.57 41.74
CA SER D 226 -14.98 17.78 42.71
C SER D 226 -14.81 16.29 42.47
N ARG D 227 -14.65 15.88 41.22
CA ARG D 227 -14.45 14.48 40.89
C ARG D 227 -13.08 13.99 41.34
N GLU D 228 -12.07 14.85 41.26
CA GLU D 228 -10.72 14.48 41.70
C GLU D 228 -10.53 14.59 43.21
N ALA D 229 -11.49 15.18 43.93
CA ALA D 229 -11.35 15.33 45.37
C ALA D 229 -11.39 14.01 46.12
N ALA D 230 -11.84 12.93 45.47
CA ALA D 230 -11.89 11.62 46.09
C ALA D 230 -10.59 10.84 45.90
N ASN D 231 -9.59 11.42 45.22
CA ASN D 231 -8.33 10.75 44.99
C ASN D 231 -7.66 10.20 46.26
N PRO D 232 -7.60 10.93 47.38
CA PRO D 232 -6.94 10.36 48.57
C PRO D 232 -7.55 9.06 49.04
N TYR D 233 -8.87 8.93 48.96
CA TYR D 233 -9.52 7.72 49.44
C TYR D 233 -9.12 6.50 48.61
N TYR D 234 -8.95 6.69 47.30
CA TYR D 234 -8.52 5.59 46.45
C TYR D 234 -7.03 5.29 46.59
N LEU D 235 -6.21 6.31 46.83
CA LEU D 235 -4.78 6.06 47.08
C LEU D 235 -4.58 5.32 48.39
N ALA D 236 -5.44 5.53 49.37
CA ALA D 236 -5.27 4.89 50.68
C ALA D 236 -5.87 3.50 50.74
N THR D 237 -6.76 3.17 49.80
CA THR D 237 -7.45 1.88 49.86
C THR D 237 -6.51 0.67 49.77
N PRO D 238 -5.51 0.63 48.89
CA PRO D 238 -4.60 -0.54 48.89
C PRO D 238 -3.96 -0.81 50.24
N GLY D 239 -3.44 0.21 50.91
CA GLY D 239 -2.85 0.00 52.23
C GLY D 239 -3.88 -0.43 53.26
N ILE D 240 -5.10 0.09 53.16
CA ILE D 240 -6.16 -0.29 54.10
C ILE D 240 -6.49 -1.78 53.97
N VAL D 241 -6.61 -2.25 52.73
CA VAL D 241 -6.89 -3.66 52.48
C VAL D 241 -5.76 -4.53 53.04
N ALA D 242 -4.51 -4.07 52.89
CA ALA D 242 -3.37 -4.83 53.40
C ALA D 242 -3.45 -5.02 54.91
N GLN D 243 -3.78 -3.95 55.65
CA GLN D 243 -3.91 -4.05 57.11
C GLN D 243 -5.12 -4.89 57.49
N VAL D 244 -6.22 -4.74 56.76
CA VAL D 244 -7.38 -5.58 57.02
C VAL D 244 -7.04 -7.05 56.79
N MET D 245 -6.29 -7.33 55.72
CA MET D 245 -5.81 -8.69 55.48
C MET D 245 -4.95 -9.17 56.63
N GLU D 246 -4.24 -8.24 57.29
CA GLU D 246 -3.45 -8.60 58.47
C GLU D 246 -4.33 -8.90 59.67
N GLN D 247 -5.49 -8.22 59.78
CA GLN D 247 -6.44 -8.58 60.84
C GLN D 247 -6.94 -10.01 60.69
N VAL D 248 -7.36 -10.38 59.47
CA VAL D 248 -7.85 -11.73 59.24
C VAL D 248 -6.72 -12.74 59.42
N ALA D 249 -5.51 -12.37 59.01
CA ALA D 249 -4.35 -13.25 59.21
C ALA D 249 -4.12 -13.53 60.68
N GLY D 250 -4.16 -12.48 61.51
CA GLY D 250 -4.00 -12.68 62.94
C GLY D 250 -5.15 -13.45 63.56
N LEU D 251 -6.35 -13.32 62.99
CA LEU D 251 -7.51 -14.04 63.50
C LEU D 251 -7.55 -15.49 62.98
N THR D 252 -7.31 -15.68 61.69
CA THR D 252 -7.50 -16.97 61.05
C THR D 252 -6.22 -17.74 60.80
N GLY D 253 -5.07 -17.06 60.74
CA GLY D 253 -3.82 -17.69 60.39
C GLY D 253 -3.52 -17.77 58.91
N ARG D 254 -4.46 -17.39 58.05
CA ARG D 254 -4.29 -17.44 56.61
C ARG D 254 -3.93 -16.05 56.09
N HIS D 255 -2.78 -15.94 55.43
CA HIS D 255 -2.18 -14.65 55.07
C HIS D 255 -2.46 -14.34 53.61
N TYR D 256 -3.25 -13.30 53.36
CA TYR D 256 -3.52 -12.83 52.02
C TYR D 256 -2.83 -11.49 51.77
N HIS D 257 -2.52 -11.22 50.51
CA HIS D 257 -1.97 -9.94 50.09
C HIS D 257 -2.74 -9.50 48.86
N LEU D 258 -2.60 -8.21 48.52
CA LEU D 258 -3.27 -7.69 47.33
C LEU D 258 -2.87 -8.50 46.10
N PHE D 259 -1.61 -8.91 46.03
CA PHE D 259 -1.12 -9.86 45.04
C PHE D 259 -0.32 -10.91 45.78
N ASP D 260 -0.63 -12.17 45.54
CA ASP D 260 0.07 -13.28 46.16
C ASP D 260 0.86 -14.03 45.10
N TYR D 261 2.03 -14.54 45.50
CA TYR D 261 2.92 -15.26 44.60
C TYR D 261 3.08 -16.69 45.08
N ALA D 262 3.18 -17.61 44.12
CA ALA D 262 3.47 -19.01 44.41
C ALA D 262 4.37 -19.56 43.32
N GLY D 263 5.39 -20.31 43.73
CA GLY D 263 6.27 -20.93 42.75
C GLY D 263 7.72 -20.67 43.08
N ALA D 264 8.57 -20.90 42.08
CA ALA D 264 10.00 -20.80 42.27
C ALA D 264 10.40 -19.35 42.56
N PRO D 265 11.28 -19.13 43.54
CA PRO D 265 11.77 -17.77 43.77
C PRO D 265 12.59 -17.22 42.62
N ASP D 266 13.19 -18.10 41.81
CA ASP D 266 13.97 -17.70 40.65
C ASP D 266 13.25 -18.05 39.35
N ALA D 267 11.92 -17.99 39.36
CA ALA D 267 11.14 -18.33 38.18
C ALA D 267 11.38 -17.31 37.08
N GLU D 268 11.36 -17.80 35.84
CA GLU D 268 11.48 -16.94 34.66
C GLU D 268 10.19 -16.81 33.88
N ARG D 269 9.26 -17.75 34.04
CA ARG D 269 7.95 -17.69 33.41
C ARG D 269 6.90 -17.66 34.51
N VAL D 270 6.04 -16.64 34.49
CA VAL D 270 5.04 -16.42 35.52
C VAL D 270 3.70 -16.15 34.87
N ILE D 271 2.64 -16.75 35.42
CA ILE D 271 1.27 -16.48 35.00
C ILE D 271 0.63 -15.50 35.99
N VAL D 272 -0.01 -14.47 35.45
CA VAL D 272 -0.83 -13.55 36.23
C VAL D 272 -2.28 -13.86 35.90
N SER D 273 -3.07 -14.16 36.93
CA SER D 273 -4.44 -14.58 36.71
C SER D 273 -5.28 -14.20 37.93
N MET D 274 -6.56 -14.55 37.87
CA MET D 274 -7.54 -14.04 38.82
C MET D 274 -8.65 -15.06 38.95
N GLY D 275 -9.21 -15.18 40.15
CA GLY D 275 -10.29 -16.11 40.37
C GLY D 275 -9.82 -17.54 40.55
N SER D 276 -10.75 -18.47 40.34
CA SER D 276 -10.48 -19.88 40.61
C SER D 276 -9.36 -20.44 39.75
N SER D 277 -9.02 -19.77 38.65
CA SER D 277 -7.88 -20.20 37.86
C SER D 277 -6.60 -20.22 38.69
N CYS D 278 -6.51 -19.35 39.69
CA CYS D 278 -5.32 -19.33 40.54
C CYS D 278 -5.13 -20.64 41.29
N GLU D 279 -6.22 -21.28 41.69
CA GLU D 279 -6.10 -22.59 42.35
C GLU D 279 -5.53 -23.62 41.39
N VAL D 280 -6.10 -23.71 40.18
CA VAL D 280 -5.64 -24.69 39.20
C VAL D 280 -4.19 -24.43 38.83
N ILE D 281 -3.81 -23.16 38.72
CA ILE D 281 -2.45 -22.83 38.29
C ILE D 281 -1.44 -23.16 39.39
N GLU D 282 -1.76 -22.85 40.65
CA GLU D 282 -0.82 -23.13 41.73
C GLU D 282 -0.58 -24.62 41.89
N GLU D 283 -1.64 -25.42 41.78
CA GLU D 283 -1.45 -26.87 41.80
C GLU D 283 -0.51 -27.30 40.68
N THR D 284 -0.68 -26.73 39.48
CA THR D 284 0.24 -27.05 38.38
C THR D 284 1.64 -26.53 38.68
N VAL D 285 1.74 -25.35 39.27
CA VAL D 285 3.06 -24.79 39.59
C VAL D 285 3.80 -25.67 40.58
N ASN D 286 3.10 -26.12 41.64
CA ASN D 286 3.72 -27.07 42.57
C ASN D 286 4.22 -28.30 41.83
N TYR D 287 3.44 -28.81 40.88
CA TYR D 287 3.86 -29.97 40.11
C TYR D 287 5.09 -29.66 39.27
N LEU D 288 5.13 -28.48 38.64
CA LEU D 288 6.26 -28.13 37.79
C LEU D 288 7.49 -27.74 38.59
N VAL D 289 7.31 -26.97 39.67
CA VAL D 289 8.45 -26.55 40.49
C VAL D 289 9.15 -27.76 41.10
N GLU D 290 8.38 -28.75 41.55
CA GLU D 290 8.99 -29.96 42.08
C GLU D 290 9.77 -30.71 41.01
N LYS D 291 9.32 -30.65 39.75
CA LYS D 291 10.05 -31.27 38.66
C LYS D 291 11.17 -30.39 38.12
N GLY D 292 11.40 -29.22 38.70
CA GLY D 292 12.54 -28.40 38.37
C GLY D 292 12.29 -27.23 37.44
N GLU D 293 11.08 -27.08 36.90
CA GLU D 293 10.82 -25.95 36.01
C GLU D 293 10.73 -24.67 36.83
N LYS D 294 11.30 -23.59 36.30
CA LYS D 294 11.32 -22.31 37.00
C LYS D 294 10.11 -21.50 36.58
N VAL D 295 8.97 -21.84 37.17
CA VAL D 295 7.69 -21.20 36.85
C VAL D 295 7.06 -20.70 38.14
N GLY D 296 6.15 -19.75 37.98
CA GLY D 296 5.48 -19.15 39.12
C GLY D 296 4.14 -18.56 38.72
N LEU D 297 3.44 -18.03 39.72
CA LEU D 297 2.10 -17.49 39.52
C LEU D 297 1.91 -16.31 40.46
N ILE D 298 1.33 -15.24 39.94
CA ILE D 298 0.91 -14.09 40.73
C ILE D 298 -0.62 -14.07 40.72
N LYS D 299 -1.22 -14.25 41.90
CA LYS D 299 -2.66 -14.22 42.05
C LYS D 299 -3.12 -12.80 42.31
N VAL D 300 -4.03 -12.30 41.47
CA VAL D 300 -4.60 -10.97 41.63
C VAL D 300 -5.80 -11.09 42.56
N ARG D 301 -5.69 -10.52 43.77
CA ARG D 301 -6.79 -10.46 44.71
C ARG D 301 -7.53 -9.13 44.61
N LEU D 302 -6.83 -8.02 44.84
CA LEU D 302 -7.41 -6.69 44.73
C LEU D 302 -7.20 -6.21 43.30
N PHE D 303 -8.22 -6.35 42.47
CA PHE D 303 -8.12 -5.91 41.08
C PHE D 303 -8.26 -4.41 40.96
N ARG D 304 -9.11 -3.80 41.79
CA ARG D 304 -9.33 -2.36 41.82
C ARG D 304 -9.43 -1.92 43.28
N PRO D 305 -8.73 -0.85 43.69
CA PRO D 305 -7.74 -0.09 42.93
C PRO D 305 -6.46 -0.89 42.70
N PHE D 306 -5.88 -0.76 41.51
CA PHE D 306 -4.68 -1.52 41.14
C PHE D 306 -3.46 -0.83 41.73
N SER D 307 -2.82 -1.48 42.70
CA SER D 307 -1.65 -0.94 43.40
C SER D 307 -0.39 -1.51 42.75
N ALA D 308 0.33 -0.65 42.03
CA ALA D 308 1.57 -1.09 41.38
C ALA D 308 2.61 -1.53 42.41
N GLU D 309 2.70 -0.83 43.53
CA GLU D 309 3.68 -1.18 44.56
C GLU D 309 3.46 -2.61 45.07
N HIS D 310 2.20 -2.98 45.33
CA HIS D 310 1.93 -4.30 45.86
C HIS D 310 2.08 -5.38 44.80
N PHE D 311 1.97 -5.02 43.52
CA PHE D 311 2.19 -6.00 42.45
C PHE D 311 3.68 -6.27 42.26
N LEU D 312 4.49 -5.21 42.17
CA LEU D 312 5.91 -5.40 41.92
C LEU D 312 6.66 -5.99 43.10
N LYS D 313 6.17 -5.79 44.34
CA LYS D 313 6.90 -6.32 45.49
C LYS D 313 6.94 -7.84 45.48
N VAL D 314 5.96 -8.48 44.87
CA VAL D 314 5.89 -9.93 44.81
C VAL D 314 6.31 -10.46 43.44
N LEU D 315 6.85 -9.60 42.57
CA LEU D 315 7.33 -10.03 41.26
C LEU D 315 8.81 -10.36 41.38
N PRO D 316 9.21 -11.63 41.23
CA PRO D 316 10.63 -11.96 41.38
C PRO D 316 11.48 -11.25 40.34
N ALA D 317 12.69 -10.86 40.75
CA ALA D 317 13.57 -10.11 39.86
C ALA D 317 14.01 -10.93 38.67
N SER D 318 13.86 -12.25 38.73
CA SER D 318 14.28 -13.15 37.66
C SER D 318 13.23 -13.34 36.58
N VAL D 319 12.04 -12.73 36.72
CA VAL D 319 10.98 -12.95 35.76
C VAL D 319 11.35 -12.32 34.43
N LYS D 320 11.31 -13.12 33.36
CA LYS D 320 11.58 -12.65 32.01
C LYS D 320 10.35 -12.66 31.11
N ARG D 321 9.38 -13.53 31.38
CA ARG D 321 8.19 -13.67 30.55
C ARG D 321 6.98 -13.90 31.42
N ILE D 322 5.89 -13.21 31.08
CA ILE D 322 4.64 -13.28 31.83
C ILE D 322 3.50 -13.56 30.86
N ALA D 323 2.61 -14.48 31.23
CA ALA D 323 1.36 -14.70 30.52
C ALA D 323 0.20 -14.29 31.44
N VAL D 324 -0.62 -13.35 30.98
CA VAL D 324 -1.77 -12.87 31.74
C VAL D 324 -3.03 -13.54 31.20
N LEU D 325 -3.86 -14.04 32.10
CA LEU D 325 -5.08 -14.75 31.77
C LEU D 325 -6.29 -13.91 32.18
N ASP D 326 -7.18 -13.65 31.22
CA ASP D 326 -8.42 -12.92 31.46
C ASP D 326 -9.59 -13.85 31.21
N ARG D 327 -10.52 -13.89 32.16
CA ARG D 327 -11.73 -14.70 32.01
C ARG D 327 -12.87 -13.88 31.40
N THR D 328 -12.57 -13.21 30.28
CA THR D 328 -13.54 -12.40 29.59
C THR D 328 -13.07 -12.21 28.16
N LYS D 329 -13.94 -11.61 27.34
CA LYS D 329 -13.62 -11.24 25.98
C LYS D 329 -14.23 -9.89 25.70
N GLU D 330 -13.40 -8.96 25.23
CA GLU D 330 -13.86 -7.63 24.83
C GLU D 330 -13.57 -7.50 23.34
N PRO D 331 -14.54 -7.82 22.48
CA PRO D 331 -14.26 -7.89 21.05
C PRO D 331 -13.76 -6.56 20.49
N GLY D 332 -12.75 -6.64 19.64
CA GLY D 332 -12.16 -5.46 19.05
C GLY D 332 -11.14 -4.76 19.92
N SER D 333 -11.09 -5.08 21.21
CA SER D 333 -10.10 -4.46 22.07
C SER D 333 -8.70 -4.94 21.71
N LEU D 334 -7.71 -4.10 21.99
CA LEU D 334 -6.32 -4.51 21.81
C LEU D 334 -5.98 -5.65 22.74
N GLY D 335 -6.52 -5.64 23.95
CA GLY D 335 -6.35 -6.72 24.90
C GLY D 335 -7.42 -6.65 25.97
N GLU D 336 -7.49 -7.70 26.76
CA GLU D 336 -8.46 -7.79 27.84
C GLU D 336 -7.97 -7.02 29.06
N PRO D 337 -8.86 -6.73 30.03
CA PRO D 337 -8.50 -5.76 31.09
C PRO D 337 -7.24 -6.10 31.87
N LEU D 338 -7.14 -7.32 32.41
CA LEU D 338 -6.00 -7.64 33.26
C LEU D 338 -4.69 -7.63 32.45
N TYR D 339 -4.75 -8.10 31.19
CA TYR D 339 -3.56 -8.08 30.35
C TYR D 339 -3.05 -6.66 30.14
N GLU D 340 -3.96 -5.71 29.90
CA GLU D 340 -3.54 -4.34 29.68
C GLU D 340 -3.02 -3.69 30.96
N ASP D 341 -3.56 -4.07 32.12
CA ASP D 341 -3.03 -3.55 33.37
C ASP D 341 -1.60 -4.02 33.60
N VAL D 342 -1.34 -5.32 33.45
CA VAL D 342 0.01 -5.84 33.65
C VAL D 342 0.97 -5.22 32.64
N GLN D 343 0.54 -5.12 31.38
CA GLN D 343 1.38 -4.49 30.37
C GLN D 343 1.64 -3.03 30.73
N THR D 344 0.65 -2.34 31.29
CA THR D 344 0.82 -0.93 31.64
C THR D 344 1.77 -0.76 32.82
N VAL D 345 1.56 -1.52 33.90
CA VAL D 345 2.35 -1.31 35.10
C VAL D 345 3.83 -1.60 34.85
N LEU D 346 4.12 -2.63 34.06
CA LEU D 346 5.52 -2.95 33.77
C LEU D 346 6.17 -1.88 32.90
N ALA D 347 5.39 -1.24 32.03
CA ALA D 347 5.95 -0.15 31.24
C ALA D 347 6.25 1.05 32.12
N GLU D 348 5.37 1.36 33.08
CA GLU D 348 5.58 2.51 33.96
C GLU D 348 6.82 2.37 34.81
N HIS D 349 7.32 1.15 35.02
CA HIS D 349 8.50 0.93 35.85
C HIS D 349 9.67 0.36 35.07
N GLY D 350 9.61 0.44 33.74
CA GLY D 350 10.73 0.07 32.90
C GLY D 350 11.16 -1.37 33.00
N LYS D 351 10.26 -2.27 33.41
CA LYS D 351 10.60 -3.68 33.48
C LYS D 351 10.66 -4.27 32.07
N ASN D 352 11.78 -4.92 31.75
CA ASN D 352 11.97 -5.56 30.45
C ASN D 352 11.48 -7.00 30.54
N ILE D 353 10.16 -7.16 30.52
CA ILE D 353 9.52 -8.46 30.64
C ILE D 353 8.58 -8.63 29.46
N LEU D 354 8.73 -9.73 28.73
CA LEU D 354 7.81 -10.06 27.65
C LEU D 354 6.47 -10.47 28.23
N VAL D 355 5.42 -9.73 27.89
CA VAL D 355 4.07 -9.97 28.41
C VAL D 355 3.19 -10.41 27.26
N VAL D 356 2.36 -11.42 27.52
CA VAL D 356 1.47 -11.98 26.51
C VAL D 356 0.14 -12.26 27.21
N GLY D 357 -0.96 -12.01 26.51
CA GLY D 357 -2.29 -12.13 27.08
C GLY D 357 -3.14 -13.18 26.36
N GLY D 358 -3.99 -13.84 27.14
CA GLY D 358 -4.88 -14.86 26.60
C GLY D 358 -6.22 -14.86 27.31
N ARG D 359 -7.14 -15.64 26.75
CA ARG D 359 -8.49 -15.77 27.28
C ARG D 359 -8.76 -17.23 27.64
N TYR D 360 -9.57 -17.43 28.67
CA TYR D 360 -9.85 -18.76 29.16
C TYR D 360 -11.21 -18.79 29.85
N GLY D 361 -11.77 -19.99 29.95
CA GLY D 361 -12.87 -20.28 30.86
C GLY D 361 -14.13 -19.48 30.64
N LEU D 362 -14.39 -19.03 29.42
CA LEU D 362 -15.61 -18.30 29.12
C LEU D 362 -16.82 -19.23 29.25
N GLY D 363 -17.85 -18.77 29.96
CA GLY D 363 -19.02 -19.59 30.19
C GLY D 363 -18.73 -20.88 30.93
N SER D 364 -17.87 -20.82 31.95
CA SER D 364 -17.49 -21.99 32.75
C SER D 364 -16.78 -23.06 31.90
N LYS D 365 -16.07 -22.64 30.85
CA LYS D 365 -15.25 -23.57 30.10
C LYS D 365 -14.20 -24.19 31.02
N GLU D 366 -13.99 -25.50 30.87
CA GLU D 366 -13.03 -26.19 31.72
C GLU D 366 -11.65 -25.57 31.60
N PHE D 367 -10.96 -25.45 32.72
CA PHE D 367 -9.61 -24.91 32.78
C PHE D 367 -8.84 -25.79 33.76
N ASN D 368 -8.11 -26.76 33.22
CA ASN D 368 -7.45 -27.82 33.97
C ASN D 368 -5.93 -27.67 33.91
N PRO D 369 -5.18 -28.46 34.70
CA PRO D 369 -3.71 -28.29 34.71
C PRO D 369 -3.06 -28.49 33.35
N SER D 370 -3.60 -29.37 32.51
CA SER D 370 -3.03 -29.56 31.18
C SER D 370 -3.08 -28.26 30.38
N MET D 371 -4.13 -27.47 30.57
CA MET D 371 -4.22 -26.17 29.91
C MET D 371 -3.24 -25.17 30.52
N VAL D 372 -3.05 -25.22 31.85
CA VAL D 372 -2.10 -24.33 32.48
C VAL D 372 -0.69 -24.58 31.93
N LYS D 373 -0.34 -25.85 31.74
CA LYS D 373 0.97 -26.18 31.19
C LYS D 373 1.11 -25.65 29.77
N ALA D 374 0.04 -25.71 28.97
CA ALA D 374 0.09 -25.15 27.63
C ALA D 374 0.39 -23.65 27.66
N VAL D 375 -0.15 -22.94 28.66
CA VAL D 375 0.16 -21.53 28.83
C VAL D 375 1.62 -21.34 29.18
N PHE D 376 2.14 -22.17 30.09
CA PHE D 376 3.56 -22.09 30.42
C PHE D 376 4.43 -22.52 29.25
N ASP D 377 3.98 -23.53 28.49
CA ASP D 377 4.73 -23.96 27.33
C ASP D 377 4.81 -22.87 26.27
N ASN D 378 3.72 -22.08 26.13
CA ASN D 378 3.75 -20.98 25.18
C ASN D 378 4.75 -19.90 25.60
N LEU D 379 4.92 -19.69 26.91
CA LEU D 379 5.95 -18.76 27.37
C LEU D 379 7.36 -19.26 27.09
N ALA D 380 7.54 -20.58 26.98
CA ALA D 380 8.84 -21.15 26.71
C ALA D 380 9.17 -21.24 25.23
N ALA D 381 8.22 -20.93 24.35
CA ALA D 381 8.47 -20.99 22.93
C ALA D 381 9.43 -19.88 22.50
N THR D 382 10.02 -20.06 21.32
CA THR D 382 10.91 -19.04 20.78
C THR D 382 10.17 -17.73 20.56
N THR D 383 8.99 -17.79 19.94
CA THR D 383 8.11 -16.64 19.77
C THR D 383 6.75 -16.96 20.37
N PRO D 384 6.49 -16.56 21.62
CA PRO D 384 5.18 -16.85 22.21
C PRO D 384 4.05 -16.22 21.43
N LYS D 385 3.00 -17.01 21.21
CA LYS D 385 1.79 -16.49 20.59
C LYS D 385 1.06 -15.57 21.55
N ASN D 386 0.69 -14.38 21.07
CA ASN D 386 -0.03 -13.41 21.88
C ASN D 386 -1.50 -13.38 21.47
N LYS D 387 -2.32 -12.81 22.37
CA LYS D 387 -3.76 -12.71 22.14
C LYS D 387 -4.36 -14.09 21.88
N PHE D 388 -4.03 -15.04 22.75
CA PHE D 388 -4.37 -16.43 22.55
C PHE D 388 -5.63 -16.82 23.33
N THR D 389 -6.08 -18.06 23.12
CA THR D 389 -7.17 -18.64 23.88
C THR D 389 -6.75 -20.03 24.34
N VAL D 390 -7.35 -20.47 25.45
CA VAL D 390 -7.03 -21.76 26.04
C VAL D 390 -8.33 -22.49 26.32
N GLY D 391 -8.41 -23.75 25.93
CA GLY D 391 -9.58 -24.56 26.17
C GLY D 391 -10.47 -24.79 24.96
N ILE D 392 -10.15 -24.19 23.81
CA ILE D 392 -10.92 -24.38 22.59
C ILE D 392 -9.95 -24.68 21.47
N THR D 393 -10.50 -25.08 20.32
CA THR D 393 -9.72 -25.28 19.10
C THR D 393 -10.20 -24.23 18.09
N ASP D 394 -9.41 -23.17 17.94
CA ASP D 394 -9.77 -22.06 17.06
C ASP D 394 -9.13 -22.31 15.70
N ASP D 395 -9.86 -23.00 14.82
CA ASP D 395 -9.38 -23.27 13.48
C ASP D 395 -9.78 -22.18 12.48
N VAL D 396 -10.31 -21.05 12.96
CA VAL D 396 -10.69 -19.95 12.08
C VAL D 396 -9.64 -18.84 12.17
N THR D 397 -9.39 -18.35 13.38
CA THR D 397 -8.39 -17.32 13.58
C THR D 397 -7.13 -17.82 14.28
N HIS D 398 -7.07 -19.11 14.61
CA HIS D 398 -5.84 -19.76 15.08
C HIS D 398 -5.26 -19.05 16.31
N THR D 399 -6.13 -18.74 17.26
CA THR D 399 -5.67 -18.12 18.50
C THR D 399 -5.44 -19.13 19.61
N SER D 400 -5.94 -20.36 19.45
CA SER D 400 -5.92 -21.31 20.54
C SER D 400 -4.56 -21.95 20.71
N LEU D 401 -4.19 -22.21 21.96
CA LEU D 401 -2.95 -22.92 22.24
C LEU D 401 -3.15 -24.41 22.04
N GLU D 402 -2.09 -25.06 21.56
CA GLU D 402 -2.12 -26.50 21.37
C GLU D 402 -1.93 -27.19 22.71
N ILE D 403 -2.86 -28.07 23.06
CA ILE D 403 -2.72 -28.88 24.27
C ILE D 403 -1.82 -30.06 23.89
N LYS D 404 -0.52 -29.94 24.19
CA LYS D 404 0.44 -30.91 23.70
C LYS D 404 0.29 -32.24 24.41
N GLU D 405 0.46 -32.25 25.73
CA GLU D 405 0.42 -33.49 26.50
C GLU D 405 -0.53 -33.35 27.68
N HIS D 406 -0.94 -34.49 28.22
CA HIS D 406 -1.85 -34.57 29.36
C HIS D 406 -1.07 -34.86 30.62
N ILE D 407 -1.22 -34.01 31.63
CA ILE D 407 -0.53 -34.18 32.89
C ILE D 407 -1.55 -34.34 34.01
N ASP D 408 -1.14 -35.02 35.07
CA ASP D 408 -1.96 -35.22 36.27
C ASP D 408 -1.22 -34.59 37.45
N THR D 409 -1.67 -33.42 37.88
CA THR D 409 -1.03 -32.70 38.96
C THR D 409 -1.75 -32.85 40.29
N SER D 410 -2.72 -33.76 40.38
CA SER D 410 -3.44 -33.95 41.61
C SER D 410 -2.50 -34.48 42.69
N PRO D 411 -2.51 -33.90 43.89
CA PRO D 411 -1.62 -34.38 44.95
C PRO D 411 -1.90 -35.83 45.28
N LYS D 412 -0.83 -36.60 45.48
CA LYS D 412 -0.99 -38.02 45.81
C LYS D 412 -1.68 -38.15 47.16
N GLY D 413 -2.57 -39.14 47.26
CA GLY D 413 -3.37 -39.34 48.43
C GLY D 413 -4.74 -38.70 48.37
N THR D 414 -5.06 -38.01 47.28
CA THR D 414 -6.38 -37.43 47.09
C THR D 414 -7.27 -38.43 46.37
N PHE D 415 -8.38 -38.82 47.01
CA PHE D 415 -9.32 -39.75 46.41
C PHE D 415 -10.27 -39.00 45.49
N ARG D 416 -10.61 -39.60 44.35
CA ARG D 416 -11.39 -38.95 43.31
C ARG D 416 -12.48 -39.88 42.82
N CYS D 417 -13.73 -39.38 42.80
CA CYS D 417 -14.88 -40.19 42.42
C CYS D 417 -15.76 -39.45 41.43
N LYS D 418 -16.25 -40.18 40.43
CA LYS D 418 -17.23 -39.70 39.47
C LYS D 418 -18.50 -40.52 39.58
N PHE D 419 -19.64 -39.83 39.53
CA PHE D 419 -20.95 -40.47 39.63
C PHE D 419 -21.78 -40.03 38.43
N PHE D 420 -22.04 -40.96 37.50
CA PHE D 420 -22.94 -40.69 36.38
C PHE D 420 -24.35 -41.02 36.83
N GLY D 421 -25.19 -39.99 36.95
CA GLY D 421 -26.55 -40.15 37.40
C GLY D 421 -27.56 -39.71 36.36
N LEU D 422 -28.83 -39.98 36.67
CA LEU D 422 -29.95 -39.53 35.85
C LEU D 422 -30.62 -38.35 36.54
N GLY D 423 -31.22 -37.48 35.74
CA GLY D 423 -31.89 -36.30 36.24
C GLY D 423 -32.91 -36.58 37.33
N SER D 424 -32.67 -36.02 38.51
CA SER D 424 -33.59 -36.11 39.65
C SER D 424 -33.78 -37.54 40.15
N ASP D 425 -32.76 -38.39 40.01
CA ASP D 425 -32.81 -39.72 40.59
C ASP D 425 -32.19 -39.77 41.98
N GLY D 426 -31.75 -38.63 42.51
CA GLY D 426 -31.16 -38.56 43.83
C GLY D 426 -29.66 -38.67 43.87
N THR D 427 -29.01 -38.92 42.73
CA THR D 427 -27.57 -39.14 42.73
C THR D 427 -26.83 -37.91 43.21
N VAL D 428 -27.16 -36.74 42.65
CA VAL D 428 -26.50 -35.50 43.06
C VAL D 428 -26.78 -35.21 44.52
N GLY D 429 -28.04 -35.36 44.94
CA GLY D 429 -28.39 -35.09 46.33
C GLY D 429 -27.68 -36.01 47.31
N ALA D 430 -27.60 -37.30 46.97
CA ALA D 430 -26.93 -38.25 47.85
C ALA D 430 -25.44 -37.95 47.95
N ASN D 431 -24.81 -37.63 46.82
CA ASN D 431 -23.38 -37.31 46.82
C ASN D 431 -23.12 -36.02 47.59
N LYS D 432 -24.03 -35.05 47.51
CA LYS D 432 -23.90 -33.85 48.34
C LYS D 432 -23.90 -34.19 49.82
N ASN D 433 -24.78 -35.11 50.22
CA ASN D 433 -24.82 -35.53 51.62
C ASN D 433 -23.58 -36.32 52.02
N SER D 434 -23.04 -37.12 51.11
CA SER D 434 -21.85 -37.91 51.43
C SER D 434 -20.66 -37.03 51.75
N ILE D 435 -20.53 -35.90 51.04
CA ILE D 435 -19.40 -35.00 51.25
C ILE D 435 -19.43 -34.40 52.65
N LYS D 436 -20.62 -33.96 53.09
CA LYS D 436 -20.72 -33.40 54.44
C LYS D 436 -20.43 -34.47 55.49
N ILE D 437 -20.90 -35.71 55.25
CA ILE D 437 -20.60 -36.81 56.15
C ILE D 437 -19.09 -36.99 56.29
N ILE D 438 -18.39 -37.05 55.16
CA ILE D 438 -16.94 -37.29 55.18
C ILE D 438 -16.22 -36.11 55.80
N GLY D 439 -16.66 -34.88 55.51
CA GLY D 439 -15.99 -33.72 56.05
C GLY D 439 -16.19 -33.56 57.54
N ASP D 440 -17.40 -33.87 58.03
CA ASP D 440 -17.73 -33.62 59.43
C ASP D 440 -17.12 -34.63 60.38
N HIS D 441 -16.77 -35.83 59.91
CA HIS D 441 -16.37 -36.91 60.79
C HIS D 441 -14.95 -37.42 60.55
N THR D 442 -14.21 -36.81 59.63
CA THR D 442 -12.81 -37.13 59.43
C THR D 442 -12.00 -35.85 59.40
N ASP D 443 -10.67 -36.00 59.44
CA ASP D 443 -9.76 -34.87 59.30
C ASP D 443 -9.49 -34.52 57.84
N MET D 444 -10.11 -35.21 56.89
CA MET D 444 -9.81 -35.02 55.48
C MET D 444 -10.55 -33.81 54.91
N TYR D 445 -9.89 -33.12 53.99
CA TYR D 445 -10.58 -32.14 53.17
C TYR D 445 -11.50 -32.85 52.18
N ALA D 446 -12.61 -32.20 51.85
CA ALA D 446 -13.61 -32.78 50.97
C ALA D 446 -14.08 -31.73 49.97
N GLN D 447 -14.26 -32.15 48.72
CA GLN D 447 -14.67 -31.26 47.64
C GLN D 447 -15.76 -31.92 46.82
N GLY D 448 -16.75 -31.13 46.40
CA GLY D 448 -17.80 -31.62 45.53
C GLY D 448 -18.17 -30.64 44.43
N TYR D 449 -18.30 -31.14 43.20
CA TYR D 449 -18.77 -30.33 42.09
C TYR D 449 -19.74 -31.18 41.27
N PHE D 450 -20.81 -30.55 40.79
CA PHE D 450 -21.94 -31.28 40.20
C PHE D 450 -22.33 -30.64 38.88
N VAL D 451 -22.34 -31.44 37.82
CA VAL D 451 -22.67 -30.99 36.47
C VAL D 451 -24.13 -31.36 36.18
N TYR D 452 -24.94 -30.36 35.86
CA TYR D 452 -26.35 -30.53 35.58
C TYR D 452 -26.62 -30.39 34.08
N ASP D 453 -27.84 -30.73 33.69
CA ASP D 453 -28.28 -30.68 32.31
C ASP D 453 -29.33 -29.58 32.14
N SER D 454 -29.52 -29.16 30.88
CA SER D 454 -30.55 -28.16 30.60
C SER D 454 -31.95 -28.76 30.67
N LYS D 455 -32.08 -30.08 30.46
CA LYS D 455 -33.36 -30.75 30.60
C LYS D 455 -33.74 -30.84 32.07
N LYS D 456 -34.98 -30.50 32.40
CA LYS D 456 -35.37 -30.54 33.82
C LYS D 456 -35.60 -31.96 34.30
N SER D 457 -35.94 -32.88 33.41
CA SER D 457 -36.18 -34.27 33.78
C SER D 457 -35.49 -35.19 32.79
N GLY D 458 -34.76 -36.17 33.31
CA GLY D 458 -34.11 -37.17 32.49
C GLY D 458 -32.75 -36.78 31.93
N GLY D 459 -32.13 -35.73 32.45
CA GLY D 459 -30.81 -35.34 31.98
C GLY D 459 -29.71 -36.15 32.62
N VAL D 460 -28.51 -36.00 32.07
CA VAL D 460 -27.32 -36.68 32.59
C VAL D 460 -26.68 -35.79 33.64
N THR D 461 -26.34 -36.37 34.79
CA THR D 461 -25.63 -35.66 35.84
C THR D 461 -24.33 -36.40 36.15
N ILE D 462 -23.26 -35.64 36.37
CA ILE D 462 -21.96 -36.18 36.70
C ILE D 462 -21.49 -35.48 37.97
N SER D 463 -21.39 -36.23 39.07
CA SER D 463 -20.91 -35.70 40.34
C SER D 463 -19.42 -35.97 40.49
N HIS D 464 -18.69 -34.95 40.94
CA HIS D 464 -17.25 -35.04 41.14
C HIS D 464 -16.94 -34.81 42.61
N LEU D 465 -16.39 -35.84 43.26
CA LEU D 465 -16.07 -35.81 44.68
C LEU D 465 -14.58 -36.05 44.87
N ARG D 466 -13.97 -35.32 45.80
CA ARG D 466 -12.56 -35.48 46.13
C ARG D 466 -12.37 -35.45 47.63
N PHE D 467 -11.55 -36.37 48.14
CA PHE D 467 -11.20 -36.41 49.55
C PHE D 467 -9.70 -36.64 49.69
N GLY D 468 -9.08 -35.91 50.61
CA GLY D 468 -7.65 -36.09 50.83
C GLY D 468 -7.22 -35.43 52.12
N LYS D 469 -6.01 -35.80 52.55
CA LYS D 469 -5.39 -35.17 53.71
C LYS D 469 -4.80 -33.80 53.38
N GLN D 470 -4.71 -33.43 52.10
CA GLN D 470 -4.14 -32.17 51.68
C GLN D 470 -5.22 -31.25 51.11
N PRO D 471 -5.02 -29.93 51.18
CA PRO D 471 -6.02 -29.01 50.62
C PRO D 471 -6.30 -29.29 49.15
N ILE D 472 -7.57 -29.22 48.79
CA ILE D 472 -8.04 -29.59 47.46
C ILE D 472 -8.16 -28.30 46.65
N GLN D 473 -7.18 -28.07 45.78
CA GLN D 473 -7.18 -26.91 44.89
C GLN D 473 -7.66 -27.27 43.49
N SER D 474 -8.23 -28.46 43.30
CA SER D 474 -8.58 -28.94 41.97
C SER D 474 -9.94 -28.39 41.57
N ALA D 475 -9.94 -27.12 41.16
CA ALA D 475 -11.15 -26.47 40.67
C ALA D 475 -11.36 -26.80 39.19
N TYR D 476 -11.41 -28.10 38.91
CA TYR D 476 -11.61 -28.60 37.56
C TYR D 476 -12.20 -30.00 37.66
N LEU D 477 -12.70 -30.48 36.53
CA LEU D 477 -13.34 -31.81 36.52
C LEU D 477 -12.30 -32.89 36.77
N ILE D 478 -12.78 -34.04 37.24
CA ILE D 478 -11.88 -35.13 37.62
C ILE D 478 -11.26 -35.76 36.38
N ASP D 479 -9.93 -35.87 36.37
CA ASP D 479 -9.19 -36.47 35.28
C ASP D 479 -8.92 -37.95 35.53
N GLN D 480 -8.35 -38.29 36.68
CA GLN D 480 -8.01 -39.66 37.03
C GLN D 480 -8.86 -40.05 38.23
N ALA D 481 -9.85 -40.91 37.99
CA ALA D 481 -10.80 -41.28 39.02
C ALA D 481 -10.37 -42.58 39.68
N ASP D 482 -10.39 -42.61 41.01
CA ASP D 482 -10.21 -43.86 41.74
C ASP D 482 -11.47 -44.71 41.72
N LEU D 483 -12.64 -44.07 41.65
CA LEU D 483 -13.92 -44.75 41.66
C LEU D 483 -14.84 -44.08 40.65
N ILE D 484 -15.53 -44.90 39.87
CA ILE D 484 -16.53 -44.41 38.92
C ILE D 484 -17.80 -45.21 39.12
N ALA D 485 -18.92 -44.52 39.31
CA ALA D 485 -20.22 -45.14 39.53
C ALA D 485 -21.14 -44.78 38.39
N CYS D 486 -21.84 -45.78 37.85
CA CYS D 486 -22.83 -45.59 36.79
C CYS D 486 -24.19 -46.03 37.33
N HIS D 487 -25.06 -45.06 37.57
CA HIS D 487 -26.37 -45.36 38.15
C HIS D 487 -27.45 -45.59 37.12
N ASN D 488 -27.12 -45.59 35.83
CA ASN D 488 -28.09 -45.82 34.77
C ASN D 488 -27.53 -46.81 33.76
N PRO D 489 -28.08 -48.01 33.65
CA PRO D 489 -27.53 -49.00 32.71
C PRO D 489 -27.64 -48.57 31.26
N SER D 490 -28.55 -47.65 30.93
CA SER D 490 -28.68 -47.18 29.57
C SER D 490 -27.41 -46.48 29.09
N TYR D 491 -26.65 -45.89 30.01
CA TYR D 491 -25.44 -45.18 29.63
C TYR D 491 -24.37 -46.11 29.09
N VAL D 492 -24.44 -47.41 29.42
CA VAL D 492 -23.48 -48.37 28.91
C VAL D 492 -23.62 -48.45 27.39
N GLY D 493 -22.54 -48.15 26.68
CA GLY D 493 -22.56 -48.09 25.24
C GLY D 493 -22.96 -46.73 24.68
N ARG D 494 -23.36 -45.80 25.53
CA ARG D 494 -23.77 -44.47 25.11
C ARG D 494 -22.75 -43.39 25.46
N TYR D 495 -22.16 -43.46 26.65
CA TYR D 495 -21.17 -42.49 27.10
C TYR D 495 -19.87 -43.18 27.48
N ASN D 496 -18.77 -42.43 27.40
CA ASN D 496 -17.44 -42.94 27.75
C ASN D 496 -17.29 -42.86 29.27
N LEU D 497 -17.91 -43.84 29.94
CA LEU D 497 -17.95 -43.84 31.39
C LEU D 497 -16.56 -44.02 32.00
N LEU D 498 -15.80 -44.99 31.48
CA LEU D 498 -14.51 -45.36 32.06
C LEU D 498 -13.37 -44.43 31.64
N GLU D 499 -13.67 -43.21 31.20
CA GLU D 499 -12.63 -42.29 30.74
C GLU D 499 -11.75 -41.86 31.91
N GLY D 500 -10.44 -42.08 31.77
CA GLY D 500 -9.49 -41.61 32.74
C GLY D 500 -9.46 -42.34 34.06
N ILE D 501 -10.18 -43.46 34.19
CA ILE D 501 -10.16 -44.22 35.44
C ILE D 501 -8.77 -44.79 35.66
N LYS D 502 -8.34 -44.84 36.92
CA LYS D 502 -7.01 -45.31 37.22
C LYS D 502 -6.92 -46.83 37.04
N PRO D 503 -5.74 -47.35 36.67
CA PRO D 503 -5.55 -48.79 36.64
C PRO D 503 -5.75 -49.38 38.03
N GLY D 504 -6.54 -50.46 38.10
CA GLY D 504 -6.88 -51.06 39.37
C GLY D 504 -7.96 -50.34 40.14
N GLY D 505 -8.57 -49.30 39.56
CA GLY D 505 -9.61 -48.55 40.23
C GLY D 505 -10.90 -49.34 40.39
N ILE D 506 -11.89 -48.66 40.97
CA ILE D 506 -13.19 -49.26 41.27
C ILE D 506 -14.20 -48.76 40.25
N PHE D 507 -15.03 -49.68 39.75
CA PHE D 507 -16.15 -49.34 38.88
C PHE D 507 -17.41 -49.96 39.46
N LEU D 508 -18.34 -49.10 39.90
CA LEU D 508 -19.60 -49.53 40.49
C LEU D 508 -20.72 -49.28 39.49
N LEU D 509 -21.54 -50.31 39.26
CA LEU D 509 -22.61 -50.26 38.27
C LEU D 509 -23.93 -50.64 38.90
N ASN D 510 -24.99 -49.92 38.54
CA ASN D 510 -26.36 -50.28 38.87
C ASN D 510 -26.98 -50.86 37.61
N SER D 511 -27.30 -52.15 37.63
CA SER D 511 -27.88 -52.79 36.46
C SER D 511 -28.55 -54.10 36.86
N THR D 512 -29.38 -54.61 35.96
CA THR D 512 -30.00 -55.92 36.13
C THR D 512 -29.19 -57.02 35.49
N TRP D 513 -28.00 -56.71 34.97
CA TRP D 513 -27.19 -57.72 34.29
C TRP D 513 -26.48 -58.54 35.35
N SER D 514 -26.50 -59.86 35.19
CA SER D 514 -25.75 -60.74 36.09
C SER D 514 -24.31 -60.86 35.62
N ALA D 515 -23.49 -61.57 36.40
CA ALA D 515 -22.09 -61.72 36.01
C ALA D 515 -21.96 -62.46 34.68
N GLU D 516 -22.87 -63.39 34.41
CA GLU D 516 -22.86 -64.11 33.13
C GLU D 516 -23.45 -63.22 32.03
N GLU D 517 -24.46 -62.43 32.38
CA GLU D 517 -25.10 -61.53 31.42
C GLU D 517 -24.17 -60.40 31.00
N MET D 518 -23.02 -60.23 31.67
CA MET D 518 -22.06 -59.20 31.30
C MET D 518 -21.53 -59.39 29.89
N ASP D 519 -21.34 -60.65 29.48
CA ASP D 519 -20.73 -60.93 28.18
C ASP D 519 -21.55 -60.37 27.02
N SER D 520 -22.88 -60.41 27.13
CA SER D 520 -23.72 -59.96 26.03
C SER D 520 -24.09 -58.49 26.11
N ARG D 521 -24.01 -57.89 27.30
CA ARG D 521 -24.44 -56.51 27.48
C ARG D 521 -23.30 -55.50 27.38
N LEU D 522 -22.14 -55.81 27.93
CA LEU D 522 -21.08 -54.81 27.90
C LEU D 522 -20.41 -54.78 26.53
N PRO D 523 -20.06 -53.60 26.03
CA PRO D 523 -19.34 -53.52 24.75
C PRO D 523 -17.92 -54.05 24.86
N ALA D 524 -17.34 -54.36 23.71
CA ALA D 524 -16.01 -54.97 23.69
C ALA D 524 -14.96 -54.00 24.23
N ASP D 525 -15.02 -52.74 23.81
CA ASP D 525 -14.05 -51.76 24.31
C ASP D 525 -14.19 -51.55 25.81
N MET D 526 -15.42 -51.61 26.32
CA MET D 526 -15.63 -51.43 27.75
C MET D 526 -15.04 -52.58 28.55
N LYS D 527 -15.20 -53.81 28.06
CA LYS D 527 -14.60 -54.96 28.74
C LYS D 527 -13.08 -54.90 28.67
N ARG D 528 -12.53 -54.39 27.56
CA ARG D 528 -11.08 -54.29 27.45
C ARG D 528 -10.50 -53.35 28.50
N THR D 529 -11.13 -52.19 28.68
CA THR D 529 -10.66 -51.25 29.70
C THR D 529 -10.77 -51.88 31.09
N ILE D 530 -11.90 -52.55 31.37
CA ILE D 530 -12.08 -53.20 32.66
C ILE D 530 -11.03 -54.29 32.86
N ALA D 531 -10.72 -55.05 31.81
CA ALA D 531 -9.80 -56.16 31.92
C ALA D 531 -8.34 -55.71 31.93
N THR D 532 -7.96 -54.86 30.96
CA THR D 532 -6.56 -54.46 30.87
C THR D 532 -6.13 -53.67 32.11
N LYS D 533 -6.98 -52.76 32.57
CA LYS D 533 -6.66 -52.02 33.78
C LYS D 533 -6.98 -52.81 35.04
N LYS D 534 -7.56 -54.01 34.89
CA LYS D 534 -7.83 -54.92 36.00
C LYS D 534 -8.61 -54.22 37.12
N LEU D 535 -9.70 -53.57 36.72
CA LEU D 535 -10.52 -52.82 37.66
C LEU D 535 -11.33 -53.76 38.55
N LYS D 536 -11.64 -53.29 39.75
CA LYS D 536 -12.54 -54.02 40.64
C LYS D 536 -13.97 -53.65 40.23
N PHE D 537 -14.61 -54.57 39.52
CA PHE D 537 -15.93 -54.33 38.93
C PHE D 537 -17.00 -54.83 39.89
N TYR D 538 -17.83 -53.91 40.37
CA TYR D 538 -18.95 -54.23 41.24
C TYR D 538 -20.26 -53.91 40.53
N ASN D 539 -21.26 -54.76 40.76
CA ASN D 539 -22.58 -54.59 40.17
C ASN D 539 -23.63 -54.79 41.24
N ILE D 540 -24.76 -54.11 41.08
CA ILE D 540 -25.88 -54.25 42.01
C ILE D 540 -27.16 -53.92 41.26
N ASP D 541 -28.19 -54.73 41.50
CA ASP D 541 -29.51 -54.50 40.91
C ASP D 541 -30.34 -53.69 41.89
N ALA D 542 -30.08 -52.38 41.91
CA ALA D 542 -30.79 -51.51 42.82
C ALA D 542 -32.27 -51.43 42.46
N VAL D 543 -32.61 -51.56 41.18
CA VAL D 543 -34.01 -51.52 40.76
C VAL D 543 -34.79 -52.67 41.40
N LYS D 544 -34.19 -53.85 41.46
CA LYS D 544 -34.85 -54.99 42.07
C LYS D 544 -35.05 -54.78 43.56
N ILE D 545 -34.05 -54.19 44.24
CA ILE D 545 -34.16 -53.96 45.68
C ILE D 545 -35.27 -52.97 45.99
N ALA D 546 -35.32 -51.87 45.23
CA ALA D 546 -36.33 -50.85 45.48
C ALA D 546 -37.73 -51.36 45.24
N GLN D 547 -37.91 -52.28 44.28
CA GLN D 547 -39.23 -52.84 44.03
C GLN D 547 -39.71 -53.70 45.19
N GLU D 548 -38.81 -54.56 45.71
CA GLU D 548 -39.20 -55.51 46.74
C GLU D 548 -39.48 -54.82 48.08
N ILE D 549 -38.73 -53.77 48.40
CA ILE D 549 -38.95 -53.08 49.67
C ILE D 549 -40.17 -52.18 49.60
N GLY D 550 -40.48 -51.63 48.44
CA GLY D 550 -41.58 -50.69 48.30
C GLY D 550 -41.18 -49.24 48.11
N LEU D 551 -39.91 -48.96 47.83
CA LEU D 551 -39.44 -47.61 47.58
C LEU D 551 -39.64 -47.17 46.14
N GLY D 552 -40.38 -47.95 45.35
CA GLY D 552 -40.58 -47.63 43.95
C GLY D 552 -39.33 -47.88 43.12
N SER D 553 -38.81 -46.83 42.50
CA SER D 553 -37.58 -46.92 41.72
C SER D 553 -36.48 -46.04 42.28
N ARG D 554 -36.67 -45.46 43.46
CA ARG D 554 -35.63 -44.63 44.06
C ARG D 554 -34.44 -45.49 44.46
N ILE D 555 -33.28 -45.18 43.89
CA ILE D 555 -32.06 -45.93 44.11
C ILE D 555 -30.96 -45.07 44.73
N ASN D 556 -31.30 -43.85 45.16
CA ASN D 556 -30.29 -42.94 45.70
C ASN D 556 -29.71 -43.49 47.00
N VAL D 557 -30.57 -43.96 47.90
CA VAL D 557 -30.11 -44.54 49.15
C VAL D 557 -29.29 -45.81 48.90
N ILE D 558 -29.73 -46.62 47.93
CA ILE D 558 -29.05 -47.88 47.66
C ILE D 558 -27.65 -47.64 47.13
N MET D 559 -27.51 -46.76 46.13
CA MET D 559 -26.21 -46.54 45.51
C MET D 559 -25.25 -45.83 46.45
N GLN D 560 -25.76 -44.96 47.33
CA GLN D 560 -24.90 -44.32 48.31
C GLN D 560 -24.35 -45.33 49.30
N THR D 561 -25.17 -46.27 49.76
CA THR D 561 -24.69 -47.32 50.65
C THR D 561 -23.67 -48.20 49.93
N ALA D 562 -23.96 -48.58 48.68
CA ALA D 562 -23.03 -49.40 47.92
C ALA D 562 -21.70 -48.67 47.74
N PHE D 563 -21.74 -47.34 47.64
CA PHE D 563 -20.51 -46.56 47.48
C PHE D 563 -19.61 -46.70 48.71
N PHE D 564 -20.14 -46.36 49.89
CA PHE D 564 -19.33 -46.42 51.10
C PHE D 564 -18.84 -47.83 51.40
N LYS D 565 -19.58 -48.85 50.96
CA LYS D 565 -19.16 -50.23 51.24
C LYS D 565 -17.84 -50.55 50.56
N ILE D 566 -17.58 -49.95 49.40
CA ILE D 566 -16.37 -50.25 48.64
C ILE D 566 -15.39 -49.08 48.62
N ALA D 567 -15.83 -47.85 48.95
CA ALA D 567 -14.93 -46.71 48.87
C ALA D 567 -13.84 -46.77 49.93
N ASN D 568 -14.12 -47.39 51.07
CA ASN D 568 -13.17 -47.48 52.18
C ASN D 568 -12.68 -46.10 52.61
N VAL D 569 -13.60 -45.13 52.63
CA VAL D 569 -13.24 -43.80 53.12
C VAL D 569 -13.27 -43.77 54.63
N ILE D 570 -14.27 -44.43 55.22
CA ILE D 570 -14.38 -44.58 56.67
C ILE D 570 -14.74 -46.04 56.94
N PRO D 571 -14.59 -46.49 58.19
CA PRO D 571 -15.05 -47.84 58.53
C PRO D 571 -16.50 -48.06 58.12
N VAL D 572 -16.76 -49.18 57.45
CA VAL D 572 -18.07 -49.44 56.86
C VAL D 572 -19.15 -49.36 57.94
N ASP D 573 -18.85 -49.85 59.14
CA ASP D 573 -19.82 -49.78 60.23
C ASP D 573 -20.10 -48.33 60.60
N GLU D 574 -19.06 -47.48 60.61
CA GLU D 574 -19.25 -46.06 60.91
C GLU D 574 -20.12 -45.38 59.85
N ALA D 575 -19.92 -45.73 58.58
CA ALA D 575 -20.70 -45.13 57.50
C ALA D 575 -22.18 -45.45 57.63
N ILE D 576 -22.51 -46.70 57.95
CA ILE D 576 -23.91 -47.12 58.04
C ILE D 576 -24.66 -46.30 59.08
N LYS D 577 -23.99 -45.97 60.19
CA LYS D 577 -24.63 -45.13 61.21
C LYS D 577 -24.90 -43.74 60.68
N TYR D 578 -23.91 -43.14 60.00
CA TYR D 578 -24.09 -41.79 59.46
C TYR D 578 -25.13 -41.74 58.36
N ILE D 579 -25.25 -42.81 57.57
CA ILE D 579 -26.26 -42.84 56.51
C ILE D 579 -27.66 -42.84 57.10
N LYS D 580 -27.92 -43.73 58.07
CA LYS D 580 -29.24 -43.83 58.67
C LYS D 580 -29.63 -42.56 59.41
N ASP D 581 -28.66 -41.89 60.05
CA ASP D 581 -28.97 -40.62 60.70
C ASP D 581 -29.41 -39.57 59.69
N SER D 582 -28.79 -39.56 58.51
CA SER D 582 -29.21 -38.66 57.45
C SER D 582 -30.56 -39.06 56.87
N ILE D 583 -30.88 -40.36 56.91
CA ILE D 583 -32.17 -40.84 56.43
C ILE D 583 -33.30 -40.29 57.29
N VAL D 584 -33.10 -40.26 58.61
CA VAL D 584 -34.11 -39.70 59.50
C VAL D 584 -34.37 -38.24 59.19
N LYS D 585 -33.31 -37.48 58.86
CA LYS D 585 -33.49 -36.08 58.52
C LYS D 585 -34.20 -35.90 57.18
N THR D 586 -33.99 -36.83 56.25
CA THR D 586 -34.61 -36.74 54.94
C THR D 586 -35.95 -37.49 54.91
N ASP D 592 -42.20 -43.19 60.20
CA ASP D 592 -42.04 -44.51 60.81
C ASP D 592 -42.13 -45.61 59.77
N LYS D 593 -43.17 -45.52 58.92
CA LYS D 593 -43.33 -46.51 57.85
C LYS D 593 -42.37 -46.22 56.69
N ILE D 594 -42.26 -44.96 56.28
CA ILE D 594 -41.32 -44.61 55.23
C ILE D 594 -39.89 -44.62 55.72
N LEU D 595 -39.68 -44.50 57.03
CA LEU D 595 -38.32 -44.54 57.58
C LEU D 595 -37.79 -45.97 57.63
N ASN D 596 -38.65 -46.94 57.96
CA ASN D 596 -38.20 -48.32 58.05
C ASN D 596 -37.88 -48.93 56.69
N MET D 597 -38.43 -48.37 55.60
CA MET D 597 -38.13 -48.88 54.28
C MET D 597 -36.74 -48.46 53.81
N ASN D 598 -36.38 -47.19 54.03
CA ASN D 598 -35.05 -46.72 53.65
C ASN D 598 -33.97 -47.38 54.52
N PHE D 599 -34.30 -47.75 55.75
CA PHE D 599 -33.36 -48.52 56.55
C PHE D 599 -33.11 -49.89 55.93
N ALA D 600 -34.16 -50.52 55.41
CA ALA D 600 -33.99 -51.82 54.76
C ALA D 600 -33.19 -51.73 53.47
N ALA D 601 -33.30 -50.60 52.77
CA ALA D 601 -32.52 -50.42 51.55
C ALA D 601 -31.03 -50.45 51.84
N VAL D 602 -30.60 -49.77 52.92
CA VAL D 602 -29.20 -49.81 53.31
C VAL D 602 -28.79 -51.24 53.65
N ASP D 603 -29.63 -51.94 54.42
CA ASP D 603 -29.27 -53.27 54.89
C ASP D 603 -29.14 -54.25 53.73
N ARG D 604 -30.13 -54.29 52.84
CA ARG D 604 -30.08 -55.26 51.73
C ARG D 604 -29.01 -54.89 50.72
N ALA D 605 -28.68 -53.60 50.59
CA ALA D 605 -27.64 -53.21 49.64
C ALA D 605 -26.29 -53.79 50.01
N LEU D 606 -26.02 -53.92 51.30
CA LEU D 606 -24.74 -54.48 51.73
C LEU D 606 -24.58 -55.92 51.24
N GLU D 607 -25.66 -56.71 51.28
CA GLU D 607 -25.59 -58.09 50.85
C GLU D 607 -25.77 -58.25 49.34
N ALA D 608 -26.33 -57.25 48.67
CA ALA D 608 -26.60 -57.36 47.23
C ALA D 608 -25.44 -56.88 46.38
N LEU D 609 -24.48 -56.15 46.94
CA LEU D 609 -23.34 -55.71 46.16
C LEU D 609 -22.45 -56.91 45.85
N GLU D 610 -22.34 -57.25 44.56
CA GLU D 610 -21.62 -58.45 44.13
C GLU D 610 -20.45 -58.03 43.26
N GLU D 611 -19.26 -58.50 43.61
CA GLU D 611 -18.08 -58.26 42.78
C GLU D 611 -18.10 -59.21 41.59
N ILE D 612 -17.88 -58.66 40.40
CA ILE D 612 -17.96 -59.43 39.17
C ILE D 612 -16.56 -59.92 38.83
N LYS D 613 -16.36 -61.24 38.91
CA LYS D 613 -15.09 -61.85 38.55
C LYS D 613 -15.13 -62.16 37.06
N TYR D 614 -14.54 -61.30 36.29
CA TYR D 614 -14.53 -61.34 34.83
C TYR D 614 -13.31 -62.11 34.32
N PRO D 615 -13.46 -62.80 33.20
CA PRO D 615 -12.33 -63.53 32.63
C PRO D 615 -11.26 -62.59 32.09
N ALA D 616 -10.02 -63.06 32.14
CA ALA D 616 -8.91 -62.29 31.58
C ALA D 616 -9.05 -62.13 30.08
N SER D 617 -9.79 -63.03 29.42
CA SER D 617 -9.99 -62.93 27.98
C SER D 617 -10.83 -61.73 27.58
N TRP D 618 -11.40 -61.01 28.55
CA TRP D 618 -12.08 -59.76 28.23
C TRP D 618 -11.12 -58.75 27.61
N ALA D 619 -9.84 -58.83 27.97
CA ALA D 619 -8.85 -57.96 27.36
C ALA D 619 -8.68 -58.27 25.89
N ASP D 620 -8.99 -59.49 25.47
CA ASP D 620 -8.91 -59.89 24.08
C ASP D 620 -10.23 -59.73 23.34
N ALA D 621 -11.27 -59.27 24.03
CA ALA D 621 -12.55 -59.03 23.36
C ALA D 621 -12.39 -57.97 22.29
N VAL D 622 -13.23 -58.07 21.26
CA VAL D 622 -13.11 -57.20 20.10
C VAL D 622 -14.43 -57.16 19.33
N VAL D 629 -25.28 -46.07 10.25
CA VAL D 629 -25.79 -44.77 10.65
C VAL D 629 -26.60 -44.14 9.51
N THR D 630 -27.84 -43.76 9.81
CA THR D 630 -28.69 -43.14 8.82
C THR D 630 -28.20 -41.74 8.46
N GLU D 631 -28.39 -41.36 7.19
CA GLU D 631 -27.95 -40.06 6.70
C GLU D 631 -28.83 -38.97 7.31
N GLU D 632 -28.27 -38.26 8.28
CA GLU D 632 -28.93 -37.18 8.99
C GLU D 632 -28.49 -35.83 8.44
N PRO D 633 -29.30 -34.78 8.65
CA PRO D 633 -28.89 -33.44 8.21
C PRO D 633 -27.55 -33.03 8.79
N GLU D 634 -26.88 -32.12 8.09
CA GLU D 634 -25.53 -31.73 8.48
C GLU D 634 -25.49 -31.16 9.90
N PHE D 635 -26.46 -30.30 10.24
CA PHE D 635 -26.47 -29.72 11.58
C PHE D 635 -26.61 -30.78 12.65
N ILE D 636 -27.55 -31.72 12.45
CA ILE D 636 -27.74 -32.80 13.40
C ILE D 636 -26.48 -33.65 13.50
N GLN D 637 -25.86 -33.92 12.35
CA GLN D 637 -24.69 -34.80 12.32
C GLN D 637 -23.48 -34.14 12.96
N LYS D 638 -23.26 -32.85 12.70
CA LYS D 638 -22.04 -32.17 13.11
C LYS D 638 -22.18 -31.42 14.42
N VAL D 639 -23.39 -31.10 14.86
CA VAL D 639 -23.57 -30.26 16.04
C VAL D 639 -24.37 -31.00 17.10
N LEU D 640 -25.61 -31.40 16.77
CA LEU D 640 -26.54 -31.91 17.77
C LEU D 640 -26.07 -33.24 18.36
N ARG D 641 -25.69 -34.20 17.51
CA ARG D 641 -25.25 -35.49 18.02
C ARG D 641 -24.00 -35.39 18.86
N PRO D 642 -22.92 -34.70 18.44
CA PRO D 642 -21.74 -34.63 19.31
C PRO D 642 -22.02 -33.95 20.65
N ILE D 643 -22.90 -32.96 20.68
CA ILE D 643 -23.23 -32.31 21.94
C ILE D 643 -23.94 -33.28 22.86
N ASN D 644 -24.94 -34.01 22.34
CA ASN D 644 -25.67 -34.97 23.17
C ASN D 644 -24.78 -36.12 23.60
N ALA D 645 -23.74 -36.45 22.82
CA ALA D 645 -22.77 -37.45 23.19
C ALA D 645 -21.70 -36.92 24.16
N LEU D 646 -21.91 -35.74 24.74
CA LEU D 646 -20.97 -35.12 25.67
C LEU D 646 -19.62 -34.87 25.02
N LYS D 647 -19.64 -34.47 23.75
CA LYS D 647 -18.43 -34.20 22.99
C LYS D 647 -18.41 -32.78 22.43
N GLY D 648 -19.22 -31.89 22.99
CA GLY D 648 -19.31 -30.54 22.47
C GLY D 648 -18.05 -29.73 22.63
N ASP D 649 -17.24 -30.04 23.65
CA ASP D 649 -15.98 -29.33 23.82
C ASP D 649 -14.99 -29.63 22.71
N GLU D 650 -15.16 -30.75 22.01
CA GLU D 650 -14.26 -31.08 20.91
C GLU D 650 -14.62 -30.37 19.61
N LEU D 651 -15.77 -29.71 19.54
CA LEU D 651 -16.19 -29.01 18.33
C LEU D 651 -15.36 -27.75 18.13
N PRO D 652 -14.67 -27.60 17.00
CA PRO D 652 -13.85 -26.40 16.78
C PRO D 652 -14.71 -25.18 16.47
N VAL D 653 -14.04 -24.04 16.40
CA VAL D 653 -14.73 -22.76 16.19
C VAL D 653 -15.48 -22.76 14.86
N SER D 654 -14.92 -23.42 13.84
CA SER D 654 -15.54 -23.40 12.52
C SER D 654 -16.88 -24.10 12.49
N THR D 655 -17.30 -24.74 13.58
CA THR D 655 -18.58 -25.43 13.59
C THR D 655 -19.75 -24.46 13.68
N PHE D 656 -19.53 -23.29 14.27
CA PHE D 656 -20.63 -22.46 14.73
C PHE D 656 -20.81 -21.23 13.84
N THR D 657 -22.05 -20.75 13.80
CA THR D 657 -22.35 -19.50 13.14
C THR D 657 -21.75 -18.36 13.94
N PRO D 658 -21.40 -17.24 13.29
CA PRO D 658 -20.77 -16.13 14.01
C PRO D 658 -21.73 -15.29 14.83
N ASP D 659 -23.04 -15.47 14.66
CA ASP D 659 -24.04 -14.61 15.28
C ASP D 659 -25.05 -15.37 16.12
N GLY D 660 -24.78 -16.64 16.44
CA GLY D 660 -25.65 -17.40 17.31
C GLY D 660 -26.99 -17.76 16.71
N VAL D 661 -27.06 -17.93 15.40
CA VAL D 661 -28.30 -18.29 14.71
C VAL D 661 -28.34 -19.81 14.55
N PHE D 662 -29.48 -20.40 14.91
CA PHE D 662 -29.65 -21.84 14.90
C PHE D 662 -30.87 -22.21 14.06
N PRO D 663 -30.89 -23.42 13.50
CA PRO D 663 -32.06 -23.87 12.74
C PRO D 663 -33.24 -24.13 13.65
N VAL D 664 -34.41 -24.27 13.02
CA VAL D 664 -35.63 -24.62 13.72
C VAL D 664 -35.91 -26.09 13.48
N GLY D 665 -36.84 -26.64 14.27
CA GLY D 665 -37.31 -28.01 14.08
C GLY D 665 -36.24 -29.07 14.26
N THR D 666 -35.47 -29.00 15.34
CA THR D 666 -34.42 -29.97 15.60
C THR D 666 -34.69 -30.88 16.78
N THR D 667 -35.73 -30.62 17.58
CA THR D 667 -36.02 -31.51 18.71
C THR D 667 -36.51 -32.88 18.27
N LYS D 668 -37.03 -33.00 17.04
CA LYS D 668 -37.52 -34.30 16.60
C LYS D 668 -36.41 -35.32 16.41
N TYR D 669 -35.15 -34.90 16.40
CA TYR D 669 -34.02 -35.81 16.28
C TYR D 669 -33.51 -36.32 17.63
N GLU D 670 -34.06 -35.82 18.74
CA GLU D 670 -33.57 -36.23 20.04
C GLU D 670 -34.07 -37.62 20.43
N LYS D 671 -35.39 -37.81 20.44
CA LYS D 671 -36.03 -39.08 20.78
C LYS D 671 -35.49 -39.64 22.10
N ARG D 672 -35.65 -38.83 23.14
CA ARG D 672 -35.02 -39.15 24.42
C ARG D 672 -35.62 -40.41 25.04
N GLY D 673 -36.93 -40.60 24.93
CA GLY D 673 -37.58 -41.79 25.44
C GLY D 673 -37.44 -41.99 26.94
N ILE D 674 -37.85 -40.98 27.72
CA ILE D 674 -37.64 -40.98 29.17
C ILE D 674 -38.90 -41.40 29.94
N ALA D 675 -39.99 -41.68 29.25
CA ALA D 675 -41.25 -41.96 29.93
C ALA D 675 -41.26 -43.33 30.57
N VAL D 676 -41.86 -43.42 31.75
CA VAL D 676 -42.07 -44.72 32.38
C VAL D 676 -43.36 -45.36 31.86
N ASN D 677 -44.38 -44.55 31.59
CA ASN D 677 -45.61 -45.03 31.01
C ASN D 677 -45.96 -44.20 29.78
N ILE D 678 -46.65 -44.83 28.84
CA ILE D 678 -47.03 -44.20 27.58
C ILE D 678 -48.53 -44.40 27.40
N PRO D 679 -49.24 -43.43 26.82
CA PRO D 679 -50.68 -43.61 26.60
C PRO D 679 -50.95 -44.63 25.50
N GLN D 680 -51.87 -45.55 25.77
CA GLN D 680 -52.35 -46.50 24.78
C GLN D 680 -53.78 -46.13 24.41
N TRP D 681 -54.03 -46.01 23.11
CA TRP D 681 -55.30 -45.53 22.60
C TRP D 681 -56.27 -46.69 22.40
N GLN D 682 -57.50 -46.53 22.90
CA GLN D 682 -58.57 -47.50 22.72
C GLN D 682 -59.52 -47.00 21.64
N PRO D 683 -59.43 -47.50 20.40
CA PRO D 683 -60.23 -46.91 19.31
C PRO D 683 -61.73 -46.97 19.53
N GLU D 684 -62.24 -47.95 20.27
CA GLU D 684 -63.67 -48.11 20.42
C GLU D 684 -64.29 -47.12 21.40
N ASN D 685 -63.50 -46.54 22.30
CA ASN D 685 -64.01 -45.61 23.30
C ASN D 685 -63.84 -44.15 22.89
N CYS D 686 -63.18 -43.88 21.77
CA CYS D 686 -62.79 -42.53 21.40
C CYS D 686 -63.91 -41.81 20.65
N ILE D 687 -64.24 -40.60 21.11
CA ILE D 687 -65.24 -39.75 20.45
C ILE D 687 -64.58 -38.75 19.50
N GLN D 688 -63.26 -38.84 19.32
CA GLN D 688 -62.51 -38.00 18.38
C GLN D 688 -62.71 -36.52 18.68
N CYS D 689 -62.35 -36.15 19.91
CA CYS D 689 -62.50 -34.77 20.37
C CYS D 689 -61.16 -34.05 20.43
N ASN D 690 -60.06 -34.79 20.36
CA ASN D 690 -58.71 -34.23 20.27
C ASN D 690 -58.33 -33.42 21.50
N GLN D 691 -59.08 -33.55 22.60
CA GLN D 691 -58.69 -32.84 23.81
C GLN D 691 -57.36 -33.36 24.35
N CYS D 692 -57.06 -34.63 24.09
CA CYS D 692 -55.75 -35.17 24.46
C CYS D 692 -54.64 -34.47 23.70
N SER D 693 -54.86 -34.18 22.40
CA SER D 693 -53.86 -33.47 21.63
C SER D 693 -53.71 -32.02 22.10
N LEU D 694 -54.80 -31.43 22.61
CA LEU D 694 -54.75 -30.02 23.02
C LEU D 694 -53.91 -29.84 24.27
N VAL D 695 -53.99 -30.79 25.21
CA VAL D 695 -53.37 -30.60 26.52
C VAL D 695 -51.96 -31.14 26.61
N CYS D 696 -51.46 -31.80 25.57
CA CYS D 696 -50.14 -32.43 25.65
C CYS D 696 -49.06 -31.37 25.75
N PRO D 697 -48.27 -31.34 26.83
CA PRO D 697 -47.23 -30.32 26.96
C PRO D 697 -46.03 -30.53 26.04
N HIS D 698 -46.02 -31.60 25.24
CA HIS D 698 -44.88 -31.89 24.37
C HIS D 698 -45.27 -32.28 22.95
N ALA D 699 -46.55 -32.12 22.58
CA ALA D 699 -47.03 -32.47 21.24
C ALA D 699 -46.69 -33.92 20.91
N ALA D 700 -46.76 -34.79 21.92
CA ALA D 700 -46.43 -36.20 21.77
C ALA D 700 -47.62 -37.08 21.39
N ILE D 701 -48.84 -36.53 21.42
CA ILE D 701 -50.02 -37.28 21.04
C ILE D 701 -50.88 -36.39 20.16
N ARG D 702 -51.22 -36.86 18.97
CA ARG D 702 -51.88 -36.04 17.97
C ARG D 702 -52.91 -36.88 17.23
N PRO D 703 -53.91 -36.23 16.63
CA PRO D 703 -54.82 -36.96 15.74
C PRO D 703 -54.28 -37.00 14.31
N TYR D 704 -54.60 -38.10 13.64
CA TYR D 704 -54.16 -38.33 12.27
C TYR D 704 -55.36 -38.77 11.44
N LEU D 705 -55.56 -38.13 10.30
CA LEU D 705 -56.57 -38.50 9.33
C LEU D 705 -55.90 -39.13 8.11
N ALA D 706 -56.61 -40.05 7.47
CA ALA D 706 -56.05 -40.72 6.30
C ALA D 706 -57.16 -41.33 5.46
N LYS D 707 -57.04 -41.16 4.14
CA LYS D 707 -57.88 -41.89 3.22
C LYS D 707 -57.53 -43.37 3.29
N PRO D 708 -58.51 -44.26 3.09
CA PRO D 708 -58.22 -45.70 3.20
C PRO D 708 -57.12 -46.18 2.28
N ALA D 709 -56.87 -45.48 1.17
CA ALA D 709 -55.78 -45.86 0.29
C ALA D 709 -54.42 -45.58 0.91
N ASP D 710 -54.32 -44.53 1.73
CA ASP D 710 -53.05 -44.18 2.36
C ASP D 710 -52.66 -45.10 3.50
N LEU D 711 -53.54 -46.04 3.89
CA LEU D 711 -53.24 -47.02 4.91
C LEU D 711 -52.69 -48.32 4.33
N ALA D 712 -52.02 -48.26 3.18
CA ALA D 712 -51.57 -49.47 2.51
C ALA D 712 -50.51 -50.20 3.32
N GLY D 713 -49.36 -49.56 3.52
CA GLY D 713 -48.27 -50.19 4.26
C GLY D 713 -48.38 -50.03 5.76
N ALA D 714 -49.58 -49.79 6.26
CA ALA D 714 -49.76 -49.55 7.69
C ALA D 714 -49.51 -50.83 8.49
N PRO D 715 -48.88 -50.72 9.66
CA PRO D 715 -48.72 -51.89 10.53
C PRO D 715 -50.06 -52.42 10.98
N GLU D 716 -50.07 -53.69 11.41
CA GLU D 716 -51.31 -54.29 11.88
C GLU D 716 -51.80 -53.62 13.15
N THR D 717 -50.90 -53.04 13.94
CA THR D 717 -51.28 -52.38 15.18
C THR D 717 -51.75 -50.95 14.97
N PHE D 718 -51.68 -50.43 13.74
CA PHE D 718 -52.15 -49.10 13.41
C PHE D 718 -53.67 -49.13 13.17
N VAL D 719 -54.40 -49.52 14.21
CA VAL D 719 -55.84 -49.65 14.11
C VAL D 719 -56.48 -48.28 14.04
N THR D 720 -57.38 -48.09 13.08
CA THR D 720 -58.06 -46.82 12.88
C THR D 720 -59.56 -46.99 13.07
N LYS D 721 -60.27 -45.86 13.05
CA LYS D 721 -61.71 -45.85 13.19
C LYS D 721 -62.27 -44.86 12.18
N ASP D 722 -63.54 -45.04 11.83
CA ASP D 722 -64.20 -44.11 10.93
C ASP D 722 -64.26 -42.72 11.56
N ALA D 723 -64.03 -41.70 10.75
CA ALA D 723 -63.93 -40.34 11.26
C ALA D 723 -65.31 -39.77 11.53
N ILE D 724 -65.48 -39.21 12.72
CA ILE D 724 -66.74 -38.58 13.10
C ILE D 724 -66.74 -37.14 12.60
N GLY D 725 -67.84 -36.72 11.98
CA GLY D 725 -67.96 -35.36 11.49
C GLY D 725 -68.17 -35.30 9.99
N LYS D 726 -68.97 -34.34 9.52
CA LYS D 726 -69.21 -34.19 8.09
C LYS D 726 -67.98 -33.70 7.34
N GLU D 727 -67.06 -33.01 8.04
CA GLU D 727 -65.87 -32.52 7.38
C GLU D 727 -64.90 -33.65 7.05
N ALA D 728 -64.83 -34.67 7.91
CA ALA D 728 -63.92 -35.79 7.71
C ALA D 728 -64.64 -37.04 7.22
N ALA D 729 -65.69 -36.86 6.42
CA ALA D 729 -66.44 -38.00 5.91
C ALA D 729 -65.58 -38.84 4.97
N GLY D 730 -65.65 -40.15 5.12
CA GLY D 730 -64.90 -41.06 4.29
C GLY D 730 -63.45 -41.21 4.66
N LEU D 731 -63.04 -40.68 5.81
CA LEU D 731 -61.67 -40.75 6.26
C LEU D 731 -61.56 -41.64 7.49
N LYS D 732 -60.32 -42.06 7.78
CA LYS D 732 -60.00 -42.83 8.95
C LYS D 732 -59.37 -41.92 10.01
N PHE D 733 -59.57 -42.27 11.27
CA PHE D 733 -59.12 -41.48 12.40
C PHE D 733 -58.27 -42.33 13.32
N ARG D 734 -57.20 -41.73 13.85
CA ARG D 734 -56.39 -42.44 14.83
C ARG D 734 -55.67 -41.44 15.72
N ILE D 735 -55.68 -41.71 17.02
CA ILE D 735 -54.91 -40.96 18.00
C ILE D 735 -53.60 -41.70 18.20
N GLN D 736 -52.49 -41.11 17.76
CA GLN D 736 -51.19 -41.75 17.83
C GLN D 736 -50.25 -40.96 18.74
N VAL D 737 -49.50 -41.68 19.57
CA VAL D 737 -48.55 -41.09 20.50
C VAL D 737 -47.14 -41.34 19.97
N SER D 738 -46.23 -40.41 20.26
CA SER D 738 -44.82 -40.58 19.94
C SER D 738 -44.11 -41.21 21.13
N PRO D 739 -43.76 -42.49 21.10
CA PRO D 739 -43.23 -43.13 22.30
C PRO D 739 -41.93 -42.55 22.79
N LEU D 740 -41.03 -42.20 21.88
CA LEU D 740 -39.72 -41.68 22.26
C LEU D 740 -39.77 -40.23 22.69
N ASP D 741 -40.87 -39.52 22.42
CA ASP D 741 -41.02 -38.13 22.81
C ASP D 741 -41.97 -37.91 23.98
N CYS D 742 -42.80 -38.90 24.29
CA CYS D 742 -43.71 -38.78 25.41
C CYS D 742 -42.95 -38.78 26.73
N THR D 743 -43.49 -38.04 27.70
CA THR D 743 -42.88 -37.93 29.03
C THR D 743 -43.60 -38.76 30.08
N GLY D 744 -44.74 -39.39 29.75
CA GLY D 744 -45.47 -40.14 30.73
C GLY D 744 -46.21 -39.31 31.74
N CYS D 745 -46.47 -38.04 31.44
CA CYS D 745 -47.10 -37.17 32.41
C CYS D 745 -48.54 -37.58 32.70
N GLY D 746 -49.26 -38.06 31.69
CA GLY D 746 -50.61 -38.54 31.87
C GLY D 746 -51.71 -37.51 31.74
N ASN D 747 -51.41 -36.33 31.20
CA ASN D 747 -52.46 -35.31 31.06
C ASN D 747 -53.50 -35.73 30.04
N CYS D 748 -53.09 -36.39 28.95
CA CYS D 748 -54.05 -36.79 27.92
C CYS D 748 -55.03 -37.84 28.44
N ALA D 749 -54.54 -38.77 29.27
CA ALA D 749 -55.44 -39.76 29.85
C ALA D 749 -56.40 -39.12 30.84
N ASP D 750 -55.98 -38.05 31.53
CA ASP D 750 -56.86 -37.45 32.53
C ASP D 750 -57.94 -36.58 31.91
N VAL D 751 -57.65 -35.93 30.78
CA VAL D 751 -58.61 -35.01 30.17
C VAL D 751 -59.66 -35.74 29.34
N CYS D 752 -59.36 -36.95 28.87
CA CYS D 752 -60.21 -37.76 28.01
C CYS D 752 -61.63 -37.87 28.59
N PRO D 753 -62.63 -37.26 27.96
CA PRO D 753 -63.97 -37.20 28.53
C PRO D 753 -64.93 -38.32 28.13
N ALA D 754 -64.46 -39.36 27.44
CA ALA D 754 -65.33 -40.44 27.00
C ALA D 754 -65.92 -41.19 28.20
N LYS D 755 -66.99 -41.95 27.94
CA LYS D 755 -67.59 -42.77 29.00
C LYS D 755 -66.53 -43.66 29.64
N VAL D 756 -65.93 -44.52 28.84
CA VAL D 756 -64.76 -45.30 29.23
C VAL D 756 -63.53 -44.60 28.68
N LYS D 757 -62.49 -44.49 29.50
CA LYS D 757 -61.28 -43.80 29.10
C LYS D 757 -60.73 -44.43 27.83
N ALA D 758 -60.51 -43.60 26.82
CA ALA D 758 -59.95 -44.07 25.55
C ALA D 758 -58.43 -44.07 25.57
N LEU D 759 -57.82 -43.62 26.67
CA LEU D 759 -56.38 -43.60 26.84
C LEU D 759 -56.03 -44.22 28.17
N THR D 760 -55.20 -45.26 28.14
CA THR D 760 -54.74 -45.93 29.35
C THR D 760 -53.22 -45.95 29.35
N MET D 761 -52.63 -45.63 30.50
CA MET D 761 -51.18 -45.54 30.64
C MET D 761 -50.59 -46.95 30.75
N VAL D 762 -49.75 -47.32 29.78
CA VAL D 762 -49.11 -48.63 29.79
C VAL D 762 -47.60 -48.41 29.88
N PRO D 763 -46.84 -49.36 30.44
CA PRO D 763 -45.38 -49.16 30.55
C PRO D 763 -44.74 -49.01 29.18
N LEU D 764 -43.75 -48.11 29.09
CA LEU D 764 -43.10 -47.84 27.82
C LEU D 764 -42.37 -49.05 27.29
N GLU D 765 -41.60 -49.73 28.15
CA GLU D 765 -40.75 -50.82 27.68
C GLU D 765 -41.54 -51.93 27.03
N GLU D 766 -42.81 -52.10 27.42
CA GLU D 766 -43.61 -53.20 26.89
C GLU D 766 -44.14 -52.91 25.49
N VAL D 767 -44.41 -51.66 25.16
CA VAL D 767 -45.07 -51.32 23.90
C VAL D 767 -44.22 -50.41 23.04
N THR D 768 -42.95 -50.21 23.39
CA THR D 768 -42.15 -49.20 22.68
C THR D 768 -41.90 -49.61 21.23
N ALA D 769 -41.59 -50.88 20.98
CA ALA D 769 -41.35 -51.31 19.61
C ALA D 769 -42.60 -51.17 18.74
N VAL D 770 -43.76 -51.45 19.31
CA VAL D 770 -45.01 -51.39 18.54
C VAL D 770 -45.35 -49.95 18.19
N GLU D 771 -45.37 -49.08 19.19
CA GLU D 771 -45.78 -47.70 18.95
C GLU D 771 -44.76 -46.93 18.11
N GLU D 772 -43.49 -47.35 18.10
CA GLU D 772 -42.50 -46.71 17.24
C GLU D 772 -42.87 -46.93 15.77
N ALA D 773 -43.24 -48.16 15.40
CA ALA D 773 -43.67 -48.43 14.04
C ALA D 773 -44.96 -47.69 13.72
N ASN D 774 -45.85 -47.57 14.70
CA ASN D 774 -47.09 -46.82 14.49
C ASN D 774 -46.80 -45.33 14.30
N TYR D 775 -45.97 -44.75 15.17
CA TYR D 775 -45.67 -43.33 15.06
C TYR D 775 -44.90 -43.02 13.79
N ASN D 776 -43.91 -43.85 13.44
CA ASN D 776 -43.17 -43.62 12.21
C ASN D 776 -44.06 -43.69 10.98
N PHE D 777 -45.11 -44.50 11.03
CA PHE D 777 -46.06 -44.53 9.92
C PHE D 777 -47.01 -43.35 9.97
N ALA D 778 -47.45 -42.96 11.16
CA ALA D 778 -48.36 -41.82 11.28
C ALA D 778 -47.67 -40.53 10.89
N GLU D 779 -46.38 -40.40 11.20
CA GLU D 779 -45.65 -39.17 10.92
C GLU D 779 -45.44 -38.98 9.42
N GLN D 780 -45.33 -40.06 8.66
CA GLN D 780 -45.12 -39.98 7.21
C GLN D 780 -46.44 -39.93 6.43
N LEU D 781 -47.58 -39.86 7.12
CA LEU D 781 -48.86 -39.82 6.43
C LEU D 781 -48.98 -38.54 5.61
N PRO D 782 -49.57 -38.60 4.41
CA PRO D 782 -49.71 -37.40 3.58
C PRO D 782 -50.68 -36.40 4.19
N GLU D 783 -50.61 -35.17 3.67
CA GLU D 783 -51.48 -34.11 4.14
C GLU D 783 -52.92 -34.37 3.70
N VAL D 784 -53.87 -34.02 4.56
CA VAL D 784 -55.30 -34.22 4.31
C VAL D 784 -56.00 -32.88 4.46
N LYS D 785 -56.59 -32.39 3.36
CA LYS D 785 -57.38 -31.18 3.41
C LYS D 785 -58.73 -31.45 4.08
N VAL D 786 -58.96 -30.82 5.23
CA VAL D 786 -60.20 -30.96 5.97
C VAL D 786 -60.67 -29.58 6.37
N ASN D 787 -62.00 -29.38 6.37
CA ASN D 787 -62.60 -28.09 6.64
C ASN D 787 -63.11 -27.96 8.07
N PHE D 788 -62.49 -28.64 9.02
CA PHE D 788 -62.88 -28.48 10.41
C PHE D 788 -62.58 -27.07 10.88
N ASN D 789 -63.48 -26.52 11.67
CA ASN D 789 -63.36 -25.15 12.16
C ASN D 789 -62.20 -25.05 13.13
N PRO D 790 -61.16 -24.25 12.84
CA PRO D 790 -60.07 -24.09 13.79
C PRO D 790 -60.46 -23.36 15.06
N ALA D 791 -61.61 -22.68 15.08
CA ALA D 791 -62.06 -21.99 16.27
C ALA D 791 -62.58 -22.96 17.35
N THR D 792 -62.73 -24.24 17.03
CA THR D 792 -63.05 -25.26 18.01
C THR D 792 -61.78 -26.00 18.42
N VAL D 793 -61.86 -26.70 19.55
CA VAL D 793 -60.72 -27.48 20.01
C VAL D 793 -60.44 -28.62 19.05
N LYS D 794 -61.48 -29.31 18.58
CA LYS D 794 -61.28 -30.43 17.67
C LYS D 794 -60.64 -29.97 16.36
N GLY D 795 -61.12 -28.86 15.79
CA GLY D 795 -60.59 -28.41 14.53
C GLY D 795 -59.16 -27.88 14.63
N SER D 796 -58.83 -27.24 15.75
CA SER D 796 -57.49 -26.67 15.91
C SER D 796 -56.43 -27.75 16.05
N GLN D 797 -56.77 -28.90 16.63
CA GLN D 797 -55.79 -29.96 16.83
C GLN D 797 -55.51 -30.75 15.57
N PHE D 798 -56.32 -30.56 14.52
CA PHE D 798 -56.00 -31.07 13.20
C PHE D 798 -54.95 -30.23 12.48
N ARG D 799 -54.66 -29.04 12.99
CA ARG D 799 -53.54 -28.25 12.50
C ARG D 799 -52.24 -28.78 13.09
N GLN D 800 -51.18 -28.76 12.29
CA GLN D 800 -49.91 -29.31 12.73
C GLN D 800 -49.34 -28.46 13.87
N PRO D 801 -48.91 -29.06 14.98
CA PRO D 801 -48.26 -28.28 16.03
C PRO D 801 -46.88 -27.84 15.58
N LEU D 802 -46.58 -26.56 15.77
CA LEU D 802 -45.28 -26.00 15.42
C LEU D 802 -44.41 -25.74 16.64
N LEU D 803 -44.75 -26.34 17.78
CA LEU D 803 -43.91 -26.36 18.97
C LEU D 803 -43.95 -27.78 19.51
N GLU D 804 -42.83 -28.50 19.43
CA GLU D 804 -42.84 -29.93 19.72
C GLU D 804 -41.58 -30.33 20.47
N PHE D 805 -41.76 -31.26 21.42
CA PHE D 805 -40.67 -32.01 22.03
C PHE D 805 -39.69 -31.10 22.77
N SER D 806 -40.21 -30.07 23.42
CA SER D 806 -39.35 -29.17 24.15
C SER D 806 -38.84 -29.83 25.43
N GLY D 807 -37.94 -29.13 26.12
CA GLY D 807 -37.39 -29.60 27.37
C GLY D 807 -38.20 -29.26 28.58
N ALA D 808 -39.44 -28.80 28.41
CA ALA D 808 -40.29 -28.49 29.55
C ALA D 808 -40.57 -29.75 30.36
N CYS D 809 -40.97 -29.53 31.62
CA CYS D 809 -41.25 -30.64 32.52
C CYS D 809 -42.43 -31.46 32.01
N ALA D 810 -42.55 -32.65 32.57
CA ALA D 810 -43.73 -33.47 32.33
C ALA D 810 -44.96 -32.77 32.88
N GLY D 811 -45.95 -32.54 32.02
CA GLY D 811 -47.18 -31.89 32.46
C GLY D 811 -47.09 -30.39 32.58
N CYS D 812 -46.15 -29.76 31.89
CA CYS D 812 -45.93 -28.32 32.00
C CYS D 812 -47.19 -27.56 31.59
N GLY D 813 -47.54 -26.55 32.37
CA GLY D 813 -48.70 -25.74 32.08
C GLY D 813 -48.48 -24.60 31.11
N GLU D 814 -47.26 -24.44 30.59
CA GLU D 814 -46.94 -23.35 29.68
C GLU D 814 -47.01 -23.76 28.22
N THR D 815 -46.37 -24.87 27.87
CA THR D 815 -46.29 -25.24 26.46
C THR D 815 -47.63 -25.51 25.78
N PRO D 816 -48.67 -26.05 26.44
CA PRO D 816 -49.94 -26.22 25.71
C PRO D 816 -50.54 -24.92 25.18
N TYR D 817 -50.38 -23.81 25.91
CA TYR D 817 -50.84 -22.52 25.41
C TYR D 817 -50.07 -22.13 24.15
N VAL D 818 -48.74 -22.21 24.19
CA VAL D 818 -47.94 -21.80 23.04
C VAL D 818 -48.17 -22.75 21.86
N LYS D 819 -48.29 -24.04 22.13
CA LYS D 819 -48.59 -24.99 21.07
C LYS D 819 -49.89 -24.63 20.36
N LEU D 820 -50.90 -24.23 21.13
CA LEU D 820 -52.20 -23.89 20.54
C LEU D 820 -52.10 -22.64 19.68
N VAL D 821 -51.28 -21.66 20.09
CA VAL D 821 -51.11 -20.45 19.29
C VAL D 821 -50.45 -20.80 17.96
N THR D 822 -49.47 -21.70 17.97
CA THR D 822 -48.82 -22.11 16.74
C THR D 822 -49.78 -22.87 15.83
N GLN D 823 -50.76 -23.56 16.42
CA GLN D 823 -51.76 -24.25 15.61
C GLN D 823 -52.77 -23.28 14.99
N LEU D 824 -52.92 -22.10 15.57
CA LEU D 824 -53.83 -21.07 15.05
C LEU D 824 -53.13 -20.10 14.11
N PHE D 825 -51.95 -19.60 14.49
CA PHE D 825 -51.28 -18.55 13.72
C PHE D 825 -49.81 -18.84 13.42
N GLY D 826 -49.33 -20.06 13.69
CA GLY D 826 -47.91 -20.35 13.55
C GLY D 826 -47.34 -20.13 12.17
N ASP D 827 -48.18 -20.19 11.14
CA ASP D 827 -47.77 -19.99 9.76
C ASP D 827 -47.15 -18.62 9.53
N ARG D 828 -47.44 -17.65 10.39
CA ARG D 828 -47.11 -16.28 10.10
C ARG D 828 -46.71 -15.50 11.36
N MET D 829 -46.20 -16.19 12.38
CA MET D 829 -45.92 -15.51 13.64
C MET D 829 -44.42 -15.41 13.89
N ILE D 830 -44.05 -14.32 14.59
CA ILE D 830 -42.70 -14.05 15.03
C ILE D 830 -42.76 -13.90 16.54
N ILE D 831 -41.83 -14.55 17.23
CA ILE D 831 -41.89 -14.64 18.70
C ILE D 831 -40.75 -13.84 19.29
N ALA D 832 -41.09 -12.94 20.22
CA ALA D 832 -40.12 -12.28 21.09
C ALA D 832 -40.35 -12.86 22.47
N ASN D 833 -39.42 -13.69 22.93
CA ASN D 833 -39.60 -14.51 24.12
C ASN D 833 -38.70 -13.99 25.24
N ALA D 834 -39.32 -13.69 26.39
CA ALA D 834 -38.56 -13.21 27.53
C ALA D 834 -37.72 -14.34 28.12
N THR D 835 -36.65 -13.95 28.82
CA THR D 835 -35.84 -14.92 29.54
C THR D 835 -36.66 -15.55 30.65
N GLY D 836 -36.51 -16.86 30.81
CA GLY D 836 -37.29 -17.62 31.75
C GLY D 836 -37.44 -19.04 31.24
N CYS D 837 -38.39 -19.76 31.85
CA CYS D 837 -38.66 -21.14 31.43
C CYS D 837 -38.95 -21.22 29.94
N SER D 838 -39.84 -20.35 29.45
CA SER D 838 -40.24 -20.42 28.06
C SER D 838 -39.07 -20.20 27.11
N SER D 839 -38.02 -19.49 27.54
CA SER D 839 -36.83 -19.40 26.72
C SER D 839 -35.88 -20.58 26.94
N ILE D 840 -35.97 -21.25 28.08
CA ILE D 840 -35.12 -22.41 28.33
C ILE D 840 -35.63 -23.62 27.58
N TRP D 841 -36.94 -23.93 27.70
CA TRP D 841 -37.46 -25.03 26.89
C TRP D 841 -37.72 -24.60 25.46
N GLY D 842 -37.79 -23.32 25.18
CA GLY D 842 -38.03 -22.84 23.84
C GLY D 842 -36.77 -22.58 23.03
N GLY D 843 -35.66 -22.26 23.70
CA GLY D 843 -34.46 -21.91 22.97
C GLY D 843 -33.15 -22.18 23.68
N SER D 844 -32.92 -23.42 24.06
CA SER D 844 -31.63 -23.86 24.57
C SER D 844 -30.88 -24.57 23.45
N ALA D 845 -29.70 -24.06 23.10
CA ALA D 845 -28.90 -24.69 22.06
C ALA D 845 -28.53 -26.10 22.48
N PRO D 846 -28.41 -27.04 21.54
CA PRO D 846 -28.59 -26.85 20.10
C PRO D 846 -29.96 -27.23 19.56
N ALA D 847 -30.91 -27.52 20.44
CA ALA D 847 -32.21 -28.05 20.02
C ALA D 847 -33.28 -26.97 20.08
N CYS D 848 -34.05 -26.86 18.99
CA CYS D 848 -35.13 -25.89 18.89
C CYS D 848 -36.48 -26.61 18.78
N PRO D 849 -37.41 -26.39 19.72
CA PRO D 849 -38.71 -27.08 19.64
C PRO D 849 -39.66 -26.49 18.63
N TYR D 850 -39.46 -25.24 18.21
CA TYR D 850 -40.31 -24.66 17.18
C TYR D 850 -39.91 -25.22 15.83
N THR D 851 -40.90 -25.61 15.04
CA THR D 851 -40.67 -26.31 13.79
C THR D 851 -41.56 -25.71 12.71
N VAL D 852 -41.47 -26.27 11.51
CA VAL D 852 -42.15 -25.72 10.34
C VAL D 852 -43.16 -26.74 9.85
N ASN D 853 -44.04 -26.26 8.98
CA ASN D 853 -45.03 -27.12 8.33
C ASN D 853 -44.44 -27.68 7.03
N ARG D 854 -45.29 -28.30 6.22
CA ARG D 854 -44.81 -28.95 5.00
C ARG D 854 -44.29 -27.94 3.98
N GLN D 855 -44.81 -26.71 4.01
CA GLN D 855 -44.34 -25.66 3.12
C GLN D 855 -43.06 -24.99 3.62
N GLY D 856 -42.56 -25.37 4.79
CA GLY D 856 -41.36 -24.77 5.34
C GLY D 856 -41.60 -23.52 6.16
N HIS D 857 -42.86 -23.21 6.47
CA HIS D 857 -43.22 -22.02 7.22
C HIS D 857 -43.44 -22.38 8.69
N GLY D 858 -43.00 -21.51 9.58
CA GLY D 858 -43.14 -21.72 11.00
C GLY D 858 -42.65 -20.53 11.78
N PRO D 859 -42.89 -20.51 13.08
CA PRO D 859 -42.56 -19.33 13.89
C PRO D 859 -41.06 -19.05 13.89
N ALA D 860 -40.71 -17.78 13.67
CA ALA D 860 -39.36 -17.30 13.87
C ALA D 860 -39.21 -16.84 15.31
N TRP D 861 -38.12 -17.24 15.95
CA TRP D 861 -37.99 -17.15 17.41
C TRP D 861 -36.74 -16.37 17.76
N ALA D 862 -36.87 -15.42 18.68
CA ALA D 862 -35.75 -14.62 19.13
C ALA D 862 -35.97 -14.28 20.60
N SER D 863 -34.89 -14.34 21.37
CA SER D 863 -34.94 -13.92 22.77
C SER D 863 -33.85 -12.89 23.00
N SER D 864 -34.24 -11.71 23.49
CA SER D 864 -33.26 -10.68 23.77
C SER D 864 -32.84 -10.77 25.23
N LEU D 865 -33.56 -10.10 26.11
CA LEU D 865 -33.22 -10.07 27.52
C LEU D 865 -34.44 -10.38 28.37
N PHE D 866 -34.22 -10.36 29.68
CA PHE D 866 -35.31 -10.58 30.63
C PHE D 866 -36.19 -9.34 30.75
N GLU D 867 -35.60 -8.15 30.73
CA GLU D 867 -36.34 -6.94 31.07
C GLU D 867 -36.93 -6.22 29.87
N ASP D 868 -36.51 -6.54 28.65
CA ASP D 868 -36.82 -5.71 27.49
C ASP D 868 -37.76 -6.40 26.51
N ASN D 869 -38.42 -7.49 26.90
CA ASN D 869 -39.07 -8.34 25.90
C ASN D 869 -40.24 -7.63 25.21
N ALA D 870 -41.01 -6.82 25.94
CA ALA D 870 -42.11 -6.11 25.31
C ALA D 870 -41.59 -5.13 24.27
N GLU D 871 -40.60 -4.31 24.65
CA GLU D 871 -40.01 -3.36 23.71
C GLU D 871 -39.30 -4.10 22.58
N PHE D 872 -38.77 -5.28 22.87
CA PHE D 872 -38.15 -6.12 21.84
C PHE D 872 -39.17 -6.48 20.77
N GLY D 873 -40.32 -7.03 21.17
CA GLY D 873 -41.33 -7.39 20.20
C GLY D 873 -41.96 -6.19 19.55
N TYR D 874 -42.07 -5.09 20.29
CA TYR D 874 -42.52 -3.83 19.70
C TYR D 874 -41.64 -3.41 18.54
N GLY D 875 -40.33 -3.48 18.73
CA GLY D 875 -39.41 -3.14 17.64
C GLY D 875 -39.58 -4.03 16.43
N MET D 876 -39.82 -5.32 16.67
CA MET D 876 -40.07 -6.21 15.54
C MET D 876 -41.30 -5.76 14.76
N ALA D 877 -42.34 -5.33 15.46
CA ALA D 877 -43.58 -4.90 14.82
C ALA D 877 -43.34 -3.69 13.92
N LEU D 878 -42.55 -2.72 14.39
CA LEU D 878 -42.23 -1.57 13.56
C LEU D 878 -41.52 -2.01 12.28
N ALA D 879 -40.55 -2.92 12.42
CA ALA D 879 -39.78 -3.37 11.27
C ALA D 879 -40.64 -4.13 10.29
N VAL D 880 -41.50 -5.03 10.77
CA VAL D 880 -42.35 -5.80 9.87
C VAL D 880 -43.28 -4.88 9.10
N ALA D 881 -43.85 -3.88 9.78
CA ALA D 881 -44.67 -2.89 9.09
C ALA D 881 -43.84 -2.14 8.05
N LYS D 882 -42.57 -1.84 8.39
CA LYS D 882 -41.69 -1.18 7.44
C LYS D 882 -41.48 -2.05 6.20
N ARG D 883 -41.27 -3.35 6.40
CA ARG D 883 -41.06 -4.24 5.26
C ARG D 883 -42.34 -4.40 4.44
N GLN D 884 -43.50 -4.39 5.08
CA GLN D 884 -44.75 -4.46 4.33
C GLN D 884 -44.99 -3.18 3.53
N ASP D 885 -44.58 -2.02 4.04
CA ASP D 885 -44.75 -0.79 3.29
C ASP D 885 -43.88 -0.77 2.04
N GLU D 886 -42.65 -1.28 2.13
CA GLU D 886 -41.80 -1.34 0.95
C GLU D 886 -42.41 -2.26 -0.10
N LEU D 887 -42.99 -3.38 0.33
CA LEU D 887 -43.67 -4.26 -0.60
C LEU D 887 -44.89 -3.58 -1.19
N ALA D 888 -45.68 -2.89 -0.37
CA ALA D 888 -46.87 -2.22 -0.88
C ALA D 888 -46.52 -1.15 -1.89
N THR D 889 -45.38 -0.47 -1.70
CA THR D 889 -44.97 0.54 -2.66
C THR D 889 -44.62 -0.08 -4.00
N ALA D 890 -43.91 -1.21 -4.00
CA ALA D 890 -43.59 -1.87 -5.24
C ALA D 890 -44.83 -2.45 -5.91
N ILE D 891 -45.79 -2.91 -5.09
CA ILE D 891 -47.02 -3.46 -5.64
C ILE D 891 -47.85 -2.35 -6.28
N SER D 892 -47.86 -1.16 -5.67
CA SER D 892 -48.54 -0.02 -6.27
C SER D 892 -47.89 0.39 -7.58
N LYS D 893 -46.56 0.25 -7.69
CA LYS D 893 -45.90 0.54 -8.97
C LYS D 893 -46.30 -0.46 -10.04
N ALA D 894 -46.60 -1.70 -9.67
CA ALA D 894 -47.00 -2.69 -10.66
C ALA D 894 -48.35 -2.36 -11.29
N LEU D 895 -49.22 -1.65 -10.55
CA LEU D 895 -50.51 -1.28 -11.12
C LEU D 895 -50.37 -0.33 -12.30
N GLU D 896 -49.36 0.52 -12.31
CA GLU D 896 -49.10 1.40 -13.44
C GLU D 896 -48.23 0.74 -14.51
N ALA D 897 -47.86 -0.49 -14.31
CA ALA D 897 -46.98 -1.15 -15.25
C ALA D 897 -47.80 -2.03 -16.20
N PRO D 898 -47.30 -2.27 -17.41
CA PRO D 898 -48.02 -3.16 -18.33
C PRO D 898 -47.93 -4.62 -17.93
N VAL D 899 -48.79 -5.06 -17.01
CA VAL D 899 -48.82 -6.45 -16.57
C VAL D 899 -50.24 -6.99 -16.78
N SER D 900 -50.38 -8.32 -16.65
CA SER D 900 -51.65 -8.96 -16.95
C SER D 900 -52.74 -8.50 -15.98
N ALA D 901 -53.98 -8.57 -16.44
CA ALA D 901 -55.11 -8.14 -15.63
C ALA D 901 -55.27 -9.02 -14.39
N ALA D 902 -54.99 -10.31 -14.51
CA ALA D 902 -55.08 -11.19 -13.34
C ALA D 902 -54.06 -10.80 -12.28
N PHE D 903 -52.90 -10.32 -12.70
CA PHE D 903 -51.91 -9.86 -11.74
C PHE D 903 -52.37 -8.58 -11.05
N LYS D 904 -52.91 -7.63 -11.83
CA LYS D 904 -53.40 -6.40 -11.24
C LYS D 904 -54.59 -6.65 -10.30
N ALA D 905 -55.43 -7.63 -10.63
CA ALA D 905 -56.57 -7.93 -9.76
C ALA D 905 -56.10 -8.43 -8.40
N ALA D 906 -55.09 -9.30 -8.39
CA ALA D 906 -54.55 -9.76 -7.11
C ALA D 906 -53.82 -8.65 -6.37
N CYS D 907 -53.20 -7.73 -7.10
CA CYS D 907 -52.51 -6.61 -6.45
C CYS D 907 -53.50 -5.67 -5.79
N GLU D 908 -54.57 -5.32 -6.50
CA GLU D 908 -55.60 -4.47 -5.89
C GLU D 908 -56.26 -5.16 -4.71
N GLY D 909 -56.50 -6.48 -4.83
CA GLY D 909 -57.08 -7.20 -3.71
C GLY D 909 -56.14 -7.26 -2.52
N TRP D 910 -54.84 -7.37 -2.77
CA TRP D 910 -53.89 -7.41 -1.67
C TRP D 910 -53.75 -6.05 -1.02
N LEU D 911 -53.70 -4.98 -1.83
CA LEU D 911 -53.59 -3.63 -1.28
C LEU D 911 -54.79 -3.30 -0.42
N ALA D 912 -55.97 -3.79 -0.78
CA ALA D 912 -57.16 -3.54 0.01
C ALA D 912 -57.21 -4.36 1.29
N GLY D 913 -56.52 -5.50 1.32
CA GLY D 913 -56.57 -6.36 2.49
C GLY D 913 -55.24 -6.76 3.07
N LYS D 914 -54.21 -5.93 2.88
CA LYS D 914 -52.89 -6.27 3.41
C LYS D 914 -52.87 -6.32 4.93
N ASP D 915 -53.80 -5.65 5.60
CA ASP D 915 -53.84 -5.62 7.05
C ASP D 915 -54.81 -6.64 7.62
N ASP D 916 -55.35 -7.52 6.79
CA ASP D 916 -56.21 -8.61 7.22
C ASP D 916 -55.48 -9.92 6.98
N ALA D 917 -55.47 -10.79 8.00
CA ALA D 917 -54.69 -12.02 7.91
C ALA D 917 -55.18 -12.91 6.78
N ASP D 918 -56.50 -13.09 6.67
CA ASP D 918 -57.05 -14.00 5.68
C ASP D 918 -56.93 -13.42 4.27
N ARG D 919 -57.29 -12.14 4.13
CA ARG D 919 -57.29 -11.51 2.81
C ARG D 919 -55.86 -11.33 2.28
N SER D 920 -54.92 -10.99 3.15
CA SER D 920 -53.54 -10.84 2.72
C SER D 920 -52.94 -12.18 2.31
N ARG D 921 -53.35 -13.28 2.96
CA ARG D 921 -52.89 -14.59 2.53
C ARG D 921 -53.53 -14.98 1.20
N GLU D 922 -54.82 -14.69 1.04
CA GLU D 922 -55.52 -15.08 -0.18
C GLU D 922 -54.91 -14.40 -1.40
N TYR D 923 -54.87 -13.06 -1.40
CA TYR D 923 -54.30 -12.37 -2.54
C TYR D 923 -52.78 -12.47 -2.55
N GLY D 924 -52.16 -12.63 -1.38
CA GLY D 924 -50.72 -12.84 -1.34
C GLY D 924 -50.32 -14.14 -2.03
N ASP D 925 -51.05 -15.23 -1.74
CA ASP D 925 -50.77 -16.50 -2.41
C ASP D 925 -51.09 -16.42 -3.89
N ARG D 926 -52.07 -15.59 -4.27
CA ARG D 926 -52.34 -15.37 -5.68
C ARG D 926 -51.16 -14.71 -6.37
N ILE D 927 -50.57 -13.68 -5.73
CA ILE D 927 -49.42 -13.00 -6.31
C ILE D 927 -48.26 -13.97 -6.47
N LYS D 928 -48.02 -14.81 -5.47
CA LYS D 928 -46.93 -15.78 -5.56
C LYS D 928 -47.14 -16.75 -6.72
N ALA D 929 -48.40 -17.13 -6.97
CA ALA D 929 -48.67 -18.07 -8.05
C ALA D 929 -48.55 -17.42 -9.42
N LEU D 930 -48.84 -16.12 -9.52
CA LEU D 930 -48.78 -15.44 -10.80
C LEU D 930 -47.40 -14.84 -11.08
N LEU D 931 -46.55 -14.72 -10.07
CA LEU D 931 -45.27 -14.05 -10.25
C LEU D 931 -44.35 -14.76 -11.25
N PRO D 932 -44.11 -16.08 -11.18
CA PRO D 932 -43.16 -16.67 -12.13
C PRO D 932 -43.57 -16.49 -13.59
N GLY D 933 -44.86 -16.62 -13.90
CA GLY D 933 -45.32 -16.41 -15.25
C GLY D 933 -45.33 -14.95 -15.66
N GLU D 934 -45.61 -14.05 -14.71
CA GLU D 934 -45.61 -12.63 -15.01
C GLU D 934 -44.20 -12.11 -15.30
N ILE D 935 -43.22 -12.64 -14.56
CA ILE D 935 -41.82 -12.26 -14.79
C ILE D 935 -41.34 -12.75 -16.15
N SER D 936 -41.79 -13.94 -16.56
CA SER D 936 -41.36 -14.48 -17.84
C SER D 936 -41.83 -13.62 -19.00
N GLN D 937 -43.00 -12.99 -18.87
CA GLN D 937 -43.58 -12.18 -19.94
C GLN D 937 -43.15 -10.73 -19.88
N ALA D 938 -42.24 -10.37 -18.97
CA ALA D 938 -41.79 -9.00 -18.80
C ALA D 938 -40.32 -8.87 -19.19
N SER D 939 -39.89 -7.63 -19.38
CA SER D 939 -38.52 -7.34 -19.75
C SER D 939 -38.18 -5.91 -19.35
N GLY D 940 -36.88 -5.66 -19.19
CA GLY D 940 -36.43 -4.32 -18.89
C GLY D 940 -36.77 -3.92 -17.46
N GLU D 941 -37.18 -2.67 -17.28
CA GLU D 941 -37.47 -2.15 -15.95
C GLU D 941 -38.74 -2.76 -15.38
N VAL D 942 -39.70 -3.14 -16.22
CA VAL D 942 -40.91 -3.77 -15.74
C VAL D 942 -40.58 -5.12 -15.10
N LYS D 943 -39.68 -5.89 -15.72
CA LYS D 943 -39.26 -7.15 -15.14
C LYS D 943 -38.56 -6.94 -13.80
N ASP D 944 -37.78 -5.86 -13.69
CA ASP D 944 -37.12 -5.54 -12.43
C ASP D 944 -38.12 -5.21 -11.34
N LEU D 945 -39.21 -4.53 -11.70
CA LEU D 945 -40.26 -4.25 -10.70
C LEU D 945 -40.89 -5.54 -10.21
N LEU D 946 -41.08 -6.51 -11.10
CA LEU D 946 -41.63 -7.79 -10.68
C LEU D 946 -40.61 -8.55 -9.83
N LEU D 947 -39.32 -8.45 -10.17
CA LEU D 947 -38.30 -9.09 -9.36
C LEU D 947 -38.21 -8.45 -7.98
N ASP D 948 -38.55 -7.17 -7.87
CA ASP D 948 -38.57 -6.53 -6.55
C ASP D 948 -39.77 -7.01 -5.74
N ILE D 949 -40.89 -7.33 -6.42
CA ILE D 949 -42.02 -7.94 -5.74
C ILE D 949 -41.64 -9.32 -5.23
N ASP D 950 -40.97 -10.11 -6.07
CA ASP D 950 -40.59 -11.47 -5.70
C ASP D 950 -39.59 -11.48 -4.54
N ARG D 951 -38.71 -10.49 -4.48
CA ARG D 951 -37.74 -10.43 -3.40
C ARG D 951 -38.40 -10.20 -2.05
N GLN D 952 -39.56 -9.57 -2.03
CA GLN D 952 -40.26 -9.24 -0.78
C GLN D 952 -41.54 -10.04 -0.60
N LYS D 953 -41.72 -11.12 -1.36
CA LYS D 953 -42.97 -11.86 -1.30
C LYS D 953 -43.19 -12.51 0.06
N ASP D 954 -42.13 -12.65 0.87
CA ASP D 954 -42.32 -13.20 2.21
C ASP D 954 -42.98 -12.21 3.16
N TYR D 955 -43.44 -11.06 2.67
CA TYR D 955 -44.18 -10.09 3.47
C TYR D 955 -45.59 -9.86 2.93
N LEU D 956 -46.02 -10.63 1.94
CA LEU D 956 -47.40 -10.53 1.46
C LEU D 956 -48.38 -10.93 2.56
N THR D 957 -48.15 -12.09 3.19
CA THR D 957 -49.00 -12.50 4.30
C THR D 957 -48.68 -11.67 5.54
N LYS D 958 -49.72 -11.09 6.13
CA LYS D 958 -49.53 -10.30 7.35
C LYS D 958 -48.99 -11.16 8.48
N LYS D 959 -48.05 -10.62 9.22
CA LYS D 959 -47.43 -11.35 10.30
C LYS D 959 -48.17 -11.12 11.61
N SER D 960 -47.93 -12.01 12.57
CA SER D 960 -48.57 -11.97 13.89
C SER D 960 -47.45 -11.98 14.92
N ILE D 961 -47.15 -10.82 15.50
CA ILE D 961 -46.07 -10.73 16.47
C ILE D 961 -46.59 -11.15 17.83
N TRP D 962 -45.89 -12.10 18.46
CA TRP D 962 -46.29 -12.63 19.76
C TRP D 962 -45.16 -12.40 20.75
N ILE D 963 -45.50 -11.73 21.85
CA ILE D 963 -44.57 -11.39 22.91
C ILE D 963 -44.88 -12.33 24.07
N ILE D 964 -44.04 -13.34 24.26
CA ILE D 964 -44.29 -14.44 25.19
C ILE D 964 -43.32 -14.33 26.35
N GLY D 965 -43.84 -14.51 27.57
CA GLY D 965 -42.98 -14.44 28.74
C GLY D 965 -43.73 -14.84 29.99
N GLY D 966 -42.97 -14.97 31.08
CA GLY D 966 -43.52 -15.40 32.34
C GLY D 966 -44.05 -14.24 33.17
N ASP D 967 -44.59 -14.59 34.34
CA ASP D 967 -45.17 -13.57 35.21
C ASP D 967 -44.10 -12.68 35.81
N GLY D 968 -42.90 -13.22 36.06
CA GLY D 968 -41.84 -12.39 36.60
C GLY D 968 -41.46 -11.27 35.65
N TRP D 969 -41.45 -11.57 34.35
CA TRP D 969 -41.18 -10.55 33.35
C TRP D 969 -42.32 -9.53 33.28
N ALA D 970 -43.56 -10.00 33.19
CA ALA D 970 -44.70 -9.11 32.94
C ALA D 970 -45.07 -8.30 34.17
N TYR D 971 -44.96 -8.88 35.37
CA TYR D 971 -45.41 -8.21 36.57
C TYR D 971 -44.31 -7.41 37.26
N ASP D 972 -43.04 -7.73 37.02
CA ASP D 972 -41.94 -7.11 37.75
C ASP D 972 -40.96 -6.39 36.83
N ILE D 973 -39.94 -7.12 36.36
CA ILE D 973 -38.76 -6.49 35.77
C ILE D 973 -39.10 -5.85 34.42
N GLY D 974 -39.98 -6.47 33.64
CA GLY D 974 -40.35 -5.94 32.35
C GLY D 974 -41.67 -5.22 32.31
N TYR D 975 -42.27 -4.95 33.47
CA TYR D 975 -43.61 -4.37 33.49
C TYR D 975 -43.61 -2.96 32.90
N GLY D 976 -42.60 -2.15 33.24
CA GLY D 976 -42.54 -0.80 32.68
C GLY D 976 -42.54 -0.78 31.17
N GLY D 977 -41.81 -1.72 30.56
CA GLY D 977 -41.84 -1.84 29.11
C GLY D 977 -43.15 -2.39 28.59
N LEU D 978 -43.74 -3.35 29.30
CA LEU D 978 -45.03 -3.89 28.88
C LEU D 978 -46.12 -2.83 28.93
N ASP D 979 -46.15 -2.04 30.01
CA ASP D 979 -47.12 -0.95 30.11
C ASP D 979 -46.97 0.04 28.96
N HIS D 980 -45.73 0.39 28.59
CA HIS D 980 -45.52 1.35 27.53
C HIS D 980 -45.91 0.79 26.17
N VAL D 981 -45.55 -0.47 25.89
CA VAL D 981 -45.85 -1.05 24.59
C VAL D 981 -47.36 -1.19 24.41
N LEU D 982 -48.07 -1.59 25.47
CA LEU D 982 -49.53 -1.68 25.38
C LEU D 982 -50.16 -0.31 25.17
N ALA D 983 -49.66 0.71 25.88
CA ALA D 983 -50.18 2.06 25.72
C ALA D 983 -49.90 2.64 24.33
N SER D 984 -48.93 2.09 23.61
CA SER D 984 -48.57 2.63 22.31
C SER D 984 -49.68 2.41 21.29
N GLY D 985 -50.48 1.35 21.46
CA GLY D 985 -51.50 1.02 20.51
C GLY D 985 -51.06 0.09 19.40
N ALA D 986 -49.82 -0.39 19.44
CA ALA D 986 -49.31 -1.27 18.40
C ALA D 986 -50.10 -2.58 18.36
N ASN D 987 -50.15 -3.19 17.17
CA ASN D 987 -50.82 -4.47 17.00
C ASN D 987 -49.85 -5.58 17.38
N VAL D 988 -49.73 -5.81 18.69
CA VAL D 988 -48.92 -6.90 19.21
C VAL D 988 -49.78 -7.74 20.16
N ASN D 989 -49.38 -9.00 20.31
CA ASN D 989 -50.08 -9.96 21.15
C ASN D 989 -49.15 -10.41 22.26
N VAL D 990 -49.47 -10.04 23.49
CA VAL D 990 -48.70 -10.41 24.67
C VAL D 990 -49.38 -11.60 25.34
N LEU D 991 -48.62 -12.68 25.51
CA LEU D 991 -49.08 -13.89 26.20
C LEU D 991 -48.26 -14.05 27.46
N VAL D 992 -48.89 -13.87 28.61
CA VAL D 992 -48.24 -14.01 29.91
C VAL D 992 -48.52 -15.41 30.43
N LEU D 993 -47.48 -16.23 30.50
CA LEU D 993 -47.60 -17.57 31.08
C LEU D 993 -47.44 -17.40 32.59
N ASP D 994 -48.57 -17.28 33.28
CA ASP D 994 -48.56 -16.94 34.70
C ASP D 994 -48.43 -18.22 35.50
N THR D 995 -47.23 -18.48 36.01
CA THR D 995 -47.00 -19.54 36.97
C THR D 995 -46.99 -19.02 38.40
N GLU D 996 -47.19 -17.72 38.57
CA GLU D 996 -47.22 -17.02 39.86
C GLU D 996 -45.91 -17.14 40.63
N VAL D 997 -44.84 -17.60 39.98
CA VAL D 997 -43.50 -17.69 40.57
C VAL D 997 -42.45 -17.49 39.47
N TYR D 998 -41.20 -17.43 39.88
CA TYR D 998 -40.07 -17.52 38.96
C TYR D 998 -39.77 -19.01 38.79
N SER D 999 -40.39 -19.62 37.79
CA SER D 999 -40.35 -21.08 37.68
C SER D 999 -38.95 -21.59 37.33
N ASN D 1000 -38.28 -20.93 36.38
CA ASN D 1000 -36.99 -21.43 35.89
C ASN D 1000 -35.93 -21.40 36.98
N THR D 1001 -35.87 -20.31 37.74
CA THR D 1001 -34.79 -20.07 38.69
C THR D 1001 -35.02 -20.74 40.04
N GLY D 1002 -36.02 -21.61 40.16
CA GLY D 1002 -36.25 -22.40 41.34
C GLY D 1002 -37.49 -22.08 42.13
N GLY D 1003 -38.19 -20.99 41.81
CA GLY D 1003 -39.44 -20.69 42.48
C GLY D 1003 -39.36 -19.53 43.46
N GLN D 1004 -38.97 -18.36 42.96
CA GLN D 1004 -38.87 -17.18 43.80
C GLN D 1004 -40.14 -16.35 43.72
N SER D 1005 -40.31 -15.48 44.72
CA SER D 1005 -41.52 -14.69 44.86
C SER D 1005 -41.64 -13.67 43.73
N SER D 1006 -42.89 -13.37 43.37
CA SER D 1006 -43.22 -12.42 42.32
C SER D 1006 -44.41 -11.59 42.74
N LYS D 1007 -44.66 -10.50 42.01
CA LYS D 1007 -45.90 -9.76 42.24
C LYS D 1007 -47.12 -10.54 41.76
N ALA D 1008 -46.91 -11.55 40.90
CA ALA D 1008 -48.00 -12.42 40.50
C ALA D 1008 -48.28 -13.51 41.52
N THR D 1009 -47.42 -13.66 42.53
CA THR D 1009 -47.65 -14.60 43.61
C THR D 1009 -48.83 -14.14 44.47
N GLN D 1010 -49.71 -15.08 44.79
CA GLN D 1010 -50.93 -14.76 45.54
C GLN D 1010 -50.64 -14.66 47.03
N THR D 1011 -51.65 -14.21 47.77
CA THR D 1011 -51.53 -14.13 49.23
C THR D 1011 -51.39 -15.52 49.82
N GLY D 1012 -50.46 -15.65 50.77
CA GLY D 1012 -50.25 -16.89 51.48
C GLY D 1012 -49.37 -17.91 50.78
N ALA D 1013 -49.08 -17.73 49.49
CA ALA D 1013 -48.23 -18.67 48.79
C ALA D 1013 -46.79 -18.55 49.28
N VAL D 1014 -46.16 -19.70 49.49
CA VAL D 1014 -44.79 -19.76 50.01
C VAL D 1014 -43.85 -19.98 48.83
N ALA D 1015 -42.89 -19.08 48.66
CA ALA D 1015 -41.87 -19.20 47.64
C ALA D 1015 -40.55 -18.67 48.22
N ARG D 1016 -39.49 -18.77 47.43
CA ARG D 1016 -38.21 -18.22 47.85
C ARG D 1016 -38.32 -16.70 47.93
N PHE D 1017 -37.69 -16.13 48.96
CA PHE D 1017 -37.80 -14.72 49.36
C PHE D 1017 -39.17 -14.41 49.93
N ALA D 1018 -40.00 -15.43 50.19
CA ALA D 1018 -41.26 -15.27 50.89
C ALA D 1018 -41.45 -16.50 51.78
N ALA D 1019 -40.49 -16.71 52.69
CA ALA D 1019 -40.48 -17.93 53.49
C ALA D 1019 -41.68 -18.01 54.43
N GLY D 1020 -42.08 -16.87 54.98
CA GLY D 1020 -43.24 -16.78 55.84
C GLY D 1020 -44.54 -16.50 55.11
N GLY D 1021 -44.57 -16.65 53.79
CA GLY D 1021 -45.77 -16.36 53.01
C GLY D 1021 -45.83 -14.92 52.55
N LYS D 1022 -46.37 -14.71 51.35
CA LYS D 1022 -46.52 -13.37 50.80
C LYS D 1022 -47.73 -12.70 51.44
N PHE D 1023 -47.51 -11.53 52.06
CA PHE D 1023 -48.59 -10.84 52.74
C PHE D 1023 -49.46 -10.06 51.75
N THR D 1024 -48.85 -9.22 50.92
CA THR D 1024 -49.60 -8.45 49.95
C THR D 1024 -50.29 -9.34 48.92
N LYS D 1025 -51.43 -8.89 48.43
CA LYS D 1025 -52.20 -9.70 47.50
C LYS D 1025 -51.58 -9.65 46.10
N LYS D 1026 -52.15 -10.46 45.22
CA LYS D 1026 -51.66 -10.53 43.84
C LYS D 1026 -51.95 -9.23 43.11
N LYS D 1027 -50.93 -8.69 42.44
CA LYS D 1027 -51.11 -7.52 41.61
C LYS D 1027 -51.98 -7.85 40.39
N ASP D 1028 -52.95 -6.99 40.10
CA ASP D 1028 -53.88 -7.24 39.00
C ASP D 1028 -53.33 -6.56 37.76
N LEU D 1029 -52.48 -7.28 37.04
CA LEU D 1029 -51.90 -6.74 35.81
C LEU D 1029 -52.97 -6.46 34.77
N GLY D 1030 -53.95 -7.36 34.65
CA GLY D 1030 -55.02 -7.17 33.68
C GLY D 1030 -55.86 -5.94 33.96
N LEU D 1031 -56.12 -5.67 35.25
CA LEU D 1031 -56.93 -4.50 35.59
C LEU D 1031 -56.24 -3.21 35.20
N MET D 1032 -54.92 -3.14 35.36
CA MET D 1032 -54.19 -1.95 34.98
C MET D 1032 -54.17 -1.79 33.46
N ALA D 1033 -54.09 -2.91 32.73
CA ALA D 1033 -54.12 -2.85 31.28
C ALA D 1033 -55.49 -2.44 30.76
N MET D 1034 -56.56 -2.70 31.52
CA MET D 1034 -57.89 -2.27 31.12
C MET D 1034 -58.09 -0.77 31.26
N SER D 1035 -57.28 -0.11 32.09
CA SER D 1035 -57.44 1.32 32.32
C SER D 1035 -57.21 2.15 31.07
N TYR D 1036 -56.43 1.65 30.11
CA TYR D 1036 -56.20 2.38 28.86
C TYR D 1036 -57.45 2.40 27.99
N GLY D 1037 -58.29 1.37 28.06
CA GLY D 1037 -59.51 1.28 27.28
C GLY D 1037 -59.34 0.69 25.89
N TYR D 1038 -58.19 0.89 25.25
CA TYR D 1038 -57.95 0.38 23.91
C TYR D 1038 -57.06 -0.86 23.91
N VAL D 1039 -56.88 -1.48 25.07
CA VAL D 1039 -56.11 -2.72 25.20
C VAL D 1039 -57.08 -3.87 25.42
N TYR D 1040 -56.98 -4.89 24.57
CA TYR D 1040 -57.70 -6.13 24.80
C TYR D 1040 -57.03 -6.91 25.91
N VAL D 1041 -57.78 -7.22 26.97
CA VAL D 1041 -57.26 -7.95 28.12
C VAL D 1041 -58.15 -9.17 28.36
N ALA D 1042 -57.51 -10.31 28.62
CA ALA D 1042 -58.22 -11.55 28.87
C ALA D 1042 -57.46 -12.37 29.89
N SER D 1043 -58.21 -13.01 30.80
CA SER D 1043 -57.65 -13.92 31.78
C SER D 1043 -58.18 -15.31 31.47
N VAL D 1044 -57.28 -16.24 31.19
CA VAL D 1044 -57.65 -17.56 30.67
C VAL D 1044 -57.02 -18.67 31.51
N ALA D 1045 -57.59 -19.86 31.37
CA ALA D 1045 -57.06 -21.07 32.00
C ALA D 1045 -57.59 -22.27 31.24
N MET D 1046 -56.71 -22.97 30.52
CA MET D 1046 -57.14 -24.04 29.62
C MET D 1046 -57.85 -25.16 30.36
N GLY D 1047 -57.34 -25.55 31.53
CA GLY D 1047 -57.95 -26.62 32.29
C GLY D 1047 -59.37 -26.32 32.75
N ALA D 1048 -59.71 -25.04 32.88
CA ALA D 1048 -61.04 -24.64 33.33
C ALA D 1048 -62.04 -24.55 32.19
N SER D 1049 -61.64 -23.97 31.06
CA SER D 1049 -62.56 -23.78 29.94
C SER D 1049 -61.79 -23.78 28.65
N HIS D 1050 -62.02 -24.78 27.80
CA HIS D 1050 -61.40 -24.78 26.48
C HIS D 1050 -62.00 -23.70 25.59
N SER D 1051 -63.32 -23.54 25.64
CA SER D 1051 -63.97 -22.57 24.75
C SER D 1051 -63.62 -21.15 25.12
N GLN D 1052 -63.49 -20.86 26.41
CA GLN D 1052 -63.12 -19.51 26.82
C GLN D 1052 -61.69 -19.17 26.40
N LEU D 1053 -60.79 -20.15 26.41
CA LEU D 1053 -59.43 -19.93 25.93
C LEU D 1053 -59.39 -19.74 24.42
N MET D 1054 -60.17 -20.53 23.67
CA MET D 1054 -60.24 -20.36 22.23
C MET D 1054 -60.77 -18.97 21.88
N LYS D 1055 -61.79 -18.52 22.60
CA LYS D 1055 -62.39 -17.23 22.31
C LYS D 1055 -61.40 -16.09 22.53
N ALA D 1056 -60.65 -16.14 23.63
CA ALA D 1056 -59.76 -15.04 23.96
C ALA D 1056 -58.56 -14.99 23.04
N LEU D 1057 -57.99 -16.15 22.68
CA LEU D 1057 -56.83 -16.16 21.80
C LEU D 1057 -57.15 -15.63 20.41
N ILE D 1058 -58.29 -16.04 19.85
CA ILE D 1058 -58.62 -15.65 18.49
C ILE D 1058 -59.06 -14.19 18.43
N GLU D 1059 -59.92 -13.77 19.37
CA GLU D 1059 -60.38 -12.39 19.39
C GLU D 1059 -59.24 -11.42 19.68
N ALA D 1060 -58.30 -11.82 20.54
CA ALA D 1060 -57.17 -10.94 20.86
C ALA D 1060 -56.27 -10.77 19.66
N GLU D 1061 -56.08 -11.83 18.87
CA GLU D 1061 -55.18 -11.76 17.73
C GLU D 1061 -55.76 -10.91 16.61
N LYS D 1062 -57.08 -11.00 16.39
CA LYS D 1062 -57.73 -10.19 15.37
C LYS D 1062 -57.88 -8.74 15.78
N TYR D 1063 -57.84 -8.44 17.07
CA TYR D 1063 -57.97 -7.05 17.50
C TYR D 1063 -56.83 -6.22 16.95
N ASP D 1064 -57.18 -5.15 16.23
CA ASP D 1064 -56.18 -4.29 15.61
C ASP D 1064 -55.65 -3.33 16.68
N GLY D 1065 -54.82 -3.88 17.55
CA GLY D 1065 -54.27 -3.15 18.66
C GLY D 1065 -53.56 -4.05 19.64
N PRO D 1066 -53.18 -3.51 20.79
CA PRO D 1066 -52.45 -4.30 21.77
C PRO D 1066 -53.37 -5.29 22.48
N SER D 1067 -52.87 -6.52 22.63
CA SER D 1067 -53.61 -7.60 23.25
C SER D 1067 -52.78 -8.21 24.37
N LEU D 1068 -53.42 -8.49 25.49
CA LEU D 1068 -52.77 -9.07 26.67
C LEU D 1068 -53.58 -10.28 27.09
N ILE D 1069 -52.95 -11.46 27.03
CA ILE D 1069 -53.56 -12.72 27.42
C ILE D 1069 -52.79 -13.24 28.62
N ILE D 1070 -53.43 -13.29 29.77
CA ILE D 1070 -52.83 -13.80 31.01
C ILE D 1070 -53.32 -15.22 31.23
N ALA D 1071 -52.44 -16.19 31.05
CA ALA D 1071 -52.79 -17.61 31.10
C ALA D 1071 -52.30 -18.21 32.41
N TYR D 1072 -53.20 -18.89 33.13
CA TYR D 1072 -52.81 -19.61 34.33
C TYR D 1072 -52.03 -20.87 33.92
N ALA D 1073 -50.77 -20.95 34.34
CA ALA D 1073 -49.87 -22.03 33.95
C ALA D 1073 -49.43 -22.84 35.16
N PRO D 1074 -50.04 -24.00 35.41
CA PRO D 1074 -49.58 -24.85 36.52
C PRO D 1074 -48.13 -25.27 36.34
N CYS D 1075 -47.43 -25.41 37.48
CA CYS D 1075 -45.99 -25.63 37.46
C CYS D 1075 -45.61 -26.60 38.58
N ILE D 1076 -44.44 -27.24 38.41
CA ILE D 1076 -43.95 -28.17 39.43
C ILE D 1076 -43.62 -27.45 40.72
N ASN D 1077 -43.28 -26.16 40.65
CA ASN D 1077 -42.97 -25.40 41.85
C ASN D 1077 -44.19 -25.15 42.72
N HIS D 1078 -45.40 -25.42 42.21
CA HIS D 1078 -46.61 -25.31 43.02
C HIS D 1078 -46.73 -26.43 44.04
N GLY D 1079 -46.08 -27.58 43.80
CA GLY D 1079 -46.18 -28.70 44.70
C GLY D 1079 -47.46 -29.48 44.49
N ILE D 1080 -47.65 -29.99 43.27
CA ILE D 1080 -48.84 -30.74 42.89
C ILE D 1080 -48.42 -31.94 42.05
N ASN D 1081 -49.34 -32.86 41.85
CA ASN D 1081 -49.13 -33.98 40.93
C ASN D 1081 -49.34 -33.44 39.52
N MET D 1082 -48.26 -33.35 38.75
CA MET D 1082 -48.36 -32.80 37.40
C MET D 1082 -49.16 -33.69 36.45
N THR D 1083 -49.47 -34.93 36.85
CA THR D 1083 -50.39 -35.73 36.06
C THR D 1083 -51.73 -35.03 35.90
N TYR D 1084 -52.18 -34.34 36.95
CA TYR D 1084 -53.46 -33.65 36.90
C TYR D 1084 -53.25 -32.13 36.84
N SER D 1085 -52.34 -31.69 35.97
CA SER D 1085 -52.07 -30.26 35.84
C SER D 1085 -53.25 -29.53 35.23
N GLN D 1086 -53.90 -30.11 34.23
CA GLN D 1086 -55.11 -29.51 33.66
C GLN D 1086 -56.19 -29.39 34.71
N ARG D 1087 -56.34 -30.41 35.57
CA ARG D 1087 -57.34 -30.38 36.62
C ARG D 1087 -57.05 -29.29 37.65
N GLU D 1088 -55.77 -29.01 37.89
CA GLU D 1088 -55.42 -27.99 38.87
C GLU D 1088 -55.85 -26.60 38.41
N ALA D 1089 -55.80 -26.34 37.10
CA ALA D 1089 -56.32 -25.08 36.59
C ALA D 1089 -57.84 -25.04 36.64
N LYS D 1090 -58.49 -26.21 36.50
CA LYS D 1090 -59.95 -26.25 36.63
C LYS D 1090 -60.36 -25.97 38.08
N LYS D 1091 -59.63 -26.53 39.04
CA LYS D 1091 -59.92 -26.26 40.44
C LYS D 1091 -59.62 -24.80 40.79
N ALA D 1092 -58.68 -24.17 40.09
CA ALA D 1092 -58.32 -22.78 40.36
C ALA D 1092 -59.45 -21.83 40.00
N VAL D 1093 -60.10 -22.05 38.85
CA VAL D 1093 -61.20 -21.18 38.47
C VAL D 1093 -62.47 -21.50 39.25
N GLU D 1094 -62.72 -22.79 39.50
CA GLU D 1094 -63.94 -23.17 40.20
C GLU D 1094 -63.94 -22.72 41.66
N ALA D 1095 -62.78 -22.46 42.24
CA ALA D 1095 -62.70 -22.01 43.63
C ALA D 1095 -62.58 -20.49 43.75
N GLY D 1096 -62.73 -19.76 42.64
CA GLY D 1096 -62.54 -18.32 42.68
C GLY D 1096 -61.11 -17.87 42.80
N TYR D 1097 -60.15 -18.77 42.60
CA TYR D 1097 -58.74 -18.44 42.73
C TYR D 1097 -58.20 -17.73 41.50
N TRP D 1098 -58.70 -18.10 40.31
CA TRP D 1098 -58.25 -17.51 39.05
C TRP D 1098 -59.47 -17.07 38.27
N PRO D 1099 -59.55 -15.81 37.86
CA PRO D 1099 -60.73 -15.34 37.12
C PRO D 1099 -60.62 -15.60 35.63
N LEU D 1100 -61.78 -15.67 35.00
CA LEU D 1100 -61.90 -15.79 33.54
C LEU D 1100 -62.75 -14.62 33.05
N TYR D 1101 -62.13 -13.69 32.34
CA TYR D 1101 -62.83 -12.55 31.79
C TYR D 1101 -62.22 -12.20 30.43
N ARG D 1102 -62.90 -11.33 29.70
CA ARG D 1102 -62.43 -10.81 28.43
C ARG D 1102 -62.86 -9.36 28.31
N TYR D 1103 -61.89 -8.47 28.08
CA TYR D 1103 -62.14 -7.05 27.89
C TYR D 1103 -61.87 -6.71 26.44
N ASN D 1104 -62.94 -6.49 25.66
CA ASN D 1104 -62.82 -6.22 24.24
C ASN D 1104 -63.11 -4.76 23.97
N PRO D 1105 -62.11 -3.94 23.64
CA PRO D 1105 -62.39 -2.52 23.31
C PRO D 1105 -63.34 -2.34 22.14
N GLN D 1106 -63.43 -3.32 21.24
CA GLN D 1106 -64.32 -3.16 20.10
C GLN D 1106 -65.78 -3.16 20.53
N LEU D 1107 -66.10 -3.86 21.63
CA LEU D 1107 -67.45 -3.80 22.17
C LEU D 1107 -67.82 -2.40 22.64
N ALA D 1108 -66.83 -1.64 23.12
CA ALA D 1108 -67.10 -0.27 23.55
C ALA D 1108 -67.40 0.64 22.37
N GLN D 1109 -66.72 0.45 21.24
CA GLN D 1109 -67.00 1.26 20.06
C GLN D 1109 -68.37 0.95 19.46
N GLU D 1110 -68.91 -0.24 19.73
CA GLU D 1110 -70.24 -0.61 19.30
C GLU D 1110 -71.30 -0.29 20.33
N GLY D 1111 -70.98 0.51 21.35
CA GLY D 1111 -71.94 0.89 22.35
C GLY D 1111 -72.22 -0.15 23.43
N LYS D 1112 -71.46 -1.23 23.46
CA LYS D 1112 -71.67 -2.34 24.39
C LYS D 1112 -70.65 -2.27 25.53
N ASN D 1113 -70.86 -3.12 26.52
CA ASN D 1113 -69.94 -3.20 27.66
C ASN D 1113 -68.68 -3.94 27.26
N PRO D 1114 -67.49 -3.34 27.37
CA PRO D 1114 -66.28 -4.06 26.96
C PRO D 1114 -65.92 -5.23 27.87
N PHE D 1115 -66.31 -5.20 29.14
CA PHE D 1115 -65.90 -6.24 30.09
C PHE D 1115 -66.96 -7.34 30.13
N ILE D 1116 -66.55 -8.58 29.83
CA ILE D 1116 -67.41 -9.75 29.92
C ILE D 1116 -66.77 -10.72 30.90
N LEU D 1117 -67.49 -11.04 31.97
CA LEU D 1117 -67.03 -12.01 32.96
C LEU D 1117 -67.53 -13.39 32.55
N ASP D 1118 -66.60 -14.26 32.16
CA ASP D 1118 -66.96 -15.57 31.60
C ASP D 1118 -67.25 -16.62 32.68
N TYR D 1119 -66.86 -16.37 33.93
CA TYR D 1119 -67.14 -17.29 35.03
C TYR D 1119 -67.53 -16.45 36.23
N LYS D 1120 -68.81 -16.45 36.57
CA LYS D 1120 -69.35 -15.57 37.60
C LYS D 1120 -69.46 -16.23 38.96
N THR D 1121 -69.96 -17.45 39.03
CA THR D 1121 -70.25 -18.10 40.30
C THR D 1121 -69.34 -19.31 40.51
N PRO D 1122 -68.38 -19.24 41.44
CA PRO D 1122 -67.55 -20.41 41.73
C PRO D 1122 -68.30 -21.44 42.56
N THR D 1123 -67.96 -22.71 42.32
CA THR D 1123 -68.65 -23.82 42.96
C THR D 1123 -67.75 -24.63 43.90
N ALA D 1124 -66.44 -24.44 43.86
CA ALA D 1124 -65.51 -25.21 44.68
C ALA D 1124 -65.06 -24.40 45.89
N SER D 1125 -64.54 -25.11 46.88
CA SER D 1125 -64.05 -24.48 48.10
C SER D 1125 -62.69 -23.83 47.88
N PHE D 1126 -62.54 -22.60 48.35
CA PHE D 1126 -61.31 -21.85 48.13
C PHE D 1126 -60.16 -22.43 48.94
N ARG D 1127 -60.40 -22.72 50.22
CA ARG D 1127 -59.31 -23.26 51.04
C ARG D 1127 -58.95 -24.69 50.63
N ASP D 1128 -59.91 -25.48 50.19
CA ASP D 1128 -59.58 -26.82 49.72
C ASP D 1128 -58.63 -26.76 48.54
N PHE D 1129 -58.73 -25.71 47.72
CA PHE D 1129 -57.78 -25.55 46.62
C PHE D 1129 -56.39 -25.20 47.13
N LEU D 1130 -56.30 -24.37 48.18
CA LEU D 1130 -54.99 -24.03 48.74
C LEU D 1130 -54.30 -25.24 49.35
N MET D 1131 -55.06 -26.13 50.01
CA MET D 1131 -54.50 -27.29 50.67
C MET D 1131 -54.05 -28.37 49.68
N GLY D 1132 -54.41 -28.27 48.42
CA GLY D 1132 -53.96 -29.21 47.41
C GLY D 1132 -52.63 -28.89 46.78
N GLU D 1133 -51.97 -27.82 47.23
CA GLU D 1133 -50.69 -27.40 46.68
C GLU D 1133 -49.69 -27.17 47.81
N ILE D 1134 -48.48 -27.69 47.61
CA ILE D 1134 -47.46 -27.60 48.67
C ILE D 1134 -47.05 -26.15 48.91
N ARG D 1135 -47.14 -25.29 47.89
CA ARG D 1135 -46.77 -23.90 48.07
C ARG D 1135 -47.65 -23.17 49.08
N TYR D 1136 -48.78 -23.76 49.47
CA TYR D 1136 -49.63 -23.20 50.51
C TYR D 1136 -49.65 -24.03 51.79
N THR D 1137 -49.49 -25.35 51.69
CA THR D 1137 -49.49 -26.18 52.88
C THR D 1137 -48.19 -26.04 53.66
N SER D 1138 -47.11 -25.65 52.98
CA SER D 1138 -45.84 -25.41 53.64
C SER D 1138 -45.88 -24.20 54.56
N LEU D 1139 -46.88 -23.32 54.41
CA LEU D 1139 -46.98 -22.18 55.31
C LEU D 1139 -47.34 -22.63 56.73
N LYS D 1140 -48.16 -23.67 56.86
CA LYS D 1140 -48.49 -24.18 58.19
C LYS D 1140 -47.30 -24.88 58.83
N LYS D 1141 -46.38 -25.40 58.02
CA LYS D 1141 -45.20 -26.08 58.53
C LYS D 1141 -44.01 -25.15 58.74
N GLN D 1142 -44.01 -23.97 58.12
CA GLN D 1142 -42.92 -23.00 58.30
C GLN D 1142 -43.29 -21.99 59.38
N PHE D 1143 -44.23 -21.09 59.08
CA PHE D 1143 -44.74 -20.11 60.02
C PHE D 1143 -46.19 -20.43 60.36
N PRO D 1144 -46.46 -21.23 61.40
CA PRO D 1144 -47.83 -21.65 61.67
C PRO D 1144 -48.68 -20.63 62.42
N GLU D 1145 -48.06 -19.65 63.09
CA GLU D 1145 -48.82 -18.69 63.87
C GLU D 1145 -49.78 -17.89 63.00
N LYS D 1146 -49.25 -17.27 61.93
CA LYS D 1146 -50.05 -16.44 61.05
C LYS D 1146 -50.47 -17.16 59.77
N ALA D 1147 -50.25 -18.49 59.70
CA ALA D 1147 -50.63 -19.23 58.50
C ALA D 1147 -52.14 -19.22 58.29
N GLU D 1148 -52.89 -19.39 59.37
CA GLU D 1148 -54.35 -19.36 59.27
C GLU D 1148 -54.87 -18.00 58.86
N GLN D 1149 -54.24 -16.92 59.33
CA GLN D 1149 -54.72 -15.58 58.99
C GLN D 1149 -54.51 -15.29 57.50
N LEU D 1150 -53.40 -15.76 56.94
CA LEU D 1150 -53.12 -15.51 55.52
C LEU D 1150 -54.04 -16.32 54.62
N PHE D 1151 -54.41 -17.53 55.04
CA PHE D 1151 -55.37 -18.30 54.24
C PHE D 1151 -56.71 -17.59 54.21
N ALA D 1152 -57.11 -16.99 55.33
CA ALA D 1152 -58.34 -16.21 55.37
C ALA D 1152 -58.17 -14.91 54.59
N LYS D 1153 -56.97 -14.33 54.60
CA LYS D 1153 -56.69 -13.12 53.85
C LYS D 1153 -56.77 -13.38 52.35
N ALA D 1154 -56.31 -14.56 51.91
CA ALA D 1154 -56.38 -14.90 50.49
C ALA D 1154 -57.82 -15.09 50.01
N GLU D 1155 -58.69 -15.65 50.86
CA GLU D 1155 -60.07 -15.86 50.45
C GLU D 1155 -60.83 -14.55 50.37
N ALA D 1156 -60.55 -13.62 51.28
CA ALA D 1156 -61.20 -12.31 51.22
C ALA D 1156 -60.74 -11.52 50.00
N ASP D 1157 -59.47 -11.67 49.62
CA ASP D 1157 -58.97 -11.00 48.42
C ASP D 1157 -59.55 -11.60 47.14
N ALA D 1158 -59.79 -12.91 47.14
CA ALA D 1158 -60.37 -13.54 45.96
C ALA D 1158 -61.85 -13.22 45.80
N LYS D 1159 -62.57 -13.08 46.91
CA LYS D 1159 -63.99 -12.71 46.83
C LYS D 1159 -64.16 -11.24 46.49
N ALA D 1160 -63.32 -10.37 47.06
CA ALA D 1160 -63.41 -8.95 46.73
C ALA D 1160 -63.01 -8.70 45.29
N ARG D 1161 -62.08 -9.50 44.75
CA ARG D 1161 -61.72 -9.39 43.35
C ARG D 1161 -62.83 -9.92 42.45
N LEU D 1162 -63.50 -10.99 42.88
CA LEU D 1162 -64.61 -11.53 42.09
C LEU D 1162 -65.80 -10.57 42.10
N GLU D 1163 -66.10 -9.97 43.25
CA GLU D 1163 -67.19 -9.00 43.32
C GLU D 1163 -66.88 -7.73 42.52
N GLN D 1164 -65.60 -7.38 42.39
CA GLN D 1164 -65.24 -6.20 41.61
C GLN D 1164 -65.45 -6.46 40.12
N TYR D 1165 -65.18 -7.68 39.67
CA TYR D 1165 -65.41 -8.02 38.27
C TYR D 1165 -66.89 -8.13 37.94
N LYS D 1166 -67.72 -8.53 38.91
CA LYS D 1166 -69.15 -8.57 38.68
C LYS D 1166 -69.73 -7.18 38.49
N LYS D 1167 -69.18 -6.18 39.18
CA LYS D 1167 -69.66 -4.81 39.01
C LYS D 1167 -69.25 -4.24 37.65
N LEU D 1168 -68.05 -4.58 37.19
CA LEU D 1168 -67.61 -4.12 35.87
C LEU D 1168 -68.44 -4.75 34.76
N ALA D 1169 -68.96 -5.96 34.98
CA ALA D 1169 -69.78 -6.60 33.96
C ALA D 1169 -71.23 -6.14 33.99
N GLU D 1170 -71.75 -5.81 35.17
CA GLU D 1170 -73.12 -5.35 35.31
C GLU D 1170 -73.28 -3.90 34.88
N PRO E 2 34.24 -78.36 19.57
CA PRO E 2 34.21 -78.23 21.02
C PRO E 2 33.36 -77.05 21.49
N LYS E 3 32.93 -77.07 22.74
CA LYS E 3 32.17 -76.00 23.33
C LYS E 3 33.10 -75.13 24.17
N GLN E 4 33.09 -73.83 23.93
CA GLN E 4 33.90 -72.91 24.72
C GLN E 4 33.06 -71.69 25.04
N THR E 5 33.42 -71.00 26.12
CA THR E 5 32.77 -69.76 26.52
C THR E 5 33.67 -68.61 26.09
N LEU E 6 33.23 -67.85 25.08
CA LEU E 6 33.95 -66.75 24.49
C LEU E 6 33.06 -65.53 24.43
N ASP E 7 33.64 -64.40 24.04
CA ASP E 7 32.83 -63.23 23.72
C ASP E 7 32.75 -63.06 22.21
N GLY E 8 31.88 -62.14 21.78
CA GLY E 8 31.69 -61.92 20.37
C GLY E 8 32.99 -61.59 19.66
N ASN E 9 33.83 -60.74 20.27
CA ASN E 9 35.08 -60.36 19.63
C ASN E 9 35.97 -61.58 19.39
N THR E 10 36.10 -62.43 20.40
CA THR E 10 36.93 -63.62 20.25
C THR E 10 36.35 -64.58 19.22
N ALA E 11 35.03 -64.71 19.19
CA ALA E 11 34.41 -65.56 18.17
C ALA E 11 34.72 -65.07 16.77
N ALA E 12 34.69 -63.75 16.55
CA ALA E 12 35.00 -63.20 15.23
C ALA E 12 36.49 -63.36 14.92
N ALA E 13 37.35 -63.01 15.87
CA ALA E 13 38.78 -63.15 15.65
C ALA E 13 39.17 -64.60 15.39
N HIS E 14 38.46 -65.53 16.02
CA HIS E 14 38.73 -66.95 15.81
C HIS E 14 38.62 -67.32 14.34
N VAL E 15 37.55 -66.86 13.67
CA VAL E 15 37.37 -67.18 12.26
C VAL E 15 38.29 -66.33 11.39
N ALA E 16 38.40 -65.04 11.73
CA ALA E 16 39.25 -64.15 10.94
C ALA E 16 40.68 -64.64 10.93
N TYR E 17 41.17 -65.14 12.07
CA TYR E 17 42.54 -65.63 12.13
C TYR E 17 42.74 -66.82 11.19
N ALA E 18 41.79 -67.75 11.19
CA ALA E 18 41.96 -68.97 10.40
C ALA E 18 41.92 -68.70 8.90
N MET E 19 41.12 -67.73 8.47
CA MET E 19 40.82 -67.52 7.05
C MET E 19 41.69 -66.44 6.40
N SER E 20 42.60 -65.82 7.14
CA SER E 20 43.34 -64.67 6.64
C SER E 20 44.84 -64.90 6.75
N GLU E 21 45.59 -64.27 5.84
CA GLU E 21 47.04 -64.24 5.91
C GLU E 21 47.55 -62.97 6.56
N VAL E 22 46.92 -61.83 6.28
CA VAL E 22 47.34 -60.54 6.79
C VAL E 22 46.17 -59.86 7.49
N ALA E 23 46.49 -59.10 8.54
CA ALA E 23 45.50 -58.24 9.19
C ALA E 23 46.20 -56.91 9.47
N THR E 24 45.89 -55.89 8.69
CA THR E 24 46.41 -54.54 8.92
C THR E 24 45.35 -53.78 9.69
N ILE E 25 45.70 -53.34 10.90
CA ILE E 25 44.71 -52.91 11.88
C ILE E 25 45.14 -51.59 12.52
N TYR E 26 44.20 -50.99 13.25
CA TYR E 26 44.41 -49.83 14.12
C TYR E 26 43.34 -49.97 15.21
N PRO E 27 43.71 -49.84 16.47
CA PRO E 27 42.79 -50.21 17.56
C PRO E 27 41.71 -49.17 17.80
N ILE E 28 40.49 -49.66 18.06
CA ILE E 28 39.40 -48.80 18.52
C ILE E 28 38.36 -49.64 19.26
N THR E 29 37.96 -49.17 20.44
CA THR E 29 36.91 -49.83 21.21
C THR E 29 35.60 -49.76 20.42
N PRO E 30 34.77 -50.82 20.43
CA PRO E 30 34.96 -52.12 21.09
C PRO E 30 35.45 -53.23 20.17
N SER E 31 36.15 -52.86 19.09
CA SER E 31 36.64 -53.84 18.14
C SER E 31 38.08 -54.25 18.40
N SER E 32 38.84 -53.42 19.12
CA SER E 32 40.26 -53.70 19.31
C SER E 32 40.56 -55.00 20.04
N PRO E 33 39.71 -55.55 20.94
CA PRO E 33 40.00 -56.89 21.47
C PRO E 33 40.19 -57.94 20.41
N MET E 34 39.53 -57.78 19.25
CA MET E 34 39.74 -58.70 18.15
C MET E 34 41.19 -58.70 17.70
N ALA E 35 41.75 -57.51 17.48
CA ALA E 35 43.13 -57.44 17.01
C ALA E 35 44.12 -57.83 18.10
N GLU E 36 43.77 -57.61 19.37
CA GLU E 36 44.66 -57.97 20.45
C GLU E 36 44.81 -59.49 20.58
N ILE E 37 43.70 -60.22 20.55
CA ILE E 37 43.77 -61.66 20.73
C ILE E 37 44.38 -62.32 19.49
N ALA E 38 44.18 -61.74 18.31
CA ALA E 38 44.83 -62.28 17.12
C ALA E 38 46.34 -62.07 17.17
N ASP E 39 46.79 -60.96 17.73
CA ASP E 39 48.22 -60.72 17.91
C ASP E 39 48.80 -61.71 18.92
N GLU E 40 48.05 -62.00 20.00
CA GLU E 40 48.51 -62.98 20.97
C GLU E 40 48.59 -64.37 20.36
N TRP E 41 47.58 -64.76 19.58
CA TRP E 41 47.60 -66.06 18.93
C TRP E 41 48.79 -66.20 18.00
N ALA E 42 49.09 -65.13 17.23
CA ALA E 42 50.25 -65.16 16.35
C ALA E 42 51.54 -65.28 17.15
N ALA E 43 51.66 -64.54 18.26
CA ALA E 43 52.86 -64.63 19.09
C ALA E 43 53.04 -66.02 19.66
N HIS E 44 51.95 -66.76 19.84
CA HIS E 44 52.02 -68.11 20.35
C HIS E 44 52.04 -69.14 19.24
N GLY E 45 52.09 -68.71 17.98
CA GLY E 45 52.29 -69.63 16.87
C GLY E 45 51.08 -70.38 16.40
N ARG E 46 49.87 -69.81 16.57
CA ARG E 46 48.67 -70.45 16.04
C ARG E 46 48.70 -70.43 14.52
N LYS E 47 48.37 -71.55 13.91
CA LYS E 47 48.34 -71.68 12.45
C LYS E 47 46.95 -71.44 11.90
N ASN E 48 46.88 -70.71 10.79
CA ASN E 48 45.63 -70.54 10.07
C ASN E 48 45.46 -71.73 9.14
N ILE E 49 44.45 -71.70 8.27
CA ILE E 49 44.20 -72.83 7.38
C ILE E 49 45.29 -72.95 6.33
N PHE E 50 46.21 -71.99 6.29
CA PHE E 50 47.34 -72.05 5.38
C PHE E 50 48.61 -72.56 6.06
N GLY E 51 48.50 -73.02 7.30
CA GLY E 51 49.65 -73.55 8.00
C GLY E 51 50.62 -72.50 8.52
N LYS E 52 50.24 -71.24 8.48
CA LYS E 52 51.12 -70.15 8.89
C LYS E 52 50.44 -69.35 10.02
N THR E 53 51.24 -68.49 10.65
CA THR E 53 50.68 -67.58 11.64
C THR E 53 50.15 -66.35 10.93
N LEU E 54 49.11 -65.75 11.50
CA LEU E 54 48.58 -64.52 10.94
C LEU E 54 49.58 -63.39 11.13
N GLN E 55 49.77 -62.57 10.09
CA GLN E 55 50.62 -61.39 10.20
C GLN E 55 49.76 -60.19 10.55
N VAL E 56 49.99 -59.63 11.74
CA VAL E 56 49.26 -58.46 12.20
C VAL E 56 50.18 -57.25 12.06
N ALA E 57 49.71 -56.22 11.33
CA ALA E 57 50.47 -55.00 11.12
C ALA E 57 49.63 -53.82 11.58
N GLU E 58 50.17 -53.03 12.51
CA GLU E 58 49.46 -51.86 13.03
C GLU E 58 49.83 -50.65 12.19
N MET E 59 48.81 -49.90 11.78
CA MET E 59 49.03 -48.71 10.97
C MET E 59 48.96 -47.47 11.86
N GLN E 60 49.03 -46.29 11.23
CA GLN E 60 48.95 -45.04 11.95
C GLN E 60 47.51 -44.59 12.21
N SER E 61 46.56 -45.18 11.49
CA SER E 61 45.13 -44.87 11.64
C SER E 61 44.36 -45.93 10.89
N GLU E 62 43.03 -45.87 11.00
CA GLU E 62 42.20 -46.79 10.22
C GLU E 62 42.22 -46.44 8.74
N ALA E 63 42.47 -45.18 8.40
CA ALA E 63 42.67 -44.83 7.00
C ALA E 63 43.87 -45.56 6.43
N GLY E 64 44.99 -45.54 7.17
CA GLY E 64 46.14 -46.31 6.77
C GLY E 64 45.88 -47.80 6.76
N ALA E 65 45.05 -48.29 7.70
CA ALA E 65 44.72 -49.70 7.72
C ALA E 65 43.97 -50.10 6.46
N ALA E 66 42.95 -49.32 6.10
CA ALA E 66 42.16 -49.64 4.90
C ALA E 66 43.02 -49.57 3.64
N GLY E 67 43.86 -48.54 3.52
CA GLY E 67 44.74 -48.46 2.36
C GLY E 67 45.69 -49.64 2.28
N ALA E 68 46.20 -50.10 3.43
CA ALA E 68 47.05 -51.28 3.43
C ALA E 68 46.26 -52.53 3.06
N VAL E 69 45.00 -52.62 3.49
CA VAL E 69 44.16 -53.75 3.08
C VAL E 69 44.04 -53.79 1.57
N HIS E 70 43.78 -52.62 0.97
CA HIS E 70 43.61 -52.56 -0.47
C HIS E 70 44.87 -53.03 -1.19
N GLY E 71 46.03 -52.55 -0.76
CA GLY E 71 47.27 -52.97 -1.40
C GLY E 71 47.57 -54.45 -1.19
N SER E 72 47.36 -54.94 0.03
CA SER E 72 47.61 -56.35 0.30
C SER E 72 46.69 -57.24 -0.52
N LEU E 73 45.44 -56.82 -0.69
CA LEU E 73 44.51 -57.59 -1.50
C LEU E 73 44.91 -57.56 -2.96
N ALA E 74 45.24 -56.39 -3.49
CA ALA E 74 45.60 -56.27 -4.90
C ALA E 74 46.90 -56.99 -5.22
N ALA E 75 47.74 -57.25 -4.23
CA ALA E 75 49.00 -57.96 -4.47
C ALA E 75 48.91 -59.45 -4.15
N GLY E 76 47.78 -59.95 -3.69
CA GLY E 76 47.53 -61.37 -3.65
C GLY E 76 47.55 -62.04 -2.29
N ALA E 77 47.28 -61.32 -1.20
CA ALA E 77 47.24 -61.90 0.13
C ALA E 77 45.85 -61.73 0.71
N LEU E 78 45.30 -62.81 1.25
CA LEU E 78 44.01 -62.75 1.91
C LEU E 78 44.15 -61.89 3.16
N THR E 79 43.37 -60.83 3.24
CA THR E 79 43.59 -59.79 4.23
C THR E 79 42.27 -59.41 4.89
N THR E 80 42.32 -59.21 6.20
CA THR E 80 41.16 -58.82 6.99
C THR E 80 41.52 -57.62 7.85
N THR E 81 40.52 -57.09 8.55
CA THR E 81 40.76 -56.02 9.52
C THR E 81 39.57 -55.97 10.47
N PHE E 82 39.76 -55.27 11.59
CA PHE E 82 38.75 -55.13 12.63
C PHE E 82 38.64 -53.66 12.98
N THR E 83 37.43 -53.14 13.03
CA THR E 83 37.24 -51.71 13.23
C THR E 83 35.82 -51.45 13.72
N ALA E 84 35.50 -50.16 13.91
CA ALA E 84 34.21 -49.69 14.38
C ALA E 84 34.21 -48.17 14.36
N SER E 85 33.00 -47.61 14.28
CA SER E 85 32.70 -46.20 14.57
C SER E 85 33.63 -45.28 13.77
N GLN E 86 34.31 -44.32 14.42
CA GLN E 86 35.16 -43.36 13.72
C GLN E 86 36.20 -44.05 12.87
N GLY E 87 36.64 -45.25 13.27
CA GLY E 87 37.57 -45.99 12.45
C GLY E 87 36.96 -46.46 11.15
N LEU E 88 35.73 -46.96 11.20
CA LEU E 88 35.07 -47.41 9.98
C LEU E 88 34.85 -46.24 9.01
N LEU E 89 34.57 -45.05 9.54
CA LEU E 89 34.39 -43.88 8.68
C LEU E 89 35.66 -43.62 7.86
N LEU E 90 36.82 -43.66 8.51
CA LEU E 90 38.08 -43.43 7.83
C LEU E 90 38.37 -44.50 6.78
N MET E 91 37.72 -45.65 6.87
CA MET E 91 37.91 -46.72 5.90
C MET E 91 36.96 -46.64 4.73
N ILE E 92 35.96 -45.77 4.80
CA ILE E 92 34.95 -45.71 3.74
C ILE E 92 35.56 -45.41 2.37
N PRO E 93 36.46 -44.42 2.21
CA PRO E 93 37.01 -44.18 0.87
C PRO E 93 37.67 -45.40 0.24
N ASN E 94 38.46 -46.17 1.00
CA ASN E 94 39.03 -47.37 0.43
C ASN E 94 37.99 -48.46 0.22
N MET E 95 36.89 -48.44 0.97
CA MET E 95 35.86 -49.45 0.77
C MET E 95 35.27 -49.35 -0.63
N TYR E 96 35.09 -48.12 -1.13
CA TYR E 96 34.62 -47.94 -2.50
C TYR E 96 35.58 -48.57 -3.49
N LYS E 97 36.88 -48.47 -3.24
CA LYS E 97 37.88 -49.05 -4.14
C LYS E 97 37.86 -50.57 -4.05
N ILE E 98 37.86 -51.10 -2.83
CA ILE E 98 37.89 -52.55 -2.62
C ILE E 98 36.65 -53.21 -3.21
N ALA E 99 35.49 -52.58 -3.02
CA ALA E 99 34.28 -53.07 -3.67
C ALA E 99 34.34 -52.86 -5.18
N GLY E 100 34.83 -51.69 -5.60
CA GLY E 100 34.90 -51.39 -7.02
C GLY E 100 35.80 -52.33 -7.79
N GLU E 101 36.84 -52.83 -7.14
CA GLU E 101 37.78 -53.76 -7.76
C GLU E 101 37.42 -55.22 -7.50
N LEU E 102 36.33 -55.48 -6.81
CA LEU E 102 35.86 -56.84 -6.56
C LEU E 102 36.95 -57.70 -5.93
N LEU E 103 37.43 -57.23 -4.77
CA LEU E 103 38.45 -57.97 -4.03
C LEU E 103 37.82 -58.69 -2.85
N PRO E 104 38.02 -59.99 -2.71
CA PRO E 104 37.40 -60.72 -1.59
C PRO E 104 37.98 -60.24 -0.27
N CYS E 105 37.11 -60.00 0.69
CA CYS E 105 37.54 -59.36 1.94
C CYS E 105 36.40 -59.41 2.95
N VAL E 106 36.76 -59.43 4.23
CA VAL E 106 35.80 -59.33 5.33
C VAL E 106 36.33 -58.32 6.32
N PHE E 107 35.56 -57.24 6.55
CA PHE E 107 35.77 -56.34 7.67
C PHE E 107 34.88 -56.79 8.81
N HIS E 108 35.45 -57.04 9.98
CA HIS E 108 34.67 -57.40 11.16
C HIS E 108 34.49 -56.15 12.01
N VAL E 109 33.23 -55.78 12.25
CA VAL E 109 32.88 -54.53 12.89
C VAL E 109 32.11 -54.83 14.16
N ALA E 110 32.62 -54.33 15.29
CA ALA E 110 31.86 -54.29 16.54
C ALA E 110 31.12 -52.97 16.51
N ALA E 111 29.93 -52.99 15.91
CA ALA E 111 29.22 -51.76 15.55
C ALA E 111 29.08 -50.83 16.75
N ARG E 112 29.50 -49.57 16.56
CA ARG E 112 29.56 -48.60 17.64
C ARG E 112 29.02 -47.26 17.15
N ALA E 113 28.43 -46.50 18.08
CA ALA E 113 27.88 -45.20 17.76
C ALA E 113 28.95 -44.26 17.20
N LEU E 114 28.51 -43.30 16.41
CA LEU E 114 29.38 -42.27 15.87
C LEU E 114 29.36 -41.04 16.75
N SER E 115 30.46 -40.29 16.74
CA SER E 115 30.58 -39.11 17.58
C SER E 115 29.78 -37.97 16.97
N THR E 116 28.74 -37.52 17.67
CA THR E 116 27.84 -36.50 17.16
C THR E 116 27.82 -35.34 18.17
N HIS E 117 26.74 -35.20 18.95
CA HIS E 117 26.75 -34.26 20.07
C HIS E 117 27.71 -34.68 21.16
N ALA E 118 28.14 -35.94 21.17
CA ALA E 118 29.04 -36.47 22.17
C ALA E 118 29.64 -37.75 21.64
N LEU E 119 30.80 -38.10 22.19
CA LEU E 119 31.43 -39.38 21.87
C LEU E 119 30.73 -40.50 22.62
N SER E 120 30.67 -41.67 21.98
CA SER E 120 30.10 -42.87 22.60
C SER E 120 30.88 -44.08 22.12
N ILE E 121 31.47 -44.82 23.08
CA ILE E 121 32.17 -46.04 22.73
C ILE E 121 31.23 -47.21 22.57
N PHE E 122 29.93 -47.01 22.78
CA PHE E 122 28.98 -48.10 22.90
C PHE E 122 28.26 -48.36 21.58
N GLY E 123 27.39 -49.36 21.58
CA GLY E 123 26.97 -50.02 20.36
C GLY E 123 25.69 -49.50 19.73
N ASP E 124 25.74 -49.28 18.43
CA ASP E 124 24.58 -49.23 17.55
C ASP E 124 25.09 -49.34 16.12
N HIS E 125 24.18 -49.24 15.16
CA HIS E 125 24.52 -49.50 13.77
C HIS E 125 24.87 -48.23 12.99
N ALA E 126 25.12 -47.11 13.67
CA ALA E 126 25.40 -45.85 12.97
C ALA E 126 26.61 -45.98 12.05
N ASP E 127 27.66 -46.67 12.51
CA ASP E 127 28.87 -46.77 11.70
C ASP E 127 28.64 -47.64 10.47
N VAL E 128 27.99 -48.79 10.64
CA VAL E 128 27.74 -49.69 9.51
C VAL E 128 26.82 -49.03 8.50
N MET E 129 25.80 -48.31 8.97
CA MET E 129 24.87 -47.66 8.04
C MET E 129 25.55 -46.55 7.25
N ALA E 130 26.58 -45.93 7.81
CA ALA E 130 27.28 -44.88 7.07
C ALA E 130 28.07 -45.44 5.91
N ALA E 131 28.22 -46.77 5.82
CA ALA E 131 28.98 -47.42 4.77
C ALA E 131 28.10 -48.26 3.85
N ARG E 132 26.78 -48.17 3.98
CA ARG E 132 25.90 -49.07 3.24
C ARG E 132 25.88 -48.82 1.74
N GLN E 133 26.46 -47.73 1.26
CA GLN E 133 26.48 -47.43 -0.17
C GLN E 133 27.85 -47.65 -0.80
N THR E 134 28.78 -48.27 -0.06
CA THR E 134 30.13 -48.51 -0.57
C THR E 134 30.20 -49.64 -1.58
N GLY E 135 29.18 -50.47 -1.67
CA GLY E 135 29.26 -51.66 -2.49
C GLY E 135 29.71 -52.88 -1.74
N PHE E 136 30.01 -52.74 -0.44
CA PHE E 136 30.28 -53.90 0.40
C PHE E 136 28.99 -54.66 0.66
N ALA E 137 29.10 -55.98 0.72
CA ALA E 137 28.03 -56.77 1.30
C ALA E 137 28.02 -56.57 2.81
N MET E 138 26.85 -56.75 3.42
CA MET E 138 26.71 -56.50 4.85
C MET E 138 25.93 -57.65 5.48
N LEU E 139 26.57 -58.35 6.41
CA LEU E 139 26.02 -59.53 7.06
C LEU E 139 26.01 -59.30 8.56
N SER E 140 24.84 -59.46 9.17
CA SER E 140 24.62 -59.12 10.57
C SER E 140 24.44 -60.38 11.40
N SER E 141 25.19 -60.49 12.50
CA SER E 141 25.07 -61.60 13.42
C SER E 141 24.47 -61.10 14.73
N ALA E 142 23.53 -61.88 15.29
CA ALA E 142 22.72 -61.42 16.41
C ALA E 142 23.20 -61.94 17.76
N SER E 143 24.09 -62.91 17.79
CA SER E 143 24.54 -63.48 19.06
C SER E 143 25.97 -63.97 18.88
N VAL E 144 26.60 -64.33 20.01
CA VAL E 144 27.97 -64.80 19.96
C VAL E 144 28.09 -66.03 19.09
N GLN E 145 27.13 -66.95 19.18
CA GLN E 145 27.16 -68.13 18.32
C GLN E 145 27.03 -67.74 16.86
N GLU E 146 26.21 -66.73 16.57
CA GLU E 146 26.06 -66.28 15.18
C GLU E 146 27.31 -65.56 14.70
N VAL E 147 28.02 -64.85 15.60
CA VAL E 147 29.29 -64.26 15.22
C VAL E 147 30.26 -65.32 14.76
N MET E 148 30.32 -66.44 15.48
CA MET E 148 31.15 -67.57 15.06
C MET E 148 30.71 -68.08 13.70
N ASP E 149 29.41 -68.32 13.54
CA ASP E 149 28.91 -68.96 12.32
C ASP E 149 28.95 -68.01 11.13
N LEU E 150 28.46 -66.78 11.31
CA LEU E 150 28.35 -65.86 10.18
C LEU E 150 29.66 -65.24 9.77
N ALA E 151 30.64 -65.16 10.68
CA ALA E 151 31.98 -64.79 10.26
C ALA E 151 32.50 -65.80 9.26
N LEU E 152 32.29 -67.09 9.52
CA LEU E 152 32.69 -68.12 8.58
C LEU E 152 31.93 -67.98 7.26
N VAL E 153 30.65 -67.64 7.34
CA VAL E 153 29.85 -67.45 6.13
C VAL E 153 30.42 -66.32 5.29
N ALA E 154 30.76 -65.20 5.93
CA ALA E 154 31.30 -64.06 5.18
C ALA E 154 32.62 -64.40 4.51
N HIS E 155 33.51 -65.09 5.24
CA HIS E 155 34.82 -65.43 4.67
C HIS E 155 34.68 -66.41 3.52
N LEU E 156 33.77 -67.38 3.64
CA LEU E 156 33.60 -68.34 2.54
C LEU E 156 32.92 -67.68 1.34
N ALA E 157 31.91 -66.85 1.59
CA ALA E 157 31.12 -66.28 0.50
C ALA E 157 31.93 -65.25 -0.28
N THR E 158 32.74 -64.44 0.41
CA THR E 158 33.43 -63.36 -0.29
C THR E 158 34.41 -63.91 -1.32
N LEU E 159 35.03 -65.06 -1.04
CA LEU E 159 35.91 -65.68 -2.03
C LEU E 159 35.13 -66.09 -3.27
N LYS E 160 33.93 -66.64 -3.07
CA LYS E 160 33.13 -67.08 -4.22
C LYS E 160 32.52 -65.91 -4.96
N ALA E 161 32.05 -64.89 -4.24
CA ALA E 161 31.30 -63.80 -4.87
C ALA E 161 32.17 -62.67 -5.38
N ARG E 162 33.41 -62.56 -4.88
CA ARG E 162 34.31 -61.44 -5.15
C ARG E 162 33.77 -60.11 -4.66
N VAL E 163 32.71 -60.11 -3.87
CA VAL E 163 32.18 -58.89 -3.27
C VAL E 163 32.63 -58.84 -1.82
N PRO E 164 33.31 -57.80 -1.38
CA PRO E 164 33.79 -57.76 0.00
C PRO E 164 32.65 -57.61 0.98
N PHE E 165 32.87 -58.08 2.22
CA PHE E 165 31.83 -58.17 3.22
C PHE E 165 32.15 -57.32 4.45
N VAL E 166 31.11 -56.70 5.00
CA VAL E 166 31.13 -56.20 6.36
C VAL E 166 30.31 -57.17 7.21
N HIS E 167 30.99 -57.88 8.10
CA HIS E 167 30.33 -58.73 9.08
C HIS E 167 30.33 -57.96 10.40
N PHE E 168 29.15 -57.54 10.85
CA PHE E 168 29.04 -56.68 12.02
C PHE E 168 28.12 -57.28 13.07
N PHE E 169 28.44 -56.96 14.32
CA PHE E 169 27.69 -57.39 15.49
C PHE E 169 27.68 -56.25 16.50
N ASP E 170 26.67 -56.23 17.36
CA ASP E 170 26.44 -55.08 18.23
C ASP E 170 27.60 -54.88 19.19
N GLY E 171 28.12 -53.64 19.21
CA GLY E 171 29.23 -53.34 20.10
C GLY E 171 28.83 -53.50 21.56
N PHE E 172 29.72 -54.13 22.32
CA PHE E 172 29.52 -54.46 23.73
C PHE E 172 28.37 -55.46 23.93
N ARG E 173 27.17 -55.12 23.47
CA ARG E 173 26.01 -55.98 23.69
C ARG E 173 26.24 -57.39 23.16
N THR E 174 27.03 -57.52 22.10
CA THR E 174 27.42 -58.83 21.59
C THR E 174 28.93 -59.05 21.61
N SER E 175 29.71 -58.01 21.32
CA SER E 175 31.16 -58.17 21.25
C SER E 175 31.77 -58.52 22.60
N HIS E 176 31.19 -58.01 23.69
CA HIS E 176 31.71 -58.23 25.03
C HIS E 176 30.82 -59.14 25.87
N GLU E 177 29.77 -59.71 25.26
CA GLU E 177 28.92 -60.67 25.94
C GLU E 177 29.60 -62.04 25.90
N VAL E 178 29.80 -62.64 27.06
CA VAL E 178 30.43 -63.96 27.15
C VAL E 178 29.35 -65.02 27.07
N GLN E 179 29.53 -65.99 26.18
CA GLN E 179 28.56 -67.05 26.01
C GLN E 179 29.28 -68.35 25.66
N LYS E 180 28.70 -69.46 26.11
CA LYS E 180 29.14 -70.79 25.70
C LYS E 180 28.56 -71.10 24.33
N ILE E 181 29.42 -71.30 23.33
CA ILE E 181 29.00 -71.51 21.95
C ILE E 181 29.73 -72.73 21.40
N ASP E 182 29.23 -73.21 20.26
CA ASP E 182 29.94 -74.22 19.49
C ASP E 182 31.02 -73.55 18.66
N VAL E 183 32.27 -73.93 18.89
CA VAL E 183 33.41 -73.33 18.19
C VAL E 183 33.80 -74.22 17.03
N ILE E 184 33.94 -73.62 15.85
CA ILE E 184 34.21 -74.38 14.62
C ILE E 184 35.70 -74.60 14.48
N GLU E 185 36.08 -75.84 14.19
CA GLU E 185 37.49 -76.20 14.07
C GLU E 185 38.08 -75.61 12.80
N TYR E 186 39.34 -75.16 12.89
CA TYR E 186 40.02 -74.63 11.72
C TYR E 186 40.06 -75.67 10.60
N GLU E 187 40.27 -76.94 10.96
CA GLU E 187 40.32 -77.98 9.95
C GLU E 187 38.99 -78.12 9.22
N ASP E 188 37.86 -77.87 9.91
CA ASP E 188 36.57 -77.96 9.24
C ASP E 188 36.35 -76.77 8.32
N MET E 189 36.82 -75.59 8.71
CA MET E 189 36.76 -74.44 7.82
C MET E 189 37.48 -74.73 6.52
N ALA E 190 38.68 -75.32 6.62
CA ALA E 190 39.45 -75.60 5.41
C ALA E 190 38.74 -76.59 4.50
N LYS E 191 37.90 -77.47 5.06
CA LYS E 191 37.16 -78.41 4.24
C LYS E 191 36.00 -77.77 3.49
N LEU E 192 35.61 -76.54 3.85
CA LEU E 192 34.53 -75.84 3.15
C LEU E 192 35.04 -74.75 2.21
N VAL E 193 36.31 -74.38 2.29
CA VAL E 193 36.83 -73.27 1.49
C VAL E 193 36.82 -73.64 0.01
N ASP E 194 36.48 -72.65 -0.83
CA ASP E 194 36.62 -72.77 -2.28
C ASP E 194 38.07 -72.45 -2.61
N TRP E 195 38.90 -73.50 -2.68
CA TRP E 195 40.32 -73.30 -2.97
C TRP E 195 40.56 -72.84 -4.39
N ASP E 196 39.68 -73.22 -5.33
CA ASP E 196 39.80 -72.70 -6.69
C ASP E 196 39.63 -71.19 -6.71
N ALA E 197 38.69 -70.66 -5.92
CA ALA E 197 38.51 -69.22 -5.87
C ALA E 197 39.72 -68.53 -5.27
N ILE E 198 40.40 -69.19 -4.34
CA ILE E 198 41.62 -68.62 -3.76
C ILE E 198 42.73 -68.56 -4.79
N ARG E 199 42.91 -69.65 -5.56
CA ARG E 199 43.99 -69.67 -6.55
C ARG E 199 43.75 -68.66 -7.66
N ALA E 200 42.50 -68.50 -8.10
CA ALA E 200 42.20 -67.47 -9.08
C ALA E 200 42.48 -66.08 -8.53
N PHE E 201 42.26 -65.88 -7.23
CA PHE E 201 42.59 -64.60 -6.61
C PHE E 201 44.08 -64.31 -6.65
N ARG E 202 44.92 -65.35 -6.53
CA ARG E 202 46.36 -65.14 -6.62
C ARG E 202 46.77 -64.72 -8.02
N GLN E 203 46.09 -65.26 -9.04
CA GLN E 203 46.45 -64.96 -10.42
C GLN E 203 46.09 -63.53 -10.81
N ARG E 204 45.07 -62.94 -10.17
CA ARG E 204 44.71 -61.56 -10.47
C ARG E 204 45.61 -60.56 -9.77
N ALA E 205 46.57 -61.01 -8.98
CA ALA E 205 47.38 -60.11 -8.18
C ALA E 205 48.34 -59.30 -9.05
N LEU E 206 48.69 -58.12 -8.55
CA LEU E 206 49.75 -57.33 -9.16
C LEU E 206 51.05 -58.12 -9.17
N ASN E 207 51.61 -58.34 -10.36
CA ASN E 207 52.85 -59.10 -10.48
C ASN E 207 53.58 -58.67 -11.75
N PRO E 208 54.87 -58.32 -11.67
CA PRO E 208 55.59 -57.87 -12.86
C PRO E 208 55.75 -58.94 -13.94
N GLU E 209 55.57 -60.21 -13.61
CA GLU E 209 55.70 -61.26 -14.62
C GLU E 209 54.39 -61.52 -15.37
N HIS E 210 53.28 -60.96 -14.90
CA HIS E 210 52.05 -60.88 -15.69
C HIS E 210 51.33 -59.60 -15.30
N PRO E 211 51.85 -58.45 -15.71
CA PRO E 211 51.42 -57.18 -15.13
C PRO E 211 50.09 -56.70 -15.71
N HIS E 212 49.48 -55.77 -14.98
CA HIS E 212 48.25 -55.12 -15.41
C HIS E 212 48.18 -53.75 -14.76
N GLN E 213 47.19 -52.97 -15.19
CA GLN E 213 46.94 -51.64 -14.63
C GLN E 213 45.55 -51.63 -14.01
N ARG E 214 45.45 -51.09 -12.79
CA ARG E 214 44.18 -50.96 -12.10
C ARG E 214 44.14 -49.59 -11.43
N GLY E 215 42.92 -49.12 -11.19
CA GLY E 215 42.72 -47.80 -10.60
C GLY E 215 42.90 -46.64 -11.55
N THR E 216 42.44 -46.78 -12.80
CA THR E 216 42.62 -45.74 -13.79
C THR E 216 41.69 -44.55 -13.52
N ALA E 217 41.90 -43.48 -14.28
CA ALA E 217 41.00 -42.35 -14.33
C ALA E 217 40.21 -42.45 -15.63
N GLN E 218 38.90 -42.24 -15.55
CA GLN E 218 38.02 -42.49 -16.67
C GLN E 218 37.17 -41.27 -16.99
N ASN E 219 36.94 -41.06 -18.28
CA ASN E 219 36.14 -39.94 -18.78
C ASN E 219 34.66 -40.30 -18.76
N PRO E 220 33.78 -39.32 -19.05
CA PRO E 220 32.34 -39.63 -19.05
C PRO E 220 31.94 -40.68 -20.07
N ASP E 221 32.80 -41.00 -21.04
CA ASP E 221 32.38 -41.88 -22.13
C ASP E 221 32.24 -43.33 -21.67
N ILE E 222 32.98 -43.76 -20.65
CA ILE E 222 33.01 -45.19 -20.32
C ILE E 222 32.80 -45.46 -18.83
N TYR E 223 32.75 -44.41 -18.01
CA TYR E 223 32.66 -44.62 -16.56
C TYR E 223 31.34 -45.26 -16.17
N PHE E 224 30.23 -44.77 -16.72
CA PHE E 224 28.91 -45.32 -16.37
C PHE E 224 28.84 -46.80 -16.74
N GLN E 225 29.18 -47.14 -17.99
CA GLN E 225 29.14 -48.54 -18.41
C GLN E 225 30.04 -49.40 -17.54
N SER E 226 31.26 -48.93 -17.28
CA SER E 226 32.19 -49.71 -16.46
C SER E 226 31.68 -49.87 -15.04
N ARG E 227 30.94 -48.89 -14.51
CA ARG E 227 30.43 -49.03 -13.16
C ARG E 227 29.28 -50.04 -13.11
N GLU E 228 28.48 -50.13 -14.17
CA GLU E 228 27.41 -51.12 -14.23
C GLU E 228 27.89 -52.51 -14.62
N ALA E 229 29.16 -52.64 -15.03
CA ALA E 229 29.68 -53.95 -15.45
C ALA E 229 29.82 -54.93 -14.29
N ALA E 230 29.75 -54.48 -13.05
CA ALA E 230 29.84 -55.38 -11.90
C ALA E 230 28.49 -55.92 -11.46
N ASN E 231 27.40 -55.53 -12.12
CA ASN E 231 26.06 -55.98 -11.71
C ASN E 231 25.91 -57.49 -11.56
N PRO E 232 26.43 -58.34 -12.46
CA PRO E 232 26.24 -59.79 -12.24
C PRO E 232 26.78 -60.26 -10.91
N TYR E 233 27.89 -59.67 -10.44
CA TYR E 233 28.49 -60.09 -9.18
C TYR E 233 27.58 -59.78 -7.99
N TYR E 234 26.88 -58.64 -8.04
CA TYR E 234 25.96 -58.35 -6.96
C TYR E 234 24.67 -59.16 -7.07
N LEU E 235 24.22 -59.46 -8.29
CA LEU E 235 23.03 -60.30 -8.46
C LEU E 235 23.27 -61.72 -7.97
N ALA E 236 24.50 -62.22 -8.07
CA ALA E 236 24.80 -63.59 -7.69
C ALA E 236 25.12 -63.74 -6.21
N THR E 237 25.44 -62.64 -5.52
CA THR E 237 25.84 -62.73 -4.13
C THR E 237 24.76 -63.31 -3.20
N PRO E 238 23.48 -62.92 -3.31
CA PRO E 238 22.48 -63.56 -2.43
C PRO E 238 22.45 -65.09 -2.52
N GLY E 239 22.45 -65.64 -3.73
CA GLY E 239 22.48 -67.09 -3.88
C GLY E 239 23.78 -67.71 -3.39
N ILE E 240 24.91 -67.04 -3.58
CA ILE E 240 26.18 -67.56 -3.11
C ILE E 240 26.19 -67.65 -1.59
N VAL E 241 25.72 -66.58 -0.94
CA VAL E 241 25.64 -66.57 0.52
C VAL E 241 24.69 -67.67 1.01
N ALA E 242 23.58 -67.87 0.32
CA ALA E 242 22.63 -68.90 0.71
C ALA E 242 23.26 -70.29 0.66
N GLN E 243 24.02 -70.58 -0.39
CA GLN E 243 24.66 -71.88 -0.49
C GLN E 243 25.74 -72.06 0.57
N VAL E 244 26.50 -70.99 0.84
CA VAL E 244 27.49 -71.06 1.91
C VAL E 244 26.81 -71.34 3.24
N MET E 245 25.66 -70.71 3.48
CA MET E 245 24.91 -70.97 4.69
C MET E 245 24.46 -72.43 4.77
N GLU E 246 24.19 -73.08 3.64
CA GLU E 246 23.84 -74.49 3.68
C GLU E 246 25.04 -75.35 4.01
N GLN E 247 26.24 -74.95 3.55
CA GLN E 247 27.44 -75.66 3.96
C GLN E 247 27.62 -75.62 5.47
N VAL E 248 27.49 -74.43 6.05
CA VAL E 248 27.65 -74.29 7.50
C VAL E 248 26.55 -75.05 8.22
N ALA E 249 25.33 -75.05 7.69
CA ALA E 249 24.25 -75.82 8.29
C ALA E 249 24.58 -77.31 8.28
N GLY E 250 25.07 -77.82 7.14
CA GLY E 250 25.43 -79.22 7.07
C GLY E 250 26.59 -79.59 7.98
N LEU E 251 27.48 -78.63 8.24
CA LEU E 251 28.60 -78.91 9.12
C LEU E 251 28.21 -78.81 10.59
N THR E 252 27.47 -77.76 10.96
CA THR E 252 27.21 -77.42 12.35
C THR E 252 25.83 -77.81 12.84
N GLY E 253 24.87 -77.99 11.94
CA GLY E 253 23.49 -78.20 12.31
C GLY E 253 22.68 -76.94 12.49
N ARG E 254 23.29 -75.76 12.43
CA ARG E 254 22.58 -74.50 12.61
C ARG E 254 22.26 -73.89 11.25
N HIS E 255 20.98 -73.63 11.00
CA HIS E 255 20.47 -73.26 9.69
C HIS E 255 20.21 -71.76 9.62
N TYR E 256 20.98 -71.07 8.79
CA TYR E 256 20.81 -69.65 8.55
C TYR E 256 20.24 -69.42 7.16
N HIS E 257 19.49 -68.33 7.02
CA HIS E 257 18.98 -67.89 5.73
C HIS E 257 19.24 -66.40 5.61
N LEU E 258 19.10 -65.89 4.38
CA LEU E 258 19.32 -64.46 4.16
C LEU E 258 18.42 -63.64 5.08
N PHE E 259 17.17 -64.06 5.22
CA PHE E 259 16.22 -63.53 6.17
C PHE E 259 15.58 -64.72 6.87
N ASP E 260 15.52 -64.68 8.19
CA ASP E 260 14.94 -65.76 8.98
C ASP E 260 13.64 -65.31 9.63
N TYR E 261 12.70 -66.24 9.77
CA TYR E 261 11.43 -65.93 10.41
C TYR E 261 11.25 -66.75 11.67
N ALA E 262 10.67 -66.12 12.68
CA ALA E 262 10.32 -66.78 13.93
C ALA E 262 9.00 -66.21 14.42
N GLY E 263 8.10 -67.08 14.84
CA GLY E 263 6.82 -66.70 15.37
C GLY E 263 5.70 -67.49 14.72
N ALA E 264 4.49 -67.01 14.91
CA ALA E 264 3.31 -67.71 14.43
C ALA E 264 3.28 -67.76 12.90
N PRO E 265 2.91 -68.90 12.31
CA PRO E 265 2.77 -68.96 10.85
C PRO E 265 1.63 -68.11 10.32
N ASP E 266 0.64 -67.79 11.15
CA ASP E 266 -0.47 -66.92 10.74
C ASP E 266 -0.40 -65.57 11.45
N ALA E 267 0.81 -65.09 11.72
CA ALA E 267 0.99 -63.85 12.44
C ALA E 267 0.45 -62.66 11.65
N GLU E 268 -0.09 -61.69 12.38
CA GLU E 268 -0.56 -60.44 11.79
C GLU E 268 0.32 -59.24 12.10
N ARG E 269 1.11 -59.29 13.19
CA ARG E 269 2.03 -58.22 13.55
C ARG E 269 3.44 -58.80 13.56
N VAL E 270 4.34 -58.21 12.78
CA VAL E 270 5.69 -58.72 12.60
C VAL E 270 6.68 -57.58 12.82
N ILE E 271 7.75 -57.87 13.55
CA ILE E 271 8.87 -56.94 13.70
C ILE E 271 9.98 -57.38 12.77
N VAL E 272 10.53 -56.43 12.00
CA VAL E 272 11.72 -56.67 11.18
C VAL E 272 12.87 -55.93 11.85
N SER E 273 13.95 -56.65 12.16
CA SER E 273 15.05 -56.06 12.91
C SER E 273 16.35 -56.75 12.56
N MET E 274 17.42 -56.31 13.22
CA MET E 274 18.77 -56.65 12.84
C MET E 274 19.65 -56.57 14.08
N GLY E 275 20.64 -57.46 14.15
CA GLY E 275 21.55 -57.48 15.28
C GLY E 275 20.95 -58.21 16.49
N SER E 276 21.54 -57.94 17.65
CA SER E 276 21.17 -58.66 18.87
C SER E 276 19.72 -58.44 19.27
N SER E 277 19.08 -57.39 18.75
CA SER E 277 17.67 -57.18 19.03
C SER E 277 16.83 -58.37 18.61
N CYS E 278 17.27 -59.12 17.59
CA CYS E 278 16.52 -60.29 17.15
C CYS E 278 16.43 -61.35 18.23
N GLU E 279 17.46 -61.49 19.06
CA GLU E 279 17.39 -62.43 20.17
C GLU E 279 16.34 -62.01 21.19
N VAL E 280 16.38 -60.75 21.61
CA VAL E 280 15.39 -60.25 22.57
C VAL E 280 13.99 -60.33 21.98
N ILE E 281 13.85 -60.06 20.68
CA ILE E 281 12.53 -60.09 20.07
C ILE E 281 12.02 -61.51 19.94
N GLU E 282 12.90 -62.45 19.58
CA GLU E 282 12.46 -63.85 19.44
C GLU E 282 12.05 -64.43 20.79
N GLU E 283 12.81 -64.14 21.85
CA GLU E 283 12.42 -64.58 23.19
C GLU E 283 11.05 -64.02 23.56
N THR E 284 10.81 -62.75 23.25
CA THR E 284 9.50 -62.15 23.50
C THR E 284 8.43 -62.81 22.63
N VAL E 285 8.77 -63.10 21.37
CA VAL E 285 7.81 -63.70 20.45
C VAL E 285 7.37 -65.07 20.94
N ASN E 286 8.31 -65.89 21.43
CA ASN E 286 7.93 -67.18 22.01
C ASN E 286 6.92 -67.00 23.13
N TYR E 287 7.16 -66.01 24.00
CA TYR E 287 6.26 -65.77 25.13
C TYR E 287 4.87 -65.37 24.66
N LEU E 288 4.79 -64.51 23.64
CA LEU E 288 3.51 -64.03 23.15
C LEU E 288 2.77 -65.09 22.33
N VAL E 289 3.50 -65.84 21.49
CA VAL E 289 2.86 -66.88 20.69
C VAL E 289 2.24 -67.94 21.60
N GLU E 290 2.94 -68.29 22.69
CA GLU E 290 2.40 -69.27 23.61
C GLU E 290 1.12 -68.77 24.27
N LYS E 291 1.01 -67.47 24.49
CA LYS E 291 -0.21 -66.89 25.04
C LYS E 291 -1.27 -66.63 23.98
N GLY E 292 -1.02 -67.01 22.73
CA GLY E 292 -2.03 -66.97 21.69
C GLY E 292 -1.93 -65.79 20.73
N GLU E 293 -1.02 -64.85 20.95
CA GLU E 293 -0.93 -63.71 20.06
C GLU E 293 -0.28 -64.13 18.75
N LYS E 294 -0.82 -63.60 17.64
CA LYS E 294 -0.33 -63.93 16.30
C LYS E 294 0.70 -62.89 15.88
N VAL E 295 1.92 -63.08 16.40
CA VAL E 295 3.02 -62.15 16.17
C VAL E 295 4.22 -62.95 15.65
N GLY E 296 5.14 -62.24 15.01
CA GLY E 296 6.29 -62.87 14.40
C GLY E 296 7.45 -61.92 14.29
N LEU E 297 8.56 -62.44 13.77
CA LEU E 297 9.81 -61.69 13.68
C LEU E 297 10.57 -62.12 12.43
N ILE E 298 11.08 -61.15 11.69
CA ILE E 298 11.98 -61.39 10.56
C ILE E 298 13.36 -60.85 10.95
N LYS E 299 14.33 -61.75 11.02
CA LYS E 299 15.71 -61.38 11.29
C LYS E 299 16.40 -61.09 9.96
N VAL E 300 16.99 -59.90 9.84
CA VAL E 300 17.75 -59.52 8.66
C VAL E 300 19.19 -59.94 8.88
N ARG E 301 19.65 -60.92 8.10
CA ARG E 301 21.07 -61.31 8.13
C ARG E 301 21.85 -60.59 7.04
N LEU E 302 21.48 -60.81 5.78
CA LEU E 302 22.14 -60.16 4.66
C LEU E 302 21.40 -58.88 4.36
N PHE E 303 21.93 -57.76 4.88
CA PHE E 303 21.35 -56.44 4.65
C PHE E 303 21.72 -55.89 3.27
N ARG E 304 22.95 -56.15 2.81
CA ARG E 304 23.40 -55.75 1.48
C ARG E 304 24.21 -56.92 0.93
N PRO E 305 23.97 -57.36 -0.31
CA PRO E 305 22.88 -56.87 -1.18
C PRO E 305 21.51 -57.29 -0.65
N PHE E 306 20.53 -56.40 -0.73
CA PHE E 306 19.18 -56.68 -0.23
C PHE E 306 18.41 -57.45 -1.30
N SER E 307 18.11 -58.72 -1.01
CA SER E 307 17.42 -59.60 -1.94
C SER E 307 15.93 -59.64 -1.58
N ALA E 308 15.10 -59.05 -2.43
CA ALA E 308 13.66 -59.05 -2.19
C ALA E 308 13.11 -60.47 -2.17
N GLU E 309 13.63 -61.34 -3.04
CA GLU E 309 13.13 -62.71 -3.11
C GLU E 309 13.26 -63.42 -1.77
N HIS E 310 14.42 -63.31 -1.12
CA HIS E 310 14.63 -64.00 0.15
C HIS E 310 13.89 -63.33 1.30
N PHE E 311 13.57 -62.04 1.19
CA PHE E 311 12.79 -61.39 2.23
C PHE E 311 11.33 -61.80 2.18
N LEU E 312 10.72 -61.73 1.00
CA LEU E 312 9.31 -62.06 0.85
C LEU E 312 9.03 -63.54 1.05
N LYS E 313 10.05 -64.37 0.82
CA LYS E 313 9.91 -65.83 0.94
C LYS E 313 9.59 -66.24 2.38
N VAL E 314 10.07 -65.47 3.35
CA VAL E 314 9.86 -65.79 4.76
C VAL E 314 8.80 -64.89 5.38
N LEU E 315 8.09 -64.12 4.58
CA LEU E 315 7.04 -63.23 5.07
C LEU E 315 5.71 -63.98 5.01
N PRO E 316 5.07 -64.27 6.14
CA PRO E 316 3.80 -65.01 6.09
C PRO E 316 2.73 -64.22 5.34
N ALA E 317 1.88 -64.96 4.61
CA ALA E 317 0.86 -64.31 3.79
C ALA E 317 -0.17 -63.58 4.63
N SER E 318 -0.25 -63.85 5.93
CA SER E 318 -1.24 -63.26 6.81
C SER E 318 -0.81 -61.93 7.42
N VAL E 319 0.41 -61.47 7.14
CA VAL E 319 0.90 -60.27 7.80
C VAL E 319 0.14 -59.04 7.32
N LYS E 320 -0.40 -58.28 8.27
CA LYS E 320 -1.10 -57.03 7.99
C LYS E 320 -0.36 -55.80 8.47
N ARG E 321 0.48 -55.92 9.48
CA ARG E 321 1.18 -54.78 10.06
C ARG E 321 2.61 -55.17 10.42
N ILE E 322 3.55 -54.31 10.07
CA ILE E 322 4.97 -54.55 10.30
C ILE E 322 5.57 -53.33 10.98
N ALA E 323 6.37 -53.56 12.02
CA ALA E 323 7.17 -52.52 12.65
C ALA E 323 8.64 -52.82 12.36
N VAL E 324 9.34 -51.87 11.75
CA VAL E 324 10.76 -52.02 11.45
C VAL E 324 11.56 -51.26 12.48
N LEU E 325 12.57 -51.92 13.05
CA LEU E 325 13.41 -51.35 14.09
C LEU E 325 14.80 -51.12 13.53
N ASP E 326 15.25 -49.88 13.61
CA ASP E 326 16.59 -49.50 13.16
C ASP E 326 17.40 -49.07 14.37
N ARG E 327 18.62 -49.58 14.48
CA ARG E 327 19.51 -49.17 15.58
C ARG E 327 20.39 -48.01 15.17
N THR E 328 19.78 -46.95 14.63
CA THR E 328 20.52 -45.78 14.18
C THR E 328 19.56 -44.61 14.11
N LYS E 329 20.12 -43.43 13.87
CA LYS E 329 19.33 -42.21 13.69
C LYS E 329 19.97 -41.39 12.57
N GLU E 330 19.17 -41.03 11.57
CA GLU E 330 19.61 -40.18 10.47
C GLU E 330 18.80 -38.90 10.54
N PRO E 331 19.31 -37.87 11.23
CA PRO E 331 18.50 -36.68 11.51
C PRO E 331 18.04 -36.01 10.23
N GLY E 332 16.76 -35.65 10.19
CA GLY E 332 16.16 -35.01 9.04
C GLY E 332 15.71 -35.97 7.95
N SER E 333 16.16 -37.23 7.98
CA SER E 333 15.73 -38.18 6.98
C SER E 333 14.26 -38.54 7.17
N LEU E 334 13.65 -38.97 6.07
CA LEU E 334 12.26 -39.43 6.12
C LEU E 334 12.10 -40.65 7.00
N GLY E 335 13.08 -41.56 6.96
CA GLY E 335 13.07 -42.74 7.80
C GLY E 335 14.46 -43.32 7.85
N GLU E 336 14.64 -44.29 8.73
CA GLU E 336 15.92 -44.95 8.91
C GLU E 336 16.14 -45.99 7.82
N PRO E 337 17.38 -46.49 7.66
CA PRO E 337 17.69 -47.33 6.48
C PRO E 337 16.82 -48.56 6.34
N LEU E 338 16.74 -49.40 7.38
CA LEU E 338 16.00 -50.64 7.25
C LEU E 338 14.51 -50.39 7.05
N TYR E 339 13.97 -49.37 7.72
CA TYR E 339 12.57 -49.02 7.52
C TYR E 339 12.28 -48.65 6.07
N GLU E 340 13.15 -47.85 5.46
CA GLU E 340 12.91 -47.46 4.07
C GLU E 340 13.10 -48.62 3.11
N ASP E 341 13.99 -49.57 3.45
CA ASP E 341 14.15 -50.76 2.63
C ASP E 341 12.87 -51.60 2.64
N VAL E 342 12.34 -51.89 3.83
CA VAL E 342 11.14 -52.70 3.95
C VAL E 342 9.96 -52.00 3.28
N GLN E 343 9.84 -50.69 3.48
CA GLN E 343 8.76 -49.94 2.84
C GLN E 343 8.88 -50.02 1.32
N THR E 344 10.10 -49.97 0.79
CA THR E 344 10.29 -50.00 -0.66
C THR E 344 9.95 -51.36 -1.24
N VAL E 345 10.49 -52.43 -0.63
CA VAL E 345 10.32 -53.77 -1.20
C VAL E 345 8.85 -54.17 -1.23
N LEU E 346 8.11 -53.79 -0.18
CA LEU E 346 6.69 -54.13 -0.15
C LEU E 346 5.91 -53.34 -1.19
N ALA E 347 6.35 -52.11 -1.47
CA ALA E 347 5.68 -51.32 -2.50
C ALA E 347 5.94 -51.91 -3.89
N GLU E 348 7.16 -52.36 -4.14
CA GLU E 348 7.49 -52.92 -5.45
C GLU E 348 6.70 -54.18 -5.77
N HIS E 349 6.15 -54.86 -4.76
CA HIS E 349 5.41 -56.10 -4.95
C HIS E 349 3.94 -55.96 -4.55
N GLY E 350 3.45 -54.73 -4.40
CA GLY E 350 2.05 -54.49 -4.19
C GLY E 350 1.47 -55.08 -2.92
N LYS E 351 2.29 -55.34 -1.91
CA LYS E 351 1.76 -55.84 -0.64
C LYS E 351 1.08 -54.70 0.11
N ASN E 352 -0.17 -54.93 0.51
CA ASN E 352 -0.94 -53.95 1.28
C ASN E 352 -0.71 -54.20 2.76
N ILE E 353 0.45 -53.75 3.25
CA ILE E 353 0.86 -53.96 4.62
C ILE E 353 1.19 -52.61 5.23
N LEU E 354 0.57 -52.32 6.38
CA LEU E 354 0.91 -51.11 7.12
C LEU E 354 2.29 -51.26 7.73
N VAL E 355 3.22 -50.38 7.35
CA VAL E 355 4.60 -50.45 7.79
C VAL E 355 4.91 -49.23 8.66
N VAL E 356 5.63 -49.47 9.75
CA VAL E 356 5.98 -48.43 10.70
C VAL E 356 7.44 -48.62 11.11
N GLY E 357 8.17 -47.53 11.27
CA GLY E 357 9.58 -47.58 11.60
C GLY E 357 9.88 -46.89 12.92
N GLY E 358 10.87 -47.43 13.64
CA GLY E 358 11.25 -46.88 14.92
C GLY E 358 12.73 -47.02 15.18
N ARG E 359 13.18 -46.37 16.25
CA ARG E 359 14.58 -46.37 16.65
C ARG E 359 14.75 -46.95 18.04
N TYR E 360 15.89 -47.60 18.27
CA TYR E 360 16.16 -48.26 19.54
C TYR E 360 17.67 -48.34 19.77
N GLY E 361 18.03 -48.50 21.04
CA GLY E 361 19.35 -48.98 21.43
C GLY E 361 20.53 -48.15 20.99
N LEU E 362 20.35 -46.85 20.79
CA LEU E 362 21.48 -46.01 20.41
C LEU E 362 22.47 -45.91 21.57
N GLY E 363 23.75 -46.08 21.26
CA GLY E 363 24.78 -46.06 22.27
C GLY E 363 24.61 -47.12 23.34
N SER E 364 24.25 -48.34 22.94
CA SER E 364 24.00 -49.46 23.86
C SER E 364 22.86 -49.17 24.83
N LYS E 365 21.88 -48.36 24.42
CA LYS E 365 20.69 -48.20 25.23
C LYS E 365 20.00 -49.54 25.42
N GLU E 366 19.55 -49.81 26.65
CA GLU E 366 18.94 -51.10 26.95
C GLU E 366 17.73 -51.33 26.06
N PHE E 367 17.56 -52.58 25.62
CA PHE E 367 16.42 -52.99 24.80
C PHE E 367 15.98 -54.37 25.29
N ASN E 368 14.97 -54.39 26.15
CA ASN E 368 14.51 -55.60 26.84
C ASN E 368 13.11 -56.02 26.37
N PRO E 369 12.63 -57.20 26.80
CA PRO E 369 11.33 -57.68 26.29
C PRO E 369 10.16 -56.76 26.54
N SER E 370 10.14 -56.02 27.65
CA SER E 370 9.06 -55.08 27.87
C SER E 370 8.99 -54.03 26.76
N MET E 371 10.15 -53.62 26.25
CA MET E 371 10.17 -52.68 25.14
C MET E 371 9.69 -53.36 23.86
N VAL E 372 10.02 -54.63 23.68
CA VAL E 372 9.55 -55.36 22.50
C VAL E 372 8.04 -55.42 22.48
N LYS E 373 7.41 -55.66 23.63
CA LYS E 373 5.96 -55.70 23.68
C LYS E 373 5.35 -54.34 23.34
N ALA E 374 5.97 -53.26 23.81
CA ALA E 374 5.49 -51.93 23.47
C ALA E 374 5.50 -51.70 21.97
N VAL E 375 6.51 -52.24 21.28
CA VAL E 375 6.53 -52.19 19.82
C VAL E 375 5.39 -53.02 19.26
N PHE E 376 5.17 -54.21 19.81
CA PHE E 376 4.07 -55.05 19.36
C PHE E 376 2.72 -54.41 19.70
N ASP E 377 2.62 -53.79 20.88
CA ASP E 377 1.37 -53.14 21.27
C ASP E 377 1.06 -51.96 20.37
N ASN E 378 2.09 -51.24 19.93
CA ASN E 378 1.87 -50.11 19.02
C ASN E 378 1.32 -50.57 17.68
N LEU E 379 1.71 -51.76 17.22
CA LEU E 379 1.13 -52.31 16.00
C LEU E 379 -0.34 -52.66 16.19
N ALA E 380 -0.76 -52.96 17.42
CA ALA E 380 -2.14 -53.34 17.71
C ALA E 380 -3.05 -52.14 17.95
N ALA E 381 -2.49 -50.93 18.00
CA ALA E 381 -3.31 -49.75 18.22
C ALA E 381 -4.17 -49.45 16.99
N THR E 382 -5.20 -48.63 17.20
CA THR E 382 -6.06 -48.22 16.11
C THR E 382 -5.27 -47.48 15.04
N THR E 383 -4.44 -46.53 15.46
CA THR E 383 -3.53 -45.83 14.56
C THR E 383 -2.11 -45.98 15.11
N PRO E 384 -1.33 -46.94 14.62
CA PRO E 384 0.04 -47.11 15.13
C PRO E 384 0.87 -45.86 14.89
N LYS E 385 1.61 -45.45 15.92
CA LYS E 385 2.52 -44.32 15.79
C LYS E 385 3.74 -44.71 14.96
N ASN E 386 4.08 -43.86 13.99
CA ASN E 386 5.24 -44.06 13.14
C ASN E 386 6.37 -43.14 13.57
N LYS E 387 7.59 -43.46 13.13
CA LYS E 387 8.79 -42.68 13.44
C LYS E 387 8.98 -42.57 14.95
N PHE E 388 8.91 -43.70 15.64
CA PHE E 388 8.90 -43.75 17.09
C PHE E 388 10.28 -44.10 17.65
N THR E 389 10.37 -44.06 18.98
CA THR E 389 11.54 -44.51 19.72
C THR E 389 11.09 -45.37 20.89
N VAL E 390 11.95 -46.29 21.32
CA VAL E 390 11.68 -47.18 22.44
C VAL E 390 12.89 -47.21 23.36
N GLY E 391 12.64 -47.09 24.66
CA GLY E 391 13.71 -47.12 25.65
C GLY E 391 14.04 -45.79 26.28
N ILE E 392 13.42 -44.69 25.83
CA ILE E 392 13.63 -43.37 26.40
C ILE E 392 12.27 -42.74 26.64
N THR E 393 12.28 -41.60 27.33
CA THR E 393 11.09 -40.80 27.54
C THR E 393 11.29 -39.49 26.78
N ASP E 394 10.69 -39.39 25.60
CA ASP E 394 10.81 -38.20 24.76
C ASP E 394 9.62 -37.30 25.05
N ASP E 395 9.77 -36.43 26.03
CA ASP E 395 8.74 -35.48 26.41
C ASP E 395 8.82 -34.17 25.64
N VAL E 396 9.67 -34.11 24.61
CA VAL E 396 9.83 -32.90 23.81
C VAL E 396 9.10 -33.07 22.49
N THR E 397 9.46 -34.10 21.72
CA THR E 397 8.83 -34.36 20.44
C THR E 397 7.88 -35.54 20.48
N HIS E 398 7.75 -36.21 21.63
CA HIS E 398 6.69 -37.20 21.88
C HIS E 398 6.72 -38.34 20.86
N THR E 399 7.92 -38.87 20.61
CA THR E 399 8.09 -40.02 19.73
C THR E 399 8.16 -41.34 20.48
N SER E 400 8.35 -41.33 21.79
CA SER E 400 8.59 -42.56 22.53
C SER E 400 7.29 -43.32 22.75
N LEU E 401 7.38 -44.65 22.68
CA LEU E 401 6.26 -45.52 22.95
C LEU E 401 6.06 -45.73 24.45
N GLU E 402 4.79 -45.91 24.83
CA GLU E 402 4.44 -46.16 26.21
C GLU E 402 4.73 -47.61 26.58
N ILE E 403 5.53 -47.82 27.62
CA ILE E 403 5.76 -49.14 28.18
C ILE E 403 4.61 -49.44 29.14
N LYS E 404 3.60 -50.15 28.66
CA LYS E 404 2.38 -50.32 29.44
C LYS E 404 2.61 -51.22 30.66
N GLU E 405 3.05 -52.45 30.42
CA GLU E 405 3.26 -53.40 31.50
C GLU E 405 4.65 -54.00 31.41
N HIS E 406 5.10 -54.57 32.53
CA HIS E 406 6.39 -55.21 32.64
C HIS E 406 6.21 -56.72 32.56
N ILE E 407 6.88 -57.36 31.60
CA ILE E 407 6.79 -58.79 31.42
C ILE E 407 8.17 -59.40 31.60
N ASP E 408 8.19 -60.66 32.02
CA ASP E 408 9.43 -61.42 32.20
C ASP E 408 9.33 -62.62 31.26
N THR E 409 10.05 -62.56 30.14
CA THR E 409 10.01 -63.62 29.15
C THR E 409 11.21 -64.56 29.24
N SER E 410 11.97 -64.49 30.32
CA SER E 410 13.10 -65.38 30.51
C SER E 410 12.61 -66.82 30.62
N PRO E 411 13.22 -67.77 29.90
CA PRO E 411 12.79 -69.17 30.01
C PRO E 411 12.93 -69.70 31.43
N LYS E 412 11.95 -70.46 31.85
CA LYS E 412 11.95 -71.01 33.21
C LYS E 412 13.12 -71.95 33.39
N GLY E 413 13.73 -71.91 34.58
CA GLY E 413 14.90 -72.71 34.86
C GLY E 413 16.23 -71.99 34.67
N THR E 414 16.22 -70.72 34.27
CA THR E 414 17.44 -69.95 34.08
C THR E 414 17.81 -69.26 35.39
N PHE E 415 19.03 -69.52 35.86
CA PHE E 415 19.54 -68.87 37.06
C PHE E 415 20.14 -67.51 36.70
N ARG E 416 19.95 -66.52 37.58
CA ARG E 416 20.35 -65.15 37.31
C ARG E 416 21.07 -64.57 38.53
N CYS E 417 22.24 -63.96 38.30
CA CYS E 417 23.07 -63.42 39.36
C CYS E 417 23.52 -62.01 39.00
N LYS E 418 23.51 -61.12 39.98
CA LYS E 418 24.05 -59.78 39.86
C LYS E 418 25.18 -59.61 40.87
N PHE E 419 26.29 -59.02 40.43
CA PHE E 419 27.45 -58.80 41.29
C PHE E 419 27.83 -57.32 41.26
N PHE E 420 27.63 -56.62 42.36
CA PHE E 420 28.07 -55.24 42.52
C PHE E 420 29.49 -55.25 43.09
N GLY E 421 30.45 -54.81 42.29
CA GLY E 421 31.85 -54.82 42.67
C GLY E 421 32.48 -53.44 42.65
N LEU E 422 33.72 -53.38 43.13
CA LEU E 422 34.53 -52.18 43.12
C LEU E 422 35.54 -52.24 41.99
N GLY E 423 35.90 -51.09 41.47
CA GLY E 423 36.86 -51.00 40.37
C GLY E 423 38.15 -51.76 40.65
N SER E 424 38.41 -52.76 39.80
CA SER E 424 39.64 -53.57 39.87
C SER E 424 39.76 -54.33 41.19
N ASP E 425 38.63 -54.74 41.76
CA ASP E 425 38.66 -55.59 42.95
C ASP E 425 38.63 -57.07 42.60
N GLY E 426 38.64 -57.41 41.32
CA GLY E 426 38.65 -58.79 40.88
C GLY E 426 37.29 -59.38 40.59
N THR E 427 36.21 -58.63 40.85
CA THR E 427 34.86 -59.18 40.70
C THR E 427 34.57 -59.58 39.26
N VAL E 428 34.82 -58.67 38.31
CA VAL E 428 34.56 -59.00 36.91
C VAL E 428 35.42 -60.18 36.47
N GLY E 429 36.70 -60.16 36.83
CA GLY E 429 37.58 -61.26 36.46
C GLY E 429 37.13 -62.58 37.06
N ALA E 430 36.69 -62.56 38.31
CA ALA E 430 36.21 -63.80 38.94
C ALA E 430 34.94 -64.29 38.28
N ASN E 431 34.00 -63.38 37.98
CA ASN E 431 32.76 -63.79 37.33
C ASN E 431 33.01 -64.33 35.93
N LYS E 432 33.97 -63.76 35.21
CA LYS E 432 34.35 -64.34 33.93
C LYS E 432 34.87 -65.77 34.13
N ASN E 433 35.65 -65.99 35.18
CA ASN E 433 36.14 -67.33 35.48
C ASN E 433 35.00 -68.24 35.91
N SER E 434 34.03 -67.71 36.65
CA SER E 434 32.90 -68.53 37.10
C SER E 434 32.05 -68.98 35.93
N ILE E 435 31.87 -68.12 34.93
CA ILE E 435 31.08 -68.48 33.75
C ILE E 435 31.76 -69.61 32.99
N LYS E 436 33.07 -69.51 32.81
CA LYS E 436 33.81 -70.57 32.13
C LYS E 436 33.73 -71.87 32.90
N ILE E 437 33.87 -71.81 34.22
CA ILE E 437 33.77 -73.01 35.04
C ILE E 437 32.43 -73.69 34.82
N ILE E 438 31.35 -72.92 34.91
CA ILE E 438 30.02 -73.49 34.75
C ILE E 438 29.81 -73.97 33.32
N GLY E 439 30.28 -73.20 32.34
CA GLY E 439 30.07 -73.58 30.94
C GLY E 439 30.88 -74.78 30.51
N ASP E 440 32.13 -74.87 30.98
CA ASP E 440 33.02 -75.93 30.54
C ASP E 440 32.75 -77.27 31.20
N HIS E 441 32.11 -77.28 32.37
CA HIS E 441 31.99 -78.50 33.15
C HIS E 441 30.55 -78.93 33.38
N THR E 442 29.57 -78.23 32.82
CA THR E 442 28.18 -78.65 32.89
C THR E 442 27.57 -78.61 31.50
N ASP E 443 26.37 -79.17 31.39
CA ASP E 443 25.60 -79.08 30.15
C ASP E 443 24.85 -77.76 30.01
N MET E 444 25.01 -76.85 30.97
CA MET E 444 24.23 -75.62 30.96
C MET E 444 24.80 -74.58 30.01
N TYR E 445 23.92 -73.83 29.38
CA TYR E 445 24.33 -72.61 28.71
C TYR E 445 24.70 -71.56 29.75
N ALA E 446 25.67 -70.71 29.40
CA ALA E 446 26.16 -69.71 30.34
C ALA E 446 26.32 -68.39 29.60
N GLN E 447 25.92 -67.30 30.26
CA GLN E 447 25.97 -65.98 29.66
C GLN E 447 26.49 -64.97 30.68
N GLY E 448 27.37 -64.07 30.22
CA GLY E 448 27.90 -63.04 31.07
C GLY E 448 28.00 -61.69 30.39
N TYR E 449 27.56 -60.64 31.09
CA TYR E 449 27.66 -59.27 30.62
C TYR E 449 28.05 -58.39 31.80
N PHE E 450 28.91 -57.41 31.56
CA PHE E 450 29.55 -56.63 32.62
C PHE E 450 29.42 -55.15 32.33
N VAL E 451 28.82 -54.42 33.26
CA VAL E 451 28.58 -52.99 33.12
C VAL E 451 29.67 -52.23 33.86
N TYR E 452 30.37 -51.35 33.15
CA TYR E 452 31.48 -50.58 33.68
C TYR E 452 31.09 -49.12 33.89
N ASP E 453 31.99 -48.39 34.55
CA ASP E 453 31.81 -46.98 34.86
C ASP E 453 32.81 -46.14 34.07
N SER E 454 32.51 -44.84 33.96
CA SER E 454 33.40 -43.92 33.27
C SER E 454 34.65 -43.57 34.08
N LYS E 455 34.58 -43.68 35.41
CA LYS E 455 35.75 -43.43 36.25
C LYS E 455 36.75 -44.56 36.15
N LYS E 456 38.03 -44.20 36.01
CA LYS E 456 39.08 -45.18 35.80
C LYS E 456 39.47 -45.91 37.09
N SER E 457 39.28 -45.28 38.24
CA SER E 457 39.65 -45.87 39.53
C SER E 457 38.52 -45.68 40.53
N GLY E 458 38.15 -46.77 41.21
CA GLY E 458 37.15 -46.68 42.25
C GLY E 458 35.72 -46.70 41.78
N GLY E 459 35.47 -47.11 40.54
CA GLY E 459 34.12 -47.14 40.02
C GLY E 459 33.34 -48.38 40.43
N VAL E 460 32.04 -48.32 40.17
CA VAL E 460 31.13 -49.41 40.46
C VAL E 460 31.03 -50.30 39.23
N THR E 461 31.12 -51.62 39.43
CA THR E 461 30.97 -52.61 38.38
C THR E 461 29.80 -53.51 38.71
N ILE E 462 29.02 -53.87 37.70
CA ILE E 462 27.85 -54.72 37.87
C ILE E 462 27.98 -55.89 36.90
N SER E 463 28.15 -57.09 37.45
CA SER E 463 28.21 -58.30 36.63
C SER E 463 26.83 -58.96 36.55
N HIS E 464 26.46 -59.36 35.33
CA HIS E 464 25.18 -60.03 35.09
C HIS E 464 25.48 -61.41 34.52
N LEU E 465 25.13 -62.45 35.27
CA LEU E 465 25.39 -63.82 34.88
C LEU E 465 24.09 -64.59 34.76
N ARG E 466 24.00 -65.46 33.76
CA ARG E 466 22.84 -66.32 33.57
C ARG E 466 23.31 -67.73 33.21
N PHE E 467 22.67 -68.73 33.82
CA PHE E 467 22.91 -70.13 33.49
C PHE E 467 21.57 -70.83 33.41
N GLY E 468 21.43 -71.70 32.41
CA GLY E 468 20.19 -72.42 32.24
C GLY E 468 20.38 -73.62 31.32
N LYS E 469 19.38 -74.50 31.33
CA LYS E 469 19.37 -75.64 30.44
C LYS E 469 18.98 -75.26 29.01
N GLN E 470 18.43 -74.06 28.80
CA GLN E 470 18.00 -73.66 27.47
C GLN E 470 18.88 -72.55 26.93
N PRO E 471 19.00 -72.42 25.62
CA PRO E 471 19.80 -71.33 25.05
C PRO E 471 19.36 -69.97 25.57
N ILE E 472 20.34 -69.12 25.87
CA ILE E 472 20.12 -67.83 26.52
C ILE E 472 20.09 -66.76 25.44
N GLN E 473 18.89 -66.29 25.10
CA GLN E 473 18.71 -65.21 24.14
C GLN E 473 18.50 -63.86 24.82
N SER E 474 18.76 -63.78 26.14
CA SER E 474 18.45 -62.58 26.92
C SER E 474 19.60 -61.57 26.78
N ALA E 475 19.61 -60.87 25.64
CA ALA E 475 20.62 -59.86 25.37
C ALA E 475 20.22 -58.53 26.02
N TYR E 476 19.99 -58.60 27.33
CA TYR E 476 19.61 -57.44 28.12
C TYR E 476 19.98 -57.70 29.57
N LEU E 477 19.92 -56.64 30.38
CA LEU E 477 20.29 -56.75 31.79
C LEU E 477 19.30 -57.62 32.55
N ILE E 478 19.74 -58.11 33.71
CA ILE E 478 18.94 -59.05 34.47
C ILE E 478 17.73 -58.33 35.07
N ASP E 479 16.55 -58.93 34.90
CA ASP E 479 15.30 -58.37 35.41
C ASP E 479 14.99 -58.86 36.81
N GLN E 480 14.86 -60.18 37.00
CA GLN E 480 14.55 -60.78 38.29
C GLN E 480 15.71 -61.68 38.69
N ALA E 481 16.48 -61.27 39.69
CA ALA E 481 17.69 -61.97 40.06
C ALA E 481 17.44 -63.01 41.15
N ASP E 482 17.99 -64.21 40.94
CA ASP E 482 17.98 -65.23 41.98
C ASP E 482 19.01 -64.96 43.06
N LEU E 483 20.14 -64.35 42.71
CA LEU E 483 21.21 -64.08 43.65
C LEU E 483 21.77 -62.70 43.35
N ILE E 484 22.00 -61.92 44.40
CA ILE E 484 22.62 -60.61 44.28
C ILE E 484 23.78 -60.54 45.26
N ALA E 485 24.97 -60.18 44.76
CA ALA E 485 26.16 -60.09 45.59
C ALA E 485 26.68 -58.66 45.60
N CYS E 486 26.98 -58.16 46.80
CA CYS E 486 27.55 -56.83 46.99
C CYS E 486 28.93 -57.01 47.62
N HIS E 487 29.97 -56.75 46.84
CA HIS E 487 31.34 -56.98 47.29
C HIS E 487 31.97 -55.77 47.95
N ASN E 488 31.22 -54.68 48.11
CA ASN E 488 31.73 -53.47 48.75
C ASN E 488 30.68 -52.98 49.75
N PRO E 489 30.95 -53.03 51.05
CA PRO E 489 29.94 -52.61 52.03
C PRO E 489 29.54 -51.16 51.92
N SER E 490 30.37 -50.32 51.30
CA SER E 490 30.00 -48.92 51.12
C SER E 490 28.76 -48.76 50.25
N TYR E 491 28.50 -49.74 49.38
CA TYR E 491 27.33 -49.67 48.51
C TYR E 491 26.02 -49.84 49.27
N VAL E 492 26.05 -50.44 50.46
CA VAL E 492 24.85 -50.59 51.26
C VAL E 492 24.36 -49.22 51.68
N GLY E 493 23.12 -48.89 51.30
CA GLY E 493 22.56 -47.58 51.54
C GLY E 493 22.84 -46.57 50.46
N ARG E 494 23.68 -46.90 49.48
CA ARG E 494 24.03 -45.99 48.39
C ARG E 494 23.37 -46.36 47.08
N TYR E 495 23.29 -47.64 46.74
CA TYR E 495 22.67 -48.09 45.51
C TYR E 495 21.53 -49.05 45.83
N ASN E 496 20.59 -49.15 44.89
CA ASN E 496 19.43 -50.04 45.03
C ASN E 496 19.87 -51.45 44.67
N LEU E 497 20.58 -52.08 45.62
CA LEU E 497 21.19 -53.38 45.38
C LEU E 497 20.14 -54.46 45.15
N LEU E 498 19.14 -54.53 46.03
CA LEU E 498 18.14 -55.59 46.01
C LEU E 498 17.01 -55.35 45.02
N GLU E 499 17.21 -54.51 44.00
CA GLU E 499 16.14 -54.21 43.06
C GLU E 499 15.77 -55.43 42.23
N GLY E 500 14.49 -55.79 42.24
CA GLY E 500 14.00 -56.85 41.40
C GLY E 500 14.39 -58.25 41.80
N ILE E 501 14.97 -58.43 42.99
CA ILE E 501 15.35 -59.76 43.44
C ILE E 501 14.11 -60.61 43.63
N LYS E 502 14.21 -61.90 43.31
CA LYS E 502 13.06 -62.78 43.40
C LYS E 502 12.73 -63.08 44.86
N PRO E 503 11.45 -63.35 45.15
CA PRO E 503 11.10 -63.82 46.50
C PRO E 503 11.84 -65.11 46.84
N GLY E 504 12.43 -65.14 48.03
CA GLY E 504 13.24 -66.27 48.42
C GLY E 504 14.62 -66.31 47.82
N GLY E 505 15.02 -65.26 47.09
CA GLY E 505 16.33 -65.22 46.48
C GLY E 505 17.44 -65.09 47.51
N ILE E 506 18.67 -65.07 47.01
CA ILE E 506 19.87 -65.01 47.83
C ILE E 506 20.47 -63.62 47.74
N PHE E 507 20.90 -63.09 48.89
CA PHE E 507 21.64 -61.84 48.96
C PHE E 507 22.93 -62.09 49.71
N LEU E 508 24.05 -61.98 49.01
CA LEU E 508 25.38 -62.19 49.58
C LEU E 508 26.06 -60.83 49.76
N LEU E 509 26.54 -60.56 50.97
CA LEU E 509 27.11 -59.27 51.30
C LEU E 509 28.50 -59.46 51.91
N ASN E 510 29.44 -58.60 51.51
CA ASN E 510 30.76 -58.53 52.12
C ASN E 510 30.79 -57.31 53.03
N SER E 511 30.93 -57.55 54.33
CA SER E 511 30.98 -56.48 55.31
C SER E 511 31.59 -57.00 56.59
N THR E 512 31.99 -56.06 57.45
CA THR E 512 32.51 -56.37 58.77
C THR E 512 31.43 -56.38 59.84
N TRP E 513 30.17 -56.22 59.44
CA TRP E 513 29.06 -56.12 60.39
C TRP E 513 28.62 -57.51 60.87
N SER E 514 28.37 -57.61 62.17
CA SER E 514 27.80 -58.82 62.76
C SER E 514 26.29 -58.81 62.59
N ALA E 515 25.65 -59.90 63.02
CA ALA E 515 24.19 -59.99 62.89
C ALA E 515 23.48 -58.88 63.64
N GLU E 516 24.04 -58.43 64.78
CA GLU E 516 23.41 -57.37 65.55
C GLU E 516 23.60 -56.01 64.90
N GLU E 517 24.78 -55.76 64.30
CA GLU E 517 24.99 -54.49 63.61
C GLU E 517 24.14 -54.35 62.36
N MET E 518 23.51 -55.43 61.91
CA MET E 518 22.67 -55.36 60.72
C MET E 518 21.52 -54.37 60.90
N ASP E 519 20.95 -54.32 62.11
CA ASP E 519 19.81 -53.43 62.34
C ASP E 519 20.20 -51.96 62.14
N SER E 520 21.43 -51.60 62.54
CA SER E 520 21.87 -50.21 62.46
C SER E 520 22.57 -49.88 61.14
N ARG E 521 23.09 -50.88 60.43
CA ARG E 521 23.85 -50.60 59.22
C ARG E 521 22.98 -50.67 57.96
N LEU E 522 22.03 -51.60 57.92
CA LEU E 522 21.18 -51.70 56.74
C LEU E 522 20.07 -50.64 56.79
N PRO E 523 19.74 -50.03 55.66
CA PRO E 523 18.64 -49.06 55.63
C PRO E 523 17.29 -49.73 55.85
N ALA E 524 16.31 -48.90 56.19
CA ALA E 524 14.99 -49.41 56.52
C ALA E 524 14.32 -50.08 55.32
N ASP E 525 14.39 -49.44 54.15
CA ASP E 525 13.80 -50.03 52.96
C ASP E 525 14.48 -51.35 52.60
N MET E 526 15.80 -51.42 52.82
CA MET E 526 16.54 -52.64 52.53
C MET E 526 16.14 -53.76 53.49
N LYS E 527 15.96 -53.44 54.77
CA LYS E 527 15.49 -54.45 55.72
C LYS E 527 14.07 -54.90 55.39
N ARG E 528 13.23 -53.99 54.87
CA ARG E 528 11.88 -54.37 54.49
C ARG E 528 11.90 -55.40 53.36
N THR E 529 12.74 -55.18 52.35
CA THR E 529 12.82 -56.10 51.23
C THR E 529 13.31 -57.48 51.67
N ILE E 530 14.33 -57.51 52.54
CA ILE E 530 14.88 -58.80 52.99
C ILE E 530 13.81 -59.63 53.70
N ALA E 531 12.97 -58.98 54.51
CA ALA E 531 11.95 -59.71 55.27
C ALA E 531 10.76 -60.07 54.40
N THR E 532 10.25 -59.12 53.64
CA THR E 532 9.04 -59.36 52.84
C THR E 532 9.30 -60.41 51.76
N LYS E 533 10.43 -60.32 51.07
CA LYS E 533 10.77 -61.30 50.04
C LYS E 533 11.41 -62.55 50.62
N LYS E 534 11.61 -62.62 51.94
CA LYS E 534 12.15 -63.81 52.61
C LYS E 534 13.48 -64.26 52.00
N LEU E 535 14.40 -63.31 51.86
CA LEU E 535 15.69 -63.62 51.25
C LEU E 535 16.59 -64.39 52.21
N LYS E 536 17.43 -65.24 51.63
CA LYS E 536 18.49 -65.90 52.40
C LYS E 536 19.70 -64.97 52.44
N PHE E 537 19.89 -64.30 53.58
CA PHE E 537 20.93 -63.29 53.73
C PHE E 537 22.18 -63.93 54.31
N TYR E 538 23.26 -63.93 53.53
CA TYR E 538 24.56 -64.44 53.97
C TYR E 538 25.55 -63.28 53.99
N ASN E 539 26.45 -63.30 54.98
CA ASN E 539 27.46 -62.27 55.13
C ASN E 539 28.81 -62.92 55.39
N ILE E 540 29.87 -62.24 54.96
CA ILE E 540 31.24 -62.71 55.18
C ILE E 540 32.16 -61.51 55.19
N ASP E 541 33.10 -61.51 56.15
CA ASP E 541 34.11 -60.45 56.26
C ASP E 541 35.34 -60.90 55.47
N ALA E 542 35.25 -60.73 54.15
CA ALA E 542 36.33 -61.17 53.27
C ALA E 542 37.60 -60.37 53.49
N VAL E 543 37.50 -59.09 53.84
CA VAL E 543 38.69 -58.29 54.08
C VAL E 543 39.46 -58.85 55.27
N LYS E 544 38.75 -59.29 56.31
CA LYS E 544 39.41 -59.87 57.48
C LYS E 544 40.13 -61.16 57.10
N ILE E 545 39.54 -61.96 56.23
CA ILE E 545 40.14 -63.23 55.82
C ILE E 545 41.44 -62.98 55.08
N ALA E 546 41.43 -62.04 54.12
CA ALA E 546 42.63 -61.74 53.35
C ALA E 546 43.73 -61.16 54.23
N GLN E 547 43.37 -60.41 55.27
CA GLN E 547 44.37 -59.85 56.17
C GLN E 547 45.09 -60.95 56.95
N GLU E 548 44.33 -61.92 57.48
CA GLU E 548 44.94 -62.96 58.30
C GLU E 548 45.79 -63.91 57.46
N ILE E 549 45.37 -64.18 56.22
CA ILE E 549 46.13 -65.06 55.35
C ILE E 549 47.36 -64.34 54.81
N GLY E 550 47.27 -63.03 54.62
CA GLY E 550 48.34 -62.26 54.01
C GLY E 550 48.07 -61.80 52.60
N LEU E 551 46.83 -61.91 52.12
CA LEU E 551 46.46 -61.46 50.79
C LEU E 551 46.13 -59.97 50.74
N GLY E 552 46.37 -59.24 51.83
CA GLY E 552 46.02 -57.83 51.87
C GLY E 552 44.53 -57.61 51.98
N SER E 553 43.95 -56.92 51.00
CA SER E 553 42.51 -56.69 50.95
C SER E 553 41.88 -57.31 49.71
N ARG E 554 42.61 -58.14 48.98
CA ARG E 554 42.05 -58.81 47.80
C ARG E 554 40.99 -59.81 48.24
N ILE E 555 39.77 -59.63 47.72
CA ILE E 555 38.63 -60.45 48.10
C ILE E 555 38.04 -61.21 46.93
N ASN E 556 38.73 -61.22 45.78
CA ASN E 556 38.15 -61.81 44.58
C ASN E 556 37.95 -63.32 44.73
N VAL E 557 38.99 -64.02 45.20
CA VAL E 557 38.87 -65.46 45.37
C VAL E 557 37.86 -65.80 46.46
N ILE E 558 37.84 -65.00 47.53
CA ILE E 558 36.95 -65.28 48.66
C ILE E 558 35.49 -65.13 48.24
N MET E 559 35.16 -64.02 47.57
CA MET E 559 33.77 -63.79 47.18
C MET E 559 33.31 -64.76 46.11
N GLN E 560 34.21 -65.20 45.24
CA GLN E 560 33.86 -66.23 44.28
C GLN E 560 33.59 -67.56 44.99
N THR E 561 34.41 -67.88 45.99
CA THR E 561 34.18 -69.09 46.76
C THR E 561 32.86 -69.02 47.53
N ALA E 562 32.58 -67.86 48.14
CA ALA E 562 31.31 -67.68 48.83
C ALA E 562 30.14 -67.80 47.86
N PHE E 563 30.34 -67.39 46.60
CA PHE E 563 29.26 -67.48 45.62
C PHE E 563 28.87 -68.93 45.36
N PHE E 564 29.85 -69.76 44.97
CA PHE E 564 29.55 -71.16 44.64
C PHE E 564 29.03 -71.93 45.86
N LYS E 565 29.45 -71.54 47.06
CA LYS E 565 29.03 -72.27 48.25
C LYS E 565 27.52 -72.15 48.48
N ILE E 566 26.93 -71.02 48.09
CA ILE E 566 25.51 -70.79 48.33
C ILE E 566 24.69 -70.83 47.04
N ALA E 567 25.32 -70.67 45.88
CA ALA E 567 24.53 -70.69 44.65
C ALA E 567 24.04 -72.10 44.37
N ASN E 568 24.81 -73.11 44.75
CA ASN E 568 24.47 -74.52 44.55
C ASN E 568 24.17 -74.79 43.08
N VAL E 569 24.95 -74.16 42.21
CA VAL E 569 24.82 -74.37 40.76
C VAL E 569 25.52 -75.65 40.34
N ILE E 570 26.66 -75.96 40.97
CA ILE E 570 27.37 -77.20 40.74
C ILE E 570 27.71 -77.80 42.09
N PRO E 571 28.08 -79.08 42.14
CA PRO E 571 28.52 -79.67 43.40
C PRO E 571 29.65 -78.87 44.03
N VAL E 572 29.51 -78.57 45.32
CA VAL E 572 30.49 -77.74 46.01
C VAL E 572 31.86 -78.40 45.93
N ASP E 573 31.89 -79.74 45.99
CA ASP E 573 33.16 -80.44 45.85
C ASP E 573 33.81 -80.16 44.51
N GLU E 574 33.00 -80.21 43.44
CA GLU E 574 33.52 -79.91 42.11
C GLU E 574 33.90 -78.44 41.97
N ALA E 575 33.13 -77.54 42.58
CA ALA E 575 33.44 -76.12 42.49
C ALA E 575 34.79 -75.80 43.13
N ILE E 576 35.05 -76.40 44.29
CA ILE E 576 36.32 -76.15 44.98
C ILE E 576 37.49 -76.60 44.13
N LYS E 577 37.35 -77.75 43.44
CA LYS E 577 38.42 -78.21 42.57
C LYS E 577 38.64 -77.24 41.41
N TYR E 578 37.55 -76.82 40.76
CA TYR E 578 37.66 -75.91 39.63
C TYR E 578 38.17 -74.54 40.06
N ILE E 579 37.80 -74.08 41.25
CA ILE E 579 38.32 -72.80 41.75
C ILE E 579 39.81 -72.90 42.00
N LYS E 580 40.25 -73.95 42.70
CA LYS E 580 41.67 -74.11 42.96
C LYS E 580 42.45 -74.35 41.66
N ASP E 581 41.85 -75.04 40.69
CA ASP E 581 42.49 -75.18 39.39
C ASP E 581 42.62 -73.83 38.71
N SER E 582 41.63 -72.96 38.89
CA SER E 582 41.74 -71.61 38.33
C SER E 582 42.78 -70.79 39.07
N ILE E 583 43.01 -71.08 40.36
CA ILE E 583 44.05 -70.39 41.11
C ILE E 583 45.43 -70.74 40.56
N VAL E 584 45.64 -72.01 40.22
CA VAL E 584 46.92 -72.42 39.66
C VAL E 584 47.19 -71.71 38.34
N LYS E 585 46.15 -71.55 37.51
CA LYS E 585 46.33 -70.87 36.24
C LYS E 585 46.55 -69.37 36.42
N THR E 586 45.96 -68.77 37.45
CA THR E 586 46.09 -67.33 37.68
C THR E 586 47.27 -67.00 38.59
N TYR E 587 47.46 -67.76 39.66
CA TYR E 587 48.51 -67.51 40.64
C TYR E 587 49.55 -68.63 40.64
N GLY E 588 49.99 -69.05 39.46
CA GLY E 588 51.02 -70.05 39.36
C GLY E 588 52.40 -69.43 39.19
N LYS E 589 52.47 -68.39 38.36
CA LYS E 589 53.72 -67.67 38.13
C LYS E 589 54.10 -66.74 39.27
N LYS E 590 53.18 -66.49 40.20
CA LYS E 590 53.47 -65.60 41.32
C LYS E 590 54.32 -66.25 42.41
N GLY E 591 54.61 -67.54 42.29
CA GLY E 591 55.42 -68.22 43.28
C GLY E 591 54.60 -69.19 44.11
N ASP E 592 55.31 -70.12 44.76
CA ASP E 592 54.65 -71.16 45.52
C ASP E 592 54.10 -70.63 46.85
N LYS E 593 54.71 -69.59 47.40
CA LYS E 593 54.21 -69.01 48.65
C LYS E 593 52.87 -68.32 48.44
N ILE E 594 52.73 -67.56 47.35
CA ILE E 594 51.47 -66.89 47.07
C ILE E 594 50.39 -67.90 46.70
N LEU E 595 50.78 -69.05 46.15
CA LEU E 595 49.80 -70.04 45.72
C LEU E 595 49.02 -70.60 46.91
N ASN E 596 49.73 -70.99 47.96
CA ASN E 596 49.07 -71.60 49.12
C ASN E 596 48.24 -70.62 49.90
N MET E 597 48.46 -69.31 49.74
CA MET E 597 47.59 -68.33 50.37
C MET E 597 46.22 -68.30 49.72
N ASN E 598 46.17 -68.34 48.39
CA ASN E 598 44.89 -68.39 47.71
C ASN E 598 44.20 -69.73 47.94
N PHE E 599 44.97 -70.79 48.14
CA PHE E 599 44.37 -72.06 48.55
C PHE E 599 43.74 -71.92 49.93
N ALA E 600 44.42 -71.23 50.84
CA ALA E 600 43.87 -71.00 52.17
C ALA E 600 42.66 -70.08 52.13
N ALA E 601 42.63 -69.15 51.16
CA ALA E 601 41.48 -68.25 51.03
C ALA E 601 40.22 -69.03 50.73
N VAL E 602 40.29 -70.00 49.81
CA VAL E 602 39.13 -70.82 49.49
C VAL E 602 38.67 -71.59 50.72
N ASP E 603 39.62 -72.23 51.41
CA ASP E 603 39.26 -73.10 52.54
C ASP E 603 38.62 -72.30 53.66
N ARG E 604 39.22 -71.17 54.02
CA ARG E 604 38.71 -70.36 55.13
C ARG E 604 37.40 -69.68 54.75
N ALA E 605 37.21 -69.35 53.47
CA ALA E 605 35.97 -68.69 53.06
C ALA E 605 34.75 -69.58 53.23
N LEU E 606 34.90 -70.88 53.01
CA LEU E 606 33.76 -71.80 53.15
C LEU E 606 33.22 -71.81 54.58
N GLU E 607 34.11 -71.78 55.57
CA GLU E 607 33.73 -71.84 56.96
C GLU E 607 33.39 -70.48 57.55
N ALA E 608 33.80 -69.39 56.90
CA ALA E 608 33.58 -68.05 57.39
C ALA E 608 32.25 -67.45 56.92
N LEU E 609 31.62 -68.06 55.93
CA LEU E 609 30.36 -67.56 55.41
C LEU E 609 29.27 -67.74 56.46
N GLU E 610 28.64 -66.63 56.85
CA GLU E 610 27.68 -66.59 57.95
C GLU E 610 26.29 -66.28 57.42
N GLU E 611 25.32 -67.16 57.74
CA GLU E 611 23.93 -66.89 57.43
C GLU E 611 23.33 -65.98 58.50
N ILE E 612 22.64 -64.93 58.06
CA ILE E 612 22.06 -63.94 58.96
C ILE E 612 20.62 -64.32 59.24
N LYS E 613 20.33 -64.71 60.48
CA LYS E 613 18.97 -65.01 60.91
C LYS E 613 18.35 -63.70 61.38
N TYR E 614 17.59 -63.08 60.49
CA TYR E 614 17.03 -61.77 60.74
C TYR E 614 15.62 -61.87 61.33
N PRO E 615 15.25 -60.93 62.20
CA PRO E 615 13.90 -60.93 62.74
C PRO E 615 12.87 -60.56 61.68
N ALA E 616 11.66 -61.10 61.84
CA ALA E 616 10.57 -60.77 60.94
C ALA E 616 10.15 -59.31 61.04
N SER E 617 10.45 -58.66 62.17
CA SER E 617 10.10 -57.26 62.39
C SER E 617 10.85 -56.29 61.47
N TRP E 618 11.80 -56.77 60.67
CA TRP E 618 12.45 -55.90 59.70
C TRP E 618 11.48 -55.33 58.69
N ALA E 619 10.38 -56.04 58.41
CA ALA E 619 9.37 -55.56 57.47
C ALA E 619 8.66 -54.31 57.98
N ASP E 620 8.62 -54.09 59.28
CA ASP E 620 7.95 -52.93 59.87
C ASP E 620 8.89 -51.76 60.09
N ALA E 621 10.17 -51.88 59.74
CA ALA E 621 11.09 -50.76 59.85
C ALA E 621 10.58 -49.59 59.03
N VAL E 622 10.98 -48.38 59.42
CA VAL E 622 10.46 -47.15 58.83
C VAL E 622 11.62 -46.25 58.47
N ASP E 623 11.52 -45.61 57.31
CA ASP E 623 12.60 -44.78 56.81
C ASP E 623 12.83 -43.58 57.72
N GLU E 624 14.10 -43.18 57.83
CA GLU E 624 14.51 -42.05 58.63
C GLU E 624 14.66 -40.80 57.75
N ALA E 625 14.41 -39.65 58.34
CA ALA E 625 14.49 -38.36 57.64
C ALA E 625 13.63 -38.34 56.38
N THR E 630 20.85 -29.78 51.31
CA THR E 630 21.38 -28.47 50.96
C THR E 630 20.97 -28.07 49.54
N GLU E 631 20.75 -26.77 49.33
CA GLU E 631 20.34 -26.25 48.03
C GLU E 631 21.51 -26.33 47.06
N GLU E 632 21.45 -27.30 46.14
CA GLU E 632 22.48 -27.51 45.14
C GLU E 632 22.07 -26.89 43.82
N PRO E 633 23.03 -26.59 42.94
CA PRO E 633 22.69 -26.02 41.64
C PRO E 633 21.74 -26.92 40.87
N GLU E 634 21.01 -26.32 39.93
CA GLU E 634 19.99 -27.04 39.18
C GLU E 634 20.59 -28.21 38.42
N PHE E 635 21.76 -28.01 37.80
CA PHE E 635 22.41 -29.08 37.06
C PHE E 635 22.81 -30.24 37.97
N ILE E 636 23.39 -29.92 39.13
CA ILE E 636 23.79 -30.97 40.07
C ILE E 636 22.57 -31.77 40.53
N GLN E 637 21.46 -31.08 40.81
CA GLN E 637 20.28 -31.75 41.33
C GLN E 637 19.63 -32.63 40.27
N LYS E 638 19.58 -32.17 39.02
CA LYS E 638 18.82 -32.85 37.98
C LYS E 638 19.64 -33.84 37.16
N VAL E 639 20.96 -33.69 37.11
CA VAL E 639 21.76 -34.50 36.20
C VAL E 639 22.80 -35.32 36.94
N LEU E 640 23.71 -34.65 37.65
CA LEU E 640 24.86 -35.34 38.23
C LEU E 640 24.42 -36.34 39.30
N ARG E 641 23.55 -35.90 40.22
CA ARG E 641 23.08 -36.80 41.27
C ARG E 641 22.27 -37.96 40.71
N PRO E 642 21.29 -37.76 39.82
CA PRO E 642 20.56 -38.93 39.29
C PRO E 642 21.43 -39.90 38.51
N ILE E 643 22.42 -39.39 37.77
CA ILE E 643 23.31 -40.27 37.00
C ILE E 643 24.16 -41.10 37.94
N ASN E 644 24.76 -40.46 38.96
CA ASN E 644 25.58 -41.19 39.91
C ASN E 644 24.77 -42.17 40.73
N ALA E 645 23.47 -41.91 40.91
CA ALA E 645 22.58 -42.84 41.58
C ALA E 645 22.13 -43.98 40.67
N LEU E 646 22.78 -44.14 39.51
CA LEU E 646 22.47 -45.20 38.55
C LEU E 646 21.04 -45.10 38.03
N LYS E 647 20.55 -43.86 37.86
CA LYS E 647 19.20 -43.63 37.37
C LYS E 647 19.17 -42.74 36.15
N GLY E 648 20.28 -42.63 35.41
CA GLY E 648 20.31 -41.76 34.25
C GLY E 648 19.37 -42.18 33.14
N ASP E 649 19.04 -43.48 33.08
CA ASP E 649 18.09 -43.94 32.07
C ASP E 649 16.70 -43.36 32.29
N GLU E 650 16.38 -42.93 33.50
CA GLU E 650 15.07 -42.36 33.80
C GLU E 650 14.97 -40.89 33.41
N LEU E 651 16.07 -40.26 33.04
CA LEU E 651 16.04 -38.85 32.65
C LEU E 651 15.40 -38.69 31.28
N PRO E 652 14.36 -37.87 31.15
CA PRO E 652 13.72 -37.68 29.85
C PRO E 652 14.56 -36.78 28.93
N VAL E 653 14.10 -36.67 27.68
CA VAL E 653 14.84 -35.93 26.66
C VAL E 653 14.96 -34.46 27.02
N SER E 654 13.93 -33.90 27.66
CA SER E 654 13.94 -32.48 28.00
C SER E 654 15.03 -32.11 29.00
N THR E 655 15.75 -33.09 29.55
CA THR E 655 16.79 -32.80 30.53
C THR E 655 18.05 -32.23 29.88
N PHE E 656 18.32 -32.56 28.62
CA PHE E 656 19.62 -32.37 28.03
C PHE E 656 19.62 -31.23 27.02
N THR E 657 20.80 -30.62 26.86
CA THR E 657 21.00 -29.61 25.82
C THR E 657 20.97 -30.26 24.44
N PRO E 658 20.56 -29.52 23.41
CA PRO E 658 20.51 -30.11 22.06
C PRO E 658 21.86 -30.24 21.39
N ASP E 659 22.92 -29.67 21.95
CA ASP E 659 24.22 -29.66 21.30
C ASP E 659 25.33 -30.23 22.17
N GLY E 660 25.00 -30.90 23.27
CA GLY E 660 26.01 -31.53 24.11
C GLY E 660 26.91 -30.59 24.86
N VAL E 661 26.41 -29.42 25.25
CA VAL E 661 27.19 -28.45 26.01
C VAL E 661 26.92 -28.67 27.50
N PHE E 662 27.98 -28.72 28.30
CA PHE E 662 27.89 -29.01 29.73
C PHE E 662 28.56 -27.90 30.53
N PRO E 663 28.14 -27.70 31.78
CA PRO E 663 28.82 -26.72 32.63
C PRO E 663 30.20 -27.21 33.05
N VAL E 664 30.99 -26.28 33.58
CA VAL E 664 32.31 -26.59 34.08
C VAL E 664 32.28 -26.64 35.60
N GLY E 665 33.33 -27.20 36.19
CA GLY E 665 33.49 -27.24 37.63
C GLY E 665 32.43 -28.04 38.38
N THR E 666 32.16 -29.27 37.93
CA THR E 666 31.16 -30.10 38.58
C THR E 666 31.73 -31.31 39.32
N THR E 667 33.02 -31.63 39.14
CA THR E 667 33.59 -32.77 39.85
C THR E 667 33.75 -32.49 41.34
N LYS E 668 33.75 -31.23 41.76
CA LYS E 668 33.85 -30.92 43.18
C LYS E 668 32.61 -31.33 43.95
N TYR E 669 31.52 -31.67 43.25
CA TYR E 669 30.30 -32.18 43.86
C TYR E 669 30.31 -33.70 44.00
N GLU E 670 31.36 -34.36 43.52
CA GLU E 670 31.41 -35.82 43.55
C GLU E 670 31.73 -36.34 44.94
N LYS E 671 32.86 -35.91 45.50
CA LYS E 671 33.31 -36.33 46.84
C LYS E 671 33.26 -37.85 46.97
N ARG E 672 34.02 -38.50 46.09
CA ARG E 672 33.95 -39.95 45.97
C ARG E 672 34.45 -40.65 47.23
N GLY E 673 35.52 -40.12 47.84
CA GLY E 673 36.05 -40.66 49.07
C GLY E 673 36.47 -42.11 48.98
N ILE E 674 37.32 -42.43 48.01
CA ILE E 674 37.72 -43.81 47.74
C ILE E 674 39.09 -44.14 48.30
N ALA E 675 39.76 -43.19 48.94
CA ALA E 675 41.15 -43.39 49.35
C ALA E 675 41.24 -44.35 50.52
N VAL E 676 42.28 -45.19 50.50
CA VAL E 676 42.57 -46.08 51.63
C VAL E 676 43.40 -45.34 52.68
N ASN E 677 44.34 -44.51 52.24
CA ASN E 677 45.15 -43.69 53.13
C ASN E 677 45.12 -42.25 52.64
N ILE E 678 45.26 -41.33 53.58
CA ILE E 678 45.22 -39.90 53.27
C ILE E 678 46.44 -39.22 53.87
N PRO E 679 46.99 -38.19 53.21
CA PRO E 679 48.14 -37.49 53.79
C PRO E 679 47.73 -36.68 55.01
N GLN E 680 48.51 -36.80 56.09
CA GLN E 680 48.35 -35.99 57.28
C GLN E 680 49.51 -35.01 57.35
N TRP E 681 49.19 -33.73 57.52
CA TRP E 681 50.19 -32.67 57.45
C TRP E 681 50.84 -32.46 58.81
N GLN E 682 52.18 -32.42 58.82
CA GLN E 682 52.95 -32.14 60.02
C GLN E 682 53.44 -30.70 59.95
N PRO E 683 52.79 -29.75 60.63
CA PRO E 683 53.15 -28.34 60.44
C PRO E 683 54.58 -28.00 60.84
N GLU E 684 55.17 -28.75 61.78
CA GLU E 684 56.50 -28.42 62.27
C GLU E 684 57.59 -28.83 61.29
N ASN E 685 57.32 -29.77 60.38
CA ASN E 685 58.31 -30.23 59.42
C ASN E 685 58.18 -29.55 58.06
N CYS E 686 57.16 -28.73 57.87
CA CYS E 686 56.87 -28.16 56.56
C CYS E 686 57.69 -26.90 56.32
N ILE E 687 58.37 -26.85 55.18
CA ILE E 687 59.15 -25.69 54.77
C ILE E 687 58.37 -24.78 53.81
N GLN E 688 57.10 -25.09 53.56
CA GLN E 688 56.22 -24.27 52.71
C GLN E 688 56.79 -24.14 51.29
N CYS E 689 56.93 -25.29 50.63
CA CYS E 689 57.44 -25.33 49.27
C CYS E 689 56.37 -25.66 48.23
N ASN E 690 55.21 -26.14 48.67
CA ASN E 690 54.03 -26.39 47.82
C ASN E 690 54.28 -27.45 46.75
N GLN E 691 55.35 -28.24 46.89
CA GLN E 691 55.58 -29.31 45.92
C GLN E 691 54.54 -30.41 46.02
N CYS E 692 53.95 -30.62 47.20
CA CYS E 692 52.90 -31.62 47.33
C CYS E 692 51.66 -31.24 46.52
N SER E 693 51.30 -29.95 46.52
CA SER E 693 50.16 -29.51 45.71
C SER E 693 50.47 -29.54 44.22
N LEU E 694 51.75 -29.41 43.86
CA LEU E 694 52.12 -29.38 42.44
C LEU E 694 51.95 -30.74 41.79
N VAL E 695 52.29 -31.81 42.49
CA VAL E 695 52.33 -33.14 41.88
C VAL E 695 51.02 -33.89 42.05
N CYS E 696 50.06 -33.35 42.77
CA CYS E 696 48.82 -34.08 43.03
C CYS E 696 48.02 -34.25 41.74
N PRO E 697 47.77 -35.49 41.30
CA PRO E 697 47.02 -35.68 40.04
C PRO E 697 45.54 -35.35 40.13
N HIS E 698 45.04 -34.94 41.29
CA HIS E 698 43.62 -34.67 41.45
C HIS E 698 43.33 -33.35 42.16
N ALA E 699 44.36 -32.53 42.41
CA ALA E 699 44.20 -31.26 43.11
C ALA E 699 43.51 -31.44 44.46
N ALA E 700 43.84 -32.55 45.14
CA ALA E 700 43.24 -32.88 46.42
C ALA E 700 44.03 -32.33 47.61
N ILE E 701 45.21 -31.78 47.39
CA ILE E 701 46.03 -31.19 48.44
C ILE E 701 46.58 -29.86 47.94
N ARG E 702 46.35 -28.79 48.69
CA ARG E 702 46.67 -27.44 48.27
C ARG E 702 47.17 -26.63 49.45
N PRO E 703 47.95 -25.58 49.21
CA PRO E 703 48.28 -24.62 50.26
C PRO E 703 47.25 -23.50 50.35
N TYR E 704 47.05 -23.02 51.57
CA TYR E 704 46.09 -21.95 51.83
C TYR E 704 46.74 -20.85 52.65
N LEU E 705 46.63 -19.61 52.18
CA LEU E 705 47.05 -18.43 52.90
C LEU E 705 45.84 -17.67 53.41
N ALA E 706 46.00 -17.02 54.56
CA ALA E 706 44.91 -16.28 55.17
C ALA E 706 45.49 -15.29 56.17
N LYS E 707 44.89 -14.10 56.22
CA LYS E 707 45.22 -13.20 57.32
C LYS E 707 44.77 -13.83 58.63
N PRO E 708 45.52 -13.64 59.71
CA PRO E 708 45.15 -14.29 60.99
C PRO E 708 43.76 -13.91 61.48
N ALA E 709 43.22 -12.76 61.05
CA ALA E 709 41.87 -12.41 61.45
C ALA E 709 40.82 -13.31 60.82
N ASP E 710 41.07 -13.81 59.61
CA ASP E 710 40.13 -14.66 58.91
C ASP E 710 40.07 -16.09 59.46
N LEU E 711 40.95 -16.45 60.40
CA LEU E 711 40.93 -17.76 61.03
C LEU E 711 40.12 -17.78 62.32
N ALA E 712 39.12 -16.91 62.45
CA ALA E 712 38.37 -16.79 63.70
C ALA E 712 37.56 -18.07 63.96
N GLY E 713 36.64 -18.38 63.06
CA GLY E 713 35.78 -19.54 63.24
C GLY E 713 36.43 -20.84 62.78
N ALA E 714 37.76 -20.85 62.73
CA ALA E 714 38.46 -22.05 62.28
C ALA E 714 38.31 -23.16 63.32
N PRO E 715 38.18 -24.41 62.89
CA PRO E 715 38.13 -25.51 63.86
C PRO E 715 39.43 -25.62 64.63
N GLU E 716 39.35 -26.28 65.80
CA GLU E 716 40.51 -26.42 66.67
C GLU E 716 41.60 -27.27 66.02
N THR E 717 41.24 -28.18 65.13
CA THR E 717 42.20 -29.03 64.43
C THR E 717 42.80 -28.38 63.20
N PHE E 718 42.34 -27.19 62.82
CA PHE E 718 42.86 -26.45 61.67
C PHE E 718 44.13 -25.71 62.05
N VAL E 719 45.15 -26.48 62.45
CA VAL E 719 46.39 -25.89 62.92
C VAL E 719 47.15 -25.26 61.75
N THR E 720 47.58 -24.02 61.92
CA THR E 720 48.30 -23.29 60.90
C THR E 720 49.70 -22.93 61.38
N LYS E 721 50.48 -22.36 60.47
CA LYS E 721 51.84 -21.94 60.76
C LYS E 721 52.09 -20.58 60.12
N ASP E 722 53.08 -19.86 60.66
CA ASP E 722 53.45 -18.58 60.08
C ASP E 722 53.97 -18.77 58.66
N ALA E 723 53.59 -17.84 57.77
CA ALA E 723 53.92 -17.98 56.36
C ALA E 723 55.35 -17.53 56.09
N ILE E 724 56.10 -18.37 55.39
CA ILE E 724 57.48 -18.07 55.01
C ILE E 724 57.46 -17.30 53.70
N GLY E 725 58.29 -16.25 53.63
CA GLY E 725 58.40 -15.45 52.44
C GLY E 725 58.03 -14.00 52.67
N LYS E 726 58.74 -13.09 52.01
CA LYS E 726 58.48 -11.67 52.15
C LYS E 726 57.15 -11.25 51.52
N GLU E 727 56.64 -12.01 50.55
CA GLU E 727 55.39 -11.66 49.92
C GLU E 727 54.19 -11.92 50.83
N ALA E 728 54.26 -12.97 51.65
CA ALA E 728 53.16 -13.37 52.52
C ALA E 728 53.41 -13.00 53.97
N ALA E 729 54.06 -11.86 54.21
CA ALA E 729 54.34 -11.43 55.58
C ALA E 729 53.05 -11.12 56.33
N GLY E 730 52.98 -11.58 57.57
CA GLY E 730 51.81 -11.36 58.39
C GLY E 730 50.65 -12.28 58.12
N LEU E 731 50.84 -13.32 57.32
CA LEU E 731 49.79 -14.25 56.95
C LEU E 731 50.04 -15.61 57.58
N LYS E 732 48.99 -16.43 57.62
CA LYS E 732 49.07 -17.81 58.09
C LYS E 732 49.10 -18.76 56.89
N PHE E 733 49.79 -19.89 57.08
CA PHE E 733 49.98 -20.87 56.03
C PHE E 733 49.56 -22.25 56.53
N ARG E 734 48.94 -23.02 55.65
CA ARG E 734 48.56 -24.39 55.99
C ARG E 734 48.44 -25.21 54.71
N ILE E 735 48.99 -26.42 54.74
CA ILE E 735 48.79 -27.38 53.67
C ILE E 735 47.59 -28.24 54.05
N GLN E 736 46.51 -28.10 53.30
CA GLN E 736 45.26 -28.81 53.59
C GLN E 736 44.92 -29.76 52.46
N VAL E 737 44.47 -30.96 52.83
CA VAL E 737 44.11 -31.99 51.88
C VAL E 737 42.59 -32.11 51.82
N SER E 738 42.08 -32.46 50.64
CA SER E 738 40.66 -32.74 50.48
C SER E 738 40.41 -34.23 50.67
N PRO E 739 39.86 -34.63 51.82
CA PRO E 739 39.77 -36.07 52.11
C PRO E 739 38.84 -36.82 51.17
N LEU E 740 37.70 -36.23 50.79
CA LEU E 740 36.75 -36.94 49.94
C LEU E 740 37.17 -36.96 48.48
N ASP E 741 38.15 -36.15 48.08
CA ASP E 741 38.63 -36.13 46.69
C ASP E 741 39.99 -36.76 46.52
N CYS E 742 40.74 -37.00 47.60
CA CYS E 742 42.03 -37.65 47.51
C CYS E 742 41.88 -39.11 47.10
N THR E 743 42.87 -39.60 46.36
CA THR E 743 42.88 -40.98 45.89
C THR E 743 43.83 -41.88 46.68
N GLY E 744 44.60 -41.33 47.60
CA GLY E 744 45.53 -42.15 48.37
C GLY E 744 46.74 -42.64 47.61
N CYS E 745 47.09 -41.97 46.50
CA CYS E 745 48.19 -42.44 45.68
C CYS E 745 49.53 -42.32 46.40
N GLY E 746 49.70 -41.26 47.19
CA GLY E 746 50.90 -41.09 47.98
C GLY E 746 52.04 -40.35 47.30
N ASN E 747 51.79 -39.69 46.15
CA ASN E 747 52.85 -38.96 45.49
C ASN E 747 53.31 -37.75 46.30
N CYS E 748 52.37 -37.05 46.96
CA CYS E 748 52.73 -35.87 47.71
C CYS E 748 53.63 -36.21 48.89
N ALA E 749 53.38 -37.36 49.53
CA ALA E 749 54.24 -37.80 50.62
C ALA E 749 55.64 -38.16 50.13
N ASP E 750 55.76 -38.64 48.89
CA ASP E 750 57.06 -39.02 48.36
C ASP E 750 57.88 -37.81 47.91
N VAL E 751 57.22 -36.75 47.45
CA VAL E 751 57.93 -35.58 46.93
C VAL E 751 58.41 -34.65 48.04
N CYS E 752 57.74 -34.67 49.20
CA CYS E 752 58.05 -33.77 50.31
C CYS E 752 59.53 -33.80 50.65
N PRO E 753 60.27 -32.72 50.39
CA PRO E 753 61.73 -32.74 50.52
C PRO E 753 62.27 -32.33 51.88
N ALA E 754 61.42 -32.16 52.89
CA ALA E 754 61.90 -31.73 54.19
C ALA E 754 62.80 -32.80 54.82
N LYS E 755 63.62 -32.36 55.77
CA LYS E 755 64.48 -33.29 56.51
C LYS E 755 63.64 -34.38 57.18
N VAL E 756 62.69 -33.98 58.02
CA VAL E 756 61.70 -34.88 58.60
C VAL E 756 60.43 -34.82 57.75
N LYS E 757 59.85 -35.98 57.50
CA LYS E 757 58.68 -36.10 56.64
C LYS E 757 57.52 -35.24 57.15
N ALA E 758 57.06 -34.31 56.31
CA ALA E 758 55.92 -33.45 56.65
C ALA E 758 54.57 -34.01 56.23
N LEU E 759 54.54 -35.13 55.50
CA LEU E 759 53.28 -35.77 55.12
C LEU E 759 53.37 -37.26 55.40
N THR E 760 52.44 -37.78 56.20
CA THR E 760 52.40 -39.19 56.52
C THR E 760 51.04 -39.75 56.12
N MET E 761 51.04 -40.90 55.46
CA MET E 761 49.81 -41.51 54.98
C MET E 761 49.08 -42.18 56.13
N VAL E 762 47.89 -41.68 56.46
CA VAL E 762 47.10 -42.24 57.56
C VAL E 762 45.78 -42.76 57.01
N PRO E 763 45.18 -43.77 57.64
CA PRO E 763 43.92 -44.32 57.13
C PRO E 763 42.79 -43.28 57.07
N LEU E 764 41.95 -43.41 56.04
CA LEU E 764 40.85 -42.47 55.85
C LEU E 764 39.87 -42.53 57.01
N GLU E 765 39.50 -43.74 57.43
CA GLU E 765 38.45 -43.89 58.44
C GLU E 765 38.84 -43.23 59.76
N GLU E 766 40.13 -43.09 60.04
CA GLU E 766 40.57 -42.53 61.31
C GLU E 766 40.44 -41.01 61.34
N VAL E 767 40.61 -40.35 60.19
CA VAL E 767 40.63 -38.90 60.13
C VAL E 767 39.52 -38.34 59.23
N THR E 768 38.58 -39.19 58.81
CA THR E 768 37.57 -38.73 57.84
C THR E 768 36.65 -37.68 58.44
N ALA E 769 36.22 -37.87 59.68
CA ALA E 769 35.34 -36.88 60.32
C ALA E 769 36.08 -35.56 60.55
N VAL E 770 37.35 -35.62 60.95
CA VAL E 770 38.10 -34.41 61.25
C VAL E 770 38.43 -33.63 59.98
N GLU E 771 39.02 -34.30 58.99
CA GLU E 771 39.49 -33.60 57.80
C GLU E 771 38.36 -33.04 56.94
N GLU E 772 37.16 -33.62 57.01
CA GLU E 772 36.04 -33.05 56.27
C GLU E 772 35.69 -31.66 56.78
N ALA E 773 35.62 -31.49 58.10
CA ALA E 773 35.39 -30.17 58.67
C ALA E 773 36.54 -29.23 58.38
N ASN E 774 37.78 -29.74 58.34
CA ASN E 774 38.93 -28.92 58.00
C ASN E 774 38.85 -28.42 56.56
N TYR E 775 38.57 -29.32 55.62
CA TYR E 775 38.51 -28.93 54.21
C TYR E 775 37.34 -27.99 53.95
N ASN E 776 36.19 -28.25 54.59
CA ASN E 776 35.03 -27.38 54.40
C ASN E 776 35.34 -25.96 54.83
N PHE E 777 36.22 -25.78 55.81
CA PHE E 777 36.63 -24.44 56.21
C PHE E 777 37.66 -23.87 55.25
N ALA E 778 38.59 -24.72 54.77
CA ALA E 778 39.63 -24.22 53.85
C ALA E 778 39.02 -23.77 52.52
N GLU E 779 37.98 -24.47 52.05
CA GLU E 779 37.40 -24.11 50.76
C GLU E 779 36.65 -22.79 50.83
N GLN E 780 36.10 -22.46 51.99
CA GLN E 780 35.36 -21.22 52.18
C GLN E 780 36.26 -20.05 52.57
N LEU E 781 37.57 -20.25 52.60
CA LEU E 781 38.49 -19.18 52.97
C LEU E 781 38.44 -18.07 51.91
N PRO E 782 38.49 -16.80 52.33
CA PRO E 782 38.45 -15.70 51.35
C PRO E 782 39.72 -15.64 50.52
N GLU E 783 39.63 -14.90 49.42
CA GLU E 783 40.76 -14.75 48.52
C GLU E 783 41.85 -13.90 49.16
N VAL E 784 43.11 -14.26 48.90
CA VAL E 784 44.27 -13.54 49.42
C VAL E 784 45.14 -13.14 48.23
N LYS E 785 45.22 -11.83 47.96
CA LYS E 785 46.10 -11.32 46.92
C LYS E 785 47.53 -11.34 47.43
N VAL E 786 48.40 -12.12 46.76
CA VAL E 786 49.79 -12.26 47.16
C VAL E 786 50.68 -12.06 45.94
N ASN E 787 51.87 -11.50 46.17
CA ASN E 787 52.80 -11.14 45.11
C ASN E 787 53.88 -12.20 44.89
N PHE E 788 53.57 -13.46 45.16
CA PHE E 788 54.50 -14.54 44.85
C PHE E 788 54.68 -14.66 43.33
N ASN E 789 55.92 -14.90 42.92
CA ASN E 789 56.23 -15.02 41.49
C ASN E 789 55.60 -16.28 40.92
N PRO E 790 54.70 -16.19 39.94
CA PRO E 790 54.13 -17.40 39.35
C PRO E 790 55.13 -18.23 38.55
N ALA E 791 56.29 -17.67 38.20
CA ALA E 791 57.30 -18.41 37.48
C ALA E 791 58.05 -19.41 38.35
N THR E 792 57.86 -19.37 39.67
CA THR E 792 58.46 -20.33 40.58
C THR E 792 57.44 -21.41 40.93
N VAL E 793 57.95 -22.52 41.46
CA VAL E 793 57.08 -23.62 41.85
C VAL E 793 56.18 -23.21 43.01
N LYS E 794 56.76 -22.57 44.03
CA LYS E 794 55.98 -22.14 45.19
C LYS E 794 54.95 -21.09 44.80
N GLY E 795 55.34 -20.11 44.00
CA GLY E 795 54.42 -19.04 43.64
C GLY E 795 53.30 -19.48 42.72
N SER E 796 53.57 -20.41 41.81
CA SER E 796 52.55 -20.86 40.89
C SER E 796 51.47 -21.68 41.60
N GLN E 797 51.84 -22.38 42.67
CA GLN E 797 50.90 -23.24 43.37
C GLN E 797 49.98 -22.48 44.31
N PHE E 798 50.24 -21.20 44.59
CA PHE E 798 49.27 -20.36 45.27
C PHE E 798 48.17 -19.88 44.34
N ARG E 799 48.32 -20.05 43.03
CA ARG E 799 47.23 -19.80 42.10
C ARG E 799 46.25 -20.96 42.14
N GLN E 800 44.97 -20.64 42.00
CA GLN E 800 43.94 -21.67 42.11
C GLN E 800 44.06 -22.66 40.96
N PRO E 801 44.07 -23.96 41.24
CA PRO E 801 44.04 -24.95 40.15
C PRO E 801 42.67 -24.97 39.51
N LEU E 802 42.65 -24.93 38.17
CA LEU E 802 41.40 -24.98 37.43
C LEU E 802 41.17 -26.35 36.79
N LEU E 803 41.89 -27.37 37.27
CA LEU E 803 41.63 -28.76 36.92
C LEU E 803 41.70 -29.56 38.22
N GLU E 804 40.55 -30.07 38.67
CA GLU E 804 40.46 -30.68 39.98
C GLU E 804 39.55 -31.90 39.95
N PHE E 805 39.94 -32.92 40.71
CA PHE E 805 39.04 -34.04 41.05
C PHE E 805 38.60 -34.82 39.82
N SER E 806 39.51 -34.98 38.86
CA SER E 806 39.20 -35.70 37.64
C SER E 806 39.12 -37.20 37.89
N GLY E 807 38.72 -37.94 36.86
CA GLY E 807 38.64 -39.38 36.92
C GLY E 807 39.91 -40.12 36.58
N ALA E 808 41.04 -39.43 36.48
CA ALA E 808 42.29 -40.10 36.18
C ALA E 808 42.69 -41.04 37.31
N CYS E 809 43.60 -41.97 36.99
CA CYS E 809 44.05 -42.95 37.96
C CYS E 809 44.76 -42.28 39.14
N ALA E 810 44.90 -43.06 40.21
CA ALA E 810 45.71 -42.60 41.35
C ALA E 810 47.16 -42.47 40.93
N GLY E 811 47.72 -41.27 41.10
CA GLY E 811 49.10 -41.05 40.74
C GLY E 811 49.35 -40.81 39.27
N CYS E 812 48.34 -40.39 38.52
CA CYS E 812 48.47 -40.20 37.08
C CYS E 812 49.56 -39.18 36.75
N GLY E 813 50.36 -39.50 35.75
CA GLY E 813 51.41 -38.61 35.29
C GLY E 813 50.98 -37.55 34.30
N GLU E 814 49.70 -37.51 33.93
CA GLU E 814 49.21 -36.55 32.95
C GLU E 814 48.59 -35.31 33.56
N THR E 815 47.64 -35.49 34.49
CA THR E 815 46.90 -34.35 35.01
C THR E 815 47.75 -33.29 35.72
N PRO E 816 48.87 -33.61 36.38
CA PRO E 816 49.68 -32.53 36.96
C PRO E 816 50.17 -31.51 35.93
N TYR E 817 50.46 -31.94 34.70
CA TYR E 817 50.85 -30.98 33.66
C TYR E 817 49.70 -30.02 33.35
N VAL E 818 48.51 -30.55 33.10
CA VAL E 818 47.38 -29.70 32.75
C VAL E 818 46.97 -28.84 33.94
N LYS E 819 47.01 -29.41 35.15
CA LYS E 819 46.71 -28.64 36.35
C LYS E 819 47.65 -27.43 36.48
N LEU E 820 48.93 -27.63 36.18
CA LEU E 820 49.89 -26.52 36.27
C LEU E 820 49.60 -25.45 35.22
N VAL E 821 49.20 -25.86 34.01
CA VAL E 821 48.91 -24.89 32.97
C VAL E 821 47.72 -24.02 33.36
N THR E 822 46.70 -24.61 33.98
CA THR E 822 45.56 -23.84 34.43
C THR E 822 45.95 -22.86 35.54
N GLN E 823 46.96 -23.20 36.33
CA GLN E 823 47.43 -22.28 37.37
C GLN E 823 48.25 -21.12 36.79
N LEU E 824 48.81 -21.28 35.59
CA LEU E 824 49.58 -20.23 34.95
C LEU E 824 48.75 -19.38 33.99
N PHE E 825 47.97 -20.02 33.11
CA PHE E 825 47.23 -19.32 32.08
C PHE E 825 45.74 -19.69 32.06
N GLY E 826 45.25 -20.44 33.05
CA GLY E 826 43.88 -20.92 33.04
C GLY E 826 42.85 -19.81 32.98
N ASP E 827 43.22 -18.60 33.40
CA ASP E 827 42.30 -17.47 33.37
C ASP E 827 41.80 -17.15 31.97
N ARG E 828 42.55 -17.54 30.93
CA ARG E 828 42.26 -17.03 29.59
C ARG E 828 42.54 -18.06 28.50
N MET E 829 42.43 -19.36 28.80
CA MET E 829 42.81 -20.38 27.85
C MET E 829 41.59 -21.16 27.35
N ILE E 830 41.70 -21.64 26.11
CA ILE E 830 40.72 -22.50 25.47
C ILE E 830 41.43 -23.78 25.07
N ILE E 831 40.81 -24.92 25.34
CA ILE E 831 41.46 -26.23 25.20
C ILE E 831 40.83 -26.98 24.05
N ALA E 832 41.67 -27.46 23.13
CA ALA E 832 41.28 -28.43 22.11
C ALA E 832 41.94 -29.75 22.49
N ASN E 833 41.14 -30.70 22.96
CA ASN E 833 41.66 -31.92 23.56
C ASN E 833 41.36 -33.11 22.66
N ALA E 834 42.41 -33.86 22.33
CA ALA E 834 42.25 -35.05 21.51
C ALA E 834 41.57 -36.17 22.30
N THR E 835 40.96 -37.08 21.55
CA THR E 835 40.40 -38.28 22.17
C THR E 835 41.54 -39.10 22.77
N GLY E 836 41.28 -39.65 23.95
CA GLY E 836 42.29 -40.40 24.68
C GLY E 836 42.07 -40.25 26.16
N CYS E 837 43.10 -40.57 26.93
CA CYS E 837 43.04 -40.44 28.38
C CYS E 837 42.62 -39.03 28.77
N SER E 838 43.24 -38.02 28.15
CA SER E 838 42.99 -36.63 28.51
C SER E 838 41.54 -36.21 28.27
N SER E 839 40.86 -36.84 27.31
CA SER E 839 39.44 -36.57 27.09
C SER E 839 38.53 -37.41 27.96
N ILE E 840 38.99 -38.55 28.45
CA ILE E 840 38.14 -39.38 29.30
C ILE E 840 38.06 -38.83 30.71
N TRP E 841 39.21 -38.53 31.33
CA TRP E 841 39.16 -37.89 32.64
C TRP E 841 38.91 -36.40 32.55
N GLY E 842 39.08 -35.80 31.37
CA GLY E 842 38.85 -34.38 31.21
C GLY E 842 37.45 -34.02 30.75
N GLY E 843 36.77 -34.94 30.05
CA GLY E 843 35.47 -34.63 29.50
C GLY E 843 34.55 -35.81 29.32
N SER E 844 34.28 -36.54 30.41
CA SER E 844 33.26 -37.58 30.42
C SER E 844 32.02 -37.01 31.09
N ALA E 845 30.89 -37.01 30.38
CA ALA E 845 29.65 -36.51 30.95
C ALA E 845 29.27 -37.34 32.17
N PRO E 846 28.62 -36.73 33.18
CA PRO E 846 28.18 -35.33 33.25
C PRO E 846 29.12 -34.44 34.05
N ALA E 847 30.29 -34.95 34.41
CA ALA E 847 31.20 -34.25 35.30
C ALA E 847 32.34 -33.63 34.51
N CYS E 848 32.63 -32.36 34.78
CA CYS E 848 33.71 -31.62 34.15
C CYS E 848 34.75 -31.26 35.20
N PRO E 849 35.99 -31.76 35.09
CA PRO E 849 37.00 -31.43 36.11
C PRO E 849 37.59 -30.04 35.96
N TYR E 850 37.47 -29.42 34.78
CA TYR E 850 37.94 -28.06 34.61
C TYR E 850 36.94 -27.11 35.25
N THR E 851 37.45 -26.15 36.02
CA THR E 851 36.61 -25.28 36.83
C THR E 851 37.03 -23.83 36.66
N VAL E 852 36.34 -22.95 37.38
CA VAL E 852 36.54 -21.51 37.27
C VAL E 852 37.04 -20.98 38.61
N ASN E 853 37.54 -19.75 38.58
CA ASN E 853 37.96 -19.06 39.79
C ASN E 853 36.76 -18.31 40.38
N ARG E 854 37.02 -17.45 41.37
CA ARG E 854 35.93 -16.73 42.02
C ARG E 854 35.27 -15.72 41.10
N GLN E 855 36.00 -15.22 40.10
CA GLN E 855 35.44 -14.29 39.12
C GLN E 855 34.65 -14.97 38.01
N GLY E 856 34.59 -16.30 38.00
CA GLY E 856 33.86 -17.01 36.97
C GLY E 856 34.63 -17.32 35.70
N HIS E 857 35.94 -17.10 35.69
CA HIS E 857 36.77 -17.35 34.52
C HIS E 857 37.49 -18.68 34.65
N GLY E 858 37.58 -19.42 33.55
CA GLY E 858 38.23 -20.71 33.53
C GLY E 858 38.31 -21.28 32.14
N PRO E 859 39.05 -22.37 31.98
CA PRO E 859 39.27 -22.92 30.64
C PRO E 859 37.98 -23.41 29.99
N ALA E 860 37.79 -23.05 28.72
CA ALA E 860 36.75 -23.63 27.89
C ALA E 860 37.31 -24.85 27.18
N TRP E 861 36.56 -25.94 27.19
CA TRP E 861 37.07 -27.25 26.82
C TRP E 861 36.23 -27.84 25.69
N ALA E 862 36.90 -28.36 24.66
CA ALA E 862 36.21 -28.98 23.54
C ALA E 862 37.07 -30.12 23.00
N SER E 863 36.42 -31.23 22.65
CA SER E 863 37.07 -32.35 22.01
C SER E 863 36.31 -32.69 20.74
N SER E 864 36.99 -32.68 19.61
CA SER E 864 36.35 -33.02 18.34
C SER E 864 36.48 -34.50 18.06
N LEU E 865 37.58 -34.90 17.42
CA LEU E 865 37.81 -36.29 17.07
C LEU E 865 39.21 -36.70 17.52
N PHE E 866 39.56 -37.95 17.26
CA PHE E 866 40.89 -38.44 17.58
C PHE E 866 41.94 -37.90 16.62
N GLU E 867 41.60 -37.78 15.33
CA GLU E 867 42.59 -37.48 14.30
C GLU E 867 42.75 -35.99 14.00
N ASP E 868 41.83 -35.14 14.44
CA ASP E 868 41.77 -33.76 13.95
C ASP E 868 42.13 -32.71 15.01
N ASN E 869 42.72 -33.10 16.14
CA ASN E 869 42.85 -32.19 17.26
C ASN E 869 43.71 -30.98 16.93
N ALA E 870 44.80 -31.18 16.18
CA ALA E 870 45.64 -30.05 15.80
C ALA E 870 44.88 -29.07 14.92
N GLU E 871 44.23 -29.58 13.88
CA GLU E 871 43.40 -28.72 13.04
C GLU E 871 42.20 -28.17 13.80
N PHE E 872 41.68 -28.93 14.77
CA PHE E 872 40.59 -28.45 15.60
C PHE E 872 41.00 -27.18 16.35
N GLY E 873 42.14 -27.22 17.04
CA GLY E 873 42.61 -26.06 17.77
C GLY E 873 43.08 -24.93 16.87
N TYR E 874 43.62 -25.26 15.70
CA TYR E 874 44.02 -24.24 14.74
C TYR E 874 42.82 -23.38 14.32
N GLY E 875 41.69 -24.02 14.03
CA GLY E 875 40.49 -23.27 13.68
C GLY E 875 40.04 -22.35 14.79
N MET E 876 40.19 -22.79 16.04
CA MET E 876 39.88 -21.91 17.17
C MET E 876 40.75 -20.66 17.16
N ALA E 877 42.04 -20.83 16.84
CA ALA E 877 42.95 -19.69 16.82
C ALA E 877 42.53 -18.67 15.76
N LEU E 878 42.11 -19.15 14.59
CA LEU E 878 41.59 -18.25 13.55
C LEU E 878 40.37 -17.50 14.04
N ALA E 879 39.44 -18.21 14.69
CA ALA E 879 38.19 -17.59 15.13
C ALA E 879 38.43 -16.55 16.21
N VAL E 880 39.27 -16.87 17.20
CA VAL E 880 39.55 -15.91 18.26
C VAL E 880 40.21 -14.66 17.69
N ALA E 881 41.11 -14.83 16.72
CA ALA E 881 41.73 -13.68 16.06
C ALA E 881 40.69 -12.82 15.34
N LYS E 882 39.71 -13.46 14.69
CA LYS E 882 38.65 -12.70 14.02
C LYS E 882 37.81 -11.93 15.03
N ARG E 883 37.50 -12.56 16.17
CA ARG E 883 36.67 -11.88 17.16
C ARG E 883 37.41 -10.72 17.81
N GLN E 884 38.73 -10.83 17.97
CA GLN E 884 39.50 -9.70 18.47
C GLN E 884 39.56 -8.58 17.45
N ASP E 885 39.56 -8.91 16.15
CA ASP E 885 39.55 -7.88 15.13
C ASP E 885 38.24 -7.11 15.13
N GLU E 886 37.12 -7.81 15.33
CA GLU E 886 35.82 -7.13 15.40
C GLU E 886 35.78 -6.20 16.61
N LEU E 887 36.37 -6.63 17.73
CA LEU E 887 36.47 -5.76 18.90
C LEU E 887 37.39 -4.57 18.63
N ALA E 888 38.52 -4.81 17.97
CA ALA E 888 39.48 -3.73 17.69
C ALA E 888 38.89 -2.68 16.77
N THR E 889 38.01 -3.08 15.84
CA THR E 889 37.38 -2.10 14.96
C THR E 889 36.43 -1.19 15.73
N ALA E 890 35.64 -1.77 16.65
CA ALA E 890 34.73 -0.96 17.45
C ALA E 890 35.48 -0.09 18.46
N ILE E 891 36.61 -0.57 18.98
CA ILE E 891 37.40 0.25 19.91
C ILE E 891 38.06 1.40 19.17
N SER E 892 38.53 1.15 17.94
CA SER E 892 39.10 2.21 17.13
C SER E 892 38.05 3.26 16.77
N LYS E 893 36.80 2.85 16.58
CA LYS E 893 35.72 3.79 16.35
C LYS E 893 35.41 4.62 17.60
N ALA E 894 35.61 4.04 18.78
CA ALA E 894 35.33 4.77 20.02
C ALA E 894 36.29 5.94 20.22
N LEU E 895 37.51 5.83 19.70
CA LEU E 895 38.46 6.95 19.78
C LEU E 895 37.94 8.17 19.04
N GLU E 896 37.16 7.96 17.99
CA GLU E 896 36.61 9.05 17.20
C GLU E 896 35.29 9.58 17.74
N ALA E 897 34.78 9.01 18.85
CA ALA E 897 33.50 9.34 19.44
C ALA E 897 33.67 10.26 20.64
N PRO E 898 32.64 11.08 20.95
CA PRO E 898 32.73 11.93 22.14
C PRO E 898 32.57 11.14 23.43
N VAL E 899 33.68 10.56 23.89
CA VAL E 899 33.70 9.80 25.14
C VAL E 899 34.76 10.42 26.05
N SER E 900 34.76 9.99 27.31
CA SER E 900 35.65 10.58 28.30
C SER E 900 37.11 10.34 27.93
N ALA E 901 37.98 11.25 28.41
CA ALA E 901 39.41 11.14 28.12
C ALA E 901 40.01 9.90 28.73
N ALA E 902 39.53 9.49 29.91
CA ALA E 902 40.02 8.26 30.54
C ALA E 902 39.66 7.03 29.73
N PHE E 903 38.52 7.06 29.04
CA PHE E 903 38.15 5.94 28.18
C PHE E 903 39.09 5.82 26.99
N LYS E 904 39.42 6.96 26.36
CA LYS E 904 40.33 6.93 25.21
C LYS E 904 41.73 6.47 25.60
N ALA E 905 42.18 6.81 26.82
CA ALA E 905 43.51 6.39 27.25
C ALA E 905 43.60 4.87 27.37
N ALA E 906 42.58 4.24 27.94
CA ALA E 906 42.58 2.78 28.03
C ALA E 906 42.37 2.12 26.67
N CYS E 907 41.63 2.78 25.78
CA CYS E 907 41.43 2.22 24.44
C CYS E 907 42.72 2.27 23.64
N GLU E 908 43.43 3.41 23.67
CA GLU E 908 44.71 3.50 22.99
C GLU E 908 45.72 2.53 23.59
N GLY E 909 45.70 2.37 24.91
CA GLY E 909 46.58 1.40 25.54
C GLY E 909 46.26 -0.04 25.17
N TRP E 910 44.97 -0.35 25.00
CA TRP E 910 44.59 -1.71 24.63
C TRP E 910 44.94 -2.01 23.19
N LEU E 911 44.70 -1.05 22.27
CA LEU E 911 45.01 -1.27 20.87
C LEU E 911 46.50 -1.52 20.65
N ALA E 912 47.35 -0.87 21.44
CA ALA E 912 48.78 -1.06 21.32
C ALA E 912 49.28 -2.36 21.93
N GLY E 913 48.54 -2.92 22.89
CA GLY E 913 48.98 -4.14 23.56
C GLY E 913 47.95 -5.26 23.56
N LYS E 914 47.07 -5.27 22.55
CA LYS E 914 46.03 -6.29 22.48
C LYS E 914 46.62 -7.68 22.28
N ASP E 915 47.82 -7.78 21.72
CA ASP E 915 48.47 -9.06 21.45
C ASP E 915 49.47 -9.45 22.53
N ASP E 916 49.52 -8.72 23.63
CA ASP E 916 50.34 -9.07 24.78
C ASP E 916 49.43 -9.44 25.94
N ALA E 917 49.75 -10.55 26.61
CA ALA E 917 48.86 -11.08 27.65
C ALA E 917 48.68 -10.09 28.78
N ASP E 918 49.78 -9.49 29.26
CA ASP E 918 49.71 -8.60 30.41
C ASP E 918 49.07 -7.27 30.03
N ARG E 919 49.48 -6.70 28.90
CA ARG E 919 49.00 -5.39 28.50
C ARG E 919 47.53 -5.42 28.07
N SER E 920 47.11 -6.50 27.41
CA SER E 920 45.71 -6.60 27.02
C SER E 920 44.79 -6.77 28.23
N ARG E 921 45.27 -7.46 29.27
CA ARG E 921 44.48 -7.58 30.49
C ARG E 921 44.40 -6.26 31.25
N GLU E 922 45.52 -5.53 31.31
CA GLU E 922 45.57 -4.29 32.08
C GLU E 922 44.58 -3.27 31.54
N TYR E 923 44.73 -2.91 30.27
CA TYR E 923 43.83 -1.92 29.66
C TYR E 923 42.46 -2.52 29.36
N GLY E 924 42.40 -3.84 29.14
CA GLY E 924 41.10 -4.48 28.96
C GLY E 924 40.23 -4.37 30.18
N ASP E 925 40.79 -4.63 31.36
CA ASP E 925 40.03 -4.49 32.61
C ASP E 925 39.68 -3.04 32.88
N ARG E 926 40.52 -2.10 32.45
CA ARG E 926 40.19 -0.68 32.57
C ARG E 926 38.98 -0.33 31.72
N ILE E 927 38.93 -0.84 30.49
CA ILE E 927 37.77 -0.60 29.63
C ILE E 927 36.53 -1.18 30.26
N LYS E 928 36.64 -2.37 30.86
CA LYS E 928 35.50 -3.00 31.52
C LYS E 928 35.01 -2.15 32.70
N ALA E 929 35.92 -1.51 33.43
CA ALA E 929 35.54 -0.72 34.59
C ALA E 929 34.90 0.62 34.20
N LEU E 930 35.31 1.20 33.07
CA LEU E 930 34.76 2.48 32.63
C LEU E 930 33.53 2.33 31.74
N LEU E 931 33.28 1.13 31.21
CA LEU E 931 32.17 0.95 30.28
C LEU E 931 30.81 1.24 30.88
N PRO E 932 30.43 0.69 32.05
CA PRO E 932 29.08 0.98 32.55
C PRO E 932 28.82 2.46 32.79
N GLY E 933 29.81 3.19 33.30
CA GLY E 933 29.65 4.62 33.48
C GLY E 933 29.66 5.39 32.18
N GLU E 934 30.44 4.92 31.20
CA GLU E 934 30.47 5.59 29.90
C GLU E 934 29.15 5.39 29.15
N ILE E 935 28.54 4.22 29.29
CA ILE E 935 27.25 3.98 28.64
C ILE E 935 26.17 4.87 29.23
N SER E 936 26.22 5.11 30.54
CA SER E 936 25.22 5.98 31.17
C SER E 936 25.33 7.42 30.68
N GLN E 937 26.54 7.87 30.35
CA GLN E 937 26.78 9.23 29.90
C GLN E 937 26.62 9.40 28.39
N ALA E 938 26.21 8.36 27.67
CA ALA E 938 26.09 8.40 26.23
C ALA E 938 24.62 8.25 25.82
N SER E 939 24.35 8.60 24.57
CA SER E 939 23.00 8.51 24.02
C SER E 939 23.10 8.44 22.50
N GLY E 940 22.04 7.91 21.90
CA GLY E 940 21.96 7.86 20.44
C GLY E 940 22.89 6.82 19.85
N GLU E 941 23.50 7.16 18.71
CA GLU E 941 24.37 6.23 18.01
C GLU E 941 25.68 5.99 18.75
N VAL E 942 26.15 6.98 19.51
CA VAL E 942 27.37 6.80 20.28
C VAL E 942 27.18 5.76 21.38
N LYS E 943 26.01 5.76 22.03
CA LYS E 943 25.72 4.78 23.06
C LYS E 943 25.65 3.37 22.48
N ASP E 944 25.14 3.23 21.25
CA ASP E 944 25.09 1.92 20.60
C ASP E 944 26.50 1.38 20.35
N LEU E 945 27.44 2.25 19.98
CA LEU E 945 28.82 1.80 19.78
C LEU E 945 29.44 1.32 21.09
N LEU E 946 29.10 1.98 22.20
CA LEU E 946 29.62 1.56 23.50
C LEU E 946 29.02 0.23 23.93
N LEU E 947 27.74 0.00 23.61
CA LEU E 947 27.12 -1.29 23.93
C LEU E 947 27.75 -2.42 23.13
N ASP E 948 28.30 -2.12 21.95
CA ASP E 948 29.00 -3.12 21.16
C ASP E 948 30.35 -3.49 21.76
N ILE E 949 31.01 -2.53 22.43
CA ILE E 949 32.24 -2.84 23.13
C ILE E 949 31.97 -3.79 24.29
N ASP E 950 30.91 -3.53 25.07
CA ASP E 950 30.57 -4.40 26.18
C ASP E 950 30.17 -5.80 25.72
N ARG E 951 29.55 -5.89 24.55
CA ARG E 951 29.16 -7.20 24.02
C ARG E 951 30.37 -8.06 23.68
N GLN E 952 31.50 -7.43 23.34
CA GLN E 952 32.71 -8.15 22.95
C GLN E 952 33.83 -8.00 23.97
N LYS E 953 33.52 -7.54 25.18
CA LYS E 953 34.58 -7.31 26.17
C LYS E 953 35.27 -8.59 26.58
N ASP E 954 34.67 -9.74 26.31
CA ASP E 954 35.26 -11.05 26.58
C ASP E 954 36.39 -11.41 25.62
N TYR E 955 36.80 -10.46 24.76
CA TYR E 955 37.97 -10.65 23.90
C TYR E 955 39.02 -9.58 24.16
N LEU E 956 38.84 -8.75 25.20
CA LEU E 956 39.87 -7.77 25.56
C LEU E 956 41.15 -8.47 25.99
N THR E 957 41.04 -9.43 26.90
CA THR E 957 42.20 -10.21 27.31
C THR E 957 42.57 -11.20 26.21
N LYS E 958 43.85 -11.20 25.83
CA LYS E 958 44.31 -12.13 24.81
C LYS E 958 44.17 -13.56 25.29
N LYS E 959 43.72 -14.43 24.40
CA LYS E 959 43.50 -15.84 24.74
C LYS E 959 44.76 -16.66 24.50
N SER E 960 44.79 -17.84 25.11
CA SER E 960 45.92 -18.76 25.02
C SER E 960 45.36 -20.11 24.55
N ILE E 961 45.58 -20.44 23.29
CA ILE E 961 45.03 -21.68 22.74
C ILE E 961 45.96 -22.84 23.06
N TRP E 962 45.41 -23.88 23.67
CA TRP E 962 46.17 -25.05 24.08
C TRP E 962 45.60 -26.29 23.41
N ILE E 963 46.46 -27.01 22.70
CA ILE E 963 46.08 -28.22 21.98
C ILE E 963 46.66 -29.40 22.74
N ILE E 964 45.81 -30.13 23.47
CA ILE E 964 46.23 -31.17 24.40
C ILE E 964 45.79 -32.53 23.87
N GLY E 965 46.69 -33.52 23.96
CA GLY E 965 46.40 -34.86 23.49
C GLY E 965 47.52 -35.80 23.87
N GLY E 966 47.28 -37.10 23.63
CA GLY E 966 48.25 -38.12 23.97
C GLY E 966 49.26 -38.36 22.86
N ASP E 967 50.21 -39.25 23.15
CA ASP E 967 51.26 -39.54 22.19
C ASP E 967 50.74 -40.33 20.99
N GLY E 968 49.71 -41.14 21.18
CA GLY E 968 49.11 -41.82 20.05
C GLY E 968 48.50 -40.85 19.05
N TRP E 969 47.88 -39.79 19.55
CA TRP E 969 47.37 -38.76 18.66
C TRP E 969 48.51 -38.01 17.99
N ALA E 970 49.51 -37.59 18.79
CA ALA E 970 50.55 -36.70 18.28
C ALA E 970 51.52 -37.43 17.35
N TYR E 971 51.83 -38.69 17.65
CA TYR E 971 52.82 -39.42 16.86
C TYR E 971 52.20 -40.19 15.71
N ASP E 972 50.92 -40.52 15.77
CA ASP E 972 50.33 -41.41 14.77
C ASP E 972 49.16 -40.75 14.04
N ILE E 973 47.95 -40.91 14.56
CA ILE E 973 46.76 -40.61 13.78
C ILE E 973 46.62 -39.12 13.50
N GLY E 974 47.02 -38.26 14.43
CA GLY E 974 46.92 -36.82 14.24
C GLY E 974 48.23 -36.16 13.88
N TYR E 975 49.26 -36.93 13.57
CA TYR E 975 50.58 -36.36 13.33
C TYR E 975 50.61 -35.49 12.08
N GLY E 976 49.96 -35.94 11.00
CA GLY E 976 49.92 -35.14 9.79
C GLY E 976 49.27 -33.77 10.00
N GLY E 977 48.22 -33.74 10.80
CA GLY E 977 47.59 -32.46 11.13
C GLY E 977 48.44 -31.64 12.08
N LEU E 978 49.10 -32.31 13.04
CA LEU E 978 49.99 -31.59 13.94
C LEU E 978 51.17 -30.98 13.17
N ASP E 979 51.73 -31.75 12.22
CA ASP E 979 52.82 -31.22 11.40
C ASP E 979 52.36 -29.98 10.62
N HIS E 980 51.15 -30.02 10.05
CA HIS E 980 50.67 -28.89 9.27
C HIS E 980 50.40 -27.67 10.14
N VAL E 981 49.80 -27.87 11.31
CA VAL E 981 49.50 -26.74 12.19
C VAL E 981 50.78 -26.09 12.71
N LEU E 982 51.79 -26.91 13.02
CA LEU E 982 53.07 -26.33 13.43
C LEU E 982 53.72 -25.55 12.31
N ALA E 983 53.64 -26.05 11.08
CA ALA E 983 54.23 -25.36 9.93
C ALA E 983 53.52 -24.05 9.61
N SER E 984 52.27 -23.88 10.04
CA SER E 984 51.51 -22.67 9.69
C SER E 984 52.08 -21.42 10.36
N GLY E 985 52.69 -21.57 11.53
CA GLY E 985 53.18 -20.45 12.29
C GLY E 985 52.19 -19.85 13.27
N ALA E 986 51.00 -20.42 13.39
CA ALA E 986 49.97 -19.89 14.27
C ALA E 986 50.44 -19.91 15.73
N ASN E 987 49.91 -18.98 16.52
CA ASN E 987 50.22 -18.88 17.94
C ASN E 987 49.32 -19.87 18.71
N VAL E 988 49.74 -21.14 18.67
CA VAL E 988 49.07 -22.20 19.41
C VAL E 988 50.11 -22.90 20.28
N ASN E 989 49.62 -23.53 21.35
CA ASN E 989 50.46 -24.26 22.30
C ASN E 989 50.02 -25.71 22.31
N VAL E 990 50.86 -26.60 21.80
CA VAL E 990 50.56 -28.03 21.73
C VAL E 990 51.25 -28.72 22.90
N LEU E 991 50.46 -29.44 23.70
CA LEU E 991 50.97 -30.22 24.83
C LEU E 991 50.71 -31.70 24.54
N VAL E 992 51.79 -32.44 24.32
CA VAL E 992 51.73 -33.88 24.05
C VAL E 992 52.02 -34.61 25.35
N LEU E 993 51.01 -35.30 25.88
CA LEU E 993 51.17 -36.12 27.08
C LEU E 993 51.72 -37.48 26.65
N ASP E 994 53.05 -37.61 26.68
CA ASP E 994 53.73 -38.78 26.14
C ASP E 994 53.76 -39.86 27.22
N THR E 995 52.89 -40.85 27.09
CA THR E 995 52.95 -42.05 27.91
C THR E 995 53.65 -43.20 27.20
N GLU E 996 54.11 -42.97 25.96
CA GLU E 996 54.81 -43.95 25.15
C GLU E 996 53.96 -45.17 24.81
N VAL E 997 52.65 -45.11 25.08
CA VAL E 997 51.69 -46.16 24.76
C VAL E 997 50.33 -45.51 24.52
N TYR E 998 49.36 -46.33 24.08
CA TYR E 998 47.96 -45.93 24.05
C TYR E 998 47.37 -46.23 25.42
N SER E 999 47.38 -45.23 26.30
CA SER E 999 47.04 -45.47 27.70
C SER E 999 45.55 -45.78 27.87
N ASN E 1000 44.68 -45.08 27.14
CA ASN E 1000 43.24 -45.23 27.34
C ASN E 1000 42.78 -46.64 27.00
N THR E 1001 43.25 -47.17 25.86
CA THR E 1001 42.75 -48.44 25.35
C THR E 1001 43.48 -49.66 25.92
N GLY E 1002 44.31 -49.47 26.95
CA GLY E 1002 44.93 -50.58 27.64
C GLY E 1002 46.42 -50.73 27.42
N GLY E 1003 47.01 -49.97 26.50
CA GLY E 1003 48.45 -50.03 26.30
C GLY E 1003 48.86 -50.67 24.99
N GLN E 1004 48.43 -50.10 23.87
CA GLN E 1004 48.84 -50.60 22.57
C GLN E 1004 50.06 -49.82 22.08
N SER E 1005 50.75 -50.42 21.11
CA SER E 1005 52.01 -49.87 20.64
C SER E 1005 51.81 -48.54 19.91
N SER E 1006 52.82 -47.68 20.01
CA SER E 1006 52.81 -46.37 19.38
C SER E 1006 54.20 -46.09 18.83
N LYS E 1007 54.31 -45.06 18.00
CA LYS E 1007 55.63 -44.63 17.56
C LYS E 1007 56.44 -44.00 18.69
N ALA E 1008 55.78 -43.60 19.77
CA ALA E 1008 56.45 -43.10 20.96
C ALA E 1008 56.97 -44.21 21.86
N THR E 1009 56.61 -45.47 21.59
CA THR E 1009 57.13 -46.59 22.36
C THR E 1009 58.62 -46.78 22.07
N GLN E 1010 59.39 -47.00 23.13
CA GLN E 1010 60.84 -47.12 23.00
C GLN E 1010 61.23 -48.53 22.59
N THR E 1011 62.52 -48.69 22.27
CA THR E 1011 63.07 -49.99 21.90
C THR E 1011 63.00 -50.97 23.08
N GLY E 1012 62.55 -52.19 22.79
CA GLY E 1012 62.48 -53.23 23.79
C GLY E 1012 61.26 -53.19 24.67
N ALA E 1013 60.51 -52.09 24.67
CA ALA E 1013 59.31 -51.99 25.48
C ALA E 1013 58.22 -52.90 24.94
N VAL E 1014 57.55 -53.61 25.84
CA VAL E 1014 56.51 -54.56 25.48
C VAL E 1014 55.16 -53.89 25.69
N ALA E 1015 54.35 -53.85 24.63
CA ALA E 1015 52.99 -53.33 24.68
C ALA E 1015 52.14 -54.18 23.74
N ARG E 1016 50.84 -53.88 23.69
CA ARG E 1016 49.96 -54.58 22.77
C ARG E 1016 50.34 -54.24 21.33
N PHE E 1017 50.28 -55.24 20.46
CA PHE E 1017 50.77 -55.22 19.08
C PHE E 1017 52.29 -55.17 19.02
N ALA E 1018 52.97 -55.37 20.15
CA ALA E 1018 54.42 -55.49 20.21
C ALA E 1018 54.76 -56.53 21.29
N ALA E 1019 54.25 -57.75 21.09
CA ALA E 1019 54.34 -58.77 22.14
C ALA E 1019 55.79 -59.15 22.41
N GLY E 1020 56.62 -59.22 21.37
CA GLY E 1020 58.02 -59.51 21.52
C GLY E 1020 58.90 -58.29 21.76
N GLY E 1021 58.31 -57.14 22.07
CA GLY E 1021 59.08 -55.92 22.24
C GLY E 1021 59.21 -55.16 20.93
N LYS E 1022 59.18 -53.83 21.01
CA LYS E 1022 59.31 -53.00 19.82
C LYS E 1022 60.76 -52.93 19.39
N PHE E 1023 61.03 -53.31 18.14
CA PHE E 1023 62.41 -53.28 17.64
C PHE E 1023 62.82 -51.88 17.23
N THR E 1024 62.00 -51.22 16.40
CA THR E 1024 62.33 -49.88 15.96
C THR E 1024 62.31 -48.92 17.16
N LYS E 1025 63.16 -47.91 17.10
CA LYS E 1025 63.31 -46.98 18.20
C LYS E 1025 62.16 -45.97 18.23
N LYS E 1026 62.15 -45.16 19.28
CA LYS E 1026 61.12 -44.14 19.44
C LYS E 1026 61.27 -43.07 18.36
N LYS E 1027 60.17 -42.73 17.70
CA LYS E 1027 60.15 -41.63 16.75
C LYS E 1027 60.41 -40.31 17.48
N ASP E 1028 61.28 -39.47 16.90
CA ASP E 1028 61.68 -38.21 17.55
C ASP E 1028 60.78 -37.10 17.04
N LEU E 1029 59.64 -36.91 17.71
CA LEU E 1029 58.71 -35.85 17.32
C LEU E 1029 59.34 -34.47 17.51
N GLY E 1030 60.07 -34.28 18.60
CA GLY E 1030 60.68 -32.98 18.85
C GLY E 1030 61.71 -32.60 17.80
N LEU E 1031 62.49 -33.58 17.34
CA LEU E 1031 63.50 -33.29 16.34
C LEU E 1031 62.88 -32.88 15.02
N MET E 1032 61.77 -33.51 14.63
CA MET E 1032 61.11 -33.15 13.38
C MET E 1032 60.46 -31.78 13.46
N ALA E 1033 59.95 -31.40 14.64
CA ALA E 1033 59.40 -30.05 14.78
C ALA E 1033 60.48 -29.00 14.76
N MET E 1034 61.71 -29.34 15.17
CA MET E 1034 62.80 -28.38 15.17
C MET E 1034 63.30 -28.05 13.76
N SER E 1035 63.03 -28.93 12.77
CA SER E 1035 63.49 -28.66 11.42
C SER E 1035 62.83 -27.42 10.83
N TYR E 1036 61.65 -27.02 11.33
CA TYR E 1036 61.01 -25.81 10.83
C TYR E 1036 61.75 -24.56 11.26
N GLY E 1037 62.37 -24.58 12.44
CA GLY E 1037 63.11 -23.45 12.95
C GLY E 1037 62.27 -22.42 13.69
N TYR E 1038 61.02 -22.23 13.28
CA TYR E 1038 60.14 -21.25 13.91
C TYR E 1038 59.14 -21.88 14.86
N VAL E 1039 59.34 -23.14 15.23
CA VAL E 1039 58.48 -23.84 16.18
C VAL E 1039 59.25 -23.97 17.49
N TYR E 1040 58.65 -23.49 18.57
CA TYR E 1040 59.22 -23.72 19.91
C TYR E 1040 58.97 -25.16 20.32
N VAL E 1041 60.05 -25.89 20.63
CA VAL E 1041 59.98 -27.28 21.01
C VAL E 1041 60.67 -27.47 22.36
N ALA E 1042 60.05 -28.23 23.25
CA ALA E 1042 60.63 -28.50 24.56
C ALA E 1042 60.26 -29.90 25.00
N SER E 1043 61.21 -30.57 25.66
CA SER E 1043 60.99 -31.89 26.26
C SER E 1043 61.10 -31.73 27.77
N VAL E 1044 60.03 -32.06 28.49
CA VAL E 1044 59.93 -31.79 29.92
C VAL E 1044 59.56 -33.08 30.64
N ALA E 1045 59.82 -33.08 31.95
CA ALA E 1045 59.43 -34.19 32.82
C ALA E 1045 59.35 -33.64 34.23
N MET E 1046 58.12 -33.55 34.77
CA MET E 1046 57.94 -32.90 36.07
C MET E 1046 58.70 -33.65 37.17
N GLY E 1047 58.65 -34.98 37.14
CA GLY E 1047 59.33 -35.76 38.16
C GLY E 1047 60.84 -35.58 38.16
N ALA E 1048 61.41 -35.18 37.03
CA ALA E 1048 62.85 -34.97 36.94
C ALA E 1048 63.29 -33.58 37.35
N SER E 1049 62.57 -32.54 36.91
CA SER E 1049 62.93 -31.17 37.22
C SER E 1049 61.68 -30.31 37.22
N HIS E 1050 61.32 -29.77 38.39
CA HIS E 1050 60.20 -28.83 38.45
C HIS E 1050 60.54 -27.52 37.76
N SER E 1051 61.75 -27.00 37.99
CA SER E 1051 62.14 -25.70 37.46
C SER E 1051 62.27 -25.72 35.94
N GLN E 1052 62.74 -26.84 35.38
CA GLN E 1052 62.83 -26.95 33.92
C GLN E 1052 61.46 -26.95 33.26
N LEU E 1053 60.46 -27.55 33.92
CA LEU E 1053 59.11 -27.56 33.38
C LEU E 1053 58.49 -26.16 33.43
N MET E 1054 58.70 -25.42 34.51
CA MET E 1054 58.19 -24.06 34.59
C MET E 1054 58.78 -23.17 33.50
N LYS E 1055 60.08 -23.30 33.26
CA LYS E 1055 60.74 -22.44 32.29
C LYS E 1055 60.22 -22.70 30.88
N ALA E 1056 60.04 -23.98 30.52
CA ALA E 1056 59.62 -24.31 29.17
C ALA E 1056 58.17 -23.92 28.92
N LEU E 1057 57.29 -24.10 29.92
CA LEU E 1057 55.88 -23.77 29.74
C LEU E 1057 55.68 -22.27 29.54
N ILE E 1058 56.38 -21.45 30.32
CA ILE E 1058 56.20 -20.00 30.22
C ILE E 1058 56.84 -19.48 28.94
N GLU E 1059 58.02 -20.00 28.60
CA GLU E 1059 58.68 -19.60 27.35
C GLU E 1059 57.84 -19.98 26.14
N ALA E 1060 57.20 -21.16 26.17
CA ALA E 1060 56.42 -21.61 25.02
C ALA E 1060 55.17 -20.78 24.83
N GLU E 1061 54.48 -20.43 25.92
CA GLU E 1061 53.23 -19.70 25.81
C GLU E 1061 53.47 -18.26 25.41
N LYS E 1062 54.56 -17.65 25.90
CA LYS E 1062 54.87 -16.28 25.54
C LYS E 1062 55.37 -16.16 24.11
N TYR E 1063 55.88 -17.24 23.53
CA TYR E 1063 56.37 -17.21 22.16
C TYR E 1063 55.23 -16.94 21.19
N ASP E 1064 55.39 -15.92 20.36
CA ASP E 1064 54.37 -15.55 19.38
C ASP E 1064 54.51 -16.46 18.16
N GLY E 1065 54.06 -17.71 18.34
CA GLY E 1065 54.14 -18.72 17.32
C GLY E 1065 53.78 -20.10 17.84
N PRO E 1066 54.01 -21.13 17.02
CA PRO E 1066 53.66 -22.49 17.44
C PRO E 1066 54.66 -23.03 18.44
N SER E 1067 54.14 -23.68 19.48
CA SER E 1067 54.95 -24.25 20.55
C SER E 1067 54.56 -25.71 20.76
N LEU E 1068 55.57 -26.55 20.99
CA LEU E 1068 55.38 -27.98 21.19
C LEU E 1068 56.05 -28.38 22.49
N ILE E 1069 55.25 -28.87 23.44
CA ILE E 1069 55.73 -29.33 24.73
C ILE E 1069 55.50 -30.84 24.79
N ILE E 1070 56.59 -31.59 24.84
CA ILE E 1070 56.54 -33.04 24.94
C ILE E 1070 56.85 -33.40 26.40
N ALA E 1071 55.83 -33.84 27.13
CA ALA E 1071 55.93 -34.10 28.56
C ALA E 1071 55.96 -35.59 28.82
N TYR E 1072 56.95 -36.03 29.59
CA TYR E 1072 57.01 -37.44 30.00
C TYR E 1072 55.94 -37.68 31.05
N ALA E 1073 54.98 -38.55 30.73
CA ALA E 1073 53.85 -38.83 31.61
C ALA E 1073 53.88 -40.28 32.04
N PRO E 1074 54.38 -40.58 33.24
CA PRO E 1074 54.35 -41.97 33.73
C PRO E 1074 52.92 -42.48 33.80
N CYS E 1075 52.76 -43.78 33.58
CA CYS E 1075 51.44 -44.36 33.47
C CYS E 1075 51.43 -45.74 34.13
N ILE E 1076 50.23 -46.19 34.47
CA ILE E 1076 50.06 -47.50 35.09
C ILE E 1076 50.46 -48.61 34.12
N ASN E 1077 50.35 -48.35 32.82
CA ASN E 1077 50.72 -49.34 31.81
C ASN E 1077 52.23 -49.58 31.72
N HIS E 1078 53.04 -48.73 32.34
CA HIS E 1078 54.48 -48.97 32.37
C HIS E 1078 54.86 -50.14 33.27
N GLY E 1079 54.02 -50.45 34.26
CA GLY E 1079 54.33 -51.51 35.20
C GLY E 1079 55.30 -51.06 36.27
N ILE E 1080 54.91 -50.03 37.02
CA ILE E 1080 55.73 -49.48 38.09
C ILE E 1080 54.83 -49.17 39.28
N ASN E 1081 55.45 -48.91 40.42
CA ASN E 1081 54.72 -48.46 41.61
C ASN E 1081 54.34 -47.01 41.40
N MET E 1082 53.05 -46.75 41.18
CA MET E 1082 52.60 -45.40 40.88
C MET E 1082 52.74 -44.44 42.06
N THR E 1083 52.97 -44.97 43.27
CA THR E 1083 53.29 -44.09 44.40
C THR E 1083 54.55 -43.28 44.11
N TYR E 1084 55.51 -43.88 43.43
CA TYR E 1084 56.75 -43.19 43.08
C TYR E 1084 56.77 -42.88 41.59
N SER E 1085 55.66 -42.36 41.06
CA SER E 1085 55.60 -42.00 39.64
C SER E 1085 56.50 -40.82 39.34
N GLN E 1086 56.55 -39.84 40.24
CA GLN E 1086 57.46 -38.71 40.07
C GLN E 1086 58.91 -39.19 40.08
N ARG E 1087 59.22 -40.16 40.95
CA ARG E 1087 60.59 -40.67 41.03
C ARG E 1087 60.98 -41.41 39.75
N GLU E 1088 60.02 -42.08 39.10
CA GLU E 1088 60.34 -42.79 37.87
C GLU E 1088 60.68 -41.85 36.72
N ALA E 1089 60.06 -40.67 36.69
CA ALA E 1089 60.42 -39.68 35.67
C ALA E 1089 61.79 -39.08 35.95
N LYS E 1090 62.19 -39.00 37.22
CA LYS E 1090 63.53 -38.52 37.54
C LYS E 1090 64.59 -39.53 37.10
N LYS E 1091 64.36 -40.81 37.36
CA LYS E 1091 65.32 -41.83 36.92
C LYS E 1091 65.35 -41.95 35.40
N ALA E 1092 64.26 -41.60 34.73
CA ALA E 1092 64.25 -41.65 33.27
C ALA E 1092 65.22 -40.63 32.69
N VAL E 1093 65.24 -39.43 33.25
CA VAL E 1093 66.15 -38.40 32.76
C VAL E 1093 67.57 -38.69 33.24
N GLU E 1094 67.72 -39.17 34.47
CA GLU E 1094 69.05 -39.44 35.00
C GLU E 1094 69.76 -40.59 34.30
N ALA E 1095 69.01 -41.48 33.64
CA ALA E 1095 69.59 -42.61 32.93
C ALA E 1095 69.73 -42.34 31.43
N GLY E 1096 69.48 -41.12 30.97
CA GLY E 1096 69.53 -40.82 29.57
C GLY E 1096 68.37 -41.36 28.76
N TYR E 1097 67.32 -41.82 29.42
CA TYR E 1097 66.15 -42.39 28.75
C TYR E 1097 65.21 -41.31 28.22
N TRP E 1098 65.08 -40.20 28.93
CA TRP E 1098 64.21 -39.11 28.52
C TRP E 1098 64.99 -37.81 28.55
N PRO E 1099 65.01 -37.05 27.45
CA PRO E 1099 65.80 -35.82 27.41
C PRO E 1099 65.02 -34.61 27.93
N LEU E 1100 65.79 -33.62 28.39
CA LEU E 1100 65.25 -32.33 28.80
C LEU E 1100 65.96 -31.26 27.98
N TYR E 1101 65.24 -30.62 27.07
CA TYR E 1101 65.81 -29.56 26.24
C TYR E 1101 64.75 -28.51 25.98
N ARG E 1102 65.19 -27.38 25.43
CA ARG E 1102 64.32 -26.29 25.04
C ARG E 1102 64.87 -25.68 23.76
N TYR E 1103 64.03 -25.63 22.72
CA TYR E 1103 64.39 -25.04 21.44
C TYR E 1103 63.62 -23.74 21.30
N ASN E 1104 64.30 -22.61 21.46
CA ASN E 1104 63.65 -21.31 21.44
C ASN E 1104 64.00 -20.59 20.15
N PRO E 1105 63.08 -20.47 19.19
CA PRO E 1105 63.41 -19.76 17.95
C PRO E 1105 63.76 -18.30 18.12
N GLN E 1106 63.29 -17.64 19.18
CA GLN E 1106 63.60 -16.23 19.37
C GLN E 1106 65.08 -16.03 19.69
N LEU E 1107 65.72 -17.01 20.32
CA LEU E 1107 67.16 -16.92 20.56
C LEU E 1107 67.93 -16.91 19.24
N ALA E 1108 67.38 -17.56 18.21
CA ALA E 1108 68.04 -17.55 16.91
C ALA E 1108 68.03 -16.16 16.29
N GLN E 1109 66.94 -15.40 16.50
CA GLN E 1109 66.90 -14.03 16.00
C GLN E 1109 67.88 -13.12 16.72
N GLU E 1110 68.28 -13.46 17.94
CA GLU E 1110 69.25 -12.70 18.70
C GLU E 1110 70.68 -13.18 18.49
N GLY E 1111 70.92 -14.01 17.48
CA GLY E 1111 72.26 -14.48 17.19
C GLY E 1111 72.76 -15.58 18.10
N LYS E 1112 71.93 -16.11 18.97
CA LYS E 1112 72.34 -17.14 19.91
C LYS E 1112 71.83 -18.51 19.46
N ASN E 1113 72.28 -19.54 20.16
CA ASN E 1113 71.86 -20.90 19.84
C ASN E 1113 70.44 -21.13 20.33
N PRO E 1114 69.50 -21.49 19.44
CA PRO E 1114 68.12 -21.71 19.91
C PRO E 1114 67.99 -22.96 20.78
N PHE E 1115 68.87 -23.93 20.62
CA PHE E 1115 68.78 -25.21 21.32
C PHE E 1115 69.55 -25.13 22.63
N ILE E 1116 68.87 -25.40 23.74
CA ILE E 1116 69.49 -25.47 25.05
C ILE E 1116 69.23 -26.86 25.62
N LEU E 1117 70.30 -27.59 25.90
CA LEU E 1117 70.19 -28.93 26.49
C LEU E 1117 70.22 -28.77 28.01
N ASP E 1118 69.08 -29.03 28.65
CA ASP E 1118 68.94 -28.77 30.08
C ASP E 1118 69.51 -29.88 30.95
N TYR E 1119 69.81 -31.04 30.38
CA TYR E 1119 70.44 -32.15 31.12
C TYR E 1119 71.48 -32.78 30.22
N LYS E 1120 72.76 -32.54 30.52
CA LYS E 1120 73.85 -32.93 29.64
C LYS E 1120 74.49 -34.27 30.02
N THR E 1121 74.76 -34.49 31.30
CA THR E 1121 75.49 -35.68 31.73
C THR E 1121 74.60 -36.58 32.57
N PRO E 1122 74.23 -37.76 32.09
CA PRO E 1122 73.44 -38.69 32.91
C PRO E 1122 74.31 -39.38 33.95
N THR E 1123 73.69 -39.65 35.10
CA THR E 1123 74.39 -40.25 36.23
C THR E 1123 73.89 -41.65 36.59
N ALA E 1124 72.75 -42.08 36.08
CA ALA E 1124 72.19 -43.37 36.41
C ALA E 1124 72.43 -44.38 35.29
N SER E 1125 72.33 -45.66 35.64
CA SER E 1125 72.52 -46.75 34.69
C SER E 1125 71.27 -46.91 33.84
N PHE E 1126 71.45 -47.06 32.53
CA PHE E 1126 70.30 -47.13 31.64
C PHE E 1126 69.52 -48.44 31.82
N ARG E 1127 70.22 -49.58 31.91
CA ARG E 1127 69.49 -50.84 32.01
C ARG E 1127 68.77 -50.98 33.34
N ASP E 1128 69.37 -50.45 34.42
CA ASP E 1128 68.70 -50.52 35.72
C ASP E 1128 67.38 -49.78 35.70
N PHE E 1129 67.26 -48.74 34.87
CA PHE E 1129 65.99 -48.06 34.72
C PHE E 1129 64.98 -48.93 33.98
N LEU E 1130 65.43 -49.68 32.96
CA LEU E 1130 64.53 -50.57 32.24
C LEU E 1130 64.01 -51.68 33.13
N MET E 1131 64.87 -52.22 34.00
CA MET E 1131 64.48 -53.31 34.89
C MET E 1131 63.54 -52.85 35.99
N GLY E 1132 63.36 -51.55 36.18
CA GLY E 1132 62.43 -51.05 37.17
C GLY E 1132 61.01 -50.91 36.69
N GLU E 1133 60.72 -51.33 35.46
CA GLU E 1133 59.39 -51.26 34.88
C GLU E 1133 59.01 -52.60 34.27
N ILE E 1134 57.77 -53.03 34.52
CA ILE E 1134 57.32 -54.34 34.08
C ILE E 1134 57.29 -54.41 32.55
N ARG E 1135 57.06 -53.29 31.87
CA ARG E 1135 57.01 -53.29 30.41
C ARG E 1135 58.34 -53.70 29.78
N TYR E 1136 59.42 -53.76 30.55
CA TYR E 1136 60.69 -54.26 30.07
C TYR E 1136 61.12 -55.58 30.69
N THR E 1137 60.70 -55.86 31.93
CA THR E 1137 61.09 -57.10 32.59
C THR E 1137 60.35 -58.31 32.06
N SER E 1138 59.13 -58.12 31.55
CA SER E 1138 58.42 -59.24 30.95
C SER E 1138 59.08 -59.70 29.65
N LEU E 1139 59.85 -58.83 29.00
CA LEU E 1139 60.62 -59.23 27.83
C LEU E 1139 61.80 -60.10 28.24
N LYS E 1140 62.40 -59.81 29.40
CA LYS E 1140 63.57 -60.57 29.86
C LYS E 1140 63.19 -61.99 30.25
N LYS E 1141 61.94 -62.21 30.69
CA LYS E 1141 61.49 -63.55 31.02
C LYS E 1141 60.97 -64.31 29.79
N GLN E 1142 60.45 -63.60 28.79
CA GLN E 1142 59.91 -64.26 27.61
C GLN E 1142 61.00 -64.56 26.59
N PHE E 1143 61.95 -63.65 26.42
CA PHE E 1143 63.05 -63.81 25.47
C PHE E 1143 64.35 -63.43 26.15
N PRO E 1144 65.02 -64.39 26.80
CA PRO E 1144 66.26 -64.05 27.53
C PRO E 1144 67.37 -63.53 26.62
N GLU E 1145 67.62 -64.21 25.50
CA GLU E 1145 68.68 -63.78 24.60
C GLU E 1145 68.29 -62.56 23.78
N LYS E 1146 67.00 -62.34 23.54
CA LYS E 1146 66.55 -61.24 22.71
C LYS E 1146 66.32 -59.95 23.50
N ALA E 1147 65.81 -60.06 24.72
CA ALA E 1147 65.63 -58.86 25.54
C ALA E 1147 66.94 -58.18 25.82
N GLU E 1148 67.99 -58.96 26.09
CA GLU E 1148 69.31 -58.38 26.31
C GLU E 1148 69.80 -57.69 25.04
N GLN E 1149 69.47 -58.25 23.88
CA GLN E 1149 69.80 -57.60 22.61
C GLN E 1149 69.01 -56.31 22.45
N LEU E 1150 67.74 -56.31 22.88
CA LEU E 1150 66.92 -55.11 22.81
C LEU E 1150 67.37 -54.07 23.82
N PHE E 1151 67.80 -54.51 25.00
CA PHE E 1151 68.33 -53.59 25.99
C PHE E 1151 69.61 -52.93 25.50
N ALA E 1152 70.44 -53.67 24.77
CA ALA E 1152 71.67 -53.10 24.22
C ALA E 1152 71.36 -52.08 23.13
N LYS E 1153 70.33 -52.35 22.31
CA LYS E 1153 69.96 -51.39 21.28
C LYS E 1153 69.36 -50.13 21.89
N ALA E 1154 68.57 -50.28 22.96
CA ALA E 1154 67.96 -49.13 23.60
C ALA E 1154 69.01 -48.22 24.23
N GLU E 1155 70.06 -48.80 24.81
CA GLU E 1155 71.11 -47.99 25.40
C GLU E 1155 72.00 -47.35 24.33
N ALA E 1156 72.26 -48.08 23.23
CA ALA E 1156 73.04 -47.50 22.15
C ALA E 1156 72.27 -46.39 21.44
N ASP E 1157 70.95 -46.56 21.31
CA ASP E 1157 70.13 -45.51 20.71
C ASP E 1157 69.98 -44.31 21.64
N ALA E 1158 69.93 -44.55 22.96
CA ALA E 1158 69.81 -43.45 23.91
C ALA E 1158 71.09 -42.65 24.01
N LYS E 1159 72.25 -43.31 23.86
CA LYS E 1159 73.52 -42.58 23.86
C LYS E 1159 73.71 -41.82 22.55
N ALA E 1160 73.30 -42.41 21.42
CA ALA E 1160 73.38 -41.71 20.15
C ALA E 1160 72.41 -40.53 20.11
N ARG E 1161 71.27 -40.65 20.79
CA ARG E 1161 70.35 -39.52 20.89
C ARG E 1161 70.90 -38.45 21.82
N LEU E 1162 71.54 -38.85 22.91
CA LEU E 1162 72.12 -37.88 23.84
C LEU E 1162 73.31 -37.17 23.22
N GLU E 1163 74.18 -37.89 22.51
CA GLU E 1163 75.30 -37.24 21.83
C GLU E 1163 74.82 -36.33 20.71
N GLN E 1164 73.66 -36.65 20.12
CA GLN E 1164 73.11 -35.80 19.07
C GLN E 1164 72.62 -34.48 19.63
N TYR E 1165 72.06 -34.51 20.85
CA TYR E 1165 71.62 -33.27 21.49
C TYR E 1165 72.81 -32.44 21.97
N LYS E 1166 73.92 -33.09 22.33
CA LYS E 1166 75.12 -32.35 22.74
C LYS E 1166 75.75 -31.61 21.57
N LYS E 1167 75.72 -32.19 20.38
CA LYS E 1167 76.31 -31.53 19.21
C LYS E 1167 75.47 -30.35 18.76
N LEU E 1168 74.15 -30.46 18.84
CA LEU E 1168 73.28 -29.34 18.47
C LEU E 1168 73.44 -28.17 19.44
N ALA E 1169 73.83 -28.44 20.69
CA ALA E 1169 74.03 -27.36 21.66
C ALA E 1169 75.41 -26.74 21.53
N GLU E 1170 76.41 -27.52 21.14
CA GLU E 1170 77.77 -27.01 20.99
C GLU E 1170 77.92 -26.24 19.67
N LYS F 3 23.56 -7.97 -13.80
CA LYS F 3 23.62 -9.21 -14.57
C LYS F 3 25.04 -9.45 -15.07
N GLN F 4 25.56 -10.66 -14.81
CA GLN F 4 26.90 -11.04 -15.25
C GLN F 4 26.88 -12.46 -15.80
N THR F 5 27.89 -12.78 -16.60
CA THR F 5 28.06 -14.13 -17.13
C THR F 5 29.12 -14.84 -16.28
N LEU F 6 28.68 -15.80 -15.48
CA LEU F 6 29.55 -16.55 -14.57
C LEU F 6 29.29 -18.04 -14.75
N ASP F 7 30.10 -18.84 -14.07
CA ASP F 7 29.83 -20.26 -13.93
C ASP F 7 29.30 -20.58 -12.54
N GLY F 8 28.90 -21.84 -12.37
CA GLY F 8 28.34 -22.26 -11.09
C GLY F 8 29.26 -21.99 -9.92
N ASN F 9 30.55 -22.28 -10.08
CA ASN F 9 31.51 -22.08 -8.99
C ASN F 9 31.57 -20.62 -8.56
N THR F 10 31.65 -19.71 -9.53
CA THR F 10 31.74 -18.29 -9.20
C THR F 10 30.46 -17.80 -8.54
N ALA F 11 29.30 -18.28 -8.99
CA ALA F 11 28.05 -17.91 -8.34
C ALA F 11 28.03 -18.33 -6.87
N ALA F 12 28.54 -19.53 -6.57
CA ALA F 12 28.57 -20.00 -5.19
C ALA F 12 29.59 -19.24 -4.36
N ALA F 13 30.81 -19.10 -4.88
CA ALA F 13 31.85 -18.40 -4.14
C ALA F 13 31.47 -16.95 -3.87
N HIS F 14 30.73 -16.33 -4.79
CA HIS F 14 30.26 -14.97 -4.58
C HIS F 14 29.46 -14.87 -3.30
N VAL F 15 28.54 -15.82 -3.08
CA VAL F 15 27.72 -15.81 -1.87
C VAL F 15 28.52 -16.28 -0.67
N ALA F 16 29.31 -17.34 -0.83
CA ALA F 16 30.08 -17.86 0.29
C ALA F 16 31.04 -16.80 0.83
N TYR F 17 31.66 -16.03 -0.06
CA TYR F 17 32.57 -14.97 0.39
C TYR F 17 31.85 -13.93 1.23
N ALA F 18 30.65 -13.53 0.80
CA ALA F 18 29.94 -12.45 1.47
C ALA F 18 29.49 -12.84 2.87
N MET F 19 29.15 -14.11 3.09
CA MET F 19 28.48 -14.51 4.31
C MET F 19 29.42 -15.12 5.35
N SER F 20 30.72 -15.21 5.06
CA SER F 20 31.64 -15.93 5.93
C SER F 20 32.82 -15.04 6.31
N GLU F 21 33.37 -15.33 7.49
CA GLU F 21 34.61 -14.70 7.96
C GLU F 21 35.84 -15.54 7.67
N VAL F 22 35.72 -16.86 7.82
CA VAL F 22 36.82 -17.80 7.62
C VAL F 22 36.40 -18.83 6.59
N ALA F 23 37.34 -19.27 5.76
CA ALA F 23 37.12 -20.38 4.84
C ALA F 23 38.38 -21.24 4.85
N THR F 24 38.31 -22.39 5.51
CA THR F 24 39.40 -23.35 5.53
C THR F 24 39.14 -24.40 4.45
N ILE F 25 40.06 -24.52 3.50
CA ILE F 25 39.80 -25.23 2.26
C ILE F 25 40.95 -26.18 1.96
N TYR F 26 40.70 -27.06 0.99
CA TYR F 26 41.70 -27.95 0.41
C TYR F 26 41.21 -28.22 -1.01
N PRO F 27 42.07 -28.12 -2.02
CA PRO F 27 41.59 -28.13 -3.40
C PRO F 27 41.25 -29.53 -3.90
N ILE F 28 40.13 -29.63 -4.62
CA ILE F 28 39.77 -30.85 -5.34
C ILE F 28 38.83 -30.52 -6.50
N THR F 29 39.15 -31.05 -7.69
CA THR F 29 38.29 -30.85 -8.85
C THR F 29 36.94 -31.52 -8.60
N PRO F 30 35.81 -30.90 -9.01
CA PRO F 30 35.68 -29.59 -9.67
C PRO F 30 35.29 -28.46 -8.73
N SER F 31 35.62 -28.58 -7.44
CA SER F 31 35.26 -27.55 -6.48
C SER F 31 36.37 -26.53 -6.24
N SER F 32 37.62 -26.88 -6.58
CA SER F 32 38.73 -25.97 -6.28
C SER F 32 38.64 -24.61 -6.97
N PRO F 33 38.01 -24.44 -8.15
CA PRO F 33 37.82 -23.07 -8.65
C PRO F 33 37.10 -22.15 -7.67
N MET F 34 36.21 -22.68 -6.84
CA MET F 34 35.55 -21.86 -5.84
C MET F 34 36.55 -21.25 -4.86
N ALA F 35 37.45 -22.08 -4.34
CA ALA F 35 38.41 -21.59 -3.37
C ALA F 35 39.45 -20.69 -4.03
N GLU F 36 39.73 -20.89 -5.32
CA GLU F 36 40.71 -20.06 -6.00
C GLU F 36 40.20 -18.64 -6.17
N ILE F 37 38.97 -18.48 -6.65
CA ILE F 37 38.47 -17.13 -6.90
C ILE F 37 38.18 -16.42 -5.58
N ALA F 38 37.79 -17.18 -4.55
CA ALA F 38 37.62 -16.58 -3.23
C ALA F 38 38.96 -16.11 -2.67
N ASP F 39 40.03 -16.85 -2.98
CA ASP F 39 41.37 -16.43 -2.56
C ASP F 39 41.78 -15.14 -3.25
N GLU F 40 41.46 -15.00 -4.55
CA GLU F 40 41.81 -13.78 -5.27
C GLU F 40 41.06 -12.57 -4.73
N TRP F 41 39.77 -12.74 -4.46
CA TRP F 41 38.97 -11.61 -3.94
C TRP F 41 39.54 -11.10 -2.62
N ALA F 42 39.92 -12.01 -1.72
CA ALA F 42 40.56 -11.59 -0.48
C ALA F 42 41.89 -10.91 -0.75
N ALA F 43 42.68 -11.45 -1.69
CA ALA F 43 43.96 -10.85 -2.03
C ALA F 43 43.79 -9.46 -2.62
N HIS F 44 42.67 -9.21 -3.30
CA HIS F 44 42.37 -7.90 -3.86
C HIS F 44 41.50 -7.06 -2.94
N GLY F 45 41.22 -7.54 -1.73
CA GLY F 45 40.57 -6.71 -0.74
C GLY F 45 39.07 -6.59 -0.88
N ARG F 46 38.41 -7.60 -1.44
CA ARG F 46 36.96 -7.60 -1.46
C ARG F 46 36.44 -7.71 -0.03
N LYS F 47 35.48 -6.84 0.31
CA LYS F 47 34.90 -6.76 1.64
C LYS F 47 33.64 -7.62 1.70
N ASN F 48 33.49 -8.39 2.77
CA ASN F 48 32.28 -9.17 2.97
C ASN F 48 31.23 -8.31 3.68
N ILE F 49 30.11 -8.91 4.09
CA ILE F 49 29.07 -8.15 4.77
C ILE F 49 29.47 -7.72 6.16
N PHE F 50 30.63 -8.15 6.65
CA PHE F 50 31.17 -7.71 7.92
C PHE F 50 32.22 -6.62 7.76
N GLY F 51 32.39 -6.10 6.55
CA GLY F 51 33.35 -5.03 6.35
C GLY F 51 34.80 -5.46 6.36
N LYS F 52 35.07 -6.76 6.32
CA LYS F 52 36.44 -7.30 6.32
C LYS F 52 36.62 -8.24 5.14
N THR F 53 37.86 -8.61 4.87
CA THR F 53 38.18 -9.59 3.84
C THR F 53 38.08 -11.01 4.42
N LEU F 54 37.69 -11.95 3.57
CA LEU F 54 37.60 -13.34 3.97
C LEU F 54 38.98 -13.92 4.24
N GLN F 55 39.10 -14.67 5.33
CA GLN F 55 40.35 -15.36 5.65
C GLN F 55 40.32 -16.76 5.06
N VAL F 56 41.21 -17.03 4.11
CA VAL F 56 41.31 -18.32 3.46
C VAL F 56 42.52 -19.05 4.02
N ALA F 57 42.29 -20.25 4.56
CA ALA F 57 43.35 -21.07 5.14
C ALA F 57 43.36 -22.42 4.45
N GLU F 58 44.49 -22.79 3.87
CA GLU F 58 44.63 -24.08 3.21
C GLU F 58 45.21 -25.09 4.20
N MET F 59 44.58 -26.24 4.30
CA MET F 59 45.01 -27.27 5.22
C MET F 59 45.80 -28.35 4.48
N GLN F 60 46.16 -29.43 5.20
CA GLN F 60 46.90 -30.52 4.60
C GLN F 60 45.98 -31.52 3.88
N SER F 61 44.68 -31.46 4.13
CA SER F 61 43.69 -32.32 3.49
C SER F 61 42.32 -31.75 3.80
N GLU F 62 41.29 -32.34 3.21
CA GLU F 62 39.93 -31.93 3.54
C GLU F 62 39.54 -32.36 4.95
N ALA F 63 40.16 -33.43 5.45
CA ALA F 63 39.93 -33.83 6.84
C ALA F 63 40.43 -32.74 7.79
N GLY F 64 41.64 -32.24 7.54
CA GLY F 64 42.12 -31.11 8.31
C GLY F 64 41.26 -29.87 8.12
N ALA F 65 40.73 -29.68 6.92
CA ALA F 65 39.85 -28.54 6.68
C ALA F 65 38.58 -28.64 7.52
N ALA F 66 37.98 -29.83 7.55
CA ALA F 66 36.74 -30.02 8.31
C ALA F 66 36.96 -29.78 9.80
N GLY F 67 38.05 -30.32 10.35
CA GLY F 67 38.38 -30.05 11.75
C GLY F 67 38.62 -28.58 12.02
N ALA F 68 39.23 -27.87 11.07
CA ALA F 68 39.42 -26.43 11.23
C ALA F 68 38.07 -25.71 11.17
N VAL F 69 37.15 -26.18 10.31
CA VAL F 69 35.81 -25.60 10.29
C VAL F 69 35.15 -25.78 11.66
N HIS F 70 35.24 -26.99 12.21
CA HIS F 70 34.63 -27.28 13.50
C HIS F 70 35.21 -26.39 14.59
N GLY F 71 36.54 -26.27 14.65
CA GLY F 71 37.16 -25.43 15.66
C GLY F 71 36.83 -23.96 15.47
N SER F 72 36.84 -23.50 14.21
CA SER F 72 36.51 -22.10 13.94
C SER F 72 35.06 -21.80 14.31
N LEU F 73 34.16 -22.75 14.04
CA LEU F 73 32.75 -22.55 14.37
C LEU F 73 32.52 -22.54 15.87
N ALA F 74 33.10 -23.51 16.59
CA ALA F 74 32.90 -23.60 18.03
C ALA F 74 33.53 -22.43 18.78
N ALA F 75 34.46 -21.72 18.16
CA ALA F 75 35.12 -20.59 18.80
C ALA F 75 34.52 -19.24 18.40
N GLY F 76 33.52 -19.23 17.53
CA GLY F 76 32.72 -18.06 17.28
C GLY F 76 32.93 -17.33 15.95
N ALA F 77 33.42 -17.99 14.91
CA ALA F 77 33.60 -17.37 13.60
C ALA F 77 32.76 -18.12 12.58
N LEU F 78 31.99 -17.37 11.79
CA LEU F 78 31.22 -17.96 10.70
C LEU F 78 32.18 -18.50 9.64
N THR F 79 32.09 -19.79 9.36
CA THR F 79 33.09 -20.49 8.57
C THR F 79 32.42 -21.33 7.49
N THR F 80 33.01 -21.33 6.30
CA THR F 80 32.51 -22.11 5.19
C THR F 80 33.65 -22.92 4.58
N THR F 81 33.31 -23.78 3.62
CA THR F 81 34.33 -24.53 2.90
C THR F 81 33.74 -25.02 1.58
N PHE F 82 34.63 -25.46 0.70
CA PHE F 82 34.28 -25.94 -0.64
C PHE F 82 35.00 -27.26 -0.86
N THR F 83 34.25 -28.26 -1.33
CA THR F 83 34.80 -29.61 -1.47
C THR F 83 33.91 -30.40 -2.42
N ALA F 84 34.28 -31.66 -2.62
CA ALA F 84 33.58 -32.58 -3.52
C ALA F 84 34.23 -33.96 -3.42
N SER F 85 33.46 -34.99 -3.77
CA SER F 85 33.95 -36.34 -4.06
C SER F 85 34.83 -36.82 -2.90
N GLN F 86 36.05 -37.30 -3.16
CA GLN F 86 36.92 -37.83 -2.12
C GLN F 86 37.13 -36.81 -1.00
N GLY F 87 37.08 -35.53 -1.33
CA GLY F 87 37.21 -34.51 -0.30
C GLY F 87 36.03 -34.51 0.66
N LEU F 88 34.81 -34.63 0.13
CA LEU F 88 33.63 -34.66 0.99
C LEU F 88 33.65 -35.88 1.90
N LEU F 89 34.17 -37.01 1.44
CA LEU F 89 34.25 -38.19 2.29
C LEU F 89 35.10 -37.93 3.53
N LEU F 90 36.28 -37.31 3.35
CA LEU F 90 37.15 -37.06 4.49
C LEU F 90 36.54 -36.08 5.48
N MET F 91 35.54 -35.29 5.08
CA MET F 91 34.92 -34.36 6.01
C MET F 91 33.76 -34.99 6.76
N ILE F 92 33.33 -36.19 6.36
CA ILE F 92 32.15 -36.81 6.97
C ILE F 92 32.29 -36.99 8.48
N PRO F 93 33.42 -37.47 9.02
CA PRO F 93 33.51 -37.57 10.49
C PRO F 93 33.26 -36.24 11.19
N ASN F 94 33.81 -35.14 10.69
CA ASN F 94 33.54 -33.85 11.31
C ASN F 94 32.14 -33.34 11.01
N MET F 95 31.54 -33.78 9.90
CA MET F 95 30.16 -33.38 9.61
C MET F 95 29.21 -33.90 10.69
N TYR F 96 29.45 -35.11 11.20
CA TYR F 96 28.63 -35.62 12.30
C TYR F 96 28.71 -34.72 13.51
N LYS F 97 29.90 -34.23 13.84
CA LYS F 97 30.07 -33.37 15.00
C LYS F 97 29.45 -31.99 14.77
N ILE F 98 29.70 -31.39 13.61
CA ILE F 98 29.19 -30.05 13.34
C ILE F 98 27.66 -30.06 13.35
N ALA F 99 27.06 -31.11 12.79
CA ALA F 99 25.61 -31.24 12.89
C ALA F 99 25.20 -31.58 14.32
N GLY F 100 25.94 -32.45 14.98
CA GLY F 100 25.60 -32.83 16.34
C GLY F 100 25.65 -31.68 17.32
N GLU F 101 26.54 -30.72 17.10
CA GLU F 101 26.66 -29.56 17.97
C GLU F 101 25.84 -28.37 17.48
N LEU F 102 25.07 -28.55 16.41
CA LEU F 102 24.17 -27.53 15.87
C LEU F 102 24.90 -26.21 15.61
N LEU F 103 25.92 -26.30 14.76
CA LEU F 103 26.71 -25.14 14.37
C LEU F 103 26.31 -24.67 12.99
N PRO F 104 26.01 -23.38 12.81
CA PRO F 104 25.64 -22.88 11.48
C PRO F 104 26.82 -22.99 10.52
N CYS F 105 26.53 -23.50 9.32
CA CYS F 105 27.61 -23.80 8.39
C CYS F 105 27.01 -24.16 7.04
N VAL F 106 27.76 -23.88 5.98
CA VAL F 106 27.38 -24.29 4.63
C VAL F 106 28.60 -24.87 3.94
N PHE F 107 28.52 -26.13 3.53
CA PHE F 107 29.51 -26.73 2.64
C PHE F 107 29.01 -26.58 1.20
N HIS F 108 29.83 -25.95 0.35
CA HIS F 108 29.50 -25.81 -1.06
C HIS F 108 30.22 -26.90 -1.83
N VAL F 109 29.44 -27.75 -2.51
CA VAL F 109 29.95 -28.98 -3.12
C VAL F 109 29.64 -28.97 -4.60
N ALA F 110 30.68 -29.11 -5.42
CA ALA F 110 30.51 -29.38 -6.86
C ALA F 110 30.46 -30.89 -7.02
N ALA F 111 29.24 -31.43 -6.95
CA ALA F 111 29.03 -32.88 -6.82
C ALA F 111 29.78 -33.66 -7.88
N ARG F 112 30.60 -34.63 -7.42
CA ARG F 112 31.47 -35.40 -8.28
C ARG F 112 31.46 -36.87 -7.89
N ALA F 113 31.65 -37.74 -8.88
CA ALA F 113 31.70 -39.18 -8.66
C ALA F 113 32.81 -39.58 -7.69
N LEU F 114 32.61 -40.70 -7.02
CA LEU F 114 33.60 -41.29 -6.12
C LEU F 114 34.45 -42.32 -6.84
N SER F 115 35.66 -42.54 -6.33
CA SER F 115 36.58 -43.48 -6.93
C SER F 115 36.20 -44.90 -6.55
N THR F 116 35.84 -45.71 -7.54
CA THR F 116 35.39 -47.07 -7.30
C THR F 116 36.27 -48.05 -8.08
N HIS F 117 35.74 -48.59 -9.17
CA HIS F 117 36.57 -49.33 -10.12
C HIS F 117 37.55 -48.41 -10.83
N ALA F 118 37.34 -47.10 -10.77
CA ALA F 118 38.20 -46.13 -11.41
C ALA F 118 37.92 -44.76 -10.80
N LEU F 119 38.90 -43.88 -10.93
CA LEU F 119 38.75 -42.49 -10.57
C LEU F 119 37.94 -41.75 -11.63
N SER F 120 37.14 -40.79 -11.20
CA SER F 120 36.41 -39.94 -12.13
C SER F 120 36.27 -38.54 -11.53
N ILE F 121 36.82 -37.54 -12.22
CA ILE F 121 36.69 -36.17 -11.74
C ILE F 121 35.35 -35.54 -12.09
N PHE F 122 34.46 -36.28 -12.75
CA PHE F 122 33.27 -35.70 -13.31
C PHE F 122 32.08 -35.88 -12.38
N GLY F 123 30.94 -35.31 -12.78
CA GLY F 123 29.88 -34.99 -11.85
C GLY F 123 28.81 -36.05 -11.71
N ASP F 124 28.49 -36.38 -10.46
CA ASP F 124 27.22 -36.98 -10.07
C ASP F 124 27.10 -36.82 -8.56
N HIS F 125 26.03 -37.38 -7.99
CA HIS F 125 25.69 -37.16 -6.60
C HIS F 125 26.23 -38.24 -5.66
N ALA F 126 27.17 -39.07 -6.13
CA ALA F 126 27.70 -40.14 -5.28
C ALA F 126 28.29 -39.57 -3.99
N ASP F 127 29.00 -38.44 -4.10
CA ASP F 127 29.65 -37.89 -2.92
C ASP F 127 28.63 -37.35 -1.92
N VAL F 128 27.65 -36.58 -2.40
CA VAL F 128 26.66 -35.99 -1.52
C VAL F 128 25.81 -37.08 -0.86
N MET F 129 25.47 -38.13 -1.60
CA MET F 129 24.66 -39.20 -1.03
C MET F 129 25.39 -39.96 0.07
N ALA F 130 26.73 -40.00 0.01
CA ALA F 130 27.49 -40.69 1.04
C ALA F 130 27.48 -39.95 2.38
N ALA F 131 26.99 -38.71 2.41
CA ALA F 131 26.94 -37.90 3.62
C ALA F 131 25.52 -37.59 4.06
N ARG F 132 24.52 -38.21 3.44
CA ARG F 132 23.13 -37.85 3.71
C ARG F 132 22.66 -38.21 5.12
N GLN F 133 23.45 -38.97 5.88
CA GLN F 133 23.09 -39.35 7.23
C GLN F 133 23.91 -38.61 8.29
N THR F 134 24.67 -37.58 7.90
CA THR F 134 25.48 -36.86 8.87
C THR F 134 24.66 -35.92 9.73
N GLY F 135 23.43 -35.60 9.33
CA GLY F 135 22.67 -34.58 10.01
C GLY F 135 22.78 -33.20 9.37
N PHE F 136 23.54 -33.07 8.29
CA PHE F 136 23.54 -31.84 7.51
C PHE F 136 22.24 -31.72 6.72
N ALA F 137 21.76 -30.49 6.58
CA ALA F 137 20.73 -30.22 5.59
C ALA F 137 21.34 -30.27 4.19
N MET F 138 20.50 -30.56 3.20
CA MET F 138 20.99 -30.74 1.83
C MET F 138 20.09 -29.99 0.85
N LEU F 139 20.66 -29.03 0.15
CA LEU F 139 19.96 -28.14 -0.78
C LEU F 139 20.60 -28.23 -2.15
N SER F 140 19.79 -28.51 -3.16
CA SER F 140 20.28 -28.80 -4.52
C SER F 140 19.93 -27.66 -5.47
N SER F 141 20.92 -27.22 -6.24
CA SER F 141 20.74 -26.18 -7.25
C SER F 141 20.84 -26.78 -8.65
N ALA F 142 19.91 -26.40 -9.53
CA ALA F 142 19.80 -27.03 -10.84
C ALA F 142 20.42 -26.21 -11.97
N SER F 143 20.73 -24.93 -11.74
CA SER F 143 21.28 -24.09 -12.79
C SER F 143 22.21 -23.07 -12.16
N VAL F 144 22.96 -22.37 -13.01
CA VAL F 144 23.90 -21.36 -12.51
C VAL F 144 23.15 -20.27 -11.74
N GLN F 145 21.98 -19.87 -12.24
CA GLN F 145 21.18 -18.89 -11.50
C GLN F 145 20.73 -19.45 -10.16
N GLU F 146 20.37 -20.73 -10.12
CA GLU F 146 19.92 -21.33 -8.86
C GLU F 146 21.07 -21.47 -7.87
N VAL F 147 22.29 -21.71 -8.36
CA VAL F 147 23.45 -21.74 -7.47
C VAL F 147 23.61 -20.41 -6.76
N MET F 148 23.49 -19.30 -7.50
CA MET F 148 23.54 -17.97 -6.90
C MET F 148 22.43 -17.80 -5.86
N ASP F 149 21.19 -18.18 -6.23
CA ASP F 149 20.04 -17.92 -5.37
C ASP F 149 20.05 -18.83 -4.15
N LEU F 150 20.24 -20.13 -4.35
CA LEU F 150 20.11 -21.09 -3.26
C LEU F 150 21.31 -21.11 -2.33
N ALA F 151 22.49 -20.69 -2.79
CA ALA F 151 23.60 -20.49 -1.86
C ALA F 151 23.25 -19.44 -0.81
N LEU F 152 22.58 -18.36 -1.23
CA LEU F 152 22.11 -17.37 -0.27
C LEU F 152 21.08 -17.97 0.67
N VAL F 153 20.19 -18.83 0.15
CA VAL F 153 19.19 -19.47 1.00
C VAL F 153 19.88 -20.32 2.07
N ALA F 154 20.88 -21.10 1.68
CA ALA F 154 21.57 -21.94 2.65
C ALA F 154 22.26 -21.12 3.72
N HIS F 155 22.95 -20.04 3.33
CA HIS F 155 23.65 -19.22 4.31
C HIS F 155 22.68 -18.50 5.24
N LEU F 156 21.54 -18.05 4.73
CA LEU F 156 20.56 -17.39 5.58
C LEU F 156 19.84 -18.39 6.48
N ALA F 157 19.48 -19.56 5.95
CA ALA F 157 18.70 -20.52 6.72
C ALA F 157 19.52 -21.17 7.82
N THR F 158 20.79 -21.49 7.55
CA THR F 158 21.59 -22.21 8.53
C THR F 158 21.80 -21.39 9.80
N LEU F 159 21.85 -20.05 9.67
CA LEU F 159 21.93 -19.19 10.84
C LEU F 159 20.67 -19.31 11.69
N LYS F 160 19.50 -19.38 11.04
CA LYS F 160 18.23 -19.45 11.76
C LYS F 160 17.98 -20.84 12.34
N ALA F 161 18.32 -21.90 11.60
CA ALA F 161 17.96 -23.25 12.00
C ALA F 161 18.98 -23.91 12.90
N ARG F 162 20.21 -23.41 12.94
CA ARG F 162 21.35 -24.02 13.61
C ARG F 162 21.70 -25.39 13.05
N VAL F 163 21.11 -25.77 11.92
CA VAL F 163 21.43 -27.03 11.24
C VAL F 163 22.35 -26.70 10.08
N PRO F 164 23.53 -27.30 9.99
CA PRO F 164 24.43 -26.99 8.88
C PRO F 164 23.91 -27.54 7.56
N PHE F 165 24.32 -26.88 6.47
CA PHE F 165 23.82 -27.17 5.14
C PHE F 165 24.94 -27.65 4.23
N VAL F 166 24.60 -28.61 3.36
CA VAL F 166 25.38 -28.90 2.17
C VAL F 166 24.62 -28.34 0.99
N HIS F 167 25.17 -27.33 0.33
CA HIS F 167 24.61 -26.79 -0.90
C HIS F 167 25.42 -27.34 -2.07
N PHE F 168 24.81 -28.19 -2.88
CA PHE F 168 25.53 -28.87 -3.95
C PHE F 168 24.87 -28.64 -5.31
N PHE F 169 25.71 -28.64 -6.33
CA PHE F 169 25.30 -28.49 -7.72
C PHE F 169 26.18 -29.41 -8.57
N ASP F 170 25.65 -29.80 -9.73
CA ASP F 170 26.30 -30.84 -10.52
C ASP F 170 27.69 -30.41 -10.98
N GLY F 171 28.67 -31.25 -10.69
CA GLY F 171 30.04 -30.95 -11.09
C GLY F 171 30.17 -30.88 -12.59
N PHE F 172 30.90 -29.86 -13.06
CA PHE F 172 31.12 -29.56 -14.47
C PHE F 172 29.83 -29.16 -15.17
N ARG F 173 28.80 -30.03 -15.12
CA ARG F 173 27.56 -29.72 -15.81
C ARG F 173 26.96 -28.39 -15.34
N THR F 174 27.21 -28.03 -14.09
CA THR F 174 26.81 -26.71 -13.58
C THR F 174 27.98 -25.89 -13.07
N SER F 175 28.96 -26.52 -12.42
CA SER F 175 30.07 -25.77 -11.86
C SER F 175 30.91 -25.09 -12.93
N HIS F 176 31.02 -25.70 -14.10
CA HIS F 176 31.81 -25.14 -15.20
C HIS F 176 30.96 -24.65 -16.36
N GLU F 177 29.63 -24.67 -16.21
CA GLU F 177 28.75 -24.09 -17.21
C GLU F 177 28.68 -22.59 -17.01
N VAL F 178 29.00 -21.84 -18.05
CA VAL F 178 28.96 -20.38 -18.00
C VAL F 178 27.58 -19.91 -18.46
N GLN F 179 26.96 -19.04 -17.67
CA GLN F 179 25.63 -18.51 -17.97
C GLN F 179 25.55 -17.07 -17.52
N LYS F 180 24.75 -16.27 -18.24
CA LYS F 180 24.42 -14.92 -17.82
C LYS F 180 23.30 -14.97 -16.79
N ILE F 181 23.58 -14.51 -15.57
CA ILE F 181 22.66 -14.62 -14.46
C ILE F 181 22.54 -13.27 -13.75
N ASP F 182 21.51 -13.17 -12.92
CA ASP F 182 21.35 -12.03 -12.00
C ASP F 182 22.19 -12.28 -10.76
N VAL F 183 23.13 -11.37 -10.49
CA VAL F 183 24.05 -11.48 -9.35
C VAL F 183 23.47 -10.66 -8.19
N ILE F 184 23.42 -11.27 -7.01
CA ILE F 184 22.82 -10.62 -5.85
C ILE F 184 23.88 -9.74 -5.17
N GLU F 185 23.51 -8.49 -4.91
CA GLU F 185 24.44 -7.55 -4.28
C GLU F 185 24.67 -7.93 -2.83
N TYR F 186 25.92 -7.73 -2.37
CA TYR F 186 26.25 -8.02 -0.98
C TYR F 186 25.40 -7.21 -0.01
N GLU F 187 25.13 -5.94 -0.35
CA GLU F 187 24.31 -5.11 0.52
C GLU F 187 22.90 -5.67 0.64
N ASP F 188 22.39 -6.31 -0.40
CA ASP F 188 21.07 -6.92 -0.32
C ASP F 188 21.09 -8.17 0.55
N MET F 189 22.19 -8.93 0.51
CA MET F 189 22.32 -10.09 1.39
C MET F 189 22.27 -9.69 2.85
N ALA F 190 23.03 -8.66 3.23
CA ALA F 190 23.08 -8.24 4.62
C ALA F 190 21.73 -7.77 5.14
N LYS F 191 20.87 -7.27 4.24
CA LYS F 191 19.55 -6.81 4.64
C LYS F 191 18.60 -7.97 4.97
N LEU F 192 18.95 -9.19 4.60
CA LEU F 192 18.14 -10.37 4.91
C LEU F 192 18.70 -11.20 6.06
N VAL F 193 19.93 -10.94 6.49
CA VAL F 193 20.58 -11.76 7.50
C VAL F 193 19.87 -11.60 8.85
N ASP F 194 19.74 -12.71 9.56
CA ASP F 194 19.25 -12.71 10.95
C ASP F 194 20.43 -12.35 11.84
N TRP F 195 20.59 -11.05 12.11
CA TRP F 195 21.72 -10.61 12.93
C TRP F 195 21.57 -11.04 14.39
N ASP F 196 20.34 -11.19 14.86
CA ASP F 196 20.14 -11.74 16.20
C ASP F 196 20.68 -13.16 16.31
N ALA F 197 20.50 -13.96 15.27
CA ALA F 197 21.02 -15.32 15.27
C ALA F 197 22.54 -15.34 15.27
N ILE F 198 23.18 -14.37 14.60
CA ILE F 198 24.63 -14.30 14.61
C ILE F 198 25.14 -13.92 15.99
N ARG F 199 24.51 -12.93 16.63
CA ARG F 199 24.94 -12.53 17.97
C ARG F 199 24.72 -13.66 18.97
N ALA F 200 23.60 -14.39 18.83
CA ALA F 200 23.38 -15.56 19.69
C ALA F 200 24.43 -16.63 19.45
N PHE F 201 24.89 -16.77 18.20
CA PHE F 201 25.98 -17.69 17.90
C PHE F 201 27.28 -17.27 18.57
N ARG F 202 27.53 -15.96 18.69
CA ARG F 202 28.74 -15.48 19.34
C ARG F 202 28.74 -15.81 20.82
N GLN F 203 27.58 -15.75 21.47
CA GLN F 203 27.52 -16.01 22.91
C GLN F 203 27.82 -17.46 23.23
N ARG F 204 27.50 -18.37 22.32
CA ARG F 204 27.77 -19.79 22.51
C ARG F 204 29.23 -20.17 22.25
N ALA F 205 30.06 -19.21 21.84
CA ALA F 205 31.43 -19.54 21.48
C ALA F 205 32.25 -19.93 22.70
N LEU F 206 33.26 -20.78 22.47
CA LEU F 206 34.23 -21.10 23.51
C LEU F 206 34.95 -19.84 23.96
N ASN F 207 34.88 -19.54 25.25
CA ASN F 207 35.50 -18.36 25.78
C ASN F 207 35.82 -18.58 27.26
N PRO F 208 37.06 -18.31 27.68
CA PRO F 208 37.42 -18.54 29.09
C PRO F 208 36.68 -17.65 30.07
N GLU F 209 36.07 -16.56 29.62
CA GLU F 209 35.33 -15.67 30.52
C GLU F 209 33.89 -16.10 30.72
N HIS F 210 33.39 -17.04 29.91
CA HIS F 210 32.13 -17.73 30.19
C HIS F 210 32.25 -19.16 29.66
N PRO F 211 33.01 -20.00 30.35
CA PRO F 211 33.42 -21.29 29.76
C PRO F 211 32.33 -22.34 29.82
N HIS F 212 32.51 -23.36 28.99
CA HIS F 212 31.62 -24.51 28.94
C HIS F 212 32.44 -25.69 28.40
N GLN F 213 31.84 -26.88 28.45
CA GLN F 213 32.46 -28.09 27.93
C GLN F 213 31.57 -28.68 26.84
N ARG F 214 32.18 -29.07 25.72
CA ARG F 214 31.46 -29.70 24.63
C ARG F 214 32.28 -30.86 24.08
N GLY F 215 31.59 -31.79 23.43
CA GLY F 215 32.25 -32.96 22.89
C GLY F 215 32.59 -34.00 23.93
N THR F 216 31.73 -34.18 24.93
CA THR F 216 31.99 -35.12 26.00
C THR F 216 31.82 -36.56 25.52
N ALA F 217 32.21 -37.49 26.38
CA ALA F 217 31.92 -38.91 26.20
C ALA F 217 30.78 -39.29 27.12
N GLN F 218 29.81 -40.03 26.59
CA GLN F 218 28.56 -40.30 27.30
C GLN F 218 28.29 -41.80 27.38
N ASN F 219 27.74 -42.22 28.51
CA ASN F 219 27.40 -43.61 28.77
C ASN F 219 26.05 -43.95 28.16
N PRO F 220 25.68 -45.24 28.12
CA PRO F 220 24.38 -45.61 27.53
C PRO F 220 23.18 -45.01 28.22
N ASP F 221 23.33 -44.44 29.43
CA ASP F 221 22.16 -43.97 30.17
C ASP F 221 21.57 -42.71 29.57
N ILE F 222 22.39 -41.90 28.89
CA ILE F 222 21.95 -40.57 28.47
C ILE F 222 22.21 -40.30 26.98
N TYR F 223 22.92 -41.20 26.31
CA TYR F 223 23.32 -40.92 24.93
C TYR F 223 22.11 -40.86 23.99
N PHE F 224 21.20 -41.82 24.09
CA PHE F 224 20.02 -41.84 23.22
C PHE F 224 19.18 -40.59 23.43
N GLN F 225 18.86 -40.25 24.68
CA GLN F 225 18.06 -39.06 24.96
C GLN F 225 18.76 -37.81 24.43
N SER F 226 20.07 -37.68 24.68
CA SER F 226 20.80 -36.51 24.24
C SER F 226 20.82 -36.40 22.72
N ARG F 227 20.81 -37.54 22.03
CA ARG F 227 20.77 -37.52 20.57
C ARG F 227 19.40 -37.08 20.04
N GLU F 228 18.33 -37.43 20.75
CA GLU F 228 16.99 -37.03 20.36
C GLU F 228 16.64 -35.61 20.77
N ALA F 229 17.47 -34.96 21.58
CA ALA F 229 17.16 -33.60 22.03
C ALA F 229 17.25 -32.58 20.90
N ALA F 230 17.88 -32.93 19.78
CA ALA F 230 17.99 -32.05 18.63
C ALA F 230 16.83 -32.19 17.66
N ASN F 231 15.88 -33.09 17.94
CA ASN F 231 14.74 -33.27 17.05
C ASN F 231 14.00 -31.98 16.70
N PRO F 232 13.70 -31.07 17.64
CA PRO F 232 12.97 -29.85 17.25
C PRO F 232 13.69 -29.01 16.20
N TYR F 233 15.02 -28.94 16.23
CA TYR F 233 15.73 -28.13 15.27
C TYR F 233 15.57 -28.67 13.86
N TYR F 234 15.55 -30.00 13.70
CA TYR F 234 15.34 -30.59 12.38
C TYR F 234 13.88 -30.51 11.96
N LEU F 235 12.96 -30.58 12.91
CA LEU F 235 11.55 -30.40 12.58
C LEU F 235 11.28 -28.99 12.09
N ALA F 236 12.05 -28.02 12.57
CA ALA F 236 11.85 -26.63 12.22
C ALA F 236 12.60 -26.22 10.95
N THR F 237 13.58 -27.00 10.52
CA THR F 237 14.37 -26.61 9.36
C THR F 237 13.57 -26.47 8.07
N PRO F 238 12.65 -27.39 7.71
CA PRO F 238 11.86 -27.18 6.49
C PRO F 238 11.12 -25.84 6.47
N GLY F 239 10.44 -25.49 7.56
CA GLY F 239 9.74 -24.22 7.60
C GLY F 239 10.68 -23.03 7.54
N ILE F 240 11.85 -23.15 8.16
CA ILE F 240 12.83 -22.05 8.11
C ILE F 240 13.33 -21.83 6.69
N VAL F 241 13.66 -22.91 5.98
CA VAL F 241 14.10 -22.77 4.58
C VAL F 241 12.99 -22.17 3.72
N ALA F 242 11.75 -22.59 3.95
CA ALA F 242 10.63 -22.06 3.16
C ALA F 242 10.49 -20.56 3.34
N GLN F 243 10.58 -20.08 4.59
CA GLN F 243 10.47 -18.64 4.82
C GLN F 243 11.67 -17.90 4.27
N VAL F 244 12.86 -18.49 4.38
CA VAL F 244 14.05 -17.88 3.80
C VAL F 244 13.91 -17.80 2.29
N MET F 245 13.38 -18.85 1.67
CA MET F 245 13.15 -18.82 0.23
C MET F 245 12.18 -17.71 -0.15
N GLU F 246 11.25 -17.35 0.75
CA GLU F 246 10.34 -16.25 0.47
C GLU F 246 11.04 -14.90 0.51
N GLN F 247 12.04 -14.74 1.40
CA GLN F 247 12.83 -13.51 1.41
C GLN F 247 13.56 -13.30 0.08
N VAL F 248 14.22 -14.34 -0.41
CA VAL F 248 14.95 -14.25 -1.67
C VAL F 248 13.99 -13.98 -2.83
N ALA F 249 12.79 -14.57 -2.77
CA ALA F 249 11.80 -14.33 -3.80
C ALA F 249 11.43 -12.86 -3.89
N GLY F 250 11.20 -12.22 -2.74
CA GLY F 250 10.87 -10.80 -2.73
C GLY F 250 11.99 -9.92 -3.23
N LEU F 251 13.24 -10.35 -3.04
CA LEU F 251 14.38 -9.55 -3.48
C LEU F 251 14.64 -9.70 -4.98
N THR F 252 14.60 -10.93 -5.49
CA THR F 252 15.01 -11.21 -6.86
C THR F 252 13.84 -11.42 -7.81
N GLY F 253 12.66 -11.75 -7.30
CA GLY F 253 11.54 -12.13 -8.13
C GLY F 253 11.46 -13.59 -8.48
N ARG F 254 12.45 -14.39 -8.11
CA ARG F 254 12.47 -15.81 -8.40
C ARG F 254 12.02 -16.60 -7.16
N HIS F 255 10.94 -17.37 -7.31
CA HIS F 255 10.26 -18.01 -6.19
C HIS F 255 10.65 -19.48 -6.15
N TYR F 256 11.36 -19.90 -5.10
CA TYR F 256 11.74 -21.28 -4.88
C TYR F 256 10.94 -21.87 -3.73
N HIS F 257 10.76 -23.19 -3.77
CA HIS F 257 10.14 -23.94 -2.68
C HIS F 257 10.97 -25.18 -2.43
N LEU F 258 10.74 -25.82 -1.28
CA LEU F 258 11.48 -27.04 -0.95
C LEU F 258 11.31 -28.10 -2.04
N PHE F 259 10.11 -28.21 -2.60
CA PHE F 259 9.87 -29.01 -3.79
C PHE F 259 9.06 -28.18 -4.77
N ASP F 260 9.52 -28.12 -6.01
CA ASP F 260 8.85 -27.37 -7.06
C ASP F 260 8.29 -28.31 -8.11
N TYR F 261 7.16 -27.94 -8.70
CA TYR F 261 6.51 -28.71 -9.74
C TYR F 261 6.49 -27.92 -11.05
N ALA F 262 6.66 -28.63 -12.16
CA ALA F 262 6.55 -28.07 -13.49
C ALA F 262 5.92 -29.09 -14.42
N GLY F 263 4.98 -28.63 -15.24
CA GLY F 263 4.33 -29.49 -16.21
C GLY F 263 2.82 -29.33 -16.15
N ALA F 264 2.14 -30.30 -16.76
CA ALA F 264 0.69 -30.24 -16.86
C ALA F 264 0.05 -30.34 -15.48
N PRO F 265 -0.96 -29.52 -15.18
CA PRO F 265 -1.66 -29.67 -13.89
C PRO F 265 -2.41 -30.97 -13.76
N ASP F 266 -2.75 -31.62 -14.88
CA ASP F 266 -3.44 -32.90 -14.87
C ASP F 266 -2.52 -34.03 -15.33
N ALA F 267 -1.23 -33.93 -15.01
CA ALA F 267 -0.28 -34.93 -15.45
C ALA F 267 -0.54 -36.27 -14.79
N GLU F 268 -0.30 -37.34 -15.55
CA GLU F 268 -0.40 -38.70 -15.05
C GLU F 268 0.94 -39.38 -14.89
N ARG F 269 1.97 -38.92 -15.60
CA ARG F 269 3.33 -39.42 -15.50
C ARG F 269 4.23 -38.27 -15.07
N VAL F 270 4.96 -38.45 -13.98
CA VAL F 270 5.78 -37.40 -13.40
C VAL F 270 7.17 -37.97 -13.12
N ILE F 271 8.20 -37.19 -13.44
CA ILE F 271 9.57 -37.54 -13.10
C ILE F 271 9.97 -36.74 -11.87
N VAL F 272 10.55 -37.42 -10.88
CA VAL F 272 11.12 -36.78 -9.71
C VAL F 272 12.63 -36.87 -9.85
N SER F 273 13.30 -35.71 -9.80
CA SER F 273 14.73 -35.67 -10.04
C SER F 273 15.32 -34.48 -9.27
N MET F 274 16.64 -34.32 -9.42
CA MET F 274 17.42 -33.43 -8.57
C MET F 274 18.62 -32.96 -9.37
N GLY F 275 19.02 -31.70 -9.14
CA GLY F 275 20.18 -31.17 -9.83
C GLY F 275 19.88 -30.71 -11.24
N SER F 276 20.95 -30.60 -12.04
CA SER F 276 20.83 -30.04 -13.39
C SER F 276 19.94 -30.86 -14.29
N SER F 277 19.65 -32.12 -13.95
CA SER F 277 18.71 -32.90 -14.74
C SER F 277 17.34 -32.24 -14.81
N CYS F 278 16.98 -31.49 -13.76
CA CYS F 278 15.68 -30.82 -13.75
C CYS F 278 15.56 -29.81 -14.89
N GLU F 279 16.67 -29.19 -15.27
CA GLU F 279 16.64 -28.26 -16.39
C GLU F 279 16.29 -28.99 -17.69
N VAL F 280 16.98 -30.11 -17.94
CA VAL F 280 16.71 -30.89 -19.15
C VAL F 280 15.28 -31.42 -19.12
N ILE F 281 14.81 -31.83 -17.95
CA ILE F 281 13.48 -32.44 -17.85
C ILE F 281 12.39 -31.40 -18.06
N GLU F 282 12.54 -30.21 -17.46
CA GLU F 282 11.52 -29.18 -17.63
C GLU F 282 11.46 -28.71 -19.08
N GLU F 283 12.63 -28.55 -19.71
CA GLU F 283 12.65 -28.21 -21.14
C GLU F 283 11.95 -29.29 -21.95
N THR F 284 12.19 -30.56 -21.63
CA THR F 284 11.50 -31.64 -22.32
C THR F 284 10.01 -31.65 -22.01
N VAL F 285 9.63 -31.36 -20.76
CA VAL F 285 8.22 -31.36 -20.38
C VAL F 285 7.45 -30.30 -21.16
N ASN F 286 8.03 -29.10 -21.29
CA ASN F 286 7.41 -28.07 -22.11
C ASN F 286 7.15 -28.59 -23.52
N TYR F 287 8.11 -29.30 -24.09
CA TYR F 287 7.96 -29.86 -25.43
C TYR F 287 6.87 -30.91 -25.48
N LEU F 288 6.82 -31.79 -24.47
CA LEU F 288 5.84 -32.87 -24.48
C LEU F 288 4.44 -32.36 -24.17
N VAL F 289 4.31 -31.43 -23.22
CA VAL F 289 3.01 -30.86 -22.89
C VAL F 289 2.45 -30.12 -24.10
N GLU F 290 3.30 -29.42 -24.84
CA GLU F 290 2.86 -28.75 -26.05
C GLU F 290 2.33 -29.74 -27.08
N LYS F 291 2.87 -30.98 -27.07
CA LYS F 291 2.38 -32.03 -27.94
C LYS F 291 1.14 -32.72 -27.37
N GLY F 292 0.68 -32.33 -26.18
CA GLY F 292 -0.52 -32.88 -25.60
C GLY F 292 -0.32 -33.94 -24.54
N GLU F 293 0.92 -34.34 -24.27
CA GLU F 293 1.16 -35.39 -23.29
C GLU F 293 0.96 -34.89 -21.87
N LYS F 294 0.39 -35.74 -21.02
CA LYS F 294 0.11 -35.39 -19.63
C LYS F 294 1.28 -35.81 -18.76
N VAL F 295 2.35 -35.00 -18.80
CA VAL F 295 3.58 -35.29 -18.07
C VAL F 295 3.96 -34.09 -17.21
N GLY F 296 4.77 -34.36 -16.19
CA GLY F 296 5.19 -33.34 -15.24
C GLY F 296 6.50 -33.68 -14.60
N LEU F 297 6.98 -32.77 -13.76
CA LEU F 297 8.29 -32.89 -13.13
C LEU F 297 8.25 -32.28 -11.74
N ILE F 298 8.83 -32.98 -10.77
CA ILE F 298 9.02 -32.48 -9.41
C ILE F 298 10.52 -32.28 -9.20
N LYS F 299 10.91 -31.03 -8.96
CA LYS F 299 12.30 -30.71 -8.64
C LYS F 299 12.53 -30.80 -7.14
N VAL F 300 13.49 -31.62 -6.73
CA VAL F 300 13.85 -31.73 -5.33
C VAL F 300 14.90 -30.67 -5.04
N ARG F 301 14.55 -29.67 -4.24
CA ARG F 301 15.51 -28.65 -3.79
C ARG F 301 16.09 -29.00 -2.44
N LEU F 302 15.24 -29.14 -1.41
CA LEU F 302 15.68 -29.52 -0.08
C LEU F 302 15.56 -31.03 0.03
N PHE F 303 16.68 -31.72 -0.16
CA PHE F 303 16.68 -33.18 -0.07
C PHE F 303 16.68 -33.64 1.38
N ARG F 304 17.37 -32.91 2.27
CA ARG F 304 17.41 -33.18 3.69
C ARG F 304 17.32 -31.85 4.42
N PRO F 305 16.46 -31.74 5.44
CA PRO F 305 15.47 -32.75 5.84
C PRO F 305 14.35 -32.91 4.83
N PHE F 306 13.92 -34.15 4.61
CA PHE F 306 12.89 -34.45 3.62
C PHE F 306 11.53 -34.16 4.24
N SER F 307 10.85 -33.14 3.73
CA SER F 307 9.55 -32.70 4.26
C SER F 307 8.44 -33.32 3.42
N ALA F 308 7.73 -34.29 4.00
CA ALA F 308 6.61 -34.92 3.31
C ALA F 308 5.53 -33.90 2.99
N GLU F 309 5.28 -32.97 3.91
CA GLU F 309 4.24 -31.95 3.69
C GLU F 309 4.54 -31.13 2.45
N HIS F 310 5.78 -30.68 2.29
CA HIS F 310 6.16 -29.87 1.15
C HIS F 310 6.27 -30.67 -0.14
N PHE F 311 6.52 -31.98 -0.05
CA PHE F 311 6.56 -32.80 -1.25
C PHE F 311 5.15 -33.06 -1.77
N LEU F 312 4.25 -33.48 -0.89
CA LEU F 312 2.89 -33.79 -1.31
C LEU F 312 2.09 -32.56 -1.73
N LYS F 313 2.47 -31.38 -1.23
CA LYS F 313 1.72 -30.17 -1.57
C LYS F 313 1.78 -29.86 -3.06
N VAL F 314 2.87 -30.25 -3.72
CA VAL F 314 3.05 -29.99 -5.15
C VAL F 314 2.82 -31.24 -5.99
N LEU F 315 2.34 -32.32 -5.40
CA LEU F 315 2.10 -33.55 -6.13
C LEU F 315 0.67 -33.54 -6.66
N PRO F 316 0.45 -33.45 -7.97
CA PRO F 316 -0.92 -33.37 -8.49
C PRO F 316 -1.73 -34.62 -8.18
N ALA F 317 -3.03 -34.42 -7.93
CA ALA F 317 -3.90 -35.53 -7.58
C ALA F 317 -4.11 -36.51 -8.73
N SER F 318 -3.80 -36.10 -9.96
CA SER F 318 -4.01 -36.93 -11.14
C SER F 318 -2.84 -37.87 -11.43
N VAL F 319 -1.78 -37.82 -10.63
CA VAL F 319 -0.59 -38.62 -10.91
C VAL F 319 -0.88 -40.09 -10.65
N LYS F 320 -0.58 -40.93 -11.64
CA LYS F 320 -0.69 -42.38 -11.50
C LYS F 320 0.65 -43.10 -11.52
N ARG F 321 1.66 -42.53 -12.17
CA ARG F 321 2.96 -43.17 -12.32
C ARG F 321 4.08 -42.17 -12.16
N ILE F 322 5.12 -42.55 -11.42
CA ILE F 322 6.26 -41.69 -11.14
C ILE F 322 7.53 -42.46 -11.45
N ALA F 323 8.45 -41.80 -12.15
CA ALA F 323 9.80 -42.32 -12.34
C ALA F 323 10.78 -41.42 -11.59
N VAL F 324 11.54 -42.02 -10.68
CA VAL F 324 12.51 -41.29 -9.88
C VAL F 324 13.89 -41.53 -10.48
N LEU F 325 14.65 -40.46 -10.65
CA LEU F 325 15.98 -40.50 -11.24
C LEU F 325 17.00 -40.16 -10.17
N ASP F 326 17.97 -41.04 -9.96
CA ASP F 326 19.06 -40.83 -9.03
C ASP F 326 20.36 -40.72 -9.80
N ARG F 327 21.16 -39.71 -9.48
CA ARG F 327 22.47 -39.53 -10.12
C ARG F 327 23.56 -40.20 -9.29
N THR F 328 23.32 -41.47 -8.96
CA THR F 328 24.27 -42.23 -8.16
C THR F 328 23.99 -43.71 -8.37
N LYS F 329 24.88 -44.53 -7.84
CA LYS F 329 24.72 -45.98 -7.84
C LYS F 329 25.18 -46.51 -6.51
N GLU F 330 24.32 -47.30 -5.85
CA GLU F 330 24.64 -47.98 -4.60
C GLU F 330 24.54 -49.47 -4.89
N PRO F 331 25.64 -50.12 -5.24
CA PRO F 331 25.56 -51.52 -5.69
C PRO F 331 24.98 -52.41 -4.60
N GLY F 332 24.07 -53.30 -5.00
CA GLY F 332 23.43 -54.19 -4.07
C GLY F 332 22.25 -53.61 -3.32
N SER F 333 22.07 -52.30 -3.33
CA SER F 333 20.93 -51.71 -2.65
C SER F 333 19.64 -52.08 -3.37
N LEU F 334 18.54 -52.05 -2.60
CA LEU F 334 17.23 -52.29 -3.19
C LEU F 334 16.88 -51.20 -4.19
N GLY F 335 17.27 -49.97 -3.89
CA GLY F 335 17.09 -48.85 -4.79
C GLY F 335 18.00 -47.71 -4.38
N GLU F 336 18.08 -46.72 -5.24
CA GLU F 336 18.92 -45.57 -4.95
C GLU F 336 18.21 -44.61 -4.00
N PRO F 337 18.94 -43.67 -3.38
CA PRO F 337 18.35 -42.92 -2.24
C PRO F 337 17.06 -42.19 -2.54
N LEU F 338 17.01 -41.37 -3.60
CA LEU F 338 15.81 -40.59 -3.86
C LEU F 338 14.63 -41.49 -4.19
N TYR F 339 14.88 -42.60 -4.90
CA TYR F 339 13.81 -43.55 -5.20
C TYR F 339 13.22 -44.13 -3.93
N GLU F 340 14.06 -44.48 -2.95
CA GLU F 340 13.54 -45.04 -1.72
C GLU F 340 12.80 -44.00 -0.89
N ASP F 341 13.21 -42.74 -0.96
CA ASP F 341 12.47 -41.68 -0.28
C ASP F 341 11.08 -41.51 -0.90
N VAL F 342 11.02 -41.41 -2.23
CA VAL F 342 9.74 -41.23 -2.91
C VAL F 342 8.82 -42.42 -2.65
N GLN F 343 9.36 -43.63 -2.73
CA GLN F 343 8.58 -44.83 -2.46
C GLN F 343 8.06 -44.83 -1.02
N THR F 344 8.89 -44.40 -0.08
CA THR F 344 8.51 -44.40 1.33
C THR F 344 7.42 -43.38 1.62
N VAL F 345 7.61 -42.13 1.17
CA VAL F 345 6.67 -41.07 1.52
C VAL F 345 5.29 -41.35 0.96
N LEU F 346 5.23 -41.89 -0.27
CA LEU F 346 3.94 -42.21 -0.86
C LEU F 346 3.27 -43.37 -0.14
N ALA F 347 4.06 -44.31 0.39
CA ALA F 347 3.48 -45.41 1.16
C ALA F 347 2.91 -44.92 2.48
N GLU F 348 3.61 -44.01 3.16
CA GLU F 348 3.15 -43.53 4.45
C GLU F 348 1.81 -42.79 4.36
N HIS F 349 1.44 -42.33 3.17
CA HIS F 349 0.19 -41.61 2.96
C HIS F 349 -0.78 -42.36 2.07
N GLY F 350 -0.55 -43.66 1.87
CA GLY F 350 -1.51 -44.49 1.17
C GLY F 350 -1.78 -44.09 -0.26
N LYS F 351 -0.85 -43.40 -0.90
CA LYS F 351 -1.02 -43.04 -2.30
C LYS F 351 -0.84 -44.27 -3.17
N ASN F 352 -1.82 -44.53 -4.04
CA ASN F 352 -1.75 -45.68 -4.94
C ASN F 352 -1.11 -45.22 -6.25
N ILE F 353 0.21 -45.08 -6.21
CA ILE F 353 1.00 -44.60 -7.33
C ILE F 353 2.10 -45.59 -7.63
N LEU F 354 2.18 -46.02 -8.89
CA LEU F 354 3.28 -46.88 -9.33
C LEU F 354 4.58 -46.08 -9.41
N VAL F 355 5.57 -46.48 -8.63
CA VAL F 355 6.85 -45.77 -8.57
C VAL F 355 7.95 -46.67 -9.12
N VAL F 356 8.82 -46.08 -9.93
CA VAL F 356 9.92 -46.80 -10.56
C VAL F 356 11.17 -45.92 -10.50
N GLY F 357 12.31 -46.53 -10.22
CA GLY F 357 13.56 -45.80 -10.05
C GLY F 357 14.60 -46.20 -11.07
N GLY F 358 15.43 -45.23 -11.45
CA GLY F 358 16.49 -45.46 -12.41
C GLY F 358 17.70 -44.61 -12.08
N ARG F 359 18.79 -44.89 -12.82
CA ARG F 359 20.06 -44.19 -12.66
C ARG F 359 20.44 -43.50 -13.96
N TYR F 360 21.14 -42.37 -13.83
CA TYR F 360 21.52 -41.57 -14.99
C TYR F 360 22.78 -40.77 -14.65
N GLY F 361 23.45 -40.32 -15.71
CA GLY F 361 24.45 -39.25 -15.60
C GLY F 361 25.62 -39.54 -14.69
N LEU F 362 25.99 -40.80 -14.50
CA LEU F 362 27.15 -41.12 -13.67
C LEU F 362 28.41 -40.64 -14.35
N GLY F 363 29.27 -39.97 -13.58
CA GLY F 363 30.52 -39.44 -14.13
C GLY F 363 30.32 -38.47 -15.27
N SER F 364 29.33 -37.57 -15.15
CA SER F 364 28.99 -36.59 -16.19
C SER F 364 28.56 -37.27 -17.49
N LYS F 365 27.96 -38.45 -17.40
CA LYS F 365 27.37 -39.06 -18.57
C LYS F 365 26.28 -38.15 -19.12
N GLU F 366 26.25 -37.98 -20.44
CA GLU F 366 25.29 -37.07 -21.06
C GLU F 366 23.87 -37.47 -20.70
N PHE F 367 23.03 -36.46 -20.46
CA PHE F 367 21.61 -36.65 -20.14
C PHE F 367 20.85 -35.58 -20.92
N ASN F 368 20.35 -35.96 -22.09
CA ASN F 368 19.73 -35.06 -23.05
C ASN F 368 18.22 -35.33 -23.17
N PRO F 369 17.48 -34.46 -23.89
CA PRO F 369 16.02 -34.65 -23.96
C PRO F 369 15.58 -36.00 -24.52
N SER F 370 16.33 -36.57 -25.46
CA SER F 370 15.95 -37.89 -25.97
C SER F 370 15.95 -38.92 -24.86
N MET F 371 16.87 -38.79 -23.90
CA MET F 371 16.87 -39.69 -22.75
C MET F 371 15.70 -39.40 -21.81
N VAL F 372 15.36 -38.11 -21.63
CA VAL F 372 14.23 -37.76 -20.78
C VAL F 372 12.94 -38.38 -21.32
N LYS F 373 12.77 -38.36 -22.64
CA LYS F 373 11.60 -38.98 -23.24
C LYS F 373 11.59 -40.48 -23.02
N ALA F 374 12.76 -41.12 -23.07
CA ALA F 374 12.83 -42.55 -22.81
C ALA F 374 12.33 -42.89 -21.42
N VAL F 375 12.63 -42.03 -20.44
CA VAL F 375 12.09 -42.23 -19.09
C VAL F 375 10.58 -42.06 -19.09
N PHE F 376 10.06 -41.03 -19.77
CA PHE F 376 8.62 -40.86 -19.86
C PHE F 376 7.97 -41.98 -20.66
N ASP F 377 8.62 -42.42 -21.74
CA ASP F 377 8.06 -43.51 -22.52
C ASP F 377 8.02 -44.80 -21.71
N ASN F 378 9.01 -45.02 -20.84
CA ASN F 378 9.00 -46.20 -20.00
C ASN F 378 7.84 -46.17 -19.02
N LEU F 379 7.46 -44.98 -18.54
CA LEU F 379 6.28 -44.85 -17.70
C LEU F 379 5.00 -45.15 -18.48
N ALA F 380 5.02 -44.98 -19.80
CA ALA F 380 3.85 -45.24 -20.63
C ALA F 380 3.75 -46.70 -21.07
N ALA F 381 4.76 -47.52 -20.80
CA ALA F 381 4.71 -48.92 -21.20
C ALA F 381 3.69 -49.68 -20.36
N THR F 382 3.28 -50.84 -20.87
CA THR F 382 2.34 -51.69 -20.13
C THR F 382 2.93 -52.11 -18.79
N THR F 383 4.17 -52.58 -18.80
CA THR F 383 4.89 -52.91 -17.57
C THR F 383 6.19 -52.10 -17.56
N PRO F 384 6.22 -50.95 -16.89
CA PRO F 384 7.45 -50.15 -16.84
C PRO F 384 8.59 -50.94 -16.21
N LYS F 385 9.75 -50.89 -16.85
CA LYS F 385 10.94 -51.52 -16.29
C LYS F 385 11.41 -50.72 -15.08
N ASN F 386 11.69 -51.42 -13.99
CA ASN F 386 12.20 -50.80 -12.77
C ASN F 386 13.69 -51.07 -12.62
N LYS F 387 14.33 -50.26 -11.78
CA LYS F 387 15.77 -50.36 -11.53
C LYS F 387 16.55 -50.23 -12.84
N PHE F 388 16.23 -49.19 -13.61
CA PHE F 388 16.76 -49.03 -14.96
C PHE F 388 17.93 -48.06 -14.97
N THR F 389 18.55 -47.94 -16.15
CA THR F 389 19.61 -46.98 -16.40
C THR F 389 19.33 -46.27 -17.72
N VAL F 390 19.83 -45.04 -17.85
CA VAL F 390 19.62 -44.23 -19.05
C VAL F 390 20.95 -43.64 -19.46
N GLY F 391 21.26 -43.71 -20.75
CA GLY F 391 22.49 -43.16 -21.27
C GLY F 391 23.54 -44.20 -21.63
N ILE F 392 23.29 -45.48 -21.37
CA ILE F 392 24.23 -46.55 -21.69
C ILE F 392 23.46 -47.66 -22.40
N THR F 393 24.20 -48.61 -22.93
CA THR F 393 23.64 -49.83 -23.50
C THR F 393 24.10 -50.98 -22.62
N ASP F 394 23.21 -51.46 -21.75
CA ASP F 394 23.54 -52.54 -20.82
C ASP F 394 23.12 -53.86 -21.46
N ASP F 395 24.05 -54.46 -22.21
CA ASP F 395 23.80 -55.75 -22.84
C ASP F 395 24.19 -56.93 -21.95
N VAL F 396 24.49 -56.68 -20.68
CA VAL F 396 24.85 -57.76 -19.76
C VAL F 396 23.68 -58.06 -18.84
N THR F 397 23.21 -57.05 -18.11
CA THR F 397 22.08 -57.20 -17.21
C THR F 397 20.82 -56.50 -17.71
N HIS F 398 20.85 -55.84 -18.86
CA HIS F 398 19.65 -55.35 -19.55
C HIS F 398 18.86 -54.38 -18.67
N THR F 399 19.57 -53.44 -18.05
CA THR F 399 18.94 -52.41 -17.24
C THR F 399 18.67 -51.13 -18.02
N SER F 400 19.28 -50.97 -19.18
CA SER F 400 19.21 -49.70 -19.91
C SER F 400 17.89 -49.57 -20.67
N LEU F 401 17.38 -48.34 -20.73
CA LEU F 401 16.22 -48.03 -21.52
C LEU F 401 16.62 -47.84 -22.98
N GLU F 402 15.74 -48.24 -23.89
CA GLU F 402 16.00 -48.05 -25.31
C GLU F 402 15.70 -46.61 -25.69
N ILE F 403 16.69 -45.96 -26.30
CA ILE F 403 16.51 -44.60 -26.83
C ILE F 403 15.84 -44.73 -28.19
N LYS F 404 14.51 -44.60 -28.23
CA LYS F 404 13.76 -44.91 -29.43
C LYS F 404 13.99 -43.87 -30.52
N GLU F 405 13.65 -42.61 -30.25
CA GLU F 405 13.75 -41.57 -31.26
C GLU F 405 14.53 -40.37 -30.73
N HIS F 406 14.98 -39.55 -31.68
CA HIS F 406 15.75 -38.33 -31.39
C HIS F 406 14.81 -37.13 -31.52
N ILE F 407 14.70 -36.35 -30.44
CA ILE F 407 13.83 -35.18 -30.43
C ILE F 407 14.66 -33.94 -30.18
N ASP F 408 14.15 -32.80 -30.65
CA ASP F 408 14.78 -31.50 -30.46
C ASP F 408 13.82 -30.63 -29.67
N THR F 409 14.09 -30.45 -28.38
CA THR F 409 13.24 -29.67 -27.50
C THR F 409 13.79 -28.27 -27.25
N SER F 410 14.82 -27.86 -27.98
CA SER F 410 15.40 -26.54 -27.78
C SER F 410 14.40 -25.46 -28.19
N PRO F 411 14.21 -24.42 -27.37
CA PRO F 411 13.28 -23.35 -27.73
C PRO F 411 13.69 -22.65 -29.02
N LYS F 412 12.69 -22.32 -29.84
CA LYS F 412 12.96 -21.65 -31.10
C LYS F 412 13.57 -20.28 -30.85
N GLY F 413 14.52 -19.90 -31.69
CA GLY F 413 15.24 -18.66 -31.54
C GLY F 413 16.55 -18.74 -30.79
N THR F 414 16.92 -19.93 -30.31
CA THR F 414 18.18 -20.12 -29.62
C THR F 414 19.25 -20.50 -30.65
N PHE F 415 20.30 -19.71 -30.72
CA PHE F 415 21.42 -19.99 -31.62
C PHE F 415 22.37 -20.97 -30.95
N ARG F 416 22.92 -21.89 -31.75
CA ARG F 416 23.74 -22.98 -31.23
C ARG F 416 25.01 -23.11 -32.05
N CYS F 417 26.15 -23.16 -31.38
CA CYS F 417 27.44 -23.21 -32.05
C CYS F 417 28.34 -24.26 -31.39
N LYS F 418 29.06 -25.01 -32.22
CA LYS F 418 30.10 -25.91 -31.75
C LYS F 418 31.43 -25.50 -32.36
N PHE F 419 32.49 -25.53 -31.55
CA PHE F 419 33.84 -25.18 -31.96
C PHE F 419 34.76 -26.35 -31.65
N PHE F 420 35.26 -27.00 -32.70
CA PHE F 420 36.26 -28.06 -32.55
C PHE F 420 37.64 -27.41 -32.56
N GLY F 421 38.33 -27.46 -31.42
CA GLY F 421 39.62 -26.85 -31.27
C GLY F 421 40.69 -27.86 -30.88
N LEU F 422 41.93 -27.39 -30.88
CA LEU F 422 43.07 -28.16 -30.43
C LEU F 422 43.46 -27.70 -29.04
N GLY F 423 44.06 -28.61 -28.27
CA GLY F 423 44.48 -28.31 -26.91
C GLY F 423 45.33 -27.06 -26.78
N SER F 424 44.83 -26.09 -26.02
CA SER F 424 45.55 -24.84 -25.72
C SER F 424 45.85 -24.03 -26.97
N ASP F 425 44.97 -24.08 -27.96
CA ASP F 425 45.09 -23.22 -29.14
C ASP F 425 44.32 -21.92 -28.99
N GLY F 426 43.68 -21.70 -27.84
CA GLY F 426 42.94 -20.48 -27.59
C GLY F 426 41.47 -20.56 -27.92
N THR F 427 41.01 -21.66 -28.52
CA THR F 427 39.62 -21.75 -28.94
C THR F 427 38.68 -21.66 -27.76
N VAL F 428 38.92 -22.48 -26.73
CA VAL F 428 38.08 -22.47 -25.53
C VAL F 428 38.13 -21.10 -24.87
N GLY F 429 39.34 -20.54 -24.74
CA GLY F 429 39.48 -19.23 -24.13
C GLY F 429 38.75 -18.15 -24.92
N ALA F 430 38.85 -18.19 -26.25
CA ALA F 430 38.16 -17.21 -27.08
C ALA F 430 36.65 -17.37 -26.98
N ASN F 431 36.16 -18.62 -27.00
CA ASN F 431 34.73 -18.85 -26.89
C ASN F 431 34.20 -18.44 -25.53
N LYS F 432 35.00 -18.62 -24.47
CA LYS F 432 34.62 -18.06 -23.18
C LYS F 432 34.50 -16.55 -23.26
N ASN F 433 35.42 -15.91 -24.00
CA ASN F 433 35.36 -14.46 -24.19
C ASN F 433 34.15 -14.06 -25.04
N SER F 434 33.78 -14.88 -26.02
CA SER F 434 32.64 -14.55 -26.87
C SER F 434 31.34 -14.53 -26.08
N ILE F 435 31.20 -15.44 -25.12
CA ILE F 435 29.96 -15.53 -24.35
C ILE F 435 29.77 -14.28 -23.49
N LYS F 436 30.83 -13.83 -22.82
CA LYS F 436 30.73 -12.62 -22.01
C LYS F 436 30.40 -11.41 -22.88
N ILE F 437 31.01 -11.34 -24.06
CA ILE F 437 30.70 -10.27 -25.01
C ILE F 437 29.21 -10.25 -25.33
N ILE F 438 28.67 -11.40 -25.71
CA ILE F 438 27.27 -11.48 -26.08
C ILE F 438 26.38 -11.23 -24.87
N GLY F 439 26.75 -11.75 -23.71
CA GLY F 439 25.92 -11.58 -22.53
C GLY F 439 25.89 -10.16 -22.02
N ASP F 440 27.03 -9.47 -22.08
CA ASP F 440 27.14 -8.12 -21.53
C ASP F 440 26.54 -7.05 -22.44
N HIS F 441 26.42 -7.33 -23.74
CA HIS F 441 26.05 -6.29 -24.71
C HIS F 441 24.77 -6.57 -25.46
N THR F 442 24.05 -7.65 -25.16
CA THR F 442 22.76 -7.92 -25.76
C THR F 442 21.74 -8.24 -24.67
N ASP F 443 20.46 -8.28 -25.07
CA ASP F 443 19.40 -8.71 -24.17
C ASP F 443 19.26 -10.23 -24.11
N MET F 444 20.10 -10.96 -24.81
CA MET F 444 19.97 -12.40 -24.92
C MET F 444 20.59 -13.12 -23.72
N TYR F 445 19.97 -14.23 -23.35
CA TYR F 445 20.59 -15.16 -22.42
C TYR F 445 21.76 -15.85 -23.12
N ALA F 446 22.78 -16.20 -22.34
CA ALA F 446 23.99 -16.80 -22.90
C ALA F 446 24.42 -17.97 -22.04
N GLN F 447 24.84 -19.06 -22.71
CA GLN F 447 25.29 -20.28 -22.05
C GLN F 447 26.52 -20.83 -22.74
N GLY F 448 27.48 -21.28 -21.94
CA GLY F 448 28.68 -21.89 -22.47
C GLY F 448 29.12 -23.13 -21.72
N TYR F 449 29.48 -24.18 -22.46
CA TYR F 449 30.01 -25.41 -21.88
C TYR F 449 31.18 -25.89 -22.74
N PHE F 450 32.23 -26.39 -22.08
CA PHE F 450 33.50 -26.65 -22.75
C PHE F 450 33.99 -28.04 -22.40
N VAL F 451 34.23 -28.86 -23.43
CA VAL F 451 34.64 -30.24 -23.28
C VAL F 451 36.16 -30.32 -23.47
N TYR F 452 36.85 -30.83 -22.46
CA TYR F 452 38.30 -30.95 -22.47
C TYR F 452 38.69 -32.42 -22.63
N ASP F 453 39.97 -32.64 -22.88
CA ASP F 453 40.52 -33.97 -23.07
C ASP F 453 41.48 -34.31 -21.94
N SER F 454 41.73 -35.61 -21.75
CA SER F 454 42.68 -36.04 -20.73
C SER F 454 44.12 -35.77 -21.15
N LYS F 455 44.39 -35.66 -22.45
CA LYS F 455 45.74 -35.34 -22.91
C LYS F 455 46.06 -33.88 -22.58
N LYS F 456 47.25 -33.65 -22.02
CA LYS F 456 47.61 -32.31 -21.59
C LYS F 456 48.02 -31.43 -22.76
N SER F 457 48.51 -32.01 -23.85
CA SER F 457 48.90 -31.27 -25.04
C SER F 457 48.35 -31.96 -26.27
N GLY F 458 47.71 -31.19 -27.15
CA GLY F 458 47.23 -31.75 -28.40
C GLY F 458 45.89 -32.45 -28.34
N GLY F 459 45.10 -32.22 -27.28
CA GLY F 459 43.81 -32.86 -27.18
C GLY F 459 42.74 -32.13 -27.98
N VAL F 460 41.60 -32.80 -28.13
CA VAL F 460 40.46 -32.25 -28.83
C VAL F 460 39.58 -31.48 -27.85
N THR F 461 39.19 -30.27 -28.22
CA THR F 461 38.28 -29.47 -27.43
C THR F 461 37.05 -29.11 -28.25
N ILE F 462 35.88 -29.17 -27.62
CA ILE F 462 34.62 -28.83 -28.25
C ILE F 462 33.91 -27.81 -27.38
N SER F 463 33.74 -26.60 -27.90
CA SER F 463 33.04 -25.55 -27.18
C SER F 463 31.56 -25.55 -27.60
N HIS F 464 30.67 -25.43 -26.63
CA HIS F 464 29.23 -25.42 -26.87
C HIS F 464 28.65 -24.09 -26.40
N LEU F 465 28.15 -23.29 -27.33
CA LEU F 465 27.61 -21.98 -27.03
C LEU F 465 26.14 -21.90 -27.44
N ARG F 466 25.33 -21.25 -26.59
CA ARG F 466 23.93 -21.02 -26.90
C ARG F 466 23.58 -19.61 -26.47
N PHE F 467 22.89 -18.87 -27.34
CA PHE F 467 22.35 -17.57 -27.01
C PHE F 467 20.96 -17.44 -27.61
N GLY F 468 20.03 -16.88 -26.84
CA GLY F 468 18.68 -16.73 -27.30
C GLY F 468 17.93 -15.74 -26.45
N LYS F 469 16.74 -15.36 -26.93
CA LYS F 469 15.86 -14.48 -26.18
C LYS F 469 15.16 -15.17 -25.03
N GLN F 470 15.23 -16.50 -24.95
CA GLN F 470 14.57 -17.27 -23.90
C GLN F 470 15.59 -17.86 -22.94
N PRO F 471 15.19 -18.13 -21.69
CA PRO F 471 16.11 -18.77 -20.73
C PRO F 471 16.65 -20.08 -21.26
N ILE F 472 17.94 -20.30 -21.05
CA ILE F 472 18.65 -21.46 -21.59
C ILE F 472 18.71 -22.52 -20.50
N GLN F 473 17.84 -23.52 -20.61
CA GLN F 473 17.82 -24.66 -19.70
C GLN F 473 18.51 -25.89 -20.28
N SER F 474 19.23 -25.74 -21.39
CA SER F 474 19.78 -26.89 -22.10
C SER F 474 21.11 -27.32 -21.46
N ALA F 475 20.99 -28.03 -20.34
CA ALA F 475 22.15 -28.56 -19.63
C ALA F 475 22.64 -29.87 -20.26
N TYR F 476 22.91 -29.80 -21.56
CA TYR F 476 23.39 -30.95 -22.32
C TYR F 476 24.13 -30.44 -23.55
N LEU F 477 24.85 -31.35 -24.20
CA LEU F 477 25.63 -30.98 -25.37
C LEU F 477 24.69 -30.62 -26.52
N ILE F 478 25.23 -29.84 -27.46
CA ILE F 478 24.42 -29.33 -28.56
C ILE F 478 24.12 -30.44 -29.56
N ASP F 479 22.84 -30.61 -29.89
CA ASP F 479 22.40 -31.60 -30.85
C ASP F 479 22.31 -31.02 -32.27
N GLN F 480 21.60 -29.91 -32.44
CA GLN F 480 21.41 -29.27 -33.74
C GLN F 480 22.09 -27.91 -33.70
N ALA F 481 23.20 -27.79 -34.42
CA ALA F 481 24.01 -26.59 -34.42
C ALA F 481 23.65 -25.70 -35.61
N ASP F 482 23.48 -24.40 -35.34
CA ASP F 482 23.35 -23.43 -36.42
C ASP F 482 24.70 -23.13 -37.06
N LEU F 483 25.78 -23.23 -36.28
CA LEU F 483 27.12 -22.94 -36.75
C LEU F 483 28.08 -23.96 -36.14
N ILE F 484 28.99 -24.47 -36.97
CA ILE F 484 30.04 -25.38 -36.54
C ILE F 484 31.37 -24.86 -37.07
N ALA F 485 32.35 -24.71 -36.18
CA ALA F 485 33.67 -24.20 -36.54
C ALA F 485 34.70 -25.28 -36.26
N CYS F 486 35.61 -25.50 -37.22
CA CYS F 486 36.70 -26.45 -37.08
C CYS F 486 38.02 -25.68 -37.16
N HIS F 487 38.70 -25.54 -36.03
CA HIS F 487 39.92 -24.77 -35.95
C HIS F 487 41.18 -25.59 -36.21
N ASN F 488 41.03 -26.88 -36.55
CA ASN F 488 42.19 -27.72 -36.84
C ASN F 488 41.91 -28.53 -38.10
N PRO F 489 42.62 -28.27 -39.19
CA PRO F 489 42.37 -29.03 -40.43
C PRO F 489 42.66 -30.52 -40.32
N SER F 490 43.48 -30.94 -39.35
CA SER F 490 43.76 -32.36 -39.20
C SER F 490 42.52 -33.15 -38.83
N TYR F 491 41.54 -32.50 -38.19
CA TYR F 491 40.32 -33.20 -37.80
C TYR F 491 39.47 -33.61 -38.99
N VAL F 492 39.67 -32.96 -40.15
CA VAL F 492 38.92 -33.32 -41.35
C VAL F 492 39.29 -34.73 -41.77
N GLY F 493 38.29 -35.59 -41.88
CA GLY F 493 38.52 -36.99 -42.17
C GLY F 493 38.79 -37.84 -40.96
N ARG F 494 38.94 -37.23 -39.79
CA ARG F 494 39.23 -37.93 -38.54
C ARG F 494 38.04 -37.99 -37.60
N TYR F 495 37.29 -36.89 -37.47
CA TYR F 495 36.13 -36.84 -36.61
C TYR F 495 34.89 -36.42 -37.39
N ASN F 496 33.72 -36.82 -36.88
CA ASN F 496 32.44 -36.48 -37.49
C ASN F 496 32.07 -35.06 -37.08
N LEU F 497 32.72 -34.10 -37.73
CA LEU F 497 32.56 -32.69 -37.35
C LEU F 497 31.15 -32.20 -37.61
N LEU F 498 30.61 -32.49 -38.80
CA LEU F 498 29.32 -31.97 -39.23
C LEU F 498 28.14 -32.74 -38.66
N GLU F 499 28.33 -33.45 -37.55
CA GLU F 499 27.27 -34.23 -36.95
C GLU F 499 26.18 -33.31 -36.40
N GLY F 500 24.95 -33.55 -36.84
CA GLY F 500 23.80 -32.83 -36.30
C GLY F 500 23.66 -31.38 -36.72
N ILE F 501 24.47 -30.89 -37.66
CA ILE F 501 24.33 -29.52 -38.10
C ILE F 501 23.00 -29.36 -38.83
N LYS F 502 22.36 -28.20 -38.67
CA LYS F 502 21.08 -27.99 -39.29
C LYS F 502 21.22 -27.81 -40.80
N PRO F 503 20.21 -28.19 -41.57
CA PRO F 503 20.21 -27.86 -43.00
C PRO F 503 20.25 -26.35 -43.18
N GLY F 504 21.13 -25.90 -44.07
CA GLY F 504 21.34 -24.49 -44.27
C GLY F 504 22.19 -23.81 -43.23
N GLY F 505 22.77 -24.57 -42.30
CA GLY F 505 23.61 -24.00 -41.27
C GLY F 505 24.92 -23.47 -41.81
N ILE F 506 25.75 -22.96 -40.90
CA ILE F 506 27.03 -22.36 -41.23
C ILE F 506 28.13 -23.33 -40.80
N PHE F 507 29.12 -23.51 -41.68
CA PHE F 507 30.32 -24.28 -41.36
C PHE F 507 31.54 -23.43 -41.66
N LEU F 508 32.29 -23.10 -40.62
CA LEU F 508 33.51 -22.30 -40.72
C LEU F 508 34.71 -23.21 -40.53
N LEU F 509 35.67 -23.13 -41.45
CA LEU F 509 36.82 -24.02 -41.45
C LEU F 509 38.11 -23.20 -41.48
N ASN F 510 39.09 -23.62 -40.69
CA ASN F 510 40.44 -23.09 -40.74
C ASN F 510 41.33 -24.12 -41.41
N SER F 511 41.85 -23.79 -42.60
CA SER F 511 42.70 -24.71 -43.33
C SER F 511 43.48 -23.94 -44.40
N THR F 512 44.53 -24.60 -44.89
CA THR F 512 45.34 -24.06 -45.98
C THR F 512 44.86 -24.53 -47.35
N TRP F 513 43.74 -25.24 -47.42
CA TRP F 513 43.27 -25.77 -48.69
C TRP F 513 42.58 -24.66 -49.48
N SER F 514 42.85 -24.61 -50.77
CA SER F 514 42.16 -23.66 -51.63
C SER F 514 40.80 -24.20 -52.04
N ALA F 515 40.04 -23.36 -52.75
CA ALA F 515 38.70 -23.76 -53.16
C ALA F 515 38.74 -24.96 -54.10
N GLU F 516 39.77 -25.05 -54.94
CA GLU F 516 39.87 -26.18 -55.86
C GLU F 516 40.33 -27.45 -55.14
N GLU F 517 41.23 -27.31 -54.18
CA GLU F 517 41.71 -28.45 -53.40
C GLU F 517 40.64 -29.01 -52.47
N MET F 518 39.51 -28.32 -52.30
CA MET F 518 38.45 -28.82 -51.43
C MET F 518 37.96 -30.18 -51.89
N ASP F 519 37.83 -30.36 -53.21
CA ASP F 519 37.39 -31.65 -53.74
C ASP F 519 38.39 -32.76 -53.44
N SER F 520 39.68 -32.43 -53.44
CA SER F 520 40.70 -33.44 -53.22
C SER F 520 41.07 -33.62 -51.76
N ARG F 521 40.80 -32.64 -50.91
CA ARG F 521 41.17 -32.70 -49.50
C ARG F 521 40.04 -33.21 -48.60
N LEU F 522 38.79 -32.79 -48.88
CA LEU F 522 37.67 -33.20 -48.04
C LEU F 522 37.20 -34.61 -48.41
N PRO F 523 36.79 -35.41 -47.44
CA PRO F 523 36.23 -36.73 -47.75
C PRO F 523 34.87 -36.60 -48.41
N ALA F 524 34.45 -37.70 -49.07
CA ALA F 524 33.21 -37.68 -49.84
C ALA F 524 32.00 -37.48 -48.93
N ASP F 525 31.95 -38.15 -47.78
CA ASP F 525 30.82 -38.01 -46.89
C ASP F 525 30.69 -36.58 -46.39
N MET F 526 31.81 -35.89 -46.18
CA MET F 526 31.77 -34.50 -45.76
C MET F 526 31.21 -33.61 -46.87
N LYS F 527 31.59 -33.89 -48.12
CA LYS F 527 31.04 -33.12 -49.24
C LYS F 527 29.55 -33.35 -49.39
N ARG F 528 29.08 -34.58 -49.13
CA ARG F 528 27.67 -34.89 -49.25
C ARG F 528 26.85 -34.09 -48.25
N THR F 529 27.31 -34.04 -46.99
CA THR F 529 26.60 -33.29 -45.97
C THR F 529 26.57 -31.80 -46.30
N ILE F 530 27.70 -31.25 -46.74
CA ILE F 530 27.76 -29.82 -47.07
C ILE F 530 26.80 -29.48 -48.19
N ALA F 531 26.71 -30.35 -49.21
CA ALA F 531 25.88 -30.05 -50.37
C ALA F 531 24.40 -30.32 -50.09
N THR F 532 24.09 -31.51 -49.54
CA THR F 532 22.70 -31.87 -49.33
C THR F 532 22.02 -30.94 -48.33
N LYS F 533 22.72 -30.61 -47.25
CA LYS F 533 22.18 -29.68 -46.26
C LYS F 533 22.31 -28.23 -46.68
N LYS F 534 22.93 -27.98 -47.84
CA LYS F 534 23.10 -26.64 -48.40
C LYS F 534 23.74 -25.69 -47.38
N LEU F 535 24.85 -26.14 -46.80
CA LEU F 535 25.53 -25.37 -45.79
C LEU F 535 26.29 -24.21 -46.42
N LYS F 536 26.40 -23.11 -45.68
CA LYS F 536 27.23 -21.99 -46.08
C LYS F 536 28.65 -22.28 -45.60
N PHE F 537 29.50 -22.69 -46.53
CA PHE F 537 30.85 -23.15 -46.22
C PHE F 537 31.82 -21.98 -46.33
N TYR F 538 32.45 -21.64 -45.21
CA TYR F 538 33.44 -20.58 -45.14
C TYR F 538 34.79 -21.18 -44.78
N ASN F 539 35.85 -20.64 -45.37
CA ASN F 539 37.22 -21.10 -45.12
C ASN F 539 38.13 -19.89 -44.91
N ILE F 540 39.17 -20.09 -44.10
CA ILE F 540 40.15 -19.05 -43.85
C ILE F 540 41.47 -19.72 -43.48
N ASP F 541 42.57 -19.19 -44.02
CA ASP F 541 43.90 -19.69 -43.71
C ASP F 541 44.45 -18.86 -42.54
N ALA F 542 44.00 -19.22 -41.34
CA ALA F 542 44.43 -18.48 -40.14
C ALA F 542 45.91 -18.65 -39.90
N VAL F 543 46.48 -19.79 -40.28
CA VAL F 543 47.92 -20.01 -40.11
C VAL F 543 48.70 -19.02 -40.95
N LYS F 544 48.25 -18.75 -42.17
CA LYS F 544 48.94 -17.80 -43.04
C LYS F 544 48.86 -16.38 -42.47
N ILE F 545 47.71 -15.99 -41.92
CA ILE F 545 47.56 -14.65 -41.37
C ILE F 545 48.46 -14.46 -40.16
N ALA F 546 48.47 -15.43 -39.25
CA ALA F 546 49.27 -15.30 -38.03
C ALA F 546 50.76 -15.25 -38.32
N GLN F 547 51.21 -15.97 -39.35
CA GLN F 547 52.63 -15.94 -39.71
C GLN F 547 53.04 -14.58 -40.26
N GLU F 548 52.23 -14.01 -41.15
CA GLU F 548 52.61 -12.76 -41.82
C GLU F 548 52.59 -11.58 -40.86
N ILE F 549 51.65 -11.57 -39.91
CA ILE F 549 51.58 -10.45 -38.98
C ILE F 549 52.67 -10.55 -37.91
N GLY F 550 53.07 -11.76 -37.52
CA GLY F 550 54.04 -11.94 -36.46
C GLY F 550 53.49 -12.42 -35.15
N LEU F 551 52.24 -12.89 -35.10
CA LEU F 551 51.66 -13.42 -33.88
C LEU F 551 52.01 -14.89 -33.65
N GLY F 552 52.95 -15.42 -34.41
CA GLY F 552 53.32 -16.82 -34.33
C GLY F 552 52.28 -17.74 -34.94
N SER F 553 51.72 -18.65 -34.14
CA SER F 553 50.68 -19.54 -34.61
C SER F 553 49.37 -19.37 -33.84
N ARG F 554 49.25 -18.34 -33.01
CA ARG F 554 48.01 -18.10 -32.29
C ARG F 554 46.93 -17.68 -33.27
N ILE F 555 45.85 -18.46 -33.34
CA ILE F 555 44.75 -18.22 -34.27
C ILE F 555 43.44 -17.98 -33.52
N ASN F 556 43.49 -17.83 -32.19
CA ASN F 556 42.27 -17.66 -31.42
C ASN F 556 41.58 -16.35 -31.78
N VAL F 557 42.36 -15.26 -31.88
CA VAL F 557 41.79 -13.97 -32.24
C VAL F 557 41.24 -14.02 -33.65
N ILE F 558 41.96 -14.68 -34.57
CA ILE F 558 41.54 -14.72 -35.96
C ILE F 558 40.24 -15.49 -36.10
N MET F 559 40.17 -16.69 -35.52
CA MET F 559 38.99 -17.53 -35.67
C MET F 559 37.78 -16.94 -34.94
N GLN F 560 38.00 -16.25 -33.82
CA GLN F 560 36.88 -15.59 -33.15
C GLN F 560 36.31 -14.48 -34.01
N THR F 561 37.19 -13.70 -34.66
CA THR F 561 36.72 -12.66 -35.56
C THR F 561 35.96 -13.24 -36.73
N ALA F 562 36.47 -14.32 -37.32
CA ALA F 562 35.76 -14.97 -38.42
C ALA F 562 34.39 -15.44 -37.99
N PHE F 563 34.25 -15.83 -36.72
CA PHE F 563 32.95 -16.27 -36.20
C PHE F 563 31.94 -15.14 -36.23
N PHE F 564 32.25 -14.01 -35.60
CA PHE F 564 31.30 -12.90 -35.53
C PHE F 564 30.96 -12.35 -36.91
N LYS F 565 31.88 -12.46 -37.87
CA LYS F 565 31.63 -11.94 -39.21
C LYS F 565 30.48 -12.68 -39.89
N ILE F 566 30.30 -13.96 -39.58
CA ILE F 566 29.30 -14.79 -40.24
C ILE F 566 28.15 -15.17 -39.32
N ALA F 567 28.31 -15.06 -38.00
CA ALA F 567 27.27 -15.51 -37.09
C ALA F 567 26.04 -14.60 -37.13
N ASN F 568 26.22 -13.33 -37.44
CA ASN F 568 25.12 -12.36 -37.45
C ASN F 568 24.41 -12.31 -36.09
N VAL F 569 25.20 -12.38 -35.02
CA VAL F 569 24.64 -12.28 -33.68
C VAL F 569 24.43 -10.82 -33.29
N ILE F 570 25.40 -9.96 -33.63
CA ILE F 570 25.30 -8.52 -33.42
C ILE F 570 25.80 -7.84 -34.69
N PRO F 571 25.57 -6.53 -34.87
CA PRO F 571 26.17 -5.83 -36.01
C PRO F 571 27.67 -6.06 -36.06
N VAL F 572 28.17 -6.41 -37.25
CA VAL F 572 29.57 -6.81 -37.39
C VAL F 572 30.51 -5.71 -36.90
N ASP F 573 30.16 -4.45 -37.16
CA ASP F 573 30.99 -3.35 -36.67
C ASP F 573 31.04 -3.32 -35.16
N GLU F 574 29.91 -3.58 -34.49
CA GLU F 574 29.89 -3.60 -33.04
C GLU F 574 30.76 -4.70 -32.47
N ALA F 575 30.77 -5.87 -33.10
CA ALA F 575 31.58 -6.99 -32.62
C ALA F 575 33.07 -6.66 -32.69
N ILE F 576 33.51 -6.02 -33.79
CA ILE F 576 34.92 -5.69 -33.95
C ILE F 576 35.40 -4.79 -32.82
N LYS F 577 34.54 -3.87 -32.37
CA LYS F 577 34.91 -3.02 -31.24
C LYS F 577 35.10 -3.83 -29.97
N TYR F 578 34.17 -4.76 -29.70
CA TYR F 578 34.26 -5.57 -28.50
C TYR F 578 35.47 -6.50 -28.52
N ILE F 579 35.87 -6.98 -29.71
CA ILE F 579 37.04 -7.84 -29.81
C ILE F 579 38.30 -7.07 -29.45
N LYS F 580 38.48 -5.89 -30.04
CA LYS F 580 39.69 -5.11 -29.78
C LYS F 580 39.77 -4.64 -28.33
N ASP F 581 38.64 -4.34 -27.70
CA ASP F 581 38.64 -4.00 -26.29
C ASP F 581 39.11 -5.17 -25.43
N SER F 582 38.69 -6.40 -25.80
CA SER F 582 39.13 -7.58 -25.07
C SER F 582 40.61 -7.87 -25.32
N ILE F 583 41.13 -7.49 -26.48
CA ILE F 583 42.54 -7.71 -26.78
C ILE F 583 43.43 -6.87 -25.85
N VAL F 584 43.04 -5.61 -25.60
CA VAL F 584 43.82 -4.77 -24.71
C VAL F 584 43.84 -5.33 -23.30
N LYS F 585 42.70 -5.84 -22.83
CA LYS F 585 42.64 -6.41 -21.49
C LYS F 585 43.40 -7.74 -21.41
N THR F 586 43.43 -8.50 -22.50
CA THR F 586 44.12 -9.79 -22.50
C THR F 586 45.56 -9.63 -22.98
N MET F 597 49.73 -5.08 -33.22
CA MET F 597 49.97 -6.31 -33.97
C MET F 597 48.74 -7.21 -33.95
N ASN F 598 48.14 -7.34 -32.76
CA ASN F 598 46.93 -8.14 -32.63
C ASN F 598 45.73 -7.51 -33.32
N PHE F 599 45.72 -6.18 -33.46
CA PHE F 599 44.66 -5.52 -34.21
C PHE F 599 44.66 -5.93 -35.68
N ALA F 600 45.85 -6.13 -36.26
CA ALA F 600 45.92 -6.51 -37.66
C ALA F 600 45.30 -7.88 -37.91
N ALA F 601 45.34 -8.77 -36.93
CA ALA F 601 44.72 -10.08 -37.08
C ALA F 601 43.22 -9.95 -37.31
N VAL F 602 42.55 -9.09 -36.55
CA VAL F 602 41.12 -8.87 -36.74
C VAL F 602 40.84 -8.31 -38.14
N ASP F 603 41.60 -7.29 -38.55
CA ASP F 603 41.36 -6.62 -39.81
C ASP F 603 41.58 -7.55 -41.01
N ARG F 604 42.71 -8.25 -41.03
CA ARG F 604 43.01 -9.10 -42.19
C ARG F 604 42.08 -10.30 -42.25
N ALA F 605 41.60 -10.77 -41.10
CA ALA F 605 40.68 -11.91 -41.09
C ALA F 605 39.36 -11.57 -41.76
N LEU F 606 38.91 -10.31 -41.63
CA LEU F 606 37.64 -9.92 -42.24
C LEU F 606 37.69 -10.06 -43.76
N GLU F 607 38.80 -9.68 -44.38
CA GLU F 607 38.93 -9.77 -45.83
C GLU F 607 39.39 -11.14 -46.30
N ALA F 608 39.98 -11.95 -45.43
CA ALA F 608 40.50 -13.25 -45.83
C ALA F 608 39.45 -14.36 -45.73
N LEU F 609 38.35 -14.12 -45.02
CA LEU F 609 37.30 -15.12 -44.93
C LEU F 609 36.60 -15.24 -46.28
N GLU F 610 36.71 -16.41 -46.90
CA GLU F 610 36.21 -16.63 -48.25
C GLU F 610 35.12 -17.70 -48.21
N GLU F 611 33.96 -17.39 -48.77
CA GLU F 611 32.89 -18.37 -48.90
C GLU F 611 33.18 -19.31 -50.06
N ILE F 612 33.05 -20.60 -49.81
CA ILE F 612 33.38 -21.62 -50.80
C ILE F 612 32.11 -21.98 -51.56
N LYS F 613 32.08 -21.64 -52.85
CA LYS F 613 30.96 -22.00 -53.72
C LYS F 613 31.26 -23.39 -54.28
N TYR F 614 30.66 -24.37 -53.69
CA TYR F 614 30.90 -25.76 -54.01
C TYR F 614 29.93 -26.25 -55.09
N PRO F 615 30.38 -27.18 -55.92
CA PRO F 615 29.52 -27.72 -56.96
C PRO F 615 28.40 -28.56 -56.36
N ALA F 616 27.26 -28.58 -57.05
CA ALA F 616 26.13 -29.39 -56.60
C ALA F 616 26.45 -30.88 -56.67
N SER F 617 27.42 -31.28 -57.49
CA SER F 617 27.79 -32.68 -57.61
C SER F 617 28.45 -33.23 -56.36
N TRP F 618 28.70 -32.39 -55.35
CA TRP F 618 29.22 -32.90 -54.08
C TRP F 618 28.24 -33.88 -53.44
N ALA F 619 26.94 -33.69 -53.67
CA ALA F 619 25.96 -34.65 -53.18
C ALA F 619 26.06 -35.97 -53.92
N ASP F 620 26.57 -35.94 -55.15
CA ASP F 620 26.75 -37.14 -55.97
C ASP F 620 28.13 -37.74 -55.82
N ALA F 621 28.99 -37.14 -55.00
CA ALA F 621 30.28 -37.72 -54.71
C ALA F 621 30.09 -39.10 -54.11
N VAL F 622 31.11 -39.94 -54.24
CA VAL F 622 31.01 -41.35 -53.90
C VAL F 622 32.13 -41.67 -52.93
N ASP F 623 31.76 -42.33 -51.82
CA ASP F 623 32.69 -42.58 -50.73
C ASP F 623 33.92 -43.33 -51.23
N GLU F 624 35.10 -42.81 -50.88
CA GLU F 624 36.34 -43.44 -51.27
C GLU F 624 36.41 -44.86 -50.71
N ALA F 625 37.07 -45.73 -51.46
CA ALA F 625 37.22 -47.12 -51.03
C ALA F 625 38.06 -47.17 -49.76
N ALA F 626 37.46 -47.63 -48.67
CA ALA F 626 38.17 -47.71 -47.40
C ALA F 626 39.31 -48.72 -47.50
N ALA F 627 40.49 -48.32 -47.02
CA ALA F 627 41.67 -49.17 -47.11
C ALA F 627 41.61 -50.30 -46.09
N THR F 628 42.39 -51.34 -46.35
CA THR F 628 42.41 -52.51 -45.47
C THR F 628 43.07 -52.14 -44.14
N VAL F 629 42.36 -52.40 -43.05
CA VAL F 629 42.85 -52.12 -41.71
C VAL F 629 43.70 -53.28 -41.22
N THR F 630 44.82 -52.97 -40.58
CA THR F 630 45.70 -54.01 -40.07
C THR F 630 45.09 -54.68 -38.84
N GLU F 631 45.36 -55.97 -38.70
CA GLU F 631 44.84 -56.76 -37.59
C GLU F 631 45.54 -56.34 -36.30
N GLU F 632 44.83 -55.57 -35.47
CA GLU F 632 45.29 -55.07 -34.18
C GLU F 632 44.71 -55.90 -33.05
N PRO F 633 45.32 -55.87 -31.86
CA PRO F 633 44.79 -56.65 -30.74
C PRO F 633 43.34 -56.30 -30.43
N GLU F 634 42.65 -57.27 -29.82
CA GLU F 634 41.21 -57.13 -29.58
C GLU F 634 40.90 -55.92 -28.72
N PHE F 635 41.69 -55.68 -27.67
CA PHE F 635 41.46 -54.52 -26.82
C PHE F 635 41.62 -53.22 -27.60
N ILE F 636 42.68 -53.14 -28.43
CA ILE F 636 42.90 -51.94 -29.24
C ILE F 636 41.75 -51.75 -30.21
N GLN F 637 41.30 -52.83 -30.84
CA GLN F 637 40.26 -52.73 -31.86
C GLN F 637 38.92 -52.36 -31.25
N LYS F 638 38.59 -52.93 -30.10
CA LYS F 638 37.26 -52.79 -29.50
C LYS F 638 37.16 -51.67 -28.48
N VAL F 639 38.27 -51.22 -27.90
CA VAL F 639 38.19 -50.25 -26.80
C VAL F 639 38.93 -48.97 -27.16
N LEU F 640 40.23 -49.08 -27.44
CA LEU F 640 41.07 -47.90 -27.60
C LEU F 640 40.68 -47.08 -28.84
N ARG F 641 40.54 -47.74 -29.99
CA ARG F 641 40.18 -47.00 -31.20
C ARG F 641 38.82 -46.34 -31.10
N PRO F 642 37.74 -47.01 -30.67
CA PRO F 642 36.45 -46.31 -30.58
C PRO F 642 36.46 -45.14 -29.63
N ILE F 643 37.21 -45.23 -28.52
CA ILE F 643 37.27 -44.12 -27.58
C ILE F 643 37.99 -42.93 -28.22
N ASN F 644 39.12 -43.17 -28.87
CA ASN F 644 39.87 -42.07 -29.48
C ASN F 644 39.10 -41.44 -30.64
N ALA F 645 38.22 -42.21 -31.28
CA ALA F 645 37.34 -41.67 -32.31
C ALA F 645 36.14 -40.93 -31.74
N LEU F 646 36.17 -40.63 -30.43
CA LEU F 646 35.08 -39.92 -29.76
C LEU F 646 33.77 -40.69 -29.84
N LYS F 647 33.87 -42.03 -29.76
CA LYS F 647 32.71 -42.91 -29.82
C LYS F 647 32.61 -43.83 -28.61
N GLY F 648 33.28 -43.49 -27.51
CA GLY F 648 33.26 -44.35 -26.35
C GLY F 648 31.89 -44.51 -25.72
N ASP F 649 31.02 -43.52 -25.90
CA ASP F 649 29.66 -43.61 -25.37
C ASP F 649 28.86 -44.71 -26.05
N GLU F 650 29.26 -45.14 -27.25
CA GLU F 650 28.56 -46.21 -27.94
C GLU F 650 28.97 -47.60 -27.47
N LEU F 651 30.02 -47.70 -26.68
CA LEU F 651 30.49 -49.00 -26.21
C LEU F 651 29.53 -49.58 -25.18
N PRO F 652 29.00 -50.78 -25.38
CA PRO F 652 28.08 -51.36 -24.40
C PRO F 652 28.80 -51.82 -23.15
N VAL F 653 28.01 -52.23 -22.15
CA VAL F 653 28.56 -52.63 -20.86
C VAL F 653 29.46 -53.84 -21.00
N SER F 654 29.15 -54.75 -21.92
CA SER F 654 29.94 -55.97 -22.08
C SER F 654 31.35 -55.71 -22.57
N THR F 655 31.69 -54.46 -22.92
CA THR F 655 33.04 -54.19 -23.42
C THR F 655 34.07 -54.19 -22.28
N PHE F 656 33.65 -53.87 -21.07
CA PHE F 656 34.60 -53.52 -20.02
C PHE F 656 34.70 -54.62 -18.97
N THR F 657 35.86 -54.69 -18.33
CA THR F 657 36.04 -55.58 -17.21
C THR F 657 35.22 -55.08 -16.02
N PRO F 658 34.80 -55.97 -15.13
CA PRO F 658 33.99 -55.54 -14.00
C PRO F 658 34.78 -54.87 -12.89
N ASP F 659 36.11 -54.91 -12.95
CA ASP F 659 36.93 -54.43 -11.85
C ASP F 659 37.92 -53.35 -12.28
N GLY F 660 37.75 -52.77 -13.47
CA GLY F 660 38.61 -51.68 -13.90
C GLY F 660 40.04 -52.07 -14.16
N VAL F 661 40.28 -53.31 -14.56
CA VAL F 661 41.63 -53.78 -14.84
C VAL F 661 41.89 -53.61 -16.33
N PHE F 662 43.03 -53.02 -16.67
CA PHE F 662 43.37 -52.68 -18.04
C PHE F 662 44.70 -53.29 -18.43
N PRO F 663 44.92 -53.56 -19.71
CA PRO F 663 46.21 -54.10 -20.15
C PRO F 663 47.30 -53.03 -20.05
N VAL F 664 48.54 -53.50 -20.14
CA VAL F 664 49.69 -52.61 -20.16
C VAL F 664 50.21 -52.50 -21.59
N GLY F 665 51.06 -51.51 -21.84
CA GLY F 665 51.71 -51.35 -23.12
C GLY F 665 50.77 -51.07 -24.28
N THR F 666 49.86 -50.12 -24.09
CA THR F 666 48.90 -49.78 -25.13
C THR F 666 49.10 -48.40 -25.73
N THR F 667 49.97 -47.56 -25.14
CA THR F 667 50.20 -46.23 -25.70
C THR F 667 50.93 -46.27 -27.03
N LYS F 668 51.62 -47.37 -27.34
CA LYS F 668 52.33 -47.45 -28.60
C LYS F 668 51.40 -47.50 -29.81
N TYR F 669 50.10 -47.73 -29.59
CA TYR F 669 49.12 -47.73 -30.67
C TYR F 669 48.52 -46.35 -30.93
N GLU F 670 48.88 -45.34 -30.14
CA GLU F 670 48.30 -44.01 -30.32
C GLU F 670 48.92 -43.30 -31.52
N LYS F 671 50.24 -43.14 -31.51
CA LYS F 671 50.96 -42.45 -32.59
C LYS F 671 50.32 -41.10 -32.89
N ARG F 672 50.29 -40.25 -31.87
CA ARG F 672 49.55 -39.00 -31.96
C ARG F 672 50.15 -38.05 -32.99
N GLY F 673 51.47 -37.99 -33.08
CA GLY F 673 52.12 -37.14 -34.06
C GLY F 673 51.80 -35.68 -33.88
N ILE F 674 52.06 -35.14 -32.69
CA ILE F 674 51.69 -33.77 -32.35
C ILE F 674 52.88 -32.82 -32.41
N ALA F 675 54.07 -33.32 -32.74
CA ALA F 675 55.26 -32.49 -32.67
C ALA F 675 55.33 -31.50 -33.83
N VAL F 676 55.80 -30.29 -33.53
CA VAL F 676 56.07 -29.30 -34.56
C VAL F 676 57.48 -29.48 -35.14
N ASN F 677 58.44 -29.85 -34.30
CA ASN F 677 59.80 -30.12 -34.72
C ASN F 677 60.26 -31.46 -34.16
N ILE F 678 61.17 -32.11 -34.87
CA ILE F 678 61.68 -33.42 -34.47
C ILE F 678 63.21 -33.39 -34.44
N PRO F 679 63.84 -34.07 -33.50
CA PRO F 679 65.31 -34.13 -33.50
C PRO F 679 65.81 -34.96 -34.67
N GLN F 680 66.79 -34.43 -35.39
CA GLN F 680 67.45 -35.14 -36.47
C GLN F 680 68.86 -35.53 -36.04
N TRP F 681 69.20 -36.79 -36.21
CA TRP F 681 70.44 -37.34 -35.69
C TRP F 681 71.58 -37.16 -36.69
N GLN F 682 72.71 -36.65 -36.20
CA GLN F 682 73.92 -36.49 -37.00
C GLN F 682 74.90 -37.59 -36.61
N PRO F 683 75.00 -38.69 -37.37
CA PRO F 683 75.86 -39.79 -36.93
C PRO F 683 77.33 -39.41 -36.80
N GLU F 684 77.78 -38.43 -37.57
CA GLU F 684 79.20 -38.05 -37.56
C GLU F 684 79.58 -37.26 -36.32
N ASN F 685 78.62 -36.62 -35.65
CA ASN F 685 78.89 -35.81 -34.48
C ASN F 685 78.59 -36.52 -33.17
N CYS F 686 78.03 -37.73 -33.23
CA CYS F 686 77.54 -38.42 -32.04
C CYS F 686 78.66 -39.18 -31.34
N ILE F 687 78.75 -39.00 -30.01
CA ILE F 687 79.71 -39.74 -29.19
C ILE F 687 79.08 -40.95 -28.52
N GLN F 688 77.82 -41.26 -28.82
CA GLN F 688 77.12 -42.44 -28.31
C GLN F 688 77.07 -42.46 -26.78
N CYS F 689 76.48 -41.41 -26.21
CA CYS F 689 76.41 -41.27 -24.77
C CYS F 689 75.01 -41.51 -24.21
N ASN F 690 73.98 -41.56 -25.06
CA ASN F 690 72.61 -41.90 -24.67
C ASN F 690 72.00 -40.89 -23.70
N GLN F 691 72.59 -39.69 -23.57
CA GLN F 691 71.97 -38.68 -22.72
C GLN F 691 70.66 -38.19 -23.31
N CYS F 692 70.52 -38.23 -24.63
CA CYS F 692 69.25 -37.89 -25.26
C CYS F 692 68.17 -38.89 -24.89
N SER F 693 68.53 -40.18 -24.85
CA SER F 693 67.57 -41.20 -24.46
C SER F 693 67.22 -41.10 -22.98
N LEU F 694 68.15 -40.64 -22.15
CA LEU F 694 67.89 -40.58 -20.71
C LEU F 694 66.91 -39.47 -20.35
N VAL F 695 67.01 -38.32 -21.01
CA VAL F 695 66.25 -37.13 -20.60
C VAL F 695 64.91 -37.02 -21.30
N CYS F 696 64.61 -37.89 -22.27
CA CYS F 696 63.38 -37.77 -23.04
C CYS F 696 62.18 -38.06 -22.16
N PRO F 697 61.26 -37.11 -21.98
CA PRO F 697 60.09 -37.36 -21.11
C PRO F 697 59.08 -38.32 -21.70
N HIS F 698 59.28 -38.84 -22.91
CA HIS F 698 58.31 -39.73 -23.53
C HIS F 698 58.94 -40.97 -24.16
N ALA F 699 60.23 -41.22 -23.93
CA ALA F 699 60.94 -42.37 -24.49
C ALA F 699 60.80 -42.43 -26.02
N ALA F 700 60.80 -41.26 -26.64
CA ALA F 700 60.62 -41.15 -28.08
C ALA F 700 61.92 -41.25 -28.86
N ILE F 701 63.07 -41.23 -28.18
CA ILE F 701 64.37 -41.34 -28.83
C ILE F 701 65.22 -42.33 -28.04
N ARG F 702 65.74 -43.34 -28.74
CA ARG F 702 66.43 -44.45 -28.09
C ARG F 702 67.64 -44.88 -28.92
N PRO F 703 68.64 -45.48 -28.29
CA PRO F 703 69.72 -46.11 -29.05
C PRO F 703 69.38 -47.55 -29.40
N TYR F 704 69.91 -47.96 -30.56
CA TYR F 704 69.69 -49.31 -31.08
C TYR F 704 71.02 -49.91 -31.49
N LEU F 705 71.29 -51.13 -31.03
CA LEU F 705 72.46 -51.89 -31.44
C LEU F 705 72.01 -53.04 -32.33
N ALA F 706 72.88 -53.45 -33.25
CA ALA F 706 72.54 -54.52 -34.17
C ALA F 706 73.81 -55.11 -34.76
N LYS F 707 73.83 -56.43 -34.90
CA LYS F 707 74.87 -57.08 -35.67
C LYS F 707 74.73 -56.66 -37.13
N PRO F 708 75.85 -56.55 -37.85
CA PRO F 708 75.77 -56.09 -39.25
C PRO F 708 74.89 -56.97 -40.12
N ALA F 709 74.71 -58.24 -39.76
CA ALA F 709 73.83 -59.11 -40.54
C ALA F 709 72.37 -58.72 -40.36
N ASP F 710 71.99 -58.22 -39.18
CA ASP F 710 70.61 -57.84 -38.91
C ASP F 710 70.21 -56.55 -39.59
N LEU F 711 71.14 -55.85 -40.24
CA LEU F 711 70.83 -54.63 -40.98
C LEU F 711 70.52 -54.91 -42.44
N ALA F 712 69.98 -56.09 -42.74
CA ALA F 712 69.76 -56.49 -44.13
C ALA F 712 68.68 -55.63 -44.78
N GLY F 713 67.46 -55.69 -44.27
CA GLY F 713 66.36 -54.96 -44.86
C GLY F 713 66.26 -53.51 -44.43
N ALA F 714 67.36 -52.94 -43.96
CA ALA F 714 67.34 -51.57 -43.49
C ALA F 714 67.16 -50.60 -44.66
N PRO F 715 66.38 -49.54 -44.48
CA PRO F 715 66.28 -48.51 -45.53
C PRO F 715 67.63 -47.81 -45.74
N GLU F 716 67.75 -47.16 -46.89
CA GLU F 716 69.00 -46.48 -47.20
C GLU F 716 69.26 -45.33 -46.22
N THR F 717 68.20 -44.77 -45.64
CA THR F 717 68.34 -43.68 -44.68
C THR F 717 68.64 -44.16 -43.28
N PHE F 718 68.65 -45.47 -43.05
CA PHE F 718 68.95 -46.04 -41.74
C PHE F 718 70.47 -46.11 -41.52
N VAL F 719 71.09 -44.93 -41.56
CA VAL F 719 72.55 -44.86 -41.44
C VAL F 719 72.96 -45.14 -40.00
N THR F 720 73.93 -46.03 -39.82
CA THR F 720 74.44 -46.43 -38.52
C THR F 720 75.92 -46.07 -38.42
N LYS F 721 76.48 -46.29 -37.23
CA LYS F 721 77.89 -46.05 -36.97
C LYS F 721 78.42 -47.20 -36.12
N ASP F 722 79.74 -47.42 -36.19
CA ASP F 722 80.37 -48.45 -35.38
C ASP F 722 80.20 -48.16 -33.90
N ALA F 723 79.97 -49.21 -33.12
CA ALA F 723 79.67 -49.07 -31.70
C ALA F 723 80.94 -48.84 -30.90
N ILE F 724 80.92 -47.82 -30.05
CA ILE F 724 82.06 -47.47 -29.21
C ILE F 724 82.01 -48.29 -27.93
N GLY F 725 83.16 -48.83 -27.55
CA GLY F 725 83.26 -49.59 -26.32
C GLY F 725 83.66 -51.04 -26.50
N LYS F 726 84.45 -51.56 -25.56
CA LYS F 726 84.87 -52.96 -25.63
C LYS F 726 83.70 -53.91 -25.42
N GLU F 727 82.65 -53.45 -24.76
CA GLU F 727 81.48 -54.29 -24.51
C GLU F 727 80.67 -54.50 -25.79
N ALA F 728 80.60 -53.46 -26.63
CA ALA F 728 79.82 -53.50 -27.87
C ALA F 728 80.71 -53.61 -29.10
N ALA F 729 81.83 -54.32 -29.00
CA ALA F 729 82.75 -54.45 -30.12
C ALA F 729 82.09 -55.24 -31.25
N GLY F 730 82.28 -54.76 -32.48
CA GLY F 730 81.75 -55.42 -33.65
C GLY F 730 80.28 -55.19 -33.93
N LEU F 731 79.65 -54.23 -33.24
CA LEU F 731 78.23 -53.96 -33.41
C LEU F 731 78.02 -52.61 -34.07
N LYS F 732 76.81 -52.41 -34.58
CA LYS F 732 76.40 -51.14 -35.18
C LYS F 732 75.54 -50.35 -34.20
N PHE F 733 75.62 -49.02 -34.30
CA PHE F 733 74.93 -48.09 -33.40
C PHE F 733 74.12 -47.08 -34.20
N ARG F 734 72.94 -46.75 -33.68
CA ARG F 734 72.12 -45.70 -34.29
C ARG F 734 71.18 -45.13 -33.24
N ILE F 735 71.05 -43.81 -33.22
CA ILE F 735 70.06 -43.11 -32.40
C ILE F 735 68.84 -42.85 -33.29
N GLN F 736 67.72 -43.50 -32.98
CA GLN F 736 66.50 -43.37 -33.77
C GLN F 736 65.40 -42.75 -32.92
N VAL F 737 64.65 -41.85 -33.53
CA VAL F 737 63.55 -41.16 -32.86
C VAL F 737 62.23 -41.71 -33.38
N SER F 738 61.22 -41.72 -32.52
CA SER F 738 59.88 -42.09 -32.93
C SER F 738 59.11 -40.84 -33.33
N PRO F 739 58.91 -40.61 -34.64
CA PRO F 739 58.32 -39.33 -35.07
C PRO F 739 56.90 -39.11 -34.58
N LEU F 740 56.07 -40.15 -34.56
CA LEU F 740 54.68 -39.99 -34.16
C LEU F 740 54.50 -39.89 -32.64
N ASP F 741 55.53 -40.23 -31.87
CA ASP F 741 55.46 -40.15 -30.41
C ASP F 741 56.26 -38.98 -29.84
N CYS F 742 57.12 -38.36 -30.63
CA CYS F 742 57.86 -37.20 -30.15
C CYS F 742 56.90 -36.03 -29.95
N THR F 743 57.20 -35.19 -28.96
CA THR F 743 56.38 -34.04 -28.65
C THR F 743 56.98 -32.73 -29.15
N GLY F 744 58.19 -32.76 -29.68
CA GLY F 744 58.83 -31.53 -30.11
C GLY F 744 59.30 -30.67 -28.97
N CYS F 745 59.47 -31.25 -27.78
CA CYS F 745 59.87 -30.46 -26.62
C CYS F 745 61.29 -29.94 -26.77
N GLY F 746 62.18 -30.73 -27.36
CA GLY F 746 63.54 -30.31 -27.62
C GLY F 746 64.53 -30.54 -26.50
N ASN F 747 64.18 -31.35 -25.51
CA ASN F 747 65.09 -31.59 -24.38
C ASN F 747 66.33 -32.36 -24.82
N CYS F 748 66.17 -33.33 -25.72
CA CYS F 748 67.32 -34.14 -26.13
C CYS F 748 68.33 -33.31 -26.90
N ALA F 749 67.86 -32.37 -27.72
CA ALA F 749 68.78 -31.49 -28.44
C ALA F 749 69.50 -30.56 -27.47
N ASP F 750 68.86 -30.21 -26.36
CA ASP F 750 69.47 -29.31 -25.40
C ASP F 750 70.54 -30.01 -24.55
N VAL F 751 70.37 -31.30 -24.28
CA VAL F 751 71.30 -32.03 -23.43
C VAL F 751 72.51 -32.58 -24.18
N CYS F 752 72.40 -32.81 -25.49
CA CYS F 752 73.45 -33.39 -26.32
C CYS F 752 74.77 -32.65 -26.12
N PRO F 753 75.77 -33.31 -25.53
CA PRO F 753 77.03 -32.63 -25.16
C PRO F 753 78.13 -32.68 -26.21
N ALA F 754 77.86 -33.18 -27.42
CA ALA F 754 78.91 -33.31 -28.43
C ALA F 754 79.46 -31.95 -28.84
N LYS F 755 80.67 -31.97 -29.42
CA LYS F 755 81.27 -30.74 -29.93
C LYS F 755 80.34 -30.05 -30.92
N VAL F 756 80.00 -30.73 -32.00
CA VAL F 756 78.96 -30.29 -32.92
C VAL F 756 77.67 -31.01 -32.53
N LYS F 757 76.57 -30.26 -32.47
CA LYS F 757 75.31 -30.84 -32.03
C LYS F 757 74.89 -31.96 -32.95
N ALA F 758 74.68 -33.15 -32.37
CA ALA F 758 74.25 -34.32 -33.14
C ALA F 758 72.74 -34.41 -33.27
N LEU F 759 72.00 -33.50 -32.67
CA LEU F 759 70.54 -33.48 -32.77
C LEU F 759 70.10 -32.08 -33.12
N THR F 760 69.39 -31.93 -34.23
CA THR F 760 68.87 -30.65 -34.67
C THR F 760 67.37 -30.78 -34.86
N MET F 761 66.62 -29.81 -34.35
CA MET F 761 65.17 -29.85 -34.43
C MET F 761 64.74 -29.42 -35.83
N VAL F 762 64.12 -30.35 -36.56
CA VAL F 762 63.65 -30.11 -37.92
C VAL F 762 62.14 -30.29 -37.97
N PRO F 763 61.45 -29.63 -38.89
CA PRO F 763 59.98 -29.76 -38.95
C PRO F 763 59.53 -31.19 -39.18
N LEU F 764 58.40 -31.54 -38.55
CA LEU F 764 57.87 -32.89 -38.64
C LEU F 764 57.52 -33.27 -40.07
N GLU F 765 56.82 -32.38 -40.78
CA GLU F 765 56.28 -32.72 -42.09
C GLU F 765 57.37 -33.09 -43.09
N GLU F 766 58.58 -32.56 -42.92
CA GLU F 766 59.63 -32.80 -43.90
C GLU F 766 60.26 -34.18 -43.77
N VAL F 767 60.35 -34.73 -42.56
CA VAL F 767 61.07 -35.97 -42.35
C VAL F 767 60.19 -37.07 -41.77
N THR F 768 58.87 -36.85 -41.70
CA THR F 768 58.02 -37.82 -41.01
C THR F 768 57.94 -39.14 -41.78
N ALA F 769 57.79 -39.09 -43.10
CA ALA F 769 57.71 -40.32 -43.88
C ALA F 769 59.02 -41.11 -43.80
N VAL F 770 60.15 -40.40 -43.81
CA VAL F 770 61.45 -41.07 -43.77
C VAL F 770 61.68 -41.70 -42.40
N GLU F 771 61.53 -40.91 -41.34
CA GLU F 771 61.84 -41.41 -40.01
C GLU F 771 60.87 -42.47 -39.54
N GLU F 772 59.65 -42.50 -40.07
CA GLU F 772 58.71 -43.58 -39.74
C GLU F 772 59.25 -44.92 -40.21
N ALA F 773 59.76 -44.97 -41.44
CA ALA F 773 60.39 -46.20 -41.93
C ALA F 773 61.64 -46.54 -41.13
N ASN F 774 62.37 -45.52 -40.69
CA ASN F 774 63.55 -45.76 -39.85
C ASN F 774 63.15 -46.35 -38.50
N TYR F 775 62.16 -45.75 -37.85
CA TYR F 775 61.74 -46.23 -36.54
C TYR F 775 61.12 -47.62 -36.63
N ASN F 776 60.31 -47.86 -37.67
CA ASN F 776 59.69 -49.17 -37.83
C ASN F 776 60.74 -50.26 -38.00
N PHE F 777 61.89 -49.93 -38.59
CA PHE F 777 62.97 -50.92 -38.70
C PHE F 777 63.75 -51.04 -37.40
N ALA F 778 64.00 -49.91 -36.72
CA ALA F 778 64.75 -49.97 -35.47
C ALA F 778 63.97 -50.68 -34.38
N GLU F 779 62.65 -50.51 -34.36
CA GLU F 779 61.84 -51.11 -33.31
C GLU F 779 61.77 -52.62 -33.43
N GLN F 780 61.85 -53.14 -34.66
CA GLN F 780 61.79 -54.59 -34.88
C GLN F 780 63.16 -55.25 -34.82
N LEU F 781 64.22 -54.51 -34.50
CA LEU F 781 65.54 -55.10 -34.43
C LEU F 781 65.62 -56.10 -33.29
N PRO F 782 66.33 -57.22 -33.48
CA PRO F 782 66.41 -58.23 -32.42
C PRO F 782 67.19 -57.75 -31.21
N GLU F 783 67.03 -58.50 -30.12
CA GLU F 783 67.70 -58.18 -28.87
C GLU F 783 69.21 -58.43 -28.95
N VAL F 784 69.98 -57.55 -28.32
CA VAL F 784 71.43 -57.67 -28.26
C VAL F 784 71.85 -57.61 -26.80
N LYS F 785 72.38 -58.72 -26.28
CA LYS F 785 72.95 -58.73 -24.93
C LYS F 785 74.30 -58.03 -24.93
N VAL F 786 74.41 -56.97 -24.13
CA VAL F 786 75.62 -56.18 -24.01
C VAL F 786 75.97 -56.05 -22.54
N ASN F 787 77.26 -56.01 -22.24
CA ASN F 787 77.74 -56.01 -20.86
C ASN F 787 78.06 -54.61 -20.35
N PHE F 788 77.39 -53.59 -20.89
CA PHE F 788 77.53 -52.25 -20.37
C PHE F 788 76.98 -52.17 -18.94
N ASN F 789 77.67 -51.42 -18.10
CA ASN F 789 77.26 -51.29 -16.70
C ASN F 789 75.93 -50.55 -16.61
N PRO F 790 74.87 -51.18 -16.06
CA PRO F 790 73.60 -50.45 -15.92
C PRO F 790 73.68 -49.31 -14.92
N ALA F 791 74.72 -49.26 -14.09
CA ALA F 791 74.88 -48.15 -13.15
C ALA F 791 75.36 -46.88 -13.82
N THR F 792 75.74 -46.94 -15.09
CA THR F 792 76.13 -45.77 -15.86
C THR F 792 74.95 -45.27 -16.69
N VAL F 793 75.05 -44.03 -17.15
CA VAL F 793 73.98 -43.45 -17.95
C VAL F 793 73.88 -44.18 -19.29
N LYS F 794 75.01 -44.42 -19.94
CA LYS F 794 75.02 -45.09 -21.23
C LYS F 794 74.49 -46.52 -21.12
N GLY F 795 74.91 -47.24 -20.08
CA GLY F 795 74.50 -48.63 -19.94
C GLY F 795 73.02 -48.78 -19.65
N SER F 796 72.44 -47.86 -18.88
CA SER F 796 71.02 -47.97 -18.54
C SER F 796 70.13 -47.69 -19.75
N GLN F 797 70.58 -46.84 -20.67
CA GLN F 797 69.74 -46.50 -21.81
C GLN F 797 69.75 -47.55 -22.90
N PHE F 798 70.68 -48.51 -22.85
CA PHE F 798 70.56 -49.69 -23.71
C PHE F 798 69.54 -50.68 -23.17
N ARG F 799 69.09 -50.51 -21.93
CA ARG F 799 67.96 -51.27 -21.41
C ARG F 799 66.67 -50.67 -21.94
N GLN F 800 65.70 -51.54 -22.22
CA GLN F 800 64.44 -51.10 -22.80
C GLN F 800 63.65 -50.28 -21.79
N PRO F 801 63.17 -49.10 -22.16
CA PRO F 801 62.28 -48.35 -21.26
C PRO F 801 60.91 -49.00 -21.21
N LEU F 802 60.40 -49.18 -19.99
CA LEU F 802 59.07 -49.76 -19.78
C LEU F 802 58.04 -48.71 -19.39
N LEU F 803 58.33 -47.44 -19.65
CA LEU F 803 57.36 -46.34 -19.53
C LEU F 803 57.53 -45.48 -20.78
N GLU F 804 56.53 -45.47 -21.65
CA GLU F 804 56.70 -44.86 -22.96
C GLU F 804 55.43 -44.15 -23.39
N PHE F 805 55.61 -43.00 -24.05
CA PHE F 805 54.55 -42.33 -24.82
C PHE F 805 53.38 -41.91 -23.94
N SER F 806 53.66 -41.46 -22.72
CA SER F 806 52.59 -41.06 -21.82
C SER F 806 52.00 -39.72 -22.27
N GLY F 807 50.93 -39.33 -21.60
CA GLY F 807 50.25 -38.08 -21.87
C GLY F 807 50.79 -36.88 -21.12
N ALA F 808 51.96 -36.98 -20.50
CA ALA F 808 52.53 -35.86 -19.79
C ALA F 808 52.88 -34.74 -20.77
N CYS F 809 53.06 -33.53 -20.22
CA CYS F 809 53.34 -32.38 -21.07
C CYS F 809 54.65 -32.59 -21.81
N ALA F 810 54.84 -31.78 -22.86
CA ALA F 810 56.11 -31.77 -23.56
C ALA F 810 57.20 -31.27 -22.63
N GLY F 811 58.22 -32.09 -22.44
CA GLY F 811 59.33 -31.71 -21.58
C GLY F 811 59.08 -31.87 -20.11
N CYS F 812 58.11 -32.71 -19.73
CA CYS F 812 57.77 -32.90 -18.33
C CYS F 812 58.98 -33.37 -17.53
N GLY F 813 59.15 -32.81 -16.35
CA GLY F 813 60.24 -33.21 -15.48
C GLY F 813 60.00 -34.43 -14.63
N GLU F 814 58.83 -35.07 -14.75
CA GLU F 814 58.47 -36.23 -13.93
C GLU F 814 58.76 -37.55 -14.61
N THR F 815 58.33 -37.73 -15.85
CA THR F 815 58.45 -39.03 -16.50
C THR F 815 59.88 -39.54 -16.69
N PRO F 816 60.91 -38.70 -16.94
CA PRO F 816 62.27 -39.26 -17.07
C PRO F 816 62.76 -39.98 -15.83
N TYR F 817 62.38 -39.53 -14.63
CA TYR F 817 62.78 -40.25 -13.42
C TYR F 817 62.20 -41.65 -13.41
N VAL F 818 60.89 -41.76 -13.64
CA VAL F 818 60.23 -43.06 -13.60
C VAL F 818 60.71 -43.94 -14.74
N LYS F 819 60.92 -43.35 -15.93
CA LYS F 819 61.43 -44.12 -17.06
C LYS F 819 62.78 -44.76 -16.72
N LEU F 820 63.65 -44.02 -16.04
CA LEU F 820 64.96 -44.56 -15.68
C LEU F 820 64.81 -45.70 -14.67
N VAL F 821 63.87 -45.58 -13.75
CA VAL F 821 63.64 -46.65 -12.78
C VAL F 821 63.18 -47.92 -13.50
N THR F 822 62.33 -47.77 -14.52
CA THR F 822 61.90 -48.95 -15.26
C THR F 822 63.05 -49.57 -16.05
N GLN F 823 64.02 -48.77 -16.47
CA GLN F 823 65.18 -49.31 -17.15
C GLN F 823 66.12 -50.02 -16.20
N LEU F 824 66.05 -49.72 -14.91
CA LEU F 824 66.90 -50.37 -13.93
C LEU F 824 66.23 -51.60 -13.31
N PHE F 825 64.96 -51.46 -12.89
CA PHE F 825 64.28 -52.51 -12.13
C PHE F 825 62.91 -52.89 -12.68
N GLY F 826 62.54 -52.41 -13.86
CA GLY F 826 61.19 -52.65 -14.37
C GLY F 826 60.82 -54.11 -14.50
N ASP F 827 61.81 -55.00 -14.63
CA ASP F 827 61.57 -56.43 -14.79
C ASP F 827 60.81 -57.01 -13.61
N ARG F 828 60.86 -56.36 -12.46
CA ARG F 828 60.38 -56.98 -11.23
C ARG F 828 59.73 -55.98 -10.29
N MET F 829 59.20 -54.88 -10.80
CA MET F 829 58.70 -53.84 -9.92
C MET F 829 57.18 -53.73 -9.97
N ILE F 830 56.62 -53.33 -8.83
CA ILE F 830 55.19 -53.07 -8.66
C ILE F 830 55.04 -51.64 -8.19
N ILE F 831 54.14 -50.89 -8.80
CA ILE F 831 54.01 -49.45 -8.57
C ILE F 831 52.70 -49.17 -7.84
N ALA F 832 52.80 -48.43 -6.73
CA ALA F 832 51.66 -47.84 -6.06
C ALA F 832 51.74 -46.33 -6.26
N ASN F 833 50.83 -45.79 -7.08
CA ASN F 833 50.94 -44.42 -7.56
C ASN F 833 49.83 -43.55 -6.94
N ALA F 834 50.23 -42.47 -6.29
CA ALA F 834 49.26 -41.55 -5.71
C ALA F 834 48.53 -40.79 -6.81
N THR F 835 47.32 -40.33 -6.50
CA THR F 835 46.58 -39.50 -7.42
C THR F 835 47.32 -38.19 -7.67
N GLY F 836 47.31 -37.75 -8.91
CA GLY F 836 48.02 -36.56 -9.32
C GLY F 836 48.42 -36.68 -10.77
N CYS F 837 49.33 -35.80 -11.18
CA CYS F 837 49.83 -35.83 -12.56
C CYS F 837 50.35 -37.21 -12.93
N SER F 838 51.18 -37.79 -12.05
CA SER F 838 51.79 -39.09 -12.35
C SER F 838 50.73 -40.18 -12.52
N SER F 839 49.56 -40.03 -11.90
CA SER F 839 48.49 -40.99 -12.15
C SER F 839 47.68 -40.63 -13.38
N ILE F 840 47.70 -39.36 -13.81
CA ILE F 840 46.95 -38.97 -15.00
C ILE F 840 47.68 -39.40 -16.26
N TRP F 841 48.98 -39.08 -16.36
CA TRP F 841 49.74 -39.57 -17.51
C TRP F 841 50.16 -41.02 -17.36
N GLY F 842 50.09 -41.56 -16.14
CA GLY F 842 50.47 -42.94 -15.93
C GLY F 842 49.32 -43.93 -16.03
N GLY F 843 48.09 -43.47 -15.74
CA GLY F 843 46.96 -44.37 -15.71
C GLY F 843 45.61 -43.75 -16.01
N SER F 844 45.47 -43.12 -17.17
CA SER F 844 44.18 -42.66 -17.67
C SER F 844 43.70 -43.65 -18.72
N ALA F 845 42.54 -44.25 -18.50
CA ALA F 845 42.00 -45.19 -19.47
C ALA F 845 41.76 -44.48 -20.79
N PRO F 846 41.88 -45.19 -21.92
CA PRO F 846 42.19 -46.62 -21.98
C PRO F 846 43.65 -46.96 -22.27
N ALA F 847 44.54 -45.95 -22.27
CA ALA F 847 45.91 -46.14 -22.70
C ALA F 847 46.84 -46.21 -21.49
N CYS F 848 47.71 -47.22 -21.48
CA CYS F 848 48.67 -47.43 -20.39
C CYS F 848 50.09 -47.21 -20.90
N PRO F 849 50.83 -46.24 -20.36
CA PRO F 849 52.20 -46.00 -20.83
C PRO F 849 53.21 -47.01 -20.33
N TYR F 850 52.92 -47.73 -19.25
CA TYR F 850 53.82 -48.78 -18.79
C TYR F 850 53.69 -50.01 -19.67
N THR F 851 54.81 -50.58 -20.05
CA THR F 851 54.84 -51.68 -20.99
C THR F 851 55.76 -52.78 -20.48
N VAL F 852 55.90 -53.83 -21.28
CA VAL F 852 56.64 -55.03 -20.90
C VAL F 852 57.85 -55.17 -21.81
N ASN F 853 58.76 -56.07 -21.41
CA ASN F 853 59.91 -56.38 -22.23
C ASN F 853 59.53 -57.51 -23.19
N ARG F 854 60.51 -58.06 -23.90
CA ARG F 854 60.19 -59.11 -24.86
C ARG F 854 59.77 -60.40 -24.16
N GLN F 855 60.17 -60.59 -22.90
CA GLN F 855 59.77 -61.76 -22.15
C GLN F 855 58.37 -61.63 -21.58
N GLY F 856 57.72 -60.48 -21.77
CA GLY F 856 56.41 -60.21 -21.24
C GLY F 856 56.38 -59.67 -19.84
N HIS F 857 57.54 -59.30 -19.28
CA HIS F 857 57.62 -58.79 -17.91
C HIS F 857 57.72 -57.28 -17.92
N GLY F 858 57.07 -56.64 -16.95
CA GLY F 858 57.06 -55.20 -16.82
C GLY F 858 56.33 -54.78 -15.56
N PRO F 859 56.42 -53.49 -15.23
CA PRO F 859 55.85 -53.03 -13.95
C PRO F 859 54.33 -53.22 -13.90
N ALA F 860 53.85 -53.74 -12.77
CA ALA F 860 52.42 -53.76 -12.48
C ALA F 860 52.08 -52.47 -11.75
N TRP F 861 51.00 -51.83 -12.18
CA TRP F 861 50.69 -50.46 -11.80
C TRP F 861 49.32 -50.39 -11.16
N ALA F 862 49.22 -49.71 -10.02
CA ALA F 862 47.96 -49.56 -9.31
C ALA F 862 47.94 -48.20 -8.63
N SER F 863 46.78 -47.55 -8.67
CA SER F 863 46.56 -46.29 -7.97
C SER F 863 45.32 -46.44 -7.10
N SER F 864 45.47 -46.20 -5.81
CA SER F 864 44.32 -46.29 -4.92
C SER F 864 43.68 -44.91 -4.77
N LEU F 865 44.14 -44.14 -3.80
CA LEU F 865 43.58 -42.83 -3.51
C LEU F 865 44.72 -41.82 -3.44
N PHE F 866 44.35 -40.57 -3.16
CA PHE F 866 45.33 -39.50 -3.00
C PHE F 866 46.05 -39.60 -1.64
N GLU F 867 45.32 -39.97 -0.60
CA GLU F 867 45.85 -39.89 0.76
C GLU F 867 46.54 -41.16 1.24
N ASP F 868 46.32 -42.30 0.59
CA ASP F 868 46.72 -43.59 1.16
C ASP F 868 47.86 -44.26 0.41
N ASN F 869 48.59 -43.55 -0.45
CA ASN F 869 49.48 -44.22 -1.39
C ASN F 869 50.60 -44.96 -0.69
N ALA F 870 51.15 -44.40 0.38
CA ALA F 870 52.21 -45.09 1.11
C ALA F 870 51.68 -46.38 1.74
N GLU F 871 50.55 -46.29 2.45
CA GLU F 871 49.97 -47.49 3.04
C GLU F 871 49.52 -48.47 1.97
N PHE F 872 49.12 -47.96 0.81
CA PHE F 872 48.77 -48.83 -0.32
C PHE F 872 49.97 -49.68 -0.74
N GLY F 873 51.11 -49.04 -0.97
CA GLY F 873 52.29 -49.79 -1.35
C GLY F 873 52.84 -50.64 -0.21
N TYR F 874 52.71 -50.15 1.02
CA TYR F 874 53.12 -50.96 2.18
C TYR F 874 52.39 -52.29 2.19
N GLY F 875 51.06 -52.25 1.99
CA GLY F 875 50.29 -53.48 1.96
C GLY F 875 50.75 -54.41 0.86
N MET F 876 51.14 -53.85 -0.29
CA MET F 876 51.69 -54.69 -1.35
C MET F 876 52.94 -55.42 -0.89
N ALA F 877 53.81 -54.74 -0.14
CA ALA F 877 55.03 -55.37 0.33
C ALA F 877 54.74 -56.55 1.24
N LEU F 878 53.75 -56.40 2.13
CA LEU F 878 53.35 -57.51 2.98
C LEU F 878 52.87 -58.69 2.15
N ALA F 879 52.05 -58.42 1.13
CA ALA F 879 51.49 -59.49 0.34
C ALA F 879 52.56 -60.20 -0.48
N VAL F 880 53.45 -59.43 -1.11
CA VAL F 880 54.51 -60.04 -1.92
C VAL F 880 55.41 -60.89 -1.04
N ALA F 881 55.74 -60.40 0.16
CA ALA F 881 56.52 -61.20 1.08
C ALA F 881 55.75 -62.47 1.48
N LYS F 882 54.43 -62.34 1.67
CA LYS F 882 53.62 -63.51 1.97
C LYS F 882 53.63 -64.50 0.82
N ARG F 883 53.53 -64.02 -0.41
CA ARG F 883 53.55 -64.95 -1.54
C ARG F 883 54.92 -65.58 -1.71
N GLN F 884 56.00 -64.87 -1.40
CA GLN F 884 57.31 -65.50 -1.47
C GLN F 884 57.51 -66.53 -0.38
N ASP F 885 56.92 -66.31 0.81
CA ASP F 885 57.05 -67.30 1.88
C ASP F 885 56.34 -68.60 1.51
N GLU F 886 55.18 -68.50 0.87
CA GLU F 886 54.46 -69.71 0.47
C GLU F 886 55.27 -70.47 -0.57
N LEU F 887 55.92 -69.75 -1.47
CA LEU F 887 56.81 -70.41 -2.44
C LEU F 887 58.01 -71.04 -1.74
N ALA F 888 58.63 -70.32 -0.80
CA ALA F 888 59.80 -70.84 -0.12
C ALA F 888 59.48 -72.09 0.69
N THR F 889 58.26 -72.16 1.23
CA THR F 889 57.87 -73.35 1.97
C THR F 889 57.76 -74.57 1.07
N ALA F 890 57.22 -74.39 -0.15
CA ALA F 890 57.12 -75.51 -1.08
C ALA F 890 58.49 -75.95 -1.57
N ILE F 891 59.40 -75.00 -1.74
CA ILE F 891 60.75 -75.34 -2.21
C ILE F 891 61.52 -76.06 -1.12
N SER F 892 61.32 -75.67 0.14
CA SER F 892 61.96 -76.40 1.24
C SER F 892 61.44 -77.83 1.32
N LYS F 893 60.16 -78.05 0.99
CA LYS F 893 59.64 -79.41 0.93
C LYS F 893 60.25 -80.21 -0.21
N ALA F 894 60.59 -79.54 -1.31
CA ALA F 894 61.18 -80.24 -2.45
C ALA F 894 62.58 -80.77 -2.14
N LEU F 895 63.30 -80.12 -1.22
CA LEU F 895 64.62 -80.62 -0.85
C LEU F 895 64.54 -82.00 -0.22
N GLU F 896 63.46 -82.30 0.48
CA GLU F 896 63.27 -83.59 1.14
C GLU F 896 62.65 -84.64 0.23
N ALA F 897 62.34 -84.29 -1.02
CA ALA F 897 61.65 -85.17 -1.96
C ALA F 897 62.63 -85.82 -2.93
N PRO F 898 62.30 -86.99 -3.47
CA PRO F 898 63.19 -87.61 -4.46
C PRO F 898 63.15 -86.89 -5.81
N VAL F 899 63.92 -85.81 -5.92
CA VAL F 899 64.06 -85.06 -7.16
C VAL F 899 65.53 -85.01 -7.54
N SER F 900 65.80 -84.54 -8.75
CA SER F 900 67.15 -84.56 -9.27
C SER F 900 68.08 -83.68 -8.44
N ALA F 901 69.37 -84.03 -8.46
CA ALA F 901 70.37 -83.28 -7.70
C ALA F 901 70.52 -81.86 -8.24
N ALA F 902 70.40 -81.69 -9.57
CA ALA F 902 70.48 -80.35 -10.15
C ALA F 902 69.31 -79.49 -9.72
N PHE F 903 68.13 -80.10 -9.54
CA PHE F 903 66.97 -79.35 -9.06
C PHE F 903 67.17 -78.92 -7.61
N LYS F 904 67.68 -79.84 -6.77
CA LYS F 904 67.93 -79.50 -5.37
C LYS F 904 69.01 -78.44 -5.26
N ALA F 905 70.01 -78.49 -6.15
CA ALA F 905 71.09 -77.50 -6.11
C ALA F 905 70.56 -76.11 -6.39
N ALA F 906 69.68 -75.98 -7.39
CA ALA F 906 69.10 -74.67 -7.66
C ALA F 906 68.16 -74.23 -6.55
N CYS F 907 67.48 -75.19 -5.91
CA CYS F 907 66.60 -74.85 -4.80
C CYS F 907 67.40 -74.34 -3.61
N GLU F 908 68.49 -75.01 -3.27
CA GLU F 908 69.34 -74.52 -2.19
C GLU F 908 69.92 -73.16 -2.51
N GLY F 909 70.27 -72.93 -3.79
CA GLY F 909 70.75 -71.63 -4.19
C GLY F 909 69.69 -70.54 -4.09
N TRP F 910 68.44 -70.88 -4.41
CA TRP F 910 67.38 -69.89 -4.33
C TRP F 910 67.02 -69.57 -2.87
N LEU F 911 66.95 -70.59 -2.02
CA LEU F 911 66.60 -70.36 -0.62
C LEU F 911 67.63 -69.47 0.07
N ALA F 912 68.90 -69.60 -0.31
CA ALA F 912 69.95 -68.77 0.27
C ALA F 912 69.95 -67.36 -0.28
N GLY F 913 69.41 -67.14 -1.47
CA GLY F 913 69.46 -65.81 -2.06
C GLY F 913 68.13 -65.27 -2.50
N LYS F 914 67.04 -65.73 -1.87
CA LYS F 914 65.71 -65.27 -2.26
C LYS F 914 65.51 -63.78 -1.95
N ASP F 915 66.28 -63.22 -1.02
CA ASP F 915 66.15 -61.82 -0.66
C ASP F 915 67.14 -60.92 -1.39
N ASP F 916 67.90 -61.48 -2.33
CA ASP F 916 68.79 -60.71 -3.17
C ASP F 916 68.28 -60.74 -4.60
N ALA F 917 68.24 -59.57 -5.24
CA ALA F 917 67.66 -59.49 -6.57
C ALA F 917 68.41 -60.36 -7.57
N ASP F 918 69.75 -60.29 -7.54
CA ASP F 918 70.55 -60.99 -8.55
C ASP F 918 70.53 -62.50 -8.32
N ARG F 919 70.72 -62.94 -7.08
CA ARG F 919 70.78 -64.38 -6.85
C ARG F 919 69.40 -65.04 -7.02
N SER F 920 68.33 -64.34 -6.59
CA SER F 920 67.00 -64.92 -6.72
C SER F 920 66.60 -65.07 -8.18
N ARG F 921 67.04 -64.14 -9.03
CA ARG F 921 66.79 -64.30 -10.46
C ARG F 921 67.65 -65.42 -11.03
N GLU F 922 68.89 -65.51 -10.58
CA GLU F 922 69.82 -66.51 -11.11
C GLU F 922 69.31 -67.92 -10.84
N TYR F 923 69.10 -68.25 -9.56
CA TYR F 923 68.60 -69.58 -9.23
C TYR F 923 67.13 -69.73 -9.55
N GLY F 924 66.38 -68.62 -9.53
CA GLY F 924 64.98 -68.69 -9.92
C GLY F 924 64.81 -69.11 -11.37
N ASP F 925 65.61 -68.52 -12.27
CA ASP F 925 65.54 -68.92 -13.67
C ASP F 925 66.03 -70.35 -13.87
N ARG F 926 66.96 -70.81 -13.03
CA ARG F 926 67.39 -72.20 -13.09
C ARG F 926 66.25 -73.13 -12.72
N ILE F 927 65.52 -72.79 -11.66
CA ILE F 927 64.36 -73.59 -11.25
C ILE F 927 63.32 -73.63 -12.35
N LYS F 928 63.07 -72.49 -12.99
CA LYS F 928 62.08 -72.45 -14.08
C LYS F 928 62.49 -73.34 -15.23
N ALA F 929 63.79 -73.42 -15.53
CA ALA F 929 64.22 -74.25 -16.65
C ALA F 929 64.16 -75.73 -16.31
N LEU F 930 64.34 -76.10 -15.04
CA LEU F 930 64.31 -77.48 -14.63
C LEU F 930 62.91 -77.97 -14.23
N LEU F 931 61.98 -77.05 -13.98
CA LEU F 931 60.65 -77.43 -13.52
C LEU F 931 59.87 -78.29 -14.52
N PRO F 932 59.73 -77.91 -15.79
CA PRO F 932 58.91 -78.74 -16.69
C PRO F 932 59.44 -80.15 -16.82
N GLY F 933 60.77 -80.32 -16.88
CA GLY F 933 61.33 -81.66 -16.92
C GLY F 933 61.23 -82.39 -15.60
N GLU F 934 61.35 -81.67 -14.48
CA GLU F 934 61.23 -82.31 -13.17
C GLU F 934 59.80 -82.75 -12.91
N ILE F 935 58.83 -81.96 -13.35
CA ILE F 935 57.43 -82.37 -13.21
C ILE F 935 57.16 -83.60 -14.08
N SER F 936 57.81 -83.66 -15.24
CA SER F 936 57.65 -84.80 -16.13
C SER F 936 58.16 -86.09 -15.50
N GLN F 937 59.20 -86.01 -14.68
CA GLN F 937 59.82 -87.17 -14.05
C GLN F 937 59.21 -87.53 -12.70
N ALA F 938 58.17 -86.82 -12.26
CA ALA F 938 57.58 -87.03 -10.95
C ALA F 938 56.16 -87.57 -11.07
N SER F 939 55.64 -88.06 -9.94
CA SER F 939 54.29 -88.59 -9.89
C SER F 939 53.79 -88.54 -8.45
N GLY F 940 52.47 -88.56 -8.31
CA GLY F 940 51.88 -88.60 -6.99
C GLY F 940 52.01 -87.27 -6.27
N GLU F 941 52.29 -87.34 -4.96
CA GLU F 941 52.39 -86.13 -4.15
C GLU F 941 53.63 -85.32 -4.50
N VAL F 942 54.69 -85.99 -4.97
CA VAL F 942 55.88 -85.24 -5.39
C VAL F 942 55.57 -84.39 -6.62
N LYS F 943 54.81 -84.95 -7.57
CA LYS F 943 54.42 -84.17 -8.74
C LYS F 943 53.49 -83.02 -8.36
N ASP F 944 52.58 -83.24 -7.42
CA ASP F 944 51.72 -82.16 -6.96
C ASP F 944 52.52 -81.09 -6.25
N LEU F 945 53.52 -81.50 -5.47
CA LEU F 945 54.40 -80.55 -4.81
C LEU F 945 55.20 -79.74 -5.82
N LEU F 946 55.63 -80.37 -6.90
CA LEU F 946 56.35 -79.64 -7.95
C LEU F 946 55.39 -78.74 -8.75
N LEU F 947 54.16 -79.20 -8.97
CA LEU F 947 53.18 -78.35 -9.64
C LEU F 947 52.83 -77.13 -8.80
N ASP F 948 52.95 -77.25 -7.48
CA ASP F 948 52.71 -76.11 -6.60
C ASP F 948 53.82 -75.08 -6.68
N ILE F 949 55.05 -75.53 -6.94
CA ILE F 949 56.14 -74.59 -7.17
C ILE F 949 55.95 -73.85 -8.48
N ASP F 950 55.59 -74.57 -9.54
CA ASP F 950 55.38 -73.95 -10.84
C ASP F 950 54.21 -72.97 -10.82
N ARG F 951 53.19 -73.24 -10.00
CA ARG F 951 52.07 -72.31 -9.89
C ARG F 951 52.50 -70.99 -9.26
N GLN F 952 53.56 -71.01 -8.46
CA GLN F 952 54.04 -69.81 -7.76
C GLN F 952 55.39 -69.34 -8.28
N LYS F 953 55.81 -69.82 -9.46
CA LYS F 953 57.12 -69.48 -9.97
C LYS F 953 57.28 -67.99 -10.27
N ASP F 954 56.18 -67.25 -10.37
CA ASP F 954 56.24 -65.81 -10.56
C ASP F 954 56.63 -65.05 -9.30
N TYR F 955 57.05 -65.74 -8.24
CA TYR F 955 57.56 -65.09 -7.04
C TYR F 955 58.99 -65.50 -6.73
N LEU F 956 59.65 -66.24 -7.62
CA LEU F 956 61.05 -66.59 -7.42
C LEU F 956 61.92 -65.35 -7.41
N THR F 957 61.80 -64.51 -8.45
CA THR F 957 62.58 -63.28 -8.52
C THR F 957 62.03 -62.27 -7.54
N LYS F 958 62.92 -61.69 -6.73
CA LYS F 958 62.50 -60.70 -5.74
C LYS F 958 61.90 -59.50 -6.43
N LYS F 959 60.79 -59.00 -5.86
CA LYS F 959 60.10 -57.86 -6.43
C LYS F 959 60.65 -56.57 -5.84
N SER F 960 60.39 -55.47 -6.55
CA SER F 960 60.87 -54.14 -6.14
C SER F 960 59.65 -53.22 -6.07
N ILE F 961 59.17 -52.95 -4.87
CA ILE F 961 57.96 -52.16 -4.69
C ILE F 961 58.32 -50.68 -4.73
N TRP F 962 57.64 -49.93 -5.59
CA TRP F 962 57.89 -48.51 -5.78
C TRP F 962 56.61 -47.73 -5.49
N ILE F 963 56.71 -46.77 -4.59
CA ILE F 963 55.60 -45.91 -4.18
C ILE F 963 55.88 -44.54 -4.78
N ILE F 964 55.15 -44.20 -5.84
CA ILE F 964 55.42 -43.00 -6.64
C ILE F 964 54.28 -42.01 -6.43
N GLY F 965 54.64 -40.74 -6.25
CA GLY F 965 53.63 -39.71 -6.06
C GLY F 965 54.29 -38.35 -6.04
N GLY F 966 53.43 -37.32 -6.08
CA GLY F 966 53.88 -35.96 -6.12
C GLY F 966 54.12 -35.37 -4.74
N ASP F 967 54.55 -34.11 -4.73
CA ASP F 967 54.86 -33.46 -3.46
C ASP F 967 53.60 -33.16 -2.66
N GLY F 968 52.47 -32.93 -3.32
CA GLY F 968 51.23 -32.71 -2.58
C GLY F 968 50.84 -33.93 -1.76
N TRP F 969 51.06 -35.12 -2.30
CA TRP F 969 50.84 -36.34 -1.54
C TRP F 969 51.86 -36.50 -0.43
N ALA F 970 53.14 -36.36 -0.76
CA ALA F 970 54.20 -36.70 0.20
C ALA F 970 54.32 -35.67 1.32
N TYR F 971 54.12 -34.39 1.01
CA TYR F 971 54.31 -33.33 1.99
C TYR F 971 53.03 -32.99 2.75
N ASP F 972 51.86 -33.26 2.17
CA ASP F 972 50.62 -32.81 2.78
C ASP F 972 49.70 -33.98 3.12
N ILE F 973 48.84 -34.37 2.18
CA ILE F 973 47.71 -35.24 2.51
C ILE F 973 48.17 -36.65 2.88
N GLY F 974 49.23 -37.14 2.26
CA GLY F 974 49.73 -38.47 2.56
C GLY F 974 50.95 -38.51 3.45
N TYR F 975 51.33 -37.39 4.06
CA TYR F 975 52.56 -37.35 4.85
C TYR F 975 52.47 -38.26 6.07
N GLY F 976 51.33 -38.24 6.77
CA GLY F 976 51.19 -39.11 7.93
C GLY F 976 51.33 -40.57 7.58
N GLY F 977 50.78 -40.97 6.43
CA GLY F 977 50.96 -42.35 5.99
C GLY F 977 52.37 -42.62 5.52
N LEU F 978 52.99 -41.66 4.84
CA LEU F 978 54.38 -41.82 4.40
C LEU F 978 55.32 -41.92 5.59
N ASP F 979 55.12 -41.06 6.60
CA ASP F 979 55.93 -41.14 7.80
C ASP F 979 55.85 -42.52 8.45
N HIS F 980 54.64 -43.08 8.52
CA HIS F 980 54.47 -44.36 9.19
C HIS F 980 55.14 -45.49 8.40
N VAL F 981 54.98 -45.49 7.08
CA VAL F 981 55.54 -46.56 6.26
C VAL F 981 57.06 -46.53 6.30
N LEU F 982 57.65 -45.33 6.27
CA LEU F 982 59.09 -45.23 6.40
C LEU F 982 59.55 -45.68 7.78
N ALA F 983 58.81 -45.31 8.83
CA ALA F 983 59.15 -45.74 10.18
C ALA F 983 59.00 -47.24 10.37
N SER F 984 58.24 -47.91 9.51
CA SER F 984 58.03 -49.34 9.69
C SER F 984 59.31 -50.12 9.44
N GLY F 985 60.19 -49.61 8.58
CA GLY F 985 61.38 -50.33 8.20
C GLY F 985 61.19 -51.24 7.00
N ALA F 986 60.01 -51.25 6.39
CA ALA F 986 59.76 -52.12 5.25
C ALA F 986 60.67 -51.78 4.08
N ASN F 987 60.95 -52.79 3.25
CA ASN F 987 61.78 -52.62 2.07
C ASN F 987 60.91 -52.09 0.94
N VAL F 988 60.66 -50.79 0.99
CA VAL F 988 59.93 -50.10 -0.08
C VAL F 988 60.79 -48.94 -0.57
N ASN F 989 60.53 -48.52 -1.79
CA ASN F 989 61.23 -47.41 -2.43
C ASN F 989 60.23 -46.32 -2.74
N VAL F 990 60.32 -45.20 -2.05
CA VAL F 990 59.43 -44.06 -2.25
C VAL F 990 60.12 -43.06 -3.16
N LEU F 991 59.47 -42.71 -4.27
CA LEU F 991 59.95 -41.73 -5.23
C LEU F 991 58.97 -40.55 -5.22
N VAL F 992 59.42 -39.41 -4.70
CA VAL F 992 58.60 -38.21 -4.63
C VAL F 992 58.95 -37.31 -5.81
N LEU F 993 58.00 -37.15 -6.73
CA LEU F 993 58.14 -36.24 -7.86
C LEU F 993 57.73 -34.85 -7.38
N ASP F 994 58.72 -34.06 -6.96
CA ASP F 994 58.52 -32.76 -6.33
C ASP F 994 58.44 -31.68 -7.41
N THR F 995 57.22 -31.20 -7.69
CA THR F 995 57.02 -30.03 -8.54
C THR F 995 56.82 -28.76 -7.72
N GLU F 996 56.87 -28.87 -6.39
CA GLU F 996 56.69 -27.76 -5.45
C GLU F 996 55.31 -27.12 -5.54
N VAL F 997 54.37 -27.75 -6.26
CA VAL F 997 52.99 -27.28 -6.39
C VAL F 997 52.09 -28.49 -6.58
N TYR F 998 50.78 -28.25 -6.60
CA TYR F 998 49.80 -29.23 -7.05
C TYR F 998 49.67 -29.04 -8.56
N SER F 999 50.47 -29.79 -9.32
CA SER F 999 50.55 -29.56 -10.76
C SER F 999 49.28 -29.97 -11.49
N ASN F 1000 48.69 -31.11 -11.10
CA ASN F 1000 47.56 -31.65 -11.84
C ASN F 1000 46.34 -30.72 -11.78
N THR F 1001 46.04 -30.20 -10.59
CA THR F 1001 44.81 -29.46 -10.34
C THR F 1001 44.92 -27.97 -10.69
N GLY F 1002 45.98 -27.56 -11.38
CA GLY F 1002 46.10 -26.20 -11.88
C GLY F 1002 47.19 -25.37 -11.24
N GLY F 1003 47.82 -25.85 -10.16
CA GLY F 1003 48.93 -25.13 -9.57
C GLY F 1003 48.60 -24.48 -8.24
N GLN F 1004 48.19 -25.27 -7.27
CA GLN F 1004 47.86 -24.76 -5.93
C GLN F 1004 49.05 -24.91 -4.98
N SER F 1005 49.00 -24.14 -3.91
CA SER F 1005 50.11 -24.08 -2.96
C SER F 1005 50.27 -25.39 -2.19
N SER F 1006 51.50 -25.67 -1.80
CA SER F 1006 51.85 -26.88 -1.07
C SER F 1006 52.86 -26.54 0.02
N LYS F 1007 53.05 -27.48 0.95
CA LYS F 1007 54.12 -27.33 1.92
C LYS F 1007 55.50 -27.50 1.29
N ALA F 1008 55.56 -28.10 0.09
CA ALA F 1008 56.80 -28.17 -0.67
C ALA F 1008 57.09 -26.89 -1.44
N THR F 1009 56.14 -25.96 -1.49
CA THR F 1009 56.37 -24.67 -2.14
C THR F 1009 57.37 -23.85 -1.33
N GLN F 1010 58.29 -23.21 -2.04
CA GLN F 1010 59.36 -22.45 -1.42
C GLN F 1010 58.88 -21.07 -0.98
N THR F 1011 59.74 -20.37 -0.25
CA THR F 1011 59.46 -19.01 0.17
C THR F 1011 59.36 -18.07 -1.04
N GLY F 1012 58.33 -17.22 -1.05
CA GLY F 1012 58.17 -16.22 -2.08
C GLY F 1012 57.49 -16.69 -3.35
N ALA F 1013 57.37 -18.00 -3.57
CA ALA F 1013 56.71 -18.49 -4.77
C ALA F 1013 55.23 -18.19 -4.73
N VAL F 1014 54.70 -17.72 -5.86
CA VAL F 1014 53.29 -17.35 -6.00
C VAL F 1014 52.57 -18.49 -6.70
N ALA F 1015 51.53 -19.01 -6.04
CA ALA F 1015 50.67 -20.04 -6.61
C ALA F 1015 49.25 -19.80 -6.13
N ARG F 1016 48.32 -20.62 -6.58
CA ARG F 1016 46.95 -20.53 -6.09
C ARG F 1016 46.91 -20.88 -4.62
N PHE F 1017 46.09 -20.14 -3.86
CA PHE F 1017 46.03 -20.13 -2.41
C PHE F 1017 47.28 -19.52 -1.78
N ALA F 1018 48.13 -18.90 -2.58
CA ALA F 1018 49.28 -18.13 -2.10
C ALA F 1018 49.46 -16.93 -3.03
N ALA F 1019 48.41 -16.11 -3.14
CA ALA F 1019 48.41 -15.02 -4.10
C ALA F 1019 49.47 -13.99 -3.78
N GLY F 1020 49.68 -13.70 -2.50
CA GLY F 1020 50.71 -12.79 -2.06
C GLY F 1020 52.06 -13.42 -1.80
N GLY F 1021 52.27 -14.66 -2.26
CA GLY F 1021 53.51 -15.35 -2.01
C GLY F 1021 53.48 -16.17 -0.72
N LYS F 1022 54.16 -17.31 -0.72
CA LYS F 1022 54.22 -18.15 0.46
C LYS F 1022 55.24 -17.57 1.44
N PHE F 1023 54.81 -17.29 2.66
CA PHE F 1023 55.70 -16.69 3.65
C PHE F 1023 56.59 -17.74 4.31
N THR F 1024 55.99 -18.81 4.84
CA THR F 1024 56.75 -19.87 5.47
C THR F 1024 57.64 -20.60 4.46
N LYS F 1025 58.77 -21.11 4.96
CA LYS F 1025 59.74 -21.75 4.09
C LYS F 1025 59.29 -23.16 3.71
N LYS F 1026 60.07 -23.78 2.83
CA LYS F 1026 59.80 -25.13 2.36
C LYS F 1026 60.01 -26.14 3.49
N LYS F 1027 59.03 -27.02 3.68
CA LYS F 1027 59.19 -28.12 4.63
C LYS F 1027 60.24 -29.10 4.13
N ASP F 1028 61.14 -29.52 5.03
CA ASP F 1028 62.22 -30.43 4.65
C ASP F 1028 61.79 -31.86 4.94
N LEU F 1029 61.16 -32.48 3.94
CA LEU F 1029 60.72 -33.86 4.09
C LEU F 1029 61.90 -34.80 4.29
N GLY F 1030 62.99 -34.59 3.56
CA GLY F 1030 64.14 -35.47 3.70
C GLY F 1030 64.78 -35.40 5.07
N LEU F 1031 64.82 -34.20 5.65
CA LEU F 1031 65.45 -34.04 6.97
C LEU F 1031 64.66 -34.78 8.04
N MET F 1032 63.33 -34.76 7.96
CA MET F 1032 62.52 -35.47 8.94
C MET F 1032 62.66 -36.98 8.78
N ALA F 1033 62.81 -37.45 7.54
CA ALA F 1033 63.05 -38.87 7.30
C ALA F 1033 64.44 -39.29 7.78
N MET F 1034 65.39 -38.36 7.83
CA MET F 1034 66.72 -38.69 8.32
C MET F 1034 66.75 -38.89 9.83
N SER F 1035 65.76 -38.35 10.55
CA SER F 1035 65.75 -38.50 12.00
C SER F 1035 65.58 -39.95 12.44
N TYR F 1036 65.00 -40.80 11.59
CA TYR F 1036 64.84 -42.21 11.92
C TYR F 1036 66.18 -42.93 11.93
N GLY F 1037 67.11 -42.52 11.08
CA GLY F 1037 68.41 -43.13 11.00
C GLY F 1037 68.47 -44.34 10.10
N TYR F 1038 67.39 -45.12 10.02
CA TYR F 1038 67.37 -46.34 9.21
C TYR F 1038 66.63 -46.16 7.88
N VAL F 1039 66.30 -44.94 7.49
CA VAL F 1039 65.65 -44.68 6.22
C VAL F 1039 66.69 -44.07 5.28
N TYR F 1040 66.85 -44.69 4.11
CA TYR F 1040 67.69 -44.13 3.07
C TYR F 1040 66.99 -42.93 2.46
N VAL F 1041 67.64 -41.77 2.49
CA VAL F 1041 67.09 -40.54 1.95
C VAL F 1041 68.09 -39.97 0.95
N ALA F 1042 67.57 -39.52 -0.19
CA ALA F 1042 68.39 -38.93 -1.23
C ALA F 1042 67.60 -37.84 -1.92
N SER F 1043 68.29 -36.74 -2.26
CA SER F 1043 67.71 -35.64 -3.02
C SER F 1043 68.42 -35.54 -4.35
N VAL F 1044 67.66 -35.67 -5.44
CA VAL F 1044 68.22 -35.80 -6.77
C VAL F 1044 67.60 -34.76 -7.69
N ALA F 1045 68.28 -34.50 -8.81
CA ALA F 1045 67.77 -33.63 -9.85
C ALA F 1045 68.49 -34.00 -11.14
N MET F 1046 67.76 -34.58 -12.09
CA MET F 1046 68.41 -35.14 -13.28
C MET F 1046 69.17 -34.08 -14.06
N GLY F 1047 68.58 -32.89 -14.22
CA GLY F 1047 69.23 -31.83 -14.98
C GLY F 1047 70.54 -31.36 -14.38
N ALA F 1048 70.72 -31.54 -13.07
CA ALA F 1048 71.94 -31.09 -12.41
C ALA F 1048 73.04 -32.14 -12.47
N SER F 1049 72.73 -33.40 -12.21
CA SER F 1049 73.76 -34.44 -12.16
C SER F 1049 73.15 -35.79 -12.56
N HIS F 1050 73.59 -36.32 -13.69
CA HIS F 1050 73.17 -37.67 -14.08
C HIS F 1050 73.78 -38.72 -13.16
N SER F 1051 75.06 -38.57 -12.81
CA SER F 1051 75.74 -39.58 -12.01
C SER F 1051 75.19 -39.62 -10.59
N GLN F 1052 74.82 -38.46 -10.04
CA GLN F 1052 74.23 -38.42 -8.71
C GLN F 1052 72.87 -39.09 -8.70
N LEU F 1053 72.11 -38.97 -9.80
CA LEU F 1053 70.82 -39.64 -9.88
C LEU F 1053 70.98 -41.14 -9.99
N MET F 1054 71.93 -41.61 -10.81
CA MET F 1054 72.17 -43.04 -10.93
C MET F 1054 72.62 -43.63 -9.60
N LYS F 1055 73.50 -42.93 -8.88
CA LYS F 1055 74.01 -43.46 -7.62
C LYS F 1055 72.92 -43.57 -6.57
N ALA F 1056 72.07 -42.54 -6.47
CA ALA F 1056 71.06 -42.55 -5.41
C ALA F 1056 69.99 -43.60 -5.69
N LEU F 1057 69.59 -43.77 -6.95
CA LEU F 1057 68.54 -44.74 -7.27
C LEU F 1057 68.99 -46.17 -6.96
N ILE F 1058 70.24 -46.51 -7.32
CA ILE F 1058 70.72 -47.87 -7.13
C ILE F 1058 70.99 -48.15 -5.66
N GLU F 1059 71.56 -47.18 -4.94
CA GLU F 1059 71.80 -47.38 -3.51
C GLU F 1059 70.47 -47.53 -2.76
N ALA F 1060 69.46 -46.77 -3.17
CA ALA F 1060 68.18 -46.81 -2.48
C ALA F 1060 67.46 -48.14 -2.71
N GLU F 1061 67.51 -48.67 -3.93
CA GLU F 1061 66.78 -49.89 -4.24
C GLU F 1061 67.47 -51.10 -3.60
N LYS F 1062 68.80 -51.11 -3.59
CA LYS F 1062 69.54 -52.21 -2.97
C LYS F 1062 69.49 -52.14 -1.45
N TYR F 1063 69.21 -50.97 -0.87
CA TYR F 1063 69.12 -50.87 0.58
C TYR F 1063 67.95 -51.71 1.09
N ASP F 1064 68.24 -52.61 2.04
CA ASP F 1064 67.25 -53.50 2.61
C ASP F 1064 66.47 -52.77 3.71
N GLY F 1065 65.58 -51.88 3.25
CA GLY F 1065 64.81 -51.06 4.16
C GLY F 1065 64.07 -49.97 3.40
N PRO F 1066 63.48 -49.03 4.14
CA PRO F 1066 62.73 -47.96 3.48
C PRO F 1066 63.66 -46.93 2.86
N SER F 1067 63.33 -46.52 1.63
CA SER F 1067 64.11 -45.55 0.87
C SER F 1067 63.20 -44.42 0.41
N LEU F 1068 63.70 -43.19 0.48
CA LEU F 1068 62.96 -42.00 0.08
C LEU F 1068 63.80 -41.19 -0.90
N ILE F 1069 63.31 -41.05 -2.14
CA ILE F 1069 63.98 -40.29 -3.18
C ILE F 1069 63.11 -39.10 -3.54
N ILE F 1070 63.61 -37.90 -3.29
CA ILE F 1070 62.91 -36.66 -3.61
C ILE F 1070 63.54 -36.08 -4.88
N ALA F 1071 62.80 -36.14 -5.99
CA ALA F 1071 63.32 -35.74 -7.29
C ALA F 1071 62.73 -34.38 -7.67
N TYR F 1072 63.60 -33.45 -8.03
CA TYR F 1072 63.14 -32.16 -8.52
C TYR F 1072 62.58 -32.33 -9.92
N ALA F 1073 61.29 -32.05 -10.09
CA ALA F 1073 60.61 -32.23 -11.37
C ALA F 1073 60.11 -30.89 -11.87
N PRO F 1074 60.81 -30.25 -12.81
CA PRO F 1074 60.32 -28.99 -13.38
C PRO F 1074 58.95 -29.18 -14.02
N CYS F 1075 58.15 -28.13 -13.97
CA CYS F 1075 56.75 -28.20 -14.37
C CYS F 1075 56.35 -26.93 -15.11
N ILE F 1076 55.28 -27.05 -15.92
CA ILE F 1076 54.76 -25.90 -16.65
C ILE F 1076 54.19 -24.86 -15.70
N ASN F 1077 53.74 -25.29 -14.51
CA ASN F 1077 53.20 -24.35 -13.54
C ASN F 1077 54.26 -23.43 -12.96
N HIS F 1078 55.54 -23.75 -13.16
CA HIS F 1078 56.61 -22.86 -12.72
C HIS F 1078 56.73 -21.62 -13.57
N GLY F 1079 56.26 -21.66 -14.82
CA GLY F 1079 56.36 -20.53 -15.72
C GLY F 1079 57.74 -20.40 -16.36
N ILE F 1080 58.17 -21.43 -17.09
CA ILE F 1080 59.46 -21.46 -17.75
C ILE F 1080 59.27 -22.05 -19.14
N ASN F 1081 60.31 -21.91 -19.97
CA ASN F 1081 60.33 -22.56 -21.27
C ASN F 1081 60.68 -24.03 -21.05
N MET F 1082 59.69 -24.91 -21.26
CA MET F 1082 59.87 -26.33 -21.00
C MET F 1082 60.85 -27.01 -21.94
N THR F 1083 61.25 -26.32 -23.02
CA THR F 1083 62.32 -26.82 -23.88
C THR F 1083 63.60 -27.03 -23.06
N TYR F 1084 63.84 -26.15 -22.09
CA TYR F 1084 65.02 -26.23 -21.24
C TYR F 1084 64.63 -26.73 -19.86
N SER F 1085 63.85 -27.82 -19.83
CA SER F 1085 63.41 -28.38 -18.56
C SER F 1085 64.58 -28.97 -17.77
N GLN F 1086 65.49 -29.67 -18.47
CA GLN F 1086 66.69 -30.17 -17.81
C GLN F 1086 67.57 -29.03 -17.30
N ARG F 1087 67.68 -27.95 -18.09
CA ARG F 1087 68.54 -26.83 -17.71
C ARG F 1087 68.06 -26.14 -16.45
N GLU F 1088 66.75 -26.10 -16.23
CA GLU F 1088 66.23 -25.44 -15.03
C GLU F 1088 66.59 -26.21 -13.76
N ALA F 1089 66.67 -27.54 -13.84
CA ALA F 1089 67.11 -28.31 -12.69
C ALA F 1089 68.59 -28.08 -12.41
N LYS F 1090 69.38 -27.82 -13.46
CA LYS F 1090 70.77 -27.47 -13.26
C LYS F 1090 70.91 -26.11 -12.59
N LYS F 1091 70.08 -25.14 -13.02
CA LYS F 1091 70.08 -23.83 -12.39
C LYS F 1091 69.55 -23.89 -10.96
N ALA F 1092 68.68 -24.85 -10.66
CA ALA F 1092 68.14 -24.96 -9.31
C ALA F 1092 69.23 -25.36 -8.32
N VAL F 1093 70.06 -26.32 -8.69
CA VAL F 1093 71.13 -26.77 -7.81
C VAL F 1093 72.26 -25.74 -7.76
N GLU F 1094 72.58 -25.11 -8.90
CA GLU F 1094 73.70 -24.18 -8.95
C GLU F 1094 73.47 -22.90 -8.16
N ALA F 1095 72.22 -22.54 -7.88
CA ALA F 1095 71.93 -21.34 -7.11
C ALA F 1095 71.66 -21.66 -5.65
N GLY F 1096 71.90 -22.89 -5.22
CA GLY F 1096 71.60 -23.30 -3.87
C GLY F 1096 70.12 -23.48 -3.59
N TYR F 1097 69.30 -23.50 -4.63
CA TYR F 1097 67.85 -23.60 -4.47
C TYR F 1097 67.42 -25.03 -4.18
N TRP F 1098 68.10 -26.03 -4.76
CA TRP F 1098 67.77 -27.43 -4.59
C TRP F 1098 69.01 -28.23 -4.21
N PRO F 1099 68.99 -28.97 -3.12
CA PRO F 1099 70.18 -29.72 -2.69
C PRO F 1099 70.26 -31.11 -3.32
N LEU F 1100 71.49 -31.61 -3.38
CA LEU F 1100 71.79 -32.97 -3.83
C LEU F 1100 72.55 -33.67 -2.71
N TYR F 1101 71.92 -34.67 -2.08
CA TYR F 1101 72.55 -35.41 -1.00
C TYR F 1101 72.12 -36.87 -1.04
N ARG F 1102 72.81 -37.69 -0.25
CA ARG F 1102 72.47 -39.11 -0.09
C ARG F 1102 72.71 -39.49 1.36
N TYR F 1103 71.68 -40.03 2.01
CA TYR F 1103 71.77 -40.51 3.38
C TYR F 1103 71.68 -42.02 3.37
N ASN F 1104 72.81 -42.68 3.61
CA ASN F 1104 72.91 -44.12 3.56
C ASN F 1104 73.04 -44.67 4.97
N PRO F 1105 71.99 -45.30 5.53
CA PRO F 1105 72.12 -45.87 6.88
C PRO F 1105 73.16 -46.95 6.98
N GLN F 1106 73.50 -47.63 5.88
CA GLN F 1106 74.50 -48.69 5.94
C GLN F 1106 75.89 -48.13 6.24
N LEU F 1107 76.18 -46.90 5.81
CA LEU F 1107 77.45 -46.29 6.14
C LEU F 1107 77.58 -46.07 7.65
N ALA F 1108 76.47 -45.82 8.34
CA ALA F 1108 76.51 -45.66 9.78
C ALA F 1108 76.87 -46.97 10.46
N GLN F 1109 76.40 -48.09 9.92
CA GLN F 1109 76.75 -49.40 10.45
C GLN F 1109 78.22 -49.72 10.23
N GLU F 1110 78.86 -49.10 9.24
CA GLU F 1110 80.29 -49.25 8.99
C GLU F 1110 81.14 -48.23 9.72
N GLY F 1111 80.55 -47.49 10.66
CA GLY F 1111 81.29 -46.50 11.42
C GLY F 1111 81.56 -45.20 10.69
N LYS F 1112 80.97 -45.01 9.51
CA LYS F 1112 81.19 -43.83 8.70
C LYS F 1112 80.00 -42.87 8.82
N ASN F 1113 80.18 -41.69 8.24
CA ASN F 1113 79.11 -40.68 8.27
C ASN F 1113 78.05 -41.05 7.24
N PRO F 1114 76.79 -41.24 7.66
CA PRO F 1114 75.76 -41.63 6.68
C PRO F 1114 75.40 -40.54 5.68
N PHE F 1115 75.61 -39.27 6.02
CA PHE F 1115 75.20 -38.15 5.16
C PHE F 1115 76.36 -37.76 4.23
N ILE F 1116 76.11 -37.80 2.92
CA ILE F 1116 77.06 -37.36 1.91
C ILE F 1116 76.41 -36.26 1.09
N LEU F 1117 77.01 -35.08 1.09
CA LEU F 1117 76.53 -33.93 0.32
C LEU F 1117 77.19 -33.95 -1.05
N ASP F 1118 76.40 -34.23 -2.09
CA ASP F 1118 76.93 -34.40 -3.44
C ASP F 1118 77.16 -33.08 -4.16
N TYR F 1119 76.64 -31.97 -3.63
CA TYR F 1119 76.85 -30.65 -4.21
C TYR F 1119 77.09 -29.70 -3.04
N LYS F 1120 78.33 -29.27 -2.87
CA LYS F 1120 78.73 -28.53 -1.68
C LYS F 1120 78.69 -27.01 -1.90
N THR F 1121 79.24 -26.53 -3.00
CA THR F 1121 79.37 -25.09 -3.23
C THR F 1121 78.53 -24.63 -4.40
N PRO F 1122 77.47 -23.84 -4.18
CA PRO F 1122 76.72 -23.28 -5.30
C PRO F 1122 77.47 -22.10 -5.93
N THR F 1123 77.32 -21.97 -7.24
CA THR F 1123 78.04 -20.96 -8.01
C THR F 1123 77.15 -19.89 -8.64
N ALA F 1124 75.84 -20.08 -8.68
CA ALA F 1124 74.93 -19.15 -9.33
C ALA F 1124 74.24 -18.24 -8.32
N SER F 1125 73.70 -17.14 -8.84
CA SER F 1125 72.97 -16.18 -8.02
C SER F 1125 71.60 -16.72 -7.70
N PHE F 1126 71.19 -16.60 -6.43
CA PHE F 1126 69.93 -17.19 -6.00
C PHE F 1126 68.73 -16.45 -6.57
N ARG F 1127 68.72 -15.10 -6.49
CA ARG F 1127 67.58 -14.36 -7.01
C ARG F 1127 67.52 -14.39 -8.53
N ASP F 1128 68.67 -14.44 -9.21
CA ASP F 1128 68.65 -14.54 -10.67
C ASP F 1128 67.94 -15.82 -11.11
N PHE F 1129 68.01 -16.89 -10.30
CA PHE F 1129 67.26 -18.10 -10.60
C PHE F 1129 65.77 -17.87 -10.40
N LEU F 1130 65.40 -17.10 -9.38
CA LEU F 1130 64.00 -16.80 -9.13
C LEU F 1130 63.39 -15.99 -10.25
N MET F 1131 64.15 -15.06 -10.83
CA MET F 1131 63.64 -14.21 -11.91
C MET F 1131 63.47 -14.97 -13.22
N GLY F 1132 64.01 -16.18 -13.35
CA GLY F 1132 63.84 -16.95 -14.56
C GLY F 1132 62.57 -17.76 -14.61
N GLU F 1133 61.72 -17.64 -13.60
CA GLU F 1133 60.47 -18.38 -13.50
C GLU F 1133 59.34 -17.43 -13.17
N ILE F 1134 58.21 -17.59 -13.86
CA ILE F 1134 57.08 -16.68 -13.69
C ILE F 1134 56.49 -16.80 -12.28
N ARG F 1135 56.59 -17.98 -11.65
CA ARG F 1135 56.03 -18.15 -10.31
C ARG F 1135 56.69 -17.26 -9.28
N TYR F 1136 57.82 -16.62 -9.61
CA TYR F 1136 58.44 -15.65 -8.73
C TYR F 1136 58.39 -14.23 -9.27
N THR F 1137 58.39 -14.06 -10.59
CA THR F 1137 58.33 -12.71 -11.15
C THR F 1137 56.94 -12.11 -11.03
N SER F 1138 55.91 -12.94 -10.98
CA SER F 1138 54.55 -12.44 -10.77
C SER F 1138 54.36 -11.84 -9.38
N LEU F 1139 55.26 -12.18 -8.44
CA LEU F 1139 55.21 -11.56 -7.12
C LEU F 1139 55.58 -10.08 -7.17
N LYS F 1140 56.49 -9.69 -8.07
CA LYS F 1140 56.91 -8.30 -8.16
C LYS F 1140 55.78 -7.40 -8.66
N LYS F 1141 54.87 -7.94 -9.47
CA LYS F 1141 53.72 -7.19 -9.93
C LYS F 1141 52.51 -7.33 -9.01
N GLN F 1142 52.44 -8.40 -8.21
CA GLN F 1142 51.29 -8.65 -7.35
C GLN F 1142 51.49 -8.07 -5.95
N PHE F 1143 52.63 -8.34 -5.33
CA PHE F 1143 52.94 -7.87 -3.98
C PHE F 1143 54.02 -6.79 -4.06
N PRO F 1144 53.66 -5.51 -4.20
CA PRO F 1144 54.68 -4.47 -4.41
C PRO F 1144 55.58 -4.23 -3.21
N GLU F 1145 54.98 -4.02 -2.04
CA GLU F 1145 55.76 -3.63 -0.86
C GLU F 1145 56.56 -4.78 -0.27
N LYS F 1146 56.10 -6.02 -0.42
CA LYS F 1146 56.68 -7.16 0.29
C LYS F 1146 57.32 -8.19 -0.61
N ALA F 1147 57.48 -7.90 -1.91
CA ALA F 1147 58.16 -8.86 -2.78
C ALA F 1147 59.65 -8.91 -2.47
N GLU F 1148 60.27 -7.76 -2.24
CA GLU F 1148 61.69 -7.72 -1.90
C GLU F 1148 61.97 -8.40 -0.57
N GLN F 1149 61.04 -8.27 0.38
CA GLN F 1149 61.24 -8.89 1.70
C GLN F 1149 61.17 -10.42 1.59
N LEU F 1150 60.28 -10.94 0.73
CA LEU F 1150 60.17 -12.39 0.58
C LEU F 1150 61.36 -12.96 -0.18
N PHE F 1151 61.85 -12.22 -1.18
CA PHE F 1151 63.03 -12.66 -1.90
C PHE F 1151 64.26 -12.72 -1.00
N ALA F 1152 64.38 -11.76 -0.08
CA ALA F 1152 65.50 -11.79 0.86
C ALA F 1152 65.37 -12.95 1.82
N LYS F 1153 64.14 -13.27 2.24
CA LYS F 1153 63.93 -14.43 3.11
C LYS F 1153 64.22 -15.72 2.38
N ALA F 1154 63.85 -15.81 1.10
CA ALA F 1154 64.07 -17.03 0.34
C ALA F 1154 65.56 -17.32 0.17
N GLU F 1155 66.36 -16.27 -0.05
CA GLU F 1155 67.80 -16.47 -0.18
C GLU F 1155 68.44 -16.75 1.17
N ALA F 1156 67.94 -16.12 2.23
CA ALA F 1156 68.45 -16.38 3.57
C ALA F 1156 68.09 -17.78 4.04
N ASP F 1157 66.92 -18.29 3.66
CA ASP F 1157 66.54 -19.65 4.04
C ASP F 1157 67.36 -20.69 3.30
N ALA F 1158 67.72 -20.43 2.05
CA ALA F 1158 68.51 -21.39 1.29
C ALA F 1158 69.95 -21.45 1.78
N LYS F 1159 70.50 -20.34 2.26
CA LYS F 1159 71.86 -20.36 2.81
C LYS F 1159 71.90 -21.06 4.16
N ALA F 1160 70.87 -20.87 4.99
CA ALA F 1160 70.82 -21.55 6.26
C ALA F 1160 70.65 -23.05 6.10
N ARG F 1161 69.95 -23.49 5.05
CA ARG F 1161 69.82 -24.92 4.80
C ARG F 1161 71.13 -25.53 4.32
N LEU F 1162 71.87 -24.81 3.49
CA LEU F 1162 73.14 -25.32 2.99
C LEU F 1162 74.15 -25.46 4.12
N GLU F 1163 74.21 -24.47 5.01
CA GLU F 1163 75.13 -24.55 6.14
C GLU F 1163 74.78 -25.70 7.09
N GLN F 1164 73.49 -26.05 7.16
CA GLN F 1164 73.10 -27.18 8.01
C GLN F 1164 73.53 -28.50 7.40
N TYR F 1165 73.47 -28.61 6.07
CA TYR F 1165 73.91 -29.84 5.41
C TYR F 1165 75.43 -29.98 5.43
N LYS F 1166 76.17 -28.87 5.41
CA LYS F 1166 77.62 -28.97 5.50
C LYS F 1166 78.07 -29.48 6.87
N LYS F 1167 77.35 -29.11 7.94
CA LYS F 1167 77.71 -29.60 9.26
C LYS F 1167 77.38 -31.08 9.40
N LEU F 1168 76.27 -31.52 8.80
CA LEU F 1168 75.93 -32.95 8.84
C LEU F 1168 76.95 -33.78 8.08
N ALA F 1169 77.59 -33.21 7.07
CA ALA F 1169 78.63 -33.91 6.32
C ALA F 1169 80.00 -33.80 6.99
N GLU F 1170 80.27 -32.67 7.66
CA GLU F 1170 81.55 -32.48 8.33
C GLU F 1170 81.59 -33.24 9.65
FE1 SF4 G . 32.95 12.76 -47.33
FE2 SF4 G . 30.62 12.80 -48.77
FE3 SF4 G . 30.72 13.91 -46.27
FE4 SF4 G . 30.85 11.20 -46.56
S1 SF4 G . 29.09 12.54 -47.10
S2 SF4 G . 32.16 12.49 -45.21
S3 SF4 G . 32.04 11.02 -48.50
S4 SF4 G . 31.86 14.60 -48.12
FE1 SF4 H . 24.89 18.15 -38.28
FE2 SF4 H . 25.76 16.92 -36.01
FE3 SF4 H . 23.43 16.11 -37.19
FE4 SF4 H . 25.83 15.59 -38.40
S1 SF4 H . 25.10 14.76 -36.41
S2 SF4 H . 23.95 16.41 -39.40
S3 SF4 H . 27.01 17.46 -37.83
S4 SF4 H . 23.85 18.15 -36.24
FE1 SF4 I . 11.42 20.65 -34.49
FE2 SF4 I . 11.84 21.35 -37.09
FE3 SF4 I . 9.84 22.56 -35.65
FE4 SF4 I . 9.60 19.94 -36.40
S1 SF4 I . 9.69 21.75 -37.78
S2 SF4 I . 9.15 20.82 -34.35
S3 SF4 I . 11.76 19.24 -36.24
S4 SF4 I . 12.09 22.69 -35.26
N1' TPP J . -3.40 32.67 -35.04
C2' TPP J . -2.81 33.82 -35.30
CM2 TPP J . -3.63 34.93 -35.98
N3' TPP J . -1.53 34.04 -35.01
C4' TPP J . -0.78 33.09 -34.41
N4' TPP J . 0.59 33.36 -34.09
C5' TPP J . -1.37 31.84 -34.12
C6' TPP J . -2.74 31.67 -34.46
C7' TPP J . -0.56 30.69 -33.42
N3 TPP J . 0.28 30.01 -34.34
C2 TPP J . 1.52 30.46 -34.78
S1 TPP J . 2.32 29.49 -35.83
C5 TPP J . 1.09 28.44 -35.73
C4 TPP J . 0.04 28.80 -34.89
CM4 TPP J . -1.21 27.95 -34.66
C6 TPP J . 1.16 27.15 -36.53
C7 TPP J . 2.43 27.09 -37.44
O7 TPP J . 2.15 26.11 -38.45
PA TPP J . 3.01 26.14 -39.78
O1A TPP J . 2.64 27.34 -40.60
O2A TPP J . 2.72 24.90 -40.57
O3A TPP J . 4.55 26.19 -39.38
PB TPP J . 5.38 24.98 -38.74
O1B TPP J . 6.75 24.95 -39.34
O2B TPP J . 5.48 25.19 -37.25
O3B TPP J . 4.69 23.66 -39.03
MG MG K . 3.69 22.82 -40.65
S SO4 L . 8.53 16.50 -19.87
O1 SO4 L . 8.80 15.31 -20.67
O2 SO4 L . 9.68 17.41 -19.92
O3 SO4 L . 8.26 16.12 -18.50
O4 SO4 L . 7.36 17.19 -20.42
FE1 SF4 M . -46.05 34.01 -73.26
FE2 SF4 M . -43.57 32.86 -73.11
FE3 SF4 M . -44.16 35.04 -71.57
FE4 SF4 M . -43.87 35.31 -74.29
S1 SF4 M . -42.26 34.70 -72.78
S2 SF4 M . -45.52 36.21 -72.98
S3 SF4 M . -44.73 33.34 -75.01
S4 SF4 M . -45.13 32.98 -71.45
FE1 SF4 N . -39.80 42.58 -65.27
FE2 SF4 N . -40.81 44.98 -66.09
FE3 SF4 N . -38.27 44.24 -66.82
FE4 SF4 N . -40.44 42.96 -67.90
S1 SF4 N . -39.87 45.15 -68.16
S2 SF4 N . -38.55 41.98 -67.08
S3 SF4 N . -41.88 42.97 -66.12
S4 SF4 N . -39.03 44.65 -64.70
FE1 SF4 O . -27.07 47.17 -60.53
FE2 SF4 O . -27.15 44.44 -60.46
FE3 SF4 O . -25.59 45.81 -58.67
FE4 SF4 O . -24.88 45.72 -61.30
S1 SF4 O . -24.99 43.97 -59.86
S2 SF4 O . -24.89 47.55 -59.96
S3 SF4 O . -26.93 45.76 -62.31
S4 SF4 O . -27.87 45.88 -58.84
N1' TPP P . -13.71 45.65 -46.77
C2' TPP P . -14.43 45.21 -45.75
CM2 TPP P . -13.74 44.39 -44.65
N3' TPP P . -15.74 45.45 -45.66
C4' TPP P . -16.38 46.16 -46.61
N4' TPP P . -17.79 46.40 -46.48
C5' TPP P . -15.66 46.66 -47.70
C6' TPP P . -14.27 46.37 -47.75
C7' TPP P . -16.35 47.50 -48.84
N3 TPP P . -17.04 46.67 -49.76
C2 TPP P . -18.30 46.09 -49.60
S1 TPP P . -18.89 45.20 -50.84
C5 TPP P . -17.52 45.55 -51.66
C4 TPP P . -16.58 46.36 -50.99
CM4 TPP P . -15.25 46.82 -51.57
C6 TPP P . -17.32 45.02 -53.07
C7 TPP P . -18.49 44.10 -53.54
O7 TPP P . -18.00 43.35 -54.67
PA TPP P . -18.69 41.99 -55.01
O1A TPP P . -18.24 41.53 -56.37
O2A TPP P . -18.31 40.94 -53.98
O3A TPP P . -20.27 42.15 -54.99
PB TPP P . -21.11 43.03 -56.01
O1B TPP P . -20.31 43.31 -57.26
O2B TPP P . -21.49 44.34 -55.34
O3B TPP P . -22.38 42.29 -56.36
MG MG Q . -19.25 41.85 -58.26
S SO4 R . -26.08 62.92 -60.73
O1 SO4 R . -25.16 64.06 -60.66
O2 SO4 R . -25.51 61.78 -60.04
O3 SO4 R . -27.35 63.29 -60.11
O4 SO4 R . -26.29 62.58 -62.13
S SO4 S . -49.30 65.85 -64.11
O1 SO4 S . -48.17 66.33 -63.32
O2 SO4 S . -48.83 65.24 -65.35
O3 SO4 S . -50.17 67.00 -64.44
O4 SO4 S . -50.05 64.88 -63.33
FE1 SF4 T . -53.72 40.05 52.87
FE2 SF4 T . -54.77 37.67 52.01
FE3 SF4 T . -52.22 38.38 51.31
FE4 SF4 T . -54.36 39.71 50.23
S1 SF4 T . -53.82 37.51 49.94
S2 SF4 T . -52.45 40.64 51.06
S3 SF4 T . -55.80 39.70 51.99
S4 SF4 T . -53.00 37.96 53.41
FE1 SF4 U . -43.74 35.71 45.19
FE2 SF4 U . -42.93 38.04 44.01
FE3 SF4 U . -44.37 36.21 42.58
FE4 SF4 U . -45.58 37.63 44.58
S1 SF4 U . -44.71 38.46 42.64
S2 SF4 U . -45.76 35.40 44.19
S3 SF4 U . -43.86 37.81 46.07
S4 SF4 U . -42.28 35.93 43.44
FE1 SF4 V . -40.26 26.39 34.99
FE2 SF4 V . -41.50 25.12 37.07
FE3 SF4 V . -39.75 23.75 35.48
FE4 SF4 V . -42.19 24.51 34.48
S1 SF4 V . -41.80 23.04 36.18
S2 SF4 V . -40.16 24.72 33.46
S3 SF4 V . -42.46 26.52 35.54
S4 SF4 V . -39.27 25.50 36.85
N1' TPP W . -32.62 9.15 30.91
C2' TPP W . -31.95 8.95 32.02
CM2 TPP W . -31.61 7.51 32.45
N3' TPP W . -31.57 9.96 32.80
C4' TPP W . -31.85 11.23 32.46
N4' TPP W . -31.42 12.30 33.32
C5' TPP W . -32.56 11.50 31.28
C6' TPP W . -32.94 10.39 30.48
C7' TPP W . -32.89 12.97 30.83
N3 TPP W . -33.96 13.55 31.56
C2 TPP W . -33.87 14.07 32.85
S1 TPP W . -35.24 14.71 33.47
C5 TPP W . -36.00 14.36 32.07
C4 TPP W . -35.22 13.72 31.09
CM4 TPP W . -35.73 13.30 29.71
C6 TPP W . -37.46 14.70 31.91
C7 TPP W . -38.08 15.31 33.20
O7 TPP W . -39.51 15.17 33.09
PA TPP W . -40.39 15.14 34.39
O1A TPP W . -40.15 13.84 35.11
O2A TPP W . -41.83 15.25 33.98
O3A TPP W . -40.00 16.34 35.37
PB TPP W . -40.17 17.89 35.06
O1B TPP W . -38.82 18.47 34.65
O2B TPP W . -40.63 18.59 36.31
O3B TPP W . -41.18 18.09 33.95
MG MG X . -43.00 16.98 33.79
S SO4 Y . -32.56 33.70 24.00
O1 SO4 Y . -31.78 34.27 22.90
O2 SO4 Y . -31.85 33.93 25.27
O3 SO4 Y . -33.86 34.36 24.04
O4 SO4 Y . -32.72 32.27 23.79
FE1 SF4 Z . -60.40 -39.72 21.82
FE2 SF4 Z . -60.96 -37.28 22.93
FE3 SF4 Z . -58.36 -38.12 22.74
FE4 SF4 Z . -60.08 -39.33 24.52
S1 SF4 Z . -59.36 -37.16 24.55
S2 SF4 Z . -58.62 -40.37 23.10
S3 SF4 Z . -62.02 -39.25 23.34
S4 SF4 Z . -59.78 -37.67 21.02
FE1 SF4 AA . -48.27 -35.97 25.93
FE2 SF4 AA . -47.33 -38.34 26.92
FE3 SF4 AA . -48.20 -36.40 28.63
FE4 SF4 AA . -50.00 -37.76 27.08
S1 SF4 AA . -48.69 -38.62 28.73
S2 SF4 AA . -49.92 -35.51 27.44
S3 SF4 AA . -48.77 -38.05 25.18
S4 SF4 AA . -46.41 -36.27 27.22
FE1 SF4 BA . -41.20 -27.08 34.40
FE2 SF4 BA . -43.10 -25.79 32.92
FE3 SF4 BA . -40.86 -24.44 33.73
FE4 SF4 BA . -42.78 -25.14 35.55
S1 SF4 BA . -43.01 -23.68 33.80
S2 SF4 BA . -40.51 -25.40 35.78
S3 SF4 BA . -43.46 -27.14 34.70
S4 SF4 BA . -40.95 -26.22 32.30
N1' TPP CA . -32.23 -10.25 35.86
C2' TPP CA . -31.90 -10.00 34.60
CM2 TPP CA . -31.72 -8.54 34.15
N3' TPP CA . -31.72 -10.97 33.72
C4' TPP CA . -31.86 -12.26 34.07
N4' TPP CA . -31.66 -13.28 33.09
C5' TPP CA . -32.21 -12.57 35.39
C6' TPP CA . -32.40 -11.50 36.29
C7' TPP CA . -32.40 -14.06 35.87
N3 TPP CA . -33.66 -14.60 35.49
C2 TPP CA . -34.00 -15.10 34.25
S1 TPP CA . -35.53 -15.67 34.08
C5 TPP CA . -35.81 -15.30 35.64
C4 TPP CA . -34.73 -14.72 36.31
CM4 TPP CA . -34.78 -14.30 37.78
C6 TPP CA . -37.17 -15.57 36.27
C7 TPP CA . -38.24 -16.11 35.29
O7 TPP CA . -39.54 -15.87 35.87
PA TPP CA . -40.82 -15.78 34.95
O1A TPP CA . -40.77 -14.47 34.19
O2A TPP CA . -42.06 -15.80 35.79
O3A TPP CA . -40.84 -17.00 33.94
PB TPP CA . -41.08 -18.53 34.34
O1B TPP CA . -39.74 -19.25 34.40
O2B TPP CA . -41.94 -19.17 33.29
O3B TPP CA . -41.77 -18.63 35.69
MG MG DA . -43.30 -17.57 36.34
S SO4 EA . -30.85 -35.10 41.87
O1 SO4 EA . -29.99 -36.15 41.32
O2 SO4 EA . -30.14 -34.35 42.90
O3 SO4 EA . -32.03 -35.69 42.46
O4 SO4 EA . -31.23 -34.19 40.78
FE1 SF4 FA . 55.25 -28.61 53.14
FE2 SF4 FA . 56.64 -28.82 50.79
FE3 SF4 FA . 54.12 -29.87 50.99
FE4 SF4 FA . 56.21 -31.04 52.32
S1 SF4 FA . 55.95 -30.86 50.06
S2 SF4 FA . 54.13 -30.60 53.15
S3 SF4 FA . 57.44 -29.21 52.88
S4 SF4 FA . 54.70 -27.67 51.13
FE1 SF4 GA . 46.88 -35.96 45.84
FE2 SF4 GA . 45.99 -37.77 47.68
FE3 SF4 GA . 47.88 -38.51 45.84
FE4 SF4 GA . 48.53 -36.77 47.86
S1 SF4 GA . 47.90 -38.95 48.08
S2 SF4 GA . 49.07 -36.57 45.66
S3 SF4 GA . 46.58 -35.62 48.07
S4 SF4 GA . 45.72 -37.89 45.42
FE1 SF4 HA . 45.42 -43.75 34.17
FE2 SF4 HA . 46.80 -41.43 33.73
FE3 SF4 HA . 45.44 -42.62 31.67
FE4 SF4 HA . 47.70 -43.80 32.67
S1 SF4 HA . 47.56 -41.79 31.61
S2 SF4 HA . 45.73 -44.83 32.19
S3 SF4 HA . 47.52 -43.26 34.87
S4 SF4 HA . 44.55 -41.73 33.57
N1' TPP IA . 40.51 -44.31 15.87
C2' TPP IA . 39.72 -43.26 15.75
CM2 TPP IA . 39.57 -42.63 14.35
N3' TPP IA . 39.07 -42.75 16.79
C4' TPP IA . 39.18 -43.29 18.02
N4' TPP IA . 38.47 -42.74 19.14
C5' TPP IA . 40.01 -44.42 18.19
C6' TPP IA . 40.69 -44.92 17.04
C7' TPP IA . 40.22 -45.14 19.58
N3 TPP IA . 41.12 -44.45 20.42
C2 TPP IA . 40.85 -43.33 21.20
S1 TPP IA . 42.09 -42.73 22.09
C5 TPP IA . 43.03 -43.92 21.50
C4 TPP IA . 42.41 -44.79 20.61
CM4 TPP IA . 43.11 -45.98 19.94
C6 TPP IA . 44.48 -44.01 21.94
C7 TPP IA . 44.91 -42.84 22.88
O7 TPP IA . 46.34 -42.80 22.85
PA TPP IA . 47.08 -41.45 23.20
O1A TPP IA . 48.55 -41.73 23.35
O2A TPP IA . 46.87 -40.46 22.08
O3A TPP IA . 46.52 -40.84 24.55
PB TPP IA . 46.77 -41.45 26.01
O1B TPP IA . 47.97 -42.38 26.03
O2B TPP IA . 45.56 -42.23 26.44
O3B TPP IA . 46.99 -40.30 26.95
MG MG JA . 49.81 -42.26 25.31
S SO4 KA . 38.15 -56.36 37.77
O1 SO4 KA . 38.52 -56.55 36.37
O2 SO4 KA . 39.35 -56.45 38.60
O3 SO4 KA . 37.22 -57.41 38.17
O4 SO4 KA . 37.50 -55.06 37.92
FE1 SF4 LA . 74.72 -38.98 -29.45
FE2 SF4 LA . 74.79 -38.39 -26.78
FE3 SF4 LA . 72.39 -38.55 -28.08
FE4 SF4 LA . 74.09 -36.46 -28.59
S1 SF4 LA . 73.05 -36.93 -26.62
S2 SF4 LA . 72.96 -37.71 -30.13
S3 SF4 LA . 76.11 -37.50 -28.41
S4 SF4 LA . 73.88 -40.24 -27.75
FE1 SF4 MA . 61.92 -36.81 -26.69
FE2 SF4 MA . 61.12 -35.46 -28.93
FE3 SF4 MA . 61.52 -34.10 -26.59
FE4 SF4 MA . 63.65 -35.14 -27.96
S1 SF4 MA . 62.23 -33.50 -28.66
S2 SF4 MA . 63.28 -35.27 -25.72
S3 SF4 MA . 62.73 -37.06 -28.79
S4 SF4 MA . 59.95 -35.70 -26.99
FE1 SF4 NA . 52.67 -31.15 -17.12
FE2 SF4 NA . 54.51 -32.75 -15.90
FE3 SF4 NA . 52.03 -32.44 -14.80
FE4 SF4 NA . 53.80 -30.37 -14.75
S1 SF4 NA . 54.02 -32.38 -13.70
S2 SF4 NA . 51.59 -30.26 -15.32
S3 SF4 NA . 54.87 -30.67 -16.75
S4 SF4 NA . 52.53 -33.40 -16.80
N1' TPP OA . 41.69 -34.68 -2.06
C2' TPP OA . 41.48 -35.98 -2.20
CM2 TPP OA . 41.18 -36.84 -0.96
N3' TPP OA . 41.52 -36.57 -3.39
C4' TPP OA . 41.77 -35.87 -4.51
N4' TPP OA . 41.80 -36.52 -5.78
C5' TPP OA . 41.99 -34.48 -4.41
C6' TPP OA . 41.94 -33.90 -3.11
C7' TPP OA . 42.29 -33.61 -5.68
N3 TPP OA . 43.65 -33.77 -6.08
C2 TPP OA . 44.16 -34.86 -6.79
S1 TPP OA . 45.75 -34.82 -7.15
C5 TPP OA . 45.83 -33.37 -6.39
C4 TPP OA . 44.64 -32.90 -5.85
CM4 TPP OA . 44.50 -31.57 -5.11
C6 TPP OA . 47.15 -32.63 -6.30
C7 TPP OA . 48.39 -33.42 -6.85
O7 TPP OA . 49.54 -32.78 -6.28
PA TPP OA . 50.93 -33.53 -6.21
O1A TPP OA . 51.99 -32.53 -5.86
O2A TPP OA . 50.84 -34.61 -5.16
O3A TPP OA . 51.26 -34.20 -7.61
PB TPP OA . 51.50 -33.40 -8.97
O1B TPP OA . 52.62 -34.07 -9.74
O2B TPP OA . 50.24 -33.44 -9.81
O3B TPP OA . 51.85 -31.97 -8.64
MG MG PA . 53.34 -31.40 -7.23
S SO4 QA . 42.47 -23.28 -24.62
O1 SO4 QA . 43.57 -22.44 -25.04
O2 SO4 QA . 42.92 -24.25 -23.63
O3 SO4 QA . 41.43 -22.43 -24.04
O4 SO4 QA . 41.93 -24.00 -25.77
#